data_3GYR
#
_entry.id   3GYR
#
_cell.length_a   109.494
_cell.length_b   163.456
_cell.length_c   164.352
_cell.angle_alpha   117.04
_cell.angle_beta   95.74
_cell.angle_gamma   107.23
#
_symmetry.space_group_name_H-M   'P 1'
#
loop_
_entity.id
_entity.type
_entity.pdbx_description
1 polymer 'Phenoxazinone synthase'
2 non-polymer 'COPPER (II) ION'
3 non-polymer 'CU-O-CU LINKAGE'
4 non-polymer GLYCEROL
5 water water
#
_entity_poly.entity_id   1
_entity_poly.type   'polypeptide(L)'
_entity_poly.pdbx_seq_one_letter_code
;EREQAPAPGELTPFAAPLTVPPVLRPASDEVTRETEIALRPTWVRLHPQLPPTLMWGYDGQVPGPTIEVRRGQRVRIAWT
NRIPKGSEYPVTSVEVPLGPPGTPAPNTEPGRGGVEPNKDVAALPAWSVTHLHGAQTGGGNDGWADNAVGFGDAQLSEYP
NDHQATQWWYHDHAMNITRWNVMAGLYGTYLVRDDEEDALGLPSGDREIPLLIADRNLDTDEDGRLNGRLLHKTVIVQQS
NPETGKPVSIPFFGPYTTVNGRIWPYADVDDGWYRLRLVNASNARIYNLVLIDEDDRPVPGVVHQIGSDGGLLPRPVPVD
FDDTLPVLSAAPAERFDLLVDFRALGGRRLRLVDKGPGAPAGTPDPLGGVRYPEVMEFRVRETCEEDSFALPEVLSGSFR
RMSHDIPHGHRLIVLTPPGTKGSGGHPEIWEMAEVEDPADVQVPAEGVIQVTGADGRTKTYRRTARTFNDGLGFTIGEGT
HEQWTFLNLSPILHPMHIHLADFQVLGRDAYDASGFDLALGGTRTPVRLDPDTPVPLAPNELGHKDVFQVPGPQGLRVMG
KFDGAYGRFMYHCHLLEHEDMGMMRPFVVMPPEALKFDHGGAHGGHGEGHTG
;
_entity_poly.pdbx_strand_id   A,B,C,D,E,F,G,H,I,J,K,L
#
# COMPACT_ATOMS: atom_id res chain seq x y z
N ALA A 7 37.03 -54.77 29.13
CA ALA A 7 37.14 -55.09 30.59
C ALA A 7 36.10 -54.28 31.40
N PRO A 8 35.92 -54.62 32.70
CA PRO A 8 35.22 -53.72 33.63
C PRO A 8 35.70 -52.24 33.61
N GLY A 9 34.75 -51.33 33.43
CA GLY A 9 35.02 -49.88 33.50
C GLY A 9 35.59 -49.27 32.21
N GLU A 10 35.53 -50.01 31.11
CA GLU A 10 36.05 -49.53 29.82
C GLU A 10 34.95 -49.06 28.86
N LEU A 11 35.24 -48.05 28.06
CA LEU A 11 34.30 -47.59 27.06
C LEU A 11 34.24 -48.52 25.84
N THR A 12 33.05 -48.72 25.30
CA THR A 12 32.90 -49.53 24.10
C THR A 12 33.23 -48.67 22.85
N PRO A 13 34.20 -49.13 22.03
CA PRO A 13 34.50 -48.34 20.84
C PRO A 13 33.36 -48.35 19.85
N PHE A 14 33.15 -47.24 19.17
CA PHE A 14 32.25 -47.20 18.04
C PHE A 14 30.81 -47.32 18.50
N ALA A 15 30.54 -46.73 19.66
CA ALA A 15 29.18 -46.74 20.22
C ALA A 15 28.35 -45.56 19.72
N ALA A 16 28.99 -44.52 19.18
CA ALA A 16 28.26 -43.32 18.74
C ALA A 16 28.66 -42.80 17.36
N PRO A 17 27.71 -42.22 16.63
CA PRO A 17 28.10 -41.80 15.28
C PRO A 17 29.02 -40.54 15.23
N LEU A 18 29.85 -40.45 14.20
CA LEU A 18 30.64 -39.25 13.94
C LEU A 18 29.74 -38.02 13.71
N THR A 19 30.13 -36.87 14.25
CA THR A 19 29.47 -35.63 13.88
C THR A 19 30.51 -34.80 13.10
N VAL A 20 30.06 -33.73 12.46
CA VAL A 20 30.97 -32.74 11.86
C VAL A 20 30.54 -31.39 12.41
N PRO A 21 31.50 -30.45 12.63
CA PRO A 21 31.13 -29.11 13.14
C PRO A 21 30.19 -28.42 12.16
N PRO A 22 29.30 -27.52 12.65
CA PRO A 22 28.49 -26.76 11.67
C PRO A 22 29.41 -25.93 10.78
N VAL A 23 28.96 -25.65 9.56
CA VAL A 23 29.75 -24.91 8.60
C VAL A 23 29.47 -23.41 8.72
N LEU A 24 30.53 -22.61 8.76
CA LEU A 24 30.39 -21.18 8.77
C LEU A 24 30.97 -20.54 7.49
N ARG A 25 30.16 -19.73 6.81
CA ARG A 25 30.62 -18.99 5.62
C ARG A 25 30.57 -17.49 5.88
N PRO A 26 31.69 -16.92 6.29
CA PRO A 26 31.72 -15.53 6.76
C PRO A 26 31.85 -14.48 5.68
N ALA A 27 31.98 -14.87 4.41
CA ALA A 27 32.34 -13.85 3.37
C ALA A 27 31.09 -13.00 3.05
N SER A 28 31.24 -11.70 2.88
CA SER A 28 30.09 -10.85 2.62
C SER A 28 30.45 -9.60 1.83
N ASP A 29 29.43 -8.94 1.28
CA ASP A 29 29.64 -7.68 0.58
C ASP A 29 30.25 -6.60 1.45
N GLU A 30 29.95 -6.65 2.74
CA GLU A 30 30.34 -5.58 3.62
C GLU A 30 31.52 -6.04 4.47
N VAL A 31 32.75 -5.68 4.08
CA VAL A 31 33.94 -6.23 4.76
C VAL A 31 34.08 -5.72 6.20
N THR A 32 33.55 -4.54 6.48
CA THR A 32 33.55 -4.02 7.84
C THR A 32 32.58 -4.73 8.79
N ARG A 33 31.76 -5.61 8.28
CA ARG A 33 30.84 -6.37 9.13
C ARG A 33 31.50 -7.68 9.63
N GLU A 34 32.03 -7.67 10.83
CA GLU A 34 32.78 -8.81 11.29
C GLU A 34 31.85 -10.00 11.59
N THR A 35 32.40 -11.21 11.56
CA THR A 35 31.75 -12.36 12.09
C THR A 35 32.25 -12.54 13.53
N GLU A 36 31.33 -12.50 14.48
CA GLU A 36 31.73 -12.71 15.85
C GLU A 36 31.83 -14.21 16.06
N ILE A 37 32.98 -14.66 16.55
CA ILE A 37 33.06 -16.03 16.99
C ILE A 37 33.25 -16.03 18.48
N ALA A 38 32.20 -16.40 19.21
CA ALA A 38 32.15 -16.26 20.67
C ALA A 38 32.62 -17.55 21.31
N LEU A 39 33.71 -17.45 22.08
CA LEU A 39 34.16 -18.51 22.98
C LEU A 39 33.21 -18.64 24.18
N ARG A 40 32.60 -19.83 24.35
CA ARG A 40 31.63 -20.03 25.41
C ARG A 40 31.84 -21.41 26.04
N PRO A 41 31.60 -21.55 27.36
CA PRO A 41 31.58 -22.84 28.01
C PRO A 41 30.53 -23.69 27.34
N THR A 42 30.72 -24.99 27.30
CA THR A 42 29.75 -25.86 26.68
C THR A 42 29.92 -27.25 27.26
N TRP A 43 28.86 -28.06 27.22
CA TRP A 43 28.90 -29.40 27.76
C TRP A 43 28.90 -30.42 26.64
N VAL A 44 29.86 -31.33 26.66
CA VAL A 44 30.14 -32.17 25.51
C VAL A 44 30.05 -33.64 25.89
N ARG A 45 29.34 -34.42 25.08
CA ARG A 45 29.20 -35.82 25.38
C ARG A 45 30.30 -36.53 24.62
N LEU A 46 31.45 -36.71 25.26
CA LEU A 46 32.53 -37.47 24.61
C LEU A 46 32.12 -38.88 24.19
N HIS A 47 31.21 -39.50 24.95
CA HIS A 47 30.90 -40.91 24.76
C HIS A 47 29.62 -41.26 25.51
N PRO A 48 28.74 -42.03 24.87
CA PRO A 48 27.45 -42.41 25.52
C PRO A 48 27.64 -42.96 26.94
N GLN A 49 28.81 -43.51 27.22
CA GLN A 49 29.08 -44.15 28.49
C GLN A 49 29.72 -43.24 29.55
N LEU A 50 30.01 -42.00 29.17
CA LEU A 50 30.48 -40.98 30.10
C LEU A 50 29.35 -39.99 30.42
N PRO A 51 29.49 -39.24 31.53
CA PRO A 51 28.67 -38.03 31.71
C PRO A 51 29.16 -36.93 30.79
N PRO A 52 28.40 -35.82 30.67
CA PRO A 52 28.83 -34.70 29.88
C PRO A 52 30.15 -34.17 30.41
N THR A 53 30.93 -33.59 29.49
CA THR A 53 32.24 -33.06 29.78
C THR A 53 32.23 -31.53 29.58
N LEU A 54 32.67 -30.79 30.62
CA LEU A 54 32.84 -29.34 30.52
C LEU A 54 34.01 -29.01 29.58
N MET A 55 33.73 -28.24 28.53
CA MET A 55 34.74 -27.67 27.62
C MET A 55 34.50 -26.17 27.30
N TRP A 56 35.47 -25.57 26.61
CA TRP A 56 35.28 -24.22 26.08
C TRP A 56 35.28 -24.29 24.56
N GLY A 57 34.24 -23.77 23.91
CA GLY A 57 34.04 -23.96 22.46
C GLY A 57 33.91 -22.64 21.75
N TYR A 58 34.54 -22.53 20.57
CA TYR A 58 34.20 -21.46 19.64
C TYR A 58 32.74 -21.61 19.24
N ASP A 59 31.95 -20.54 19.37
CA ASP A 59 30.49 -20.64 19.28
C ASP A 59 29.88 -21.82 20.07
N GLY A 60 30.55 -22.26 21.13
CA GLY A 60 29.95 -23.29 21.98
C GLY A 60 29.99 -24.65 21.30
N GLN A 61 30.87 -24.81 20.32
CA GLN A 61 30.97 -26.06 19.60
C GLN A 61 32.38 -26.59 19.80
N VAL A 62 32.54 -27.91 19.97
CA VAL A 62 33.89 -28.53 19.92
C VAL A 62 33.92 -29.74 18.98
N PRO A 63 34.74 -29.71 17.93
CA PRO A 63 35.59 -28.62 17.44
C PRO A 63 34.77 -27.39 17.09
N GLY A 64 35.43 -26.25 16.96
CA GLY A 64 34.75 -25.06 16.45
C GLY A 64 34.14 -25.23 15.06
N PRO A 65 33.31 -24.26 14.62
CA PRO A 65 32.68 -24.39 13.32
C PRO A 65 33.74 -24.54 12.23
N THR A 66 33.37 -25.22 11.15
CA THR A 66 34.29 -25.33 10.04
C THR A 66 34.07 -24.08 9.20
N ILE A 67 35.09 -23.22 9.17
CA ILE A 67 34.96 -21.99 8.41
C ILE A 67 35.27 -22.30 6.94
N GLU A 68 34.42 -21.89 6.01
CA GLU A 68 34.70 -22.06 4.59
C GLU A 68 34.70 -20.76 3.81
N VAL A 69 35.76 -20.52 3.03
CA VAL A 69 35.89 -19.35 2.15
C VAL A 69 36.45 -19.68 0.78
N ARG A 70 36.36 -18.73 -0.14
CA ARG A 70 37.09 -18.85 -1.39
C ARG A 70 38.32 -17.99 -1.39
N ARG A 71 39.35 -18.43 -2.10
CA ARG A 71 40.53 -17.61 -2.36
C ARG A 71 40.09 -16.19 -2.71
N GLY A 72 40.66 -15.21 -2.01
CA GLY A 72 40.51 -13.82 -2.35
C GLY A 72 39.36 -13.17 -1.64
N GLN A 73 38.53 -13.97 -0.98
CA GLN A 73 37.47 -13.38 -0.18
C GLN A 73 38.01 -12.88 1.15
N ARG A 74 38.12 -11.56 1.24
CA ARG A 74 38.59 -10.92 2.44
C ARG A 74 37.60 -11.07 3.60
N VAL A 75 38.07 -11.53 4.74
CA VAL A 75 37.18 -11.91 5.84
C VAL A 75 37.64 -11.27 7.16
N ARG A 76 36.72 -10.80 7.98
CA ARG A 76 37.06 -10.28 9.32
C ARG A 76 36.33 -11.01 10.45
N ILE A 77 37.10 -11.43 11.46
CA ILE A 77 36.52 -12.22 12.53
C ILE A 77 36.85 -11.58 13.84
N ALA A 78 35.84 -11.53 14.70
CA ALA A 78 36.00 -11.06 16.04
C ALA A 78 35.99 -12.30 16.91
N TRP A 79 37.18 -12.77 17.29
CA TRP A 79 37.30 -13.84 18.29
C TRP A 79 37.02 -13.24 19.68
N THR A 80 35.87 -13.61 20.25
CA THR A 80 35.32 -12.85 21.36
C THR A 80 35.14 -13.70 22.59
N ASN A 81 35.91 -13.36 23.63
CA ASN A 81 35.84 -14.09 24.88
C ASN A 81 34.54 -13.85 25.67
N ARG A 82 33.64 -14.83 25.64
CA ARG A 82 32.40 -14.75 26.42
C ARG A 82 32.37 -15.82 27.50
N ILE A 83 33.53 -16.22 27.98
CA ILE A 83 33.54 -17.10 29.13
C ILE A 83 33.51 -16.22 30.41
N PRO A 84 32.41 -16.34 31.18
CA PRO A 84 32.24 -15.51 32.38
C PRO A 84 33.38 -15.64 33.38
N LYS A 85 33.71 -14.52 34.01
CA LYS A 85 34.61 -14.57 35.15
C LYS A 85 34.09 -15.55 36.21
N GLY A 86 35.00 -16.33 36.81
CA GLY A 86 34.62 -17.31 37.82
C GLY A 86 34.35 -18.71 37.28
N SER A 87 34.33 -18.87 35.96
CA SER A 87 34.05 -20.17 35.33
C SER A 87 35.06 -21.17 35.77
N GLU A 88 34.63 -22.38 36.06
CA GLU A 88 35.57 -23.46 36.29
C GLU A 88 36.46 -23.70 35.05
N TYR A 89 37.75 -23.90 35.29
CA TYR A 89 38.69 -24.22 34.22
C TYR A 89 38.48 -25.68 33.81
N PRO A 90 38.27 -25.93 32.50
CA PRO A 90 37.76 -27.26 32.13
C PRO A 90 38.80 -28.37 32.29
N VAL A 91 40.08 -28.02 32.30
CA VAL A 91 41.13 -29.02 32.24
C VAL A 91 41.82 -29.15 33.58
N THR A 92 41.78 -30.35 34.15
CA THR A 92 42.49 -30.65 35.39
C THR A 92 43.93 -31.04 35.02
N SER A 93 44.90 -30.48 35.75
CA SER A 93 46.29 -30.80 35.47
C SER A 93 47.03 -31.51 36.60
N VAL A 94 47.71 -32.60 36.25
CA VAL A 94 48.65 -33.31 37.14
C VAL A 94 49.93 -33.76 36.47
N GLU A 95 51.02 -33.77 37.24
CA GLU A 95 52.25 -34.48 36.89
C GLU A 95 52.38 -35.66 37.83
N VAL A 96 52.66 -36.85 37.30
CA VAL A 96 52.75 -38.02 38.16
C VAL A 96 54.10 -38.71 38.05
N PRO A 97 54.56 -39.34 39.16
CA PRO A 97 55.78 -40.17 39.19
C PRO A 97 55.85 -41.19 38.04
N LEU A 98 57.06 -41.55 37.65
CA LEU A 98 57.28 -42.70 36.77
C LEU A 98 56.80 -43.98 37.43
N GLY A 99 56.36 -44.96 36.64
CA GLY A 99 55.98 -46.27 37.17
C GLY A 99 57.10 -47.31 37.10
N PRO A 100 56.85 -48.52 37.58
CA PRO A 100 57.89 -49.58 37.47
C PRO A 100 58.45 -49.69 36.04
N PRO A 101 59.76 -49.89 35.88
CA PRO A 101 60.28 -49.97 34.49
C PRO A 101 59.71 -51.17 33.74
N GLY A 102 59.79 -51.13 32.42
CA GLY A 102 59.12 -52.11 31.56
C GLY A 102 57.62 -52.34 31.76
N THR A 103 56.92 -51.43 32.44
CA THR A 103 55.44 -51.46 32.49
C THR A 103 54.84 -50.20 31.82
N PRO A 104 53.58 -50.30 31.35
CA PRO A 104 52.98 -49.16 30.66
C PRO A 104 53.07 -47.87 31.48
N ALA A 105 53.51 -46.78 30.88
CA ALA A 105 53.62 -45.51 31.62
C ALA A 105 52.25 -45.05 32.15
N PRO A 106 52.22 -44.25 33.23
CA PRO A 106 50.93 -43.79 33.76
C PRO A 106 50.02 -43.02 32.77
N ASN A 107 50.59 -42.42 31.72
CA ASN A 107 49.77 -41.63 30.78
C ASN A 107 48.99 -42.52 29.82
N THR A 108 49.21 -43.83 29.94
CA THR A 108 48.34 -44.80 29.30
C THR A 108 47.08 -45.09 30.11
N GLU A 109 46.86 -44.36 31.20
CA GLU A 109 45.73 -44.63 32.11
C GLU A 109 44.99 -43.35 32.50
N PRO A 110 43.66 -43.46 32.71
CA PRO A 110 42.95 -42.31 33.28
C PRO A 110 43.25 -42.15 34.77
N GLY A 111 42.82 -41.04 35.34
CA GLY A 111 42.80 -40.88 36.78
C GLY A 111 44.07 -40.22 37.20
N ARG A 112 44.08 -39.70 38.42
CA ARG A 112 45.22 -38.94 38.87
C ARG A 112 46.21 -39.75 39.71
N GLY A 113 45.81 -40.99 40.03
CA GLY A 113 46.59 -41.88 40.88
C GLY A 113 46.93 -41.29 42.25
N GLY A 114 45.99 -40.55 42.83
CA GLY A 114 46.21 -39.95 44.14
C GLY A 114 46.77 -38.54 44.09
N VAL A 115 47.48 -38.20 43.01
CA VAL A 115 48.08 -36.87 42.91
C VAL A 115 47.06 -35.73 42.80
N GLU A 116 47.32 -34.64 43.52
CA GLU A 116 46.44 -33.45 43.57
C GLU A 116 46.44 -32.68 42.27
N PRO A 117 45.25 -32.26 41.81
CA PRO A 117 45.19 -31.32 40.68
C PRO A 117 46.06 -30.13 40.98
N ASN A 118 46.98 -29.76 40.07
CA ASN A 118 47.70 -28.46 40.18
C ASN A 118 46.77 -27.22 40.29
N LYS A 119 46.87 -26.48 41.41
CA LYS A 119 45.96 -25.35 41.77
C LYS A 119 46.10 -24.13 40.88
N ASP A 120 47.33 -23.92 40.40
CA ASP A 120 47.65 -22.81 39.52
C ASP A 120 46.95 -22.95 38.17
N VAL A 121 46.72 -24.18 37.71
CA VAL A 121 45.94 -24.38 36.48
C VAL A 121 44.47 -24.19 36.80
N ALA A 122 44.02 -24.79 37.89
CA ALA A 122 42.65 -24.64 38.38
C ALA A 122 42.23 -23.14 38.51
N ALA A 123 43.22 -22.30 38.78
CA ALA A 123 43.02 -20.88 39.03
C ALA A 123 43.04 -20.05 37.72
N LEU A 124 43.30 -20.68 36.58
CA LEU A 124 43.27 -19.94 35.29
C LEU A 124 41.91 -19.32 34.94
N PRO A 125 41.90 -18.00 34.68
CA PRO A 125 40.72 -17.40 34.10
C PRO A 125 40.75 -17.64 32.59
N ALA A 126 39.64 -17.40 31.93
CA ALA A 126 39.60 -17.56 30.48
C ALA A 126 40.41 -16.47 29.80
N TRP A 127 41.48 -16.87 29.15
CA TRP A 127 42.41 -15.94 28.58
C TRP A 127 42.93 -16.48 27.22
N SER A 128 42.46 -15.88 26.12
CA SER A 128 42.54 -16.59 24.85
C SER A 128 42.94 -15.73 23.68
N VAL A 129 43.72 -16.32 22.80
CA VAL A 129 44.02 -15.72 21.51
C VAL A 129 44.01 -16.84 20.49
N THR A 130 43.43 -16.53 19.33
CA THR A 130 43.22 -17.53 18.29
C THR A 130 44.18 -17.29 17.16
N HIS A 131 44.83 -18.37 16.77
CA HIS A 131 45.75 -18.35 15.68
C HIS A 131 45.21 -19.21 14.53
N LEU A 132 45.12 -18.61 13.36
CA LEU A 132 44.69 -19.38 12.20
C LEU A 132 45.96 -20.02 11.65
N HIS A 133 46.18 -21.27 12.03
CA HIS A 133 47.39 -22.00 11.64
C HIS A 133 47.45 -22.26 10.13
N GLY A 134 48.48 -21.72 9.46
CA GLY A 134 48.67 -21.83 8.00
C GLY A 134 48.36 -20.57 7.22
N ALA A 135 47.65 -19.62 7.86
CA ALA A 135 47.15 -18.45 7.12
C ALA A 135 48.26 -17.45 6.72
N GLN A 136 48.20 -17.01 5.48
CA GLN A 136 48.99 -15.93 4.95
C GLN A 136 48.25 -14.67 5.35
N THR A 137 48.69 -14.03 6.43
CA THR A 137 48.10 -12.78 6.94
C THR A 137 49.11 -12.04 7.79
N GLY A 138 48.95 -10.72 7.95
CA GLY A 138 49.93 -9.92 8.71
C GLY A 138 49.97 -10.30 10.18
N GLY A 139 51.04 -9.89 10.89
CA GLY A 139 51.22 -10.28 12.29
C GLY A 139 50.11 -9.78 13.24
N GLY A 140 49.49 -8.64 12.90
CA GLY A 140 48.36 -8.11 13.67
C GLY A 140 47.14 -8.99 13.63
N ASN A 141 47.13 -9.94 12.72
CA ASN A 141 45.97 -10.78 12.52
C ASN A 141 46.21 -12.19 12.99
N ASP A 142 47.49 -12.46 13.27
CA ASP A 142 48.02 -13.82 13.41
C ASP A 142 47.68 -14.56 14.72
N GLY A 143 47.24 -13.84 15.75
CA GLY A 143 47.10 -14.39 17.12
C GLY A 143 48.39 -14.48 17.95
N TRP A 144 49.16 -13.39 17.98
CA TRP A 144 50.39 -13.32 18.77
C TRP A 144 50.14 -13.74 20.21
N ALA A 145 51.03 -14.56 20.75
CA ALA A 145 50.73 -15.26 21.99
C ALA A 145 50.50 -14.37 23.22
N ASP A 146 51.16 -13.22 23.32
CA ASP A 146 50.98 -12.39 24.55
C ASP A 146 49.59 -11.69 24.58
N ASN A 147 48.93 -11.61 23.44
CA ASN A 147 47.80 -10.71 23.26
C ASN A 147 46.47 -11.47 23.36
N ALA A 148 46.45 -12.42 24.27
CA ALA A 148 45.20 -13.10 24.64
C ALA A 148 44.28 -12.12 25.35
N VAL A 149 42.97 -12.31 25.19
CA VAL A 149 42.03 -11.40 25.82
C VAL A 149 41.18 -12.12 26.89
N GLY A 150 40.74 -11.34 27.88
CA GLY A 150 39.79 -11.79 28.90
C GLY A 150 38.33 -11.62 28.50
N PHE A 151 37.44 -12.07 29.38
CA PHE A 151 35.99 -11.97 29.23
C PHE A 151 35.51 -10.58 28.84
N GLY A 152 34.66 -10.50 27.83
CA GLY A 152 34.16 -9.21 27.36
C GLY A 152 34.98 -8.61 26.23
N ASP A 153 36.24 -8.99 26.13
CA ASP A 153 37.09 -8.42 25.08
C ASP A 153 37.27 -9.33 23.86
N ALA A 154 37.71 -8.71 22.77
CA ALA A 154 37.85 -9.38 21.49
C ALA A 154 39.23 -9.33 20.93
N GLN A 155 39.55 -10.31 20.10
CA GLN A 155 40.70 -10.21 19.21
C GLN A 155 40.16 -10.15 17.80
N LEU A 156 40.59 -9.13 17.06
CA LEU A 156 40.11 -8.89 15.71
C LEU A 156 41.14 -9.31 14.68
N SER A 157 40.74 -10.15 13.74
CA SER A 157 41.63 -10.65 12.71
C SER A 157 41.05 -10.40 11.32
N GLU A 158 41.87 -9.88 10.42
CA GLU A 158 41.54 -9.90 9.00
C GLU A 158 42.31 -11.06 8.35
N TYR A 159 41.64 -11.86 7.52
CA TYR A 159 42.31 -12.91 6.74
C TYR A 159 42.01 -12.65 5.26
N PRO A 160 42.99 -12.11 4.49
CA PRO A 160 42.78 -11.81 3.06
C PRO A 160 42.54 -13.05 2.24
N ASN A 161 43.03 -14.20 2.70
CA ASN A 161 42.76 -15.48 2.08
C ASN A 161 43.24 -15.54 0.64
N ASP A 162 44.37 -14.90 0.37
CA ASP A 162 44.90 -14.88 -0.98
C ASP A 162 45.92 -16.02 -1.13
N HIS A 163 45.41 -17.26 -1.13
CA HIS A 163 46.24 -18.45 -1.02
C HIS A 163 45.46 -19.58 -1.65
N GLN A 164 46.16 -20.52 -2.26
CA GLN A 164 45.49 -21.60 -2.98
C GLN A 164 44.70 -22.50 -2.05
N ALA A 165 43.68 -23.18 -2.59
CA ALA A 165 42.82 -24.02 -1.81
C ALA A 165 43.65 -24.87 -0.85
N THR A 166 43.27 -24.90 0.43
CA THR A 166 43.93 -25.78 1.38
C THR A 166 43.12 -25.98 2.64
N GLN A 167 43.63 -26.83 3.52
CA GLN A 167 43.09 -26.96 4.87
C GLN A 167 43.95 -26.26 5.94
N TRP A 168 43.42 -25.20 6.54
CA TRP A 168 44.03 -24.53 7.66
C TRP A 168 43.28 -25.01 8.88
N TRP A 169 43.75 -24.64 10.05
CA TRP A 169 42.98 -24.86 11.26
C TRP A 169 43.34 -23.79 12.26
N TYR A 170 42.47 -23.60 13.24
CA TYR A 170 42.60 -22.49 14.14
C TYR A 170 42.46 -22.98 15.58
N HIS A 171 43.14 -22.32 16.50
CA HIS A 171 43.18 -22.77 17.88
C HIS A 171 43.78 -21.67 18.73
N ASP A 172 43.53 -21.78 20.04
CA ASP A 172 44.18 -20.96 21.03
C ASP A 172 45.69 -20.99 20.93
N HIS A 173 46.31 -19.88 21.32
CA HIS A 173 47.75 -19.72 21.21
C HIS A 173 48.28 -18.86 22.40
N ALA A 174 47.48 -18.81 23.48
CA ALA A 174 47.80 -17.98 24.65
C ALA A 174 49.16 -18.34 25.29
N MET A 175 50.01 -17.33 25.49
CA MET A 175 51.36 -17.55 25.99
C MET A 175 51.35 -18.37 27.27
N ASN A 176 52.18 -19.43 27.30
CA ASN A 176 52.41 -20.27 28.47
C ASN A 176 51.32 -21.26 28.79
N ILE A 177 50.10 -21.06 28.27
CA ILE A 177 48.99 -21.94 28.65
C ILE A 177 48.27 -22.57 27.49
N THR A 178 48.83 -22.41 26.29
CA THR A 178 48.30 -23.03 25.09
C THR A 178 48.01 -24.52 25.28
N ARG A 179 48.83 -25.20 26.07
CA ARG A 179 48.60 -26.63 26.23
C ARG A 179 47.30 -26.94 26.95
N TRP A 180 46.84 -26.06 27.83
CA TRP A 180 45.58 -26.27 28.49
C TRP A 180 44.38 -25.73 27.71
N ASN A 181 44.45 -24.48 27.27
CA ASN A 181 43.43 -23.85 26.45
C ASN A 181 42.99 -24.67 25.23
N VAL A 182 43.93 -25.18 24.45
CA VAL A 182 43.57 -25.98 23.26
C VAL A 182 42.84 -27.26 23.71
N MET A 183 43.35 -27.89 24.76
CA MET A 183 42.80 -29.14 25.26
C MET A 183 41.37 -28.97 25.82
N ALA A 184 41.07 -27.75 26.25
CA ALA A 184 39.76 -27.40 26.76
C ALA A 184 38.70 -27.41 25.64
N GLY A 185 39.15 -27.39 24.38
CA GLY A 185 38.25 -27.45 23.24
C GLY A 185 38.39 -26.35 22.20
N LEU A 186 39.33 -25.42 22.40
CA LEU A 186 39.49 -24.34 21.43
C LEU A 186 40.30 -24.74 20.20
N TYR A 187 39.68 -25.55 19.35
CA TYR A 187 40.25 -25.88 18.04
C TYR A 187 39.16 -26.07 17.00
N GLY A 188 39.53 -25.82 15.76
CA GLY A 188 38.61 -25.94 14.62
C GLY A 188 39.39 -25.83 13.31
N THR A 189 38.73 -26.16 12.22
CA THR A 189 39.37 -26.11 10.93
C THR A 189 38.71 -25.06 9.98
N TYR A 190 39.41 -24.76 8.89
CA TYR A 190 39.14 -23.60 8.07
C TYR A 190 39.62 -23.97 6.65
N LEU A 191 38.65 -24.16 5.74
CA LEU A 191 38.96 -24.63 4.39
C LEU A 191 38.89 -23.46 3.41
N VAL A 192 39.90 -23.32 2.56
CA VAL A 192 39.89 -22.32 1.47
C VAL A 192 39.63 -23.03 0.15
N ARG A 193 38.71 -22.50 -0.65
CA ARG A 193 38.38 -23.13 -1.93
C ARG A 193 38.91 -22.30 -3.11
N ASP A 194 39.24 -22.97 -4.21
CA ASP A 194 39.63 -22.24 -5.41
C ASP A 194 39.18 -22.92 -6.71
N ASP A 195 39.49 -22.30 -7.85
CA ASP A 195 39.08 -22.83 -9.15
C ASP A 195 39.87 -24.08 -9.54
N GLU A 196 41.14 -24.12 -9.18
CA GLU A 196 41.97 -25.29 -9.48
C GLU A 196 41.43 -26.53 -8.81
N GLU A 197 41.22 -26.46 -7.50
CA GLU A 197 40.62 -27.57 -6.77
C GLU A 197 39.27 -27.95 -7.36
N ASP A 198 38.42 -26.93 -7.59
CA ASP A 198 37.10 -27.19 -8.20
C ASP A 198 37.21 -28.03 -9.46
N ALA A 199 38.17 -27.72 -10.33
CA ALA A 199 38.23 -28.40 -11.63
C ALA A 199 38.69 -29.86 -11.51
N LEU A 200 39.09 -30.27 -10.31
CA LEU A 200 39.40 -31.67 -10.04
C LEU A 200 38.12 -32.52 -9.83
N GLY A 201 37.00 -31.85 -9.60
CA GLY A 201 35.74 -32.55 -9.33
C GLY A 201 35.85 -33.53 -8.17
N LEU A 202 36.49 -33.10 -7.09
CA LEU A 202 36.63 -33.94 -5.89
C LEU A 202 35.25 -34.29 -5.24
N PRO A 203 35.14 -35.44 -4.55
CA PRO A 203 33.97 -35.69 -3.73
C PRO A 203 33.72 -34.50 -2.83
N SER A 204 32.44 -34.12 -2.71
CA SER A 204 32.06 -32.98 -1.90
C SER A 204 30.73 -33.21 -1.21
N GLY A 205 30.24 -32.15 -0.56
CA GLY A 205 29.02 -32.21 0.23
C GLY A 205 29.11 -33.25 1.34
N ASP A 206 28.13 -34.14 1.36
CA ASP A 206 28.13 -35.33 2.18
C ASP A 206 29.42 -36.13 2.17
N ARG A 207 30.14 -36.10 1.05
CA ARG A 207 31.32 -36.95 0.92
C ARG A 207 32.64 -36.28 1.22
N GLU A 208 32.60 -35.06 1.76
CA GLU A 208 33.81 -34.41 2.22
C GLU A 208 33.65 -34.23 3.69
N ILE A 209 34.54 -34.86 4.45
CA ILE A 209 34.44 -34.91 5.88
C ILE A 209 35.72 -34.38 6.56
N PRO A 210 35.65 -33.20 7.18
CA PRO A 210 36.72 -32.82 8.10
C PRO A 210 36.82 -33.82 9.24
N LEU A 211 38.07 -34.16 9.59
CA LEU A 211 38.34 -35.02 10.72
C LEU A 211 39.40 -34.34 11.57
N LEU A 212 38.98 -33.83 12.72
CA LEU A 212 39.92 -33.26 13.69
C LEU A 212 40.08 -34.28 14.76
N ILE A 213 41.25 -34.93 14.78
CA ILE A 213 41.54 -35.95 15.78
C ILE A 213 42.42 -35.42 16.91
N ALA A 214 42.13 -35.82 18.13
CA ALA A 214 42.98 -35.42 19.26
C ALA A 214 42.87 -36.45 20.36
N ASP A 215 43.98 -36.75 21.02
CA ASP A 215 43.92 -37.65 22.12
C ASP A 215 43.59 -36.88 23.38
N ARG A 216 42.88 -37.55 24.28
CA ARG A 216 42.49 -37.01 25.59
C ARG A 216 42.78 -38.01 26.71
N ASN A 217 42.93 -37.50 27.91
CA ASN A 217 42.81 -38.36 29.07
C ASN A 217 41.65 -37.86 29.91
N LEU A 218 41.10 -38.73 30.76
CA LEU A 218 39.96 -38.37 31.59
C LEU A 218 40.30 -38.64 33.06
N ASP A 219 39.65 -37.92 33.97
CA ASP A 219 39.86 -38.18 35.38
C ASP A 219 38.94 -39.33 35.82
N THR A 220 39.19 -39.87 37.00
CA THR A 220 38.32 -40.95 37.53
C THR A 220 37.87 -40.61 38.94
N ASP A 221 36.71 -41.14 39.30
CA ASP A 221 36.25 -41.02 40.65
C ASP A 221 37.07 -41.97 41.46
N GLU A 222 36.65 -42.02 42.72
CA GLU A 222 37.43 -42.58 43.78
C GLU A 222 37.42 -44.11 43.73
N ASP A 223 36.40 -44.70 43.15
CA ASP A 223 36.40 -46.13 42.93
C ASP A 223 37.00 -46.46 41.58
N GLY A 224 37.61 -45.48 40.89
CA GLY A 224 38.13 -45.71 39.54
C GLY A 224 37.17 -45.53 38.36
N ARG A 225 35.93 -45.09 38.59
CA ARG A 225 35.02 -44.82 37.48
C ARG A 225 35.43 -43.55 36.76
N LEU A 226 35.45 -43.62 35.43
CA LEU A 226 35.68 -42.46 34.58
C LEU A 226 34.60 -41.39 34.79
N ASN A 227 35.00 -40.14 34.91
CA ASN A 227 34.01 -39.12 35.21
C ASN A 227 33.84 -38.02 34.15
N GLY A 228 34.54 -38.14 33.03
CA GLY A 228 34.32 -37.24 31.91
C GLY A 228 35.10 -35.95 32.01
N ARG A 229 35.77 -35.73 33.13
CA ARG A 229 36.54 -34.48 33.26
C ARG A 229 37.85 -34.61 32.50
N LEU A 230 38.16 -33.59 31.70
CA LEU A 230 39.41 -33.49 30.98
C LEU A 230 40.62 -33.48 31.91
N LEU A 231 41.56 -34.39 31.61
CA LEU A 231 42.71 -34.59 32.45
C LEU A 231 44.02 -34.51 31.63
N HIS A 232 44.77 -33.42 31.83
CA HIS A 232 46.09 -33.21 31.25
C HIS A 232 47.08 -33.86 32.19
N LYS A 233 47.43 -35.11 31.92
CA LYS A 233 48.30 -35.90 32.82
C LYS A 233 49.68 -36.19 32.19
N THR A 234 50.74 -35.64 32.79
CA THR A 234 52.10 -35.84 32.30
C THR A 234 52.91 -36.65 33.30
N VAL A 235 54.02 -37.20 32.84
CA VAL A 235 54.83 -38.04 33.68
C VAL A 235 56.16 -37.35 33.94
N ILE A 236 56.61 -37.44 35.19
CA ILE A 236 57.85 -36.78 35.63
C ILE A 236 59.02 -37.69 35.30
N VAL A 237 59.95 -37.21 34.48
CA VAL A 237 61.13 -37.96 34.10
C VAL A 237 62.37 -37.51 34.91
N GLN A 238 62.27 -36.35 35.56
CA GLN A 238 63.28 -35.90 36.50
C GLN A 238 62.66 -35.18 37.70
N GLN A 239 62.77 -35.80 38.87
CA GLN A 239 62.09 -35.29 40.06
C GLN A 239 62.58 -33.90 40.47
N SER A 240 63.88 -33.70 40.45
CA SER A 240 64.43 -32.42 40.81
C SER A 240 65.57 -32.11 39.86
N ASN A 241 65.45 -31.01 39.11
CA ASN A 241 66.43 -30.72 38.07
C ASN A 241 67.64 -30.03 38.67
N PRO A 242 68.83 -30.56 38.40
CA PRO A 242 69.99 -29.96 39.04
C PRO A 242 70.07 -28.43 38.92
N GLU A 243 69.79 -27.86 37.74
CA GLU A 243 69.94 -26.42 37.56
C GLU A 243 68.87 -25.58 38.24
N THR A 244 67.62 -26.00 38.16
CA THR A 244 66.52 -25.28 38.80
C THR A 244 66.02 -26.07 40.00
N GLY A 245 65.02 -25.56 40.69
CA GLY A 245 64.36 -26.41 41.66
C GLY A 245 63.60 -27.57 41.02
N LYS A 246 63.00 -27.30 39.86
CA LYS A 246 61.71 -27.88 39.48
C LYS A 246 61.76 -29.32 38.94
N PRO A 247 60.67 -30.08 39.11
CA PRO A 247 60.52 -31.34 38.37
C PRO A 247 60.46 -31.08 36.86
N VAL A 248 60.72 -32.11 36.07
CA VAL A 248 60.69 -32.00 34.61
C VAL A 248 59.83 -33.13 34.07
N SER A 249 58.81 -32.79 33.26
CA SER A 249 57.86 -33.78 32.75
C SER A 249 57.78 -33.85 31.22
N ILE A 250 57.29 -34.98 30.71
CA ILE A 250 57.21 -35.20 29.27
C ILE A 250 55.96 -34.50 28.76
N PRO A 251 55.80 -34.45 27.44
CA PRO A 251 54.57 -33.86 26.88
C PRO A 251 53.35 -34.72 27.15
N PHE A 252 52.18 -34.23 26.73
CA PHE A 252 50.93 -34.94 26.99
C PHE A 252 50.60 -35.99 25.92
N PHE A 253 50.25 -37.18 26.39
CA PHE A 253 49.74 -38.27 25.58
C PHE A 253 48.63 -38.90 26.43
N GLY A 254 47.52 -39.25 25.78
CA GLY A 254 46.42 -39.87 26.50
C GLY A 254 45.86 -41.05 25.74
N PRO A 255 45.15 -41.94 26.44
CA PRO A 255 44.75 -43.19 25.82
C PRO A 255 43.51 -43.08 24.94
N TYR A 256 42.71 -42.02 25.10
CA TYR A 256 41.44 -41.94 24.35
C TYR A 256 41.61 -41.08 23.10
N THR A 257 41.13 -41.56 21.97
CA THR A 257 41.19 -40.78 20.74
C THR A 257 39.85 -40.14 20.39
N THR A 258 39.83 -38.81 20.32
CA THR A 258 38.64 -38.08 19.87
C THR A 258 38.73 -37.73 18.39
N VAL A 259 37.61 -37.92 17.70
CA VAL A 259 37.45 -37.55 16.32
C VAL A 259 36.22 -36.66 16.25
N ASN A 260 36.46 -35.39 15.89
CA ASN A 260 35.39 -34.37 15.90
C ASN A 260 34.67 -34.24 17.24
N GLY A 261 35.43 -34.33 18.32
CA GLY A 261 34.86 -34.16 19.63
C GLY A 261 34.14 -35.39 20.16
N ARG A 262 34.29 -36.54 19.51
CA ARG A 262 33.79 -37.79 20.09
C ARG A 262 34.89 -38.86 20.24
N ILE A 263 34.93 -39.53 21.38
CA ILE A 263 35.76 -40.71 21.56
C ILE A 263 35.26 -41.86 20.69
N TRP A 264 36.11 -42.30 19.77
CA TRP A 264 35.89 -43.52 18.98
C TRP A 264 34.54 -43.60 18.27
N PRO A 265 34.25 -42.63 17.40
CA PRO A 265 32.96 -42.67 16.68
C PRO A 265 32.95 -43.70 15.54
N TYR A 266 31.78 -44.03 15.02
CA TYR A 266 31.68 -44.72 13.72
C TYR A 266 31.05 -43.77 12.69
N ALA A 267 31.42 -43.96 11.44
CA ALA A 267 30.81 -43.19 10.37
C ALA A 267 30.17 -44.14 9.33
N ASP A 268 28.90 -43.91 9.01
CA ASP A 268 28.23 -44.65 7.95
C ASP A 268 28.58 -43.99 6.65
N VAL A 269 29.15 -44.74 5.72
CA VAL A 269 29.44 -44.16 4.42
C VAL A 269 28.94 -45.09 3.34
N ASP A 270 28.81 -44.57 2.13
CA ASP A 270 28.41 -45.38 0.99
C ASP A 270 29.63 -45.98 0.33
N ASP A 271 29.39 -46.95 -0.55
CA ASP A 271 30.47 -47.57 -1.29
C ASP A 271 30.89 -46.68 -2.47
N GLY A 272 31.45 -45.50 -2.14
CA GLY A 272 31.93 -44.55 -3.15
C GLY A 272 33.19 -43.84 -2.71
N TRP A 273 33.64 -42.87 -3.51
CA TRP A 273 34.78 -42.04 -3.12
C TRP A 273 34.43 -40.97 -2.08
N TYR A 274 35.29 -40.85 -1.08
CA TYR A 274 35.13 -39.86 -0.03
C TYR A 274 36.41 -39.03 0.10
N ARG A 275 36.24 -37.79 0.55
CA ARG A 275 37.37 -36.92 0.79
C ARG A 275 37.37 -36.58 2.29
N LEU A 276 38.53 -36.78 2.92
CA LEU A 276 38.74 -36.52 4.34
C LEU A 276 39.77 -35.43 4.42
N ARG A 277 39.42 -34.36 5.17
CA ARG A 277 40.31 -33.27 5.52
C ARG A 277 40.80 -33.49 6.97
N LEU A 278 41.87 -34.27 7.10
CA LEU A 278 42.40 -34.66 8.36
C LEU A 278 43.42 -33.71 8.94
N VAL A 279 43.20 -33.32 10.20
CA VAL A 279 44.22 -32.62 11.00
C VAL A 279 44.36 -33.26 12.39
N ASN A 280 45.60 -33.41 12.85
CA ASN A 280 45.87 -33.91 14.20
C ASN A 280 45.89 -32.71 15.11
N ALA A 281 44.88 -32.55 15.96
CA ALA A 281 44.89 -31.41 16.83
C ALA A 281 45.41 -31.71 18.25
N SER A 282 46.15 -32.81 18.40
CA SER A 282 46.62 -33.30 19.71
C SER A 282 47.72 -32.45 20.22
N ASN A 283 47.94 -32.44 21.54
CA ASN A 283 49.04 -31.62 22.08
C ASN A 283 50.41 -32.04 21.54
N ALA A 284 50.64 -33.35 21.48
CA ALA A 284 51.98 -33.88 21.24
C ALA A 284 51.96 -35.23 20.51
N ARG A 285 50.85 -35.92 20.54
CA ARG A 285 50.86 -37.30 20.10
C ARG A 285 51.01 -37.34 18.59
N ILE A 286 51.87 -38.23 18.09
CA ILE A 286 51.93 -38.54 16.67
C ILE A 286 51.07 -39.77 16.32
N TYR A 287 50.05 -39.55 15.47
CA TYR A 287 49.23 -40.67 15.06
C TYR A 287 49.90 -41.33 13.89
N ASN A 288 50.22 -42.62 14.08
CA ASN A 288 50.66 -43.48 12.97
C ASN A 288 49.51 -44.35 12.48
N LEU A 289 48.78 -43.82 11.50
CA LEU A 289 47.44 -44.30 11.22
C LEU A 289 47.51 -45.44 10.24
N VAL A 290 46.70 -46.46 10.45
CA VAL A 290 46.56 -47.55 9.49
C VAL A 290 45.08 -47.87 9.32
N LEU A 291 44.63 -48.01 8.06
CA LEU A 291 43.27 -48.48 7.77
C LEU A 291 43.27 -50.00 7.68
N ILE A 292 42.52 -50.65 8.59
CA ILE A 292 42.46 -52.11 8.70
C ILE A 292 41.04 -52.64 8.57
N ASP A 293 40.92 -53.90 8.13
CA ASP A 293 39.60 -54.51 7.92
C ASP A 293 39.20 -55.37 9.14
N GLU A 294 38.10 -56.09 9.06
CA GLU A 294 37.57 -56.84 10.20
C GLU A 294 38.59 -57.81 10.82
N ASP A 295 39.60 -58.20 10.07
CA ASP A 295 40.53 -59.22 10.48
C ASP A 295 41.81 -58.55 10.88
N ASP A 296 41.77 -57.23 10.99
CA ASP A 296 42.96 -56.41 11.27
C ASP A 296 43.98 -56.35 10.13
N ARG A 297 43.58 -56.71 8.93
CA ARG A 297 44.52 -56.62 7.81
C ARG A 297 44.53 -55.19 7.32
N PRO A 298 45.72 -54.60 7.17
CA PRO A 298 45.78 -53.28 6.49
C PRO A 298 45.16 -53.35 5.10
N VAL A 299 44.53 -52.26 4.66
CA VAL A 299 43.80 -52.26 3.39
C VAL A 299 44.47 -51.38 2.32
N PRO A 300 45.13 -52.04 1.36
CA PRO A 300 45.89 -51.31 0.33
C PRO A 300 44.99 -50.78 -0.77
N GLY A 301 45.48 -49.80 -1.50
CA GLY A 301 44.86 -49.47 -2.80
C GLY A 301 43.54 -48.74 -2.63
N VAL A 302 43.32 -48.16 -1.45
CA VAL A 302 42.05 -47.57 -1.17
C VAL A 302 42.22 -46.13 -0.77
N VAL A 303 43.32 -45.83 -0.07
CA VAL A 303 43.62 -44.47 0.37
C VAL A 303 44.65 -43.78 -0.56
N HIS A 304 44.40 -42.51 -0.84
CA HIS A 304 45.26 -41.75 -1.72
C HIS A 304 45.41 -40.38 -1.05
N GLN A 305 46.62 -39.91 -0.79
CA GLN A 305 46.74 -38.56 -0.26
C GLN A 305 46.81 -37.60 -1.41
N ILE A 306 46.01 -36.53 -1.36
CA ILE A 306 45.94 -35.60 -2.47
C ILE A 306 46.35 -34.13 -2.13
N GLY A 307 46.43 -33.83 -0.84
CA GLY A 307 46.92 -32.50 -0.43
C GLY A 307 47.61 -32.57 0.92
N SER A 308 48.26 -31.47 1.28
CA SER A 308 49.01 -31.37 2.52
C SER A 308 48.87 -29.97 3.09
N ASP A 309 49.72 -29.59 4.04
CA ASP A 309 49.47 -28.36 4.80
C ASP A 309 49.04 -27.21 3.86
N GLY A 310 49.75 -27.04 2.77
CA GLY A 310 49.60 -25.84 1.96
C GLY A 310 48.77 -26.06 0.72
N GLY A 311 48.16 -27.23 0.56
CA GLY A 311 47.31 -27.43 -0.62
C GLY A 311 47.57 -28.69 -1.44
N LEU A 312 47.01 -28.73 -2.64
CA LEU A 312 47.19 -29.86 -3.52
C LEU A 312 48.65 -30.33 -3.64
N LEU A 313 48.86 -31.64 -3.49
CA LEU A 313 50.13 -32.23 -3.86
C LEU A 313 50.28 -32.21 -5.41
N PRO A 314 51.53 -32.28 -5.90
CA PRO A 314 51.69 -32.34 -7.33
C PRO A 314 51.14 -33.61 -7.96
N ARG A 315 51.25 -34.73 -7.25
CA ARG A 315 50.76 -36.06 -7.71
C ARG A 315 50.09 -36.73 -6.51
N PRO A 316 49.05 -37.55 -6.74
CA PRO A 316 48.47 -38.33 -5.61
C PRO A 316 49.50 -39.28 -5.07
N VAL A 317 49.47 -39.52 -3.76
CA VAL A 317 50.33 -40.51 -3.12
C VAL A 317 49.47 -41.66 -2.60
N PRO A 318 49.72 -42.87 -3.13
CA PRO A 318 49.02 -44.07 -2.61
C PRO A 318 49.48 -44.34 -1.18
N VAL A 319 48.54 -44.62 -0.27
CA VAL A 319 48.90 -44.98 1.11
C VAL A 319 48.43 -46.42 1.26
N ASP A 320 49.32 -47.35 0.94
CA ASP A 320 48.92 -48.75 0.93
C ASP A 320 49.26 -49.54 2.18
N PHE A 321 49.82 -48.88 3.20
CA PHE A 321 50.20 -49.54 4.45
C PHE A 321 50.99 -50.82 4.15
N ASP A 322 51.79 -50.72 3.09
CA ASP A 322 52.71 -51.75 2.68
C ASP A 322 54.02 -51.27 3.26
N ASP A 323 55.14 -51.63 2.64
CA ASP A 323 56.39 -51.27 3.27
C ASP A 323 57.17 -50.11 2.65
N THR A 324 56.49 -49.36 1.76
CA THR A 324 56.90 -48.03 1.24
C THR A 324 56.27 -46.86 2.03
N LEU A 325 55.20 -47.17 2.74
CA LEU A 325 54.51 -46.23 3.59
C LEU A 325 53.60 -47.16 4.43
N PRO A 326 54.15 -47.78 5.50
CA PRO A 326 53.38 -48.69 6.38
C PRO A 326 52.32 -48.00 7.27
N VAL A 327 52.58 -46.75 7.65
CA VAL A 327 51.64 -45.94 8.41
C VAL A 327 51.57 -44.63 7.67
N LEU A 328 50.42 -43.94 7.80
CA LEU A 328 50.33 -42.50 7.54
C LEU A 328 50.69 -41.83 8.87
N SER A 329 51.86 -41.21 8.95
CA SER A 329 52.30 -40.59 10.19
C SER A 329 51.86 -39.12 10.28
N ALA A 330 51.03 -38.79 11.27
CA ALA A 330 50.42 -37.46 11.35
C ALA A 330 50.81 -36.82 12.66
N ALA A 331 51.76 -35.89 12.60
CA ALA A 331 52.16 -35.20 13.80
C ALA A 331 51.17 -34.05 14.08
N PRO A 332 51.11 -33.58 15.32
CA PRO A 332 50.31 -32.41 15.64
C PRO A 332 50.42 -31.31 14.56
N ALA A 333 49.29 -30.72 14.16
CA ALA A 333 49.30 -29.52 13.30
C ALA A 333 49.47 -29.80 11.80
N GLU A 334 49.96 -30.99 11.45
CA GLU A 334 49.96 -31.46 10.05
C GLU A 334 48.55 -31.73 9.49
N ARG A 335 48.36 -31.46 8.19
CA ARG A 335 47.09 -31.74 7.51
C ARG A 335 47.21 -32.68 6.33
N PHE A 336 46.27 -33.60 6.20
CA PHE A 336 46.28 -34.58 5.14
C PHE A 336 44.94 -34.53 4.43
N ASP A 337 45.01 -34.23 3.14
CA ASP A 337 43.86 -34.27 2.27
C ASP A 337 43.82 -35.65 1.63
N LEU A 338 42.93 -36.51 2.13
CA LEU A 338 42.85 -37.90 1.74
C LEU A 338 41.58 -38.23 0.93
N LEU A 339 41.75 -38.87 -0.23
CA LEU A 339 40.63 -39.60 -0.84
C LEU A 339 40.70 -41.06 -0.38
N VAL A 340 39.56 -41.60 0.05
CA VAL A 340 39.45 -43.02 0.28
C VAL A 340 38.36 -43.53 -0.64
N ASP A 341 38.63 -44.66 -1.27
CA ASP A 341 37.79 -45.23 -2.29
C ASP A 341 37.13 -46.50 -1.73
N PHE A 342 35.88 -46.37 -1.28
CA PHE A 342 35.14 -47.49 -0.71
C PHE A 342 34.32 -48.26 -1.76
N ARG A 343 34.68 -48.17 -3.03
CA ARG A 343 33.81 -48.75 -4.08
C ARG A 343 33.67 -50.27 -4.00
N ALA A 344 34.76 -50.95 -3.68
CA ALA A 344 34.72 -52.40 -3.61
C ALA A 344 34.36 -52.90 -2.21
N LEU A 345 33.84 -52.02 -1.33
CA LEU A 345 33.74 -52.37 0.09
C LEU A 345 32.36 -52.31 0.73
N GLY A 346 31.32 -52.34 -0.10
CA GLY A 346 29.97 -52.37 0.43
C GLY A 346 29.76 -53.50 1.41
N GLY A 347 29.01 -53.23 2.48
CA GLY A 347 28.78 -54.23 3.52
C GLY A 347 29.97 -54.56 4.41
N ARG A 348 31.07 -53.83 4.28
CA ARG A 348 32.26 -54.05 5.09
C ARG A 348 32.35 -53.03 6.20
N ARG A 349 33.08 -53.39 7.25
CA ARG A 349 33.44 -52.43 8.28
C ARG A 349 34.96 -52.30 8.37
N LEU A 350 35.45 -51.06 8.32
CA LEU A 350 36.89 -50.80 8.41
C LEU A 350 37.23 -49.87 9.56
N ARG A 351 38.46 -49.97 10.05
CA ARG A 351 38.90 -49.16 11.17
C ARG A 351 40.19 -48.42 10.90
N LEU A 352 40.19 -47.14 11.23
CA LEU A 352 41.40 -46.37 11.35
C LEU A 352 41.99 -46.62 12.75
N VAL A 353 43.26 -47.00 12.82
CA VAL A 353 43.85 -47.28 14.13
C VAL A 353 45.19 -46.57 14.23
N ASP A 354 45.57 -46.22 15.45
CA ASP A 354 46.95 -45.84 15.74
C ASP A 354 47.74 -47.15 15.89
N LYS A 355 48.84 -47.27 15.14
CA LYS A 355 49.74 -48.40 15.29
C LYS A 355 50.85 -48.15 16.33
N GLY A 356 50.96 -49.05 17.30
CA GLY A 356 52.07 -49.06 18.25
C GLY A 356 53.34 -49.68 17.67
N PRO A 357 54.51 -49.21 18.11
CA PRO A 357 55.75 -49.77 17.58
C PRO A 357 55.88 -51.26 17.90
N GLY A 358 55.26 -51.72 18.97
CA GLY A 358 55.55 -53.06 19.45
C GLY A 358 54.48 -54.11 19.16
N ALA A 359 53.49 -53.77 18.34
CA ALA A 359 52.50 -54.79 18.00
C ALA A 359 51.84 -54.49 16.64
N PRO A 360 51.28 -55.51 15.97
CA PRO A 360 50.67 -55.17 14.67
C PRO A 360 49.56 -54.12 14.82
N ALA A 361 49.34 -53.36 13.76
CA ALA A 361 48.16 -52.52 13.59
C ALA A 361 46.89 -53.26 14.04
N GLY A 362 46.18 -52.67 15.02
CA GLY A 362 44.97 -53.27 15.55
C GLY A 362 45.19 -53.90 16.90
N THR A 363 46.45 -54.16 17.25
CA THR A 363 46.76 -54.83 18.50
C THR A 363 47.22 -53.83 19.55
N PRO A 364 46.59 -53.85 20.73
CA PRO A 364 47.04 -52.96 21.81
C PRO A 364 48.52 -53.07 22.09
N ASP A 365 49.11 -51.93 22.39
CA ASP A 365 50.51 -51.83 22.71
C ASP A 365 50.64 -50.72 23.78
N PRO A 366 50.03 -50.92 24.98
CA PRO A 366 49.98 -49.92 26.06
C PRO A 366 51.40 -49.48 26.36
N LEU A 367 52.29 -50.37 26.01
CA LEU A 367 53.61 -50.27 26.47
C LEU A 367 54.42 -49.49 25.47
N GLY A 368 53.98 -49.49 24.21
CA GLY A 368 54.45 -48.54 23.22
C GLY A 368 53.68 -47.22 23.19
N GLY A 369 52.84 -46.96 24.18
CA GLY A 369 52.12 -45.70 24.23
C GLY A 369 50.77 -45.71 23.50
N VAL A 370 50.29 -46.90 23.17
CA VAL A 370 49.05 -47.05 22.42
C VAL A 370 48.27 -48.22 23.04
N ARG A 371 47.75 -47.97 24.23
CA ARG A 371 46.83 -48.87 24.93
C ARG A 371 45.57 -49.19 24.11
N TYR A 372 45.06 -48.20 23.37
CA TYR A 372 43.84 -48.41 22.59
C TYR A 372 43.98 -48.00 21.12
N PRO A 373 44.21 -48.98 20.23
CA PRO A 373 44.52 -48.63 18.84
C PRO A 373 43.44 -47.77 18.16
N GLU A 374 42.19 -47.93 18.56
CA GLU A 374 41.06 -47.41 17.80
C GLU A 374 41.07 -45.88 17.68
N VAL A 375 40.78 -45.44 16.46
CA VAL A 375 40.55 -44.04 16.13
C VAL A 375 39.07 -43.90 15.71
N MET A 376 38.63 -44.63 14.69
CA MET A 376 37.22 -44.56 14.24
C MET A 376 36.90 -45.70 13.30
N GLU A 377 35.61 -45.96 13.10
CA GLU A 377 35.13 -47.03 12.25
C GLU A 377 34.29 -46.49 11.08
N PHE A 378 34.54 -47.02 9.90
CA PHE A 378 33.65 -46.79 8.79
C PHE A 378 32.79 -48.02 8.53
N ARG A 379 31.49 -47.80 8.42
CA ARG A 379 30.54 -48.85 8.08
C ARG A 379 30.02 -48.53 6.68
N VAL A 380 30.41 -49.37 5.72
CA VAL A 380 30.17 -49.13 4.30
C VAL A 380 28.92 -49.84 3.85
N ARG A 381 27.96 -49.05 3.37
CA ARG A 381 26.71 -49.54 2.84
C ARG A 381 26.87 -49.85 1.36
N GLU A 382 26.41 -51.03 0.95
CA GLU A 382 26.37 -51.39 -0.47
C GLU A 382 25.28 -50.62 -1.17
N THR A 383 25.67 -49.82 -2.15
CA THR A 383 24.65 -49.22 -3.02
C THR A 383 24.68 -49.89 -4.35
N CYS A 384 23.77 -49.49 -5.22
CA CYS A 384 23.82 -50.00 -6.56
C CYS A 384 24.29 -48.89 -7.49
N GLU A 385 25.03 -47.94 -6.93
CA GLU A 385 25.51 -46.79 -7.69
C GLU A 385 26.96 -46.95 -8.15
N GLU A 386 27.31 -46.19 -9.18
CA GLU A 386 28.62 -46.30 -9.81
C GLU A 386 29.29 -44.95 -9.82
N ASP A 387 30.34 -44.86 -9.00
CA ASP A 387 31.15 -43.66 -8.92
C ASP A 387 32.23 -43.77 -9.99
N SER A 388 32.14 -42.91 -11.00
CA SER A 388 33.15 -42.84 -12.05
C SER A 388 34.26 -41.78 -11.81
N PHE A 389 34.33 -41.22 -10.59
CA PHE A 389 35.45 -40.33 -10.23
C PHE A 389 36.80 -40.80 -10.78
N ALA A 390 37.52 -39.86 -11.37
CA ALA A 390 38.82 -40.13 -11.98
C ALA A 390 39.94 -39.43 -11.22
N LEU A 391 40.95 -40.17 -10.72
CA LEU A 391 42.12 -39.55 -10.08
C LEU A 391 43.27 -39.46 -11.08
N PRO A 392 43.69 -38.26 -11.45
CA PRO A 392 44.75 -38.21 -12.47
C PRO A 392 46.14 -38.43 -11.87
N GLU A 393 47.08 -38.87 -12.67
CA GLU A 393 48.43 -39.15 -12.17
C GLU A 393 49.24 -37.91 -11.75
N VAL A 394 49.02 -36.82 -12.46
CA VAL A 394 49.39 -35.49 -11.98
C VAL A 394 48.15 -34.77 -11.51
N LEU A 395 48.20 -34.21 -10.31
CA LEU A 395 47.04 -33.58 -9.70
C LEU A 395 46.95 -32.07 -9.94
N SER A 396 48.02 -31.36 -9.61
CA SER A 396 48.00 -29.90 -9.69
C SER A 396 48.85 -29.47 -10.87
N GLY A 397 48.24 -28.69 -11.76
CA GLY A 397 49.01 -27.98 -12.78
C GLY A 397 49.72 -26.73 -12.28
N SER A 398 49.27 -26.19 -11.14
CA SER A 398 49.90 -25.02 -10.54
C SER A 398 51.18 -25.33 -9.76
N PHE A 399 51.37 -26.58 -9.36
CA PHE A 399 52.52 -26.87 -8.49
C PHE A 399 53.84 -26.61 -9.23
N ARG A 400 54.67 -25.77 -8.63
CA ARG A 400 56.00 -25.49 -9.13
C ARG A 400 56.98 -25.90 -8.02
N ARG A 401 57.90 -26.82 -8.31
CA ARG A 401 58.85 -27.29 -7.31
C ARG A 401 59.81 -26.17 -6.88
N MET A 402 60.06 -26.02 -5.58
CA MET A 402 61.07 -25.06 -5.09
C MET A 402 62.50 -25.43 -5.49
N SER A 403 63.17 -24.51 -6.19
CA SER A 403 64.56 -24.69 -6.61
C SER A 403 65.57 -24.07 -5.65
N HIS A 404 66.60 -24.83 -5.27
CA HIS A 404 67.75 -24.26 -4.55
C HIS A 404 68.51 -23.22 -5.39
N ASP A 405 68.20 -23.12 -6.70
CA ASP A 405 68.81 -22.13 -7.60
C ASP A 405 68.31 -20.73 -7.39
N ILE A 406 67.11 -20.60 -6.82
CA ILE A 406 66.60 -19.27 -6.57
C ILE A 406 67.47 -18.65 -5.48
N PRO A 407 67.93 -17.42 -5.72
CA PRO A 407 68.75 -16.78 -4.68
C PRO A 407 68.01 -16.78 -3.33
N HIS A 408 68.72 -17.07 -2.25
CA HIS A 408 68.06 -17.14 -0.93
C HIS A 408 69.02 -16.86 0.21
N GLY A 409 68.48 -16.59 1.38
CA GLY A 409 69.27 -16.51 2.60
C GLY A 409 69.17 -17.84 3.34
N HIS A 410 69.87 -17.94 4.48
CA HIS A 410 70.08 -19.20 5.18
C HIS A 410 69.94 -19.02 6.70
N ARG A 411 69.13 -19.86 7.33
CA ARG A 411 69.13 -19.94 8.77
C ARG A 411 69.56 -21.33 9.17
N LEU A 412 70.29 -21.43 10.28
CA LEU A 412 70.47 -22.69 10.99
C LEU A 412 69.84 -22.61 12.38
N ILE A 413 68.92 -23.55 12.63
CA ILE A 413 68.21 -23.75 13.89
C ILE A 413 68.59 -25.14 14.40
N VAL A 414 69.32 -25.16 15.52
CA VAL A 414 69.70 -26.37 16.19
C VAL A 414 68.64 -26.67 17.21
N LEU A 415 68.30 -27.95 17.35
CA LEU A 415 67.41 -28.41 18.40
C LEU A 415 68.17 -29.36 19.30
N THR A 416 68.12 -29.10 20.60
CA THR A 416 69.07 -29.61 21.57
C THR A 416 68.38 -30.61 22.47
N PRO A 417 69.16 -31.56 23.01
CA PRO A 417 68.69 -32.58 23.96
C PRO A 417 68.27 -31.90 25.25
N PRO A 418 67.29 -32.47 25.95
CA PRO A 418 66.75 -31.89 27.19
C PRO A 418 67.79 -31.63 28.30
N GLY A 419 68.72 -32.56 28.52
CA GLY A 419 69.69 -32.33 29.60
C GLY A 419 70.82 -31.35 29.27
N THR A 420 70.66 -30.54 28.22
CA THR A 420 71.73 -29.62 27.84
C THR A 420 71.94 -28.53 28.92
N LYS A 421 73.20 -28.15 29.06
CA LYS A 421 73.62 -27.07 29.93
C LYS A 421 72.84 -25.77 29.80
N GLY A 422 72.34 -25.30 30.93
CA GLY A 422 71.72 -23.98 30.97
C GLY A 422 70.27 -23.97 30.54
N SER A 423 69.68 -25.16 30.38
CA SER A 423 68.37 -25.28 29.74
C SER A 423 67.29 -25.73 30.71
N GLY A 424 67.66 -25.92 31.97
CA GLY A 424 66.70 -26.31 33.00
C GLY A 424 66.05 -27.66 32.78
N GLY A 425 66.65 -28.50 31.94
CA GLY A 425 66.16 -29.86 31.68
C GLY A 425 65.23 -29.98 30.46
N HIS A 426 64.99 -28.85 29.80
CA HIS A 426 64.09 -28.80 28.64
C HIS A 426 64.87 -28.80 27.34
N PRO A 427 64.28 -29.34 26.26
CA PRO A 427 64.87 -29.22 24.91
C PRO A 427 64.71 -27.77 24.45
N GLU A 428 65.59 -27.29 23.58
CA GLU A 428 65.50 -25.89 23.19
C GLU A 428 65.68 -25.69 21.72
N ILE A 429 65.23 -24.51 21.28
CA ILE A 429 65.64 -23.95 20.02
C ILE A 429 66.84 -23.04 20.21
N TRP A 430 67.91 -23.31 19.45
CA TRP A 430 69.14 -22.49 19.46
C TRP A 430 69.27 -21.91 18.09
N GLU A 431 69.22 -20.59 18.00
CA GLU A 431 69.56 -19.95 16.74
C GLU A 431 71.08 -19.83 16.71
N MET A 432 71.64 -20.12 15.54
CA MET A 432 73.07 -20.20 15.35
C MET A 432 73.54 -19.21 14.27
N ALA A 433 74.71 -18.64 14.49
CA ALA A 433 75.37 -17.79 13.48
C ALA A 433 76.76 -18.38 13.20
N GLU A 434 77.13 -18.39 11.93
CA GLU A 434 78.43 -18.95 11.52
C GLU A 434 79.59 -18.04 11.90
N VAL A 435 80.74 -18.63 12.23
CA VAL A 435 81.94 -17.84 12.52
C VAL A 435 82.91 -17.84 11.34
N GLU A 436 83.64 -16.74 11.17
CA GLU A 436 84.77 -16.66 10.23
C GLU A 436 85.96 -15.86 10.80
N GLN A 442 89.43 -20.70 22.31
CA GLN A 442 88.00 -20.49 22.14
C GLN A 442 87.42 -21.48 21.15
N VAL A 443 87.99 -22.68 21.12
CA VAL A 443 87.47 -23.74 20.27
C VAL A 443 86.32 -24.49 20.96
N PRO A 444 86.60 -25.55 21.77
CA PRO A 444 85.45 -26.21 22.42
C PRO A 444 84.87 -25.35 23.55
N ALA A 445 83.83 -24.55 23.25
CA ALA A 445 83.20 -23.67 24.24
C ALA A 445 81.67 -23.78 24.30
N GLU A 446 81.09 -23.27 25.38
CA GLU A 446 79.66 -23.19 25.56
C GLU A 446 79.00 -22.48 24.39
N GLY A 447 77.99 -23.11 23.81
CA GLY A 447 77.24 -22.45 22.75
C GLY A 447 77.95 -22.40 21.42
N VAL A 448 79.07 -23.09 21.31
CA VAL A 448 79.71 -23.29 20.01
C VAL A 448 79.51 -24.72 19.48
N ILE A 449 79.06 -24.80 18.21
CA ILE A 449 78.79 -26.08 17.56
C ILE A 449 79.48 -26.15 16.20
N GLN A 450 80.30 -27.17 16.03
CA GLN A 450 80.97 -27.39 14.76
C GLN A 450 80.26 -28.49 14.03
N VAL A 451 80.29 -28.40 12.71
CA VAL A 451 79.58 -29.37 11.91
C VAL A 451 80.46 -29.77 10.74
N THR A 452 80.69 -31.08 10.61
CA THR A 452 81.38 -31.61 9.43
C THR A 452 80.39 -31.99 8.34
N GLY A 453 80.32 -31.15 7.31
CA GLY A 453 79.40 -31.33 6.19
C GLY A 453 79.69 -32.51 5.29
N ALA A 454 78.81 -32.71 4.30
CA ALA A 454 78.95 -33.78 3.29
C ALA A 454 80.30 -33.69 2.59
N ASP A 455 80.59 -32.51 2.04
CA ASP A 455 81.85 -32.22 1.35
C ASP A 455 83.07 -32.48 2.23
N GLY A 456 82.86 -33.02 3.43
CA GLY A 456 83.98 -33.43 4.28
C GLY A 456 84.67 -32.34 5.08
N ARG A 457 84.24 -31.09 4.90
CA ARG A 457 84.81 -29.97 5.68
C ARG A 457 83.96 -29.52 6.90
N THR A 458 84.56 -28.73 7.79
CA THR A 458 83.93 -28.37 9.05
C THR A 458 83.67 -26.85 9.25
N LYS A 459 82.41 -26.48 9.47
CA LYS A 459 82.08 -25.11 9.83
C LYS A 459 81.84 -24.94 11.34
N THR A 460 82.02 -23.71 11.80
CA THR A 460 81.84 -23.37 13.20
C THR A 460 80.69 -22.39 13.36
N TYR A 461 79.78 -22.69 14.29
CA TYR A 461 78.62 -21.80 14.59
C TYR A 461 78.48 -21.47 16.07
N ARG A 462 78.09 -20.23 16.32
CA ARG A 462 77.88 -19.76 17.68
C ARG A 462 76.37 -19.60 17.99
N ARG A 463 75.97 -19.95 19.21
CA ARG A 463 74.60 -19.79 19.67
C ARG A 463 74.29 -18.32 19.97
N THR A 464 73.22 -17.79 19.36
CA THR A 464 72.81 -16.37 19.56
C THR A 464 71.44 -16.20 20.23
N ALA A 465 70.70 -17.28 20.44
CA ALA A 465 69.45 -17.20 21.16
C ALA A 465 69.08 -18.61 21.56
N ARG A 466 68.52 -18.78 22.74
CA ARG A 466 68.21 -20.13 23.25
C ARG A 466 66.75 -20.27 23.70
N THR A 467 66.01 -19.16 23.71
CA THR A 467 64.66 -19.18 24.24
C THR A 467 63.79 -18.06 23.68
N PHE A 468 62.47 -18.22 23.85
CA PHE A 468 61.51 -17.30 23.26
C PHE A 468 61.88 -15.83 23.47
N ASN A 469 62.14 -15.45 24.71
CA ASN A 469 62.43 -14.05 24.98
C ASN A 469 63.85 -13.51 24.79
N ASP A 470 64.78 -14.27 24.24
CA ASP A 470 66.07 -13.68 23.87
C ASP A 470 65.86 -12.64 22.76
N GLY A 471 66.82 -11.74 22.58
CA GLY A 471 66.80 -10.78 21.48
C GLY A 471 66.50 -11.40 20.13
N LEU A 472 65.78 -10.66 19.31
CA LEU A 472 65.42 -11.08 17.93
C LEU A 472 66.62 -11.56 17.11
N GLY A 473 66.46 -12.67 16.41
CA GLY A 473 67.47 -13.13 15.48
C GLY A 473 67.05 -12.92 14.04
N PHE A 474 65.88 -13.42 13.63
CA PHE A 474 65.52 -13.40 12.20
C PHE A 474 64.67 -12.21 11.79
N THR A 475 65.26 -11.31 11.00
CA THR A 475 64.53 -10.21 10.36
C THR A 475 64.65 -10.44 8.86
N ILE A 476 63.55 -10.32 8.10
CA ILE A 476 63.43 -10.94 6.77
C ILE A 476 62.68 -9.98 5.86
N GLY A 477 63.24 -9.72 4.67
CA GLY A 477 62.59 -8.82 3.73
C GLY A 477 61.41 -9.52 3.09
N GLU A 478 60.24 -8.88 3.11
CA GLU A 478 59.10 -9.43 2.39
C GLU A 478 59.51 -9.74 0.97
N GLY A 479 59.10 -10.93 0.50
CA GLY A 479 59.27 -11.37 -0.88
C GLY A 479 60.51 -12.19 -1.10
N THR A 480 61.40 -12.27 -0.11
CA THR A 480 62.63 -13.02 -0.30
C THR A 480 62.38 -14.47 0.03
N HIS A 481 63.31 -15.33 -0.42
CA HIS A 481 63.33 -16.76 -0.11
C HIS A 481 64.44 -17.04 0.88
N GLU A 482 64.20 -17.99 1.78
CA GLU A 482 65.23 -18.40 2.73
C GLU A 482 65.17 -19.90 2.86
N GLN A 483 66.34 -20.53 2.97
CA GLN A 483 66.47 -21.92 3.35
C GLN A 483 66.75 -22.02 4.83
N TRP A 484 65.90 -22.78 5.50
CA TRP A 484 66.07 -23.01 6.90
C TRP A 484 66.51 -24.43 7.13
N THR A 485 67.57 -24.61 7.92
CA THR A 485 67.99 -25.95 8.28
C THR A 485 67.64 -26.16 9.75
N PHE A 486 66.90 -27.21 10.03
CA PHE A 486 66.64 -27.59 11.41
C PHE A 486 67.59 -28.73 11.72
N LEU A 487 68.45 -28.55 12.70
CA LEU A 487 69.43 -29.59 12.97
C LEU A 487 69.16 -30.15 14.34
N ASN A 488 68.50 -31.30 14.36
CA ASN A 488 68.11 -31.93 15.61
C ASN A 488 69.27 -32.78 16.12
N LEU A 489 69.77 -32.39 17.29
CA LEU A 489 70.88 -33.11 17.93
C LEU A 489 70.42 -34.16 18.94
N SER A 490 69.10 -34.37 19.06
CA SER A 490 68.54 -35.26 20.11
C SER A 490 67.83 -36.47 19.51
N PRO A 491 67.53 -37.50 20.34
CA PRO A 491 66.80 -38.62 19.78
C PRO A 491 65.30 -38.35 19.65
N ILE A 492 64.85 -37.17 20.06
CA ILE A 492 63.42 -36.92 20.06
C ILE A 492 62.87 -35.95 18.99
N LEU A 493 61.66 -36.26 18.54
CA LEU A 493 61.10 -35.75 17.30
C LEU A 493 60.36 -34.47 17.61
N HIS A 494 60.74 -33.39 16.95
CA HIS A 494 60.04 -32.14 17.15
C HIS A 494 59.38 -31.75 15.82
N PRO A 495 58.03 -31.72 15.77
CA PRO A 495 57.31 -31.20 14.61
C PRO A 495 57.41 -29.68 14.60
N MET A 496 58.36 -29.15 13.82
CA MET A 496 58.59 -27.71 13.76
C MET A 496 57.60 -27.03 12.83
N HIS A 497 57.17 -25.83 13.24
CA HIS A 497 56.18 -25.04 12.52
C HIS A 497 56.59 -23.58 12.27
N ILE A 498 56.40 -23.10 11.06
CA ILE A 498 56.71 -21.71 10.77
C ILE A 498 55.44 -20.98 10.35
N HIS A 499 55.12 -19.87 11.04
CA HIS A 499 53.89 -19.13 10.75
C HIS A 499 54.09 -18.45 9.39
N LEU A 500 53.01 -17.98 8.80
CA LEU A 500 53.05 -17.17 7.58
C LEU A 500 53.25 -17.95 6.29
N ALA A 501 54.36 -18.68 6.20
CA ALA A 501 54.86 -19.08 4.88
C ALA A 501 54.55 -20.51 4.49
N ASP A 502 54.54 -20.76 3.18
CA ASP A 502 54.63 -22.10 2.61
C ASP A 502 56.08 -22.44 2.30
N PHE A 503 56.47 -23.64 2.72
CA PHE A 503 57.80 -24.15 2.46
C PHE A 503 57.70 -25.41 1.68
N GLN A 504 58.83 -25.80 1.08
CA GLN A 504 59.02 -27.13 0.52
C GLN A 504 60.21 -27.83 1.16
N VAL A 505 60.12 -29.13 1.29
CA VAL A 505 61.19 -29.93 1.85
C VAL A 505 62.24 -30.14 0.77
N LEU A 506 63.48 -29.74 1.05
CA LEU A 506 64.57 -29.89 0.08
C LEU A 506 65.38 -31.17 0.30
N GLY A 507 65.55 -31.56 1.57
CA GLY A 507 66.46 -32.66 1.91
C GLY A 507 66.48 -33.00 3.38
N ARG A 508 66.76 -34.26 3.68
CA ARG A 508 67.05 -34.74 5.04
C ARG A 508 68.39 -35.51 5.09
N ASP A 509 69.14 -35.33 6.18
CA ASP A 509 70.40 -36.02 6.37
C ASP A 509 70.52 -36.52 7.81
N ALA A 510 71.05 -37.73 7.98
CA ALA A 510 71.32 -38.25 9.32
C ALA A 510 72.63 -37.65 9.80
N TYR A 511 72.77 -37.48 11.11
CA TYR A 511 74.03 -36.99 11.67
C TYR A 511 74.48 -37.90 12.79
N ASP A 512 75.80 -37.98 12.99
CA ASP A 512 76.33 -38.37 14.29
C ASP A 512 76.51 -37.13 15.13
N ALA A 513 75.82 -37.10 16.26
CA ALA A 513 75.77 -35.93 17.15
C ALA A 513 76.43 -36.23 18.51
N SER A 514 77.08 -37.38 18.63
CA SER A 514 77.77 -37.75 19.87
C SER A 514 78.97 -36.83 20.20
N GLY A 515 79.41 -36.04 19.24
CA GLY A 515 80.31 -34.92 19.55
C GLY A 515 79.77 -33.82 20.47
N PHE A 516 78.45 -33.83 20.71
CA PHE A 516 77.83 -32.73 21.45
C PHE A 516 77.85 -32.96 22.96
N ASP A 517 78.51 -32.08 23.69
CA ASP A 517 78.65 -32.31 25.12
C ASP A 517 77.54 -31.62 25.89
N LEU A 518 76.64 -32.42 26.47
CA LEU A 518 75.54 -31.81 27.20
C LEU A 518 76.08 -30.93 28.33
N ALA A 519 77.06 -31.45 29.08
CA ALA A 519 77.53 -30.69 30.24
C ALA A 519 78.26 -29.39 29.83
N LEU A 520 78.78 -29.35 28.62
CA LEU A 520 79.43 -28.15 28.12
C LEU A 520 78.45 -27.22 27.41
N GLY A 521 77.47 -27.82 26.74
CA GLY A 521 76.58 -27.09 25.84
C GLY A 521 77.31 -26.66 24.58
N GLY A 522 78.24 -27.50 24.12
CA GLY A 522 79.02 -27.24 22.90
C GLY A 522 79.53 -28.54 22.32
N THR A 523 80.12 -28.49 21.13
CA THR A 523 80.78 -29.69 20.61
C THR A 523 82.21 -29.84 21.12
N ARG A 524 82.56 -31.07 21.55
CA ARG A 524 83.97 -31.45 21.74
C ARG A 524 84.57 -31.86 20.40
N THR A 525 83.99 -32.91 19.83
CA THR A 525 84.28 -33.28 18.47
C THR A 525 83.06 -32.91 17.58
N PRO A 526 83.30 -32.46 16.32
CA PRO A 526 82.21 -31.93 15.47
C PRO A 526 81.01 -32.87 15.27
N VAL A 527 79.82 -32.30 15.14
CA VAL A 527 78.70 -33.07 14.63
C VAL A 527 78.98 -33.45 13.18
N ARG A 528 78.79 -34.72 12.87
CA ARG A 528 79.27 -35.26 11.60
C ARG A 528 78.11 -35.76 10.76
N LEU A 529 77.92 -35.20 9.57
CA LEU A 529 76.94 -35.80 8.64
C LEU A 529 77.34 -37.24 8.37
N ASP A 530 76.35 -38.13 8.38
CA ASP A 530 76.60 -39.56 8.29
C ASP A 530 76.04 -40.07 6.96
N PRO A 531 76.89 -40.09 5.91
CA PRO A 531 76.36 -40.31 4.55
C PRO A 531 76.01 -41.76 4.20
N ASP A 532 76.35 -42.72 5.07
CA ASP A 532 75.89 -44.11 4.86
C ASP A 532 74.59 -44.46 5.59
N THR A 533 73.90 -43.42 6.06
CA THR A 533 72.51 -43.53 6.45
C THR A 533 71.70 -42.52 5.62
N PRO A 534 71.22 -42.95 4.43
CA PRO A 534 70.30 -42.07 3.72
C PRO A 534 69.04 -41.91 4.55
N VAL A 535 68.49 -40.71 4.52
CA VAL A 535 67.15 -40.45 5.05
C VAL A 535 66.25 -40.05 3.88
N PRO A 536 65.49 -41.02 3.33
CA PRO A 536 64.64 -40.67 2.19
C PRO A 536 63.57 -39.66 2.63
N LEU A 537 63.16 -38.79 1.71
CA LEU A 537 61.99 -37.96 1.92
C LEU A 537 60.73 -38.83 1.93
N ALA A 538 59.78 -38.52 2.80
CA ALA A 538 58.50 -39.24 2.81
C ALA A 538 57.78 -38.94 1.48
N PRO A 539 57.05 -39.91 0.92
CA PRO A 539 56.48 -39.61 -0.43
C PRO A 539 55.37 -38.55 -0.40
N ASN A 540 54.83 -38.30 0.79
CA ASN A 540 53.80 -37.31 0.94
C ASN A 540 54.27 -35.91 1.42
N GLU A 541 55.60 -35.69 1.45
CA GLU A 541 56.10 -34.36 1.87
C GLU A 541 56.83 -33.61 0.77
N LEU A 542 56.44 -33.85 -0.48
CA LEU A 542 57.00 -33.11 -1.61
C LEU A 542 56.07 -32.02 -2.15
N GLY A 543 55.01 -31.68 -1.42
CA GLY A 543 54.16 -30.56 -1.79
C GLY A 543 54.46 -29.35 -0.92
N HIS A 544 53.41 -28.63 -0.52
CA HIS A 544 53.57 -27.48 0.34
C HIS A 544 53.34 -27.81 1.79
N LYS A 545 54.31 -27.51 2.64
CA LYS A 545 54.21 -27.82 4.06
C LYS A 545 54.50 -26.61 4.94
N ASP A 546 53.91 -26.58 6.14
CA ASP A 546 54.24 -25.50 7.09
C ASP A 546 54.54 -26.01 8.47
N VAL A 547 54.44 -27.33 8.61
CA VAL A 547 54.72 -28.04 9.83
C VAL A 547 55.29 -29.41 9.45
N PHE A 548 56.61 -29.51 9.48
CA PHE A 548 57.32 -30.75 9.16
C PHE A 548 57.93 -31.36 10.39
N GLN A 549 57.94 -32.69 10.42
CA GLN A 549 58.59 -33.42 11.48
C GLN A 549 60.10 -33.41 11.36
N VAL A 550 60.77 -33.32 12.50
CA VAL A 550 62.21 -33.29 12.54
C VAL A 550 62.64 -34.29 13.59
N PRO A 551 62.85 -35.57 13.16
CA PRO A 551 63.47 -36.53 14.08
C PRO A 551 64.95 -36.18 14.33
N GLY A 552 65.58 -36.91 15.25
CA GLY A 552 66.99 -36.72 15.49
C GLY A 552 67.65 -38.05 15.86
N PRO A 553 68.98 -38.11 15.79
CA PRO A 553 69.79 -36.98 15.35
C PRO A 553 69.73 -36.82 13.82
N GLN A 554 69.30 -35.64 13.34
CA GLN A 554 69.10 -35.41 11.89
C GLN A 554 69.08 -33.95 11.56
N GLY A 555 69.25 -33.65 10.28
CA GLY A 555 69.06 -32.31 9.78
C GLY A 555 67.99 -32.26 8.70
N LEU A 556 67.24 -31.16 8.67
CA LEU A 556 66.18 -30.97 7.66
C LEU A 556 66.33 -29.64 6.95
N ARG A 557 66.23 -29.70 5.63
CA ARG A 557 66.37 -28.50 4.81
C ARG A 557 65.03 -28.12 4.19
N VAL A 558 64.47 -26.98 4.60
CA VAL A 558 63.25 -26.48 3.96
C VAL A 558 63.52 -25.14 3.29
N MET A 559 62.77 -24.83 2.24
CA MET A 559 62.90 -23.52 1.62
C MET A 559 61.54 -22.87 1.44
N GLY A 560 61.51 -21.55 1.58
CA GLY A 560 60.26 -20.82 1.58
C GLY A 560 60.35 -19.36 1.16
N LYS A 561 59.25 -18.89 0.56
CA LYS A 561 59.10 -17.50 0.18
C LYS A 561 58.29 -16.78 1.26
N PHE A 562 58.86 -15.71 1.81
CA PHE A 562 58.21 -14.95 2.87
C PHE A 562 57.44 -13.78 2.30
N ASP A 563 56.20 -14.07 2.01
CA ASP A 563 55.44 -13.46 0.95
C ASP A 563 54.07 -13.00 1.48
N GLY A 564 53.61 -11.84 1.04
CA GLY A 564 52.17 -11.53 1.10
C GLY A 564 51.63 -10.90 2.38
N ALA A 565 52.50 -10.48 3.30
CA ALA A 565 52.07 -9.86 4.57
C ALA A 565 53.32 -9.49 5.38
N TYR A 566 53.12 -8.76 6.48
CA TYR A 566 54.18 -8.20 7.30
C TYR A 566 53.90 -8.43 8.75
N GLY A 567 54.93 -8.23 9.57
CA GLY A 567 54.80 -8.18 11.01
C GLY A 567 55.70 -9.12 11.80
N ARG A 568 55.34 -9.33 13.06
CA ARG A 568 56.05 -10.23 13.93
C ARG A 568 55.30 -11.53 14.05
N PHE A 569 56.04 -12.61 13.90
CA PHE A 569 55.48 -13.92 13.70
C PHE A 569 56.24 -14.90 14.60
N MET A 570 55.80 -16.15 14.62
CA MET A 570 56.40 -17.16 15.49
C MET A 570 56.92 -18.28 14.60
N TYR A 571 57.94 -18.98 15.10
CA TYR A 571 58.18 -20.35 14.69
C TYR A 571 58.49 -21.07 15.96
N HIS A 572 58.20 -22.37 15.99
CA HIS A 572 58.29 -23.10 17.21
C HIS A 572 58.07 -24.59 17.02
N CYS A 573 58.24 -25.32 18.11
CA CYS A 573 57.89 -26.72 18.14
C CYS A 573 56.39 -26.82 18.36
N HIS A 574 55.74 -27.82 17.75
CA HIS A 574 54.31 -27.93 17.93
C HIS A 574 53.89 -28.98 18.92
N LEU A 575 54.82 -29.49 19.72
CA LEU A 575 54.42 -30.15 20.94
C LEU A 575 54.04 -29.02 21.92
N LEU A 576 52.74 -28.92 22.23
CA LEU A 576 52.28 -27.78 23.02
C LEU A 576 53.02 -27.60 24.36
N GLU A 577 53.36 -28.71 25.01
CA GLU A 577 54.14 -28.62 26.25
C GLU A 577 55.53 -28.03 26.06
N HIS A 578 56.23 -28.39 24.99
CA HIS A 578 57.53 -27.79 24.73
C HIS A 578 57.37 -26.34 24.33
N GLU A 579 56.29 -26.03 23.59
CA GLU A 579 55.97 -24.64 23.17
C GLU A 579 55.72 -23.73 24.40
N ASP A 580 54.92 -24.21 25.35
CA ASP A 580 54.64 -23.43 26.53
C ASP A 580 55.87 -23.26 27.40
N MET A 581 56.88 -24.09 27.17
CA MET A 581 58.11 -24.03 27.92
C MET A 581 59.30 -23.48 27.15
N GLY A 582 59.08 -22.42 26.38
CA GLY A 582 60.17 -21.66 25.76
C GLY A 582 60.63 -22.11 24.38
N MET A 583 60.10 -23.22 23.89
CA MET A 583 60.51 -23.69 22.58
C MET A 583 59.80 -22.98 21.42
N MET A 584 60.12 -21.70 21.29
CA MET A 584 59.40 -20.79 20.43
C MET A 584 60.25 -19.53 20.19
N ARG A 585 60.22 -19.00 18.97
CA ARG A 585 60.96 -17.80 18.63
C ARG A 585 60.12 -16.88 17.74
N PRO A 586 60.33 -15.55 17.85
CA PRO A 586 59.75 -14.56 16.94
C PRO A 586 60.59 -14.41 15.70
N PHE A 587 59.96 -13.95 14.62
CA PHE A 587 60.70 -13.36 13.49
C PHE A 587 59.88 -12.22 12.92
N VAL A 588 60.51 -11.37 12.11
CA VAL A 588 59.86 -10.18 11.64
C VAL A 588 60.00 -10.18 10.14
N VAL A 589 58.91 -9.84 9.44
CA VAL A 589 58.91 -9.69 8.02
C VAL A 589 58.47 -8.26 7.67
N MET A 590 59.33 -7.53 7.00
CA MET A 590 59.08 -6.13 6.68
C MET A 590 59.28 -5.89 5.20
N PRO A 591 58.73 -4.77 4.67
CA PRO A 591 59.11 -4.36 3.32
C PRO A 591 60.63 -4.18 3.21
N PRO A 592 61.23 -4.67 2.10
CA PRO A 592 62.67 -4.46 1.88
C PRO A 592 63.03 -2.99 2.01
N GLU A 593 62.13 -2.11 1.57
CA GLU A 593 62.44 -0.68 1.64
C GLU A 593 62.52 -0.16 3.10
N ALA A 594 61.85 -0.83 4.04
CA ALA A 594 61.92 -0.38 5.43
C ALA A 594 63.08 -1.04 6.15
N LEU A 595 63.51 -2.20 5.63
CA LEU A 595 64.74 -2.92 6.02
C LEU A 595 66.00 -2.02 5.97
N LYS A 596 66.07 -1.13 4.99
CA LYS A 596 67.17 -0.18 4.91
C LYS A 596 67.28 0.71 6.15
N PHE A 597 66.21 0.80 6.93
CA PHE A 597 66.31 1.54 8.18
C PHE A 597 66.44 0.65 9.42
N ASP A 598 66.80 -0.64 9.20
CA ASP A 598 67.38 -1.51 10.25
C ASP A 598 66.34 -2.26 11.09
N ALA B 7 -16.30 -52.64 46.49
CA ALA B 7 -17.43 -52.50 47.48
C ALA B 7 -18.38 -51.40 47.03
N PRO B 8 -19.68 -51.56 47.34
CA PRO B 8 -20.68 -50.57 47.01
C PRO B 8 -20.30 -49.18 47.51
N GLY B 9 -20.10 -48.24 46.60
CA GLY B 9 -19.82 -46.86 46.97
C GLY B 9 -18.35 -46.47 46.87
N GLU B 10 -17.51 -47.35 46.33
CA GLU B 10 -16.08 -47.06 46.18
C GLU B 10 -15.74 -46.67 44.75
N LEU B 11 -14.73 -45.81 44.60
CA LEU B 11 -14.28 -45.46 43.25
C LEU B 11 -13.49 -46.58 42.59
N THR B 12 -13.68 -46.74 41.27
CA THR B 12 -12.93 -47.71 40.47
C THR B 12 -11.55 -47.15 40.14
N PRO B 13 -10.47 -47.78 40.60
CA PRO B 13 -9.19 -47.20 40.17
C PRO B 13 -8.96 -47.30 38.66
N PHE B 14 -8.18 -46.37 38.13
CA PHE B 14 -7.73 -46.35 36.73
C PHE B 14 -8.87 -46.22 35.73
N ALA B 15 -9.83 -45.38 36.05
CA ALA B 15 -10.99 -45.17 35.17
C ALA B 15 -10.80 -44.03 34.20
N ALA B 16 -9.76 -43.22 34.40
CA ALA B 16 -9.57 -42.05 33.54
C ALA B 16 -8.10 -41.81 33.28
N PRO B 17 -7.78 -41.26 32.10
CA PRO B 17 -6.35 -41.14 31.78
C PRO B 17 -5.68 -40.05 32.55
N LEU B 18 -4.37 -40.18 32.70
CA LEU B 18 -3.55 -39.13 33.31
C LEU B 18 -3.59 -37.91 32.43
N THR B 19 -3.65 -36.73 33.04
CA THR B 19 -3.42 -35.47 32.30
C THR B 19 -2.11 -34.84 32.82
N VAL B 20 -1.50 -33.95 32.02
CA VAL B 20 -0.45 -33.03 32.48
C VAL B 20 -0.89 -31.59 32.43
N PRO B 21 -0.46 -30.77 33.39
CA PRO B 21 -0.69 -29.34 33.23
C PRO B 21 -0.17 -28.81 31.89
N PRO B 22 -0.80 -27.73 31.38
CA PRO B 22 -0.24 -27.07 30.21
C PRO B 22 1.10 -26.45 30.58
N VAL B 23 1.96 -26.30 29.57
CA VAL B 23 3.33 -25.82 29.78
C VAL B 23 3.43 -24.31 29.57
N LEU B 24 4.10 -23.62 30.49
CA LEU B 24 4.22 -22.17 30.37
C LEU B 24 5.68 -21.84 30.27
N ARG B 25 6.02 -21.12 29.20
CA ARG B 25 7.37 -20.62 29.02
C ARG B 25 7.42 -19.11 29.07
N PRO B 26 7.77 -18.56 30.23
CA PRO B 26 7.58 -17.13 30.40
C PRO B 26 8.78 -16.27 29.95
N ALA B 27 9.90 -16.85 29.56
CA ALA B 27 11.08 -16.01 29.27
C ALA B 27 10.79 -15.10 28.06
N SER B 28 11.18 -13.84 28.14
CA SER B 28 10.99 -12.96 26.99
C SER B 28 12.18 -12.06 26.89
N ASP B 29 12.29 -11.33 25.80
CA ASP B 29 13.33 -10.33 25.68
C ASP B 29 13.02 -9.07 26.49
N GLU B 30 11.79 -8.93 26.97
CA GLU B 30 11.43 -7.80 27.80
C GLU B 30 11.19 -8.17 29.28
N VAL B 31 12.22 -8.05 30.11
CA VAL B 31 12.16 -8.55 31.48
C VAL B 31 11.06 -7.84 32.32
N THR B 32 10.82 -6.57 32.02
CA THR B 32 9.76 -5.79 32.67
C THR B 32 8.34 -6.12 32.23
N ARG B 33 8.18 -6.99 31.22
CA ARG B 33 6.84 -7.52 30.89
C ARG B 33 6.55 -8.82 31.67
N GLU B 34 5.82 -8.68 32.78
CA GLU B 34 5.53 -9.84 33.65
C GLU B 34 4.62 -10.84 32.96
N THR B 35 4.73 -12.11 33.36
CA THR B 35 3.69 -13.09 33.08
C THR B 35 2.69 -13.11 34.26
N GLU B 36 1.42 -12.83 33.97
CA GLU B 36 0.40 -12.90 34.98
C GLU B 36 0.00 -14.35 35.13
N ILE B 37 0.04 -14.84 36.36
CA ILE B 37 -0.56 -16.10 36.70
C ILE B 37 -1.67 -15.84 37.70
N ALA B 38 -2.90 -16.01 37.24
CA ALA B 38 -4.07 -15.52 37.94
C ALA B 38 -4.72 -16.70 38.63
N LEU B 39 -4.82 -16.61 39.95
CA LEU B 39 -5.55 -17.60 40.75
C LEU B 39 -7.03 -17.40 40.52
N ARG B 40 -7.73 -18.44 40.06
CA ARG B 40 -9.17 -18.38 39.85
C ARG B 40 -9.86 -19.61 40.39
N PRO B 41 -11.14 -19.47 40.77
CA PRO B 41 -11.87 -20.67 41.14
C PRO B 41 -11.98 -21.55 39.93
N THR B 42 -12.13 -22.84 40.13
CA THR B 42 -12.24 -23.72 38.99
C THR B 42 -12.91 -25.03 39.40
N TRP B 43 -13.55 -25.72 38.46
CA TRP B 43 -14.17 -27.01 38.76
C TRP B 43 -13.41 -28.16 38.15
N VAL B 44 -13.08 -29.10 38.99
CA VAL B 44 -12.12 -30.12 38.63
C VAL B 44 -12.76 -31.48 38.80
N ARG B 45 -12.66 -32.29 37.76
CA ARG B 45 -13.21 -33.63 37.81
C ARG B 45 -12.13 -34.61 38.31
N LEU B 46 -12.15 -34.88 39.62
CA LEU B 46 -11.17 -35.83 40.23
C LEU B 46 -11.29 -37.27 39.74
N HIS B 47 -12.49 -37.64 39.33
CA HIS B 47 -12.83 -39.01 39.01
C HIS B 47 -14.19 -39.10 38.29
N PRO B 48 -14.27 -39.91 37.22
CA PRO B 48 -15.53 -40.05 36.47
C PRO B 48 -16.68 -40.38 37.40
N GLN B 49 -16.42 -41.07 38.50
CA GLN B 49 -17.50 -41.44 39.41
C GLN B 49 -17.87 -40.39 40.46
N LEU B 50 -17.21 -39.23 40.42
CA LEU B 50 -17.57 -38.17 41.35
C LEU B 50 -18.17 -37.00 40.60
N PRO B 51 -18.92 -36.14 41.33
CA PRO B 51 -19.35 -34.89 40.70
C PRO B 51 -18.11 -34.02 40.65
N PRO B 52 -18.16 -32.86 39.97
CA PRO B 52 -16.96 -32.02 39.98
C PRO B 52 -16.74 -31.42 41.37
N THR B 53 -15.50 -31.05 41.61
CA THR B 53 -14.97 -30.59 42.89
C THR B 53 -14.48 -29.18 42.65
N LEU B 54 -14.89 -28.29 43.55
CA LEU B 54 -14.48 -26.89 43.52
C LEU B 54 -13.05 -26.77 44.02
N MET B 55 -12.21 -26.06 43.25
CA MET B 55 -10.82 -25.89 43.65
C MET B 55 -10.39 -24.45 43.34
N TRP B 56 -9.19 -24.09 43.79
CA TRP B 56 -8.60 -22.82 43.40
C TRP B 56 -7.33 -23.18 42.67
N GLY B 57 -7.14 -22.61 41.48
CA GLY B 57 -6.09 -23.04 40.55
C GLY B 57 -5.34 -21.84 39.97
N TYR B 58 -4.03 -21.95 39.93
CA TYR B 58 -3.22 -21.04 39.11
C TYR B 58 -3.65 -21.08 37.61
N ASP B 59 -4.00 -19.91 37.06
CA ASP B 59 -4.67 -19.87 35.75
C ASP B 59 -5.85 -20.85 35.65
N GLY B 60 -6.52 -21.08 36.77
CA GLY B 60 -7.67 -21.99 36.81
C GLY B 60 -7.34 -23.45 36.49
N GLN B 61 -6.14 -23.91 36.84
CA GLN B 61 -5.72 -25.27 36.50
C GLN B 61 -5.28 -25.86 37.79
N VAL B 62 -5.58 -27.14 37.98
CA VAL B 62 -4.96 -27.88 39.05
C VAL B 62 -4.39 -29.18 38.53
N PRO B 63 -3.09 -29.41 38.70
CA PRO B 63 -2.07 -28.50 39.21
C PRO B 63 -1.90 -27.32 38.29
N GLY B 64 -1.35 -26.22 38.80
CA GLY B 64 -1.04 -25.02 37.99
C GLY B 64 -0.18 -25.38 36.78
N PRO B 65 0.05 -24.41 35.87
CA PRO B 65 0.86 -24.71 34.69
C PRO B 65 2.27 -25.18 35.07
N THR B 66 2.87 -26.02 34.23
CA THR B 66 4.30 -26.36 34.36
C THR B 66 5.15 -25.28 33.71
N ILE B 67 5.90 -24.58 34.55
CA ILE B 67 6.68 -23.48 34.04
C ILE B 67 7.99 -24.10 33.64
N GLU B 68 8.57 -23.62 32.54
CA GLU B 68 9.81 -24.16 32.01
C GLU B 68 10.70 -23.03 31.58
N VAL B 69 11.95 -23.03 32.04
CA VAL B 69 12.89 -21.96 31.75
C VAL B 69 14.29 -22.56 31.61
N ARG B 70 15.18 -21.81 30.98
CA ARG B 70 16.58 -22.22 30.94
C ARG B 70 17.37 -21.47 32.02
N ARG B 71 18.36 -22.16 32.56
CA ARG B 71 19.29 -21.53 33.50
C ARG B 71 19.65 -20.13 33.00
N GLY B 72 19.56 -19.12 33.87
CA GLY B 72 19.96 -17.79 33.47
C GLY B 72 18.90 -16.89 32.84
N GLN B 73 17.76 -17.43 32.40
CA GLN B 73 16.68 -16.58 31.93
C GLN B 73 15.95 -15.98 33.10
N ARG B 74 16.07 -14.67 33.22
CA ARG B 74 15.46 -13.92 34.32
C ARG B 74 13.97 -13.70 34.03
N VAL B 75 13.14 -14.08 34.98
CA VAL B 75 11.70 -14.14 34.73
C VAL B 75 10.98 -13.42 35.87
N ARG B 76 9.94 -12.66 35.52
CA ARG B 76 9.14 -11.97 36.51
C ARG B 76 7.71 -12.42 36.32
N ILE B 77 7.09 -12.82 37.43
CA ILE B 77 5.76 -13.38 37.44
C ILE B 77 4.91 -12.56 38.40
N ALA B 78 3.68 -12.24 37.98
CA ALA B 78 2.76 -11.58 38.89
C ALA B 78 1.75 -12.62 39.36
N TRP B 79 1.96 -13.19 40.54
CA TRP B 79 0.97 -14.12 41.14
C TRP B 79 -0.20 -13.27 41.61
N THR B 80 -1.29 -13.32 40.83
CA THR B 80 -2.39 -12.35 40.92
C THR B 80 -3.68 -12.99 41.42
N ASN B 81 -4.17 -12.49 42.55
CA ASN B 81 -5.40 -13.04 43.14
C ASN B 81 -6.67 -12.55 42.44
N ARG B 82 -7.29 -13.43 41.65
CA ARG B 82 -8.58 -13.14 40.97
C ARG B 82 -9.73 -14.05 41.47
N ILE B 83 -9.67 -14.42 42.75
CA ILE B 83 -10.78 -15.12 43.39
C ILE B 83 -11.70 -14.11 44.05
N PRO B 84 -12.91 -13.92 43.47
CA PRO B 84 -13.77 -12.82 43.93
C PRO B 84 -14.13 -12.93 45.42
N LYS B 85 -14.27 -11.80 46.09
CA LYS B 85 -14.80 -11.80 47.46
C LYS B 85 -16.13 -12.55 47.57
N GLY B 86 -16.34 -13.19 48.71
CA GLY B 86 -17.50 -14.04 48.93
C GLY B 86 -17.50 -15.36 48.18
N SER B 87 -16.46 -15.67 47.40
CA SER B 87 -16.26 -17.06 46.92
C SER B 87 -16.35 -18.07 48.07
N GLU B 88 -16.87 -19.23 47.80
CA GLU B 88 -16.91 -20.28 48.80
C GLU B 88 -15.51 -20.88 49.02
N TYR B 89 -15.13 -21.10 50.28
CA TYR B 89 -13.86 -21.77 50.55
C TYR B 89 -13.86 -23.26 50.12
N PRO B 90 -12.91 -23.64 49.24
CA PRO B 90 -13.01 -24.98 48.63
C PRO B 90 -12.81 -26.17 49.57
N VAL B 91 -12.19 -25.96 50.72
CA VAL B 91 -11.79 -27.06 51.62
C VAL B 91 -12.56 -26.96 52.91
N THR B 92 -13.39 -27.97 53.17
CA THR B 92 -14.06 -28.15 54.43
C THR B 92 -13.07 -28.78 55.40
N SER B 93 -13.02 -28.26 56.64
CA SER B 93 -12.12 -28.79 57.66
C SER B 93 -12.90 -29.35 58.86
N VAL B 94 -12.50 -30.53 59.32
CA VAL B 94 -13.04 -31.10 60.55
C VAL B 94 -11.98 -31.78 61.37
N GLU B 95 -12.19 -31.81 62.68
CA GLU B 95 -11.39 -32.64 63.58
C GLU B 95 -12.30 -33.65 64.28
N VAL B 96 -11.90 -34.91 64.27
CA VAL B 96 -12.75 -36.02 64.67
C VAL B 96 -12.02 -36.81 65.76
N PRO B 97 -12.77 -37.40 66.73
CA PRO B 97 -12.18 -38.14 67.85
C PRO B 97 -11.44 -39.38 67.35
N LEU B 98 -10.58 -39.96 68.18
CA LEU B 98 -9.91 -41.23 67.89
C LEU B 98 -10.71 -42.42 67.33
N GLY B 99 -11.81 -42.81 67.95
CA GLY B 99 -12.34 -44.16 67.62
C GLY B 99 -11.46 -45.36 68.00
N PRO B 100 -12.03 -46.56 67.94
CA PRO B 100 -11.58 -47.73 68.74
C PRO B 100 -10.17 -48.24 68.41
N PRO B 101 -9.38 -48.56 69.46
CA PRO B 101 -7.97 -49.04 69.30
C PRO B 101 -7.86 -50.34 68.48
N GLY B 102 -6.84 -50.44 67.64
CA GLY B 102 -6.72 -51.59 66.75
C GLY B 102 -7.75 -51.65 65.62
N THR B 103 -8.52 -50.58 65.41
CA THR B 103 -9.24 -50.36 64.14
C THR B 103 -8.62 -49.21 63.32
N PRO B 104 -8.83 -49.21 61.99
CA PRO B 104 -8.24 -48.16 61.15
C PRO B 104 -8.63 -46.75 61.61
N ALA B 105 -7.72 -45.79 61.58
CA ALA B 105 -8.07 -44.45 62.06
C ALA B 105 -9.12 -43.85 61.14
N PRO B 106 -9.89 -42.87 61.65
CA PRO B 106 -10.97 -42.26 60.86
C PRO B 106 -10.44 -41.53 59.64
N ASN B 107 -9.13 -41.31 59.57
CA ASN B 107 -8.61 -40.58 58.43
C ASN B 107 -8.37 -41.50 57.25
N THR B 108 -8.61 -42.80 57.42
CA THR B 108 -8.70 -43.73 56.30
C THR B 108 -10.10 -43.77 55.64
N GLU B 109 -10.96 -42.82 55.99
CA GLU B 109 -12.33 -42.87 55.62
C GLU B 109 -12.79 -41.50 55.19
N PRO B 110 -13.71 -41.46 54.21
CA PRO B 110 -14.28 -40.19 53.79
C PRO B 110 -15.33 -39.74 54.81
N GLY B 111 -15.80 -38.52 54.65
CA GLY B 111 -16.93 -38.07 55.42
C GLY B 111 -16.51 -37.47 56.73
N ARG B 112 -17.44 -36.71 57.31
CA ARG B 112 -17.16 -35.96 58.49
C ARG B 112 -17.52 -36.66 59.81
N GLY B 113 -18.05 -37.88 59.74
CA GLY B 113 -18.60 -38.54 60.92
C GLY B 113 -19.89 -37.82 61.20
N GLY B 114 -20.13 -37.41 62.43
CA GLY B 114 -21.22 -36.46 62.56
C GLY B 114 -20.75 -35.03 62.71
N VAL B 115 -19.45 -34.79 62.60
CA VAL B 115 -18.87 -33.53 63.08
C VAL B 115 -19.13 -32.33 62.13
N GLU B 116 -19.48 -31.18 62.72
CA GLU B 116 -19.70 -29.92 61.97
C GLU B 116 -18.42 -29.40 61.32
N PRO B 117 -18.50 -28.90 60.08
CA PRO B 117 -17.35 -28.20 59.47
C PRO B 117 -16.88 -27.07 60.39
N ASN B 118 -15.58 -26.80 60.44
CA ASN B 118 -15.09 -25.64 61.16
C ASN B 118 -15.48 -24.30 60.47
N LYS B 119 -16.20 -23.46 61.22
CA LYS B 119 -16.85 -22.28 60.63
C LYS B 119 -15.82 -21.22 60.30
N ASP B 120 -14.74 -21.21 61.07
CA ASP B 120 -13.59 -20.33 60.81
C ASP B 120 -12.81 -20.60 59.50
N VAL B 121 -12.56 -21.89 59.18
CA VAL B 121 -12.01 -22.26 57.90
C VAL B 121 -12.94 -21.81 56.75
N ALA B 122 -14.25 -22.04 56.91
CA ALA B 122 -15.25 -21.71 55.88
C ALA B 122 -15.42 -20.20 55.61
N ALA B 123 -15.05 -19.41 56.61
CA ALA B 123 -15.11 -17.96 56.51
C ALA B 123 -13.85 -17.38 55.87
N LEU B 124 -12.86 -18.20 55.57
CA LEU B 124 -11.61 -17.69 54.97
C LEU B 124 -11.83 -17.03 53.58
N PRO B 125 -11.38 -15.78 53.43
CA PRO B 125 -11.35 -15.19 52.09
C PRO B 125 -10.15 -15.77 51.30
N ALA B 126 -10.08 -15.56 49.99
CA ALA B 126 -8.86 -15.88 49.25
C ALA B 126 -7.75 -14.94 49.66
N TRP B 127 -6.71 -15.52 50.25
CA TRP B 127 -5.56 -14.79 50.75
C TRP B 127 -4.30 -15.68 50.56
N SER B 128 -3.53 -15.37 49.53
CA SER B 128 -2.47 -16.26 49.07
C SER B 128 -1.18 -15.53 48.75
N VAL B 129 -0.10 -16.27 48.96
CA VAL B 129 1.22 -15.87 48.56
C VAL B 129 1.86 -17.15 48.03
N THR B 130 2.61 -17.02 46.95
CA THR B 130 3.15 -18.18 46.29
C THR B 130 4.65 -18.22 46.50
N HIS B 131 5.12 -19.40 46.89
CA HIS B 131 6.51 -19.63 47.13
C HIS B 131 7.02 -20.63 46.09
N LEU B 132 8.06 -20.26 45.34
CA LEU B 132 8.73 -21.18 44.39
C LEU B 132 9.71 -22.00 45.22
N HIS B 133 9.26 -23.17 45.64
CA HIS B 133 10.07 -24.05 46.46
C HIS B 133 11.34 -24.52 45.75
N GLY B 134 12.50 -24.19 46.32
CA GLY B 134 13.81 -24.52 45.73
C GLY B 134 14.52 -23.32 45.10
N ALA B 135 13.78 -22.29 44.73
CA ALA B 135 14.36 -21.19 43.95
C ALA B 135 15.49 -20.44 44.68
N GLN B 136 16.52 -20.13 43.92
CA GLN B 136 17.59 -19.34 44.43
C GLN B 136 17.16 -17.93 44.01
N THR B 137 16.53 -17.21 44.93
CA THR B 137 16.10 -15.86 44.69
C THR B 137 16.00 -15.11 46.02
N GLY B 138 15.92 -13.78 45.97
CA GLY B 138 15.90 -12.96 47.21
C GLY B 138 14.62 -13.13 48.01
N GLY B 139 14.69 -12.83 49.30
CA GLY B 139 13.50 -12.86 50.16
C GLY B 139 12.31 -12.12 49.55
N GLY B 140 12.57 -11.05 48.82
CA GLY B 140 11.50 -10.19 48.33
C GLY B 140 10.70 -10.89 47.25
N ASN B 141 11.24 -12.01 46.73
CA ASN B 141 10.64 -12.78 45.65
C ASN B 141 10.07 -14.12 46.11
N ASP B 142 10.51 -14.49 47.31
CA ASP B 142 10.40 -15.82 47.86
C ASP B 142 8.98 -16.25 48.31
N GLY B 143 8.05 -15.31 48.47
CA GLY B 143 6.73 -15.66 49.01
C GLY B 143 6.67 -15.73 50.54
N TRP B 144 7.15 -14.67 51.20
CA TRP B 144 7.03 -14.53 52.66
C TRP B 144 5.60 -14.75 53.15
N ALA B 145 5.42 -15.72 54.04
CA ALA B 145 4.12 -16.11 54.57
C ALA B 145 3.15 -15.01 54.97
N ASP B 146 3.63 -13.96 55.65
CA ASP B 146 2.72 -12.91 56.09
C ASP B 146 2.16 -12.09 54.91
N ASN B 147 2.83 -12.15 53.77
CA ASN B 147 2.59 -11.19 52.71
C ASN B 147 1.64 -11.71 51.64
N ALA B 148 0.59 -12.41 52.06
CA ALA B 148 -0.36 -12.93 51.08
C ALA B 148 -1.29 -11.81 50.68
N VAL B 149 -1.92 -11.93 49.52
CA VAL B 149 -2.72 -10.83 48.97
C VAL B 149 -4.12 -11.26 48.72
N GLY B 150 -5.04 -10.30 48.86
CA GLY B 150 -6.45 -10.55 48.57
C GLY B 150 -6.87 -10.27 47.12
N PHE B 151 -8.16 -10.47 46.86
CA PHE B 151 -8.73 -10.27 45.52
C PHE B 151 -8.28 -8.97 44.86
N GLY B 152 -7.75 -9.09 43.65
CA GLY B 152 -7.43 -7.90 42.90
C GLY B 152 -6.00 -7.44 43.05
N ASP B 153 -5.30 -7.95 44.08
CA ASP B 153 -3.88 -7.60 44.29
C ASP B 153 -2.91 -8.67 43.81
N ALA B 154 -1.66 -8.26 43.55
CA ALA B 154 -0.64 -9.21 43.12
C ALA B 154 0.55 -9.34 44.08
N GLN B 155 1.22 -10.48 43.95
CA GLN B 155 2.55 -10.68 44.49
C GLN B 155 3.51 -10.70 43.29
N LEU B 156 4.52 -9.85 43.30
CA LEU B 156 5.48 -9.85 42.17
C LEU B 156 6.76 -10.54 42.57
N SER B 157 7.19 -11.51 41.76
CA SER B 157 8.46 -12.23 41.96
C SER B 157 9.40 -12.13 40.76
N GLU B 158 10.69 -11.93 41.03
CA GLU B 158 11.74 -12.12 40.05
C GLU B 158 12.46 -13.40 40.43
N TYR B 159 12.66 -14.25 39.45
CA TYR B 159 13.41 -15.47 39.59
C TYR B 159 14.58 -15.37 38.59
N PRO B 160 15.81 -15.20 39.11
CA PRO B 160 16.90 -15.07 38.14
C PRO B 160 17.29 -16.40 37.50
N ASN B 161 16.88 -17.52 38.11
CA ASN B 161 17.09 -18.85 37.53
C ASN B 161 18.56 -19.16 37.27
N ASP B 162 19.43 -18.61 38.11
CA ASP B 162 20.85 -18.89 38.07
C ASP B 162 21.16 -20.14 38.91
N HIS B 163 20.65 -21.26 38.42
CA HIS B 163 20.79 -22.55 39.08
C HIS B 163 20.79 -23.60 37.99
N GLN B 164 21.42 -24.73 38.27
CA GLN B 164 21.52 -25.83 37.35
C GLN B 164 20.17 -26.50 37.18
N ALA B 165 20.00 -27.24 36.07
CA ALA B 165 18.71 -27.84 35.72
C ALA B 165 18.15 -28.61 36.90
N THR B 166 16.87 -28.42 37.22
CA THR B 166 16.23 -29.19 38.28
C THR B 166 14.74 -29.00 38.21
N GLN B 167 14.01 -29.75 39.03
CA GLN B 167 12.59 -29.55 39.21
C GLN B 167 12.31 -28.74 40.50
N TRP B 168 11.81 -27.53 40.34
CA TRP B 168 11.23 -26.85 41.49
C TRP B 168 9.71 -27.06 41.50
N TRP B 169 9.04 -26.58 42.55
CA TRP B 169 7.60 -26.54 42.48
C TRP B 169 7.15 -25.35 43.26
N TYR B 170 5.96 -24.86 42.94
CA TYR B 170 5.46 -23.67 43.56
C TYR B 170 4.10 -23.96 44.18
N HIS B 171 3.76 -23.27 45.25
CA HIS B 171 2.51 -23.52 46.00
C HIS B 171 2.21 -22.36 46.96
N ASP B 172 0.97 -22.32 47.46
CA ASP B 172 0.63 -21.33 48.47
C ASP B 172 1.48 -21.51 49.73
N HIS B 173 1.72 -20.40 50.40
CA HIS B 173 2.56 -20.33 51.58
C HIS B 173 2.01 -19.33 52.62
N ALA B 174 0.69 -19.08 52.60
CA ALA B 174 0.08 -18.02 53.41
C ALA B 174 0.10 -18.33 54.90
N MET B 175 0.42 -17.34 55.71
CA MET B 175 0.67 -17.55 57.15
C MET B 175 -0.56 -18.15 57.82
N ASN B 176 -0.38 -19.30 58.46
CA ASN B 176 -1.43 -19.95 59.27
C ASN B 176 -2.35 -20.91 58.53
N ILE B 177 -2.49 -20.73 57.20
CA ILE B 177 -3.57 -21.43 56.48
C ILE B 177 -3.11 -22.19 55.25
N THR B 178 -1.79 -22.22 55.11
CA THR B 178 -1.15 -22.95 54.05
C THR B 178 -1.71 -24.36 53.90
N ARG B 179 -2.03 -25.01 55.01
CA ARG B 179 -2.49 -26.38 54.90
C ARG B 179 -3.81 -26.51 54.20
N TRP B 180 -4.58 -25.42 54.16
CA TRP B 180 -5.84 -25.41 53.43
C TRP B 180 -5.68 -24.86 52.01
N ASN B 181 -5.03 -23.72 51.86
CA ASN B 181 -4.77 -23.15 50.54
C ASN B 181 -4.10 -24.08 49.51
N VAL B 182 -3.12 -24.86 49.98
CA VAL B 182 -2.46 -25.85 49.09
C VAL B 182 -3.42 -26.98 48.74
N MET B 183 -4.11 -27.53 49.74
CA MET B 183 -5.15 -28.53 49.49
C MET B 183 -6.24 -28.00 48.52
N ALA B 184 -6.54 -26.71 48.58
CA ALA B 184 -7.54 -26.10 47.68
C ALA B 184 -7.15 -26.19 46.20
N GLY B 185 -5.86 -26.39 45.93
CA GLY B 185 -5.39 -26.55 44.54
C GLY B 185 -4.18 -25.72 44.12
N LEU B 186 -3.64 -24.91 45.04
CA LEU B 186 -2.58 -24.00 44.68
C LEU B 186 -1.21 -24.73 44.76
N TYR B 187 -0.93 -25.54 43.75
CA TYR B 187 0.38 -26.17 43.56
C TYR B 187 0.60 -26.46 42.08
N GLY B 188 1.86 -26.35 41.66
CA GLY B 188 2.27 -26.72 40.30
C GLY B 188 3.79 -26.81 40.31
N THR B 189 4.40 -27.28 39.21
CA THR B 189 5.83 -27.49 39.17
C THR B 189 6.51 -26.56 38.14
N TYR B 190 7.83 -26.49 38.19
CA TYR B 190 8.64 -25.43 37.55
C TYR B 190 9.98 -26.07 37.18
N LEU B 191 10.23 -26.31 35.89
CA LEU B 191 11.45 -27.01 35.45
C LEU B 191 12.50 -26.04 34.91
N VAL B 192 13.73 -26.13 35.42
CA VAL B 192 14.86 -25.40 34.88
C VAL B 192 15.71 -26.34 33.99
N ARG B 193 16.09 -25.84 32.82
CA ARG B 193 16.86 -26.59 31.83
C ARG B 193 18.24 -25.96 31.74
N ASP B 194 19.25 -26.79 31.50
CA ASP B 194 20.57 -26.31 31.17
C ASP B 194 21.31 -27.22 30.17
N ASP B 195 22.56 -26.87 29.85
CA ASP B 195 23.33 -27.58 28.82
C ASP B 195 23.86 -28.92 29.33
N GLU B 196 24.23 -28.99 30.61
CA GLU B 196 24.70 -30.25 31.14
C GLU B 196 23.61 -31.27 30.98
N GLU B 197 22.41 -30.96 31.43
CA GLU B 197 21.32 -31.88 31.28
C GLU B 197 21.00 -32.17 29.81
N ASP B 198 21.02 -31.16 28.95
CA ASP B 198 20.72 -31.43 27.53
C ASP B 198 21.70 -32.49 27.00
N ALA B 199 22.96 -32.44 27.45
CA ALA B 199 23.95 -33.30 26.89
C ALA B 199 23.77 -34.76 27.27
N LEU B 200 22.88 -35.04 28.22
CA LEU B 200 22.51 -36.43 28.53
C LEU B 200 21.52 -37.05 27.53
N GLY B 201 21.01 -36.24 26.60
CA GLY B 201 19.90 -36.68 25.74
C GLY B 201 18.82 -37.52 26.43
N LEU B 202 18.19 -36.99 27.48
CA LEU B 202 17.19 -37.76 28.24
C LEU B 202 15.83 -37.81 27.50
N PRO B 203 14.99 -38.82 27.79
CA PRO B 203 13.63 -38.76 27.27
C PRO B 203 13.01 -37.36 27.39
N SER B 204 12.30 -36.92 26.35
CA SER B 204 11.69 -35.60 26.43
C SER B 204 10.38 -35.56 25.68
N GLY B 205 9.73 -34.39 25.57
CA GLY B 205 8.46 -34.30 24.84
C GLY B 205 7.45 -35.20 25.51
N ASP B 206 6.82 -36.07 24.73
CA ASP B 206 5.83 -37.02 25.27
C ASP B 206 6.36 -37.98 26.33
N ARG B 207 7.67 -38.08 26.45
CA ARG B 207 8.27 -39.10 27.29
C ARG B 207 8.85 -38.51 28.56
N GLU B 208 8.52 -37.25 28.80
CA GLU B 208 8.85 -36.60 30.05
C GLU B 208 7.56 -36.24 30.70
N ILE B 209 7.26 -36.87 31.84
CA ILE B 209 5.99 -36.66 32.51
C ILE B 209 6.16 -36.13 33.91
N PRO B 210 5.81 -34.85 34.13
CA PRO B 210 5.71 -34.32 35.47
C PRO B 210 4.61 -35.07 36.22
N LEU B 211 4.91 -35.48 37.45
CA LEU B 211 3.89 -36.17 38.23
C LEU B 211 3.78 -35.45 39.57
N LEU B 212 2.66 -34.78 39.78
CA LEU B 212 2.42 -34.12 41.08
C LEU B 212 1.44 -34.95 41.90
N ILE B 213 1.94 -35.71 42.87
CA ILE B 213 1.06 -36.56 43.62
C ILE B 213 0.62 -35.85 44.89
N ALA B 214 -0.62 -36.09 45.32
CA ALA B 214 -1.14 -35.53 46.58
C ALA B 214 -2.28 -36.38 47.12
N ASP B 215 -2.22 -36.81 48.37
CA ASP B 215 -3.40 -37.48 48.92
C ASP B 215 -4.53 -36.49 49.19
N ARG B 216 -5.76 -37.00 49.17
CA ARG B 216 -6.95 -36.18 49.47
C ARG B 216 -7.93 -36.98 50.26
N ASN B 217 -8.79 -36.26 50.99
CA ASN B 217 -10.03 -36.84 51.49
C ASN B 217 -11.25 -36.08 50.96
N LEU B 218 -12.42 -36.69 51.07
CA LEU B 218 -13.65 -36.17 50.46
C LEU B 218 -14.84 -36.31 51.42
N ASP B 219 -15.78 -35.41 51.25
CA ASP B 219 -16.99 -35.44 52.04
C ASP B 219 -18.01 -36.43 51.47
N THR B 220 -18.97 -36.80 52.31
CA THR B 220 -20.04 -37.70 51.92
C THR B 220 -21.36 -37.05 52.27
N ASP B 221 -22.41 -37.40 51.54
CA ASP B 221 -23.74 -37.04 51.94
C ASP B 221 -24.19 -37.99 53.03
N GLU B 222 -25.37 -37.72 53.56
CA GLU B 222 -25.93 -38.46 54.72
C GLU B 222 -26.04 -39.96 54.53
N ASP B 223 -26.27 -40.37 53.30
CA ASP B 223 -26.38 -41.77 53.03
C ASP B 223 -25.02 -42.39 52.77
N GLY B 224 -23.96 -41.59 52.91
CA GLY B 224 -22.58 -42.10 52.82
C GLY B 224 -21.99 -41.99 51.43
N ARG B 225 -22.75 -41.46 50.48
CA ARG B 225 -22.25 -41.25 49.13
C ARG B 225 -21.19 -40.13 49.14
N LEU B 226 -20.07 -40.40 48.46
CA LEU B 226 -19.01 -39.41 48.19
C LEU B 226 -19.52 -38.24 47.39
N ASN B 227 -19.26 -37.02 47.85
CA ASN B 227 -19.80 -35.85 47.13
C ASN B 227 -18.79 -34.90 46.47
N GLY B 228 -17.55 -35.36 46.31
CA GLY B 228 -16.54 -34.62 45.59
C GLY B 228 -15.90 -33.48 46.35
N ARG B 229 -16.44 -33.11 47.51
CA ARG B 229 -15.93 -31.94 48.22
C ARG B 229 -14.67 -32.28 49.00
N LEU B 230 -13.67 -31.43 48.89
CA LEU B 230 -12.41 -31.59 49.56
C LEU B 230 -12.60 -31.51 51.06
N LEU B 231 -12.16 -32.56 51.74
CA LEU B 231 -12.32 -32.61 53.17
C LEU B 231 -10.96 -32.71 53.85
N HIS B 232 -10.60 -31.67 54.61
CA HIS B 232 -9.38 -31.70 55.40
C HIS B 232 -9.80 -32.24 56.77
N LYS B 233 -9.56 -33.54 56.97
CA LYS B 233 -10.05 -34.23 58.15
C LYS B 233 -8.88 -34.77 58.99
N THR B 234 -8.65 -34.14 60.15
CA THR B 234 -7.63 -34.58 61.07
C THR B 234 -8.22 -35.35 62.25
N VAL B 235 -7.36 -36.05 62.97
CA VAL B 235 -7.78 -36.86 64.10
C VAL B 235 -7.30 -36.22 65.41
N ILE B 236 -8.20 -36.09 66.37
CA ILE B 236 -7.85 -35.60 67.70
C ILE B 236 -7.14 -36.68 68.55
N VAL B 237 -5.90 -36.40 68.92
CA VAL B 237 -5.20 -37.33 69.79
C VAL B 237 -5.28 -36.90 71.26
N GLN B 238 -5.41 -35.62 71.53
CA GLN B 238 -5.58 -35.17 72.90
C GLN B 238 -6.74 -34.18 72.95
N GLN B 239 -7.79 -34.54 73.69
CA GLN B 239 -9.02 -33.75 73.69
C GLN B 239 -8.87 -32.35 74.31
N SER B 240 -8.16 -32.27 75.42
CA SER B 240 -7.87 -30.98 76.02
C SER B 240 -6.44 -31.05 76.58
N ASN B 241 -5.58 -30.19 76.07
CA ASN B 241 -4.18 -30.18 76.44
C ASN B 241 -4.08 -29.51 77.78
N PRO B 242 -3.35 -30.11 78.74
CA PRO B 242 -3.29 -29.57 80.11
C PRO B 242 -2.95 -28.07 80.15
N GLU B 243 -2.21 -27.59 79.15
CA GLU B 243 -1.69 -26.23 79.20
C GLU B 243 -2.54 -25.26 78.43
N THR B 244 -3.38 -25.76 77.52
CA THR B 244 -4.27 -24.85 76.76
C THR B 244 -5.71 -25.30 76.92
N GLY B 245 -6.66 -24.53 76.44
CA GLY B 245 -8.02 -25.08 76.32
C GLY B 245 -8.03 -26.32 75.43
N LYS B 246 -7.10 -26.34 74.46
CA LYS B 246 -7.41 -26.79 73.10
C LYS B 246 -7.19 -28.28 72.80
N PRO B 247 -7.94 -28.80 71.82
CA PRO B 247 -7.66 -30.09 71.18
C PRO B 247 -6.33 -30.05 70.42
N VAL B 248 -5.66 -31.20 70.37
CA VAL B 248 -4.46 -31.38 69.56
C VAL B 248 -4.72 -32.52 68.56
N SER B 249 -4.57 -32.20 67.28
CA SER B 249 -4.92 -33.11 66.19
C SER B 249 -3.66 -33.46 65.46
N ILE B 250 -3.62 -34.67 64.92
CA ILE B 250 -2.49 -35.08 64.07
C ILE B 250 -2.52 -34.37 62.69
N PRO B 251 -1.49 -34.62 61.86
CA PRO B 251 -1.50 -34.03 60.54
C PRO B 251 -2.57 -34.59 59.62
N PHE B 252 -2.72 -33.96 58.45
CA PHE B 252 -3.58 -34.50 57.41
C PHE B 252 -3.01 -35.74 56.65
N PHE B 253 -3.79 -36.82 56.63
CA PHE B 253 -3.58 -37.93 55.71
C PHE B 253 -4.93 -38.28 55.18
N GLY B 254 -5.00 -38.69 53.92
CA GLY B 254 -6.27 -38.96 53.29
C GLY B 254 -6.17 -40.19 52.44
N PRO B 255 -7.30 -40.84 52.16
CA PRO B 255 -7.26 -42.17 51.57
C PRO B 255 -7.10 -42.21 50.04
N TYR B 256 -7.40 -41.11 49.35
CA TYR B 256 -7.34 -41.07 47.87
C TYR B 256 -6.07 -40.41 47.36
N THR B 257 -5.47 -40.99 46.34
CA THR B 257 -4.26 -40.43 45.75
C THR B 257 -4.49 -39.71 44.41
N THR B 258 -4.25 -38.40 44.37
CA THR B 258 -4.28 -37.68 43.11
C THR B 258 -2.91 -37.63 42.45
N VAL B 259 -2.88 -37.89 41.14
CA VAL B 259 -1.71 -37.64 40.32
C VAL B 259 -2.11 -36.61 39.28
N ASN B 260 -1.48 -35.44 39.30
CA ASN B 260 -1.91 -34.35 38.39
C ASN B 260 -3.41 -33.99 38.47
N GLY B 261 -3.93 -33.92 39.68
CA GLY B 261 -5.30 -33.51 39.88
C GLY B 261 -6.33 -34.55 39.49
N ARG B 262 -5.91 -35.81 39.31
CA ARG B 262 -6.86 -36.90 39.13
C ARG B 262 -6.61 -38.06 40.11
N ILE B 263 -7.69 -38.58 40.71
CA ILE B 263 -7.58 -39.75 41.59
C ILE B 263 -7.28 -40.99 40.74
N TRP B 264 -6.20 -41.69 41.05
CA TRP B 264 -5.89 -43.01 40.41
C TRP B 264 -6.09 -43.06 38.92
N PRO B 265 -5.37 -42.21 38.15
CA PRO B 265 -5.43 -42.27 36.67
C PRO B 265 -4.54 -43.39 36.09
N TYR B 266 -4.80 -43.74 34.84
CA TYR B 266 -3.90 -44.62 34.10
C TYR B 266 -3.20 -43.79 33.01
N ALA B 267 -1.98 -44.15 32.69
CA ALA B 267 -1.22 -43.45 31.66
C ALA B 267 -0.81 -44.48 30.60
N ASP B 268 -1.22 -44.25 29.37
CA ASP B 268 -0.77 -45.08 28.23
C ASP B 268 0.65 -44.73 27.89
N VAL B 269 1.52 -45.73 27.83
CA VAL B 269 2.90 -45.42 27.45
C VAL B 269 3.44 -46.42 26.43
N ASP B 270 4.48 -46.03 25.70
CA ASP B 270 5.14 -46.93 24.75
C ASP B 270 6.20 -47.74 25.48
N ASP B 271 6.61 -48.85 24.87
CA ASP B 271 7.64 -49.69 25.45
C ASP B 271 9.05 -49.12 25.23
N GLY B 272 9.29 -47.91 25.74
CA GLY B 272 10.59 -47.24 25.70
C GLY B 272 10.96 -46.57 27.03
N TRP B 273 12.05 -45.79 27.03
CA TRP B 273 12.42 -45.02 28.21
C TRP B 273 11.55 -43.80 28.42
N TYR B 274 11.20 -43.56 29.70
CA TYR B 274 10.41 -42.42 30.13
C TYR B 274 11.11 -41.71 31.26
N ARG B 275 10.91 -40.39 31.32
CA ARG B 275 11.41 -39.55 32.39
C ARG B 275 10.20 -39.00 33.14
N LEU B 276 10.19 -39.18 34.46
CA LEU B 276 9.13 -38.71 35.36
C LEU B 276 9.75 -37.68 36.32
N ARG B 277 9.12 -36.50 36.40
CA ARG B 277 9.54 -35.45 37.32
C ARG B 277 8.55 -35.48 38.48
N LEU B 278 8.89 -36.27 39.50
CA LEU B 278 7.96 -36.59 40.56
C LEU B 278 8.16 -35.68 41.77
N VAL B 279 7.10 -35.01 42.19
CA VAL B 279 7.11 -34.27 43.48
C VAL B 279 5.88 -34.67 44.28
N ASN B 280 6.06 -34.88 45.59
CA ASN B 280 4.97 -35.21 46.49
C ASN B 280 4.44 -33.90 46.98
N ALA B 281 3.23 -33.51 46.57
CA ALA B 281 2.67 -32.20 46.98
C ALA B 281 1.68 -32.33 48.17
N SER B 282 1.68 -33.50 48.80
CA SER B 282 0.81 -33.78 49.95
C SER B 282 1.09 -32.90 51.18
N ASN B 283 0.05 -32.64 51.97
CA ASN B 283 0.26 -31.94 53.24
C ASN B 283 1.31 -32.61 54.11
N ALA B 284 1.26 -33.95 54.18
CA ALA B 284 1.98 -34.65 55.24
C ALA B 284 2.34 -36.10 54.92
N ARG B 285 1.56 -36.73 54.07
CA ARG B 285 1.78 -38.14 53.79
C ARG B 285 3.11 -38.34 53.10
N ILE B 286 3.87 -39.30 53.60
CA ILE B 286 5.06 -39.83 52.99
C ILE B 286 4.64 -41.04 52.14
N TYR B 287 4.86 -40.97 50.82
CA TYR B 287 4.55 -42.10 49.98
C TYR B 287 5.71 -43.06 50.02
N ASN B 288 5.45 -44.32 50.30
CA ASN B 288 6.47 -45.30 50.02
C ASN B 288 6.17 -46.14 48.81
N LEU B 289 6.73 -45.69 47.68
CA LEU B 289 6.30 -46.16 46.36
C LEU B 289 7.01 -47.45 45.97
N VAL B 290 6.27 -48.28 45.27
CA VAL B 290 6.76 -49.50 44.71
C VAL B 290 6.06 -49.59 43.35
N LEU B 291 6.82 -49.93 42.30
CA LEU B 291 6.21 -50.32 41.07
C LEU B 291 6.02 -51.84 41.06
N ILE B 292 4.79 -52.26 40.84
CA ILE B 292 4.45 -53.69 40.83
C ILE B 292 3.73 -54.01 39.54
N ASP B 293 3.66 -55.29 39.22
CA ASP B 293 3.04 -55.75 37.99
C ASP B 293 1.66 -56.34 38.30
N GLU B 294 1.12 -57.14 37.39
CA GLU B 294 -0.27 -57.60 37.47
C GLU B 294 -0.47 -58.61 38.61
N ASP B 295 0.60 -59.29 39.01
CA ASP B 295 0.55 -60.25 40.10
C ASP B 295 1.02 -59.63 41.41
N ASP B 296 1.21 -58.31 41.43
CA ASP B 296 1.65 -57.60 42.64
C ASP B 296 3.13 -57.81 42.90
N ARG B 297 3.84 -58.38 41.95
CA ARG B 297 5.27 -58.57 42.10
C ARG B 297 6.04 -57.25 41.86
N PRO B 298 6.93 -56.89 42.78
CA PRO B 298 7.74 -55.72 42.54
C PRO B 298 8.62 -55.92 41.33
N VAL B 299 8.78 -54.84 40.57
CA VAL B 299 9.44 -54.87 39.27
C VAL B 299 10.85 -54.28 39.36
N PRO B 300 11.87 -55.16 39.34
CA PRO B 300 13.23 -54.66 39.51
C PRO B 300 13.80 -54.27 38.16
N GLY B 301 14.91 -53.55 38.16
CA GLY B 301 15.67 -53.26 36.93
C GLY B 301 15.04 -52.31 35.94
N VAL B 302 14.09 -51.49 36.39
CA VAL B 302 13.30 -50.67 35.47
C VAL B 302 13.38 -49.19 35.88
N VAL B 303 13.38 -48.94 37.19
CA VAL B 303 13.39 -47.58 37.67
C VAL B 303 14.81 -47.18 38.00
N HIS B 304 15.20 -46.00 37.56
CA HIS B 304 16.47 -45.46 37.96
C HIS B 304 16.21 -44.04 38.39
N GLN B 305 16.66 -43.65 39.59
CA GLN B 305 16.69 -42.22 39.94
C GLN B 305 17.92 -41.46 39.38
N ILE B 306 17.71 -40.30 38.78
CA ILE B 306 18.82 -39.56 38.18
C ILE B 306 18.94 -38.12 38.68
N GLY B 307 18.00 -37.71 39.54
CA GLY B 307 17.95 -36.34 40.07
C GLY B 307 17.24 -36.25 41.41
N SER B 308 17.45 -35.15 42.11
CA SER B 308 16.78 -34.87 43.39
C SER B 308 16.38 -33.40 43.42
N ASP B 309 16.00 -32.90 44.60
CA ASP B 309 15.62 -31.50 44.77
C ASP B 309 16.40 -30.48 43.91
N GLY B 310 17.73 -30.50 43.99
CA GLY B 310 18.57 -29.48 43.34
C GLY B 310 19.30 -29.93 42.04
N GLY B 311 18.95 -31.08 41.51
CA GLY B 311 19.41 -31.42 40.18
C GLY B 311 19.84 -32.87 39.99
N LEU B 312 20.63 -33.10 38.95
CA LEU B 312 21.17 -34.42 38.61
C LEU B 312 22.00 -35.02 39.76
N LEU B 313 21.79 -36.29 40.03
CA LEU B 313 22.61 -36.99 40.99
C LEU B 313 24.00 -37.16 40.41
N PRO B 314 25.02 -37.39 41.26
CA PRO B 314 26.30 -37.69 40.64
C PRO B 314 26.27 -39.02 39.85
N ARG B 315 25.56 -40.01 40.38
CA ARG B 315 25.35 -41.28 39.69
C ARG B 315 23.85 -41.67 39.71
N PRO B 316 23.41 -42.40 38.68
CA PRO B 316 22.09 -43.02 38.69
C PRO B 316 21.96 -43.98 39.85
N VAL B 317 20.82 -44.02 40.50
CA VAL B 317 20.57 -44.99 41.57
C VAL B 317 19.47 -45.92 41.09
N PRO B 318 19.77 -47.22 40.99
CA PRO B 318 18.72 -48.19 40.65
C PRO B 318 17.72 -48.31 41.80
N VAL B 319 16.43 -48.38 41.47
CA VAL B 319 15.40 -48.51 42.48
C VAL B 319 14.73 -49.82 42.18
N ASP B 320 15.18 -50.86 42.88
CA ASP B 320 14.81 -52.21 42.49
C ASP B 320 13.78 -52.84 43.44
N PHE B 321 13.37 -52.12 44.46
CA PHE B 321 12.36 -52.65 45.38
C PHE B 321 12.80 -54.02 45.94
N ASP B 322 14.07 -54.12 46.30
CA ASP B 322 14.62 -55.34 46.89
C ASP B 322 14.79 -55.13 48.40
N ASP B 323 16.03 -55.08 48.88
CA ASP B 323 16.30 -54.74 50.30
C ASP B 323 17.30 -53.59 50.46
N THR B 324 18.12 -53.37 49.42
CA THR B 324 18.92 -52.12 49.26
C THR B 324 18.06 -50.86 49.09
N LEU B 325 16.80 -51.05 48.68
CA LEU B 325 15.84 -49.96 48.54
C LEU B 325 14.49 -50.60 48.21
N PRO B 326 13.75 -51.08 49.24
CA PRO B 326 12.47 -51.76 49.02
C PRO B 326 11.34 -50.83 48.54
N VAL B 327 11.38 -49.57 48.99
CA VAL B 327 10.46 -48.51 48.52
C VAL B 327 11.24 -47.26 48.15
N LEU B 328 10.70 -46.49 47.20
CA LEU B 328 11.07 -45.12 47.02
C LEU B 328 10.24 -44.27 47.98
N SER B 329 10.94 -43.66 48.93
CA SER B 329 10.29 -42.96 50.00
C SER B 329 10.21 -41.47 49.64
N ALA B 330 9.01 -41.00 49.32
CA ALA B 330 8.82 -39.61 48.89
C ALA B 330 8.05 -38.76 49.92
N ALA B 331 8.79 -38.00 50.73
CA ALA B 331 8.16 -37.15 51.75
C ALA B 331 7.62 -35.89 51.09
N PRO B 332 6.71 -35.18 51.77
CA PRO B 332 6.22 -33.93 51.19
C PRO B 332 7.34 -33.01 50.71
N ALA B 333 7.22 -32.53 49.46
CA ALA B 333 8.11 -31.49 48.90
C ALA B 333 9.46 -31.97 48.38
N GLU B 334 9.73 -33.27 48.47
CA GLU B 334 10.93 -33.83 47.86
C GLU B 334 10.63 -34.09 46.41
N ARG B 335 11.69 -34.05 45.59
CA ARG B 335 11.58 -34.35 44.17
C ARG B 335 12.46 -35.49 43.74
N PHE B 336 11.96 -36.23 42.75
CA PHE B 336 12.60 -37.41 42.24
C PHE B 336 12.52 -37.42 40.71
N ASP B 337 13.70 -37.33 40.10
CA ASP B 337 13.83 -37.36 38.64
C ASP B 337 14.08 -38.82 38.32
N LEU B 338 13.11 -39.49 37.73
CA LEU B 338 13.21 -40.95 37.54
C LEU B 338 13.16 -41.30 36.08
N LEU B 339 14.05 -42.21 35.65
CA LEU B 339 13.89 -42.84 34.32
C LEU B 339 13.24 -44.17 34.53
N VAL B 340 12.34 -44.50 33.63
CA VAL B 340 11.64 -45.74 33.75
C VAL B 340 11.78 -46.45 32.43
N ASP B 341 12.43 -47.62 32.48
CA ASP B 341 12.72 -48.40 31.29
C ASP B 341 11.63 -49.43 30.97
N PHE B 342 10.66 -49.04 30.14
CA PHE B 342 9.54 -49.92 29.75
C PHE B 342 9.83 -50.81 28.51
N ARG B 343 11.10 -50.96 28.12
CA ARG B 343 11.41 -51.66 26.87
C ARG B 343 10.97 -53.10 26.87
N ALA B 344 11.07 -53.76 28.00
CA ALA B 344 10.89 -55.20 27.98
C ALA B 344 9.42 -55.54 28.30
N LEU B 345 8.58 -54.51 28.27
CA LEU B 345 7.29 -54.60 28.93
C LEU B 345 6.04 -54.28 28.11
N GLY B 346 6.16 -54.25 26.78
CA GLY B 346 5.00 -53.98 25.95
C GLY B 346 3.91 -55.01 26.19
N GLY B 347 2.67 -54.57 26.13
CA GLY B 347 1.53 -55.43 26.45
C GLY B 347 1.23 -55.63 27.94
N ARG B 348 1.96 -54.95 28.83
CA ARG B 348 1.82 -55.18 30.29
C ARG B 348 1.22 -53.97 30.99
N ARG B 349 0.58 -54.21 32.13
CA ARG B 349 0.13 -53.12 33.02
C ARG B 349 0.91 -53.13 34.33
N LEU B 350 1.51 -51.98 34.65
CA LEU B 350 2.23 -51.79 35.91
C LEU B 350 1.57 -50.70 36.73
N ARG B 351 1.62 -50.88 38.04
CA ARG B 351 0.99 -49.94 38.95
C ARG B 351 2.04 -49.40 39.88
N LEU B 352 2.03 -48.10 40.06
CA LEU B 352 2.69 -47.47 41.17
C LEU B 352 1.73 -47.61 42.34
N VAL B 353 2.22 -48.09 43.48
CA VAL B 353 1.40 -48.23 44.67
C VAL B 353 2.14 -47.61 45.85
N ASP B 354 1.40 -47.25 46.90
CA ASP B 354 1.97 -46.78 48.15
C ASP B 354 1.97 -47.97 49.11
N LYS B 355 3.10 -48.29 49.71
CA LYS B 355 3.18 -49.53 50.49
C LYS B 355 2.95 -49.27 51.96
N GLY B 356 1.95 -49.95 52.56
CA GLY B 356 1.75 -49.83 54.00
C GLY B 356 2.76 -50.69 54.76
N PRO B 357 3.12 -50.28 56.00
CA PRO B 357 4.06 -51.06 56.85
C PRO B 357 3.60 -52.49 57.12
N GLY B 358 2.32 -52.77 56.99
CA GLY B 358 1.79 -54.02 57.55
C GLY B 358 1.29 -54.99 56.52
N ALA B 359 1.56 -54.72 55.25
CA ALA B 359 1.14 -55.64 54.20
C ALA B 359 2.03 -55.50 52.95
N PRO B 360 2.14 -56.57 52.14
CA PRO B 360 2.94 -56.47 50.88
C PRO B 360 2.44 -55.36 49.93
N ALA B 361 3.34 -54.75 49.18
CA ALA B 361 2.94 -53.80 48.18
C ALA B 361 1.74 -54.29 47.38
N GLY B 362 0.77 -53.38 47.20
CA GLY B 362 -0.46 -53.72 46.49
C GLY B 362 -1.54 -54.28 47.39
N THR B 363 -1.18 -54.70 48.60
CA THR B 363 -2.21 -55.17 49.56
C THR B 363 -2.74 -54.02 50.44
N PRO B 364 -4.07 -53.85 50.50
CA PRO B 364 -4.56 -52.72 51.32
C PRO B 364 -4.04 -52.83 52.76
N ASP B 365 -3.63 -51.71 53.34
CA ASP B 365 -3.24 -51.67 54.75
C ASP B 365 -3.89 -50.54 55.52
N PRO B 366 -5.20 -50.63 55.76
CA PRO B 366 -5.94 -49.59 56.52
C PRO B 366 -5.39 -49.33 57.94
N LEU B 367 -5.00 -50.38 58.65
CA LEU B 367 -4.40 -50.18 59.99
C LEU B 367 -3.09 -49.40 59.90
N GLY B 368 -2.37 -49.61 58.79
CA GLY B 368 -1.15 -48.86 58.53
C GLY B 368 -1.31 -47.51 57.86
N GLY B 369 -2.54 -47.02 57.70
CA GLY B 369 -2.73 -45.72 57.06
C GLY B 369 -2.69 -45.78 55.54
N VAL B 370 -2.82 -46.98 54.97
CA VAL B 370 -2.89 -47.09 53.50
C VAL B 370 -4.08 -47.99 53.11
N ARG B 371 -5.29 -47.46 53.28
CA ARG B 371 -6.48 -48.17 52.84
C ARG B 371 -6.41 -48.50 51.35
N TYR B 372 -5.87 -47.56 50.58
CA TYR B 372 -5.85 -47.71 49.14
C TYR B 372 -4.46 -47.54 48.56
N PRO B 373 -3.77 -48.68 48.35
CA PRO B 373 -2.42 -48.70 47.77
C PRO B 373 -2.29 -47.91 46.47
N GLU B 374 -3.32 -47.94 45.63
CA GLU B 374 -3.13 -47.47 44.25
C GLU B 374 -2.82 -45.98 44.16
N VAL B 375 -1.89 -45.70 43.25
CA VAL B 375 -1.39 -44.38 42.91
C VAL B 375 -1.75 -44.15 41.43
N MET B 376 -1.17 -44.93 40.52
CA MET B 376 -1.49 -44.83 39.10
C MET B 376 -1.09 -46.12 38.35
N GLU B 377 -1.58 -46.26 37.12
CA GLU B 377 -1.33 -47.45 36.37
C GLU B 377 -0.67 -47.05 35.06
N PHE B 378 0.32 -47.83 34.62
CA PHE B 378 0.96 -47.61 33.32
C PHE B 378 0.49 -48.69 32.41
N ARG B 379 -0.02 -48.32 31.24
CA ARG B 379 -0.43 -49.33 30.27
C ARG B 379 0.57 -49.29 29.12
N VAL B 380 1.43 -50.31 29.01
CA VAL B 380 2.53 -50.29 28.06
C VAL B 380 2.18 -50.85 26.65
N ARG B 381 2.19 -49.96 25.65
CA ARG B 381 1.87 -50.35 24.28
C ARG B 381 3.07 -51.01 23.62
N GLU B 382 2.89 -52.19 23.03
CA GLU B 382 4.04 -52.79 22.38
C GLU B 382 4.26 -52.20 20.99
N THR B 383 5.45 -51.63 20.80
CA THR B 383 5.81 -51.01 19.55
C THR B 383 6.89 -51.86 18.88
N CYS B 384 7.31 -51.46 17.69
CA CYS B 384 8.44 -52.11 17.06
C CYS B 384 9.64 -51.19 17.04
N GLU B 385 9.63 -50.19 17.91
CA GLU B 385 10.72 -49.26 17.96
C GLU B 385 11.88 -49.83 18.76
N GLU B 386 13.08 -49.38 18.41
CA GLU B 386 14.29 -49.66 19.16
C GLU B 386 14.73 -48.36 19.83
N ASP B 387 14.86 -48.38 21.16
CA ASP B 387 15.27 -47.20 21.91
C ASP B 387 16.75 -47.38 22.25
N SER B 388 17.61 -46.55 21.68
CA SER B 388 19.04 -46.73 21.92
C SER B 388 19.59 -45.83 23.03
N PHE B 389 18.79 -45.58 24.06
CA PHE B 389 19.21 -44.70 25.15
C PHE B 389 20.18 -45.39 26.13
N ALA B 390 21.20 -44.65 26.50
CA ALA B 390 22.31 -45.20 27.24
C ALA B 390 22.35 -44.44 28.54
N LEU B 391 22.29 -45.17 29.65
CA LEU B 391 22.42 -44.54 30.97
C LEU B 391 23.84 -44.68 31.48
N PRO B 392 24.60 -43.58 31.53
CA PRO B 392 25.98 -43.76 31.97
C PRO B 392 26.12 -43.95 33.49
N GLU B 393 27.27 -44.51 33.88
CA GLU B 393 27.49 -44.96 35.24
C GLU B 393 27.73 -43.81 36.19
N VAL B 394 28.50 -42.84 35.72
CA VAL B 394 28.50 -41.52 36.30
C VAL B 394 27.65 -40.65 35.38
N LEU B 395 26.96 -39.68 35.98
CA LEU B 395 25.85 -39.01 35.35
C LEU B 395 26.10 -37.52 35.18
N SER B 396 26.62 -36.89 36.22
CA SER B 396 26.88 -35.46 36.22
C SER B 396 28.34 -35.21 36.41
N GLY B 397 28.95 -34.52 35.44
CA GLY B 397 30.34 -34.08 35.53
C GLY B 397 30.49 -32.76 36.27
N SER B 398 29.42 -31.99 36.48
CA SER B 398 29.52 -30.77 37.33
C SER B 398 29.54 -31.03 38.84
N PHE B 399 28.96 -32.15 39.28
CA PHE B 399 28.80 -32.43 40.71
C PHE B 399 30.08 -32.44 41.54
N ARG B 400 30.05 -31.83 42.70
CA ARG B 400 31.19 -31.95 43.59
C ARG B 400 30.66 -32.21 45.00
N ARG B 401 31.13 -33.29 45.63
CA ARG B 401 30.79 -33.60 47.01
C ARG B 401 31.15 -32.39 47.91
N MET B 402 30.22 -31.94 48.76
CA MET B 402 30.53 -30.95 49.83
C MET B 402 31.55 -31.54 50.82
N SER B 403 32.66 -30.86 51.05
CA SER B 403 33.59 -31.32 52.08
C SER B 403 33.38 -30.60 53.41
N HIS B 404 33.31 -31.37 54.50
CA HIS B 404 33.47 -30.81 55.83
C HIS B 404 34.77 -29.95 56.03
N ASP B 405 35.77 -30.13 55.16
CA ASP B 405 36.98 -29.29 55.18
C ASP B 405 36.75 -27.87 54.70
N ILE B 406 35.60 -27.60 54.11
CA ILE B 406 35.28 -26.23 53.73
C ILE B 406 34.93 -25.46 55.01
N PRO B 407 35.59 -24.32 55.23
CA PRO B 407 35.32 -23.56 56.49
C PRO B 407 33.83 -23.22 56.64
N HIS B 408 33.28 -23.36 57.84
CA HIS B 408 31.82 -23.20 58.00
C HIS B 408 31.34 -22.89 59.41
N GLY B 409 30.21 -22.16 59.50
CA GLY B 409 29.48 -22.03 60.77
C GLY B 409 28.70 -23.30 61.08
N HIS B 410 28.17 -23.38 62.31
CA HIS B 410 27.40 -24.53 62.79
C HIS B 410 26.13 -24.07 63.42
N ARG B 411 25.02 -24.71 63.09
CA ARG B 411 23.75 -24.49 63.78
C ARG B 411 23.28 -25.81 64.39
N LEU B 412 22.66 -25.73 65.56
CA LEU B 412 21.95 -26.87 66.10
C LEU B 412 20.46 -26.59 66.24
N ILE B 413 19.66 -27.49 65.67
CA ILE B 413 18.21 -27.35 65.64
C ILE B 413 17.68 -28.62 66.30
N VAL B 414 17.01 -28.47 67.44
CA VAL B 414 16.39 -29.61 68.09
C VAL B 414 14.95 -29.70 67.64
N LEU B 415 14.46 -30.91 67.38
CA LEU B 415 13.03 -31.11 67.15
C LEU B 415 12.44 -31.84 68.34
N THR B 416 11.38 -31.29 68.94
CA THR B 416 10.90 -31.77 70.24
C THR B 416 9.66 -32.66 70.12
N PRO B 417 9.48 -33.59 71.08
CA PRO B 417 8.29 -34.43 71.08
C PRO B 417 7.12 -33.57 71.50
N PRO B 418 5.91 -33.91 71.03
CA PRO B 418 4.75 -33.02 71.16
C PRO B 418 4.38 -32.72 72.62
N GLY B 419 4.70 -33.62 73.53
CA GLY B 419 4.34 -33.37 74.93
C GLY B 419 5.31 -32.56 75.75
N THR B 420 6.13 -31.73 75.12
CA THR B 420 7.18 -31.02 75.84
C THR B 420 6.61 -29.86 76.65
N LYS B 421 7.16 -29.63 77.86
CA LYS B 421 6.70 -28.50 78.66
C LYS B 421 6.67 -27.24 77.82
N GLY B 422 5.52 -26.58 77.85
CA GLY B 422 5.41 -25.25 77.24
C GLY B 422 5.01 -25.23 75.75
N SER B 423 4.79 -26.37 75.13
CA SER B 423 4.59 -26.34 73.70
C SER B 423 3.11 -26.43 73.36
N GLY B 424 2.28 -26.51 74.39
CA GLY B 424 0.85 -26.64 74.24
C GLY B 424 0.42 -27.86 73.46
N GLY B 425 1.18 -28.94 73.56
CA GLY B 425 0.82 -30.20 72.89
C GLY B 425 1.48 -30.40 71.53
N HIS B 426 2.27 -29.42 71.08
CA HIS B 426 2.80 -29.42 69.72
C HIS B 426 4.29 -29.70 69.59
N PRO B 427 4.68 -30.25 68.44
CA PRO B 427 6.14 -30.36 68.23
C PRO B 427 6.74 -29.00 67.91
N GLU B 428 8.01 -28.80 68.25
CA GLU B 428 8.63 -27.52 67.98
C GLU B 428 9.96 -27.64 67.32
N ILE B 429 10.34 -26.56 66.62
CA ILE B 429 11.71 -26.29 66.35
C ILE B 429 12.30 -25.58 67.58
N TRP B 430 13.40 -26.10 68.14
CA TRP B 430 14.18 -25.36 69.15
C TRP B 430 15.54 -24.96 68.58
N GLU B 431 15.75 -23.67 68.39
CA GLU B 431 17.10 -23.17 68.17
C GLU B 431 17.93 -23.26 69.44
N MET B 432 19.16 -23.77 69.29
CA MET B 432 20.09 -24.03 70.41
C MET B 432 21.39 -23.24 70.30
N ALA B 433 21.91 -22.79 71.44
CA ALA B 433 23.24 -22.17 71.53
C ALA B 433 24.08 -22.97 72.55
N GLU B 434 25.32 -23.25 72.20
CA GLU B 434 26.23 -23.91 73.13
C GLU B 434 26.56 -22.93 74.24
N VAL B 435 26.63 -23.44 75.47
CA VAL B 435 26.99 -22.61 76.61
C VAL B 435 28.32 -23.06 77.23
N GLU B 436 29.11 -22.11 77.76
CA GLU B 436 30.44 -22.42 78.34
C GLU B 436 30.77 -21.62 79.61
N GLN B 442 22.91 -24.23 83.89
CA GLN B 442 23.64 -25.15 84.75
C GLN B 442 22.71 -26.22 85.30
N VAL B 443 23.27 -27.39 85.58
CA VAL B 443 22.50 -28.42 86.26
C VAL B 443 21.25 -28.63 85.40
N PRO B 444 20.36 -29.57 85.80
CA PRO B 444 19.09 -29.80 85.07
C PRO B 444 18.21 -28.56 85.06
N ALA B 445 17.83 -28.08 83.87
CA ALA B 445 16.90 -26.92 83.73
C ALA B 445 15.99 -26.96 82.48
N GLU B 446 14.84 -26.28 82.57
CA GLU B 446 14.00 -26.02 81.40
C GLU B 446 14.83 -25.41 80.24
N GLY B 447 14.72 -26.03 79.07
CA GLY B 447 15.42 -25.59 77.86
C GLY B 447 16.93 -25.77 77.81
N VAL B 448 17.48 -26.56 78.71
CA VAL B 448 18.90 -26.91 78.67
C VAL B 448 19.00 -28.35 78.27
N ILE B 449 19.76 -28.59 77.20
CA ILE B 449 19.90 -29.93 76.65
C ILE B 449 21.40 -30.29 76.57
N GLN B 450 21.75 -31.43 77.14
CA GLN B 450 23.11 -31.95 76.97
C GLN B 450 23.18 -33.07 75.95
N VAL B 451 24.24 -33.05 75.14
CA VAL B 451 24.45 -34.07 74.12
C VAL B 451 25.84 -34.66 74.32
N THR B 452 25.86 -35.96 74.58
CA THR B 452 27.11 -36.69 74.60
C THR B 452 27.30 -37.16 73.17
N GLY B 453 28.29 -36.59 72.50
CA GLY B 453 28.56 -36.94 71.13
C GLY B 453 29.33 -38.24 70.93
N ALA B 454 30.04 -38.31 69.80
CA ALA B 454 30.60 -39.55 69.29
C ALA B 454 31.97 -39.79 69.88
N ASP B 455 32.55 -38.76 70.48
CA ASP B 455 33.79 -38.87 71.25
C ASP B 455 33.54 -39.20 72.74
N GLY B 456 32.30 -39.55 73.09
CA GLY B 456 31.92 -39.79 74.49
C GLY B 456 31.99 -38.55 75.40
N ARG B 457 32.31 -37.40 74.82
CA ARG B 457 32.28 -36.09 75.47
C ARG B 457 30.83 -35.53 75.48
N THR B 458 30.49 -34.79 76.54
CA THR B 458 29.16 -34.19 76.66
C THR B 458 29.23 -32.68 76.45
N LYS B 459 28.20 -32.10 75.81
CA LYS B 459 28.17 -30.65 75.60
C LYS B 459 26.84 -30.03 76.01
N THR B 460 26.85 -28.74 76.29
CA THR B 460 25.68 -28.09 76.87
C THR B 460 25.06 -26.98 76.02
N TYR B 461 23.76 -27.12 75.82
CA TYR B 461 23.04 -26.25 74.92
C TYR B 461 21.81 -25.71 75.61
N ARG B 462 21.47 -24.48 75.26
CA ARG B 462 20.41 -23.74 75.88
C ARG B 462 19.46 -23.31 74.73
N ARG B 463 18.16 -23.40 74.96
CA ARG B 463 17.18 -23.06 73.92
C ARG B 463 17.06 -21.55 73.78
N THR B 464 17.25 -21.03 72.57
CA THR B 464 17.16 -19.59 72.33
C THR B 464 15.88 -19.15 71.58
N ALA B 465 15.17 -20.10 70.97
CA ALA B 465 13.92 -19.80 70.26
C ALA B 465 13.10 -21.09 70.14
N ARG B 466 11.78 -21.00 70.24
CA ARG B 466 10.94 -22.19 70.27
C ARG B 466 9.75 -22.13 69.28
N THR B 467 9.57 -21.00 68.62
CA THR B 467 8.44 -20.88 67.72
C THR B 467 8.65 -19.78 66.69
N PHE B 468 7.84 -19.81 65.62
CA PHE B 468 8.07 -18.90 64.50
C PHE B 468 8.38 -17.44 64.91
N ASN B 469 7.61 -16.90 65.85
CA ASN B 469 7.78 -15.49 66.19
C ASN B 469 8.72 -15.11 67.32
N ASP B 470 9.54 -16.04 67.83
CA ASP B 470 10.59 -15.65 68.77
C ASP B 470 11.64 -14.82 68.04
N GLY B 471 12.37 -13.97 68.77
CA GLY B 471 13.46 -13.20 68.18
C GLY B 471 14.31 -14.02 67.23
N LEU B 472 14.71 -13.41 66.11
CA LEU B 472 15.63 -14.04 65.12
C LEU B 472 16.80 -14.71 65.78
N GLY B 473 17.13 -15.93 65.36
CA GLY B 473 18.41 -16.55 65.71
C GLY B 473 19.48 -16.45 64.61
N PHE B 474 19.19 -16.94 63.42
CA PHE B 474 20.23 -17.10 62.36
C PHE B 474 20.41 -15.93 61.37
N THR B 475 21.53 -15.23 61.48
CA THR B 475 21.91 -14.21 60.50
C THR B 475 23.16 -14.74 59.83
N ILE B 476 23.21 -14.66 58.50
CA ILE B 476 24.19 -15.42 57.71
C ILE B 476 24.82 -14.53 56.60
N GLY B 477 26.14 -14.43 56.60
CA GLY B 477 26.84 -13.76 55.49
C GLY B 477 26.59 -14.51 54.19
N GLU B 478 26.14 -13.76 53.17
CA GLU B 478 26.04 -14.34 51.85
C GLU B 478 27.39 -14.88 51.42
N GLY B 479 27.36 -16.04 50.79
CA GLY B 479 28.57 -16.68 50.33
C GLY B 479 29.17 -17.64 51.34
N THR B 480 28.82 -17.51 52.62
CA THR B 480 29.34 -18.46 53.62
C THR B 480 28.70 -19.87 53.51
N HIS B 481 29.37 -20.85 54.10
CA HIS B 481 28.85 -22.19 54.29
C HIS B 481 28.51 -22.38 55.76
N GLU B 482 27.45 -23.11 56.03
CA GLU B 482 27.16 -23.58 57.37
C GLU B 482 26.83 -25.06 57.35
N GLN B 483 27.15 -25.78 58.43
CA GLN B 483 26.57 -27.11 58.62
C GLN B 483 25.44 -26.97 59.62
N TRP B 484 24.26 -27.48 59.29
CA TRP B 484 23.13 -27.50 60.22
C TRP B 484 22.91 -28.91 60.69
N THR B 485 22.58 -29.05 61.96
CA THR B 485 22.24 -30.34 62.52
C THR B 485 20.81 -30.33 62.99
N PHE B 486 20.00 -31.22 62.43
CA PHE B 486 18.66 -31.41 62.97
C PHE B 486 18.72 -32.56 63.95
N LEU B 487 18.45 -32.28 65.21
CA LEU B 487 18.50 -33.31 66.20
C LEU B 487 17.07 -33.58 66.63
N ASN B 488 16.50 -34.65 66.10
CA ASN B 488 15.15 -35.07 66.44
C ASN B 488 15.13 -35.88 67.72
N LEU B 489 14.46 -35.35 68.72
CA LEU B 489 14.34 -36.05 70.00
C LEU B 489 13.12 -36.94 70.10
N SER B 490 12.30 -37.00 69.05
CA SER B 490 10.97 -37.59 69.15
C SER B 490 10.91 -38.81 68.24
N PRO B 491 9.84 -39.62 68.33
CA PRO B 491 9.76 -40.67 67.30
C PRO B 491 9.02 -40.23 66.02
N ILE B 492 8.61 -38.97 65.92
CA ILE B 492 7.84 -38.53 64.74
C ILE B 492 8.75 -37.93 63.65
N LEU B 493 8.67 -38.47 62.43
CA LEU B 493 9.54 -38.07 61.31
C LEU B 493 9.18 -36.67 60.80
N HIS B 494 10.16 -35.75 60.76
CA HIS B 494 9.88 -34.41 60.20
C HIS B 494 10.67 -34.16 58.91
N PRO B 495 9.98 -33.90 57.80
CA PRO B 495 10.74 -33.57 56.60
C PRO B 495 11.07 -32.09 56.62
N MET B 496 12.35 -31.77 56.87
CA MET B 496 12.77 -30.40 57.07
C MET B 496 13.22 -29.73 55.77
N HIS B 497 12.86 -28.46 55.66
CA HIS B 497 13.14 -27.73 54.50
C HIS B 497 13.73 -26.38 54.86
N ILE B 498 14.76 -25.97 54.10
CA ILE B 498 15.42 -24.71 54.26
C ILE B 498 15.33 -23.99 52.94
N HIS B 499 14.83 -22.75 52.93
CA HIS B 499 14.63 -22.01 51.67
C HIS B 499 16.03 -21.57 51.18
N LEU B 500 16.07 -20.88 50.05
CA LEU B 500 17.32 -20.35 49.46
C LEU B 500 18.36 -21.38 48.98
N ALA B 501 18.95 -22.10 49.90
CA ALA B 501 20.14 -22.85 49.56
C ALA B 501 19.92 -24.28 49.08
N ASP B 502 20.97 -24.79 48.43
CA ASP B 502 21.20 -26.23 48.20
C ASP B 502 22.09 -26.81 49.30
N PHE B 503 21.79 -28.03 49.70
CA PHE B 503 22.55 -28.69 50.74
C PHE B 503 22.95 -30.08 50.29
N GLN B 504 23.96 -30.64 50.97
CA GLN B 504 24.25 -32.07 50.91
C GLN B 504 24.21 -32.70 52.29
N VAL B 505 23.74 -33.94 52.35
CA VAL B 505 23.71 -34.71 53.58
C VAL B 505 25.11 -35.15 53.94
N LEU B 506 25.58 -34.80 55.15
CA LEU B 506 26.90 -35.25 55.57
C LEU B 506 26.86 -36.52 56.39
N GLY B 507 25.75 -36.76 57.08
CA GLY B 507 25.63 -38.00 57.81
C GLY B 507 24.47 -38.04 58.75
N ARG B 508 24.14 -39.25 59.21
CA ARG B 508 23.06 -39.50 60.17
C ARG B 508 23.58 -40.37 61.31
N ASP B 509 23.06 -40.10 62.50
CA ASP B 509 23.39 -40.84 63.72
C ASP B 509 22.11 -41.07 64.49
N ALA B 510 21.97 -42.26 65.09
CA ALA B 510 20.90 -42.51 66.04
C ALA B 510 21.30 -41.98 67.43
N TYR B 511 20.30 -41.70 68.26
CA TYR B 511 20.54 -41.23 69.62
C TYR B 511 19.66 -41.99 70.61
N ASP B 512 20.14 -42.07 71.84
CA ASP B 512 19.29 -42.36 72.97
C ASP B 512 18.87 -41.01 73.53
N ALA B 513 17.58 -40.75 73.49
CA ALA B 513 17.09 -39.45 73.92
C ALA B 513 16.17 -39.55 75.14
N SER B 514 16.18 -40.70 75.81
CA SER B 514 15.30 -40.92 76.97
C SER B 514 15.67 -40.00 78.16
N GLY B 515 16.91 -39.53 78.18
CA GLY B 515 17.32 -38.52 79.14
C GLY B 515 16.56 -37.20 79.07
N PHE B 516 15.86 -36.96 77.96
CA PHE B 516 15.11 -35.72 77.77
C PHE B 516 13.75 -35.83 78.42
N ASP B 517 13.48 -34.95 79.36
CA ASP B 517 12.37 -35.11 80.26
C ASP B 517 11.36 -34.08 79.80
N LEU B 518 10.22 -34.54 79.33
CA LEU B 518 9.28 -33.63 78.71
C LEU B 518 8.77 -32.59 79.71
N ALA B 519 8.59 -33.01 80.97
CA ALA B 519 7.96 -32.16 82.00
C ALA B 519 8.88 -31.02 82.51
N LEU B 520 10.18 -31.29 82.55
CA LEU B 520 11.19 -30.27 82.73
C LEU B 520 11.41 -29.45 81.46
N GLY B 521 11.33 -30.12 80.31
CA GLY B 521 11.75 -29.51 79.04
C GLY B 521 13.25 -29.33 78.95
N GLY B 522 13.99 -30.33 79.42
CA GLY B 522 15.45 -30.34 79.32
C GLY B 522 15.94 -31.75 79.61
N THR B 523 17.24 -31.98 79.45
CA THR B 523 17.76 -33.30 79.82
C THR B 523 18.01 -33.46 81.33
N ARG B 524 17.63 -34.64 81.86
CA ARG B 524 18.13 -35.06 83.18
C ARG B 524 19.46 -35.76 83.10
N THR B 525 19.55 -36.76 82.23
CA THR B 525 20.85 -37.25 81.76
C THR B 525 21.02 -36.87 80.27
N PRO B 526 22.27 -36.76 79.79
CA PRO B 526 22.44 -36.28 78.44
C PRO B 526 21.84 -37.19 77.36
N VAL B 527 21.42 -36.57 76.25
CA VAL B 527 21.07 -37.27 75.02
C VAL B 527 22.37 -37.92 74.49
N ARG B 528 22.30 -39.22 74.24
CA ARG B 528 23.50 -39.99 74.01
C ARG B 528 23.52 -40.53 72.58
N LEU B 529 24.59 -40.25 71.85
CA LEU B 529 24.80 -40.89 70.56
C LEU B 529 24.86 -42.41 70.74
N ASP B 530 24.06 -43.14 69.97
CA ASP B 530 24.01 -44.59 70.10
C ASP B 530 24.93 -45.22 69.08
N PRO B 531 26.10 -45.69 69.54
CA PRO B 531 27.15 -46.13 68.60
C PRO B 531 26.88 -47.50 67.96
N ASP B 532 25.92 -48.25 68.50
CA ASP B 532 25.67 -49.62 68.00
C ASP B 532 24.59 -49.61 66.93
N THR B 533 23.93 -48.48 66.77
CA THR B 533 22.88 -48.38 65.75
C THR B 533 23.37 -47.51 64.60
N PRO B 534 24.01 -48.14 63.59
CA PRO B 534 24.40 -47.33 62.44
C PRO B 534 23.13 -46.93 61.67
N VAL B 535 23.13 -45.71 61.15
CA VAL B 535 22.10 -45.24 60.24
C VAL B 535 22.75 -44.86 58.92
N PRO B 536 22.70 -45.76 57.92
CA PRO B 536 23.31 -45.37 56.64
C PRO B 536 22.53 -44.25 55.92
N LEU B 537 23.19 -43.58 54.98
CA LEU B 537 22.47 -42.69 54.08
C LEU B 537 21.60 -43.48 53.10
N ALA B 538 20.42 -42.94 52.78
CA ALA B 538 19.69 -43.43 51.61
C ALA B 538 20.61 -43.32 50.38
N PRO B 539 20.54 -44.30 49.46
CA PRO B 539 21.44 -44.20 48.33
C PRO B 539 21.08 -43.04 47.42
N ASN B 540 19.84 -42.58 47.47
CA ASN B 540 19.45 -41.41 46.65
C ASN B 540 19.55 -40.05 47.33
N GLU B 541 20.24 -39.96 48.46
CA GLU B 541 20.36 -38.64 49.12
C GLU B 541 21.80 -38.11 49.16
N LEU B 542 22.56 -38.44 48.14
CA LEU B 542 23.98 -38.08 48.09
C LEU B 542 24.23 -36.97 47.08
N GLY B 543 23.14 -36.39 46.57
CA GLY B 543 23.22 -35.27 45.61
C GLY B 543 22.81 -33.95 46.24
N HIS B 544 22.07 -33.14 45.48
CA HIS B 544 21.62 -31.83 45.98
C HIS B 544 20.25 -31.93 46.58
N LYS B 545 20.09 -31.54 47.84
CA LYS B 545 18.77 -31.66 48.51
C LYS B 545 18.38 -30.37 49.24
N ASP B 546 17.09 -30.12 49.35
CA ASP B 546 16.62 -28.97 50.15
C ASP B 546 15.50 -29.36 51.11
N VAL B 547 15.11 -30.63 51.05
CA VAL B 547 14.09 -31.17 51.93
C VAL B 547 14.60 -32.52 52.44
N PHE B 548 14.63 -32.71 53.74
CA PHE B 548 15.31 -33.90 54.27
C PHE B 548 14.45 -34.68 55.23
N GLN B 549 14.27 -35.98 55.03
CA GLN B 549 13.55 -36.74 56.06
C GLN B 549 14.35 -36.74 57.38
N VAL B 550 13.74 -36.31 58.47
CA VAL B 550 14.42 -36.44 59.76
C VAL B 550 13.65 -37.35 60.71
N PRO B 551 13.93 -38.65 60.65
CA PRO B 551 13.24 -39.66 61.45
C PRO B 551 13.62 -39.66 62.95
N GLY B 552 12.84 -40.46 63.69
CA GLY B 552 13.27 -41.36 64.80
C GLY B 552 13.79 -40.48 65.88
N PRO B 553 14.33 -41.08 66.95
CA PRO B 553 15.34 -40.32 67.71
C PRO B 553 16.66 -40.36 66.95
N GLN B 554 17.06 -39.23 66.40
CA GLN B 554 18.10 -39.23 65.39
C GLN B 554 18.60 -37.82 65.10
N GLY B 555 19.85 -37.75 64.64
CA GLY B 555 20.45 -36.52 64.17
C GLY B 555 20.88 -36.58 62.71
N LEU B 556 20.70 -35.46 62.02
CA LEU B 556 21.10 -35.35 60.62
C LEU B 556 21.93 -34.09 60.45
N ARG B 557 23.04 -34.21 59.74
CA ARG B 557 23.93 -33.09 59.48
C ARG B 557 23.92 -32.81 58.00
N VAL B 558 23.60 -31.58 57.65
CA VAL B 558 23.67 -31.18 56.27
C VAL B 558 24.54 -29.97 56.22
N MET B 559 25.06 -29.69 55.03
CA MET B 559 25.92 -28.53 54.82
C MET B 559 25.56 -27.86 53.54
N GLY B 560 25.65 -26.54 53.54
CA GLY B 560 25.25 -25.75 52.38
C GLY B 560 25.92 -24.40 52.30
N LYS B 561 25.81 -23.80 51.11
CA LYS B 561 26.38 -22.50 50.82
C LYS B 561 25.21 -21.52 50.61
N PHE B 562 25.14 -20.47 51.44
CA PHE B 562 24.05 -19.52 51.33
C PHE B 562 24.42 -18.43 50.36
N ASP B 563 23.93 -18.65 49.15
CA ASP B 563 24.55 -18.29 47.91
C ASP B 563 23.60 -17.49 47.02
N GLY B 564 24.00 -16.29 46.61
CA GLY B 564 23.46 -15.70 45.39
C GLY B 564 22.12 -14.98 45.49
N ALA B 565 21.69 -14.66 46.71
CA ALA B 565 20.53 -13.83 46.98
C ALA B 565 20.64 -13.34 48.42
N TYR B 566 19.80 -12.39 48.81
CA TYR B 566 19.79 -11.87 50.15
C TYR B 566 18.37 -11.81 50.67
N GLY B 567 18.25 -11.63 51.99
CA GLY B 567 17.04 -11.18 52.62
C GLY B 567 16.58 -12.13 53.69
N ARG B 568 15.28 -12.08 54.00
CA ARG B 568 14.66 -12.90 55.04
C ARG B 568 14.02 -14.12 54.44
N PHE B 569 14.37 -15.27 54.98
CA PHE B 569 13.86 -16.55 54.51
C PHE B 569 13.23 -17.41 55.63
N MET B 570 12.69 -18.57 55.26
CA MET B 570 12.12 -19.52 56.21
C MET B 570 12.96 -20.76 56.18
N TYR B 571 12.97 -21.45 57.30
CA TYR B 571 13.14 -22.87 57.29
C TYR B 571 12.08 -23.47 58.20
N HIS B 572 11.67 -24.69 57.88
CA HIS B 572 10.54 -25.28 58.63
C HIS B 572 10.37 -26.75 58.36
N CYS B 573 9.41 -27.34 59.06
CA CYS B 573 8.95 -28.66 58.76
C CYS B 573 7.94 -28.57 57.60
N HIS B 574 7.99 -29.52 56.66
CA HIS B 574 7.08 -29.47 55.52
C HIS B 574 5.81 -30.28 55.71
N LEU B 575 5.46 -30.59 56.96
CA LEU B 575 4.15 -31.15 57.26
C LEU B 575 3.28 -29.95 57.51
N LEU B 576 2.35 -29.69 56.59
CA LEU B 576 1.70 -28.40 56.61
C LEU B 576 0.98 -28.09 57.92
N GLU B 577 0.42 -29.11 58.58
CA GLU B 577 -0.27 -28.91 59.84
C GLU B 577 0.71 -28.48 60.94
N HIS B 578 1.96 -28.93 60.88
CA HIS B 578 2.95 -28.48 61.84
C HIS B 578 3.49 -27.10 61.47
N GLU B 579 3.67 -26.85 60.19
CA GLU B 579 4.16 -25.56 59.69
C GLU B 579 3.19 -24.43 60.03
N ASP B 580 1.90 -24.68 59.88
CA ASP B 580 0.87 -23.72 60.25
C ASP B 580 0.76 -23.55 61.76
N MET B 581 1.47 -24.40 62.51
CA MET B 581 1.39 -24.33 63.97
C MET B 581 2.71 -23.95 64.61
N GLY B 582 3.46 -23.04 63.95
CA GLY B 582 4.68 -22.44 64.52
C GLY B 582 5.98 -23.23 64.34
N MET B 583 5.91 -24.45 63.81
CA MET B 583 7.11 -25.18 63.49
C MET B 583 7.81 -24.61 62.21
N MET B 584 8.25 -23.36 62.33
CA MET B 584 8.83 -22.62 61.22
C MET B 584 9.68 -21.52 61.82
N ARG B 585 10.75 -21.16 61.15
CA ARG B 585 11.66 -20.12 61.69
C ARG B 585 12.20 -19.25 60.55
N PRO B 586 12.44 -17.97 60.85
CA PRO B 586 13.08 -17.07 59.91
C PRO B 586 14.57 -17.29 59.92
N PHE B 587 15.24 -16.92 58.83
CA PHE B 587 16.69 -16.64 58.86
C PHE B 587 17.03 -15.49 57.90
N VAL B 588 18.13 -14.82 58.15
CA VAL B 588 18.46 -13.66 57.35
C VAL B 588 19.78 -13.88 56.62
N VAL B 589 19.81 -13.60 55.32
CA VAL B 589 21.04 -13.58 54.57
C VAL B 589 21.40 -12.19 54.05
N MET B 590 22.62 -11.72 54.35
CA MET B 590 23.04 -10.35 53.99
C MET B 590 24.46 -10.32 53.43
N PRO B 591 24.84 -9.22 52.74
CA PRO B 591 26.24 -9.21 52.31
C PRO B 591 27.17 -9.25 53.51
N PRO B 592 28.28 -10.00 53.43
CA PRO B 592 29.23 -9.95 54.55
C PRO B 592 29.52 -8.50 54.98
N GLU B 593 29.62 -7.56 54.03
CA GLU B 593 30.01 -6.17 54.36
C GLU B 593 28.95 -5.44 55.22
N ALA B 594 27.68 -5.81 55.04
CA ALA B 594 26.59 -5.20 55.76
C ALA B 594 26.48 -5.85 57.15
N LEU B 595 26.81 -7.14 57.23
CA LEU B 595 26.93 -7.86 58.51
C LEU B 595 27.80 -7.10 59.51
N LYS B 596 28.87 -6.49 59.03
CA LYS B 596 29.70 -5.62 59.86
C LYS B 596 28.88 -4.62 60.66
N PHE B 597 27.67 -4.30 60.21
CA PHE B 597 26.85 -3.38 61.00
C PHE B 597 25.67 -4.05 61.73
N ASP B 598 25.76 -5.37 61.96
CA ASP B 598 24.73 -6.22 62.63
C ASP B 598 23.96 -7.19 61.72
N ALA C 7 -57.14 -42.60 9.92
CA ALA C 7 -58.54 -42.23 9.50
C ALA C 7 -58.54 -41.08 8.49
N PRO C 8 -59.45 -41.12 7.48
CA PRO C 8 -59.49 -40.07 6.44
C PRO C 8 -59.57 -38.62 6.99
N GLY C 9 -58.61 -37.79 6.62
CA GLY C 9 -58.52 -36.43 7.16
C GLY C 9 -57.70 -36.26 8.43
N GLU C 10 -57.00 -37.32 8.85
CA GLU C 10 -56.03 -37.24 9.98
C GLU C 10 -54.57 -37.09 9.54
N LEU C 11 -53.75 -36.43 10.33
CA LEU C 11 -52.32 -36.31 10.01
C LEU C 11 -51.60 -37.63 10.32
N THR C 12 -50.67 -38.01 9.44
CA THR C 12 -49.81 -39.18 9.70
C THR C 12 -48.68 -38.75 10.63
N PRO C 13 -48.56 -39.42 11.80
CA PRO C 13 -47.51 -38.96 12.72
C PRO C 13 -46.15 -39.32 12.21
N PHE C 14 -45.15 -38.55 12.62
CA PHE C 14 -43.73 -38.84 12.29
C PHE C 14 -43.46 -38.82 10.78
N ALA C 15 -44.02 -37.79 10.12
CA ALA C 15 -43.87 -37.65 8.67
C ALA C 15 -42.74 -36.71 8.30
N ALA C 16 -42.30 -35.86 9.25
CA ALA C 16 -41.21 -34.93 9.00
C ALA C 16 -40.17 -34.98 10.10
N PRO C 17 -38.89 -34.76 9.78
CA PRO C 17 -37.83 -34.69 10.79
C PRO C 17 -37.95 -33.51 11.78
N LEU C 18 -37.49 -33.74 13.00
CA LEU C 18 -37.38 -32.70 14.00
C LEU C 18 -36.44 -31.61 13.52
N THR C 19 -36.77 -30.34 13.75
CA THR C 19 -35.82 -29.26 13.57
C THR C 19 -35.44 -28.72 14.93
N VAL C 20 -34.30 -28.04 15.02
CA VAL C 20 -34.00 -27.22 16.20
C VAL C 20 -33.86 -25.77 15.76
N PRO C 21 -34.09 -24.79 16.67
CA PRO C 21 -33.95 -23.41 16.23
C PRO C 21 -32.48 -23.04 15.98
N PRO C 22 -32.24 -21.95 15.23
CA PRO C 22 -30.86 -21.52 15.09
C PRO C 22 -30.33 -21.05 16.45
N VAL C 23 -29.02 -21.12 16.65
CA VAL C 23 -28.40 -20.75 17.91
C VAL C 23 -27.90 -19.30 17.81
N LEU C 24 -28.20 -18.50 18.83
CA LEU C 24 -27.69 -17.14 18.92
C LEU C 24 -26.78 -16.98 20.16
N ARG C 25 -25.57 -16.46 19.95
CA ARG C 25 -24.64 -16.13 21.04
C ARG C 25 -24.38 -14.64 21.05
N PRO C 26 -25.08 -13.92 21.92
CA PRO C 26 -25.08 -12.47 21.82
C PRO C 26 -23.96 -11.84 22.63
N ALA C 27 -23.33 -12.60 23.52
CA ALA C 27 -22.35 -12.02 24.45
C ALA C 27 -21.30 -11.33 23.57
N SER C 28 -20.76 -10.22 24.04
CA SER C 28 -20.01 -9.34 23.16
C SER C 28 -19.07 -8.54 24.04
N ASP C 29 -17.92 -8.16 23.52
CA ASP C 29 -16.99 -7.28 24.25
C ASP C 29 -17.52 -5.87 24.39
N GLU C 30 -18.61 -5.57 23.69
CA GLU C 30 -19.18 -4.24 23.66
C GLU C 30 -20.61 -4.33 24.23
N VAL C 31 -20.75 -4.17 25.52
CA VAL C 31 -22.04 -4.36 26.15
C VAL C 31 -23.15 -3.39 25.63
N THR C 32 -22.75 -2.19 25.22
CA THR C 32 -23.71 -1.21 24.74
C THR C 32 -24.20 -1.53 23.35
N ARG C 33 -23.66 -2.57 22.74
CA ARG C 33 -24.13 -3.00 21.44
C ARG C 33 -25.17 -4.12 21.60
N GLU C 34 -26.44 -3.77 21.50
CA GLU C 34 -27.52 -4.70 21.77
C GLU C 34 -27.60 -5.75 20.68
N THR C 35 -28.19 -6.90 21.00
CA THR C 35 -28.66 -7.78 19.96
C THR C 35 -30.13 -7.50 19.68
N GLU C 36 -30.46 -7.14 18.46
CA GLU C 36 -31.86 -7.00 18.15
C GLU C 36 -32.46 -8.37 17.85
N ILE C 37 -33.61 -8.65 18.47
CA ILE C 37 -34.44 -9.79 18.14
C ILE C 37 -35.80 -9.25 17.68
N ALA C 38 -36.00 -9.28 16.36
CA ALA C 38 -37.17 -8.70 15.70
C ALA C 38 -38.28 -9.72 15.62
N LEU C 39 -39.42 -9.41 16.25
CA LEU C 39 -40.67 -10.17 16.05
C LEU C 39 -41.19 -9.87 14.65
N ARG C 40 -41.47 -10.93 13.88
CA ARG C 40 -41.93 -10.78 12.50
C ARG C 40 -42.99 -11.83 12.17
N PRO C 41 -43.98 -11.48 11.33
CA PRO C 41 -44.81 -12.53 10.78
C PRO C 41 -43.99 -13.61 10.04
N THR C 42 -44.45 -14.84 10.05
CA THR C 42 -43.69 -15.91 9.43
C THR C 42 -44.61 -17.08 9.10
N TRP C 43 -44.31 -17.81 8.02
CA TRP C 43 -45.11 -18.99 7.64
C TRP C 43 -44.36 -20.27 8.00
N VAL C 44 -45.02 -21.10 8.79
CA VAL C 44 -44.38 -22.24 9.42
C VAL C 44 -45.09 -23.55 8.98
N ARG C 45 -44.36 -24.50 8.42
CA ARG C 45 -44.98 -25.75 8.00
C ARG C 45 -45.17 -26.69 9.19
N LEU C 46 -46.36 -26.69 9.80
CA LEU C 46 -46.56 -27.52 10.98
C LEU C 46 -46.42 -29.02 10.65
N HIS C 47 -46.85 -29.40 9.46
CA HIS C 47 -46.86 -30.79 9.06
C HIS C 47 -46.92 -30.87 7.53
N PRO C 48 -46.29 -31.90 6.92
CA PRO C 48 -46.31 -32.01 5.44
C PRO C 48 -47.73 -32.12 4.88
N GLN C 49 -48.69 -32.65 5.65
CA GLN C 49 -50.05 -32.76 5.20
C GLN C 49 -50.89 -31.50 5.46
N LEU C 50 -50.28 -30.42 5.93
CA LEU C 50 -51.02 -29.16 6.13
C LEU C 50 -50.55 -28.11 5.16
N PRO C 51 -51.35 -27.04 4.95
CA PRO C 51 -50.78 -25.84 4.31
C PRO C 51 -49.99 -25.06 5.34
N PRO C 52 -49.18 -24.09 4.89
CA PRO C 52 -48.34 -23.39 5.85
C PRO C 52 -49.21 -22.60 6.83
N THR C 53 -48.72 -22.42 8.06
CA THR C 53 -49.48 -21.75 9.11
C THR C 53 -48.87 -20.38 9.39
N LEU C 54 -49.72 -19.34 9.39
CA LEU C 54 -49.28 -18.00 9.80
C LEU C 54 -48.96 -17.95 11.29
N MET C 55 -47.75 -17.48 11.63
CA MET C 55 -47.35 -17.31 13.02
C MET C 55 -46.53 -16.03 13.20
N TRP C 56 -46.31 -15.66 14.47
CA TRP C 56 -45.37 -14.61 14.79
C TRP C 56 -44.16 -15.25 15.48
N GLY C 57 -42.94 -14.91 15.05
CA GLY C 57 -41.76 -15.57 15.64
C GLY C 57 -40.66 -14.59 15.87
N TYR C 58 -39.86 -14.85 16.90
CA TYR C 58 -38.71 -14.03 17.17
C TYR C 58 -37.69 -14.28 16.05
N ASP C 59 -37.20 -13.20 15.41
CA ASP C 59 -36.37 -13.30 14.21
C ASP C 59 -37.03 -14.17 13.18
N GLY C 60 -38.35 -14.05 13.07
CA GLY C 60 -39.10 -14.87 12.14
C GLY C 60 -38.99 -16.37 12.31
N GLN C 61 -38.60 -16.84 13.49
CA GLN C 61 -38.42 -18.29 13.72
C GLN C 61 -39.37 -18.81 14.80
N VAL C 62 -39.92 -20.00 14.58
CA VAL C 62 -40.71 -20.68 15.62
C VAL C 62 -40.25 -22.09 15.99
N PRO C 63 -39.84 -22.30 17.24
CA PRO C 63 -39.65 -21.37 18.32
C PRO C 63 -38.54 -20.40 17.95
N GLY C 64 -38.42 -19.32 18.72
CA GLY C 64 -37.34 -18.36 18.50
C GLY C 64 -35.97 -19.02 18.63
N PRO C 65 -34.93 -18.27 18.25
CA PRO C 65 -33.58 -18.80 18.37
C PRO C 65 -33.20 -19.28 19.80
N THR C 66 -32.41 -20.34 19.88
CA THR C 66 -31.85 -20.78 21.14
C THR C 66 -30.71 -19.82 21.48
N ILE C 67 -30.90 -19.03 22.53
CA ILE C 67 -29.89 -18.12 22.95
C ILE C 67 -28.96 -18.89 23.90
N GLU C 68 -27.65 -18.78 23.70
CA GLU C 68 -26.67 -19.45 24.54
C GLU C 68 -25.66 -18.44 25.05
N VAL C 69 -25.42 -18.46 26.36
CA VAL C 69 -24.48 -17.56 27.02
C VAL C 69 -23.78 -18.35 28.13
N ARG C 70 -22.63 -17.89 28.58
CA ARG C 70 -21.98 -18.41 29.79
C ARG C 70 -22.29 -17.52 30.99
N ARG C 71 -22.34 -18.15 32.17
CA ARG C 71 -22.53 -17.46 33.43
C ARG C 71 -21.63 -16.23 33.45
N GLY C 72 -22.14 -15.09 33.89
CA GLY C 72 -21.30 -13.91 33.97
C GLY C 72 -21.28 -13.01 32.73
N GLN C 73 -21.60 -13.54 31.55
CA GLN C 73 -21.59 -12.71 30.34
C GLN C 73 -22.82 -11.82 30.34
N ARG C 74 -22.63 -10.54 30.65
CA ARG C 74 -23.71 -9.57 30.63
C ARG C 74 -24.17 -9.30 29.20
N VAL C 75 -25.46 -9.50 28.91
CA VAL C 75 -25.93 -9.23 27.56
C VAL C 75 -27.17 -8.33 27.51
N ARG C 76 -27.28 -7.58 26.41
CA ARG C 76 -28.39 -6.66 26.18
C ARG C 76 -29.13 -7.01 24.92
N ILE C 77 -30.43 -7.28 25.05
CA ILE C 77 -31.28 -7.62 23.90
C ILE C 77 -32.43 -6.61 23.73
N ALA C 78 -32.62 -6.17 22.48
CA ALA C 78 -33.74 -5.34 22.13
C ALA C 78 -34.78 -6.24 21.48
N TRP C 79 -35.77 -6.64 22.27
CA TRP C 79 -36.96 -7.26 21.73
C TRP C 79 -37.83 -6.20 20.99
N THR C 80 -37.80 -6.30 19.66
CA THR C 80 -38.21 -5.23 18.81
C THR C 80 -39.41 -5.68 18.00
N ASN C 81 -40.50 -4.93 18.11
CA ASN C 81 -41.72 -5.33 17.43
C ASN C 81 -41.67 -4.88 15.97
N ARG C 82 -41.57 -5.84 15.03
CA ARG C 82 -41.56 -5.52 13.59
C ARG C 82 -42.70 -6.20 12.81
N ILE C 83 -43.83 -6.38 13.49
CA ILE C 83 -45.06 -6.83 12.86
C ILE C 83 -45.86 -5.62 12.40
N PRO C 84 -46.03 -5.46 11.09
CA PRO C 84 -46.67 -4.23 10.61
C PRO C 84 -48.13 -4.07 11.09
N LYS C 85 -48.53 -2.84 11.41
CA LYS C 85 -49.93 -2.48 11.66
C LYS C 85 -50.77 -3.09 10.55
N GLY C 86 -51.98 -3.50 10.91
CA GLY C 86 -52.85 -4.16 9.94
C GLY C 86 -52.60 -5.64 9.70
N SER C 87 -51.52 -6.21 10.24
CA SER C 87 -51.30 -7.67 10.08
C SER C 87 -52.50 -8.46 10.58
N GLU C 88 -52.83 -9.54 9.89
CA GLU C 88 -53.80 -10.49 10.41
C GLU C 88 -53.32 -11.10 11.73
N TYR C 89 -54.24 -11.24 12.69
CA TYR C 89 -53.88 -11.88 13.94
C TYR C 89 -53.80 -13.40 13.73
N PRO C 90 -52.68 -14.03 14.13
CA PRO C 90 -52.46 -15.42 13.70
C PRO C 90 -53.34 -16.44 14.43
N VAL C 91 -53.88 -16.07 15.58
CA VAL C 91 -54.67 -17.03 16.34
C VAL C 91 -56.16 -16.74 16.26
N THR C 92 -56.91 -17.78 15.94
CA THR C 92 -58.35 -17.68 15.95
C THR C 92 -58.85 -18.22 17.27
N SER C 93 -59.82 -17.52 17.86
CA SER C 93 -60.31 -17.90 19.22
C SER C 93 -61.81 -18.13 19.22
N VAL C 94 -62.19 -19.29 19.75
CA VAL C 94 -63.59 -19.63 19.96
C VAL C 94 -63.80 -20.25 21.30
N GLU C 95 -64.97 -19.99 21.85
CA GLU C 95 -65.46 -20.72 23.02
C GLU C 95 -66.63 -21.54 22.57
N VAL C 96 -66.59 -22.83 22.83
CA VAL C 96 -67.66 -23.72 22.42
C VAL C 96 -68.41 -24.32 23.63
N PRO C 97 -69.71 -24.64 23.49
CA PRO C 97 -70.45 -25.34 24.56
C PRO C 97 -69.90 -26.74 24.84
N LEU C 98 -70.29 -27.30 25.97
CA LEU C 98 -69.94 -28.67 26.39
C LEU C 98 -70.30 -29.87 25.49
N GLY C 99 -71.50 -29.95 24.98
CA GLY C 99 -71.87 -31.25 24.38
C GLY C 99 -71.77 -32.51 25.26
N PRO C 100 -72.20 -33.66 24.73
CA PRO C 100 -72.79 -34.74 25.53
C PRO C 100 -71.87 -35.38 26.57
N PRO C 101 -72.37 -35.60 27.80
CA PRO C 101 -71.53 -36.21 28.86
C PRO C 101 -71.11 -37.65 28.52
N GLY C 102 -69.93 -38.07 29.00
CA GLY C 102 -69.33 -39.33 28.57
C GLY C 102 -68.94 -39.44 27.10
N THR C 103 -68.93 -38.34 26.35
CA THR C 103 -68.16 -38.26 25.08
C THR C 103 -66.93 -37.33 25.19
N PRO C 104 -65.96 -37.44 24.26
CA PRO C 104 -64.80 -36.55 24.44
C PRO C 104 -65.17 -35.07 24.34
N ALA C 105 -64.57 -34.24 25.18
CA ALA C 105 -64.73 -32.79 25.04
C ALA C 105 -64.40 -32.23 23.64
N PRO C 106 -65.11 -31.17 23.23
CA PRO C 106 -64.90 -30.58 21.91
C PRO C 106 -63.46 -30.14 21.67
N ASN C 107 -62.67 -29.94 22.72
CA ASN C 107 -61.28 -29.51 22.56
C ASN C 107 -60.34 -30.66 22.21
N THR C 108 -60.88 -31.86 22.09
CA THR C 108 -60.12 -32.96 21.51
C THR C 108 -60.33 -33.00 20.00
N GLU C 109 -61.08 -32.05 19.45
CA GLU C 109 -61.31 -32.02 17.99
C GLU C 109 -60.93 -30.66 17.37
N PRO C 110 -60.45 -30.68 16.12
CA PRO C 110 -60.19 -29.41 15.43
C PRO C 110 -61.50 -28.74 15.07
N GLY C 111 -61.43 -27.54 14.53
CA GLY C 111 -62.58 -26.88 14.01
C GLY C 111 -63.28 -26.03 15.05
N ARG C 112 -64.06 -25.07 14.58
CA ARG C 112 -64.82 -24.22 15.48
C ARG C 112 -66.23 -24.76 15.84
N GLY C 113 -66.65 -25.88 15.28
CA GLY C 113 -68.06 -26.27 15.38
C GLY C 113 -68.86 -25.19 14.68
N GLY C 114 -69.97 -24.78 15.26
CA GLY C 114 -70.67 -23.66 14.64
C GLY C 114 -70.02 -22.30 14.82
N VAL C 115 -69.12 -22.20 15.79
CA VAL C 115 -68.96 -20.97 16.52
C VAL C 115 -68.11 -19.94 15.77
N GLU C 116 -68.58 -18.70 15.78
CA GLU C 116 -67.88 -17.60 15.09
C GLU C 116 -66.62 -17.21 15.82
N PRO C 117 -65.52 -16.98 15.09
CA PRO C 117 -64.35 -16.43 15.77
C PRO C 117 -64.75 -15.21 16.58
N ASN C 118 -64.14 -15.06 17.75
CA ASN C 118 -64.20 -13.85 18.54
C ASN C 118 -63.52 -12.66 17.81
N LYS C 119 -64.32 -11.64 17.47
CA LYS C 119 -63.83 -10.49 16.70
C LYS C 119 -62.91 -9.57 17.49
N ASP C 120 -62.99 -9.63 18.81
CA ASP C 120 -62.06 -8.86 19.63
C ASP C 120 -60.59 -9.36 19.60
N VAL C 121 -60.42 -10.67 19.56
CA VAL C 121 -59.11 -11.25 19.32
C VAL C 121 -58.61 -10.94 17.91
N ALA C 122 -59.47 -11.16 16.92
CA ALA C 122 -59.12 -10.90 15.53
C ALA C 122 -58.67 -9.42 15.30
N ALA C 123 -59.10 -8.54 16.20
CA ALA C 123 -58.85 -7.12 16.13
C ALA C 123 -57.54 -6.73 16.84
N LEU C 124 -56.91 -7.69 17.51
CA LEU C 124 -55.69 -7.38 18.26
C LEU C 124 -54.57 -6.87 17.34
N PRO C 125 -54.00 -5.70 17.67
CA PRO C 125 -52.73 -5.40 17.01
C PRO C 125 -51.58 -6.24 17.64
N ALA C 126 -50.39 -6.20 17.05
CA ALA C 126 -49.17 -6.80 17.65
C ALA C 126 -48.75 -5.97 18.83
N TRP C 127 -48.76 -6.59 20.00
CA TRP C 127 -48.52 -5.90 21.24
C TRP C 127 -47.89 -6.89 22.20
N SER C 128 -46.58 -6.79 22.32
CA SER C 128 -45.78 -7.82 22.91
C SER C 128 -44.75 -7.26 23.89
N VAL C 129 -44.58 -7.99 24.97
CA VAL C 129 -43.43 -7.79 25.82
C VAL C 129 -42.87 -9.15 26.09
N THR C 130 -41.54 -9.25 26.24
CA THR C 130 -40.87 -10.54 26.40
C THR C 130 -40.34 -10.80 27.83
N HIS C 131 -40.70 -11.95 28.37
CA HIS C 131 -40.20 -12.32 29.65
C HIS C 131 -39.22 -13.51 29.56
N LEU C 132 -38.02 -13.33 30.13
CA LEU C 132 -37.07 -14.41 30.16
C LEU C 132 -37.27 -15.20 31.42
N HIS C 133 -38.03 -16.27 31.25
CA HIS C 133 -38.60 -16.96 32.37
C HIS C 133 -37.47 -17.69 33.09
N GLY C 134 -37.31 -17.43 34.38
CA GLY C 134 -36.20 -17.98 35.19
C GLY C 134 -35.02 -17.03 35.45
N ALA C 135 -34.85 -16.03 34.58
CA ALA C 135 -33.70 -15.15 34.64
C ALA C 135 -33.64 -14.38 35.96
N GLN C 136 -32.46 -14.38 36.58
CA GLN C 136 -32.16 -13.49 37.67
C GLN C 136 -31.83 -12.15 37.01
N THR C 137 -32.72 -11.17 37.08
CA THR C 137 -32.48 -9.83 36.51
C THR C 137 -33.51 -8.81 37.07
N GLY C 138 -33.23 -7.51 36.92
CA GLY C 138 -34.09 -6.48 37.51
C GLY C 138 -35.47 -6.50 36.89
N GLY C 139 -36.42 -5.88 37.60
CA GLY C 139 -37.81 -5.75 37.15
C GLY C 139 -37.87 -4.97 35.83
N GLY C 140 -36.90 -4.09 35.62
CA GLY C 140 -36.84 -3.25 34.43
C GLY C 140 -36.50 -4.09 33.21
N ASN C 141 -35.94 -5.27 33.45
CA ASN C 141 -35.53 -6.18 32.38
C ASN C 141 -36.44 -7.38 32.25
N ASP C 142 -37.30 -7.56 33.26
CA ASP C 142 -38.05 -8.79 33.43
C ASP C 142 -39.19 -8.96 32.44
N GLY C 143 -39.61 -7.87 31.80
CA GLY C 143 -40.77 -7.94 30.94
C GLY C 143 -42.11 -7.83 31.66
N TRP C 144 -42.25 -6.74 32.44
CA TRP C 144 -43.55 -6.34 33.02
C TRP C 144 -44.73 -6.41 32.02
N ALA C 145 -45.78 -7.12 32.41
CA ALA C 145 -46.90 -7.40 31.52
C ALA C 145 -47.59 -6.18 30.86
N ASP C 146 -47.76 -5.09 31.60
CA ASP C 146 -48.34 -3.84 31.05
C ASP C 146 -47.49 -3.18 29.93
N ASN C 147 -46.18 -3.49 29.93
CA ASN C 147 -45.24 -2.68 29.18
C ASN C 147 -44.98 -3.23 27.79
N ALA C 148 -45.97 -3.89 27.22
CA ALA C 148 -45.82 -4.41 25.86
C ALA C 148 -45.75 -3.24 24.86
N VAL C 149 -45.11 -3.51 23.71
CA VAL C 149 -44.90 -2.47 22.69
C VAL C 149 -45.49 -2.83 21.33
N GLY C 150 -45.91 -1.76 20.63
CA GLY C 150 -46.49 -1.83 19.28
C GLY C 150 -45.40 -1.83 18.22
N PHE C 151 -45.82 -1.98 16.97
CA PHE C 151 -44.92 -1.96 15.82
C PHE C 151 -43.95 -0.79 15.85
N GLY C 152 -42.67 -1.09 15.69
CA GLY C 152 -41.63 -0.10 15.50
C GLY C 152 -40.86 0.16 16.78
N ASP C 153 -41.48 -0.21 17.90
CA ASP C 153 -40.88 0.04 19.20
C ASP C 153 -40.24 -1.20 19.76
N ALA C 154 -39.31 -0.98 20.68
CA ALA C 154 -38.55 -2.06 21.27
C ALA C 154 -38.76 -2.12 22.77
N GLN C 155 -38.61 -3.32 23.35
CA GLN C 155 -38.37 -3.50 24.77
C GLN C 155 -36.87 -3.78 24.97
N LEU C 156 -36.23 -3.13 25.94
CA LEU C 156 -34.81 -3.37 26.16
C LEU C 156 -34.57 -4.09 27.48
N SER C 157 -33.84 -5.22 27.42
CA SER C 157 -33.51 -5.98 28.62
C SER C 157 -32.02 -6.19 28.80
N GLU C 158 -31.53 -5.98 30.02
CA GLU C 158 -30.18 -6.41 30.37
C GLU C 158 -30.33 -7.71 31.12
N TYR C 159 -29.59 -8.74 30.74
CA TYR C 159 -29.53 -9.98 31.53
C TYR C 159 -28.09 -10.16 32.05
N PRO C 160 -27.85 -9.97 33.37
CA PRO C 160 -26.46 -10.16 33.83
C PRO C 160 -26.00 -11.63 33.78
N ASN C 161 -26.92 -12.57 33.65
CA ASN C 161 -26.60 -14.02 33.71
C ASN C 161 -25.66 -14.43 34.85
N ASP C 162 -25.79 -13.81 35.99
CA ASP C 162 -25.01 -14.27 37.12
C ASP C 162 -25.75 -15.41 37.79
N HIS C 163 -25.75 -16.58 37.15
CA HIS C 163 -26.51 -17.73 37.67
C HIS C 163 -25.86 -18.98 37.14
N GLN C 164 -25.96 -20.06 37.90
CA GLN C 164 -25.44 -21.35 37.48
C GLN C 164 -26.13 -21.83 36.19
N ALA C 165 -25.44 -22.73 35.49
CA ALA C 165 -25.90 -23.30 34.24
C ALA C 165 -27.31 -23.90 34.37
N THR C 166 -28.18 -23.54 33.44
CA THR C 166 -29.54 -24.10 33.42
C THR C 166 -30.23 -23.70 32.11
N GLN C 167 -31.46 -24.17 31.91
CA GLN C 167 -32.30 -23.83 30.77
C GLN C 167 -33.39 -22.89 31.22
N TRP C 168 -33.33 -21.67 30.71
CA TRP C 168 -34.41 -20.72 30.81
C TRP C 168 -35.21 -20.74 29.51
N TRP C 169 -36.32 -20.00 29.47
CA TRP C 169 -37.07 -19.82 28.23
C TRP C 169 -37.73 -18.48 28.24
N TYR C 170 -37.96 -17.96 27.04
CA TYR C 170 -38.50 -16.62 26.91
C TYR C 170 -39.75 -16.72 26.07
N HIS C 171 -40.72 -15.86 26.38
CA HIS C 171 -41.98 -15.84 25.66
C HIS C 171 -42.69 -14.51 25.93
N ASP C 172 -43.68 -14.21 25.11
CA ASP C 172 -44.52 -13.07 25.34
C ASP C 172 -45.21 -13.15 26.71
N HIS C 173 -45.54 -11.98 27.27
CA HIS C 173 -46.12 -11.88 28.60
C HIS C 173 -47.09 -10.69 28.65
N ALA C 174 -47.53 -10.23 27.48
CA ALA C 174 -48.46 -9.09 27.35
C ALA C 174 -49.71 -9.27 28.20
N MET C 175 -50.12 -8.20 28.87
CA MET C 175 -51.21 -8.22 29.83
C MET C 175 -52.55 -8.52 29.14
N ASN C 176 -53.23 -9.53 29.72
CA ASN C 176 -54.54 -10.04 29.27
C ASN C 176 -54.57 -10.88 28.00
N ILE C 177 -53.50 -10.86 27.19
CA ILE C 177 -53.55 -11.49 25.86
C ILE C 177 -52.38 -12.47 25.67
N THR C 178 -51.75 -12.88 26.76
CA THR C 178 -50.60 -13.74 26.68
C THR C 178 -50.96 -15.11 26.12
N ARG C 179 -52.11 -15.65 26.54
CA ARG C 179 -52.60 -16.94 26.04
C ARG C 179 -52.66 -17.02 24.51
N TRP C 180 -52.79 -15.86 23.87
CA TRP C 180 -52.81 -15.80 22.39
C TRP C 180 -51.44 -15.50 21.76
N ASN C 181 -50.75 -14.49 22.29
CA ASN C 181 -49.42 -14.13 21.79
C ASN C 181 -48.42 -15.27 21.86
N VAL C 182 -48.46 -16.07 22.92
CA VAL C 182 -47.55 -17.20 23.01
C VAL C 182 -47.97 -18.26 21.98
N MET C 183 -49.27 -18.58 21.95
CA MET C 183 -49.81 -19.51 20.96
C MET C 183 -49.49 -19.07 19.53
N ALA C 184 -49.41 -17.76 19.33
CA ALA C 184 -49.07 -17.20 18.04
C ALA C 184 -47.68 -17.57 17.51
N GLY C 185 -46.80 -18.08 18.40
CA GLY C 185 -45.41 -18.45 18.03
C GLY C 185 -44.29 -17.87 18.92
N LEU C 186 -44.63 -16.97 19.85
CA LEU C 186 -43.66 -16.16 20.53
C LEU C 186 -43.08 -16.87 21.75
N TYR C 187 -42.22 -17.85 21.48
CA TYR C 187 -41.50 -18.59 22.53
C TYR C 187 -40.21 -19.19 21.96
N GLY C 188 -39.22 -19.31 22.83
CA GLY C 188 -37.92 -19.90 22.48
C GLY C 188 -37.18 -20.20 23.78
N THR C 189 -35.99 -20.80 23.68
CA THR C 189 -35.24 -21.15 24.88
C THR C 189 -33.89 -20.42 24.98
N TYR C 190 -33.28 -20.52 26.17
CA TYR C 190 -32.12 -19.71 26.53
C TYR C 190 -31.28 -20.54 27.49
N LEU C 191 -30.03 -20.85 27.12
CA LEU C 191 -29.22 -21.78 27.91
C LEU C 191 -28.02 -21.09 28.48
N VAL C 192 -27.78 -21.28 29.78
CA VAL C 192 -26.67 -20.67 30.47
C VAL C 192 -25.67 -21.80 30.71
N ARG C 193 -24.40 -21.54 30.36
CA ARG C 193 -23.32 -22.50 30.54
C ARG C 193 -22.42 -22.05 31.68
N ASP C 194 -21.77 -23.01 32.31
CA ASP C 194 -20.77 -22.69 33.33
C ASP C 194 -19.73 -23.79 33.48
N ASP C 195 -18.82 -23.56 34.41
CA ASP C 195 -17.67 -24.43 34.56
C ASP C 195 -18.00 -25.74 35.26
N GLU C 196 -18.94 -25.72 36.21
CA GLU C 196 -19.37 -26.94 36.87
C GLU C 196 -20.03 -27.88 35.86
N GLU C 197 -20.98 -27.36 35.07
CA GLU C 197 -21.65 -28.19 34.08
C GLU C 197 -20.62 -28.71 33.07
N ASP C 198 -19.76 -27.83 32.53
CA ASP C 198 -18.69 -28.25 31.64
C ASP C 198 -17.89 -29.43 32.20
N ALA C 199 -17.56 -29.40 33.50
CA ALA C 199 -16.70 -30.48 34.05
C ALA C 199 -17.41 -31.82 34.10
N LEU C 200 -18.72 -31.86 33.82
CA LEU C 200 -19.42 -33.12 33.79
C LEU C 200 -19.25 -33.88 32.49
N GLY C 201 -18.71 -33.23 31.46
CA GLY C 201 -18.50 -33.88 30.18
C GLY C 201 -19.80 -34.40 29.53
N LEU C 202 -20.85 -33.58 29.54
CA LEU C 202 -22.17 -34.01 29.04
C LEU C 202 -22.22 -34.10 27.51
N PRO C 203 -23.00 -35.04 26.96
CA PRO C 203 -23.27 -34.93 25.51
C PRO C 203 -23.60 -33.49 25.09
N SER C 204 -23.03 -33.06 23.96
CA SER C 204 -23.22 -31.68 23.47
C SER C 204 -23.14 -31.65 21.96
N GLY C 205 -23.19 -30.46 21.33
CA GLY C 205 -23.18 -30.38 19.88
C GLY C 205 -24.42 -31.05 19.30
N ASP C 206 -24.22 -31.94 18.32
CA ASP C 206 -25.27 -32.80 17.74
C ASP C 206 -26.05 -33.60 18.75
N ARG C 207 -25.44 -33.81 19.91
CA ARG C 207 -26.03 -34.73 20.86
C ARG C 207 -26.77 -33.98 21.95
N GLU C 208 -26.83 -32.66 21.86
CA GLU C 208 -27.69 -31.91 22.79
C GLU C 208 -28.84 -31.30 22.02
N ILE C 209 -30.08 -31.69 22.35
CA ILE C 209 -31.25 -31.21 21.60
C ILE C 209 -32.22 -30.46 22.51
N PRO C 210 -32.44 -29.16 22.27
CA PRO C 210 -33.52 -28.49 23.01
C PRO C 210 -34.83 -28.97 22.43
N LEU C 211 -35.80 -29.27 23.31
CA LEU C 211 -37.15 -29.69 22.91
C LEU C 211 -38.15 -28.77 23.55
N LEU C 212 -38.78 -27.92 22.73
CA LEU C 212 -39.83 -27.03 23.19
C LEU C 212 -41.17 -27.60 22.69
N ILE C 213 -41.99 -28.17 23.58
CA ILE C 213 -43.17 -28.90 23.13
C ILE C 213 -44.36 -28.07 23.50
N ALA C 214 -45.40 -28.07 22.66
CA ALA C 214 -46.60 -27.27 22.92
C ALA C 214 -47.76 -27.88 22.15
N ASP C 215 -48.87 -28.16 22.82
CA ASP C 215 -50.09 -28.59 22.10
C ASP C 215 -50.72 -27.46 21.30
N ARG C 216 -51.40 -27.80 20.21
CA ARG C 216 -52.11 -26.81 19.41
C ARG C 216 -53.43 -27.39 18.94
N ASN C 217 -54.39 -26.52 18.66
CA ASN C 217 -55.53 -26.92 17.87
C ASN C 217 -55.53 -26.15 16.54
N LEU C 218 -56.32 -26.63 15.59
CA LEU C 218 -56.31 -26.12 14.22
C LEU C 218 -57.74 -25.96 13.71
N ASP C 219 -57.96 -24.99 12.85
CA ASP C 219 -59.29 -24.76 12.30
C ASP C 219 -59.51 -25.73 11.15
N THR C 220 -60.75 -25.80 10.68
CA THR C 220 -61.11 -26.63 9.53
C THR C 220 -61.96 -25.79 8.59
N ASP C 221 -62.01 -26.21 7.32
CA ASP C 221 -62.99 -25.74 6.37
C ASP C 221 -64.32 -26.45 6.53
N GLU C 222 -65.33 -25.91 5.84
CA GLU C 222 -66.70 -26.35 5.94
C GLU C 222 -66.82 -27.86 5.70
N ASP C 223 -65.86 -28.44 5.03
CA ASP C 223 -66.01 -29.84 4.71
C ASP C 223 -65.21 -30.68 5.70
N GLY C 224 -64.71 -30.06 6.76
CA GLY C 224 -63.98 -30.82 7.78
C GLY C 224 -62.47 -30.90 7.60
N ARG C 225 -61.94 -30.46 6.47
CA ARG C 225 -60.49 -30.50 6.25
C ARG C 225 -59.72 -29.51 7.12
N LEU C 226 -58.64 -30.02 7.71
CA LEU C 226 -57.71 -29.24 8.48
C LEU C 226 -57.13 -28.14 7.60
N ASN C 227 -57.21 -26.88 8.05
CA ASN C 227 -56.64 -25.81 7.21
C ASN C 227 -55.38 -25.10 7.76
N GLY C 228 -54.86 -25.61 8.88
CA GLY C 228 -53.61 -25.14 9.47
C GLY C 228 -53.68 -23.80 10.14
N ARG C 229 -54.81 -23.13 10.12
CA ARG C 229 -54.93 -21.93 10.95
C ARG C 229 -54.94 -22.27 12.46
N LEU C 230 -54.08 -21.61 13.21
CA LEU C 230 -54.07 -21.78 14.66
C LEU C 230 -55.40 -21.46 15.29
N LEU C 231 -55.91 -22.41 16.07
CA LEU C 231 -57.16 -22.26 16.78
C LEU C 231 -57.07 -22.43 18.31
N HIS C 232 -57.37 -21.33 19.02
CA HIS C 232 -57.41 -21.31 20.47
C HIS C 232 -58.88 -21.60 20.80
N LYS C 233 -59.15 -22.82 21.23
CA LYS C 233 -60.51 -23.31 21.36
C LYS C 233 -60.73 -23.78 22.78
N THR C 234 -61.54 -23.04 23.54
CA THR C 234 -61.95 -23.45 24.87
C THR C 234 -63.42 -23.83 24.98
N VAL C 235 -63.73 -24.54 26.06
CA VAL C 235 -65.02 -25.16 26.32
C VAL C 235 -65.74 -24.41 27.46
N ILE C 236 -66.96 -23.97 27.18
CA ILE C 236 -67.78 -23.25 28.16
C ILE C 236 -68.29 -24.19 29.27
N VAL C 237 -67.88 -23.95 30.52
CA VAL C 237 -68.44 -24.78 31.60
C VAL C 237 -69.58 -24.12 32.39
N GLN C 238 -69.69 -22.80 32.31
CA GLN C 238 -70.83 -22.10 32.86
C GLN C 238 -71.28 -21.01 31.88
N GLN C 239 -72.47 -21.18 31.30
CA GLN C 239 -72.93 -20.32 30.20
C GLN C 239 -73.10 -18.86 30.61
N SER C 240 -73.61 -18.62 31.81
CA SER C 240 -73.81 -17.26 32.28
C SER C 240 -73.54 -17.21 33.76
N ASN C 241 -72.39 -16.68 34.16
CA ASN C 241 -72.03 -16.66 35.57
C ASN C 241 -72.99 -15.74 36.34
N PRO C 242 -73.50 -16.24 37.47
CA PRO C 242 -74.47 -15.53 38.31
C PRO C 242 -74.03 -14.11 38.64
N GLU C 243 -72.74 -13.91 38.90
CA GLU C 243 -72.21 -12.63 39.35
C GLU C 243 -71.98 -11.60 38.25
N THR C 244 -71.58 -12.05 37.06
CA THR C 244 -71.11 -11.16 36.00
C THR C 244 -72.00 -11.27 34.78
N GLY C 245 -72.73 -12.38 34.68
CA GLY C 245 -73.48 -12.69 33.49
C GLY C 245 -72.69 -13.02 32.22
N LYS C 246 -71.39 -13.27 32.32
CA LYS C 246 -70.65 -13.77 31.14
C LYS C 246 -70.22 -15.23 31.26
N PRO C 247 -69.87 -15.86 30.12
CA PRO C 247 -69.57 -17.28 30.16
C PRO C 247 -68.21 -17.53 30.80
N VAL C 248 -68.02 -18.74 31.28
CA VAL C 248 -66.81 -19.15 31.93
C VAL C 248 -66.34 -20.40 31.21
N SER C 249 -65.10 -20.36 30.73
CA SER C 249 -64.51 -21.47 29.97
C SER C 249 -63.27 -22.01 30.69
N ILE C 250 -62.88 -23.25 30.35
CA ILE C 250 -61.66 -23.85 30.81
C ILE C 250 -60.44 -23.33 30.07
N PRO C 251 -59.24 -23.70 30.57
CA PRO C 251 -57.97 -23.39 29.88
C PRO C 251 -57.88 -24.08 28.52
N PHE C 252 -56.86 -23.70 27.74
CA PHE C 252 -56.62 -24.33 26.43
C PHE C 252 -55.93 -25.72 26.51
N PHE C 253 -56.49 -26.69 25.82
CA PHE C 253 -55.88 -27.98 25.60
C PHE C 253 -56.21 -28.28 24.14
N GLY C 254 -55.26 -28.79 23.38
CA GLY C 254 -55.49 -29.18 21.99
C GLY C 254 -54.94 -30.56 21.66
N PRO C 255 -55.43 -31.13 20.57
CA PRO C 255 -55.13 -32.50 20.21
C PRO C 255 -53.69 -32.70 19.68
N TYR C 256 -53.14 -31.70 18.97
CA TYR C 256 -51.86 -31.90 18.24
C TYR C 256 -50.64 -31.47 19.06
N THR C 257 -49.64 -32.35 19.20
CA THR C 257 -48.39 -31.97 19.89
C THR C 257 -47.28 -31.40 18.96
N THR C 258 -46.87 -30.17 19.21
CA THR C 258 -45.74 -29.64 18.43
C THR C 258 -44.46 -29.84 19.19
N VAL C 259 -43.40 -30.21 18.48
CA VAL C 259 -42.06 -30.22 19.02
C VAL C 259 -41.17 -29.35 18.13
N ASN C 260 -40.61 -28.32 18.73
CA ASN C 260 -39.84 -27.37 17.96
C ASN C 260 -40.59 -26.91 16.74
N GLY C 261 -41.86 -26.62 16.90
CA GLY C 261 -42.64 -25.99 15.84
C GLY C 261 -43.16 -26.93 14.75
N ARG C 262 -43.01 -28.25 14.93
CA ARG C 262 -43.63 -29.25 14.04
C ARG C 262 -44.52 -30.23 14.83
N ILE C 263 -45.68 -30.54 14.27
CA ILE C 263 -46.55 -31.56 14.75
C ILE C 263 -45.90 -32.95 14.56
N TRP C 264 -45.70 -33.67 15.66
CA TRP C 264 -45.33 -35.08 15.62
C TRP C 264 -44.12 -35.44 14.73
N PRO C 265 -42.94 -34.86 15.01
CA PRO C 265 -41.75 -35.15 14.20
C PRO C 265 -40.99 -36.42 14.65
N TYR C 266 -40.13 -36.93 13.78
CA TYR C 266 -39.19 -37.99 14.17
C TYR C 266 -37.76 -37.45 14.22
N ALA C 267 -36.95 -38.06 15.06
CA ALA C 267 -35.56 -37.65 15.16
C ALA C 267 -34.63 -38.87 14.99
N ASP C 268 -33.79 -38.84 13.95
CA ASP C 268 -32.75 -39.83 13.72
C ASP C 268 -31.69 -39.57 14.79
N VAL C 269 -31.42 -40.57 15.62
CA VAL C 269 -30.32 -40.45 16.55
C VAL C 269 -29.40 -41.67 16.45
N ASP C 270 -28.20 -41.53 17.00
CA ASP C 270 -27.24 -42.60 17.01
C ASP C 270 -27.42 -43.36 18.30
N ASP C 271 -26.92 -44.58 18.35
CA ASP C 271 -27.00 -45.40 19.55
C ASP C 271 -25.99 -44.98 20.64
N GLY C 272 -26.09 -43.71 21.04
CA GLY C 272 -25.30 -43.18 22.14
C GLY C 272 -26.14 -42.34 23.10
N TRP C 273 -25.45 -41.65 23.99
CA TRP C 273 -26.07 -40.75 24.96
C TRP C 273 -26.49 -39.43 24.35
N TYR C 274 -27.72 -38.99 24.60
CA TYR C 274 -28.14 -37.65 24.19
C TYR C 274 -28.54 -36.81 25.39
N ARG C 275 -28.55 -35.51 25.21
CA ARG C 275 -28.99 -34.60 26.25
C ARG C 275 -30.10 -33.78 25.66
N LEU C 276 -31.27 -33.89 26.29
CA LEU C 276 -32.46 -33.20 25.86
C LEU C 276 -32.76 -32.10 26.91
N ARG C 277 -32.93 -30.87 26.40
CA ARG C 277 -33.29 -29.73 27.24
C ARG C 277 -34.78 -29.49 26.99
N LEU C 278 -35.59 -30.14 27.83
CA LEU C 278 -37.05 -30.17 27.65
C LEU C 278 -37.79 -29.02 28.38
N VAL C 279 -38.55 -28.22 27.62
CA VAL C 279 -39.53 -27.27 28.19
C VAL C 279 -40.92 -27.45 27.62
N ASN C 280 -41.92 -27.39 28.51
CA ASN C 280 -43.29 -27.45 28.07
C ASN C 280 -43.72 -26.00 27.87
N ALA C 281 -43.98 -25.62 26.62
CA ALA C 281 -44.37 -24.25 26.36
C ALA C 281 -45.86 -24.15 26.12
N SER C 282 -46.60 -25.20 26.52
CA SER C 282 -48.05 -25.28 26.29
C SER C 282 -48.77 -24.24 27.13
N ASN C 283 -49.90 -23.74 26.64
CA ASN C 283 -50.75 -22.85 27.45
C ASN C 283 -51.14 -23.43 28.82
N ALA C 284 -51.52 -24.71 28.87
CA ALA C 284 -52.07 -25.27 30.12
C ALA C 284 -51.88 -26.77 30.27
N ARG C 285 -51.57 -27.45 29.18
CA ARG C 285 -51.55 -28.90 29.19
C ARG C 285 -50.36 -29.41 30.00
N ILE C 286 -50.62 -30.35 30.89
CA ILE C 286 -49.55 -31.08 31.55
C ILE C 286 -49.25 -32.33 30.72
N TYR C 287 -48.05 -32.42 30.15
CA TYR C 287 -47.66 -33.66 29.46
C TYR C 287 -47.25 -34.71 30.47
N ASN C 288 -47.86 -35.89 30.40
CA ASN C 288 -47.37 -36.97 31.18
C ASN C 288 -46.62 -37.98 30.34
N LEU C 289 -45.31 -37.77 30.27
CA LEU C 289 -44.48 -38.41 29.27
C LEU C 289 -44.07 -39.83 29.64
N VAL C 290 -44.14 -40.67 28.62
CA VAL C 290 -43.67 -42.03 28.70
C VAL C 290 -42.90 -42.29 27.39
N LEU C 291 -41.70 -42.85 27.52
CA LEU C 291 -40.96 -43.37 26.39
C LEU C 291 -41.38 -44.80 26.20
N ILE C 292 -41.93 -45.11 25.02
CA ILE C 292 -42.32 -46.50 24.70
C ILE C 292 -41.64 -47.01 23.46
N ASP C 293 -41.60 -48.35 23.34
CA ASP C 293 -41.05 -49.00 22.17
C ASP C 293 -42.14 -49.41 21.14
N GLU C 294 -41.76 -50.24 20.16
CA GLU C 294 -42.60 -50.51 18.99
C GLU C 294 -43.87 -51.31 19.36
N ASP C 295 -43.85 -51.94 20.53
CA ASP C 295 -44.98 -52.67 21.06
C ASP C 295 -45.68 -51.87 22.16
N ASP C 296 -45.42 -50.57 22.26
CA ASP C 296 -46.05 -49.74 23.29
C ASP C 296 -45.54 -50.03 24.71
N ARG C 297 -44.45 -50.76 24.84
CA ARG C 297 -43.92 -51.10 26.17
C ARG C 297 -43.02 -49.95 26.72
N PRO C 298 -43.27 -49.48 27.96
CA PRO C 298 -42.37 -48.44 28.47
C PRO C 298 -40.94 -48.95 28.61
N VAL C 299 -39.97 -48.08 28.31
CA VAL C 299 -38.57 -48.42 28.26
C VAL C 299 -37.88 -47.98 29.54
N PRO C 300 -37.52 -48.95 30.38
CA PRO C 300 -36.79 -48.64 31.60
C PRO C 300 -35.28 -48.46 31.39
N GLY C 301 -34.61 -47.98 32.42
CA GLY C 301 -33.16 -47.84 32.41
C GLY C 301 -32.54 -46.98 31.32
N VAL C 302 -33.27 -45.98 30.83
CA VAL C 302 -32.78 -45.27 29.66
C VAL C 302 -32.77 -43.74 29.80
N VAL C 303 -33.78 -43.21 30.49
CA VAL C 303 -33.87 -41.77 30.73
C VAL C 303 -33.35 -41.51 32.14
N HIS C 304 -32.59 -40.45 32.29
CA HIS C 304 -32.13 -40.03 33.59
C HIS C 304 -32.36 -38.51 33.62
N GLN C 305 -33.12 -37.99 34.58
CA GLN C 305 -33.14 -36.53 34.72
C GLN C 305 -31.93 -36.01 35.50
N ILE C 306 -31.26 -35.00 34.97
CA ILE C 306 -30.04 -34.48 35.61
C ILE C 306 -30.14 -32.98 35.97
N GLY C 307 -31.20 -32.31 35.48
CA GLY C 307 -31.45 -30.88 35.72
C GLY C 307 -32.94 -30.51 35.77
N SER C 308 -33.23 -29.38 36.40
CA SER C 308 -34.59 -28.90 36.57
C SER C 308 -34.54 -27.38 36.34
N ASP C 309 -35.65 -26.67 36.61
CA ASP C 309 -35.72 -25.22 36.31
C ASP C 309 -34.42 -24.43 36.52
N GLY C 310 -33.79 -24.55 37.69
CA GLY C 310 -32.67 -23.68 38.01
C GLY C 310 -31.31 -24.36 37.96
N GLY C 311 -31.23 -25.53 37.33
CA GLY C 311 -29.91 -26.08 37.07
C GLY C 311 -29.80 -27.53 37.41
N LEU C 312 -28.56 -28.01 37.54
CA LEU C 312 -28.28 -29.45 37.81
C LEU C 312 -28.93 -29.93 39.11
N LEU C 313 -29.43 -31.16 39.08
CA LEU C 313 -29.97 -31.75 40.32
C LEU C 313 -28.81 -32.17 41.19
N PRO C 314 -29.04 -32.38 42.49
CA PRO C 314 -27.90 -32.91 43.26
C PRO C 314 -27.54 -34.32 42.82
N ARG C 315 -28.55 -35.13 42.48
CA ARG C 315 -28.32 -36.48 41.99
C ARG C 315 -29.15 -36.72 40.76
N PRO C 316 -28.70 -37.64 39.89
CA PRO C 316 -29.48 -38.01 38.71
C PRO C 316 -30.70 -38.78 39.16
N VAL C 317 -31.79 -38.66 38.41
CA VAL C 317 -33.06 -39.27 38.74
C VAL C 317 -33.47 -40.21 37.59
N PRO C 318 -33.41 -41.52 37.84
CA PRO C 318 -33.87 -42.53 36.86
C PRO C 318 -35.35 -42.29 36.54
N VAL C 319 -35.70 -42.32 35.27
CA VAL C 319 -37.11 -42.20 34.89
C VAL C 319 -37.41 -43.51 34.19
N ASP C 320 -37.99 -44.42 34.94
CA ASP C 320 -38.12 -45.79 34.46
C ASP C 320 -39.55 -46.18 34.12
N PHE C 321 -40.48 -45.22 34.25
CA PHE C 321 -41.88 -45.43 33.85
C PHE C 321 -42.44 -46.71 34.44
N ASP C 322 -42.07 -46.94 35.70
CA ASP C 322 -42.50 -48.12 36.41
C ASP C 322 -43.55 -47.67 37.40
N ASP C 323 -43.11 -47.37 38.61
CA ASP C 323 -44.02 -47.09 39.72
C ASP C 323 -43.56 -45.96 40.61
N THR C 324 -42.31 -46.01 41.04
CA THR C 324 -41.62 -44.85 41.63
C THR C 324 -41.78 -43.58 40.78
N LEU C 325 -42.00 -43.76 39.48
CA LEU C 325 -42.20 -42.67 38.54
C LEU C 325 -42.80 -43.25 37.23
N PRO C 326 -44.14 -43.43 37.18
CA PRO C 326 -44.80 -43.97 35.99
C PRO C 326 -44.73 -43.05 34.78
N VAL C 327 -44.87 -41.75 34.99
CA VAL C 327 -44.76 -40.76 33.91
C VAL C 327 -43.74 -39.69 34.31
N LEU C 328 -43.19 -38.98 33.32
CA LEU C 328 -42.48 -37.74 33.59
C LEU C 328 -43.49 -36.61 33.38
N SER C 329 -43.91 -35.97 34.45
CA SER C 329 -45.01 -35.04 34.37
C SER C 329 -44.47 -33.62 34.25
N ALA C 330 -44.66 -33.01 33.07
CA ALA C 330 -44.11 -31.70 32.74
C ALA C 330 -45.27 -30.74 32.64
N ALA C 331 -45.47 -29.94 33.68
CA ALA C 331 -46.49 -28.88 33.61
C ALA C 331 -45.94 -27.74 32.73
N PRO C 332 -46.82 -26.82 32.27
CA PRO C 332 -46.30 -25.70 31.51
C PRO C 332 -45.19 -24.98 32.26
N ALA C 333 -44.09 -24.71 31.54
CA ALA C 333 -43.05 -23.77 31.94
C ALA C 333 -41.98 -24.41 32.84
N GLU C 334 -42.23 -25.65 33.27
CA GLU C 334 -41.18 -26.43 33.92
C GLU C 334 -40.15 -26.92 32.91
N ARG C 335 -38.86 -27.03 33.31
CA ARG C 335 -37.82 -27.60 32.44
C ARG C 335 -37.20 -28.88 32.96
N PHE C 336 -36.83 -29.79 32.08
CA PHE C 336 -36.24 -31.07 32.46
C PHE C 336 -34.99 -31.32 31.65
N ASP C 337 -33.84 -31.46 32.33
CA ASP C 337 -32.60 -31.75 31.62
C ASP C 337 -32.51 -33.29 31.64
N LEU C 338 -32.69 -33.92 30.48
CA LEU C 338 -32.66 -35.38 30.39
C LEU C 338 -31.44 -35.92 29.65
N LEU C 339 -30.74 -36.86 30.27
CA LEU C 339 -29.87 -37.73 29.49
C LEU C 339 -30.69 -38.91 29.10
N VAL C 340 -30.55 -39.29 27.84
CA VAL C 340 -31.19 -40.51 27.37
C VAL C 340 -30.16 -41.44 26.73
N ASP C 341 -30.18 -42.69 27.16
CA ASP C 341 -29.17 -43.63 26.80
C ASP C 341 -29.61 -44.60 25.71
N PHE C 342 -29.28 -44.28 24.45
CA PHE C 342 -29.65 -45.11 23.30
C PHE C 342 -28.67 -46.23 22.96
N ARG C 343 -27.65 -46.44 23.78
CA ARG C 343 -26.61 -47.43 23.47
C ARG C 343 -27.12 -48.82 23.11
N ALA C 344 -28.18 -49.31 23.76
CA ALA C 344 -28.58 -50.67 23.43
C ALA C 344 -29.60 -50.70 22.27
N LEU C 345 -29.96 -49.53 21.75
CA LEU C 345 -31.16 -49.45 20.94
C LEU C 345 -30.97 -49.20 19.42
N GLY C 346 -29.76 -49.44 18.93
CA GLY C 346 -29.49 -49.42 17.49
C GLY C 346 -30.48 -50.25 16.70
N GLY C 347 -30.91 -49.74 15.56
CA GLY C 347 -31.99 -50.37 14.81
C GLY C 347 -33.42 -50.25 15.32
N ARG C 348 -33.65 -49.60 16.48
CA ARG C 348 -34.99 -49.52 17.06
C ARG C 348 -35.70 -48.18 16.82
N ARG C 349 -37.02 -48.21 16.96
CA ARG C 349 -37.80 -46.98 16.98
C ARG C 349 -38.54 -46.77 18.34
N LEU C 350 -38.31 -45.63 18.97
CA LEU C 350 -38.95 -45.36 20.26
C LEU C 350 -39.79 -44.14 20.13
N ARG C 351 -40.87 -44.10 20.91
CA ARG C 351 -41.74 -42.94 20.92
C ARG C 351 -41.87 -42.29 22.27
N LEU C 352 -41.87 -40.97 22.27
CA LEU C 352 -42.37 -40.22 23.41
C LEU C 352 -43.85 -40.06 23.19
N VAL C 353 -44.65 -40.39 24.19
CA VAL C 353 -46.11 -40.21 24.11
C VAL C 353 -46.57 -39.51 25.40
N ASP C 354 -47.73 -38.85 25.30
CA ASP C 354 -48.48 -38.34 26.44
C ASP C 354 -49.44 -39.45 26.95
N LYS C 355 -49.42 -39.78 28.24
CA LYS C 355 -50.33 -40.83 28.76
C LYS C 355 -51.61 -40.24 29.33
N GLY C 356 -52.76 -40.68 28.82
CA GLY C 356 -54.05 -40.30 29.39
C GLY C 356 -54.34 -41.12 30.64
N PRO C 357 -55.12 -40.55 31.58
CA PRO C 357 -55.51 -41.26 32.80
C PRO C 357 -56.24 -42.56 32.51
N GLY C 358 -56.92 -42.65 31.37
CA GLY C 358 -57.85 -43.73 31.11
C GLY C 358 -57.35 -44.91 30.31
N ALA C 359 -56.15 -44.81 29.73
CA ALA C 359 -55.61 -45.89 28.89
C ALA C 359 -54.08 -46.04 28.99
N PRO C 360 -53.56 -47.23 28.63
CA PRO C 360 -52.11 -47.41 28.74
C PRO C 360 -51.35 -46.47 27.83
N ALA C 361 -50.08 -46.28 28.13
CA ALA C 361 -49.27 -45.42 27.31
C ALA C 361 -49.27 -45.97 25.91
N GLY C 362 -49.48 -45.06 24.95
CA GLY C 362 -49.47 -45.40 23.53
C GLY C 362 -50.90 -45.53 23.02
N THR C 363 -51.83 -45.81 23.92
CA THR C 363 -53.25 -45.98 23.55
C THR C 363 -54.03 -44.67 23.65
N PRO C 364 -54.72 -44.27 22.55
CA PRO C 364 -55.54 -43.05 22.60
C PRO C 364 -56.52 -42.99 23.77
N ASP C 365 -56.56 -41.84 24.46
CA ASP C 365 -57.52 -41.57 25.51
C ASP C 365 -58.31 -40.29 25.28
N PRO C 366 -59.20 -40.26 24.25
CA PRO C 366 -59.93 -39.01 24.00
C PRO C 366 -60.78 -38.59 25.20
N LEU C 367 -61.38 -39.55 25.88
CA LEU C 367 -62.17 -39.25 27.07
C LEU C 367 -61.28 -38.53 28.08
N GLY C 368 -60.01 -38.94 28.18
CA GLY C 368 -59.12 -38.34 29.16
C GLY C 368 -58.34 -37.12 28.67
N GLY C 369 -58.71 -36.55 27.51
CA GLY C 369 -58.00 -35.39 26.97
C GLY C 369 -56.74 -35.69 26.18
N VAL C 370 -56.55 -36.96 25.81
CA VAL C 370 -55.40 -37.35 24.97
C VAL C 370 -55.86 -38.20 23.80
N ARG C 371 -56.51 -37.55 22.82
CA ARG C 371 -56.93 -38.22 21.59
C ARG C 371 -55.70 -38.77 20.88
N TYR C 372 -54.63 -37.98 20.85
CA TYR C 372 -53.40 -38.38 20.17
C TYR C 372 -52.18 -38.44 21.08
N PRO C 373 -51.80 -39.66 21.53
CA PRO C 373 -50.65 -39.84 22.39
C PRO C 373 -49.33 -39.28 21.84
N GLU C 374 -49.14 -39.37 20.53
CA GLU C 374 -47.85 -39.08 19.98
C GLU C 374 -47.30 -37.68 20.32
N VAL C 375 -46.03 -37.68 20.72
CA VAL C 375 -45.22 -36.48 20.84
C VAL C 375 -44.16 -36.49 19.75
N MET C 376 -43.18 -37.38 19.85
CA MET C 376 -42.21 -37.53 18.78
C MET C 376 -41.71 -38.98 18.77
N GLU C 377 -41.00 -39.36 17.69
CA GLU C 377 -40.39 -40.69 17.55
C GLU C 377 -38.86 -40.59 17.43
N PHE C 378 -38.15 -41.53 18.01
CA PHE C 378 -36.70 -41.55 17.84
C PHE C 378 -36.38 -42.76 16.99
N ARG C 379 -35.56 -42.53 15.96
CA ARG C 379 -35.09 -43.62 15.12
C ARG C 379 -33.61 -43.82 15.41
N VAL C 380 -33.26 -44.87 16.15
CA VAL C 380 -31.90 -45.06 16.59
C VAL C 380 -31.09 -45.80 15.51
N ARG C 381 -30.03 -45.17 15.04
CA ARG C 381 -29.17 -45.82 14.07
C ARG C 381 -28.11 -46.65 14.78
N GLU C 382 -27.86 -47.87 14.29
CA GLU C 382 -26.82 -48.69 14.88
C GLU C 382 -25.47 -48.31 14.32
N THR C 383 -24.60 -47.78 15.18
CA THR C 383 -23.20 -47.61 14.84
C THR C 383 -22.40 -48.76 15.48
N CYS C 384 -21.11 -48.79 15.24
CA CYS C 384 -20.30 -49.75 15.97
C CYS C 384 -19.40 -49.01 16.95
N GLU C 385 -19.99 -48.03 17.65
CA GLU C 385 -19.20 -47.08 18.43
C GLU C 385 -19.34 -47.19 19.93
N GLU C 386 -18.39 -46.56 20.61
CA GLU C 386 -18.21 -46.69 22.04
C GLU C 386 -18.49 -45.37 22.70
N ASP C 387 -19.61 -45.30 23.39
CA ASP C 387 -19.87 -44.17 24.27
C ASP C 387 -19.49 -44.64 25.67
N SER C 388 -18.38 -44.15 26.18
CA SER C 388 -18.00 -44.47 27.56
C SER C 388 -18.40 -43.34 28.51
N PHE C 389 -19.40 -42.54 28.12
CA PHE C 389 -19.83 -41.45 28.99
C PHE C 389 -20.10 -42.00 30.38
N ALA C 390 -19.70 -41.27 31.42
CA ALA C 390 -19.92 -41.76 32.79
C ALA C 390 -20.90 -40.89 33.56
N LEU C 391 -21.90 -41.50 34.20
CA LEU C 391 -22.88 -40.73 34.99
C LEU C 391 -22.76 -40.91 36.51
N PRO C 392 -22.19 -39.92 37.24
CA PRO C 392 -21.92 -40.13 38.66
C PRO C 392 -23.17 -40.22 39.54
N GLU C 393 -23.11 -40.99 40.61
CA GLU C 393 -24.18 -41.02 41.60
C GLU C 393 -24.55 -39.70 42.24
N VAL C 394 -23.56 -38.85 42.47
CA VAL C 394 -23.81 -37.46 42.87
C VAL C 394 -23.39 -36.59 41.71
N LEU C 395 -24.23 -35.62 41.39
CA LEU C 395 -24.06 -34.92 40.13
C LEU C 395 -23.43 -33.51 40.27
N SER C 396 -23.95 -32.74 41.21
CA SER C 396 -23.55 -31.36 41.35
C SER C 396 -22.84 -31.26 42.68
N GLY C 397 -21.63 -30.68 42.67
CA GLY C 397 -20.97 -30.33 43.95
C GLY C 397 -21.48 -29.05 44.59
N SER C 398 -21.90 -28.08 43.77
CA SER C 398 -22.27 -26.77 44.30
C SER C 398 -23.58 -26.83 45.07
N PHE C 399 -24.40 -27.84 44.78
CA PHE C 399 -25.78 -27.84 45.27
C PHE C 399 -25.87 -27.87 46.81
N ARG C 400 -26.62 -26.93 47.37
CA ARG C 400 -26.76 -26.83 48.81
C ARG C 400 -28.25 -26.87 49.11
N ARG C 401 -28.66 -27.88 49.89
CA ARG C 401 -30.02 -28.00 50.41
C ARG C 401 -30.41 -26.75 51.20
N MET C 402 -31.55 -26.12 50.85
CA MET C 402 -32.24 -25.10 51.69
C MET C 402 -32.63 -25.63 53.06
N SER C 403 -32.18 -24.96 54.10
CA SER C 403 -32.59 -25.33 55.43
C SER C 403 -33.74 -24.48 55.99
N HIS C 404 -34.79 -25.12 56.49
CA HIS C 404 -35.70 -24.40 57.35
C HIS C 404 -35.01 -23.66 58.52
N ASP C 405 -33.82 -24.11 58.95
CA ASP C 405 -33.13 -23.39 60.04
C ASP C 405 -32.60 -22.03 59.63
N ILE C 406 -32.51 -21.76 58.34
CA ILE C 406 -32.14 -20.42 57.90
C ILE C 406 -33.25 -19.46 58.33
N PRO C 407 -32.91 -18.33 59.00
CA PRO C 407 -33.99 -17.33 59.29
C PRO C 407 -34.70 -16.86 58.01
N HIS C 408 -36.02 -16.82 58.04
CA HIS C 408 -36.82 -16.50 56.85
C HIS C 408 -38.13 -15.87 57.28
N GLY C 409 -38.69 -15.00 56.44
CA GLY C 409 -40.10 -14.59 56.57
C GLY C 409 -41.03 -15.66 56.02
N HIS C 410 -42.33 -15.42 56.08
CA HIS C 410 -43.36 -16.40 55.66
C HIS C 410 -44.44 -15.75 54.81
N ARG C 411 -44.87 -16.43 53.75
CA ARG C 411 -46.09 -16.02 53.03
C ARG C 411 -47.08 -17.17 52.97
N LEU C 412 -48.37 -16.86 53.10
CA LEU C 412 -49.40 -17.84 52.82
C LEU C 412 -50.25 -17.45 51.61
N ILE C 413 -50.28 -18.33 50.63
CA ILE C 413 -50.95 -18.06 49.37
C ILE C 413 -51.99 -19.15 49.20
N VAL C 414 -53.27 -18.73 49.24
CA VAL C 414 -54.38 -19.64 49.02
C VAL C 414 -54.83 -19.55 47.56
N LEU C 415 -55.07 -20.72 46.99
CA LEU C 415 -55.64 -20.90 45.67
C LEU C 415 -57.09 -21.42 45.82
N THR C 416 -58.06 -20.62 45.38
CA THR C 416 -59.49 -20.89 45.62
C THR C 416 -60.15 -21.65 44.47
N PRO C 417 -61.20 -22.45 44.78
CA PRO C 417 -62.04 -23.08 43.72
C PRO C 417 -62.80 -22.04 42.94
N PRO C 418 -63.14 -22.35 41.67
CA PRO C 418 -63.74 -21.35 40.75
C PRO C 418 -65.06 -20.71 41.22
N GLY C 419 -65.93 -21.47 41.87
CA GLY C 419 -67.22 -20.90 42.22
C GLY C 419 -67.23 -20.07 43.50
N THR C 420 -66.06 -19.62 43.94
CA THR C 420 -65.95 -18.92 45.24
C THR C 420 -66.60 -17.54 45.15
N LYS C 421 -67.37 -17.19 46.19
CA LYS C 421 -68.09 -15.94 46.20
C LYS C 421 -67.22 -14.76 45.79
N GLY C 422 -67.70 -13.99 44.84
CA GLY C 422 -66.99 -12.77 44.42
C GLY C 422 -65.93 -12.93 43.33
N SER C 423 -65.85 -14.10 42.73
CA SER C 423 -64.74 -14.36 41.83
C SER C 423 -65.17 -14.31 40.40
N GLY C 424 -66.48 -14.20 40.17
CA GLY C 424 -67.08 -14.35 38.85
C GLY C 424 -66.84 -15.74 38.29
N GLY C 425 -66.65 -16.72 39.15
CA GLY C 425 -66.49 -18.11 38.69
C GLY C 425 -65.08 -18.52 38.27
N HIS C 426 -64.08 -17.70 38.61
CA HIS C 426 -62.67 -17.95 38.27
C HIS C 426 -61.88 -18.33 39.51
N PRO C 427 -60.98 -19.34 39.39
CA PRO C 427 -60.07 -19.60 40.52
C PRO C 427 -59.23 -18.33 40.76
N GLU C 428 -58.74 -18.16 41.97
CA GLU C 428 -58.02 -16.96 42.33
C GLU C 428 -56.79 -17.26 43.19
N ILE C 429 -55.84 -16.34 43.14
CA ILE C 429 -54.83 -16.25 44.20
C ILE C 429 -55.42 -15.41 45.32
N TRP C 430 -55.37 -15.90 46.56
CA TRP C 430 -55.69 -15.03 47.71
C TRP C 430 -54.45 -14.89 48.57
N GLU C 431 -53.99 -13.65 48.78
CA GLU C 431 -52.92 -13.39 49.74
C GLU C 431 -53.57 -13.35 51.13
N MET C 432 -52.92 -13.91 52.14
CA MET C 432 -53.49 -14.07 53.48
C MET C 432 -52.59 -13.47 54.56
N ALA C 433 -53.17 -12.68 55.45
CA ALA C 433 -52.49 -12.24 56.67
C ALA C 433 -53.07 -13.00 57.86
N GLU C 434 -52.21 -13.38 58.81
CA GLU C 434 -52.66 -14.04 60.05
C GLU C 434 -53.30 -13.00 60.97
N VAL C 435 -54.38 -13.37 61.66
CA VAL C 435 -55.05 -12.44 62.61
C VAL C 435 -54.71 -12.74 64.09
N GLU C 436 -54.83 -11.73 64.98
CA GLU C 436 -54.86 -11.94 66.47
C GLU C 436 -55.96 -11.20 67.27
N GLN C 442 -65.62 -12.10 63.79
CA GLN C 442 -64.50 -12.84 63.23
C GLN C 442 -64.88 -14.09 62.42
N VAL C 443 -65.45 -15.14 63.03
CA VAL C 443 -65.73 -16.43 62.33
C VAL C 443 -67.15 -16.95 62.56
N PRO C 444 -67.90 -17.28 61.48
CA PRO C 444 -67.55 -17.32 60.06
C PRO C 444 -67.64 -15.96 59.38
N ALA C 445 -66.72 -15.66 58.48
CA ALA C 445 -66.74 -14.38 57.79
C ALA C 445 -66.13 -14.49 56.42
N GLU C 446 -66.63 -13.67 55.50
CA GLU C 446 -66.12 -13.61 54.15
C GLU C 446 -64.65 -13.23 54.18
N GLY C 447 -63.86 -14.03 53.48
CA GLY C 447 -62.47 -13.75 53.30
C GLY C 447 -61.66 -14.24 54.48
N VAL C 448 -62.32 -14.92 55.43
CA VAL C 448 -61.59 -15.46 56.59
C VAL C 448 -61.46 -16.97 56.53
N ILE C 449 -60.25 -17.48 56.77
CA ILE C 449 -59.98 -18.90 56.58
C ILE C 449 -59.17 -19.41 57.74
N GLN C 450 -59.59 -20.55 58.26
CA GLN C 450 -58.92 -21.16 59.40
C GLN C 450 -58.25 -22.45 59.00
N VAL C 451 -57.07 -22.66 59.57
CA VAL C 451 -56.23 -23.82 59.24
C VAL C 451 -55.77 -24.55 60.51
N THR C 452 -56.22 -25.79 60.65
CA THR C 452 -55.72 -26.67 61.67
C THR C 452 -54.44 -27.34 61.17
N GLY C 453 -53.30 -26.84 61.66
CA GLY C 453 -51.98 -27.38 61.33
C GLY C 453 -51.71 -28.76 61.91
N ALA C 454 -50.48 -29.23 61.70
CA ALA C 454 -50.11 -30.62 62.00
C ALA C 454 -50.21 -30.89 63.50
N ASP C 455 -50.04 -29.83 64.30
CA ASP C 455 -50.03 -29.92 65.75
C ASP C 455 -51.39 -29.74 66.42
N GLY C 456 -52.48 -29.90 65.67
CA GLY C 456 -53.81 -29.75 66.25
C GLY C 456 -54.25 -28.31 66.51
N ARG C 457 -53.31 -27.37 66.49
CA ARG C 457 -53.60 -25.95 66.63
C ARG C 457 -54.30 -25.36 65.39
N THR C 458 -55.29 -24.50 65.60
CA THR C 458 -55.93 -23.77 64.52
C THR C 458 -55.48 -22.31 64.42
N LYS C 459 -54.88 -21.91 63.29
CA LYS C 459 -54.63 -20.48 63.03
C LYS C 459 -55.68 -19.81 62.11
N THR C 460 -55.84 -18.49 62.24
CA THR C 460 -56.90 -17.76 61.55
C THR C 460 -56.33 -16.69 60.60
N TYR C 461 -56.75 -16.75 59.33
CA TYR C 461 -56.19 -15.86 58.32
C TYR C 461 -57.25 -15.02 57.64
N ARG C 462 -56.86 -13.79 57.30
CA ARG C 462 -57.73 -12.87 56.63
C ARG C 462 -57.16 -12.63 55.21
N ARG C 463 -58.04 -12.56 54.22
CA ARG C 463 -57.67 -12.31 52.85
C ARG C 463 -57.37 -10.85 52.64
N THR C 464 -56.24 -10.56 52.00
CA THR C 464 -55.83 -9.16 51.87
C THR C 464 -55.78 -8.71 50.42
N ALA C 465 -55.84 -9.68 49.50
CA ALA C 465 -55.87 -9.40 48.05
C ALA C 465 -56.38 -10.65 47.30
N ARG C 466 -57.15 -10.46 46.24
CA ARG C 466 -57.76 -11.59 45.52
C ARG C 466 -57.41 -11.62 44.03
N THR C 467 -56.72 -10.58 43.55
CA THR C 467 -56.48 -10.45 42.11
C THR C 467 -55.37 -9.46 41.75
N PHE C 468 -54.87 -9.59 40.52
CA PHE C 468 -53.66 -8.89 40.08
C PHE C 468 -53.64 -7.44 40.54
N ASN C 469 -54.68 -6.69 40.22
CA ASN C 469 -54.68 -5.30 40.57
C ASN C 469 -55.13 -4.94 41.98
N ASP C 470 -55.31 -5.85 42.91
CA ASP C 470 -55.46 -5.34 44.29
C ASP C 470 -54.12 -4.73 44.74
N GLY C 471 -54.17 -3.83 45.71
CA GLY C 471 -52.99 -3.25 46.36
C GLY C 471 -51.87 -4.24 46.61
N LEU C 472 -50.63 -3.78 46.48
CA LEU C 472 -49.44 -4.60 46.74
C LEU C 472 -49.52 -5.37 48.07
N GLY C 473 -49.03 -6.61 48.12
CA GLY C 473 -48.87 -7.32 49.39
C GLY C 473 -47.43 -7.69 49.76
N PHE C 474 -46.66 -8.24 48.82
CA PHE C 474 -45.33 -8.70 49.18
C PHE C 474 -44.25 -7.67 48.81
N THR C 475 -43.67 -7.08 49.85
CA THR C 475 -42.47 -6.25 49.72
C THR C 475 -41.31 -6.98 50.44
N ILE C 476 -40.16 -7.10 49.77
CA ILE C 476 -39.14 -8.03 50.22
C ILE C 476 -37.75 -7.38 50.20
N GLY C 477 -37.03 -7.42 51.31
CA GLY C 477 -35.66 -6.94 51.32
C GLY C 477 -34.79 -7.87 50.51
N GLU C 478 -34.02 -7.32 49.57
CA GLU C 478 -33.08 -8.12 48.83
C GLU C 478 -32.11 -8.91 49.74
N GLY C 479 -31.90 -10.18 49.39
CA GLY C 479 -30.99 -11.06 50.13
C GLY C 479 -31.70 -11.83 51.24
N THR C 480 -32.96 -11.50 51.50
CA THR C 480 -33.69 -12.26 52.53
C THR C 480 -34.18 -13.60 51.97
N HIS C 481 -34.45 -14.53 52.86
CA HIS C 481 -35.10 -15.77 52.51
C HIS C 481 -36.55 -15.65 52.91
N GLU C 482 -37.47 -16.28 52.17
CA GLU C 482 -38.86 -16.48 52.63
C GLU C 482 -39.36 -17.88 52.31
N GLN C 483 -40.18 -18.46 53.19
CA GLN C 483 -40.94 -19.66 52.86
C GLN C 483 -42.32 -19.23 52.42
N TRP C 484 -42.73 -19.65 51.24
CA TRP C 484 -44.09 -19.41 50.75
C TRP C 484 -44.82 -20.73 50.82
N THR C 485 -46.05 -20.71 51.31
CA THR C 485 -46.88 -21.88 51.25
C THR C 485 -48.03 -21.65 50.26
N PHE C 486 -48.15 -22.54 49.29
CA PHE C 486 -49.31 -22.49 48.39
C PHE C 486 -50.36 -23.47 48.92
N LEU C 487 -51.52 -22.95 49.31
CA LEU C 487 -52.56 -23.79 49.91
C LEU C 487 -53.71 -23.85 48.94
N ASN C 488 -53.77 -24.96 48.22
CA ASN C 488 -54.75 -25.12 47.21
C ASN C 488 -55.98 -25.78 47.83
N LEU C 489 -57.10 -25.08 47.78
CA LEU C 489 -58.35 -25.53 48.33
C LEU C 489 -59.24 -26.19 47.26
N SER C 490 -58.82 -26.18 46.00
CA SER C 490 -59.67 -26.68 44.94
C SER C 490 -59.05 -27.98 44.48
N PRO C 491 -59.77 -28.72 43.61
CA PRO C 491 -59.09 -29.92 43.12
C PRO C 491 -58.41 -29.62 41.78
N ILE C 492 -58.39 -28.35 41.37
CA ILE C 492 -57.64 -27.91 40.18
C ILE C 492 -56.15 -27.68 40.44
N LEU C 493 -55.30 -28.31 39.63
CA LEU C 493 -53.83 -28.19 39.72
C LEU C 493 -53.36 -26.87 39.09
N HIS C 494 -52.66 -26.05 39.85
CA HIS C 494 -52.05 -24.86 39.30
C HIS C 494 -50.55 -24.99 39.32
N PRO C 495 -49.93 -24.81 38.15
CA PRO C 495 -48.46 -24.70 38.12
C PRO C 495 -48.09 -23.28 38.51
N MET C 496 -47.66 -23.10 39.75
CA MET C 496 -47.34 -21.78 40.27
C MET C 496 -45.87 -21.43 39.98
N HIS C 497 -45.65 -20.18 39.59
CA HIS C 497 -44.34 -19.72 39.20
C HIS C 497 -44.11 -18.40 39.89
N ILE C 498 -42.91 -18.21 40.39
CA ILE C 498 -42.51 -16.96 41.03
C ILE C 498 -41.36 -16.39 40.21
N HIS C 499 -41.39 -15.10 39.83
CA HIS C 499 -40.28 -14.52 39.03
C HIS C 499 -39.01 -14.35 39.88
N LEU C 500 -37.92 -13.94 39.23
CA LEU C 500 -36.64 -13.62 39.88
C LEU C 500 -35.87 -14.77 40.55
N ALA C 501 -36.53 -15.51 41.44
CA ALA C 501 -35.81 -16.31 42.39
C ALA C 501 -35.81 -17.84 42.15
N ASP C 502 -34.81 -18.50 42.70
CA ASP C 502 -34.78 -19.95 42.80
C ASP C 502 -35.27 -20.45 44.14
N PHE C 503 -36.05 -21.53 44.11
CA PHE C 503 -36.69 -22.08 45.31
C PHE C 503 -36.38 -23.54 45.40
N GLN C 504 -36.50 -24.07 46.61
CA GLN C 504 -36.49 -25.50 46.83
C GLN C 504 -37.78 -25.93 47.49
N VAL C 505 -38.26 -27.11 47.14
CA VAL C 505 -39.50 -27.63 47.69
C VAL C 505 -39.15 -28.17 49.07
N LEU C 506 -39.76 -27.61 50.13
CA LEU C 506 -39.59 -28.15 51.47
C LEU C 506 -40.58 -29.26 51.84
N GLY C 507 -41.81 -29.19 51.33
CA GLY C 507 -42.77 -30.23 51.66
C GLY C 507 -44.17 -30.04 51.12
N ARG C 508 -44.90 -31.14 51.08
CA ARG C 508 -46.29 -31.13 50.66
C ARG C 508 -47.18 -31.86 51.68
N ASP C 509 -48.35 -31.28 51.94
CA ASP C 509 -49.29 -31.88 52.88
C ASP C 509 -50.66 -31.93 52.26
N ALA C 510 -51.38 -33.01 52.50
CA ALA C 510 -52.78 -33.11 52.12
C ALA C 510 -53.65 -32.44 53.19
N TYR C 511 -54.72 -31.80 52.73
CA TYR C 511 -55.68 -31.13 53.62
C TYR C 511 -57.08 -31.63 53.31
N ASP C 512 -57.90 -31.70 54.34
CA ASP C 512 -59.35 -31.72 54.18
C ASP C 512 -59.83 -30.26 54.03
N ALA C 513 -60.26 -29.88 52.84
CA ALA C 513 -60.72 -28.50 52.64
C ALA C 513 -62.23 -28.36 52.62
N SER C 514 -62.96 -29.35 53.15
CA SER C 514 -64.44 -29.28 53.03
C SER C 514 -65.08 -28.19 53.85
N GLY C 515 -64.40 -27.73 54.89
CA GLY C 515 -64.85 -26.57 55.66
C GLY C 515 -64.87 -25.21 54.95
N PHE C 516 -64.12 -25.07 53.86
CA PHE C 516 -64.20 -23.88 53.03
C PHE C 516 -65.50 -23.85 52.23
N ASP C 517 -66.24 -22.77 52.40
CA ASP C 517 -67.58 -22.66 51.92
C ASP C 517 -67.58 -21.61 50.80
N LEU C 518 -67.91 -22.04 49.60
CA LEU C 518 -67.75 -21.17 48.45
C LEU C 518 -68.69 -19.97 48.54
N ALA C 519 -69.88 -20.15 49.11
CA ALA C 519 -70.82 -19.06 49.08
C ALA C 519 -70.55 -18.04 50.19
N LEU C 520 -69.76 -18.45 51.17
CA LEU C 520 -69.27 -17.54 52.20
C LEU C 520 -68.00 -16.81 51.77
N GLY C 521 -67.11 -17.50 51.05
CA GLY C 521 -65.80 -16.98 50.74
C GLY C 521 -64.89 -17.14 51.95
N GLY C 522 -65.16 -18.17 52.75
CA GLY C 522 -64.47 -18.32 54.01
C GLY C 522 -64.73 -19.70 54.56
N THR C 523 -64.06 -20.05 55.65
CA THR C 523 -64.28 -21.37 56.27
C THR C 523 -65.40 -21.37 57.31
N ARG C 524 -66.15 -22.46 57.36
CA ARG C 524 -67.15 -22.65 58.41
C ARG C 524 -66.60 -23.56 59.49
N THR C 525 -65.81 -24.54 59.07
CA THR C 525 -64.92 -25.25 59.99
C THR C 525 -63.54 -25.22 59.33
N PRO C 526 -62.47 -25.21 60.15
CA PRO C 526 -61.13 -25.05 59.58
C PRO C 526 -60.73 -26.08 58.52
N VAL C 527 -59.95 -25.60 57.54
CA VAL C 527 -59.21 -26.50 56.66
C VAL C 527 -58.25 -27.30 57.57
N ARG C 528 -58.21 -28.62 57.37
CA ARG C 528 -57.52 -29.49 58.30
C ARG C 528 -56.49 -30.34 57.57
N LEU C 529 -55.24 -30.19 57.98
CA LEU C 529 -54.17 -31.08 57.57
C LEU C 529 -54.55 -32.53 57.87
N ASP C 530 -54.40 -33.39 56.87
CA ASP C 530 -54.83 -34.75 56.96
C ASP C 530 -53.58 -35.66 56.97
N PRO C 531 -53.10 -36.06 58.17
CA PRO C 531 -51.86 -36.84 58.28
C PRO C 531 -51.97 -38.31 57.87
N ASP C 532 -53.17 -38.76 57.49
CA ASP C 532 -53.34 -40.13 57.03
C ASP C 532 -53.06 -40.24 55.55
N THR C 533 -53.05 -39.11 54.85
CA THR C 533 -52.64 -39.11 53.45
C THR C 533 -51.29 -38.42 53.25
N PRO C 534 -50.16 -39.18 53.36
CA PRO C 534 -48.87 -38.57 53.04
C PRO C 534 -48.80 -38.17 51.58
N VAL C 535 -48.13 -37.05 51.32
CA VAL C 535 -47.84 -36.61 49.95
C VAL C 535 -46.32 -36.46 49.79
N PRO C 536 -45.65 -37.53 49.33
CA PRO C 536 -44.20 -37.50 49.08
C PRO C 536 -43.84 -36.48 48.01
N LEU C 537 -42.65 -35.90 48.12
CA LEU C 537 -42.03 -35.12 47.06
C LEU C 537 -41.79 -35.97 45.82
N ALA C 538 -41.97 -35.39 44.65
CA ALA C 538 -41.55 -36.04 43.41
C ALA C 538 -40.02 -36.21 43.43
N PRO C 539 -39.52 -37.34 42.92
CA PRO C 539 -38.07 -37.58 43.08
C PRO C 539 -37.19 -36.55 42.35
N ASN C 540 -37.76 -35.85 41.38
CA ASN C 540 -37.00 -34.92 40.56
C ASN C 540 -37.29 -33.48 40.96
N GLU C 541 -37.97 -33.28 42.08
CA GLU C 541 -38.21 -31.90 42.56
C GLU C 541 -37.41 -31.48 43.79
N LEU C 542 -36.33 -32.22 44.07
CA LEU C 542 -35.51 -31.87 45.23
C LEU C 542 -34.34 -30.96 44.87
N GLY C 543 -34.30 -30.42 43.64
CA GLY C 543 -33.27 -29.45 43.27
C GLY C 543 -33.79 -28.02 43.20
N HIS C 544 -33.31 -27.24 42.23
CA HIS C 544 -33.77 -25.86 42.07
C HIS C 544 -34.99 -25.78 41.16
N LYS C 545 -36.05 -25.15 41.66
CA LYS C 545 -37.31 -25.06 40.92
C LYS C 545 -37.80 -23.61 40.96
N ASP C 546 -38.52 -23.18 39.90
CA ASP C 546 -39.24 -21.90 39.94
C ASP C 546 -40.67 -22.00 39.41
N VAL C 547 -41.03 -23.17 38.88
CA VAL C 547 -42.42 -23.53 38.59
C VAL C 547 -42.78 -24.83 39.34
N PHE C 548 -43.89 -24.81 40.08
CA PHE C 548 -44.24 -25.89 41.00
C PHE C 548 -45.65 -26.35 40.74
N GLN C 549 -45.85 -27.63 40.50
CA GLN C 549 -47.21 -28.16 40.44
C GLN C 549 -47.83 -28.07 41.85
N VAL C 550 -48.95 -27.38 41.99
CA VAL C 550 -49.77 -27.45 43.20
C VAL C 550 -51.13 -28.14 42.93
N PRO C 551 -51.20 -29.48 43.07
CA PRO C 551 -52.47 -30.19 42.94
C PRO C 551 -53.48 -29.95 44.09
N GLY C 552 -54.76 -30.26 43.79
CA GLY C 552 -55.73 -31.04 44.63
C GLY C 552 -55.88 -30.29 45.89
N PRO C 553 -56.75 -30.74 46.79
CA PRO C 553 -56.76 -30.09 48.13
C PRO C 553 -55.38 -30.29 48.82
N GLN C 554 -54.50 -29.30 48.71
CA GLN C 554 -53.13 -29.57 49.06
C GLN C 554 -52.32 -28.30 49.37
N GLY C 555 -51.31 -28.46 50.20
CA GLY C 555 -50.44 -27.38 50.59
C GLY C 555 -49.01 -27.74 50.22
N LEU C 556 -48.32 -26.78 49.60
CA LEU C 556 -46.94 -26.93 49.20
C LEU C 556 -46.14 -25.82 49.87
N ARG C 557 -45.01 -26.20 50.43
CA ARG C 557 -44.11 -25.26 51.07
C ARG C 557 -42.83 -25.14 50.27
N VAL C 558 -42.50 -23.92 49.85
CA VAL C 558 -41.24 -23.69 49.14
C VAL C 558 -40.41 -22.63 49.86
N MET C 559 -39.10 -22.69 49.68
CA MET C 559 -38.22 -21.70 50.28
C MET C 559 -37.20 -21.10 49.33
N GLY C 560 -37.07 -19.78 49.36
CA GLY C 560 -36.23 -19.09 48.39
C GLY C 560 -35.48 -17.88 48.93
N LYS C 561 -34.44 -17.51 48.21
CA LYS C 561 -33.66 -16.31 48.47
C LYS C 561 -33.94 -15.35 47.34
N PHE C 562 -34.36 -14.14 47.71
CA PHE C 562 -34.69 -13.08 46.77
C PHE C 562 -33.49 -12.13 46.70
N ASP C 563 -32.75 -12.29 45.63
CA ASP C 563 -31.33 -12.33 45.67
C ASP C 563 -30.82 -11.81 44.31
N GLY C 564 -29.92 -10.83 44.29
CA GLY C 564 -29.22 -10.51 43.04
C GLY C 564 -29.89 -9.61 42.00
N ALA C 565 -31.04 -8.99 42.36
CA ALA C 565 -31.71 -7.99 41.50
C ALA C 565 -32.79 -7.20 42.28
N TYR C 566 -33.28 -6.08 41.74
CA TYR C 566 -34.32 -5.31 42.39
C TYR C 566 -35.49 -5.10 41.51
N GLY C 567 -36.63 -4.78 42.10
CA GLY C 567 -37.73 -4.14 41.38
C GLY C 567 -39.06 -4.84 41.57
N ARG C 568 -39.90 -4.71 40.57
CA ARG C 568 -41.26 -5.19 40.66
C ARG C 568 -41.48 -6.40 39.76
N PHE C 569 -41.91 -7.51 40.36
CA PHE C 569 -41.99 -8.81 39.70
C PHE C 569 -43.41 -9.38 39.77
N MET C 570 -43.57 -10.57 39.18
CA MET C 570 -44.83 -11.34 39.21
C MET C 570 -44.65 -12.65 39.97
N TYR C 571 -45.76 -13.16 40.47
CA TYR C 571 -45.92 -14.56 40.60
C TYR C 571 -47.31 -14.87 40.15
N HIS C 572 -47.50 -16.07 39.65
CA HIS C 572 -48.78 -16.37 39.08
C HIS C 572 -48.88 -17.81 38.73
N CYS C 573 -50.11 -18.18 38.42
CA CYS C 573 -50.36 -19.43 37.81
C CYS C 573 -49.88 -19.38 36.37
N HIS C 574 -49.27 -20.48 35.88
CA HIS C 574 -48.83 -20.59 34.48
C HIS C 574 -49.77 -21.33 33.54
N LEU C 575 -51.05 -21.43 33.88
CA LEU C 575 -52.05 -21.81 32.89
C LEU C 575 -52.45 -20.49 32.28
N LEU C 576 -52.11 -20.27 31.01
CA LEU C 576 -52.15 -18.91 30.46
C LEU C 576 -53.56 -18.30 30.51
N GLU C 577 -54.57 -19.15 30.35
CA GLU C 577 -55.93 -18.70 30.53
C GLU C 577 -56.17 -18.19 31.97
N HIS C 578 -55.58 -18.81 33.00
CA HIS C 578 -55.80 -18.28 34.35
C HIS C 578 -55.03 -17.01 34.58
N GLU C 579 -53.85 -16.94 33.99
CA GLU C 579 -53.00 -15.75 34.08
C GLU C 579 -53.67 -14.53 33.43
N ASP C 580 -54.27 -14.73 32.26
CA ASP C 580 -54.89 -13.63 31.56
C ASP C 580 -56.18 -13.17 32.29
N MET C 581 -56.68 -13.99 33.24
CA MET C 581 -57.89 -13.71 34.03
C MET C 581 -57.64 -13.43 35.53
N GLY C 582 -56.60 -12.65 35.82
CA GLY C 582 -56.38 -12.14 37.17
C GLY C 582 -55.57 -13.00 38.12
N MET C 583 -55.23 -14.22 37.73
CA MET C 583 -54.61 -15.11 38.66
C MET C 583 -53.09 -14.86 38.68
N MET C 584 -52.73 -13.62 39.00
CA MET C 584 -51.35 -13.13 38.97
C MET C 584 -51.20 -12.04 40.03
N ARG C 585 -49.99 -11.88 40.58
CA ARG C 585 -49.71 -10.92 41.65
C ARG C 585 -48.34 -10.23 41.53
N PRO C 586 -48.30 -8.91 41.82
CA PRO C 586 -47.02 -8.21 41.87
C PRO C 586 -46.30 -8.57 43.15
N PHE C 587 -44.97 -8.55 43.12
CA PHE C 587 -44.17 -8.36 44.32
C PHE C 587 -42.96 -7.42 44.10
N VAL C 588 -42.46 -6.86 45.19
CA VAL C 588 -41.39 -5.91 45.11
C VAL C 588 -40.20 -6.42 45.94
N VAL C 589 -39.00 -6.25 45.40
CA VAL C 589 -37.78 -6.59 46.08
C VAL C 589 -37.00 -5.30 45.97
N MET C 590 -36.37 -4.87 47.06
CA MET C 590 -35.67 -3.61 47.12
C MET C 590 -34.52 -3.75 48.13
N PRO C 591 -33.48 -2.89 48.05
CA PRO C 591 -32.45 -3.07 49.07
C PRO C 591 -33.02 -2.95 50.50
N PRO C 592 -32.52 -3.77 51.47
CA PRO C 592 -33.01 -3.67 52.87
C PRO C 592 -32.96 -2.23 53.37
N GLU C 593 -31.96 -1.47 52.92
CA GLU C 593 -31.74 -0.11 53.41
C GLU C 593 -32.85 0.85 53.01
N ALA C 594 -33.41 0.63 51.81
CA ALA C 594 -34.51 1.44 51.26
C ALA C 594 -35.83 1.05 51.89
N LEU C 595 -35.90 -0.19 52.36
CA LEU C 595 -37.05 -0.71 53.08
C LEU C 595 -37.33 0.14 54.31
N LYS C 596 -36.27 0.62 54.97
CA LYS C 596 -36.42 1.46 56.15
C LYS C 596 -37.28 2.68 55.84
N PHE C 597 -37.37 3.08 54.57
CA PHE C 597 -38.26 4.16 54.19
C PHE C 597 -39.56 3.68 53.58
N ASP C 598 -39.85 2.38 53.72
CA ASP C 598 -41.15 1.75 53.38
C ASP C 598 -41.12 0.58 52.38
N ALA D 7 -45.24 -34.86 -44.13
CA ALA D 7 -45.72 -34.39 -45.47
C ALA D 7 -44.77 -33.33 -46.03
N PRO D 8 -44.44 -33.42 -47.34
CA PRO D 8 -43.54 -32.44 -47.97
C PRO D 8 -43.86 -30.99 -47.53
N GLY D 9 -42.83 -30.30 -47.01
CA GLY D 9 -42.93 -28.89 -46.65
C GLY D 9 -43.35 -28.66 -45.21
N GLU D 10 -43.63 -29.73 -44.47
CA GLU D 10 -44.00 -29.62 -43.03
C GLU D 10 -42.86 -29.72 -42.03
N LEU D 11 -42.97 -29.02 -40.91
CA LEU D 11 -41.99 -29.06 -39.83
C LEU D 11 -42.12 -30.37 -39.03
N THR D 12 -41.00 -31.00 -38.70
CA THR D 12 -41.02 -32.12 -37.76
C THR D 12 -41.15 -31.64 -36.31
N PRO D 13 -42.22 -32.06 -35.62
CA PRO D 13 -42.33 -31.62 -34.21
C PRO D 13 -41.25 -32.22 -33.35
N PHE D 14 -40.90 -31.51 -32.29
CA PHE D 14 -39.97 -31.99 -31.28
C PHE D 14 -38.57 -32.23 -31.83
N ALA D 15 -38.10 -31.28 -32.65
CA ALA D 15 -36.79 -31.37 -33.25
C ALA D 15 -35.73 -30.59 -32.47
N ALA D 16 -36.15 -29.67 -31.62
CA ALA D 16 -35.20 -28.88 -30.84
C ALA D 16 -35.60 -28.87 -29.35
N PRO D 17 -34.62 -28.70 -28.47
CA PRO D 17 -34.93 -28.63 -27.03
C PRO D 17 -35.61 -27.32 -26.58
N LEU D 18 -36.52 -27.42 -25.61
CA LEU D 18 -37.02 -26.27 -24.91
C LEU D 18 -35.90 -25.39 -24.35
N THR D 19 -36.05 -24.08 -24.55
CA THR D 19 -35.27 -23.09 -23.81
C THR D 19 -36.15 -22.39 -22.75
N VAL D 20 -35.51 -21.71 -21.81
CA VAL D 20 -36.17 -20.80 -20.90
C VAL D 20 -35.46 -19.46 -21.03
N PRO D 21 -36.18 -18.32 -20.91
CA PRO D 21 -35.50 -16.99 -20.90
C PRO D 21 -34.47 -16.91 -19.76
N PRO D 22 -33.40 -16.07 -19.91
CA PRO D 22 -32.48 -15.75 -18.79
C PRO D 22 -33.28 -15.09 -17.66
N VAL D 23 -32.84 -15.25 -16.42
CA VAL D 23 -33.59 -14.73 -15.27
C VAL D 23 -33.00 -13.40 -14.85
N LEU D 24 -33.86 -12.42 -14.62
CA LEU D 24 -33.43 -11.11 -14.19
C LEU D 24 -33.93 -10.85 -12.76
N ARG D 25 -33.01 -10.49 -11.85
CA ARG D 25 -33.42 -10.12 -10.48
C ARG D 25 -33.01 -8.72 -10.26
N PRO D 26 -33.93 -7.77 -10.44
CA PRO D 26 -33.68 -6.34 -10.40
C PRO D 26 -33.57 -5.70 -9.02
N ALA D 27 -34.03 -6.38 -7.97
CA ALA D 27 -34.20 -5.69 -6.69
C ALA D 27 -32.78 -5.28 -6.26
N SER D 28 -32.60 -3.99 -5.96
CA SER D 28 -31.34 -3.52 -5.36
C SER D 28 -31.61 -2.65 -4.14
N ASP D 29 -30.56 -2.27 -3.43
CA ASP D 29 -30.73 -1.47 -2.24
C ASP D 29 -30.78 0.00 -2.61
N GLU D 30 -30.56 0.30 -3.88
CA GLU D 30 -30.77 1.65 -4.38
C GLU D 30 -32.01 1.72 -5.29
N VAL D 31 -33.14 2.12 -4.73
CA VAL D 31 -34.36 2.09 -5.51
C VAL D 31 -34.30 3.01 -6.73
N THR D 32 -33.51 4.09 -6.65
CA THR D 32 -33.41 5.06 -7.77
C THR D 32 -32.50 4.57 -8.89
N ARG D 33 -31.83 3.45 -8.68
CA ARG D 33 -31.12 2.84 -9.82
C ARG D 33 -32.03 1.88 -10.59
N GLU D 34 -32.53 2.37 -11.71
CA GLU D 34 -33.44 1.56 -12.53
C GLU D 34 -32.72 0.39 -13.16
N THR D 35 -33.46 -0.68 -13.45
CA THR D 35 -32.98 -1.67 -14.39
C THR D 35 -33.46 -1.27 -15.77
N GLU D 36 -32.54 -1.09 -16.72
CA GLU D 36 -32.94 -0.89 -18.11
C GLU D 36 -33.32 -2.20 -18.76
N ILE D 37 -34.47 -2.23 -19.43
CA ILE D 37 -34.80 -3.36 -20.27
C ILE D 37 -35.04 -2.80 -21.64
N ALA D 38 -34.12 -3.12 -22.55
CA ALA D 38 -34.02 -2.43 -23.86
C ALA D 38 -34.68 -3.31 -24.87
N LEU D 39 -35.61 -2.72 -25.62
CA LEU D 39 -36.22 -3.41 -26.75
C LEU D 39 -35.27 -3.32 -27.93
N ARG D 40 -35.01 -4.47 -28.54
CA ARG D 40 -34.02 -4.64 -29.61
C ARG D 40 -34.52 -5.64 -30.64
N PRO D 41 -34.29 -5.34 -31.93
CA PRO D 41 -34.37 -6.34 -32.98
C PRO D 41 -33.53 -7.56 -32.62
N THR D 42 -34.03 -8.75 -32.92
CA THR D 42 -33.30 -9.95 -32.59
C THR D 42 -33.72 -10.99 -33.61
N TRP D 43 -32.84 -11.94 -33.88
CA TRP D 43 -33.17 -13.05 -34.81
C TRP D 43 -33.35 -14.34 -34.02
N VAL D 44 -34.51 -14.96 -34.19
CA VAL D 44 -34.89 -16.09 -33.37
C VAL D 44 -35.01 -17.34 -34.28
N ARG D 45 -34.38 -18.45 -33.90
CA ARG D 45 -34.56 -19.71 -34.61
C ARG D 45 -35.81 -20.44 -34.09
N LEU D 46 -36.93 -20.32 -34.82
CA LEU D 46 -38.21 -20.93 -34.37
C LEU D 46 -38.20 -22.44 -34.50
N HIS D 47 -37.47 -22.93 -35.50
CA HIS D 47 -37.39 -24.35 -35.75
C HIS D 47 -36.13 -24.66 -36.58
N PRO D 48 -35.49 -25.83 -36.34
CA PRO D 48 -34.23 -26.12 -37.04
C PRO D 48 -34.44 -26.15 -38.56
N GLN D 49 -35.66 -26.45 -38.99
CA GLN D 49 -35.96 -26.52 -40.39
C GLN D 49 -36.38 -25.17 -40.96
N LEU D 50 -36.33 -24.12 -40.14
CA LEU D 50 -36.69 -22.77 -40.57
C LEU D 50 -35.45 -21.87 -40.59
N PRO D 51 -35.43 -20.87 -41.46
CA PRO D 51 -34.43 -19.84 -41.35
C PRO D 51 -34.78 -18.99 -40.13
N PRO D 52 -33.82 -18.24 -39.59
CA PRO D 52 -34.12 -17.36 -38.48
C PRO D 52 -35.20 -16.36 -38.83
N THR D 53 -35.95 -15.98 -37.82
CA THR D 53 -37.07 -15.10 -37.91
C THR D 53 -36.71 -13.81 -37.21
N LEU D 54 -37.06 -12.68 -37.86
CA LEU D 54 -36.89 -11.35 -37.27
C LEU D 54 -37.98 -11.09 -36.23
N MET D 55 -37.57 -10.67 -35.04
CA MET D 55 -38.50 -10.33 -34.01
C MET D 55 -37.97 -9.13 -33.23
N TRP D 56 -38.82 -8.60 -32.35
CA TRP D 56 -38.41 -7.57 -31.41
C TRP D 56 -38.52 -8.19 -30.03
N GLY D 57 -37.43 -8.10 -29.25
CA GLY D 57 -37.36 -8.73 -27.95
C GLY D 57 -36.87 -7.78 -26.88
N TYR D 58 -37.45 -7.89 -25.69
CA TYR D 58 -36.92 -7.18 -24.49
C TYR D 58 -35.53 -7.72 -24.20
N ASP D 59 -34.55 -6.84 -24.01
CA ASP D 59 -33.13 -7.25 -24.00
C ASP D 59 -32.76 -8.23 -25.14
N GLY D 60 -33.39 -8.07 -26.30
CA GLY D 60 -33.06 -8.89 -27.45
C GLY D 60 -33.43 -10.35 -27.27
N GLN D 61 -34.30 -10.66 -26.30
CA GLN D 61 -34.68 -12.04 -26.00
C GLN D 61 -36.16 -12.25 -26.33
N VAL D 62 -36.48 -13.42 -26.86
CA VAL D 62 -37.85 -13.86 -26.98
C VAL D 62 -38.04 -15.29 -26.48
N PRO D 63 -38.87 -15.46 -25.42
CA PRO D 63 -39.55 -14.38 -24.72
C PRO D 63 -38.54 -13.50 -23.96
N GLY D 64 -39.00 -12.34 -23.51
CA GLY D 64 -38.16 -11.45 -22.68
C GLY D 64 -37.67 -12.16 -21.42
N PRO D 65 -36.73 -11.54 -20.69
CA PRO D 65 -36.25 -12.21 -19.48
C PRO D 65 -37.32 -12.51 -18.42
N THR D 66 -37.17 -13.62 -17.70
CA THR D 66 -38.01 -13.89 -16.53
C THR D 66 -37.56 -13.02 -15.36
N ILE D 67 -38.37 -12.04 -15.02
CA ILE D 67 -38.08 -11.21 -13.88
C ILE D 67 -38.51 -11.94 -12.64
N GLU D 68 -37.65 -11.97 -11.62
CA GLU D 68 -37.99 -12.57 -10.36
C GLU D 68 -37.75 -11.60 -9.24
N VAL D 69 -38.74 -11.43 -8.36
CA VAL D 69 -38.66 -10.50 -7.23
C VAL D 69 -39.34 -11.15 -6.03
N ARG D 70 -39.12 -10.60 -4.84
CA ARG D 70 -39.82 -11.06 -3.65
C ARG D 70 -40.86 -10.04 -3.29
N ARG D 71 -42.00 -10.53 -2.81
CA ARG D 71 -43.02 -9.66 -2.24
C ARG D 71 -42.39 -8.50 -1.48
N GLY D 72 -42.77 -7.27 -1.87
CA GLY D 72 -42.38 -6.10 -1.08
C GLY D 72 -41.07 -5.48 -1.54
N GLN D 73 -40.31 -6.14 -2.42
CA GLN D 73 -39.15 -5.49 -3.03
C GLN D 73 -39.56 -4.54 -4.14
N ARG D 74 -39.54 -3.26 -3.79
CA ARG D 74 -39.87 -2.20 -4.71
C ARG D 74 -38.84 -2.06 -5.83
N VAL D 75 -39.31 -2.05 -7.07
CA VAL D 75 -38.44 -2.21 -8.22
C VAL D 75 -38.75 -1.15 -9.26
N ARG D 76 -37.72 -0.63 -9.91
CA ARG D 76 -37.95 0.35 -10.96
C ARG D 76 -37.32 -0.09 -12.27
N ILE D 77 -38.12 0.01 -13.34
CA ILE D 77 -37.73 -0.48 -14.65
C ILE D 77 -37.92 0.60 -15.73
N ALA D 78 -36.85 0.83 -16.49
CA ALA D 78 -36.92 1.69 -17.64
C ALA D 78 -37.05 0.82 -18.91
N TRP D 79 -38.30 0.52 -19.32
CA TRP D 79 -38.61 -0.07 -20.65
C TRP D 79 -38.19 0.88 -21.77
N THR D 80 -37.06 0.56 -22.38
CA THR D 80 -36.34 1.54 -23.18
C THR D 80 -36.36 1.10 -24.64
N ASN D 81 -36.97 1.90 -25.51
CA ASN D 81 -37.10 1.53 -26.94
C ASN D 81 -35.77 1.77 -27.71
N ARG D 82 -35.05 0.70 -28.06
CA ARG D 82 -33.79 0.84 -28.81
C ARG D 82 -33.88 0.21 -30.18
N ILE D 83 -35.07 0.26 -30.79
CA ILE D 83 -35.24 -0.25 -32.12
C ILE D 83 -35.02 0.94 -33.05
N PRO D 84 -33.91 0.92 -33.80
CA PRO D 84 -33.55 2.11 -34.59
C PRO D 84 -34.64 2.49 -35.59
N LYS D 85 -34.82 3.79 -35.84
CA LYS D 85 -35.72 4.24 -36.89
C LYS D 85 -35.34 3.55 -38.17
N GLY D 86 -36.35 3.27 -39.00
CA GLY D 86 -36.16 2.59 -40.27
C GLY D 86 -36.02 1.08 -40.19
N SER D 87 -36.10 0.52 -38.98
CA SER D 87 -36.18 -0.94 -38.79
C SER D 87 -37.37 -1.55 -39.53
N GLU D 88 -37.17 -2.72 -40.10
CA GLU D 88 -38.26 -3.35 -40.78
C GLU D 88 -39.27 -3.87 -39.74
N TYR D 89 -40.56 -3.69 -40.00
CA TYR D 89 -41.57 -4.19 -39.08
C TYR D 89 -41.63 -5.71 -39.16
N PRO D 90 -41.45 -6.39 -38.03
CA PRO D 90 -41.29 -7.84 -37.99
C PRO D 90 -42.51 -8.65 -38.38
N VAL D 91 -43.71 -8.08 -38.35
CA VAL D 91 -44.90 -8.90 -38.54
C VAL D 91 -45.60 -8.52 -39.85
N THR D 92 -45.74 -9.48 -40.74
CA THR D 92 -46.47 -9.21 -41.98
C THR D 92 -47.97 -9.43 -41.72
N SER D 93 -48.80 -8.54 -42.26
CA SER D 93 -50.22 -8.66 -42.01
C SER D 93 -51.03 -8.76 -43.28
N VAL D 94 -51.95 -9.73 -43.31
CA VAL D 94 -52.94 -9.89 -44.38
C VAL D 94 -54.31 -10.32 -43.85
N GLU D 95 -55.34 -9.91 -44.58
CA GLU D 95 -56.70 -10.43 -44.40
C GLU D 95 -57.10 -11.18 -45.66
N VAL D 96 -57.53 -12.42 -45.51
CA VAL D 96 -57.87 -13.25 -46.66
C VAL D 96 -59.38 -13.53 -46.75
N PRO D 97 -59.89 -13.84 -47.96
CA PRO D 97 -61.32 -14.24 -48.05
C PRO D 97 -61.61 -15.58 -47.36
N LEU D 98 -62.89 -15.85 -47.12
CA LEU D 98 -63.35 -17.09 -46.52
C LEU D 98 -62.97 -18.37 -47.26
N GLY D 99 -63.15 -18.42 -48.57
CA GLY D 99 -63.01 -19.74 -49.22
C GLY D 99 -63.98 -20.83 -48.72
N PRO D 100 -63.88 -22.04 -49.31
CA PRO D 100 -65.05 -22.91 -49.49
C PRO D 100 -65.64 -23.49 -48.21
N PRO D 101 -66.98 -23.44 -48.10
CA PRO D 101 -67.64 -23.93 -46.89
C PRO D 101 -67.31 -25.39 -46.67
N GLY D 102 -67.20 -25.78 -45.41
CA GLY D 102 -66.87 -27.16 -45.07
C GLY D 102 -65.45 -27.60 -45.35
N THR D 103 -64.56 -26.68 -45.72
CA THR D 103 -63.11 -26.96 -45.76
C THR D 103 -62.42 -26.19 -44.64
N PRO D 104 -61.24 -26.69 -44.16
CA PRO D 104 -60.53 -25.95 -43.10
C PRO D 104 -60.32 -24.50 -43.52
N ALA D 105 -60.38 -23.58 -42.59
CA ALA D 105 -60.28 -22.19 -42.94
C ALA D 105 -58.81 -21.82 -43.26
N PRO D 106 -58.58 -20.70 -44.00
CA PRO D 106 -57.24 -20.38 -44.48
C PRO D 106 -56.25 -20.05 -43.35
N ASN D 107 -56.73 -19.75 -42.14
CA ASN D 107 -55.82 -19.52 -41.01
C ASN D 107 -55.31 -20.81 -40.41
N THR D 108 -55.65 -21.92 -41.04
CA THR D 108 -54.96 -23.17 -40.72
C THR D 108 -53.74 -23.39 -41.62
N GLU D 109 -53.42 -22.42 -42.45
CA GLU D 109 -52.38 -22.62 -43.47
C GLU D 109 -51.44 -21.44 -43.43
N PRO D 110 -50.16 -21.72 -43.59
CA PRO D 110 -49.15 -20.68 -43.74
C PRO D 110 -49.33 -19.92 -45.04
N GLY D 111 -48.67 -18.78 -45.16
CA GLY D 111 -48.65 -18.03 -46.40
C GLY D 111 -49.84 -17.12 -46.60
N ARG D 112 -49.76 -16.27 -47.63
CA ARG D 112 -50.76 -15.24 -47.91
C ARG D 112 -51.76 -15.64 -49.00
N GLY D 113 -51.48 -16.73 -49.71
CA GLY D 113 -52.19 -17.01 -50.96
C GLY D 113 -52.11 -15.85 -51.95
N GLY D 114 -53.25 -15.34 -52.36
CA GLY D 114 -53.25 -14.10 -53.13
C GLY D 114 -52.42 -12.96 -52.55
N VAL D 115 -52.65 -12.67 -51.28
CA VAL D 115 -52.86 -11.31 -50.82
C VAL D 115 -51.62 -10.49 -50.47
N GLU D 116 -51.65 -9.24 -50.95
CA GLU D 116 -50.61 -8.27 -50.71
C GLU D 116 -50.50 -7.92 -49.23
N PRO D 117 -49.28 -7.90 -48.67
CA PRO D 117 -49.19 -7.43 -47.28
C PRO D 117 -49.82 -6.05 -47.13
N ASN D 118 -50.49 -5.83 -45.99
CA ASN D 118 -50.91 -4.48 -45.59
C ASN D 118 -49.73 -3.49 -45.42
N LYS D 119 -49.70 -2.47 -46.29
CA LYS D 119 -48.59 -1.53 -46.31
C LYS D 119 -48.57 -0.73 -45.04
N ASP D 120 -49.75 -0.50 -44.45
CA ASP D 120 -49.85 0.34 -43.25
C ASP D 120 -49.21 -0.31 -42.03
N VAL D 121 -49.34 -1.64 -41.95
CA VAL D 121 -48.61 -2.39 -40.94
C VAL D 121 -47.12 -2.38 -41.22
N ALA D 122 -46.72 -2.72 -42.45
CA ALA D 122 -45.35 -2.56 -42.92
C ALA D 122 -44.65 -1.20 -42.58
N ALA D 123 -45.39 -0.09 -42.60
CA ALA D 123 -44.85 1.23 -42.28
C ALA D 123 -44.79 1.60 -40.77
N LEU D 124 -45.31 0.74 -39.88
CA LEU D 124 -45.24 1.02 -38.45
C LEU D 124 -43.80 1.17 -38.00
N PRO D 125 -43.48 2.26 -37.27
CA PRO D 125 -42.22 2.34 -36.54
C PRO D 125 -42.33 1.60 -35.18
N ALA D 126 -41.20 1.44 -34.48
CA ALA D 126 -41.18 0.89 -33.15
C ALA D 126 -41.78 1.90 -32.17
N TRP D 127 -42.93 1.49 -31.61
CA TRP D 127 -43.75 2.37 -30.78
C TRP D 127 -44.42 1.49 -29.76
N SER D 128 -43.81 1.43 -28.56
CA SER D 128 -44.14 0.42 -27.57
C SER D 128 -44.32 1.00 -26.18
N VAL D 129 -45.23 0.37 -25.45
CA VAL D 129 -45.38 0.59 -24.02
C VAL D 129 -45.64 -0.78 -23.42
N THR D 130 -45.10 -0.99 -22.22
CA THR D 130 -45.13 -2.29 -21.57
C THR D 130 -46.08 -2.26 -20.38
N HIS D 131 -46.96 -3.25 -20.34
CA HIS D 131 -47.93 -3.36 -19.28
C HIS D 131 -47.60 -4.63 -18.50
N LEU D 132 -47.46 -4.51 -17.20
CA LEU D 132 -47.14 -5.69 -16.42
C LEU D 132 -48.46 -6.30 -15.97
N HIS D 133 -48.91 -7.28 -16.74
CA HIS D 133 -50.25 -7.81 -16.61
C HIS D 133 -50.42 -8.49 -15.29
N GLY D 134 -51.25 -7.89 -14.42
CA GLY D 134 -51.46 -8.43 -13.09
C GLY D 134 -50.97 -7.55 -11.96
N ALA D 135 -49.98 -6.70 -12.23
CA ALA D 135 -49.29 -5.96 -11.15
C ALA D 135 -50.24 -5.07 -10.38
N GLN D 136 -50.04 -5.03 -9.06
CA GLN D 136 -50.74 -4.09 -8.27
C GLN D 136 -49.81 -2.86 -8.23
N THR D 137 -50.10 -1.88 -9.08
CA THR D 137 -49.29 -0.67 -9.12
C THR D 137 -50.11 0.48 -9.73
N GLY D 138 -49.68 1.74 -9.52
CA GLY D 138 -50.49 2.89 -9.95
C GLY D 138 -50.56 3.03 -11.47
N GLY D 139 -51.59 3.73 -11.97
CA GLY D 139 -51.79 3.85 -13.43
C GLY D 139 -50.56 4.43 -14.11
N GLY D 140 -49.78 5.20 -13.34
CA GLY D 140 -48.58 5.80 -13.84
C GLY D 140 -47.56 4.79 -14.33
N ASN D 141 -47.65 3.57 -13.79
CA ASN D 141 -46.62 2.56 -14.01
C ASN D 141 -47.15 1.44 -14.88
N ASP D 142 -48.43 1.58 -15.19
CA ASP D 142 -49.23 0.46 -15.62
C ASP D 142 -49.08 0.19 -17.13
N GLY D 143 -48.45 1.13 -17.84
CA GLY D 143 -48.40 1.05 -19.31
C GLY D 143 -49.68 1.42 -20.03
N TRP D 144 -50.20 2.62 -19.74
CA TRP D 144 -51.28 3.24 -20.51
C TRP D 144 -51.05 3.20 -22.04
N ALA D 145 -52.03 2.63 -22.74
CA ALA D 145 -51.86 2.32 -24.16
C ALA D 145 -51.44 3.49 -25.06
N ASP D 146 -51.92 4.70 -24.78
CA ASP D 146 -51.63 5.86 -25.65
C ASP D 146 -50.18 6.25 -25.55
N ASN D 147 -49.56 5.91 -24.41
CA ASN D 147 -48.25 6.44 -24.00
C ASN D 147 -47.07 5.55 -24.39
N ALA D 148 -47.19 4.87 -25.51
CA ALA D 148 -46.04 4.17 -26.08
C ALA D 148 -44.97 5.22 -26.53
N VAL D 149 -43.71 4.76 -26.55
CA VAL D 149 -42.57 5.61 -26.85
C VAL D 149 -41.79 5.14 -28.11
N GLY D 150 -41.22 6.10 -28.84
CA GLY D 150 -40.34 5.82 -29.98
C GLY D 150 -38.87 5.53 -29.66
N PHE D 151 -38.12 5.23 -30.72
CA PHE D 151 -36.70 4.98 -30.61
C PHE D 151 -36.02 5.98 -29.67
N GLY D 152 -35.28 5.48 -28.69
CA GLY D 152 -34.42 6.33 -27.87
C GLY D 152 -35.10 6.80 -26.59
N ASP D 153 -36.42 6.62 -26.51
CA ASP D 153 -37.18 7.06 -25.34
C ASP D 153 -37.54 5.90 -24.40
N ALA D 154 -37.79 6.24 -23.14
CA ALA D 154 -38.09 5.22 -22.14
C ALA D 154 -39.49 5.39 -21.52
N GLN D 155 -40.03 4.26 -21.05
CA GLN D 155 -41.21 4.21 -20.19
C GLN D 155 -40.70 3.82 -18.83
N LEU D 156 -40.97 4.64 -17.83
CA LEU D 156 -40.48 4.37 -16.47
C LEU D 156 -41.63 3.84 -15.58
N SER D 157 -41.37 2.71 -14.95
CA SER D 157 -42.38 1.97 -14.24
C SER D 157 -41.91 1.61 -12.83
N GLU D 158 -42.65 2.00 -11.81
CA GLU D 158 -42.37 1.45 -10.48
C GLU D 158 -43.34 0.32 -10.11
N TYR D 159 -42.81 -0.81 -9.63
CA TYR D 159 -43.66 -1.90 -9.16
C TYR D 159 -43.33 -2.15 -7.70
N PRO D 160 -44.22 -1.72 -6.77
CA PRO D 160 -43.99 -1.96 -5.33
C PRO D 160 -43.93 -3.45 -4.96
N ASN D 161 -44.56 -4.29 -5.77
CA ASN D 161 -44.62 -5.73 -5.53
C ASN D 161 -45.20 -6.14 -4.18
N ASP D 162 -46.24 -5.42 -3.76
CA ASP D 162 -46.87 -5.71 -2.52
C ASP D 162 -48.03 -6.68 -2.76
N HIS D 163 -47.69 -7.91 -3.06
CA HIS D 163 -48.70 -8.85 -3.50
C HIS D 163 -48.19 -10.26 -3.23
N GLN D 164 -49.09 -11.20 -2.94
CA GLN D 164 -48.64 -12.56 -2.62
C GLN D 164 -47.96 -13.21 -3.82
N ALA D 165 -47.28 -14.32 -3.59
CA ALA D 165 -46.52 -14.96 -4.66
C ALA D 165 -47.44 -15.28 -5.83
N THR D 166 -46.96 -15.03 -7.06
CA THR D 166 -47.74 -15.38 -8.27
C THR D 166 -46.95 -15.19 -9.56
N GLN D 167 -47.55 -15.56 -10.69
CA GLN D 167 -46.98 -15.31 -12.02
C GLN D 167 -47.71 -14.15 -12.71
N TRP D 168 -46.99 -13.06 -12.94
CA TRP D 168 -47.49 -12.00 -13.79
C TRP D 168 -46.76 -12.21 -15.10
N TRP D 169 -47.13 -11.44 -16.10
CA TRP D 169 -46.41 -11.42 -17.36
C TRP D 169 -46.51 -10.03 -17.94
N TYR D 170 -45.55 -9.67 -18.79
CA TYR D 170 -45.48 -8.31 -19.33
C TYR D 170 -45.46 -8.33 -20.84
N HIS D 171 -46.09 -7.33 -21.45
CA HIS D 171 -46.18 -7.29 -22.88
C HIS D 171 -46.47 -5.88 -23.42
N ASP D 172 -46.25 -5.68 -24.71
CA ASP D 172 -46.63 -4.45 -25.34
C ASP D 172 -48.14 -4.24 -25.22
N HIS D 173 -48.54 -2.97 -25.11
CA HIS D 173 -49.93 -2.59 -24.90
C HIS D 173 -50.19 -1.32 -25.70
N ALA D 174 -49.33 -1.07 -26.69
CA ALA D 174 -49.43 0.11 -27.56
C ALA D 174 -50.80 0.23 -28.20
N MET D 175 -51.38 1.44 -28.16
CA MET D 175 -52.75 1.66 -28.61
C MET D 175 -52.95 1.24 -30.06
N ASN D 176 -53.99 0.44 -30.29
CA ASN D 176 -54.34 0.01 -31.64
C ASN D 176 -53.43 -1.02 -32.31
N ILE D 177 -52.20 -1.17 -31.84
CA ILE D 177 -51.28 -2.08 -32.57
C ILE D 177 -50.73 -3.19 -31.67
N THR D 178 -51.36 -3.38 -30.53
CA THR D 178 -50.94 -4.41 -29.60
C THR D 178 -50.91 -5.79 -30.28
N ARG D 179 -51.88 -6.08 -31.14
CA ARG D 179 -51.94 -7.40 -31.80
C ARG D 179 -50.71 -7.67 -32.64
N TRP D 180 -50.02 -6.62 -33.06
CA TRP D 180 -48.79 -6.84 -33.85
C TRP D 180 -47.53 -6.73 -33.02
N ASN D 181 -47.48 -5.75 -32.14
CA ASN D 181 -46.33 -5.58 -31.23
C ASN D 181 -46.08 -6.80 -30.34
N VAL D 182 -47.13 -7.40 -29.83
CA VAL D 182 -47.00 -8.59 -29.02
C VAL D 182 -46.53 -9.79 -29.85
N MET D 183 -47.18 -10.00 -30.99
CA MET D 183 -46.75 -11.02 -31.91
C MET D 183 -45.30 -10.82 -32.39
N ALA D 184 -44.89 -9.56 -32.59
CA ALA D 184 -43.51 -9.30 -32.97
C ALA D 184 -42.51 -9.89 -31.98
N GLY D 185 -42.95 -10.19 -30.73
CA GLY D 185 -42.10 -10.85 -29.71
C GLY D 185 -41.94 -10.15 -28.36
N LEU D 186 -42.77 -9.15 -28.08
CA LEU D 186 -42.63 -8.35 -26.88
C LEU D 186 -43.54 -8.90 -25.81
N TYR D 187 -43.11 -10.01 -25.23
CA TYR D 187 -43.79 -10.62 -24.11
C TYR D 187 -42.77 -11.38 -23.29
N GLY D 188 -43.01 -11.43 -21.98
CA GLY D 188 -42.14 -12.12 -21.02
C GLY D 188 -42.95 -12.34 -19.76
N THR D 189 -42.40 -13.08 -18.80
CA THR D 189 -43.12 -13.36 -17.56
C THR D 189 -42.31 -12.86 -16.36
N TYR D 190 -42.95 -12.86 -15.20
CA TYR D 190 -42.48 -12.07 -14.06
C TYR D 190 -43.02 -12.74 -12.79
N LEU D 191 -42.13 -13.33 -12.01
CA LEU D 191 -42.58 -14.13 -10.88
C LEU D 191 -42.34 -13.38 -9.60
N VAL D 192 -43.34 -13.34 -8.74
CA VAL D 192 -43.22 -12.84 -7.38
C VAL D 192 -43.14 -14.02 -6.40
N ARG D 193 -42.14 -14.00 -5.52
CA ARG D 193 -41.94 -15.01 -4.48
C ARG D 193 -42.32 -14.46 -3.09
N ASP D 194 -42.76 -15.34 -2.20
CA ASP D 194 -42.99 -14.95 -0.79
C ASP D 194 -42.77 -16.11 0.20
N ASP D 195 -42.94 -15.83 1.49
CA ASP D 195 -42.71 -16.83 2.53
C ASP D 195 -43.76 -17.93 2.59
N GLU D 196 -44.99 -17.60 2.21
CA GLU D 196 -46.00 -18.64 2.22
C GLU D 196 -45.71 -19.70 1.16
N GLU D 197 -45.42 -19.26 -0.07
CA GLU D 197 -45.05 -20.15 -1.16
C GLU D 197 -43.80 -20.95 -0.81
N ASP D 198 -42.77 -20.29 -0.27
CA ASP D 198 -41.54 -20.98 0.13
C ASP D 198 -41.86 -22.09 1.12
N ALA D 199 -42.77 -21.79 2.05
CA ALA D 199 -43.11 -22.79 3.08
C ALA D 199 -43.70 -24.07 2.46
N LEU D 200 -44.01 -24.03 1.19
CA LEU D 200 -44.65 -25.17 0.60
C LEU D 200 -43.59 -26.12 0.01
N GLY D 201 -42.31 -25.77 0.18
CA GLY D 201 -41.18 -26.50 -0.46
C GLY D 201 -41.44 -27.01 -1.89
N LEU D 202 -41.94 -26.16 -2.78
CA LEU D 202 -42.30 -26.61 -4.14
C LEU D 202 -41.07 -27.01 -4.97
N PRO D 203 -41.25 -27.82 -6.03
CA PRO D 203 -40.07 -28.03 -6.87
C PRO D 203 -39.52 -26.68 -7.39
N SER D 204 -38.19 -26.55 -7.44
CA SER D 204 -37.58 -25.29 -7.81
C SER D 204 -36.29 -25.48 -8.61
N GLY D 205 -35.66 -24.37 -9.01
CA GLY D 205 -34.45 -24.43 -9.83
C GLY D 205 -34.68 -25.05 -11.21
N ASP D 206 -33.89 -26.05 -11.55
CA ASP D 206 -34.12 -26.87 -12.74
C ASP D 206 -35.53 -27.41 -12.81
N ARG D 207 -36.12 -27.72 -11.67
CA ARG D 207 -37.41 -28.37 -11.68
C ARG D 207 -38.56 -27.36 -11.73
N GLU D 208 -38.26 -26.08 -11.86
CA GLU D 208 -39.33 -25.09 -12.08
C GLU D 208 -39.15 -24.44 -13.45
N ILE D 209 -40.17 -24.50 -14.29
CA ILE D 209 -40.04 -24.12 -15.68
C ILE D 209 -41.18 -23.19 -16.11
N PRO D 210 -40.84 -21.93 -16.46
CA PRO D 210 -41.92 -21.11 -16.98
C PRO D 210 -42.20 -21.53 -18.41
N LEU D 211 -43.47 -21.41 -18.83
CA LEU D 211 -43.92 -21.80 -20.16
C LEU D 211 -44.81 -20.73 -20.71
N LEU D 212 -44.26 -19.96 -21.64
CA LEU D 212 -45.01 -18.95 -22.37
C LEU D 212 -45.32 -19.53 -23.73
N ILE D 213 -46.57 -19.92 -23.93
CA ILE D 213 -47.01 -20.48 -25.18
C ILE D 213 -47.72 -19.42 -26.04
N ALA D 214 -47.60 -19.55 -27.36
CA ALA D 214 -48.21 -18.59 -28.28
C ALA D 214 -48.26 -19.20 -29.67
N ASP D 215 -49.43 -19.13 -30.31
CA ASP D 215 -49.51 -19.68 -31.64
C ASP D 215 -49.00 -18.66 -32.64
N ARG D 216 -48.48 -19.15 -33.77
CA ARG D 216 -47.95 -18.26 -34.80
C ARG D 216 -48.35 -18.78 -36.17
N ASN D 217 -48.34 -17.87 -37.16
CA ASN D 217 -48.38 -18.25 -38.56
C ASN D 217 -47.14 -17.71 -39.25
N LEU D 218 -46.79 -18.33 -40.37
CA LEU D 218 -45.57 -18.01 -41.07
C LEU D 218 -45.86 -17.75 -42.56
N ASP D 219 -45.04 -16.93 -43.19
CA ASP D 219 -45.19 -16.69 -44.61
C ASP D 219 -44.52 -17.79 -45.47
N THR D 220 -44.81 -17.80 -46.78
CA THR D 220 -44.23 -18.78 -47.71
C THR D 220 -43.65 -18.03 -48.88
N ASP D 221 -42.65 -18.61 -49.55
CA ASP D 221 -42.25 -18.17 -50.90
C ASP D 221 -43.22 -18.76 -51.92
N GLU D 222 -43.11 -18.30 -53.17
CA GLU D 222 -44.04 -18.74 -54.21
C GLU D 222 -44.06 -20.25 -54.42
N ASP D 223 -42.96 -20.94 -54.18
CA ASP D 223 -43.06 -22.40 -54.28
C ASP D 223 -43.76 -23.02 -53.06
N GLY D 224 -44.20 -22.18 -52.13
CA GLY D 224 -44.96 -22.67 -51.00
C GLY D 224 -44.12 -23.04 -49.80
N ARG D 225 -42.79 -22.88 -49.90
CA ARG D 225 -41.90 -23.11 -48.76
C ARG D 225 -41.98 -22.04 -47.69
N LEU D 226 -41.93 -22.52 -46.44
CA LEU D 226 -41.98 -21.68 -45.25
C LEU D 226 -40.76 -20.78 -45.14
N ASN D 227 -40.96 -19.49 -44.94
CA ASN D 227 -39.80 -18.62 -44.92
C ASN D 227 -39.44 -17.97 -43.55
N GLY D 228 -40.16 -18.39 -42.49
CA GLY D 228 -39.89 -17.90 -41.13
C GLY D 228 -40.42 -16.49 -40.84
N ARG D 229 -40.90 -15.80 -41.87
CA ARG D 229 -41.46 -14.46 -41.67
C ARG D 229 -42.78 -14.51 -40.88
N LEU D 230 -42.83 -13.84 -39.74
CA LEU D 230 -44.08 -13.74 -38.92
C LEU D 230 -45.22 -13.18 -39.75
N LEU D 231 -46.33 -13.91 -39.71
CA LEU D 231 -47.47 -13.62 -40.53
C LEU D 231 -48.72 -13.55 -39.66
N HIS D 232 -49.30 -12.35 -39.63
CA HIS D 232 -50.57 -12.08 -38.95
C HIS D 232 -51.68 -12.16 -40.00
N LYS D 233 -52.32 -13.32 -40.06
CA LYS D 233 -53.27 -13.66 -41.13
C LYS D 233 -54.65 -13.88 -40.53
N THR D 234 -55.59 -12.97 -40.85
CA THR D 234 -56.96 -13.10 -40.41
C THR D 234 -57.92 -13.34 -41.59
N VAL D 235 -59.10 -13.89 -41.28
CA VAL D 235 -60.08 -14.26 -42.28
C VAL D 235 -61.21 -13.24 -42.32
N ILE D 236 -61.56 -12.79 -43.51
CA ILE D 236 -62.64 -11.82 -43.69
C ILE D 236 -63.98 -12.57 -43.60
N VAL D 237 -64.84 -12.17 -42.67
CA VAL D 237 -66.15 -12.81 -42.56
C VAL D 237 -67.29 -11.93 -43.10
N GLN D 238 -66.98 -10.68 -43.41
CA GLN D 238 -67.94 -9.79 -44.05
C GLN D 238 -67.13 -8.83 -44.90
N GLN D 239 -67.35 -8.86 -46.20
CA GLN D 239 -66.47 -8.18 -47.16
C GLN D 239 -66.66 -6.68 -47.16
N SER D 240 -67.88 -6.26 -46.86
CA SER D 240 -68.22 -4.85 -46.80
C SER D 240 -69.35 -4.72 -45.79
N ASN D 241 -69.06 -4.06 -44.67
CA ASN D 241 -70.05 -4.00 -43.61
C ASN D 241 -71.13 -2.97 -43.95
N PRO D 242 -72.42 -3.35 -43.87
CA PRO D 242 -73.49 -2.41 -44.16
C PRO D 242 -73.25 -1.00 -43.64
N GLU D 243 -72.67 -0.86 -42.44
CA GLU D 243 -72.58 0.43 -41.76
C GLU D 243 -71.36 1.26 -42.14
N THR D 244 -70.19 0.64 -42.13
CA THR D 244 -68.97 1.32 -42.54
C THR D 244 -68.57 0.76 -43.89
N GLY D 245 -67.62 1.38 -44.55
CA GLY D 245 -67.24 0.84 -45.86
C GLY D 245 -66.81 -0.62 -45.82
N LYS D 246 -66.41 -1.08 -44.63
CA LYS D 246 -65.14 -1.82 -44.48
C LYS D 246 -65.28 -3.33 -44.34
N PRO D 247 -64.21 -4.08 -44.66
CA PRO D 247 -64.22 -5.52 -44.42
C PRO D 247 -64.12 -5.83 -42.92
N VAL D 248 -64.80 -6.88 -42.49
CA VAL D 248 -64.77 -7.29 -41.10
C VAL D 248 -64.12 -8.65 -40.97
N SER D 249 -63.06 -8.72 -40.17
CA SER D 249 -62.28 -9.95 -40.08
C SER D 249 -62.23 -10.50 -38.64
N ILE D 250 -61.95 -11.79 -38.52
CA ILE D 250 -61.83 -12.44 -37.22
C ILE D 250 -60.47 -12.22 -36.54
N PRO D 251 -60.36 -12.66 -35.27
CA PRO D 251 -59.07 -12.64 -34.58
C PRO D 251 -58.02 -13.58 -35.17
N PHE D 252 -56.79 -13.46 -34.63
CA PHE D 252 -55.67 -14.25 -35.11
C PHE D 252 -55.68 -15.65 -34.53
N PHE D 253 -55.62 -16.63 -35.40
CA PHE D 253 -55.36 -17.99 -35.00
C PHE D 253 -54.33 -18.53 -35.97
N GLY D 254 -53.31 -19.20 -35.46
CA GLY D 254 -52.31 -19.77 -36.35
C GLY D 254 -52.04 -21.24 -36.08
N PRO D 255 -51.38 -21.91 -37.05
CA PRO D 255 -51.23 -23.35 -36.96
C PRO D 255 -50.04 -23.85 -36.11
N TYR D 256 -49.08 -22.99 -35.81
CA TYR D 256 -47.82 -23.44 -35.14
C TYR D 256 -47.78 -23.03 -33.68
N THR D 257 -47.44 -23.97 -32.82
CA THR D 257 -47.36 -23.58 -31.42
C THR D 257 -45.95 -23.31 -30.95
N THR D 258 -45.72 -22.11 -30.41
CA THR D 258 -44.46 -21.83 -29.77
C THR D 258 -44.49 -21.98 -28.26
N VAL D 259 -43.38 -22.44 -27.70
CA VAL D 259 -43.24 -22.59 -26.28
C VAL D 259 -41.87 -22.01 -26.04
N ASN D 260 -41.86 -20.88 -25.33
CA ASN D 260 -40.62 -20.16 -25.06
C ASN D 260 -39.83 -19.85 -26.35
N GLY D 261 -40.55 -19.45 -27.39
CA GLY D 261 -39.93 -18.92 -28.59
C GLY D 261 -39.50 -20.00 -29.57
N ARG D 262 -39.82 -21.26 -29.29
CA ARG D 262 -39.59 -22.35 -30.24
C ARG D 262 -40.88 -23.10 -30.65
N ILE D 263 -41.03 -23.35 -31.95
CA ILE D 263 -42.08 -24.24 -32.40
C ILE D 263 -41.84 -25.69 -31.90
N TRP D 264 -42.86 -26.28 -31.26
CA TRP D 264 -42.87 -27.71 -30.88
C TRP D 264 -41.56 -28.28 -30.28
N PRO D 265 -41.15 -27.75 -29.12
CA PRO D 265 -39.90 -28.21 -28.56
C PRO D 265 -40.09 -29.50 -27.74
N TYR D 266 -39.00 -30.19 -27.42
CA TYR D 266 -39.06 -31.26 -26.43
C TYR D 266 -38.28 -30.84 -25.19
N ALA D 267 -38.65 -31.39 -24.02
CA ALA D 267 -37.94 -31.08 -22.79
C ALA D 267 -37.56 -32.38 -22.14
N ASP D 268 -36.27 -32.52 -21.83
CA ASP D 268 -35.75 -33.68 -21.13
C ASP D 268 -35.98 -33.40 -19.65
N VAL D 269 -36.80 -34.22 -18.99
CA VAL D 269 -37.03 -34.05 -17.57
C VAL D 269 -36.69 -35.35 -16.89
N ASP D 270 -36.48 -35.28 -15.58
CA ASP D 270 -36.24 -36.47 -14.77
C ASP D 270 -37.58 -36.98 -14.30
N ASP D 271 -37.59 -38.21 -13.80
CA ASP D 271 -38.80 -38.80 -13.29
C ASP D 271 -39.12 -38.37 -11.86
N GLY D 272 -39.38 -37.08 -11.69
CA GLY D 272 -39.72 -36.51 -10.38
C GLY D 272 -40.75 -35.42 -10.57
N TRP D 273 -41.04 -34.66 -9.50
CA TRP D 273 -41.99 -33.55 -9.55
C TRP D 273 -41.43 -32.31 -10.26
N TYR D 274 -42.22 -31.73 -11.16
CA TYR D 274 -41.91 -30.42 -11.77
C TYR D 274 -43.02 -29.43 -11.50
N ARG D 275 -42.68 -28.18 -11.67
CA ARG D 275 -43.57 -27.04 -11.52
C ARG D 275 -43.47 -26.24 -12.80
N LEU D 276 -44.61 -26.02 -13.45
CA LEU D 276 -44.67 -25.32 -14.74
C LEU D 276 -45.41 -24.04 -14.46
N ARG D 277 -44.82 -22.91 -14.82
CA ARG D 277 -45.51 -21.63 -14.73
C ARG D 277 -46.07 -21.27 -16.11
N LEU D 278 -47.28 -21.75 -16.40
CA LEU D 278 -47.82 -21.67 -17.75
C LEU D 278 -48.62 -20.38 -18.04
N VAL D 279 -48.16 -19.55 -18.99
CA VAL D 279 -49.00 -18.48 -19.49
C VAL D 279 -49.31 -18.56 -20.99
N ASN D 280 -50.58 -18.44 -21.38
CA ASN D 280 -50.91 -18.35 -22.80
C ASN D 280 -50.69 -16.93 -23.26
N ALA D 281 -49.64 -16.69 -24.07
CA ALA D 281 -49.38 -15.35 -24.62
C ALA D 281 -49.98 -15.11 -26.04
N SER D 282 -50.82 -16.01 -26.52
CA SER D 282 -51.38 -15.90 -27.89
C SER D 282 -52.28 -14.69 -27.99
N ASN D 283 -52.47 -14.20 -29.23
CA ASN D 283 -53.39 -13.09 -29.51
C ASN D 283 -54.81 -13.38 -29.12
N ALA D 284 -55.25 -14.59 -29.43
CA ALA D 284 -56.65 -14.97 -29.29
C ALA D 284 -56.88 -16.48 -29.06
N ARG D 285 -55.99 -17.35 -29.52
CA ARG D 285 -56.25 -18.77 -29.45
C ARG D 285 -56.41 -19.19 -28.00
N ILE D 286 -57.49 -19.92 -27.72
CA ILE D 286 -57.67 -20.61 -26.43
C ILE D 286 -57.08 -22.06 -26.54
N TYR D 287 -56.04 -22.36 -25.75
CA TYR D 287 -55.45 -23.70 -25.80
C TYR D 287 -56.25 -24.62 -24.89
N ASN D 288 -56.75 -25.73 -25.46
CA ASN D 288 -57.38 -26.77 -24.65
C ASN D 288 -56.48 -27.96 -24.50
N LEU D 289 -55.70 -27.94 -23.42
CA LEU D 289 -54.50 -28.74 -23.28
C LEU D 289 -54.84 -30.10 -22.69
N VAL D 290 -54.25 -31.14 -23.25
CA VAL D 290 -54.36 -32.49 -22.73
C VAL D 290 -52.93 -33.05 -22.67
N LEU D 291 -52.59 -33.72 -21.59
CA LEU D 291 -51.35 -34.48 -21.55
C LEU D 291 -51.64 -35.91 -22.01
N ILE D 292 -51.06 -36.30 -23.15
CA ILE D 292 -51.22 -37.67 -23.65
C ILE D 292 -49.92 -38.44 -23.68
N ASP D 293 -50.02 -39.78 -23.67
CA ASP D 293 -48.86 -40.70 -23.78
C ASP D 293 -48.59 -41.08 -25.23
N GLU D 294 -47.68 -42.02 -25.45
CA GLU D 294 -47.22 -42.39 -26.79
C GLU D 294 -48.34 -42.96 -27.64
N ASP D 295 -49.43 -43.43 -27.02
CA ASP D 295 -50.57 -44.00 -27.72
C ASP D 295 -51.70 -42.96 -27.82
N ASP D 296 -51.43 -41.68 -27.52
CA ASP D 296 -52.47 -40.63 -27.58
C ASP D 296 -53.49 -40.74 -26.42
N ARG D 297 -53.27 -41.66 -25.50
CA ARG D 297 -54.13 -41.76 -24.34
C ARG D 297 -53.87 -40.66 -23.27
N PRO D 298 -54.93 -39.96 -22.84
CA PRO D 298 -54.75 -38.92 -21.80
C PRO D 298 -54.18 -39.51 -20.52
N VAL D 299 -53.29 -38.77 -19.84
CA VAL D 299 -52.56 -39.26 -18.66
C VAL D 299 -53.11 -38.65 -17.37
N PRO D 300 -53.95 -39.40 -16.63
CA PRO D 300 -54.52 -38.95 -15.34
C PRO D 300 -53.53 -39.07 -14.20
N GLY D 301 -53.79 -38.36 -13.11
CA GLY D 301 -53.04 -38.58 -11.88
C GLY D 301 -51.66 -37.96 -11.85
N VAL D 302 -51.38 -37.06 -12.78
CA VAL D 302 -50.03 -36.58 -12.95
C VAL D 302 -49.97 -35.06 -12.77
N VAL D 303 -51.01 -34.37 -13.26
CA VAL D 303 -51.03 -32.91 -13.31
C VAL D 303 -51.90 -32.40 -12.18
N HIS D 304 -51.37 -31.43 -11.44
CA HIS D 304 -52.12 -30.78 -10.36
C HIS D 304 -52.03 -29.28 -10.53
N GLN D 305 -53.14 -28.55 -10.65
CA GLN D 305 -53.02 -27.10 -10.65
C GLN D 305 -52.91 -26.64 -9.20
N ILE D 306 -51.99 -25.72 -8.92
CA ILE D 306 -51.78 -25.22 -7.55
C ILE D 306 -51.86 -23.68 -7.48
N GLY D 307 -51.99 -23.01 -8.61
CA GLY D 307 -52.08 -21.54 -8.59
C GLY D 307 -52.73 -20.96 -9.81
N SER D 308 -53.14 -19.71 -9.74
CA SER D 308 -53.85 -19.13 -10.90
C SER D 308 -53.38 -17.71 -10.99
N ASP D 309 -54.01 -16.91 -11.85
CA ASP D 309 -53.56 -15.53 -12.09
C ASP D 309 -53.00 -14.81 -10.89
N GLY D 310 -53.71 -14.87 -9.76
CA GLY D 310 -53.37 -14.09 -8.59
C GLY D 310 -52.58 -14.82 -7.52
N GLY D 311 -52.26 -16.10 -7.72
CA GLY D 311 -51.47 -16.84 -6.74
C GLY D 311 -51.98 -18.22 -6.38
N LEU D 312 -51.44 -18.79 -5.30
CA LEU D 312 -51.87 -20.07 -4.76
C LEU D 312 -53.41 -20.23 -4.71
N LEU D 313 -53.88 -21.39 -5.20
CA LEU D 313 -55.28 -21.77 -5.08
C LEU D 313 -55.51 -22.16 -3.63
N PRO D 314 -56.77 -22.21 -3.20
CA PRO D 314 -56.94 -22.66 -1.82
C PRO D 314 -56.58 -24.13 -1.68
N ARG D 315 -56.98 -24.94 -2.67
CA ARG D 315 -56.67 -26.38 -2.73
C ARG D 315 -56.12 -26.80 -4.09
N PRO D 316 -55.25 -27.84 -4.10
CA PRO D 316 -54.76 -28.39 -5.37
C PRO D 316 -55.92 -28.95 -6.18
N VAL D 317 -55.87 -28.81 -7.50
CA VAL D 317 -56.92 -29.30 -8.36
C VAL D 317 -56.36 -30.36 -9.31
N PRO D 318 -56.89 -31.60 -9.22
CA PRO D 318 -56.44 -32.66 -10.14
C PRO D 318 -56.77 -32.30 -11.59
N VAL D 319 -55.83 -32.51 -12.51
CA VAL D 319 -56.19 -32.32 -13.92
C VAL D 319 -55.98 -33.65 -14.60
N ASP D 320 -57.08 -34.37 -14.75
CA ASP D 320 -56.99 -35.78 -15.05
C ASP D 320 -57.52 -36.05 -16.45
N PHE D 321 -57.96 -34.99 -17.12
CA PHE D 321 -58.36 -35.09 -18.52
C PHE D 321 -59.39 -36.19 -18.72
N ASP D 322 -60.35 -36.29 -17.80
CA ASP D 322 -61.35 -37.33 -17.86
C ASP D 322 -62.60 -36.64 -18.29
N ASP D 323 -63.52 -36.37 -17.36
CA ASP D 323 -64.85 -35.83 -17.71
C ASP D 323 -65.27 -34.67 -16.83
N THR D 324 -64.89 -34.74 -15.55
CA THR D 324 -64.86 -33.56 -14.68
C THR D 324 -63.94 -32.40 -15.21
N LEU D 325 -63.02 -32.72 -16.13
CA LEU D 325 -62.09 -31.75 -16.68
C LEU D 325 -61.36 -32.45 -17.81
N PRO D 326 -61.96 -32.52 -19.01
CA PRO D 326 -61.29 -33.16 -20.14
C PRO D 326 -60.10 -32.36 -20.70
N VAL D 327 -60.17 -31.04 -20.67
CA VAL D 327 -59.05 -30.21 -21.09
C VAL D 327 -58.76 -29.22 -19.99
N LEU D 328 -57.49 -28.83 -19.91
CA LEU D 328 -57.11 -27.65 -19.18
C LEU D 328 -57.22 -26.55 -20.19
N SER D 329 -58.21 -25.71 -20.02
CA SER D 329 -58.54 -24.69 -21.00
C SER D 329 -57.86 -23.37 -20.64
N ALA D 330 -56.93 -22.91 -21.49
CA ALA D 330 -56.11 -21.76 -21.14
C ALA D 330 -56.32 -20.63 -22.17
N ALA D 331 -57.09 -19.64 -21.78
CA ALA D 331 -57.44 -18.58 -22.72
C ALA D 331 -56.26 -17.60 -22.65
N PRO D 332 -56.12 -16.70 -23.65
CA PRO D 332 -55.06 -15.67 -23.67
C PRO D 332 -54.91 -15.01 -22.30
N ALA D 333 -53.67 -14.90 -21.79
CA ALA D 333 -53.38 -14.10 -20.59
C ALA D 333 -53.68 -14.78 -19.22
N GLU D 334 -54.35 -15.92 -19.24
CA GLU D 334 -54.55 -16.69 -17.99
C GLU D 334 -53.22 -17.35 -17.55
N ARG D 335 -52.99 -17.48 -16.26
CA ARG D 335 -51.83 -18.28 -15.80
C ARG D 335 -52.22 -19.49 -15.00
N PHE D 336 -51.48 -20.57 -15.21
CA PHE D 336 -51.72 -21.82 -14.51
C PHE D 336 -50.42 -22.28 -13.92
N ASP D 337 -50.39 -22.35 -12.59
CA ASP D 337 -49.25 -22.88 -11.83
C ASP D 337 -49.53 -24.36 -11.70
N LEU D 338 -48.73 -25.15 -12.41
CA LEU D 338 -48.98 -26.59 -12.51
C LEU D 338 -47.85 -27.40 -11.90
N LEU D 339 -48.21 -28.38 -11.08
CA LEU D 339 -47.25 -29.43 -10.70
C LEU D 339 -47.49 -30.67 -11.54
N VAL D 340 -46.42 -31.28 -12.03
CA VAL D 340 -46.55 -32.47 -12.88
C VAL D 340 -45.68 -33.59 -12.27
N ASP D 341 -46.35 -34.65 -11.81
CA ASP D 341 -45.70 -35.78 -11.18
C ASP D 341 -45.18 -36.80 -12.21
N PHE D 342 -43.88 -36.78 -12.49
CA PHE D 342 -43.29 -37.71 -13.48
C PHE D 342 -42.71 -38.98 -12.83
N ARG D 343 -42.96 -39.15 -11.54
CA ARG D 343 -42.33 -40.21 -10.77
C ARG D 343 -42.54 -41.58 -11.37
N ALA D 344 -43.72 -41.85 -11.92
CA ALA D 344 -43.91 -43.23 -12.37
C ALA D 344 -43.67 -43.38 -13.88
N LEU D 345 -42.78 -42.56 -14.46
CA LEU D 345 -42.79 -42.33 -15.92
C LEU D 345 -41.42 -42.29 -16.59
N GLY D 346 -40.39 -42.72 -15.87
CA GLY D 346 -39.05 -42.84 -16.44
C GLY D 346 -39.03 -43.70 -17.69
N GLY D 347 -38.23 -43.31 -18.67
CA GLY D 347 -38.23 -43.94 -19.97
C GLY D 347 -39.46 -43.69 -20.86
N ARG D 348 -40.31 -42.71 -20.53
CA ARG D 348 -41.53 -42.43 -21.35
C ARG D 348 -41.46 -41.09 -22.05
N ARG D 349 -42.24 -40.95 -23.12
CA ARG D 349 -42.45 -39.65 -23.80
C ARG D 349 -43.93 -39.24 -23.67
N LEU D 350 -44.17 -38.01 -23.27
CA LEU D 350 -45.52 -37.54 -23.13
C LEU D 350 -45.65 -36.22 -23.84
N ARG D 351 -46.81 -36.00 -24.45
CA ARG D 351 -47.06 -34.79 -25.19
C ARG D 351 -48.18 -33.98 -24.56
N LEU D 352 -47.94 -32.68 -24.47
CA LEU D 352 -48.99 -31.73 -24.29
C LEU D 352 -49.49 -31.41 -25.67
N VAL D 353 -50.79 -31.61 -25.89
CA VAL D 353 -51.39 -31.25 -27.19
C VAL D 353 -52.55 -30.25 -26.99
N ASP D 354 -52.96 -29.57 -28.05
CA ASP D 354 -54.19 -28.78 -28.05
C ASP D 354 -55.28 -29.68 -28.62
N LYS D 355 -56.39 -29.90 -27.90
CA LYS D 355 -57.48 -30.73 -28.46
C LYS D 355 -58.54 -29.92 -29.24
N GLY D 356 -58.75 -30.28 -30.50
CA GLY D 356 -59.81 -29.67 -31.30
C GLY D 356 -61.18 -30.22 -30.95
N PRO D 357 -62.23 -29.42 -31.18
CA PRO D 357 -63.56 -29.91 -30.79
C PRO D 357 -64.01 -31.18 -31.51
N GLY D 358 -63.40 -31.51 -32.65
CA GLY D 358 -63.99 -32.50 -33.55
C GLY D 358 -63.24 -33.82 -33.62
N ALA D 359 -62.16 -33.94 -32.84
CA ALA D 359 -61.38 -35.15 -32.86
C ALA D 359 -60.68 -35.34 -31.51
N PRO D 360 -60.35 -36.61 -31.18
CA PRO D 360 -59.69 -36.98 -29.93
C PRO D 360 -58.34 -36.28 -29.77
N ALA D 361 -57.91 -36.18 -28.52
CA ALA D 361 -56.67 -35.47 -28.21
C ALA D 361 -55.52 -36.16 -28.92
N GLY D 362 -54.73 -35.36 -29.63
CA GLY D 362 -53.60 -35.87 -30.42
C GLY D 362 -53.89 -36.12 -31.89
N THR D 363 -55.18 -36.18 -32.28
CA THR D 363 -55.59 -36.34 -33.68
C THR D 363 -55.87 -34.96 -34.31
N PRO D 364 -55.24 -34.68 -35.49
CA PRO D 364 -55.37 -33.34 -36.06
C PRO D 364 -56.84 -33.02 -36.31
N ASP D 365 -57.21 -31.76 -36.13
CA ASP D 365 -58.58 -31.35 -36.38
C ASP D 365 -58.54 -29.98 -37.05
N PRO D 366 -58.04 -29.90 -38.31
CA PRO D 366 -58.00 -28.64 -39.09
C PRO D 366 -59.34 -27.94 -39.26
N LEU D 367 -60.40 -28.70 -39.51
CA LEU D 367 -61.78 -28.14 -39.56
C LEU D 367 -62.21 -27.44 -38.28
N GLY D 368 -61.69 -27.94 -37.15
CA GLY D 368 -61.90 -27.34 -35.84
C GLY D 368 -60.86 -26.32 -35.41
N GLY D 369 -59.94 -25.92 -36.28
CA GLY D 369 -58.99 -24.84 -35.93
C GLY D 369 -57.75 -25.36 -35.26
N VAL D 370 -57.55 -26.68 -35.29
CA VAL D 370 -56.34 -27.29 -34.75
C VAL D 370 -55.75 -28.26 -35.77
N ARG D 371 -55.08 -27.70 -36.77
CA ARG D 371 -54.38 -28.52 -37.78
C ARG D 371 -53.29 -29.35 -37.13
N TYR D 372 -52.59 -28.76 -36.17
CA TYR D 372 -51.46 -29.40 -35.56
C TYR D 372 -51.65 -29.46 -34.05
N PRO D 373 -52.04 -30.63 -33.53
CA PRO D 373 -52.22 -30.74 -32.09
C PRO D 373 -50.96 -30.49 -31.22
N GLU D 374 -49.78 -30.70 -31.77
CA GLU D 374 -48.62 -30.67 -30.89
C GLU D 374 -48.35 -29.32 -30.19
N VAL D 375 -47.99 -29.40 -28.91
CA VAL D 375 -47.49 -28.26 -28.15
C VAL D 375 -46.01 -28.50 -27.77
N MET D 376 -45.74 -29.54 -26.97
CA MET D 376 -44.37 -29.92 -26.68
C MET D 376 -44.35 -31.36 -26.20
N GLU D 377 -43.15 -31.92 -26.06
CA GLU D 377 -42.97 -33.31 -25.65
C GLU D 377 -42.09 -33.31 -24.42
N PHE D 378 -42.48 -34.08 -23.40
CA PHE D 378 -41.61 -34.37 -22.27
C PHE D 378 -40.96 -35.75 -22.48
N ARG D 379 -39.66 -35.82 -22.24
CA ARG D 379 -38.94 -37.08 -22.36
C ARG D 379 -38.42 -37.38 -20.98
N VAL D 380 -39.07 -38.33 -20.31
CA VAL D 380 -38.72 -38.57 -18.93
C VAL D 380 -37.56 -39.55 -18.84
N ARG D 381 -36.48 -39.10 -18.24
CA ARG D 381 -35.34 -39.95 -17.90
C ARG D 381 -35.55 -40.71 -16.58
N GLU D 382 -35.33 -42.02 -16.61
CA GLU D 382 -35.37 -42.86 -15.40
C GLU D 382 -34.17 -42.63 -14.50
N THR D 383 -34.42 -42.17 -13.29
CA THR D 383 -33.40 -42.09 -12.28
C THR D 383 -33.73 -43.11 -11.22
N CYS D 384 -32.78 -43.34 -10.33
CA CYS D 384 -33.04 -44.20 -9.19
C CYS D 384 -33.45 -43.37 -7.98
N GLU D 385 -33.71 -42.09 -8.20
CA GLU D 385 -33.89 -41.16 -7.09
C GLU D 385 -35.34 -41.06 -6.64
N GLU D 386 -35.50 -40.87 -5.33
CA GLU D 386 -36.81 -40.85 -4.72
C GLU D 386 -37.19 -39.41 -4.42
N ASP D 387 -38.27 -38.93 -5.05
CA ASP D 387 -38.84 -37.62 -4.77
C ASP D 387 -39.97 -37.82 -3.75
N SER D 388 -39.78 -37.26 -2.55
CA SER D 388 -40.76 -37.41 -1.47
C SER D 388 -41.65 -36.15 -1.29
N PHE D 389 -41.52 -35.18 -2.19
CA PHE D 389 -42.42 -34.01 -2.14
C PHE D 389 -43.84 -34.46 -1.76
N ALA D 390 -44.45 -33.75 -0.81
CA ALA D 390 -45.82 -34.01 -0.33
C ALA D 390 -46.75 -32.87 -0.78
N LEU D 391 -47.90 -33.18 -1.36
CA LEU D 391 -48.89 -32.12 -1.77
C LEU D 391 -50.10 -32.12 -0.85
N PRO D 392 -50.29 -31.06 -0.06
CA PRO D 392 -51.37 -31.19 0.94
C PRO D 392 -52.73 -30.83 0.36
N GLU D 393 -53.81 -31.28 1.02
CA GLU D 393 -55.13 -31.16 0.46
C GLU D 393 -55.56 -29.71 0.50
N VAL D 394 -55.10 -28.99 1.51
CA VAL D 394 -55.27 -27.54 1.54
C VAL D 394 -53.91 -26.91 1.28
N LEU D 395 -53.88 -26.05 0.27
CA LEU D 395 -52.64 -25.45 -0.20
C LEU D 395 -52.30 -24.16 0.51
N SER D 396 -53.26 -23.24 0.54
CA SER D 396 -52.98 -21.89 1.01
C SER D 396 -53.61 -21.58 2.38
N GLY D 397 -52.77 -21.29 3.36
CA GLY D 397 -53.29 -20.76 4.61
C GLY D 397 -53.86 -19.35 4.49
N SER D 398 -53.38 -18.56 3.55
CA SER D 398 -53.77 -17.15 3.50
C SER D 398 -55.09 -16.94 2.76
N PHE D 399 -55.52 -17.90 1.97
CA PHE D 399 -56.62 -17.64 1.05
C PHE D 399 -57.92 -17.31 1.75
N ARG D 400 -58.49 -16.16 1.44
CA ARG D 400 -59.81 -15.85 2.00
C ARG D 400 -60.82 -15.76 0.87
N ARG D 401 -61.88 -16.56 0.97
CA ARG D 401 -62.95 -16.54 -0.02
C ARG D 401 -63.69 -15.18 0.03
N MET D 402 -63.77 -14.47 -1.10
CA MET D 402 -64.66 -13.30 -1.27
C MET D 402 -66.09 -13.65 -0.89
N SER D 403 -66.64 -12.94 0.08
CA SER D 403 -68.05 -13.07 0.40
C SER D 403 -68.89 -11.98 -0.30
N HIS D 404 -70.00 -12.37 -0.91
CA HIS D 404 -71.00 -11.40 -1.27
C HIS D 404 -71.56 -10.57 -0.08
N ASP D 405 -71.28 -10.96 1.17
CA ASP D 405 -71.66 -10.16 2.37
C ASP D 405 -70.80 -8.94 2.64
N ILE D 406 -69.70 -8.76 1.91
CA ILE D 406 -68.94 -7.53 2.09
C ILE D 406 -69.72 -6.43 1.38
N PRO D 407 -69.76 -5.23 1.97
CA PRO D 407 -70.40 -4.12 1.27
C PRO D 407 -69.67 -3.76 -0.03
N HIS D 408 -70.41 -3.71 -1.13
CA HIS D 408 -69.81 -3.55 -2.45
C HIS D 408 -70.76 -2.83 -3.37
N GLY D 409 -70.18 -2.16 -4.36
CA GLY D 409 -70.94 -1.60 -5.49
C GLY D 409 -71.05 -2.60 -6.61
N HIS D 410 -71.82 -2.24 -7.63
CA HIS D 410 -72.17 -3.16 -8.72
C HIS D 410 -71.91 -2.51 -10.07
N ARG D 411 -71.25 -3.21 -10.98
CA ARG D 411 -71.20 -2.80 -12.39
C ARG D 411 -71.92 -3.84 -13.21
N LEU D 412 -72.60 -3.40 -14.27
CA LEU D 412 -73.12 -4.28 -15.31
C LEU D 412 -72.42 -3.96 -16.64
N ILE D 413 -71.79 -5.00 -17.22
CA ILE D 413 -71.04 -4.85 -18.47
C ILE D 413 -71.65 -5.82 -19.48
N VAL D 414 -72.27 -5.27 -20.52
CA VAL D 414 -72.79 -6.12 -21.56
C VAL D 414 -71.76 -6.34 -22.67
N LEU D 415 -71.62 -7.61 -23.09
CA LEU D 415 -70.82 -7.99 -24.26
C LEU D 415 -71.76 -8.33 -25.43
N THR D 416 -71.74 -7.51 -26.48
CA THR D 416 -72.74 -7.59 -27.57
C THR D 416 -72.24 -8.40 -28.73
N PRO D 417 -73.17 -8.99 -29.53
CA PRO D 417 -72.73 -9.67 -30.74
C PRO D 417 -72.29 -8.70 -31.84
N PRO D 418 -71.46 -9.16 -32.78
CA PRO D 418 -70.83 -8.34 -33.84
C PRO D 418 -71.86 -7.58 -34.70
N GLY D 419 -72.95 -8.22 -35.09
CA GLY D 419 -73.91 -7.53 -35.97
C GLY D 419 -74.87 -6.56 -35.28
N THR D 420 -74.44 -5.98 -34.16
CA THR D 420 -75.34 -5.10 -33.40
C THR D 420 -75.37 -3.71 -34.02
N LYS D 421 -76.57 -3.15 -34.17
CA LYS D 421 -76.72 -1.79 -34.72
C LYS D 421 -75.72 -0.80 -34.16
N GLY D 422 -75.11 -0.02 -35.04
CA GLY D 422 -74.06 0.92 -34.60
C GLY D 422 -72.64 0.38 -34.31
N SER D 423 -72.44 -0.94 -34.36
CA SER D 423 -71.12 -1.45 -34.03
C SER D 423 -70.16 -1.57 -35.24
N GLY D 424 -70.67 -1.36 -36.44
CA GLY D 424 -69.85 -1.50 -37.65
C GLY D 424 -69.34 -2.93 -37.80
N GLY D 425 -70.02 -3.87 -37.17
CA GLY D 425 -69.73 -5.29 -37.39
C GLY D 425 -68.87 -5.91 -36.29
N HIS D 426 -68.45 -5.11 -35.32
CA HIS D 426 -67.54 -5.57 -34.24
C HIS D 426 -68.32 -5.84 -32.94
N PRO D 427 -67.88 -6.85 -32.16
CA PRO D 427 -68.42 -7.09 -30.82
C PRO D 427 -68.01 -5.92 -29.98
N GLU D 428 -68.75 -5.63 -28.91
CA GLU D 428 -68.42 -4.46 -28.07
C GLU D 428 -68.61 -4.71 -26.58
N ILE D 429 -67.97 -3.83 -25.82
CA ILE D 429 -68.30 -3.63 -24.42
C ILE D 429 -69.36 -2.54 -24.35
N TRP D 430 -70.45 -2.82 -23.64
CA TRP D 430 -71.47 -1.81 -23.34
C TRP D 430 -71.48 -1.61 -21.84
N GLU D 431 -71.20 -0.39 -21.38
CA GLU D 431 -71.45 -0.09 -19.96
C GLU D 431 -72.91 0.28 -19.79
N MET D 432 -73.54 -0.32 -18.79
CA MET D 432 -74.97 -0.15 -18.57
C MET D 432 -75.25 0.58 -17.24
N ALA D 433 -76.34 1.31 -17.18
CA ALA D 433 -76.84 1.88 -15.93
C ALA D 433 -78.34 1.55 -15.77
N GLU D 434 -78.72 1.11 -14.58
CA GLU D 434 -80.13 0.82 -14.30
C GLU D 434 -80.98 2.09 -14.45
N VAL D 435 -82.13 1.98 -15.11
CA VAL D 435 -83.04 3.12 -15.18
C VAL D 435 -84.04 3.06 -14.02
N GLU D 436 -84.42 4.22 -13.45
CA GLU D 436 -85.57 4.26 -12.51
C GLU D 436 -86.65 5.30 -12.81
N GLN D 442 -88.88 3.32 -21.45
CA GLN D 442 -89.80 2.90 -22.51
C GLN D 442 -89.17 1.98 -23.57
N VAL D 443 -89.34 0.68 -23.37
CA VAL D 443 -88.96 -0.34 -24.32
C VAL D 443 -89.95 -0.37 -25.50
N PRO D 444 -89.52 -0.84 -26.68
CA PRO D 444 -88.16 -1.22 -27.04
C PRO D 444 -87.40 -0.04 -27.64
N ALA D 445 -86.10 0.06 -27.36
CA ALA D 445 -85.29 1.20 -27.80
C ALA D 445 -83.83 0.83 -27.90
N GLU D 446 -83.18 1.42 -28.91
CA GLU D 446 -81.75 1.32 -29.08
C GLU D 446 -81.03 1.57 -27.76
N GLY D 447 -80.20 0.62 -27.37
CA GLY D 447 -79.37 0.81 -26.18
C GLY D 447 -80.06 0.43 -24.90
N VAL D 448 -81.33 0.01 -25.00
CA VAL D 448 -82.04 -0.39 -23.79
C VAL D 448 -82.14 -1.92 -23.68
N ILE D 449 -81.65 -2.45 -22.56
CA ILE D 449 -81.67 -3.87 -22.34
C ILE D 449 -82.40 -4.22 -21.03
N GLN D 450 -83.33 -5.15 -21.11
CA GLN D 450 -84.04 -5.62 -19.94
C GLN D 450 -83.63 -7.03 -19.64
N VAL D 451 -83.54 -7.31 -18.34
CA VAL D 451 -83.06 -8.57 -17.80
C VAL D 451 -83.98 -9.04 -16.67
N THR D 452 -84.50 -10.26 -16.79
CA THR D 452 -85.33 -10.82 -15.76
C THR D 452 -84.47 -11.66 -14.86
N GLY D 453 -84.24 -11.15 -13.65
CA GLY D 453 -83.54 -11.89 -12.62
C GLY D 453 -84.24 -13.14 -12.12
N ALA D 454 -83.55 -13.85 -11.23
CA ALA D 454 -83.96 -15.14 -10.73
C ALA D 454 -85.34 -15.06 -10.09
N ASP D 455 -85.62 -13.94 -9.43
CA ASP D 455 -86.88 -13.75 -8.74
C ASP D 455 -88.03 -13.35 -9.69
N GLY D 456 -87.81 -13.41 -11.00
CA GLY D 456 -88.88 -13.14 -11.95
C GLY D 456 -89.17 -11.67 -12.15
N ARG D 457 -88.48 -10.80 -11.44
CA ARG D 457 -88.60 -9.38 -11.62
C ARG D 457 -87.68 -8.90 -12.76
N THR D 458 -88.16 -7.96 -13.57
CA THR D 458 -87.45 -7.48 -14.76
C THR D 458 -86.90 -6.11 -14.49
N LYS D 459 -85.59 -5.94 -14.59
CA LYS D 459 -85.02 -4.58 -14.51
C LYS D 459 -84.64 -4.03 -15.86
N THR D 460 -84.47 -2.71 -15.90
CA THR D 460 -84.18 -2.03 -17.16
C THR D 460 -82.89 -1.24 -17.11
N TYR D 461 -82.05 -1.48 -18.11
CA TYR D 461 -80.75 -0.87 -18.20
C TYR D 461 -80.55 -0.12 -19.50
N ARG D 462 -79.84 1.00 -19.39
CA ARG D 462 -79.50 1.83 -20.54
C ARG D 462 -77.99 1.87 -20.76
N ARG D 463 -77.59 1.78 -22.02
CA ARG D 463 -76.19 1.85 -22.40
C ARG D 463 -75.60 3.26 -22.20
N THR D 464 -74.54 3.33 -21.42
CA THR D 464 -73.85 4.60 -21.19
C THR D 464 -72.52 4.79 -21.93
N ALA D 465 -71.89 3.70 -22.39
CA ALA D 465 -70.69 3.73 -23.24
C ALA D 465 -70.65 2.48 -24.08
N ARG D 466 -70.03 2.57 -25.25
CA ARG D 466 -69.95 1.41 -26.18
C ARG D 466 -68.54 1.19 -26.73
N THR D 467 -67.65 2.16 -26.51
CA THR D 467 -66.32 2.04 -27.06
C THR D 467 -65.24 2.68 -26.19
N PHE D 468 -63.97 2.32 -26.44
CA PHE D 468 -62.88 2.81 -25.59
C PHE D 468 -62.96 4.31 -25.33
N ASN D 469 -63.18 5.08 -26.37
CA ASN D 469 -63.05 6.52 -26.20
C ASN D 469 -64.31 7.29 -25.86
N ASP D 470 -65.40 6.60 -25.51
CA ASP D 470 -66.57 7.29 -24.91
C ASP D 470 -66.17 7.84 -23.51
N GLY D 471 -66.91 8.83 -23.01
CA GLY D 471 -66.77 9.31 -21.64
C GLY D 471 -66.59 8.22 -20.59
N LEU D 472 -65.69 8.46 -19.64
CA LEU D 472 -65.47 7.60 -18.50
C LEU D 472 -66.79 7.17 -17.85
N GLY D 473 -66.90 5.92 -17.45
CA GLY D 473 -68.07 5.47 -16.72
C GLY D 473 -67.67 5.16 -15.29
N PHE D 474 -66.63 4.36 -15.10
CA PHE D 474 -66.37 3.80 -13.77
C PHE D 474 -65.35 4.58 -12.97
N THR D 475 -65.81 5.31 -11.95
CA THR D 475 -64.92 5.88 -10.93
C THR D 475 -65.03 5.10 -9.60
N ILE D 476 -63.90 4.84 -8.95
CA ILE D 476 -63.84 3.89 -7.84
C ILE D 476 -62.99 4.39 -6.67
N GLY D 477 -63.54 4.38 -5.47
CA GLY D 477 -62.75 4.69 -4.28
C GLY D 477 -61.76 3.61 -3.95
N GLU D 478 -60.49 3.98 -3.81
CA GLU D 478 -59.48 3.01 -3.44
C GLU D 478 -59.92 2.36 -2.11
N GLY D 479 -59.69 1.05 -1.99
CA GLY D 479 -60.13 0.29 -0.81
C GLY D 479 -61.55 -0.27 -0.85
N THR D 480 -62.38 0.12 -1.81
CA THR D 480 -63.77 -0.38 -1.89
C THR D 480 -63.83 -1.75 -2.63
N HIS D 481 -64.94 -2.47 -2.50
CA HIS D 481 -65.19 -3.70 -3.26
C HIS D 481 -66.29 -3.45 -4.31
N GLU D 482 -66.19 -4.07 -5.48
CA GLU D 482 -67.27 -4.07 -6.45
C GLU D 482 -67.46 -5.47 -6.98
N GLN D 483 -68.73 -5.84 -7.18
CA GLN D 483 -69.10 -6.97 -7.99
C GLN D 483 -69.35 -6.47 -9.40
N TRP D 484 -68.68 -7.08 -10.37
CA TRP D 484 -68.93 -6.76 -11.78
C TRP D 484 -69.61 -7.96 -12.42
N THR D 485 -70.66 -7.70 -13.16
CA THR D 485 -71.29 -8.74 -13.92
C THR D 485 -70.96 -8.52 -15.37
N PHE D 486 -70.43 -9.55 -16.02
CA PHE D 486 -70.19 -9.55 -17.46
C PHE D 486 -71.28 -10.38 -18.06
N LEU D 487 -72.14 -9.71 -18.81
CA LEU D 487 -73.28 -10.39 -19.38
C LEU D 487 -73.07 -10.44 -20.89
N ASN D 488 -72.70 -11.62 -21.38
CA ASN D 488 -72.39 -11.85 -22.79
C ASN D 488 -73.64 -12.30 -23.57
N LEU D 489 -74.07 -11.48 -24.52
CA LEU D 489 -75.33 -11.72 -25.23
C LEU D 489 -75.09 -12.47 -26.53
N SER D 490 -73.86 -12.91 -26.76
CA SER D 490 -73.47 -13.44 -28.06
C SER D 490 -72.92 -14.83 -27.87
N PRO D 491 -72.58 -15.53 -28.96
CA PRO D 491 -72.00 -16.85 -28.68
C PRO D 491 -70.46 -16.83 -28.73
N ILE D 492 -69.88 -15.64 -28.77
CA ILE D 492 -68.40 -15.49 -28.81
C ILE D 492 -67.79 -15.34 -27.41
N LEU D 493 -66.85 -16.22 -27.10
CA LEU D 493 -66.10 -16.21 -25.84
C LEU D 493 -65.15 -15.03 -25.75
N HIS D 494 -65.34 -14.14 -24.78
CA HIS D 494 -64.36 -13.06 -24.53
C HIS D 494 -63.62 -13.30 -23.23
N PRO D 495 -62.29 -13.42 -23.29
CA PRO D 495 -61.57 -13.50 -22.02
C PRO D 495 -61.42 -12.08 -21.52
N MET D 496 -62.12 -11.75 -20.45
CA MET D 496 -62.14 -10.38 -19.93
C MET D 496 -61.11 -10.16 -18.83
N HIS D 497 -60.39 -9.05 -18.96
CA HIS D 497 -59.31 -8.78 -18.05
C HIS D 497 -59.52 -7.40 -17.46
N ILE D 498 -59.37 -7.33 -16.13
CA ILE D 498 -59.43 -6.05 -15.41
C ILE D 498 -58.06 -5.75 -14.79
N HIS D 499 -57.45 -4.62 -15.19
CA HIS D 499 -56.16 -4.17 -14.63
C HIS D 499 -56.30 -3.94 -13.12
N LEU D 500 -55.15 -3.89 -12.44
CA LEU D 500 -55.00 -3.53 -11.02
C LEU D 500 -55.47 -4.58 -10.01
N ALA D 501 -56.74 -4.97 -10.06
CA ALA D 501 -57.33 -5.67 -8.93
C ALA D 501 -57.26 -7.19 -9.04
N ASP D 502 -57.32 -7.85 -7.88
CA ASP D 502 -57.60 -9.29 -7.81
C ASP D 502 -59.09 -9.56 -7.62
N PHE D 503 -59.61 -10.57 -8.32
CA PHE D 503 -61.02 -10.87 -8.23
C PHE D 503 -61.22 -12.33 -7.93
N GLN D 504 -62.40 -12.64 -7.43
CA GLN D 504 -62.87 -14.01 -7.40
C GLN D 504 -64.16 -14.16 -8.16
N VAL D 505 -64.27 -15.28 -8.81
CA VAL D 505 -65.45 -15.68 -9.50
C VAL D 505 -66.47 -16.10 -8.40
N LEU D 506 -67.65 -15.52 -8.45
CA LEU D 506 -68.72 -15.85 -7.52
C LEU D 506 -69.80 -16.69 -8.20
N GLY D 507 -69.95 -16.57 -9.52
CA GLY D 507 -70.98 -17.33 -10.23
C GLY D 507 -71.09 -17.12 -11.73
N ARG D 508 -71.51 -18.18 -12.43
CA ARG D 508 -71.87 -18.12 -13.85
C ARG D 508 -73.33 -18.56 -14.02
N ASP D 509 -74.03 -18.04 -15.02
CA ASP D 509 -75.37 -18.54 -15.35
C ASP D 509 -75.62 -18.47 -16.85
N ALA D 510 -76.28 -19.49 -17.40
CA ALA D 510 -76.70 -19.45 -18.79
C ALA D 510 -77.87 -18.51 -18.92
N TYR D 511 -77.87 -17.74 -20.00
CA TYR D 511 -79.01 -16.87 -20.35
C TYR D 511 -79.60 -17.24 -21.69
N ASP D 512 -80.90 -16.98 -21.85
CA ASP D 512 -81.52 -16.91 -23.16
C ASP D 512 -81.45 -15.47 -23.62
N ALA D 513 -80.62 -15.20 -24.64
CA ALA D 513 -80.46 -13.81 -25.06
C ALA D 513 -81.26 -13.48 -26.33
N SER D 514 -82.23 -14.31 -26.69
CA SER D 514 -82.94 -14.14 -27.97
C SER D 514 -83.83 -12.89 -28.01
N GLY D 515 -84.22 -12.41 -26.83
CA GLY D 515 -84.90 -11.11 -26.75
C GLY D 515 -84.12 -9.90 -27.25
N PHE D 516 -82.78 -10.01 -27.29
CA PHE D 516 -81.96 -8.89 -27.78
C PHE D 516 -81.96 -8.85 -29.30
N ASP D 517 -82.20 -7.66 -29.86
CA ASP D 517 -82.51 -7.52 -31.30
C ASP D 517 -81.42 -6.70 -31.95
N LEU D 518 -80.54 -7.35 -32.67
CA LEU D 518 -79.35 -6.69 -33.18
C LEU D 518 -79.64 -5.42 -33.98
N ALA D 519 -80.70 -5.42 -34.78
CA ALA D 519 -81.00 -4.24 -35.64
C ALA D 519 -81.56 -3.06 -34.84
N LEU D 520 -82.27 -3.35 -33.78
CA LEU D 520 -82.68 -2.31 -32.84
C LEU D 520 -81.51 -1.87 -31.93
N GLY D 521 -80.61 -2.81 -31.60
CA GLY D 521 -79.59 -2.54 -30.59
C GLY D 521 -80.20 -2.46 -29.19
N GLY D 522 -81.26 -3.23 -28.98
CA GLY D 522 -81.89 -3.29 -27.69
C GLY D 522 -82.74 -4.53 -27.61
N THR D 523 -83.38 -4.70 -26.48
CA THR D 523 -84.12 -5.90 -26.23
C THR D 523 -85.61 -5.68 -26.58
N ARG D 524 -86.24 -6.69 -27.18
CA ARG D 524 -87.68 -6.62 -27.43
C ARG D 524 -88.48 -7.31 -26.33
N THR D 525 -88.02 -8.49 -25.96
CA THR D 525 -88.45 -9.10 -24.70
C THR D 525 -87.18 -9.23 -23.86
N PRO D 526 -87.33 -9.38 -22.55
CA PRO D 526 -86.14 -9.40 -21.70
C PRO D 526 -85.14 -10.57 -21.91
N VAL D 527 -83.86 -10.29 -21.70
CA VAL D 527 -82.88 -11.34 -21.51
C VAL D 527 -83.34 -12.04 -20.22
N ARG D 528 -83.28 -13.39 -20.21
CA ARG D 528 -83.77 -14.27 -19.11
C ARG D 528 -82.69 -15.31 -18.75
N LEU D 529 -82.70 -15.81 -17.52
CA LEU D 529 -81.85 -16.97 -17.20
C LEU D 529 -82.38 -18.21 -17.85
N ASP D 530 -81.48 -19.00 -18.41
CA ASP D 530 -81.85 -20.20 -19.11
C ASP D 530 -81.87 -21.37 -18.12
N PRO D 531 -83.07 -21.90 -17.80
CA PRO D 531 -83.17 -22.99 -16.81
C PRO D 531 -82.68 -24.37 -17.30
N ASP D 532 -82.41 -24.50 -18.59
CA ASP D 532 -82.12 -25.80 -19.20
C ASP D 532 -80.65 -26.00 -19.51
N THR D 533 -79.82 -24.98 -19.25
CA THR D 533 -78.38 -25.06 -19.59
C THR D 533 -77.46 -24.90 -18.37
N PRO D 534 -76.87 -26.02 -17.89
CA PRO D 534 -75.96 -25.98 -16.75
C PRO D 534 -74.68 -25.23 -17.12
N VAL D 535 -74.23 -24.32 -16.24
CA VAL D 535 -72.91 -23.69 -16.34
C VAL D 535 -72.19 -23.69 -14.98
N PRO D 536 -71.63 -24.86 -14.57
CA PRO D 536 -70.88 -24.93 -13.32
C PRO D 536 -69.57 -24.13 -13.40
N LEU D 537 -69.04 -23.73 -12.24
CA LEU D 537 -67.76 -23.11 -12.16
C LEU D 537 -66.68 -24.13 -12.51
N ALA D 538 -65.63 -23.69 -13.20
CA ALA D 538 -64.45 -24.51 -13.42
C ALA D 538 -63.79 -24.78 -12.04
N PRO D 539 -63.35 -26.04 -11.79
CA PRO D 539 -62.77 -26.34 -10.46
C PRO D 539 -61.45 -25.57 -10.19
N ASN D 540 -60.85 -25.01 -11.24
CA ASN D 540 -59.59 -24.27 -11.08
C ASN D 540 -59.77 -22.75 -11.14
N GLU D 541 -61.02 -22.28 -11.04
CA GLU D 541 -61.25 -20.83 -11.03
C GLU D 541 -61.77 -20.32 -9.70
N LEU D 542 -61.53 -21.05 -8.63
CA LEU D 542 -62.06 -20.63 -7.35
C LEU D 542 -61.03 -19.91 -6.51
N GLY D 543 -59.89 -19.55 -7.12
CA GLY D 543 -58.87 -18.77 -6.43
C GLY D 543 -58.88 -17.34 -6.89
N HIS D 544 -57.68 -16.74 -6.99
CA HIS D 544 -57.55 -15.37 -7.40
C HIS D 544 -57.31 -15.32 -8.91
N LYS D 545 -58.17 -14.60 -9.63
CA LYS D 545 -58.03 -14.46 -11.07
C LYS D 545 -58.07 -12.98 -11.46
N ASP D 546 -57.53 -12.66 -12.64
CA ASP D 546 -57.73 -11.33 -13.20
C ASP D 546 -58.11 -11.40 -14.66
N VAL D 547 -58.12 -12.60 -15.20
CA VAL D 547 -58.58 -12.83 -16.57
C VAL D 547 -59.61 -13.92 -16.52
N PHE D 548 -60.81 -13.65 -17.05
CA PHE D 548 -61.92 -14.61 -16.96
C PHE D 548 -62.50 -14.95 -18.30
N GLN D 549 -62.65 -16.23 -18.59
CA GLN D 549 -63.40 -16.61 -19.76
C GLN D 549 -64.86 -16.25 -19.56
N VAL D 550 -65.46 -15.68 -20.60
CA VAL D 550 -66.89 -15.39 -20.60
C VAL D 550 -67.45 -15.94 -21.89
N PRO D 551 -67.81 -17.24 -21.91
CA PRO D 551 -68.49 -17.82 -23.03
C PRO D 551 -69.91 -17.27 -23.03
N GLY D 552 -70.38 -16.72 -24.12
CA GLY D 552 -71.78 -16.37 -24.12
C GLY D 552 -72.57 -17.40 -24.88
N PRO D 553 -73.90 -17.35 -24.78
CA PRO D 553 -74.67 -16.30 -24.10
C PRO D 553 -74.81 -16.54 -22.59
N GLN D 554 -74.01 -15.87 -21.77
CA GLN D 554 -73.92 -16.26 -20.38
C GLN D 554 -73.60 -15.04 -19.52
N GLY D 555 -73.83 -15.17 -18.22
CA GLY D 555 -73.47 -14.12 -17.27
C GLY D 555 -72.38 -14.56 -16.29
N LEU D 556 -71.37 -13.73 -16.10
CA LEU D 556 -70.33 -13.98 -15.10
C LEU D 556 -70.35 -12.90 -14.02
N ARG D 557 -70.43 -13.32 -12.77
CA ARG D 557 -70.28 -12.37 -11.66
C ARG D 557 -68.93 -12.57 -11.05
N VAL D 558 -68.12 -11.51 -11.02
CA VAL D 558 -66.88 -11.54 -10.23
C VAL D 558 -66.87 -10.44 -9.19
N MET D 559 -66.13 -10.66 -8.11
CA MET D 559 -66.03 -9.63 -7.09
C MET D 559 -64.60 -9.25 -6.83
N GLY D 560 -64.34 -7.97 -6.59
CA GLY D 560 -62.97 -7.55 -6.34
C GLY D 560 -62.79 -6.39 -5.40
N LYS D 561 -61.58 -6.29 -4.84
CA LYS D 561 -61.15 -5.14 -4.05
C LYS D 561 -60.17 -4.28 -4.87
N PHE D 562 -60.53 -3.00 -5.02
CA PHE D 562 -59.74 -2.02 -5.72
C PHE D 562 -58.80 -1.25 -4.78
N ASP D 563 -57.61 -1.81 -4.66
CA ASP D 563 -56.81 -1.85 -3.45
C ASP D 563 -55.35 -1.56 -3.84
N GLY D 564 -54.66 -0.70 -3.09
CA GLY D 564 -53.20 -0.61 -3.16
C GLY D 564 -52.56 0.37 -4.14
N ALA D 565 -53.37 1.15 -4.85
CA ALA D 565 -52.84 2.03 -5.87
C ALA D 565 -53.95 2.94 -6.45
N TYR D 566 -53.55 3.91 -7.26
CA TYR D 566 -54.45 4.94 -7.77
C TYR D 566 -54.17 5.11 -9.24
N GLY D 567 -55.15 5.62 -9.97
CA GLY D 567 -54.93 6.18 -11.30
C GLY D 567 -55.95 5.69 -12.30
N ARG D 568 -55.60 5.84 -13.58
CA ARG D 568 -56.49 5.45 -14.65
C ARG D 568 -55.99 4.14 -15.21
N PHE D 569 -56.89 3.18 -15.39
CA PHE D 569 -56.55 1.77 -15.70
C PHE D 569 -57.47 1.31 -16.84
N MET D 570 -57.25 0.09 -17.36
CA MET D 570 -58.09 -0.46 -18.43
C MET D 570 -58.87 -1.62 -17.87
N TYR D 571 -60.02 -1.88 -18.46
CA TYR D 571 -60.44 -3.25 -18.56
C TYR D 571 -60.81 -3.51 -20.00
N HIS D 572 -60.73 -4.75 -20.42
CA HIS D 572 -60.91 -5.02 -21.83
C HIS D 572 -60.93 -6.50 -22.10
N CYS D 573 -61.43 -6.86 -23.27
CA CYS D 573 -61.31 -8.20 -23.77
C CYS D 573 -59.82 -8.46 -24.08
N HIS D 574 -59.34 -9.68 -23.87
CA HIS D 574 -57.90 -9.95 -24.14
C HIS D 574 -57.68 -10.72 -25.45
N LEU D 575 -58.65 -10.64 -26.36
CA LEU D 575 -58.38 -11.04 -27.73
C LEU D 575 -57.79 -9.80 -28.40
N LEU D 576 -56.50 -9.84 -28.67
CA LEU D 576 -55.79 -8.63 -29.12
C LEU D 576 -56.46 -7.95 -30.32
N GLU D 577 -56.95 -8.76 -31.27
CA GLU D 577 -57.67 -8.19 -32.40
C GLU D 577 -58.92 -7.38 -31.95
N HIS D 578 -59.67 -7.86 -30.95
CA HIS D 578 -60.78 -7.09 -30.37
C HIS D 578 -60.34 -5.87 -29.58
N GLU D 579 -59.31 -6.04 -28.77
CA GLU D 579 -58.77 -4.96 -27.98
C GLU D 579 -58.32 -3.79 -28.87
N ASP D 580 -57.67 -4.08 -30.00
CA ASP D 580 -57.21 -3.04 -30.92
C ASP D 580 -58.35 -2.36 -31.65
N MET D 581 -59.53 -2.95 -31.60
CA MET D 581 -60.69 -2.34 -32.23
C MET D 581 -61.75 -1.86 -31.23
N GLY D 582 -61.30 -1.27 -30.12
CA GLY D 582 -62.20 -0.59 -29.20
C GLY D 582 -62.76 -1.40 -28.05
N MET D 583 -62.56 -2.71 -28.07
CA MET D 583 -63.09 -3.54 -26.98
C MET D 583 -62.30 -3.42 -25.64
N MET D 584 -62.38 -2.22 -25.06
CA MET D 584 -61.50 -1.75 -24.00
C MET D 584 -62.10 -0.48 -23.39
N ARG D 585 -61.93 -0.30 -22.08
CA ARG D 585 -62.49 0.86 -21.38
C ARG D 585 -61.56 1.29 -20.25
N PRO D 586 -61.55 2.60 -19.93
CA PRO D 586 -60.84 3.13 -18.79
C PRO D 586 -61.72 2.99 -17.56
N PHE D 587 -61.09 2.89 -16.39
CA PHE D 587 -61.70 3.26 -15.13
C PHE D 587 -60.65 3.93 -14.21
N VAL D 588 -61.12 4.60 -13.16
CA VAL D 588 -60.27 5.44 -12.35
C VAL D 588 -60.40 5.02 -10.89
N VAL D 589 -59.26 4.82 -10.23
CA VAL D 589 -59.27 4.55 -8.83
C VAL D 589 -58.58 5.71 -8.13
N MET D 590 -59.12 6.08 -6.97
CA MET D 590 -58.91 7.41 -6.40
C MET D 590 -59.14 7.29 -4.89
N PRO D 591 -58.34 8.00 -4.06
CA PRO D 591 -58.63 7.99 -2.59
C PRO D 591 -60.09 8.35 -2.35
N PRO D 592 -60.80 7.61 -1.43
CA PRO D 592 -62.17 8.03 -1.09
C PRO D 592 -62.26 9.52 -0.80
N GLU D 593 -61.20 10.10 -0.22
CA GLU D 593 -61.26 11.52 0.14
C GLU D 593 -61.27 12.46 -1.09
N ALA D 594 -60.65 12.02 -2.20
CA ALA D 594 -60.56 12.87 -3.38
C ALA D 594 -61.86 12.81 -4.11
N LEU D 595 -62.56 11.68 -3.96
CA LEU D 595 -63.89 11.46 -4.53
C LEU D 595 -64.92 12.46 -4.07
N LYS D 596 -64.78 13.01 -2.86
CA LYS D 596 -65.67 14.08 -2.41
C LYS D 596 -65.66 15.27 -3.37
N PHE D 597 -64.62 15.39 -4.19
CA PHE D 597 -64.55 16.52 -5.11
C PHE D 597 -64.88 16.11 -6.54
N ASP D 598 -65.31 14.85 -6.68
CA ASP D 598 -65.91 14.27 -7.90
C ASP D 598 -65.37 12.86 -8.21
N ALA E 7 7.39 -37.01 -60.81
CA ALA E 7 8.55 -36.82 -61.75
C ALA E 7 9.73 -36.13 -61.07
N PRO E 8 10.95 -36.23 -61.64
CA PRO E 8 12.10 -35.56 -61.04
C PRO E 8 11.92 -34.04 -61.05
N GLY E 9 12.15 -33.39 -59.91
CA GLY E 9 11.98 -31.95 -59.83
C GLY E 9 10.52 -31.54 -59.80
N GLU E 10 9.65 -32.45 -59.37
CA GLU E 10 8.25 -32.11 -59.09
C GLU E 10 7.96 -32.22 -57.60
N LEU E 11 7.14 -31.31 -57.10
CA LEU E 11 6.75 -31.28 -55.71
C LEU E 11 5.76 -32.39 -55.38
N THR E 12 5.89 -32.99 -54.21
CA THR E 12 4.90 -33.98 -53.75
C THR E 12 3.68 -33.24 -53.22
N PRO E 13 2.52 -33.43 -53.84
CA PRO E 13 1.35 -32.71 -53.32
C PRO E 13 0.96 -33.24 -51.93
N PHE E 14 0.35 -32.40 -51.12
CA PHE E 14 -0.16 -32.83 -49.80
C PHE E 14 0.95 -33.26 -48.85
N ALA E 15 2.06 -32.52 -48.88
CA ALA E 15 3.20 -32.85 -48.03
C ALA E 15 3.20 -32.11 -46.69
N ALA E 16 2.45 -31.00 -46.60
CA ALA E 16 2.44 -30.14 -45.40
C ALA E 16 1.01 -29.84 -45.02
N PRO E 17 0.73 -29.66 -43.71
CA PRO E 17 -0.62 -29.36 -43.29
C PRO E 17 -1.08 -27.92 -43.63
N LEU E 18 -2.38 -27.75 -43.81
CA LEU E 18 -3.02 -26.44 -43.97
C LEU E 18 -2.79 -25.56 -42.74
N THR E 19 -2.56 -24.27 -42.97
CA THR E 19 -2.57 -23.31 -41.86
C THR E 19 -3.66 -22.33 -42.06
N VAL E 20 -3.94 -21.53 -41.04
CA VAL E 20 -4.91 -20.48 -41.18
C VAL E 20 -4.25 -19.26 -40.61
N PRO E 21 -4.55 -18.10 -41.18
CA PRO E 21 -3.92 -16.91 -40.66
C PRO E 21 -4.39 -16.66 -39.26
N PRO E 22 -3.56 -15.98 -38.45
CA PRO E 22 -3.99 -15.58 -37.11
C PRO E 22 -5.21 -14.66 -37.22
N VAL E 23 -6.04 -14.69 -36.18
CA VAL E 23 -7.25 -13.89 -36.17
C VAL E 23 -7.01 -12.59 -35.45
N LEU E 24 -7.45 -11.48 -36.05
CA LEU E 24 -7.36 -10.16 -35.47
C LEU E 24 -8.78 -9.62 -35.28
N ARG E 25 -9.09 -9.15 -34.08
CA ARG E 25 -10.37 -8.53 -33.78
C ARG E 25 -10.10 -7.13 -33.32
N PRO E 26 -10.19 -6.16 -34.25
CA PRO E 26 -9.78 -4.79 -33.97
C PRO E 26 -10.79 -3.93 -33.22
N ALA E 27 -12.04 -4.35 -33.10
CA ALA E 27 -13.08 -3.48 -32.54
C ALA E 27 -12.70 -3.10 -31.11
N SER E 28 -12.71 -1.81 -30.83
CA SER E 28 -12.35 -1.38 -29.48
C SER E 28 -13.34 -0.37 -28.95
N ASP E 29 -13.16 -0.02 -27.69
CA ASP E 29 -13.94 1.04 -27.07
C ASP E 29 -13.61 2.47 -27.53
N GLU E 30 -12.35 2.75 -27.81
CA GLU E 30 -11.97 4.04 -28.38
C GLU E 30 -11.76 3.91 -29.89
N VAL E 31 -12.73 4.42 -30.67
CA VAL E 31 -12.65 4.37 -32.12
C VAL E 31 -11.39 5.09 -32.66
N THR E 32 -10.86 6.07 -31.90
CA THR E 32 -9.69 6.85 -32.32
C THR E 32 -8.34 6.14 -32.12
N ARG E 33 -8.38 4.98 -31.47
CA ARG E 33 -7.21 4.15 -31.35
C ARG E 33 -7.19 3.15 -32.51
N GLU E 34 -6.42 3.46 -33.56
CA GLU E 34 -6.32 2.65 -34.79
C GLU E 34 -5.63 1.33 -34.52
N THR E 35 -5.93 0.30 -35.32
CA THR E 35 -5.13 -0.92 -35.32
C THR E 35 -4.12 -0.74 -36.44
N GLU E 36 -2.84 -0.75 -36.12
CA GLU E 36 -1.84 -0.71 -37.18
C GLU E 36 -1.68 -2.11 -37.78
N ILE E 37 -1.80 -2.19 -39.11
CA ILE E 37 -1.40 -3.39 -39.85
C ILE E 37 -0.20 -3.03 -40.74
N ALA E 38 0.97 -3.51 -40.33
CA ALA E 38 2.23 -3.09 -40.94
C ALA E 38 2.65 -4.08 -42.02
N LEU E 39 2.82 -3.59 -43.24
CA LEU E 39 3.39 -4.40 -44.32
C LEU E 39 4.89 -4.54 -44.09
N ARG E 40 5.35 -5.79 -44.06
CA ARG E 40 6.76 -6.11 -43.77
C ARG E 40 7.18 -7.24 -44.69
N PRO E 41 8.45 -7.23 -45.13
CA PRO E 41 8.91 -8.43 -45.84
C PRO E 41 8.85 -9.65 -44.91
N THR E 42 8.66 -10.82 -45.48
CA THR E 42 8.63 -12.02 -44.67
C THR E 42 9.07 -13.21 -45.52
N TRP E 43 9.58 -14.27 -44.89
CA TRP E 43 9.94 -15.51 -45.61
C TRP E 43 8.95 -16.63 -45.33
N VAL E 44 8.36 -17.15 -46.39
CA VAL E 44 7.24 -18.05 -46.36
C VAL E 44 7.68 -19.40 -46.97
N ARG E 45 7.41 -20.50 -46.27
CA ARG E 45 7.70 -21.81 -46.82
C ARG E 45 6.50 -22.34 -47.63
N LEU E 46 6.51 -22.09 -48.93
CA LEU E 46 5.43 -22.62 -49.78
C LEU E 46 5.29 -24.16 -49.73
N HIS E 47 6.42 -24.87 -49.54
CA HIS E 47 6.45 -26.33 -49.63
C HIS E 47 7.74 -26.89 -49.02
N PRO E 48 7.64 -28.04 -48.28
CA PRO E 48 8.83 -28.61 -47.60
C PRO E 48 9.97 -28.83 -48.57
N GLN E 49 9.64 -29.17 -49.82
CA GLN E 49 10.68 -29.38 -50.82
C GLN E 49 11.12 -28.09 -51.52
N LEU E 50 10.67 -26.93 -51.04
CA LEU E 50 11.28 -25.67 -51.51
C LEU E 50 12.07 -24.97 -50.43
N PRO E 51 13.01 -24.08 -50.85
CA PRO E 51 13.58 -23.10 -49.97
C PRO E 51 12.50 -22.04 -49.65
N PRO E 52 12.73 -21.25 -48.59
CA PRO E 52 11.80 -20.18 -48.22
C PRO E 52 11.62 -19.20 -49.40
N THR E 53 10.47 -18.54 -49.47
CA THR E 53 10.13 -17.59 -50.52
C THR E 53 9.98 -16.20 -49.89
N LEU E 54 10.69 -15.22 -50.43
CA LEU E 54 10.50 -13.83 -50.01
C LEU E 54 9.11 -13.35 -50.41
N MET E 55 8.40 -12.73 -49.47
CA MET E 55 7.10 -12.15 -49.80
C MET E 55 6.95 -10.88 -48.98
N TRP E 56 5.92 -10.10 -49.30
CA TRP E 56 5.48 -8.97 -48.48
C TRP E 56 4.14 -9.33 -47.87
N GLY E 57 4.04 -9.21 -46.55
CA GLY E 57 2.88 -9.68 -45.84
C GLY E 57 2.32 -8.61 -44.93
N TYR E 58 1.00 -8.59 -44.81
CA TYR E 58 0.38 -7.71 -43.81
C TYR E 58 0.70 -8.26 -42.43
N ASP E 59 1.15 -7.41 -41.52
CA ASP E 59 1.75 -7.90 -40.24
C ASP E 59 2.77 -9.03 -40.48
N GLY E 60 3.41 -9.02 -41.65
CA GLY E 60 4.43 -10.01 -41.94
C GLY E 60 3.90 -11.42 -42.08
N GLN E 61 2.60 -11.56 -42.33
CA GLN E 61 1.94 -12.86 -42.55
C GLN E 61 1.44 -12.95 -44.00
N VAL E 62 1.51 -14.15 -44.57
CA VAL E 62 0.79 -14.41 -45.83
C VAL E 62 -0.05 -15.70 -45.76
N PRO E 63 -1.38 -15.57 -45.90
CA PRO E 63 -2.14 -14.36 -46.08
C PRO E 63 -2.10 -13.48 -44.85
N GLY E 64 -2.53 -12.22 -45.01
CA GLY E 64 -2.65 -11.29 -43.88
C GLY E 64 -3.60 -11.88 -42.82
N PRO E 65 -3.63 -11.29 -41.61
CA PRO E 65 -4.55 -11.83 -40.58
C PRO E 65 -6.00 -11.85 -41.07
N THR E 66 -6.79 -12.84 -40.63
CA THR E 66 -8.24 -12.79 -40.79
C THR E 66 -8.81 -11.76 -39.79
N ILE E 67 -9.36 -10.68 -40.30
CA ILE E 67 -10.01 -9.70 -39.47
C ILE E 67 -11.44 -10.15 -39.21
N GLU E 68 -11.87 -10.09 -37.94
CA GLU E 68 -13.24 -10.41 -37.57
C GLU E 68 -13.89 -9.26 -36.82
N VAL E 69 -15.06 -8.83 -37.26
CA VAL E 69 -15.80 -7.74 -36.62
C VAL E 69 -17.28 -8.15 -36.61
N ARG E 70 -18.07 -7.48 -35.77
CA ARG E 70 -19.53 -7.63 -35.78
C ARG E 70 -20.13 -6.45 -36.52
N ARG E 71 -21.19 -6.72 -37.26
CA ARG E 71 -21.95 -5.67 -37.90
C ARG E 71 -22.09 -4.46 -36.95
N GLY E 72 -21.65 -3.29 -37.38
CA GLY E 72 -21.97 -2.07 -36.68
C GLY E 72 -20.81 -1.65 -35.81
N GLN E 73 -19.85 -2.53 -35.61
CA GLN E 73 -18.60 -2.15 -34.94
C GLN E 73 -17.67 -1.28 -35.77
N ARG E 74 -17.75 0.05 -35.60
CA ARG E 74 -16.90 0.99 -36.30
C ARG E 74 -15.42 0.76 -36.02
N VAL E 75 -14.64 0.54 -37.06
CA VAL E 75 -13.27 0.11 -36.91
C VAL E 75 -12.31 0.98 -37.74
N ARG E 76 -11.13 1.30 -37.18
CA ARG E 76 -10.14 2.10 -37.92
C ARG E 76 -8.79 1.41 -38.09
N ILE E 77 -8.30 1.36 -39.34
CA ILE E 77 -7.04 0.69 -39.59
C ILE E 77 -6.00 1.57 -40.28
N ALA E 78 -4.77 1.50 -39.77
CA ALA E 78 -3.66 2.15 -40.39
C ALA E 78 -2.88 1.11 -41.15
N TRP E 79 -3.06 1.07 -42.47
CA TRP E 79 -2.31 0.19 -43.35
C TRP E 79 -0.98 0.87 -43.59
N THR E 80 0.06 0.40 -42.88
CA THR E 80 1.31 1.14 -42.68
C THR E 80 2.46 0.39 -43.34
N ASN E 81 3.12 1.08 -44.25
CA ASN E 81 4.19 0.54 -45.08
C ASN E 81 5.51 0.53 -44.29
N ARG E 82 5.95 -0.66 -43.85
CA ARG E 82 7.22 -0.81 -43.16
C ARG E 82 8.20 -1.70 -43.91
N ILE E 83 8.13 -1.65 -45.24
CA ILE E 83 9.07 -2.36 -46.09
C ILE E 83 10.21 -1.38 -46.42
N PRO E 84 11.39 -1.56 -45.81
CA PRO E 84 12.47 -0.57 -45.97
C PRO E 84 12.85 -0.29 -47.45
N LYS E 85 13.22 0.96 -47.75
CA LYS E 85 13.72 1.31 -49.08
C LYS E 85 14.94 0.46 -49.35
N GLY E 86 15.15 0.10 -50.61
CA GLY E 86 16.20 -0.85 -50.95
C GLY E 86 15.75 -2.30 -50.91
N SER E 87 14.55 -2.57 -50.43
CA SER E 87 14.11 -3.92 -50.29
C SER E 87 14.02 -4.53 -51.69
N GLU E 88 14.46 -5.78 -51.81
CA GLU E 88 14.36 -6.60 -53.02
C GLU E 88 12.85 -6.80 -53.35
N TYR E 89 12.43 -6.48 -54.59
CA TYR E 89 11.05 -6.69 -54.99
C TYR E 89 10.80 -8.19 -55.14
N PRO E 90 9.74 -8.73 -54.45
CA PRO E 90 9.57 -10.16 -54.27
C PRO E 90 9.18 -10.95 -55.54
N VAL E 91 8.60 -10.29 -56.53
CA VAL E 91 8.10 -10.99 -57.69
C VAL E 91 8.96 -10.66 -58.92
N THR E 92 9.39 -11.70 -59.64
CA THR E 92 10.13 -11.57 -60.87
C THR E 92 9.12 -11.60 -61.98
N SER E 93 9.22 -10.65 -62.89
CA SER E 93 8.30 -10.66 -64.02
C SER E 93 9.01 -10.95 -65.34
N VAL E 94 8.49 -11.90 -66.11
CA VAL E 94 8.89 -12.09 -67.51
C VAL E 94 7.67 -12.23 -68.41
N GLU E 95 7.84 -11.90 -69.68
CA GLU E 95 6.88 -12.31 -70.72
C GLU E 95 7.61 -13.24 -71.68
N VAL E 96 7.05 -14.41 -71.95
CA VAL E 96 7.70 -15.39 -72.83
C VAL E 96 6.86 -15.60 -74.12
N PRO E 97 7.53 -15.87 -75.28
CA PRO E 97 6.87 -16.13 -76.57
C PRO E 97 5.94 -17.35 -76.51
N LEU E 98 5.02 -17.43 -77.48
CA LEU E 98 4.06 -18.52 -77.59
C LEU E 98 4.56 -19.96 -77.49
N GLY E 99 5.43 -20.42 -78.35
CA GLY E 99 5.60 -21.89 -78.38
C GLY E 99 4.57 -22.65 -79.23
N PRO E 100 4.93 -23.89 -79.62
CA PRO E 100 4.27 -24.64 -80.68
C PRO E 100 2.77 -24.80 -80.43
N PRO E 101 1.97 -24.65 -81.50
CA PRO E 101 0.54 -24.90 -81.28
C PRO E 101 0.31 -26.39 -80.97
N GLY E 102 -0.77 -26.70 -80.25
CA GLY E 102 -1.04 -28.07 -79.81
C GLY E 102 -0.10 -28.65 -78.73
N THR E 103 0.85 -27.83 -78.24
CA THR E 103 1.53 -28.10 -76.97
C THR E 103 1.09 -27.16 -75.82
N PRO E 104 1.32 -27.60 -74.54
CA PRO E 104 1.02 -26.73 -73.41
C PRO E 104 1.67 -25.34 -73.55
N ALA E 105 0.91 -24.27 -73.34
CA ALA E 105 1.48 -22.94 -73.15
C ALA E 105 2.57 -22.94 -72.05
N PRO E 106 3.54 -22.01 -72.18
CA PRO E 106 4.68 -22.01 -71.26
C PRO E 106 4.29 -21.61 -69.85
N ASN E 107 3.11 -21.01 -69.65
CA ASN E 107 2.69 -20.58 -68.30
C ASN E 107 2.21 -21.78 -67.49
N THR E 108 2.44 -22.94 -68.07
CA THR E 108 2.10 -24.21 -67.55
C THR E 108 3.33 -24.86 -66.91
N GLU E 109 4.49 -24.21 -67.09
CA GLU E 109 5.75 -24.72 -66.57
C GLU E 109 6.40 -23.62 -65.76
N PRO E 110 7.25 -24.00 -64.80
CA PRO E 110 8.00 -23.08 -63.98
C PRO E 110 9.15 -22.46 -64.77
N GLY E 111 9.79 -21.44 -64.22
CA GLY E 111 11.00 -20.88 -64.83
C GLY E 111 10.71 -19.85 -65.91
N ARG E 112 11.74 -19.06 -66.20
CA ARG E 112 11.67 -17.90 -67.10
C ARG E 112 11.90 -18.24 -68.58
N GLY E 113 12.18 -19.49 -68.93
CA GLY E 113 12.46 -19.86 -70.32
C GLY E 113 13.63 -19.11 -70.96
N GLY E 114 14.68 -18.86 -70.18
CA GLY E 114 15.84 -18.14 -70.69
C GLY E 114 15.66 -16.62 -70.69
N VAL E 115 14.46 -16.14 -70.34
CA VAL E 115 14.17 -14.68 -70.41
C VAL E 115 14.58 -13.97 -69.14
N GLU E 116 15.30 -12.88 -69.30
CA GLU E 116 15.78 -12.22 -68.10
C GLU E 116 14.63 -11.45 -67.41
N PRO E 117 14.71 -11.35 -66.08
CA PRO E 117 13.77 -10.58 -65.28
C PRO E 117 13.57 -9.17 -65.85
N ASN E 118 12.33 -8.73 -66.02
CA ASN E 118 12.04 -7.34 -66.28
C ASN E 118 12.68 -6.35 -65.27
N LYS E 119 13.59 -5.49 -65.74
CA LYS E 119 14.34 -4.61 -64.83
C LYS E 119 13.40 -3.60 -64.19
N ASP E 120 12.37 -3.21 -64.92
CA ASP E 120 11.44 -2.19 -64.44
C ASP E 120 10.62 -2.68 -63.25
N VAL E 121 10.13 -3.92 -63.33
CA VAL E 121 9.49 -4.55 -62.18
C VAL E 121 10.49 -4.71 -61.01
N ALA E 122 11.63 -5.37 -61.24
CA ALA E 122 12.65 -5.51 -60.20
C ALA E 122 13.02 -4.17 -59.53
N ALA E 123 12.82 -3.06 -60.22
CA ALA E 123 13.13 -1.72 -59.68
C ALA E 123 12.08 -1.08 -58.76
N LEU E 124 10.86 -1.62 -58.76
CA LEU E 124 9.75 -1.05 -57.97
C LEU E 124 10.12 -0.96 -56.50
N PRO E 125 9.90 0.21 -55.87
CA PRO E 125 9.94 0.27 -54.40
C PRO E 125 8.64 -0.33 -53.78
N ALA E 126 8.59 -0.58 -52.46
CA ALA E 126 7.29 -0.88 -51.84
C ALA E 126 6.36 0.35 -51.94
N TRP E 127 5.25 0.18 -52.66
CA TRP E 127 4.31 1.26 -52.90
C TRP E 127 2.91 0.70 -52.97
N SER E 128 2.17 0.91 -51.88
CA SER E 128 0.98 0.10 -51.58
C SER E 128 -0.20 0.90 -51.10
N VAL E 129 -1.38 0.39 -51.46
CA VAL E 129 -2.63 0.90 -50.95
C VAL E 129 -3.53 -0.31 -50.85
N THR E 130 -4.30 -0.36 -49.77
CA THR E 130 -5.08 -1.55 -49.47
C THR E 130 -6.54 -1.24 -49.67
N HIS E 131 -7.21 -2.13 -50.37
CA HIS E 131 -8.62 -1.97 -50.59
C HIS E 131 -9.35 -3.14 -49.91
N LEU E 132 -10.38 -2.84 -49.11
CA LEU E 132 -11.21 -3.85 -48.47
C LEU E 132 -12.37 -4.15 -49.40
N HIS E 133 -12.23 -5.23 -50.18
CA HIS E 133 -13.12 -5.54 -51.28
C HIS E 133 -14.47 -6.00 -50.74
N GLY E 134 -15.53 -5.32 -51.15
CA GLY E 134 -16.88 -5.65 -50.68
C GLY E 134 -17.40 -4.60 -49.68
N ALA E 135 -16.50 -3.85 -49.05
CA ALA E 135 -16.89 -3.00 -47.94
C ALA E 135 -17.71 -1.78 -48.35
N GLN E 136 -18.77 -1.58 -47.58
CA GLN E 136 -19.58 -0.43 -47.72
C GLN E 136 -18.88 0.58 -46.82
N THR E 137 -18.15 1.50 -47.45
CA THR E 137 -17.43 2.57 -46.74
C THR E 137 -17.15 3.68 -47.73
N GLY E 138 -16.72 4.86 -47.25
CA GLY E 138 -16.60 6.01 -48.15
C GLY E 138 -15.36 5.93 -49.05
N GLY E 139 -15.33 6.70 -50.13
CA GLY E 139 -14.21 6.66 -51.07
C GLY E 139 -12.88 7.00 -50.38
N GLY E 140 -12.92 7.79 -49.30
CA GLY E 140 -11.72 8.09 -48.52
C GLY E 140 -11.05 6.88 -47.87
N ASN E 141 -11.81 5.81 -47.66
CA ASN E 141 -11.35 4.61 -46.93
C ASN E 141 -11.18 3.44 -47.84
N ASP E 142 -11.57 3.66 -49.10
CA ASP E 142 -11.80 2.57 -50.01
C ASP E 142 -10.50 2.03 -50.64
N GLY E 143 -9.42 2.81 -50.54
CA GLY E 143 -8.11 2.46 -51.10
C GLY E 143 -7.95 2.84 -52.56
N TRP E 144 -8.21 4.11 -52.87
CA TRP E 144 -8.04 4.61 -54.22
C TRP E 144 -6.66 4.24 -54.79
N ALA E 145 -6.65 3.68 -56.01
CA ALA E 145 -5.40 3.08 -56.54
C ALA E 145 -4.17 4.01 -56.62
N ASP E 146 -4.40 5.30 -56.82
CA ASP E 146 -3.32 6.27 -56.99
C ASP E 146 -2.69 6.57 -55.64
N ASN E 147 -3.45 6.40 -54.55
CA ASN E 147 -3.00 6.89 -53.26
C ASN E 147 -2.18 5.87 -52.49
N ALA E 148 -1.33 5.13 -53.19
CA ALA E 148 -0.51 4.21 -52.47
C ALA E 148 0.63 4.97 -51.76
N VAL E 149 1.19 4.38 -50.72
CA VAL E 149 2.17 5.07 -49.91
C VAL E 149 3.44 4.27 -49.85
N GLY E 150 4.58 4.95 -49.77
CA GLY E 150 5.86 4.26 -49.63
C GLY E 150 6.21 4.01 -48.16
N PHE E 151 7.41 3.49 -47.96
CA PHE E 151 7.90 3.19 -46.63
C PHE E 151 7.76 4.34 -45.63
N GLY E 152 7.25 4.04 -44.44
CA GLY E 152 7.15 5.03 -43.39
C GLY E 152 5.78 5.65 -43.27
N ASP E 153 5.07 5.70 -44.38
CA ASP E 153 3.73 6.27 -44.41
C ASP E 153 2.59 5.24 -44.31
N ALA E 154 1.42 5.78 -43.97
CA ALA E 154 0.25 4.99 -43.71
C ALA E 154 -0.94 5.44 -44.56
N GLN E 155 -1.81 4.46 -44.82
CA GLN E 155 -3.14 4.66 -45.36
C GLN E 155 -4.11 4.44 -44.21
N LEU E 156 -4.93 5.44 -43.93
CA LEU E 156 -5.88 5.34 -42.82
C LEU E 156 -7.28 5.07 -43.32
N SER E 157 -7.90 3.99 -42.84
CA SER E 157 -9.24 3.58 -43.24
C SER E 157 -10.22 3.42 -42.08
N GLU E 158 -11.42 3.97 -42.26
CA GLU E 158 -12.54 3.72 -41.38
C GLU E 158 -13.51 2.74 -42.05
N TYR E 159 -13.92 1.70 -41.32
CA TYR E 159 -14.91 0.75 -41.84
C TYR E 159 -16.10 0.71 -40.87
N PRO E 160 -17.24 1.29 -41.27
CA PRO E 160 -18.30 1.35 -40.30
C PRO E 160 -18.93 -0.02 -40.13
N ASN E 161 -18.75 -0.90 -41.11
CA ASN E 161 -19.19 -2.28 -40.97
C ASN E 161 -20.71 -2.41 -40.81
N ASP E 162 -21.44 -1.47 -41.39
CA ASP E 162 -22.90 -1.48 -41.38
C ASP E 162 -23.42 -2.33 -42.53
N HIS E 163 -23.17 -3.64 -42.43
CA HIS E 163 -23.50 -4.55 -43.52
C HIS E 163 -23.73 -5.91 -42.91
N GLN E 164 -24.60 -6.68 -43.55
CA GLN E 164 -25.01 -7.97 -43.00
C GLN E 164 -23.79 -8.88 -43.06
N ALA E 165 -23.76 -9.95 -42.25
CA ALA E 165 -22.58 -10.83 -42.19
C ALA E 165 -22.17 -11.35 -43.55
N THR E 166 -20.87 -11.38 -43.81
CA THR E 166 -20.35 -11.93 -45.06
C THR E 166 -18.83 -12.06 -44.96
N GLN E 167 -18.23 -12.57 -46.03
CA GLN E 167 -16.80 -12.60 -46.13
C GLN E 167 -16.36 -11.53 -47.14
N TRP E 168 -15.60 -10.55 -46.64
CA TRP E 168 -14.85 -9.63 -47.47
C TRP E 168 -13.38 -10.06 -47.53
N TRP E 169 -12.60 -9.38 -48.36
CA TRP E 169 -11.16 -9.66 -48.42
C TRP E 169 -10.45 -8.38 -48.78
N TYR E 170 -9.20 -8.26 -48.35
CA TYR E 170 -8.46 -7.03 -48.52
C TYR E 170 -7.18 -7.38 -49.26
N HIS E 171 -6.74 -6.49 -50.16
CA HIS E 171 -5.55 -6.71 -50.96
C HIS E 171 -5.01 -5.37 -51.43
N ASP E 172 -3.75 -5.35 -51.85
CA ASP E 172 -3.15 -4.17 -52.50
C ASP E 172 -3.93 -3.78 -53.77
N HIS E 173 -4.05 -2.49 -54.01
CA HIS E 173 -4.79 -1.98 -55.17
C HIS E 173 -3.97 -0.86 -55.85
N ALA E 174 -2.63 -0.85 -55.65
CA ALA E 174 -1.79 0.27 -56.17
C ALA E 174 -1.84 0.42 -57.71
N MET E 175 -1.97 1.67 -58.17
CA MET E 175 -2.17 1.95 -59.60
C MET E 175 -1.08 1.33 -60.50
N ASN E 176 -1.50 0.59 -61.51
CA ASN E 176 -0.54 0.02 -62.48
C ASN E 176 0.20 -1.27 -62.07
N ILE E 177 0.35 -1.49 -60.76
CA ILE E 177 1.24 -2.55 -60.27
C ILE E 177 0.53 -3.55 -59.32
N THR E 178 -0.79 -3.50 -59.29
CA THR E 178 -1.57 -4.40 -58.46
C THR E 178 -1.26 -5.85 -58.76
N ARG E 179 -1.01 -6.14 -60.03
CA ARG E 179 -0.74 -7.52 -60.44
C ARG E 179 0.47 -8.10 -59.73
N TRP E 180 1.41 -7.27 -59.33
CA TRP E 180 2.62 -7.76 -58.69
C TRP E 180 2.56 -7.59 -57.17
N ASN E 181 2.01 -6.47 -56.71
CA ASN E 181 1.90 -6.26 -55.27
C ASN E 181 1.03 -7.33 -54.56
N VAL E 182 -0.11 -7.68 -55.19
CA VAL E 182 -0.99 -8.72 -54.66
C VAL E 182 -0.28 -10.08 -54.71
N MET E 183 0.33 -10.41 -55.85
CA MET E 183 1.10 -11.68 -55.98
C MET E 183 2.24 -11.77 -54.97
N ALA E 184 2.78 -10.61 -54.57
CA ALA E 184 3.82 -10.56 -53.57
C ALA E 184 3.37 -11.06 -52.20
N GLY E 185 2.05 -11.14 -51.97
CA GLY E 185 1.57 -11.62 -50.67
C GLY E 185 0.59 -10.72 -49.91
N LEU E 186 0.27 -9.57 -50.50
CA LEU E 186 -0.61 -8.63 -49.85
C LEU E 186 -2.06 -8.93 -50.15
N TYR E 187 -2.55 -9.97 -49.50
CA TYR E 187 -3.96 -10.29 -49.50
C TYR E 187 -4.34 -11.00 -48.18
N GLY E 188 -5.62 -10.85 -47.81
CA GLY E 188 -6.14 -11.36 -46.57
C GLY E 188 -7.66 -11.31 -46.60
N THR E 189 -8.30 -11.92 -45.61
CA THR E 189 -9.76 -11.93 -45.55
C THR E 189 -10.28 -11.27 -44.27
N TYR E 190 -11.57 -10.93 -44.29
CA TYR E 190 -12.18 -10.00 -43.34
C TYR E 190 -13.65 -10.46 -43.18
N LEU E 191 -14.00 -11.00 -42.01
CA LEU E 191 -15.32 -11.63 -41.80
C LEU E 191 -16.20 -10.68 -40.98
N VAL E 192 -17.42 -10.40 -41.45
CA VAL E 192 -18.41 -9.67 -40.66
C VAL E 192 -19.46 -10.65 -40.06
N ARG E 193 -19.70 -10.54 -38.75
CA ARG E 193 -20.66 -11.41 -38.08
C ARG E 193 -21.89 -10.61 -37.75
N ASP E 194 -23.05 -11.28 -37.71
CA ASP E 194 -24.28 -10.63 -37.25
C ASP E 194 -25.25 -11.61 -36.59
N ASP E 195 -26.36 -11.09 -36.06
CA ASP E 195 -27.29 -11.96 -35.30
C ASP E 195 -28.06 -12.91 -36.22
N GLU E 196 -28.29 -12.51 -37.47
CA GLU E 196 -28.93 -13.44 -38.40
C GLU E 196 -28.06 -14.70 -38.60
N GLU E 197 -26.81 -14.49 -39.01
CA GLU E 197 -25.91 -15.62 -39.22
C GLU E 197 -25.79 -16.48 -37.94
N ASP E 198 -25.66 -15.84 -36.76
CA ASP E 198 -25.51 -16.62 -35.51
C ASP E 198 -26.68 -17.56 -35.27
N ALA E 199 -27.87 -17.06 -35.55
CA ALA E 199 -29.08 -17.84 -35.34
C ALA E 199 -29.14 -19.14 -36.19
N LEU E 200 -28.22 -19.30 -37.17
CA LEU E 200 -28.16 -20.55 -37.95
C LEU E 200 -27.34 -21.64 -37.30
N GLY E 201 -26.57 -21.27 -36.27
CA GLY E 201 -25.76 -22.26 -35.56
C GLY E 201 -24.80 -23.00 -36.47
N LEU E 202 -24.11 -22.26 -37.37
CA LEU E 202 -23.20 -22.87 -38.36
C LEU E 202 -21.94 -23.41 -37.70
N PRO E 203 -21.29 -24.41 -38.29
CA PRO E 203 -20.02 -24.85 -37.69
C PRO E 203 -19.11 -23.66 -37.48
N SER E 204 -18.35 -23.67 -36.38
CA SER E 204 -17.58 -22.48 -36.05
C SER E 204 -16.30 -22.91 -35.37
N GLY E 205 -15.51 -21.94 -34.89
CA GLY E 205 -14.20 -22.22 -34.27
C GLY E 205 -13.34 -23.07 -35.19
N ASP E 206 -12.94 -24.24 -34.71
CA ASP E 206 -12.13 -25.19 -35.47
C ASP E 206 -12.75 -25.60 -36.77
N ARG E 207 -14.06 -25.45 -36.86
CA ARG E 207 -14.77 -26.02 -37.99
C ARG E 207 -15.22 -24.98 -38.99
N GLU E 208 -14.73 -23.75 -38.80
CA GLU E 208 -14.83 -22.68 -39.78
C GLU E 208 -13.42 -22.41 -40.25
N ILE E 209 -13.20 -22.65 -41.53
CA ILE E 209 -11.87 -22.53 -42.11
C ILE E 209 -11.87 -21.56 -43.28
N PRO E 210 -11.19 -20.41 -43.14
CA PRO E 210 -10.96 -19.56 -44.31
C PRO E 210 -10.06 -20.23 -45.32
N LEU E 211 -10.43 -20.19 -46.60
CA LEU E 211 -9.58 -20.70 -47.66
C LEU E 211 -9.28 -19.60 -48.66
N LEU E 212 -8.05 -19.09 -48.65
CA LEU E 212 -7.64 -18.08 -49.65
C LEU E 212 -6.74 -18.78 -50.66
N ILE E 213 -7.29 -19.08 -51.82
CA ILE E 213 -6.56 -19.90 -52.79
C ILE E 213 -6.02 -18.96 -53.85
N ALA E 214 -4.83 -19.27 -54.38
CA ALA E 214 -4.21 -18.44 -55.40
C ALA E 214 -3.12 -19.23 -56.12
N ASP E 215 -3.22 -19.25 -57.46
CA ASP E 215 -2.19 -19.93 -58.25
C ASP E 215 -0.92 -19.08 -58.28
N ARG E 216 0.24 -19.78 -58.41
CA ARG E 216 1.56 -19.16 -58.39
C ARG E 216 2.37 -19.84 -59.46
N ASN E 217 3.36 -19.12 -59.99
CA ASN E 217 4.48 -19.75 -60.70
C ASN E 217 5.80 -19.48 -59.93
N LEU E 218 6.78 -20.35 -60.16
CA LEU E 218 8.05 -20.29 -59.44
C LEU E 218 9.21 -20.25 -60.44
N ASP E 219 10.27 -19.54 -60.09
CA ASP E 219 11.45 -19.50 -60.94
C ASP E 219 12.27 -20.81 -60.79
N THR E 220 13.22 -21.02 -61.70
CA THR E 220 14.08 -22.20 -61.66
C THR E 220 15.54 -21.74 -61.73
N ASP E 221 16.43 -22.64 -61.34
CA ASP E 221 17.86 -22.50 -61.62
C ASP E 221 18.17 -23.07 -62.98
N GLU E 222 19.42 -22.94 -63.39
CA GLU E 222 19.81 -23.30 -64.74
C GLU E 222 19.66 -24.78 -65.02
N ASP E 223 19.74 -25.61 -64.00
CA ASP E 223 19.46 -27.01 -64.20
C ASP E 223 17.95 -27.34 -64.06
N GLY E 224 17.12 -26.30 -63.94
CA GLY E 224 15.67 -26.49 -63.92
C GLY E 224 15.08 -26.79 -62.56
N ARG E 225 15.90 -26.78 -61.52
CA ARG E 225 15.42 -26.92 -60.16
C ARG E 225 14.64 -25.69 -59.68
N LEU E 226 13.49 -25.97 -59.09
CA LEU E 226 12.60 -24.95 -58.57
C LEU E 226 13.33 -24.20 -57.46
N ASN E 227 13.34 -22.87 -57.53
CA ASN E 227 14.05 -22.08 -56.53
C ASN E 227 13.24 -21.27 -55.50
N GLY E 228 11.91 -21.34 -55.62
CA GLY E 228 11.02 -20.80 -54.59
C GLY E 228 10.71 -19.34 -54.84
N ARG E 229 11.46 -18.70 -55.73
CA ARG E 229 11.18 -17.32 -56.13
C ARG E 229 9.87 -17.15 -56.91
N LEU E 230 9.00 -16.26 -56.41
CA LEU E 230 7.76 -15.89 -57.09
C LEU E 230 8.02 -15.37 -58.48
N LEU E 231 7.28 -15.90 -59.44
CA LEU E 231 7.49 -15.63 -60.87
C LEU E 231 6.18 -15.31 -61.50
N HIS E 232 6.08 -14.08 -61.97
CA HIS E 232 4.95 -13.62 -62.73
C HIS E 232 5.33 -13.81 -64.19
N LYS E 233 4.85 -14.87 -64.79
CA LYS E 233 5.22 -15.19 -66.16
C LYS E 233 3.97 -15.16 -67.04
N THR E 234 3.93 -14.24 -68.03
CA THR E 234 2.83 -14.19 -69.00
C THR E 234 3.31 -14.56 -70.41
N VAL E 235 2.37 -14.87 -71.29
CA VAL E 235 2.72 -15.33 -72.62
C VAL E 235 2.38 -14.26 -73.66
N ILE E 236 3.39 -13.88 -74.47
CA ILE E 236 3.19 -12.94 -75.58
C ILE E 236 2.39 -13.55 -76.73
N VAL E 237 1.21 -12.97 -76.99
CA VAL E 237 0.33 -13.39 -78.09
C VAL E 237 0.33 -12.44 -79.27
N GLN E 238 0.83 -11.24 -79.09
CA GLN E 238 1.06 -10.35 -80.22
C GLN E 238 2.41 -9.68 -80.03
N GLN E 239 3.40 -10.09 -80.83
CA GLN E 239 4.80 -9.65 -80.62
C GLN E 239 5.02 -8.14 -80.77
N SER E 240 4.37 -7.52 -81.77
CA SER E 240 4.40 -6.08 -81.89
C SER E 240 3.03 -5.60 -82.38
N ASN E 241 2.31 -4.90 -81.52
CA ASN E 241 0.97 -4.42 -81.84
C ASN E 241 1.00 -3.32 -82.92
N PRO E 242 0.16 -3.43 -83.96
CA PRO E 242 0.31 -2.52 -85.07
C PRO E 242 0.19 -1.07 -84.66
N GLU E 243 -0.51 -0.78 -83.56
CA GLU E 243 -0.75 0.61 -83.19
C GLU E 243 0.35 1.19 -82.31
N THR E 244 0.89 0.39 -81.39
CA THR E 244 1.95 0.83 -80.45
C THR E 244 3.26 0.13 -80.82
N GLY E 245 4.34 0.42 -80.11
CA GLY E 245 5.55 -0.39 -80.33
C GLY E 245 5.45 -1.84 -79.85
N LYS E 246 4.55 -2.05 -78.90
CA LYS E 246 4.79 -2.98 -77.81
C LYS E 246 4.22 -4.38 -78.00
N PRO E 247 4.73 -5.34 -77.23
CA PRO E 247 4.09 -6.65 -77.20
C PRO E 247 2.80 -6.60 -76.39
N VAL E 248 1.99 -7.64 -76.55
CA VAL E 248 0.74 -7.77 -75.87
C VAL E 248 0.74 -9.22 -75.38
N SER E 249 0.57 -9.37 -74.05
CA SER E 249 0.59 -10.67 -73.41
C SER E 249 -0.71 -10.91 -72.67
N ILE E 250 -0.97 -12.18 -72.34
CA ILE E 250 -2.21 -12.55 -71.68
C ILE E 250 -2.06 -12.38 -70.15
N PRO E 251 -3.13 -12.68 -69.38
CA PRO E 251 -2.98 -12.54 -67.91
C PRO E 251 -2.12 -13.61 -67.27
N PHE E 252 -1.89 -13.47 -65.96
CA PHE E 252 -1.13 -14.48 -65.26
C PHE E 252 -1.94 -15.72 -64.98
N PHE E 253 -1.33 -16.86 -65.29
CA PHE E 253 -1.82 -18.15 -64.87
C PHE E 253 -0.60 -18.92 -64.48
N GLY E 254 -0.66 -19.63 -63.38
CA GLY E 254 0.46 -20.47 -62.96
C GLY E 254 0.03 -21.87 -62.56
N PRO E 255 0.99 -22.79 -62.55
CA PRO E 255 0.82 -24.24 -62.39
C PRO E 255 0.56 -24.71 -60.96
N TYR E 256 0.99 -23.92 -59.97
CA TYR E 256 0.90 -24.34 -58.57
C TYR E 256 -0.21 -23.64 -57.80
N THR E 257 -0.99 -24.40 -57.05
CA THR E 257 -2.11 -23.81 -56.33
C THR E 257 -1.77 -23.60 -54.86
N THR E 258 -1.76 -22.35 -54.42
CA THR E 258 -1.58 -22.15 -52.98
C THR E 258 -2.88 -22.12 -52.22
N VAL E 259 -2.92 -22.76 -51.06
CA VAL E 259 -4.04 -22.56 -50.13
C VAL E 259 -3.51 -21.98 -48.82
N ASN E 260 -4.03 -20.82 -48.45
CA ASN E 260 -3.52 -20.06 -47.30
C ASN E 260 -2.00 -19.94 -47.27
N GLY E 261 -1.41 -19.68 -48.42
CA GLY E 261 0.02 -19.53 -48.53
C GLY E 261 0.83 -20.83 -48.50
N ARG E 262 0.21 -21.99 -48.74
CA ARG E 262 0.99 -23.20 -48.97
C ARG E 262 0.56 -23.90 -50.23
N ILE E 263 1.53 -24.40 -50.98
CA ILE E 263 1.24 -25.17 -52.17
C ILE E 263 0.67 -26.53 -51.77
N TRP E 264 -0.53 -26.85 -52.29
CA TRP E 264 -1.16 -28.18 -52.10
C TRP E 264 -1.06 -28.76 -50.67
N PRO E 265 -1.66 -28.10 -49.67
CA PRO E 265 -1.68 -28.65 -48.32
C PRO E 265 -2.75 -29.73 -48.10
N TYR E 266 -2.62 -30.48 -47.02
CA TYR E 266 -3.69 -31.38 -46.53
C TYR E 266 -4.25 -30.80 -45.25
N ALA E 267 -5.54 -31.03 -45.04
CA ALA E 267 -6.21 -30.63 -43.80
C ALA E 267 -6.77 -31.86 -43.03
N ASP E 268 -6.44 -32.00 -41.76
CA ASP E 268 -7.04 -33.09 -40.98
C ASP E 268 -8.36 -32.60 -40.46
N VAL E 269 -9.44 -33.31 -40.75
CA VAL E 269 -10.75 -32.90 -40.29
C VAL E 269 -11.50 -34.06 -39.68
N ASP E 270 -12.52 -33.74 -38.89
CA ASP E 270 -13.36 -34.76 -38.28
C ASP E 270 -14.54 -35.09 -39.21
N ASP E 271 -15.13 -36.27 -39.02
CA ASP E 271 -16.28 -36.66 -39.81
C ASP E 271 -17.52 -35.88 -39.39
N GLY E 272 -17.51 -34.58 -39.67
CA GLY E 272 -18.56 -33.70 -39.20
C GLY E 272 -18.77 -32.56 -40.19
N TRP E 273 -19.60 -31.60 -39.81
CA TRP E 273 -19.89 -30.47 -40.64
C TRP E 273 -18.84 -29.38 -40.46
N TYR E 274 -18.34 -28.88 -41.58
CA TYR E 274 -17.38 -27.77 -41.63
C TYR E 274 -17.92 -26.67 -42.49
N ARG E 275 -17.51 -25.45 -42.17
CA ARG E 275 -17.86 -24.26 -42.92
C ARG E 275 -16.57 -23.72 -43.57
N LEU E 276 -16.52 -23.63 -44.88
CA LEU E 276 -15.34 -23.06 -45.57
C LEU E 276 -15.69 -21.69 -46.11
N ARG E 277 -14.82 -20.74 -45.82
CA ARG E 277 -14.98 -19.38 -46.32
C ARG E 277 -14.02 -19.18 -47.50
N LEU E 278 -14.47 -19.55 -48.69
CA LEU E 278 -13.60 -19.64 -49.85
C LEU E 278 -13.53 -18.32 -50.66
N VAL E 279 -12.32 -17.77 -50.78
CA VAL E 279 -12.08 -16.69 -51.76
C VAL E 279 -10.91 -17.01 -52.69
N ASN E 280 -11.09 -16.76 -53.98
CA ASN E 280 -10.06 -16.87 -55.00
C ASN E 280 -9.27 -15.59 -55.09
N ALA E 281 -8.03 -15.65 -54.62
CA ALA E 281 -7.20 -14.46 -54.62
C ALA E 281 -6.21 -14.46 -55.80
N SER E 282 -6.46 -15.26 -56.83
CA SER E 282 -5.61 -15.31 -58.01
C SER E 282 -5.67 -14.02 -58.80
N ASN E 283 -4.57 -13.64 -59.43
CA ASN E 283 -4.61 -12.59 -60.46
C ASN E 283 -5.70 -12.80 -61.54
N ALA E 284 -5.82 -14.04 -62.06
CA ALA E 284 -6.67 -14.27 -63.25
C ALA E 284 -7.33 -15.66 -63.35
N ARG E 285 -6.68 -16.68 -62.81
CA ARG E 285 -7.25 -18.04 -62.94
C ARG E 285 -8.67 -18.12 -62.38
N ILE E 286 -9.59 -18.75 -63.14
CA ILE E 286 -10.88 -19.17 -62.63
C ILE E 286 -10.68 -20.61 -62.21
N TYR E 287 -10.95 -20.90 -60.94
CA TYR E 287 -10.80 -22.27 -60.44
C TYR E 287 -12.12 -22.97 -60.74
N ASN E 288 -12.08 -24.11 -61.41
CA ASN E 288 -13.31 -24.89 -61.54
C ASN E 288 -13.28 -26.09 -60.63
N LEU E 289 -13.74 -25.86 -59.40
CA LEU E 289 -13.44 -26.78 -58.31
C LEU E 289 -14.37 -27.97 -58.36
N VAL E 290 -13.80 -29.14 -58.05
CA VAL E 290 -14.56 -30.37 -57.88
C VAL E 290 -13.98 -31.09 -56.66
N LEU E 291 -14.85 -31.62 -55.81
CA LEU E 291 -14.43 -32.48 -54.72
C LEU E 291 -14.48 -33.92 -55.25
N ILE E 292 -13.36 -34.62 -55.10
CA ILE E 292 -13.24 -36.02 -55.52
C ILE E 292 -12.67 -36.92 -54.45
N ASP E 293 -13.01 -38.20 -54.57
CA ASP E 293 -12.57 -39.23 -53.64
C ASP E 293 -11.29 -39.90 -54.14
N GLU E 294 -10.91 -40.99 -53.50
CA GLU E 294 -9.64 -41.63 -53.76
C GLU E 294 -9.55 -42.26 -55.13
N ASP E 295 -10.71 -42.55 -55.76
CA ASP E 295 -10.72 -43.03 -57.16
C ASP E 295 -10.91 -41.91 -58.16
N ASP E 296 -10.84 -40.64 -57.74
CA ASP E 296 -11.16 -39.50 -58.64
C ASP E 296 -12.65 -39.29 -58.94
N ARG E 297 -13.53 -40.06 -58.29
CA ARG E 297 -14.96 -39.83 -58.41
C ARG E 297 -15.43 -38.55 -57.70
N PRO E 298 -16.12 -37.64 -58.43
CA PRO E 298 -16.78 -36.50 -57.79
C PRO E 298 -17.74 -37.01 -56.71
N VAL E 299 -17.76 -36.29 -55.58
CA VAL E 299 -18.51 -36.70 -54.40
C VAL E 299 -19.75 -35.84 -54.26
N PRO E 300 -20.92 -36.41 -54.60
CA PRO E 300 -22.19 -35.66 -54.46
C PRO E 300 -22.68 -35.61 -53.00
N GLY E 301 -23.60 -34.68 -52.73
CA GLY E 301 -24.42 -34.73 -51.53
C GLY E 301 -23.66 -34.39 -50.27
N VAL E 302 -22.59 -33.62 -50.43
CA VAL E 302 -21.71 -33.29 -49.32
C VAL E 302 -21.50 -31.77 -49.21
N VAL E 303 -21.43 -31.09 -50.36
CA VAL E 303 -21.10 -29.66 -50.37
C VAL E 303 -22.34 -28.87 -50.61
N HIS E 304 -22.51 -27.80 -49.85
CA HIS E 304 -23.66 -26.94 -49.99
C HIS E 304 -23.15 -25.53 -49.91
N GLN E 305 -23.54 -24.70 -50.87
CA GLN E 305 -23.17 -23.29 -50.77
C GLN E 305 -24.23 -22.53 -50.02
N ILE E 306 -23.83 -21.79 -49.01
CA ILE E 306 -24.79 -21.06 -48.15
C ILE E 306 -24.67 -19.54 -48.22
N GLY E 307 -23.64 -19.05 -48.91
CA GLY E 307 -23.42 -17.61 -49.04
C GLY E 307 -22.53 -17.33 -50.23
N SER E 308 -22.45 -16.04 -50.54
CA SER E 308 -21.75 -15.56 -51.72
C SER E 308 -21.18 -14.20 -51.33
N ASP E 309 -20.72 -13.40 -52.29
CA ASP E 309 -20.00 -12.13 -52.02
C ASP E 309 -20.59 -11.34 -50.84
N GLY E 310 -21.89 -11.06 -50.92
CA GLY E 310 -22.49 -10.09 -50.04
C GLY E 310 -23.27 -10.72 -48.89
N GLY E 311 -23.12 -12.02 -48.67
CA GLY E 311 -23.73 -12.65 -47.50
C GLY E 311 -24.56 -13.88 -47.78
N LEU E 312 -25.34 -14.28 -46.77
CA LEU E 312 -26.13 -15.49 -46.86
C LEU E 312 -27.00 -15.51 -48.10
N LEU E 313 -27.10 -16.69 -48.71
CA LEU E 313 -27.97 -16.89 -49.88
C LEU E 313 -29.42 -17.04 -49.43
N PRO E 314 -30.38 -16.78 -50.33
CA PRO E 314 -31.74 -17.04 -49.91
C PRO E 314 -31.94 -18.48 -49.46
N ARG E 315 -31.32 -19.44 -50.14
CA ARG E 315 -31.50 -20.88 -49.87
C ARG E 315 -30.17 -21.58 -50.14
N PRO E 316 -29.86 -22.67 -49.41
CA PRO E 316 -28.64 -23.43 -49.72
C PRO E 316 -28.62 -23.93 -51.17
N VAL E 317 -27.45 -24.00 -51.78
CA VAL E 317 -27.30 -24.56 -53.12
C VAL E 317 -26.45 -25.82 -53.05
N PRO E 318 -27.04 -26.98 -53.35
CA PRO E 318 -26.26 -28.20 -53.36
C PRO E 318 -25.21 -28.20 -54.49
N VAL E 319 -23.97 -28.61 -54.18
CA VAL E 319 -22.95 -28.73 -55.20
C VAL E 319 -22.57 -30.21 -55.35
N ASP E 320 -23.20 -30.84 -56.32
CA ASP E 320 -23.09 -32.28 -56.48
C ASP E 320 -22.18 -32.74 -57.62
N PHE E 321 -21.61 -31.80 -58.36
CA PHE E 321 -20.64 -32.13 -59.39
C PHE E 321 -21.22 -33.09 -60.44
N ASP E 322 -22.45 -32.79 -60.85
CA ASP E 322 -23.15 -33.45 -61.93
C ASP E 322 -23.45 -32.37 -62.99
N ASP E 323 -24.53 -32.50 -63.76
CA ASP E 323 -24.81 -31.57 -64.88
C ASP E 323 -25.45 -30.22 -64.56
N THR E 324 -26.34 -30.18 -63.57
CA THR E 324 -26.87 -28.94 -62.94
C THR E 324 -25.76 -27.96 -62.44
N LEU E 325 -24.64 -28.55 -62.00
CA LEU E 325 -23.52 -27.81 -61.47
C LEU E 325 -22.30 -28.76 -61.39
N PRO E 326 -21.59 -28.95 -62.53
CA PRO E 326 -20.44 -29.92 -62.61
C PRO E 326 -19.16 -29.44 -61.90
N VAL E 327 -18.99 -28.11 -61.83
CA VAL E 327 -17.86 -27.49 -61.15
C VAL E 327 -18.39 -26.35 -60.29
N LEU E 328 -17.74 -26.12 -59.17
CA LEU E 328 -17.90 -24.84 -58.49
C LEU E 328 -16.90 -23.86 -59.12
N SER E 329 -17.43 -22.96 -59.92
CA SER E 329 -16.57 -22.12 -60.73
C SER E 329 -16.30 -20.85 -59.96
N ALA E 330 -15.07 -20.73 -59.48
CA ALA E 330 -14.65 -19.59 -58.68
C ALA E 330 -13.72 -18.59 -59.44
N ALA E 331 -14.28 -17.49 -59.94
CA ALA E 331 -13.43 -16.47 -60.60
C ALA E 331 -12.72 -15.64 -59.56
N PRO E 332 -11.57 -15.04 -59.93
CA PRO E 332 -10.90 -14.09 -59.03
C PRO E 332 -11.86 -13.17 -58.27
N ALA E 333 -11.71 -13.16 -56.93
CA ALA E 333 -12.38 -12.23 -56.05
C ALA E 333 -13.82 -12.60 -55.67
N GLU E 334 -14.40 -13.61 -56.33
CA GLU E 334 -15.68 -14.17 -55.88
C GLU E 334 -15.49 -14.84 -54.52
N ARG E 335 -16.48 -14.79 -53.63
CA ARG E 335 -16.45 -15.59 -52.39
C ARG E 335 -17.52 -16.64 -52.36
N PHE E 336 -17.19 -17.78 -51.78
CA PHE E 336 -18.15 -18.88 -51.64
C PHE E 336 -18.17 -19.36 -50.22
N ASP E 337 -19.31 -19.20 -49.56
CA ASP E 337 -19.47 -19.62 -48.17
C ASP E 337 -20.01 -21.01 -48.29
N LEU E 338 -19.17 -22.00 -48.01
CA LEU E 338 -19.50 -23.41 -48.24
C LEU E 338 -19.64 -24.24 -46.93
N LEU E 339 -20.69 -25.04 -46.85
CA LEU E 339 -20.75 -26.09 -45.81
C LEU E 339 -20.40 -27.41 -46.44
N VAL E 340 -19.69 -28.25 -45.70
CA VAL E 340 -19.20 -29.49 -46.25
C VAL E 340 -19.45 -30.58 -45.23
N ASP E 341 -20.27 -31.56 -45.62
CA ASP E 341 -20.79 -32.59 -44.71
C ASP E 341 -19.94 -33.87 -44.74
N PHE E 342 -18.98 -34.00 -43.82
CA PHE E 342 -18.11 -35.18 -43.86
C PHE E 342 -18.62 -36.35 -42.99
N ARG E 343 -19.85 -36.30 -42.50
CA ARG E 343 -20.29 -37.31 -41.54
C ARG E 343 -20.24 -38.74 -42.06
N ALA E 344 -20.43 -38.96 -43.34
CA ALA E 344 -20.31 -40.36 -43.74
C ALA E 344 -18.92 -40.74 -44.32
N LEU E 345 -17.85 -40.08 -43.86
CA LEU E 345 -16.57 -40.10 -44.57
C LEU E 345 -15.36 -40.29 -43.66
N GLY E 346 -15.62 -40.75 -42.45
CA GLY E 346 -14.51 -41.13 -41.56
C GLY E 346 -13.54 -42.10 -42.22
N GLY E 347 -12.25 -41.95 -41.91
CA GLY E 347 -11.19 -42.74 -42.56
C GLY E 347 -11.04 -42.57 -44.06
N ARG E 348 -11.61 -41.50 -44.64
CA ARG E 348 -11.49 -41.25 -46.09
C ARG E 348 -10.59 -40.06 -46.44
N ARG E 349 -10.10 -40.04 -47.68
CA ARG E 349 -9.28 -38.93 -48.20
C ARG E 349 -9.92 -38.33 -49.45
N LEU E 350 -10.23 -37.05 -49.38
CA LEU E 350 -10.92 -36.38 -50.46
C LEU E 350 -10.08 -35.21 -50.90
N ARG E 351 -10.03 -34.96 -52.19
CA ARG E 351 -9.24 -33.83 -52.69
C ARG E 351 -10.14 -32.83 -53.38
N LEU E 352 -9.83 -31.56 -53.16
CA LEU E 352 -10.42 -30.51 -53.96
C LEU E 352 -9.48 -30.33 -55.16
N VAL E 353 -9.99 -30.40 -56.39
CA VAL E 353 -9.13 -30.22 -57.58
C VAL E 353 -9.69 -29.16 -58.52
N ASP E 354 -8.81 -28.57 -59.31
CA ASP E 354 -9.20 -27.72 -60.42
C ASP E 354 -9.42 -28.62 -61.63
N LYS E 355 -10.61 -28.59 -62.23
CA LYS E 355 -10.91 -29.34 -63.47
C LYS E 355 -10.60 -28.62 -64.78
N GLY E 356 -9.84 -29.26 -65.65
CA GLY E 356 -9.54 -28.68 -66.96
C GLY E 356 -10.63 -29.05 -67.95
N PRO E 357 -10.82 -28.21 -68.99
CA PRO E 357 -11.84 -28.48 -70.00
C PRO E 357 -11.65 -29.83 -70.71
N GLY E 358 -10.42 -30.28 -70.84
CA GLY E 358 -10.15 -31.37 -71.75
C GLY E 358 -9.94 -32.71 -71.09
N ALA E 359 -10.21 -32.81 -69.79
CA ALA E 359 -10.00 -34.06 -69.08
C ALA E 359 -10.83 -34.11 -67.79
N PRO E 360 -11.19 -35.31 -67.34
CA PRO E 360 -11.96 -35.53 -66.12
C PRO E 360 -11.29 -34.92 -64.87
N ALA E 361 -12.12 -34.55 -63.89
CA ALA E 361 -11.65 -34.04 -62.62
C ALA E 361 -10.62 -35.03 -62.06
N GLY E 362 -9.46 -34.48 -61.68
CA GLY E 362 -8.34 -35.29 -61.19
C GLY E 362 -7.33 -35.69 -62.25
N THR E 363 -7.69 -35.57 -63.54
CA THR E 363 -6.73 -35.89 -64.61
C THR E 363 -6.06 -34.61 -65.06
N PRO E 364 -4.72 -34.60 -65.17
CA PRO E 364 -4.01 -33.38 -65.60
C PRO E 364 -4.44 -32.95 -66.98
N ASP E 365 -4.55 -31.63 -67.20
CA ASP E 365 -4.92 -31.11 -68.51
C ASP E 365 -4.07 -29.86 -68.81
N PRO E 366 -2.76 -30.06 -68.99
CA PRO E 366 -1.82 -28.98 -69.33
C PRO E 366 -2.21 -28.23 -70.62
N LEU E 367 -2.59 -28.95 -71.66
CA LEU E 367 -3.14 -28.29 -72.86
C LEU E 367 -4.29 -27.36 -72.54
N GLY E 368 -5.14 -27.77 -71.58
CA GLY E 368 -6.23 -26.94 -71.13
C GLY E 368 -5.87 -25.95 -70.04
N GLY E 369 -4.59 -25.83 -69.73
CA GLY E 369 -4.12 -24.85 -68.74
C GLY E 369 -4.23 -25.32 -67.31
N VAL E 370 -4.45 -26.62 -67.11
CA VAL E 370 -4.44 -27.22 -65.75
C VAL E 370 -3.52 -28.41 -65.67
N ARG E 371 -2.22 -28.14 -65.51
CA ARG E 371 -1.21 -29.18 -65.41
C ARG E 371 -1.28 -29.96 -64.10
N TYR E 372 -1.56 -29.23 -63.02
CA TYR E 372 -1.67 -29.85 -61.71
C TYR E 372 -3.04 -29.61 -61.10
N PRO E 373 -3.94 -30.61 -61.21
CA PRO E 373 -5.31 -30.41 -60.65
C PRO E 373 -5.35 -30.12 -59.14
N GLU E 374 -4.43 -30.69 -58.38
CA GLU E 374 -4.32 -30.43 -56.97
C GLU E 374 -4.62 -29.02 -56.49
N VAL E 375 -5.52 -28.93 -55.51
CA VAL E 375 -5.74 -27.74 -54.69
C VAL E 375 -5.38 -28.11 -53.25
N MET E 376 -6.16 -29.02 -52.66
CA MET E 376 -5.84 -29.52 -51.34
C MET E 376 -6.53 -30.87 -51.09
N GLU E 377 -6.07 -31.53 -50.03
CA GLU E 377 -6.61 -32.79 -49.53
C GLU E 377 -7.26 -32.59 -48.16
N PHE E 378 -8.41 -33.24 -48.00
CA PHE E 378 -9.05 -33.44 -46.70
C PHE E 378 -8.82 -34.87 -46.17
N ARG E 379 -8.30 -35.02 -44.96
CA ARG E 379 -8.13 -36.39 -44.41
C ARG E 379 -9.10 -36.52 -43.24
N VAL E 380 -10.19 -37.27 -43.43
CA VAL E 380 -11.29 -37.36 -42.45
C VAL E 380 -11.07 -38.41 -41.36
N ARG E 381 -10.89 -37.96 -40.13
CA ARG E 381 -10.80 -38.86 -39.00
C ARG E 381 -12.18 -39.33 -38.56
N GLU E 382 -12.32 -40.64 -38.38
CA GLU E 382 -13.54 -41.18 -37.84
C GLU E 382 -13.56 -40.93 -36.35
N THR E 383 -14.55 -40.19 -35.87
CA THR E 383 -14.77 -40.09 -34.42
C THR E 383 -16.05 -40.84 -34.15
N CYS E 384 -16.54 -40.80 -32.93
CA CYS E 384 -17.81 -41.48 -32.72
C CYS E 384 -18.90 -40.51 -32.31
N GLU E 385 -18.79 -39.29 -32.84
CA GLU E 385 -19.68 -38.22 -32.45
C GLU E 385 -20.78 -38.03 -33.47
N GLU E 386 -21.94 -37.64 -33.00
CA GLU E 386 -23.09 -37.30 -33.85
C GLU E 386 -23.13 -35.80 -34.04
N ASP E 387 -23.26 -35.37 -35.30
CA ASP E 387 -23.44 -33.96 -35.62
C ASP E 387 -24.90 -33.80 -36.00
N SER E 388 -25.66 -33.20 -35.11
CA SER E 388 -27.07 -32.98 -35.38
C SER E 388 -27.38 -31.74 -36.26
N PHE E 389 -26.35 -30.97 -36.64
CA PHE E 389 -26.55 -29.73 -37.40
C PHE E 389 -27.67 -29.88 -38.42
N ALA E 390 -28.51 -28.88 -38.55
CA ALA E 390 -29.59 -28.91 -39.56
C ALA E 390 -29.48 -27.75 -40.57
N LEU E 391 -29.59 -28.09 -41.84
CA LEU E 391 -29.53 -27.09 -42.90
C LEU E 391 -30.93 -26.82 -43.44
N PRO E 392 -31.50 -25.65 -43.11
CA PRO E 392 -32.89 -25.41 -43.51
C PRO E 392 -33.04 -25.26 -45.02
N GLU E 393 -34.25 -25.46 -45.54
CA GLU E 393 -34.50 -25.28 -47.00
C GLU E 393 -34.49 -23.83 -47.47
N VAL E 394 -34.99 -22.94 -46.61
CA VAL E 394 -34.78 -21.51 -46.81
C VAL E 394 -33.79 -21.14 -45.72
N LEU E 395 -32.81 -20.31 -46.10
CA LEU E 395 -31.66 -20.06 -45.25
C LEU E 395 -31.67 -18.68 -44.61
N SER E 396 -32.02 -17.66 -45.36
CA SER E 396 -31.96 -16.31 -44.81
C SER E 396 -33.34 -15.73 -44.78
N GLY E 397 -33.74 -15.27 -43.60
CA GLY E 397 -35.00 -14.55 -43.44
C GLY E 397 -35.00 -13.13 -43.98
N SER E 398 -33.83 -12.47 -44.02
CA SER E 398 -33.77 -11.05 -44.39
C SER E 398 -33.68 -10.87 -45.91
N PHE E 399 -33.29 -11.93 -46.61
CA PHE E 399 -33.05 -11.79 -48.02
C PHE E 399 -34.29 -11.31 -48.77
N ARG E 400 -34.16 -10.14 -49.39
CA ARG E 400 -35.18 -9.64 -50.30
C ARG E 400 -34.64 -9.59 -51.74
N ARG E 401 -35.38 -10.23 -52.63
CA ARG E 401 -35.19 -10.13 -54.06
C ARG E 401 -35.30 -8.69 -54.60
N MET E 402 -34.26 -8.27 -55.33
CA MET E 402 -34.24 -7.00 -56.07
C MET E 402 -35.21 -7.07 -57.24
N SER E 403 -36.14 -6.12 -57.27
CA SER E 403 -37.14 -6.09 -58.34
C SER E 403 -36.87 -5.02 -59.40
N HIS E 404 -37.01 -5.41 -60.67
CA HIS E 404 -36.96 -4.46 -61.75
C HIS E 404 -38.05 -3.39 -61.69
N ASP E 405 -39.08 -3.67 -60.90
CA ASP E 405 -40.12 -2.69 -60.65
C ASP E 405 -39.66 -1.51 -59.83
N ILE E 406 -38.62 -1.68 -59.03
CA ILE E 406 -38.13 -0.54 -58.27
C ILE E 406 -37.59 0.52 -59.26
N PRO E 407 -37.85 1.80 -59.01
CA PRO E 407 -37.36 2.80 -59.98
C PRO E 407 -35.83 2.90 -59.98
N HIS E 408 -35.23 2.93 -61.16
CA HIS E 408 -33.78 2.81 -61.24
C HIS E 408 -33.28 3.53 -62.46
N GLY E 409 -32.03 3.99 -62.42
CA GLY E 409 -31.33 4.39 -63.63
C GLY E 409 -30.71 3.18 -64.35
N HIS E 410 -30.07 3.45 -65.49
CA HIS E 410 -29.59 2.40 -66.38
C HIS E 410 -28.21 2.78 -66.90
N ARG E 411 -27.25 1.84 -66.84
CA ARG E 411 -25.93 2.03 -67.42
C ARG E 411 -25.69 0.91 -68.43
N LEU E 412 -25.00 1.24 -69.50
CA LEU E 412 -24.55 0.24 -70.47
C LEU E 412 -23.04 0.30 -70.58
N ILE E 413 -22.42 -0.85 -70.34
CA ILE E 413 -20.98 -0.99 -70.23
C ILE E 413 -20.58 -2.06 -71.26
N VAL E 414 -20.03 -1.63 -72.40
CA VAL E 414 -19.60 -2.54 -73.43
C VAL E 414 -18.19 -3.03 -73.05
N LEU E 415 -17.98 -4.33 -73.17
CA LEU E 415 -16.68 -4.92 -72.92
C LEU E 415 -16.17 -5.36 -74.29
N THR E 416 -15.03 -4.83 -74.73
CA THR E 416 -14.56 -5.00 -76.12
C THR E 416 -13.47 -6.06 -76.33
N PRO E 417 -13.37 -6.59 -77.56
CA PRO E 417 -12.29 -7.57 -77.80
C PRO E 417 -10.94 -6.90 -78.00
N PRO E 418 -9.82 -7.62 -77.71
CA PRO E 418 -8.49 -7.04 -77.75
C PRO E 418 -8.12 -6.30 -79.04
N GLY E 419 -8.50 -6.82 -80.20
CA GLY E 419 -7.99 -6.22 -81.41
C GLY E 419 -8.76 -4.98 -81.82
N THR E 420 -9.45 -4.34 -80.88
CA THR E 420 -10.34 -3.26 -81.26
C THR E 420 -9.53 -2.01 -81.59
N LYS E 421 -9.92 -1.35 -82.66
CA LYS E 421 -9.34 -0.12 -83.08
C LYS E 421 -9.07 0.87 -81.95
N GLY E 422 -7.80 1.23 -81.82
CA GLY E 422 -7.36 2.24 -80.87
C GLY E 422 -7.10 1.74 -79.46
N SER E 423 -6.97 0.43 -79.27
CA SER E 423 -6.90 -0.12 -77.92
C SER E 423 -5.50 -0.70 -77.64
N GLY E 424 -4.61 -0.54 -78.62
CA GLY E 424 -3.27 -1.08 -78.60
C GLY E 424 -3.26 -2.58 -78.34
N GLY E 425 -4.34 -3.26 -78.70
CA GLY E 425 -4.44 -4.71 -78.51
C GLY E 425 -4.92 -5.15 -77.14
N HIS E 426 -5.45 -4.21 -76.35
CA HIS E 426 -6.00 -4.54 -75.03
C HIS E 426 -7.52 -4.51 -75.01
N PRO E 427 -8.15 -5.51 -74.34
CA PRO E 427 -9.59 -5.39 -74.12
C PRO E 427 -9.91 -4.11 -73.35
N GLU E 428 -11.13 -3.59 -73.52
CA GLU E 428 -11.52 -2.36 -72.84
C GLU E 428 -12.91 -2.36 -72.17
N ILE E 429 -13.06 -1.43 -71.22
CA ILE E 429 -14.36 -0.96 -70.80
C ILE E 429 -14.80 0.25 -71.61
N TRP E 430 -15.99 0.17 -72.19
CA TRP E 430 -16.59 1.30 -72.92
C TRP E 430 -17.85 1.77 -72.27
N GLU E 431 -17.81 2.97 -71.74
CA GLU E 431 -19.04 3.50 -71.24
C GLU E 431 -19.80 4.00 -72.48
N MET E 432 -21.07 3.61 -72.59
CA MET E 432 -21.95 3.98 -73.70
C MET E 432 -23.09 4.91 -73.25
N ALA E 433 -23.31 5.98 -74.01
CA ALA E 433 -24.52 6.80 -73.90
C ALA E 433 -25.46 6.44 -75.07
N GLU E 434 -26.76 6.35 -74.82
CA GLU E 434 -27.75 6.15 -75.92
C GLU E 434 -27.94 7.44 -76.71
N VAL E 435 -28.17 7.35 -78.01
CA VAL E 435 -28.36 8.54 -78.85
C VAL E 435 -29.65 8.46 -79.71
N GLU E 436 -30.16 9.60 -80.20
CA GLU E 436 -31.33 9.63 -81.15
C GLU E 436 -31.30 10.74 -82.21
N GLN E 442 -23.75 9.52 -86.80
CA GLN E 442 -23.93 8.87 -88.10
C GLN E 442 -23.31 7.49 -88.11
N VAL E 443 -24.12 6.51 -88.46
CA VAL E 443 -23.70 5.09 -88.53
C VAL E 443 -23.49 4.63 -89.97
N PRO E 444 -22.50 3.75 -90.21
CA PRO E 444 -21.50 3.29 -89.24
C PRO E 444 -20.55 4.39 -88.79
N ALA E 445 -19.99 4.25 -87.59
CA ALA E 445 -18.95 5.15 -87.10
C ALA E 445 -18.20 4.51 -85.94
N GLU E 446 -16.94 4.94 -85.79
CA GLU E 446 -16.09 4.56 -84.66
C GLU E 446 -16.77 4.95 -83.33
N GLY E 447 -16.88 4.00 -82.42
CA GLY E 447 -17.42 4.30 -81.12
C GLY E 447 -18.92 4.23 -81.08
N VAL E 448 -19.52 3.81 -82.19
CA VAL E 448 -20.97 3.73 -82.27
C VAL E 448 -21.39 2.26 -82.38
N ILE E 449 -22.22 1.82 -81.44
CA ILE E 449 -22.66 0.42 -81.41
C ILE E 449 -24.18 0.35 -81.41
N GLN E 450 -24.74 -0.53 -82.23
CA GLN E 450 -26.18 -0.70 -82.24
C GLN E 450 -26.55 -2.06 -81.70
N VAL E 451 -27.69 -2.10 -81.02
CA VAL E 451 -28.12 -3.31 -80.34
C VAL E 451 -29.58 -3.55 -80.64
N THR E 452 -29.84 -4.68 -81.28
CA THR E 452 -31.19 -5.17 -81.50
C THR E 452 -31.50 -6.03 -80.31
N GLY E 453 -32.43 -5.55 -79.49
CA GLY E 453 -32.87 -6.26 -78.28
C GLY E 453 -33.81 -7.44 -78.52
N ALA E 454 -34.29 -8.02 -77.43
CA ALA E 454 -35.19 -9.15 -77.46
C ALA E 454 -36.56 -8.74 -78.02
N ASP E 455 -36.87 -7.46 -77.95
CA ASP E 455 -38.14 -7.01 -78.48
C ASP E 455 -38.09 -6.87 -80.01
N GLY E 456 -36.90 -6.92 -80.59
CA GLY E 456 -36.76 -6.77 -82.04
C GLY E 456 -36.36 -5.40 -82.53
N ARG E 457 -36.49 -4.38 -81.69
CA ARG E 457 -36.09 -3.03 -82.10
C ARG E 457 -34.58 -2.76 -81.90
N THR E 458 -34.09 -1.73 -82.59
CA THR E 458 -32.66 -1.41 -82.53
C THR E 458 -32.38 -0.07 -81.88
N LYS E 459 -31.53 -0.07 -80.86
CA LYS E 459 -31.08 1.18 -80.26
C LYS E 459 -29.62 1.47 -80.63
N THR E 460 -29.26 2.75 -80.49
CA THR E 460 -27.97 3.26 -80.95
C THR E 460 -27.23 3.95 -79.83
N TYR E 461 -26.02 3.47 -79.54
CA TYR E 461 -25.24 4.00 -78.44
C TYR E 461 -23.87 4.46 -78.90
N ARG E 462 -23.37 5.47 -78.20
CA ARG E 462 -22.12 6.15 -78.51
C ARG E 462 -21.15 5.97 -77.33
N ARG E 463 -19.93 5.59 -77.60
CA ARG E 463 -18.91 5.46 -76.55
C ARG E 463 -18.53 6.83 -75.97
N THR E 464 -18.60 6.98 -74.65
CA THR E 464 -18.19 8.25 -74.00
C THR E 464 -16.89 8.16 -73.20
N ALA E 465 -16.44 6.93 -72.91
CA ALA E 465 -15.10 6.71 -72.33
C ALA E 465 -14.66 5.30 -72.66
N ARG E 466 -13.35 5.10 -72.73
CA ARG E 466 -12.78 3.83 -73.19
C ARG E 466 -11.65 3.35 -72.26
N THR E 467 -11.22 4.25 -71.37
CA THR E 467 -10.15 3.90 -70.47
C THR E 467 -10.21 4.64 -69.15
N PHE E 468 -9.44 4.13 -68.18
CA PHE E 468 -9.55 4.60 -66.82
C PHE E 468 -9.54 6.12 -66.73
N ASN E 469 -8.54 6.77 -67.32
CA ASN E 469 -8.37 8.20 -67.11
C ASN E 469 -9.16 9.13 -68.03
N ASP E 470 -10.07 8.58 -68.84
CA ASP E 470 -11.04 9.40 -69.56
C ASP E 470 -11.96 10.08 -68.53
N GLY E 471 -12.49 11.23 -68.88
CA GLY E 471 -13.41 11.96 -68.02
C GLY E 471 -14.49 11.08 -67.43
N LEU E 472 -14.88 11.43 -66.22
CA LEU E 472 -15.90 10.74 -65.45
C LEU E 472 -17.18 10.50 -66.25
N GLY E 473 -17.68 9.27 -66.19
CA GLY E 473 -18.98 8.97 -66.74
C GLY E 473 -20.10 8.89 -65.71
N PHE E 474 -19.95 8.12 -64.65
CA PHE E 474 -21.11 7.82 -63.79
C PHE E 474 -21.08 8.63 -62.50
N THR E 475 -22.06 9.51 -62.35
CA THR E 475 -22.27 10.23 -61.09
C THR E 475 -23.65 9.79 -60.58
N ILE E 476 -23.77 9.49 -59.27
CA ILE E 476 -24.89 8.67 -58.75
C ILE E 476 -25.35 9.22 -57.43
N GLY E 477 -26.65 9.48 -57.30
CA GLY E 477 -27.24 9.88 -56.02
C GLY E 477 -27.18 8.76 -55.01
N GLU E 478 -26.58 9.03 -53.87
CA GLU E 478 -26.62 8.07 -52.78
C GLU E 478 -28.06 7.70 -52.48
N GLY E 479 -28.32 6.41 -52.25
CA GLY E 479 -29.66 5.93 -52.04
C GLY E 479 -30.44 5.50 -53.28
N THR E 480 -29.99 5.82 -54.49
CA THR E 480 -30.73 5.43 -55.69
C THR E 480 -30.42 4.01 -56.15
N HIS E 481 -31.21 3.52 -57.10
CA HIS E 481 -30.96 2.21 -57.67
C HIS E 481 -30.54 2.41 -59.12
N GLU E 482 -29.74 1.48 -59.63
CA GLU E 482 -29.39 1.41 -61.04
C GLU E 482 -29.23 -0.07 -61.46
N GLN E 483 -29.67 -0.35 -62.68
CA GLN E 483 -29.32 -1.57 -63.35
C GLN E 483 -28.20 -1.24 -64.31
N TRP E 484 -27.14 -2.02 -64.25
CA TRP E 484 -26.04 -1.87 -65.17
C TRP E 484 -26.04 -3.10 -66.01
N THR E 485 -25.81 -2.93 -67.29
CA THR E 485 -25.68 -4.08 -68.18
C THR E 485 -24.24 -4.16 -68.66
N PHE E 486 -23.61 -5.29 -68.37
CA PHE E 486 -22.32 -5.58 -68.98
C PHE E 486 -22.55 -6.34 -70.29
N LEU E 487 -22.15 -5.72 -71.38
CA LEU E 487 -22.35 -6.28 -72.72
C LEU E 487 -21.00 -6.69 -73.26
N ASN E 488 -20.68 -7.98 -73.18
CA ASN E 488 -19.39 -8.48 -73.57
C ASN E 488 -19.43 -8.85 -75.06
N LEU E 489 -18.71 -8.10 -75.87
CA LEU E 489 -18.66 -8.37 -77.29
C LEU E 489 -17.54 -9.36 -77.71
N SER E 490 -16.78 -9.91 -76.77
CA SER E 490 -15.65 -10.79 -77.12
C SER E 490 -15.93 -12.15 -76.52
N PRO E 491 -15.14 -13.16 -76.87
CA PRO E 491 -15.25 -14.43 -76.17
C PRO E 491 -14.41 -14.47 -74.89
N ILE E 492 -13.80 -13.36 -74.50
CA ILE E 492 -13.00 -13.34 -73.28
C ILE E 492 -13.87 -13.08 -72.04
N LEU E 493 -13.72 -13.92 -71.04
CA LEU E 493 -14.54 -13.82 -69.84
C LEU E 493 -13.91 -12.82 -68.84
N HIS E 494 -14.66 -11.80 -68.48
CA HIS E 494 -14.19 -10.83 -67.49
C HIS E 494 -14.97 -10.90 -66.19
N PRO E 495 -14.30 -11.13 -65.05
CA PRO E 495 -15.12 -11.00 -63.85
C PRO E 495 -15.20 -9.52 -63.41
N MET E 496 -16.33 -8.88 -63.69
CA MET E 496 -16.57 -7.48 -63.33
C MET E 496 -16.92 -7.29 -61.85
N HIS E 497 -16.37 -6.23 -61.27
CA HIS E 497 -16.51 -5.93 -59.88
C HIS E 497 -16.84 -4.46 -59.72
N ILE E 498 -17.87 -4.16 -58.95
CA ILE E 498 -18.21 -2.77 -58.64
C ILE E 498 -17.97 -2.54 -57.16
N HIS E 499 -17.12 -1.57 -56.81
CA HIS E 499 -16.94 -1.18 -55.41
C HIS E 499 -18.26 -0.66 -54.80
N LEU E 500 -18.25 -0.55 -53.47
CA LEU E 500 -19.30 0.05 -52.68
C LEU E 500 -20.55 -0.82 -52.50
N ALA E 501 -21.22 -1.17 -53.60
CA ALA E 501 -22.56 -1.69 -53.51
C ALA E 501 -22.69 -3.22 -53.56
N ASP E 502 -23.87 -3.69 -53.17
CA ASP E 502 -24.32 -5.05 -53.39
C ASP E 502 -25.28 -5.06 -54.56
N PHE E 503 -25.25 -6.13 -55.34
CA PHE E 503 -26.03 -6.20 -56.57
C PHE E 503 -26.66 -7.55 -56.62
N GLN E 504 -27.78 -7.62 -57.32
CA GLN E 504 -28.33 -8.90 -57.64
C GLN E 504 -28.36 -9.06 -59.15
N VAL E 505 -28.18 -10.29 -59.59
CA VAL E 505 -28.18 -10.64 -60.99
C VAL E 505 -29.64 -10.66 -61.47
N LEU E 506 -29.99 -9.82 -62.44
CA LEU E 506 -31.36 -9.85 -62.98
C LEU E 506 -31.50 -10.86 -64.11
N GLY E 507 -30.48 -11.02 -64.96
CA GLY E 507 -30.49 -12.07 -65.99
C GLY E 507 -29.41 -11.98 -67.04
N ARG E 508 -29.37 -12.96 -67.94
CA ARG E 508 -28.26 -13.07 -68.90
C ARG E 508 -28.84 -13.46 -70.25
N ASP E 509 -28.22 -12.95 -71.31
CA ASP E 509 -28.67 -13.21 -72.68
C ASP E 509 -27.46 -13.39 -73.57
N ALA E 510 -27.55 -14.30 -74.52
CA ALA E 510 -26.50 -14.39 -75.51
C ALA E 510 -26.75 -13.43 -76.65
N TYR E 511 -25.66 -12.96 -77.23
CA TYR E 511 -25.74 -12.07 -78.39
C TYR E 511 -24.83 -12.60 -79.48
N ASP E 512 -25.28 -12.37 -80.71
CA ASP E 512 -24.41 -12.42 -81.88
C ASP E 512 -23.74 -11.05 -82.05
N ALA E 513 -22.44 -11.02 -81.88
CA ALA E 513 -21.68 -9.77 -81.90
C ALA E 513 -20.88 -9.56 -83.19
N SER E 514 -21.04 -10.45 -84.16
CA SER E 514 -20.25 -10.41 -85.40
C SER E 514 -20.38 -9.09 -86.19
N GLY E 515 -21.47 -8.34 -85.97
CA GLY E 515 -21.60 -7.04 -86.61
C GLY E 515 -20.66 -5.98 -86.07
N PHE E 516 -19.99 -6.31 -84.95
CA PHE E 516 -19.01 -5.40 -84.39
C PHE E 516 -17.71 -5.50 -85.18
N ASP E 517 -17.33 -4.39 -85.80
CA ASP E 517 -16.21 -4.37 -86.71
C ASP E 517 -15.04 -3.78 -85.94
N LEU E 518 -14.02 -4.60 -85.74
CA LEU E 518 -12.90 -4.26 -84.89
C LEU E 518 -12.11 -3.09 -85.43
N ALA E 519 -12.04 -3.00 -86.75
CA ALA E 519 -11.24 -1.98 -87.42
C ALA E 519 -11.99 -0.67 -87.42
N LEU E 520 -13.31 -0.74 -87.42
CA LEU E 520 -14.09 0.48 -87.24
C LEU E 520 -14.11 0.88 -85.76
N GLY E 521 -14.13 -0.14 -84.88
CA GLY E 521 -14.37 0.10 -83.46
C GLY E 521 -15.80 0.56 -83.31
N GLY E 522 -16.63 0.04 -84.20
CA GLY E 522 -18.04 0.28 -84.18
C GLY E 522 -18.74 -0.87 -84.89
N THR E 523 -20.06 -0.79 -84.89
CA THR E 523 -20.90 -1.85 -85.39
C THR E 523 -21.25 -1.58 -86.87
N ARG E 524 -21.17 -2.61 -87.71
CA ARG E 524 -21.66 -2.46 -89.09
C ARG E 524 -23.09 -2.92 -89.28
N THR E 525 -23.40 -4.11 -88.76
CA THR E 525 -24.78 -4.52 -88.50
C THR E 525 -24.94 -4.65 -86.98
N PRO E 526 -26.17 -4.53 -86.47
CA PRO E 526 -26.31 -4.52 -85.01
C PRO E 526 -25.85 -5.78 -84.25
N VAL E 527 -25.46 -5.59 -82.99
CA VAL E 527 -25.34 -6.71 -82.08
C VAL E 527 -26.78 -7.15 -81.83
N ARG E 528 -27.02 -8.43 -81.97
CA ARG E 528 -28.38 -8.95 -81.95
C ARG E 528 -28.49 -9.94 -80.78
N LEU E 529 -29.48 -9.72 -79.93
CA LEU E 529 -29.84 -10.74 -78.95
C LEU E 529 -30.26 -12.04 -79.66
N ASP E 530 -29.58 -13.15 -79.35
CA ASP E 530 -29.88 -14.43 -79.98
C ASP E 530 -30.90 -15.17 -79.12
N PRO E 531 -32.18 -15.06 -79.49
CA PRO E 531 -33.26 -15.29 -78.52
C PRO E 531 -33.45 -16.78 -78.23
N ASP E 532 -32.74 -17.65 -78.93
CA ASP E 532 -32.83 -19.04 -78.56
C ASP E 532 -31.49 -19.73 -78.33
N THR E 533 -30.51 -18.99 -77.83
CA THR E 533 -29.43 -19.59 -77.05
C THR E 533 -29.56 -19.04 -75.64
N PRO E 534 -30.47 -19.66 -74.85
CA PRO E 534 -30.80 -19.09 -73.55
C PRO E 534 -29.59 -19.25 -72.62
N VAL E 535 -29.44 -18.33 -71.67
CA VAL E 535 -28.34 -18.41 -70.68
C VAL E 535 -28.94 -18.41 -69.27
N PRO E 536 -28.98 -19.59 -68.64
CA PRO E 536 -29.61 -19.70 -67.34
C PRO E 536 -28.70 -19.08 -66.30
N LEU E 537 -29.28 -18.54 -65.23
CA LEU E 537 -28.44 -18.05 -64.17
C LEU E 537 -27.85 -19.26 -63.48
N ALA E 538 -26.61 -19.15 -63.00
CA ALA E 538 -26.02 -20.19 -62.17
C ALA E 538 -26.89 -20.31 -60.90
N PRO E 539 -27.17 -21.55 -60.43
CA PRO E 539 -27.99 -21.66 -59.22
C PRO E 539 -27.44 -20.85 -58.04
N ASN E 540 -26.12 -20.62 -58.00
CA ASN E 540 -25.54 -19.94 -56.86
C ASN E 540 -25.31 -18.41 -57.04
N GLU E 541 -26.00 -17.80 -58.00
CA GLU E 541 -25.78 -16.36 -58.17
C GLU E 541 -27.05 -15.59 -57.94
N LEU E 542 -27.96 -16.20 -57.20
CA LEU E 542 -29.25 -15.56 -56.99
C LEU E 542 -29.30 -14.80 -55.66
N GLY E 543 -28.16 -14.64 -55.00
CA GLY E 543 -28.07 -13.86 -53.75
C GLY E 543 -27.36 -12.53 -53.94
N HIS E 544 -26.61 -12.09 -52.94
CA HIS E 544 -25.89 -10.80 -53.04
C HIS E 544 -24.50 -10.96 -53.66
N LYS E 545 -24.18 -10.15 -54.68
CA LYS E 545 -22.90 -10.30 -55.40
C LYS E 545 -22.26 -8.96 -55.69
N ASP E 546 -20.92 -8.94 -55.77
CA ASP E 546 -20.19 -7.73 -56.20
C ASP E 546 -19.12 -8.03 -57.24
N VAL E 547 -18.95 -9.31 -57.54
CA VAL E 547 -18.14 -9.78 -58.67
C VAL E 547 -18.94 -10.78 -59.55
N PHE E 548 -18.95 -10.53 -60.86
CA PHE E 548 -19.79 -11.31 -61.78
C PHE E 548 -18.99 -11.76 -62.97
N GLN E 549 -18.97 -13.05 -63.21
CA GLN E 549 -18.36 -13.55 -64.40
C GLN E 549 -19.23 -12.98 -65.50
N VAL E 550 -18.58 -12.35 -66.48
CA VAL E 550 -19.28 -11.92 -67.68
C VAL E 550 -18.63 -12.59 -68.87
N PRO E 551 -19.11 -13.80 -69.20
CA PRO E 551 -18.54 -14.56 -70.30
C PRO E 551 -18.75 -13.85 -71.62
N GLY E 552 -18.06 -14.41 -72.62
CA GLY E 552 -17.95 -13.94 -73.98
C GLY E 552 -19.20 -13.31 -74.45
N PRO E 553 -19.46 -13.39 -75.77
CA PRO E 553 -20.47 -12.65 -76.51
C PRO E 553 -21.78 -12.78 -75.74
N GLN E 554 -22.02 -11.89 -74.77
CA GLN E 554 -23.12 -12.05 -73.81
C GLN E 554 -23.42 -10.76 -73.07
N GLY E 555 -24.64 -10.62 -72.60
CA GLY E 555 -25.03 -9.48 -71.76
C GLY E 555 -25.39 -10.00 -70.38
N LEU E 556 -25.03 -9.23 -69.35
CA LEU E 556 -25.47 -9.49 -67.97
C LEU E 556 -26.12 -8.25 -67.39
N ARG E 557 -27.30 -8.40 -66.82
CA ARG E 557 -28.03 -7.27 -66.22
C ARG E 557 -27.95 -7.44 -64.72
N VAL E 558 -27.36 -6.47 -64.02
CA VAL E 558 -27.34 -6.53 -62.55
C VAL E 558 -27.94 -5.26 -62.03
N MET E 559 -28.49 -5.34 -60.82
CA MET E 559 -29.13 -4.20 -60.25
C MET E 559 -28.70 -3.95 -58.82
N GLY E 560 -28.61 -2.68 -58.43
CA GLY E 560 -28.09 -2.39 -57.11
C GLY E 560 -28.47 -1.06 -56.57
N LYS E 561 -28.41 -0.97 -55.25
CA LYS E 561 -28.63 0.28 -54.55
C LYS E 561 -27.27 0.82 -54.12
N PHE E 562 -27.05 2.11 -54.38
CA PHE E 562 -25.80 2.77 -54.01
C PHE E 562 -26.06 3.65 -52.79
N ASP E 563 -25.66 3.09 -51.66
CA ASP E 563 -26.36 3.14 -50.39
C ASP E 563 -25.20 3.20 -49.34
N GLY E 564 -25.19 4.23 -48.51
CA GLY E 564 -24.51 4.17 -47.20
C GLY E 564 -23.09 4.71 -47.11
N ALA E 565 -22.60 5.30 -48.20
CA ALA E 565 -21.31 6.02 -48.19
C ALA E 565 -21.28 6.92 -49.42
N TYR E 566 -20.25 7.78 -49.52
CA TYR E 566 -20.10 8.67 -50.63
C TYR E 566 -18.65 8.62 -51.09
N GLY E 567 -18.41 9.16 -52.29
CA GLY E 567 -17.05 9.45 -52.75
C GLY E 567 -16.80 8.90 -54.13
N ARG E 568 -15.53 8.96 -54.54
CA ARG E 568 -15.09 8.37 -55.78
C ARG E 568 -14.71 6.92 -55.59
N PHE E 569 -15.27 6.09 -56.45
CA PHE E 569 -15.05 4.67 -56.34
C PHE E 569 -14.56 4.08 -57.65
N MET E 570 -14.33 2.77 -57.65
CA MET E 570 -13.85 2.06 -58.82
C MET E 570 -14.85 0.98 -59.26
N TYR E 571 -14.91 0.74 -60.56
CA TYR E 571 -15.39 -0.52 -61.05
C TYR E 571 -14.44 -0.96 -62.16
N HIS E 572 -14.22 -2.27 -62.27
CA HIS E 572 -13.18 -2.74 -63.16
C HIS E 572 -13.29 -4.22 -63.38
N CYS E 573 -12.56 -4.67 -64.39
CA CYS E 573 -12.30 -6.08 -64.53
C CYS E 573 -11.37 -6.53 -63.39
N HIS E 574 -11.60 -7.73 -62.85
CA HIS E 574 -10.74 -8.24 -61.78
C HIS E 574 -9.71 -9.25 -62.27
N LEU E 575 -9.44 -9.28 -63.57
CA LEU E 575 -8.19 -9.90 -64.03
C LEU E 575 -7.09 -8.85 -63.80
N LEU E 576 -6.25 -9.08 -62.81
CA LEU E 576 -5.34 -8.03 -62.42
C LEU E 576 -4.56 -7.47 -63.62
N GLU E 577 -4.12 -8.35 -64.53
CA GLU E 577 -3.40 -7.89 -65.69
C GLU E 577 -4.24 -6.90 -66.50
N HIS E 578 -5.53 -7.15 -66.63
CA HIS E 578 -6.41 -6.22 -67.35
C HIS E 578 -6.71 -4.94 -66.59
N GLU E 579 -6.86 -5.07 -65.28
CA GLU E 579 -7.02 -3.92 -64.39
C GLU E 579 -5.85 -2.93 -64.55
N ASP E 580 -4.62 -3.46 -64.48
CA ASP E 580 -3.43 -2.64 -64.52
C ASP E 580 -3.22 -1.94 -65.88
N MET E 581 -3.98 -2.36 -66.89
CA MET E 581 -3.84 -1.82 -68.24
C MET E 581 -5.12 -1.07 -68.65
N GLY E 582 -5.66 -0.30 -67.73
CA GLY E 582 -6.77 0.61 -68.00
C GLY E 582 -8.18 0.08 -67.99
N MET E 583 -8.35 -1.24 -67.88
CA MET E 583 -9.69 -1.77 -67.73
C MET E 583 -10.30 -1.50 -66.33
N MET E 584 -10.64 -0.23 -66.09
CA MET E 584 -11.06 0.24 -64.80
C MET E 584 -11.69 1.61 -65.01
N ARG E 585 -12.72 1.95 -64.22
CA ARG E 585 -13.37 3.26 -64.33
C ARG E 585 -13.75 3.83 -62.97
N PRO E 586 -13.70 5.17 -62.85
CA PRO E 586 -14.16 5.82 -61.66
C PRO E 586 -15.68 5.93 -61.69
N PHE E 587 -16.31 5.92 -60.52
CA PHE E 587 -17.66 6.49 -60.39
C PHE E 587 -17.78 7.31 -59.11
N VAL E 588 -18.70 8.26 -59.10
CA VAL E 588 -18.90 9.14 -57.94
C VAL E 588 -20.30 8.94 -57.39
N VAL E 589 -20.38 8.75 -56.07
CA VAL E 589 -21.65 8.73 -55.36
C VAL E 589 -21.66 9.89 -54.39
N MET E 590 -22.70 10.71 -54.45
CA MET E 590 -22.81 11.85 -53.57
C MET E 590 -24.26 11.99 -53.08
N PRO E 591 -24.49 12.77 -52.00
CA PRO E 591 -25.87 12.99 -51.57
C PRO E 591 -26.68 13.60 -52.72
N PRO E 592 -27.96 13.17 -52.90
CA PRO E 592 -28.85 13.75 -53.90
C PRO E 592 -28.93 15.29 -53.85
N GLU E 593 -28.92 15.87 -52.64
CA GLU E 593 -28.91 17.32 -52.47
C GLU E 593 -27.68 18.02 -53.06
N ALA E 594 -26.55 17.32 -53.08
CA ALA E 594 -25.33 17.87 -53.63
C ALA E 594 -25.33 17.70 -55.15
N LEU E 595 -26.05 16.70 -55.65
CA LEU E 595 -26.23 16.45 -57.09
C LEU E 595 -26.81 17.67 -57.79
N LYS E 596 -27.67 18.42 -57.09
CA LYS E 596 -28.29 19.62 -57.64
C LYS E 596 -27.25 20.64 -58.05
N PHE E 597 -26.03 20.52 -57.55
CA PHE E 597 -25.01 21.49 -57.92
C PHE E 597 -23.99 20.95 -58.91
N ASP E 598 -24.29 19.80 -59.50
CA ASP E 598 -23.64 19.28 -60.71
C ASP E 598 -22.33 18.56 -60.39
N ALA F 7 48.54 -47.05 -24.53
CA ALA F 7 49.96 -47.25 -24.09
C ALA F 7 50.24 -46.39 -22.87
N PRO F 8 51.11 -46.87 -21.94
CA PRO F 8 51.45 -46.09 -20.75
C PRO F 8 51.65 -44.60 -21.06
N GLY F 9 51.00 -43.74 -20.28
CA GLY F 9 51.10 -42.29 -20.47
C GLY F 9 50.20 -41.67 -21.52
N GLU F 10 49.28 -42.45 -22.08
CA GLU F 10 48.37 -41.94 -23.09
C GLU F 10 46.97 -41.67 -22.54
N LEU F 11 46.31 -40.64 -23.03
CA LEU F 11 44.91 -40.42 -22.66
C LEU F 11 43.99 -41.37 -23.39
N THR F 12 42.90 -41.81 -22.73
CA THR F 12 41.88 -42.66 -23.35
C THR F 12 40.88 -41.76 -24.09
N PRO F 13 40.75 -41.92 -25.44
CA PRO F 13 39.80 -41.02 -26.09
C PRO F 13 38.39 -41.29 -25.59
N PHE F 14 37.52 -40.28 -25.62
CA PHE F 14 36.07 -40.50 -25.35
C PHE F 14 35.74 -40.89 -23.92
N ALA F 15 36.49 -40.29 -23.00
CA ALA F 15 36.34 -40.56 -21.57
C ALA F 15 35.45 -39.51 -20.90
N ALA F 16 35.21 -38.38 -21.56
CA ALA F 16 34.37 -37.33 -20.97
C ALA F 16 33.35 -36.79 -21.96
N PRO F 17 32.17 -36.37 -21.46
CA PRO F 17 31.13 -35.87 -22.39
C PRO F 17 31.41 -34.47 -23.00
N LEU F 18 30.91 -34.24 -24.21
CA LEU F 18 31.02 -32.93 -24.84
C LEU F 18 30.33 -31.85 -24.00
N THR F 19 30.86 -30.65 -23.94
CA THR F 19 30.12 -29.56 -23.31
C THR F 19 29.87 -28.53 -24.38
N VAL F 20 28.95 -27.62 -24.12
CA VAL F 20 28.80 -26.45 -24.97
C VAL F 20 28.92 -25.19 -24.12
N PRO F 21 29.60 -24.17 -24.63
CA PRO F 21 29.64 -22.86 -23.94
C PRO F 21 28.26 -22.37 -23.51
N PRO F 22 28.17 -21.59 -22.42
CA PRO F 22 26.85 -21.09 -22.04
C PRO F 22 26.41 -20.11 -23.11
N VAL F 23 25.10 -20.00 -23.32
CA VAL F 23 24.59 -19.07 -24.33
C VAL F 23 24.46 -17.61 -23.81
N LEU F 24 24.92 -16.64 -24.59
CA LEU F 24 24.76 -15.25 -24.19
C LEU F 24 23.88 -14.52 -25.17
N ARG F 25 22.92 -13.80 -24.63
CA ARG F 25 21.96 -13.07 -25.48
C ARG F 25 21.93 -11.58 -25.17
N PRO F 26 22.83 -10.82 -25.78
CA PRO F 26 23.07 -9.45 -25.39
C PRO F 26 22.07 -8.41 -25.91
N ALA F 27 21.23 -8.76 -26.88
CA ALA F 27 20.33 -7.75 -27.45
C ALA F 27 19.54 -7.11 -26.32
N SER F 28 19.44 -5.78 -26.32
CA SER F 28 18.63 -5.11 -25.28
C SER F 28 17.96 -3.88 -25.83
N ASP F 29 16.92 -3.43 -25.14
CA ASP F 29 16.22 -2.22 -25.53
C ASP F 29 17.01 -0.93 -25.35
N GLU F 30 17.95 -0.88 -24.41
CA GLU F 30 18.86 0.24 -24.32
C GLU F 30 20.22 -0.11 -24.92
N VAL F 31 20.49 0.40 -26.11
CA VAL F 31 21.71 0.09 -26.82
C VAL F 31 22.99 0.62 -26.12
N THR F 32 22.83 1.68 -25.33
CA THR F 32 23.90 2.24 -24.52
C THR F 32 24.26 1.41 -23.30
N ARG F 33 23.46 0.40 -22.96
CA ARG F 33 23.91 -0.55 -21.93
C ARG F 33 24.74 -1.68 -22.54
N GLU F 34 26.04 -1.64 -22.34
CA GLU F 34 26.90 -2.62 -22.95
C GLU F 34 26.78 -3.93 -22.21
N THR F 35 27.07 -5.01 -22.92
CA THR F 35 27.33 -6.28 -22.27
C THR F 35 28.83 -6.37 -22.02
N GLU F 36 29.18 -6.54 -20.75
CA GLU F 36 30.56 -6.71 -20.38
C GLU F 36 30.94 -8.13 -20.61
N ILE F 37 32.00 -8.35 -21.39
CA ILE F 37 32.56 -9.67 -21.48
C ILE F 37 33.97 -9.62 -20.90
N ALA F 38 34.15 -10.14 -19.69
CA ALA F 38 35.39 -9.97 -18.95
C ALA F 38 36.31 -11.16 -19.17
N LEU F 39 37.56 -10.88 -19.52
CA LEU F 39 38.56 -11.92 -19.71
C LEU F 39 39.18 -12.24 -18.36
N ARG F 40 39.17 -13.51 -17.98
CA ARG F 40 39.65 -13.91 -16.66
C ARG F 40 40.50 -15.20 -16.73
N PRO F 41 41.41 -15.39 -15.76
CA PRO F 41 42.08 -16.69 -15.69
C PRO F 41 41.09 -17.76 -15.25
N THR F 42 41.22 -18.95 -15.79
CA THR F 42 40.27 -20.00 -15.47
C THR F 42 41.02 -21.33 -15.52
N TRP F 43 40.59 -22.32 -14.74
CA TRP F 43 41.18 -23.66 -14.82
C TRP F 43 40.22 -24.61 -15.51
N VAL F 44 40.67 -25.27 -16.54
CA VAL F 44 39.78 -26.10 -17.29
C VAL F 44 40.35 -27.50 -17.31
N ARG F 45 39.45 -28.47 -17.31
CA ARG F 45 39.83 -29.85 -17.29
C ARG F 45 39.75 -30.34 -18.73
N LEU F 46 40.86 -30.26 -19.45
CA LEU F 46 40.93 -30.85 -20.81
C LEU F 46 40.55 -32.32 -20.92
N HIS F 47 40.88 -33.10 -19.89
CA HIS F 47 40.66 -34.57 -19.90
C HIS F 47 40.72 -35.17 -18.47
N PRO F 48 39.84 -36.14 -18.16
CA PRO F 48 39.83 -36.76 -16.79
C PRO F 48 41.19 -37.23 -16.33
N GLN F 49 42.04 -37.62 -17.26
CA GLN F 49 43.37 -38.13 -16.88
C GLN F 49 44.44 -37.06 -16.78
N LEU F 50 44.04 -35.79 -16.90
CA LEU F 50 44.97 -34.69 -16.79
C LEU F 50 44.69 -33.89 -15.52
N PRO F 51 45.72 -33.20 -14.99
CA PRO F 51 45.32 -32.18 -14.01
C PRO F 51 44.65 -30.97 -14.70
N PRO F 52 44.02 -30.10 -13.92
CA PRO F 52 43.44 -28.91 -14.52
C PRO F 52 44.47 -28.00 -15.20
N THR F 53 44.05 -27.35 -16.29
CA THR F 53 44.89 -26.53 -17.12
C THR F 53 44.58 -25.03 -16.99
N LEU F 54 45.64 -24.23 -16.82
CA LEU F 54 45.47 -22.80 -16.69
C LEU F 54 45.18 -22.18 -18.06
N MET F 55 44.12 -21.40 -18.15
CA MET F 55 43.72 -20.80 -19.43
C MET F 55 43.23 -19.38 -19.15
N TRP F 56 43.06 -18.59 -20.20
CA TRP F 56 42.38 -17.33 -20.10
C TRP F 56 41.06 -17.45 -20.88
N GLY F 57 39.96 -17.02 -20.28
CA GLY F 57 38.64 -17.24 -20.86
C GLY F 57 37.80 -15.98 -20.90
N TYR F 58 37.03 -15.83 -21.95
CA TYR F 58 35.99 -14.84 -21.94
C TYR F 58 34.93 -15.28 -20.92
N ASP F 59 34.59 -14.39 -19.98
CA ASP F 59 33.74 -14.72 -18.82
C ASP F 59 34.24 -15.96 -18.10
N GLY F 60 35.54 -16.20 -18.12
CA GLY F 60 36.07 -17.37 -17.46
C GLY F 60 35.67 -18.68 -18.11
N GLN F 61 35.21 -18.62 -19.36
CA GLN F 61 34.71 -19.80 -20.04
C GLN F 61 35.68 -20.06 -21.15
N VAL F 62 36.05 -21.33 -21.36
CA VAL F 62 36.79 -21.71 -22.55
C VAL F 62 36.15 -22.89 -23.26
N PRO F 63 35.63 -22.70 -24.48
CA PRO F 63 35.43 -21.51 -25.30
C PRO F 63 34.58 -20.48 -24.60
N GLY F 64 34.73 -19.22 -25.01
CA GLY F 64 33.88 -18.16 -24.49
C GLY F 64 32.43 -18.43 -24.86
N PRO F 65 31.51 -17.68 -24.25
CA PRO F 65 30.10 -18.00 -24.43
C PRO F 65 29.68 -17.87 -25.89
N THR F 66 28.70 -18.66 -26.28
CA THR F 66 28.07 -18.55 -27.60
C THR F 66 27.13 -17.35 -27.56
N ILE F 67 27.47 -16.32 -28.31
CA ILE F 67 26.61 -15.18 -28.40
C ILE F 67 25.58 -15.48 -29.47
N GLU F 68 24.35 -15.07 -29.23
CA GLU F 68 23.29 -15.24 -30.21
C GLU F 68 22.53 -13.93 -30.38
N VAL F 69 22.32 -13.48 -31.63
CA VAL F 69 21.63 -12.25 -31.89
C VAL F 69 20.78 -12.45 -33.13
N ARG F 70 19.81 -11.57 -33.35
CA ARG F 70 19.03 -11.64 -34.57
C ARG F 70 19.57 -10.57 -35.51
N ARG F 71 19.50 -10.85 -36.82
CA ARG F 71 19.86 -9.85 -37.83
C ARG F 71 19.26 -8.49 -37.46
N GLY F 72 20.04 -7.40 -37.47
CA GLY F 72 19.45 -6.06 -37.14
C GLY F 72 19.43 -5.67 -35.68
N GLN F 73 19.64 -6.64 -34.78
CA GLN F 73 19.78 -6.28 -33.36
C GLN F 73 21.14 -5.69 -33.04
N ARG F 74 21.17 -4.39 -32.78
CA ARG F 74 22.42 -3.67 -32.60
C ARG F 74 22.97 -3.88 -31.19
N VAL F 75 24.21 -4.26 -31.12
CA VAL F 75 24.79 -4.80 -29.92
C VAL F 75 26.13 -4.09 -29.63
N ARG F 76 26.34 -3.79 -28.37
CA ARG F 76 27.56 -3.19 -27.93
C ARG F 76 28.19 -4.05 -26.83
N ILE F 77 29.47 -4.35 -26.99
CA ILE F 77 30.15 -5.24 -26.10
C ILE F 77 31.43 -4.59 -25.65
N ALA F 78 31.70 -4.68 -24.35
CA ALA F 78 32.94 -4.22 -23.74
C ALA F 78 33.79 -5.44 -23.42
N TRP F 79 34.73 -5.75 -24.30
CA TRP F 79 35.72 -6.81 -24.09
C TRP F 79 36.74 -6.28 -23.08
N THR F 80 36.66 -6.79 -21.85
CA THR F 80 37.23 -6.09 -20.71
C THR F 80 38.30 -6.94 -20.05
N ASN F 81 39.55 -6.48 -20.15
CA ASN F 81 40.67 -7.23 -19.60
C ASN F 81 40.63 -7.23 -18.05
N ARG F 82 40.26 -8.38 -17.48
CA ARG F 82 40.32 -8.53 -16.02
C ARG F 82 41.34 -9.55 -15.57
N ILE F 83 42.32 -9.86 -16.40
CA ILE F 83 43.40 -10.75 -15.96
C ILE F 83 44.43 -9.93 -15.14
N PRO F 84 44.46 -10.12 -13.81
CA PRO F 84 45.37 -9.39 -12.90
C PRO F 84 46.84 -9.34 -13.34
N LYS F 85 47.48 -8.18 -13.24
CA LYS F 85 48.91 -8.06 -13.39
C LYS F 85 49.71 -9.05 -12.53
N GLY F 86 50.78 -9.60 -13.10
CA GLY F 86 51.55 -10.64 -12.41
C GLY F 86 51.04 -12.03 -12.67
N SER F 87 49.88 -12.15 -13.29
CA SER F 87 49.38 -13.45 -13.71
C SER F 87 50.41 -14.29 -14.48
N GLU F 88 50.44 -15.59 -14.19
CA GLU F 88 51.26 -16.47 -15.01
C GLU F 88 50.70 -16.55 -16.43
N TYR F 89 51.57 -16.40 -17.43
CA TYR F 89 51.15 -16.58 -18.82
C TYR F 89 50.84 -18.05 -19.08
N PRO F 90 49.66 -18.35 -19.67
CA PRO F 90 49.16 -19.76 -19.68
C PRO F 90 49.86 -20.68 -20.67
N VAL F 91 50.47 -20.10 -21.69
CA VAL F 91 51.01 -20.92 -22.74
C VAL F 91 52.53 -20.91 -22.68
N THR F 92 53.12 -22.11 -22.61
CA THR F 92 54.55 -22.32 -22.69
C THR F 92 54.99 -22.44 -24.16
N SER F 93 56.03 -21.67 -24.55
CA SER F 93 56.48 -21.68 -25.92
C SER F 93 57.89 -22.25 -26.02
N VAL F 94 58.07 -23.27 -26.86
CA VAL F 94 59.38 -23.75 -27.25
C VAL F 94 59.54 -23.93 -28.77
N GLU F 95 60.78 -23.83 -29.24
CA GLU F 95 61.18 -24.23 -30.58
C GLU F 95 62.21 -25.34 -30.47
N VAL F 96 61.95 -26.45 -31.14
CA VAL F 96 62.81 -27.63 -31.02
C VAL F 96 63.45 -28.01 -32.37
N PRO F 97 64.64 -28.69 -32.33
CA PRO F 97 65.34 -29.03 -33.57
C PRO F 97 64.60 -30.10 -34.36
N LEU F 98 64.92 -30.22 -35.64
CA LEU F 98 64.30 -31.18 -36.54
C LEU F 98 64.08 -32.62 -36.08
N GLY F 99 65.08 -33.31 -35.55
CA GLY F 99 64.90 -34.77 -35.46
C GLY F 99 64.98 -35.53 -36.80
N PRO F 100 65.27 -36.86 -36.73
CA PRO F 100 65.77 -37.64 -37.88
C PRO F 100 64.80 -37.73 -39.04
N PRO F 101 65.29 -37.72 -40.29
CA PRO F 101 64.39 -37.81 -41.45
C PRO F 101 63.63 -39.16 -41.44
N GLY F 102 62.44 -39.18 -42.04
CA GLY F 102 61.55 -40.35 -41.99
C GLY F 102 61.05 -40.80 -40.63
N THR F 103 61.22 -39.99 -39.58
CA THR F 103 60.53 -40.21 -38.29
C THR F 103 59.52 -39.08 -38.00
N PRO F 104 58.50 -39.37 -37.19
CA PRO F 104 57.52 -38.33 -36.86
C PRO F 104 58.21 -37.06 -36.34
N ALA F 105 57.84 -35.92 -36.88
CA ALA F 105 58.26 -34.64 -36.34
C ALA F 105 58.01 -34.49 -34.81
N PRO F 106 58.88 -33.74 -34.10
CA PRO F 106 58.66 -33.57 -32.65
C PRO F 106 57.31 -32.93 -32.25
N ASN F 107 56.61 -32.24 -33.16
CA ASN F 107 55.35 -31.57 -32.80
C ASN F 107 54.22 -32.58 -32.72
N THR F 108 54.62 -33.82 -32.99
CA THR F 108 53.85 -35.03 -32.86
C THR F 108 53.86 -35.59 -31.43
N GLU F 109 54.72 -35.03 -30.57
CA GLU F 109 54.87 -35.56 -29.23
C GLU F 109 54.65 -34.45 -28.21
N PRO F 110 54.15 -34.80 -27.03
CA PRO F 110 54.11 -33.80 -25.98
C PRO F 110 55.53 -33.50 -25.43
N GLY F 111 55.64 -32.44 -24.62
CA GLY F 111 56.86 -32.13 -23.90
C GLY F 111 57.80 -31.23 -24.66
N ARG F 112 58.76 -30.69 -23.93
CA ARG F 112 59.74 -29.79 -24.51
C ARG F 112 61.00 -30.47 -25.05
N GLY F 113 61.14 -31.79 -24.84
CA GLY F 113 62.43 -32.45 -25.01
C GLY F 113 63.41 -31.74 -24.10
N GLY F 114 64.57 -31.37 -24.59
CA GLY F 114 65.47 -30.70 -23.65
C GLY F 114 65.14 -29.25 -23.40
N VAL F 115 64.42 -28.63 -24.33
CA VAL F 115 64.53 -27.20 -24.58
C VAL F 115 63.87 -26.31 -23.53
N GLU F 116 64.49 -25.17 -23.27
CA GLU F 116 63.99 -24.18 -22.31
C GLU F 116 62.70 -23.46 -22.75
N PRO F 117 61.73 -23.28 -21.84
CA PRO F 117 60.63 -22.36 -22.17
C PRO F 117 61.21 -21.04 -22.65
N ASN F 118 60.64 -20.48 -23.72
CA ASN F 118 61.00 -19.13 -24.14
C ASN F 118 60.54 -18.08 -23.09
N LYS F 119 61.53 -17.38 -22.55
CA LYS F 119 61.37 -16.46 -21.43
C LYS F 119 60.63 -15.18 -21.82
N ASP F 120 60.77 -14.77 -23.07
CA ASP F 120 60.03 -13.63 -23.62
C ASP F 120 58.50 -13.84 -23.64
N VAL F 121 58.09 -15.04 -24.06
CA VAL F 121 56.68 -15.40 -24.01
C VAL F 121 56.24 -15.49 -22.55
N ALA F 122 57.08 -16.05 -21.69
CA ALA F 122 56.70 -16.22 -20.28
C ALA F 122 56.47 -14.85 -19.53
N ALA F 123 57.06 -13.79 -20.08
CA ALA F 123 57.00 -12.44 -19.52
C ALA F 123 55.82 -11.67 -20.06
N LEU F 124 55.10 -12.21 -21.04
CA LEU F 124 53.92 -11.51 -21.56
C LEU F 124 52.89 -11.14 -20.46
N PRO F 125 52.43 -9.88 -20.45
CA PRO F 125 51.33 -9.54 -19.56
C PRO F 125 50.05 -9.77 -20.36
N ALA F 126 48.90 -9.75 -19.71
CA ALA F 126 47.69 -9.99 -20.45
C ALA F 126 47.39 -8.74 -21.29
N TRP F 127 47.45 -8.92 -22.60
CA TRP F 127 47.33 -7.82 -23.52
C TRP F 127 46.50 -8.27 -24.70
N SER F 128 45.23 -7.89 -24.71
CA SER F 128 44.30 -8.56 -25.61
C SER F 128 43.44 -7.57 -26.34
N VAL F 129 43.11 -7.90 -27.59
CA VAL F 129 42.07 -7.19 -28.33
C VAL F 129 41.25 -8.24 -29.02
N THR F 130 39.95 -8.02 -29.17
CA THR F 130 39.06 -9.08 -29.62
C THR F 130 38.53 -8.78 -30.99
N HIS F 131 38.63 -9.73 -31.91
CA HIS F 131 38.11 -9.55 -33.26
C HIS F 131 36.91 -10.45 -33.52
N LEU F 132 35.81 -9.86 -34.01
CA LEU F 132 34.63 -10.66 -34.34
C LEU F 132 34.77 -11.05 -35.79
N HIS F 133 35.17 -12.29 -36.01
CA HIS F 133 35.61 -12.73 -37.32
C HIS F 133 34.37 -13.02 -38.12
N GLY F 134 34.24 -12.35 -39.27
CA GLY F 134 33.02 -12.41 -40.04
C GLY F 134 32.24 -11.09 -40.02
N ALA F 135 32.40 -10.30 -38.94
CA ALA F 135 31.45 -9.22 -38.65
C ALA F 135 31.56 -8.11 -39.68
N GLN F 136 30.41 -7.58 -40.06
CA GLN F 136 30.34 -6.40 -40.89
C GLN F 136 30.04 -5.29 -39.90
N THR F 137 31.05 -4.47 -39.66
CA THR F 137 31.03 -3.37 -38.68
C THR F 137 32.31 -2.56 -38.95
N GLY F 138 32.35 -1.30 -38.51
CA GLY F 138 33.42 -0.41 -38.96
C GLY F 138 34.74 -0.81 -38.32
N GLY F 139 35.85 -0.23 -38.80
CA GLY F 139 37.17 -0.53 -38.27
C GLY F 139 37.32 -0.23 -36.78
N GLY F 140 36.59 0.78 -36.29
CA GLY F 140 36.56 1.10 -34.89
C GLY F 140 36.12 -0.06 -34.00
N ASN F 141 35.36 -1.01 -34.53
CA ASN F 141 34.81 -2.12 -33.76
C ASN F 141 35.48 -3.48 -33.99
N ASP F 142 36.29 -3.55 -35.03
CA ASP F 142 36.70 -4.81 -35.65
C ASP F 142 37.84 -5.53 -34.89
N GLY F 143 38.46 -4.83 -33.93
CA GLY F 143 39.59 -5.38 -33.16
C GLY F 143 40.96 -5.17 -33.83
N TRP F 144 41.23 -3.93 -34.26
CA TRP F 144 42.56 -3.57 -34.79
C TRP F 144 43.70 -4.13 -33.91
N ALA F 145 44.66 -4.83 -34.51
CA ALA F 145 45.60 -5.62 -33.72
C ALA F 145 46.49 -4.83 -32.75
N ASP F 146 46.79 -3.57 -33.07
CA ASP F 146 47.66 -2.76 -32.21
C ASP F 146 46.92 -2.37 -30.94
N ASN F 147 45.58 -2.34 -31.00
CA ASN F 147 44.82 -1.75 -29.90
C ASN F 147 44.42 -2.71 -28.79
N ALA F 148 45.33 -3.61 -28.43
CA ALA F 148 45.06 -4.50 -27.33
C ALA F 148 45.09 -3.71 -26.02
N VAL F 149 44.40 -4.19 -24.99
CA VAL F 149 44.32 -3.48 -23.73
C VAL F 149 44.86 -4.34 -22.60
N GLY F 150 45.44 -3.65 -21.62
CA GLY F 150 46.00 -4.31 -20.43
C GLY F 150 44.96 -4.42 -19.33
N PHE F 151 45.32 -5.06 -18.22
CA PHE F 151 44.41 -5.28 -17.10
C PHE F 151 43.63 -4.03 -16.74
N GLY F 152 42.32 -4.18 -16.55
CA GLY F 152 41.53 -3.07 -16.06
C GLY F 152 40.96 -2.20 -17.16
N ASP F 153 41.46 -2.31 -18.40
CA ASP F 153 40.83 -1.52 -19.50
C ASP F 153 39.95 -2.35 -20.41
N ALA F 154 39.16 -1.67 -21.24
CA ALA F 154 38.26 -2.35 -22.18
C ALA F 154 38.44 -1.94 -23.64
N GLN F 155 38.06 -2.84 -24.53
CA GLN F 155 37.86 -2.52 -25.93
C GLN F 155 36.37 -2.51 -26.13
N LEU F 156 35.83 -1.38 -26.59
CA LEU F 156 34.40 -1.30 -26.85
C LEU F 156 34.04 -1.49 -28.33
N SER F 157 33.06 -2.34 -28.62
CA SER F 157 32.70 -2.71 -30.00
C SER F 157 31.21 -2.64 -30.23
N GLU F 158 30.79 -1.91 -31.27
CA GLU F 158 29.41 -1.96 -31.74
C GLU F 158 29.31 -2.90 -32.93
N TYR F 159 28.38 -3.85 -32.85
CA TYR F 159 28.10 -4.74 -33.95
C TYR F 159 26.66 -4.52 -34.39
N PRO F 160 26.44 -3.84 -35.54
CA PRO F 160 25.09 -3.60 -35.99
C PRO F 160 24.37 -4.88 -36.42
N ASN F 161 25.10 -5.97 -36.65
CA ASN F 161 24.54 -7.26 -37.03
C ASN F 161 23.59 -7.16 -38.24
N ASP F 162 23.90 -6.30 -39.19
CA ASP F 162 23.10 -6.28 -40.42
C ASP F 162 23.66 -7.22 -41.49
N HIS F 163 23.32 -8.49 -41.33
CA HIS F 163 23.89 -9.55 -42.13
C HIS F 163 23.02 -10.78 -41.93
N GLN F 164 22.90 -11.55 -43.00
CA GLN F 164 22.04 -12.73 -42.99
C GLN F 164 22.58 -13.71 -41.99
N ALA F 165 21.69 -14.61 -41.54
CA ALA F 165 22.04 -15.64 -40.56
C ALA F 165 23.32 -16.35 -40.96
N THR F 166 24.18 -16.58 -39.97
CA THR F 166 25.46 -17.29 -40.16
C THR F 166 26.16 -17.58 -38.82
N GLN F 167 27.26 -18.31 -38.88
CA GLN F 167 28.16 -18.46 -37.75
C GLN F 167 29.41 -17.58 -37.94
N TRP F 168 29.60 -16.58 -37.06
CA TRP F 168 30.87 -15.86 -36.86
C TRP F 168 31.59 -16.42 -35.65
N TRP F 169 32.83 -15.99 -35.44
CA TRP F 169 33.52 -16.42 -34.23
C TRP F 169 34.43 -15.31 -33.80
N TYR F 170 34.74 -15.28 -32.51
CA TYR F 170 35.51 -14.18 -31.96
C TYR F 170 36.76 -14.69 -31.24
N HIS F 171 37.83 -13.93 -31.32
CA HIS F 171 39.08 -14.38 -30.76
C HIS F 171 40.05 -13.23 -30.60
N ASP F 172 41.04 -13.40 -29.72
CA ASP F 172 42.10 -12.43 -29.59
C ASP F 172 42.77 -12.19 -30.92
N HIS F 173 43.19 -10.95 -31.15
CA HIS F 173 43.87 -10.54 -32.38
C HIS F 173 45.06 -9.60 -32.06
N ALA F 174 45.66 -9.76 -30.85
CA ALA F 174 46.80 -8.91 -30.39
C ALA F 174 48.04 -8.96 -31.30
N MET F 175 48.51 -7.80 -31.75
CA MET F 175 49.68 -7.67 -32.64
C MET F 175 50.88 -8.47 -32.16
N ASN F 176 51.34 -9.37 -33.01
CA ASN F 176 52.52 -10.22 -32.75
C ASN F 176 52.36 -11.39 -31.79
N ILE F 177 51.30 -11.38 -30.95
CA ILE F 177 51.12 -12.44 -29.95
C ILE F 177 49.82 -13.23 -30.03
N THR F 178 49.07 -13.05 -31.13
CA THR F 178 47.82 -13.76 -31.39
C THR F 178 47.98 -15.28 -31.27
N ARG F 179 49.12 -15.79 -31.71
CA ARG F 179 49.32 -17.24 -31.70
C ARG F 179 49.34 -17.83 -30.29
N TRP F 180 49.70 -17.02 -29.31
CA TRP F 180 49.73 -17.50 -27.94
C TRP F 180 48.44 -17.14 -27.23
N ASN F 181 47.96 -15.92 -27.43
CA ASN F 181 46.70 -15.50 -26.83
C ASN F 181 45.50 -16.40 -27.19
N VAL F 182 45.35 -16.73 -28.47
CA VAL F 182 44.24 -17.55 -28.88
C VAL F 182 44.39 -18.93 -28.25
N MET F 183 45.62 -19.37 -28.17
CA MET F 183 45.92 -20.68 -27.64
C MET F 183 45.66 -20.72 -26.13
N ALA F 184 45.77 -19.56 -25.50
CA ALA F 184 45.57 -19.43 -24.06
C ALA F 184 44.12 -19.68 -23.68
N GLY F 185 43.21 -19.52 -24.65
CA GLY F 185 41.80 -19.86 -24.44
C GLY F 185 40.84 -18.83 -25.01
N LEU F 186 41.36 -17.81 -25.71
CA LEU F 186 40.50 -16.67 -26.07
C LEU F 186 39.81 -16.86 -27.42
N TYR F 187 38.80 -17.73 -27.45
CA TYR F 187 37.98 -17.91 -28.66
C TYR F 187 36.56 -18.33 -28.30
N GLY F 188 35.60 -17.99 -29.15
CA GLY F 188 34.24 -18.42 -28.91
C GLY F 188 33.46 -18.20 -30.18
N THR F 189 32.18 -18.54 -30.19
CA THR F 189 31.45 -18.39 -31.44
C THR F 189 30.24 -17.51 -31.26
N TYR F 190 29.67 -17.06 -32.37
CA TYR F 190 28.71 -15.96 -32.39
C TYR F 190 27.76 -16.22 -33.56
N LEU F 191 26.49 -16.55 -33.26
CA LEU F 191 25.52 -16.94 -34.27
C LEU F 191 24.50 -15.83 -34.55
N VAL F 192 24.25 -15.56 -35.83
CA VAL F 192 23.25 -14.54 -36.23
C VAL F 192 22.08 -15.31 -36.77
N ARG F 193 20.88 -14.98 -36.33
CA ARG F 193 19.65 -15.66 -36.78
C ARG F 193 18.89 -14.67 -37.65
N ASP F 194 18.07 -15.20 -38.56
CA ASP F 194 17.14 -14.38 -39.33
C ASP F 194 15.86 -15.13 -39.78
N ASP F 195 14.92 -14.40 -40.36
CA ASP F 195 13.67 -15.02 -40.81
C ASP F 195 13.88 -16.10 -41.85
N GLU F 196 14.91 -15.96 -42.71
CA GLU F 196 15.06 -16.90 -43.82
C GLU F 196 15.51 -18.25 -43.30
N GLU F 197 16.55 -18.27 -42.46
CA GLU F 197 16.99 -19.49 -41.81
C GLU F 197 15.88 -20.09 -40.92
N ASP F 198 15.14 -19.23 -40.23
CA ASP F 198 14.01 -19.71 -39.41
C ASP F 198 13.01 -20.48 -40.30
N ALA F 199 12.73 -19.99 -41.51
CA ALA F 199 11.72 -20.61 -42.35
C ALA F 199 12.14 -22.01 -42.87
N LEU F 200 13.40 -22.38 -42.69
CA LEU F 200 13.81 -23.74 -43.02
C LEU F 200 13.51 -24.77 -41.89
N GLY F 201 13.11 -24.31 -40.70
CA GLY F 201 12.79 -25.25 -39.61
C GLY F 201 13.93 -26.24 -39.31
N LEU F 202 15.15 -25.72 -39.16
CA LEU F 202 16.30 -26.61 -38.96
C LEU F 202 16.37 -27.20 -37.53
N PRO F 203 17.04 -28.35 -37.35
CA PRO F 203 17.21 -28.82 -35.97
C PRO F 203 17.63 -27.66 -35.09
N SER F 204 17.02 -27.52 -33.91
CA SER F 204 17.42 -26.46 -32.99
C SER F 204 17.47 -26.93 -31.52
N GLY F 205 17.65 -26.00 -30.58
CA GLY F 205 17.75 -26.36 -29.16
C GLY F 205 18.85 -27.39 -28.88
N ASP F 206 18.50 -28.41 -28.11
CA ASP F 206 19.34 -29.61 -27.90
C ASP F 206 19.94 -30.15 -29.17
N ARG F 207 19.32 -29.85 -30.31
CA ARG F 207 19.80 -30.44 -31.55
C ARG F 207 20.67 -29.54 -32.43
N GLU F 208 20.98 -28.34 -31.96
CA GLU F 208 21.99 -27.52 -32.61
C GLU F 208 23.16 -27.42 -31.65
N ILE F 209 24.34 -27.85 -32.10
CA ILE F 209 25.51 -27.97 -31.25
C ILE F 209 26.69 -27.19 -31.87
N PRO F 210 27.11 -26.07 -31.26
CA PRO F 210 28.37 -25.48 -31.74
C PRO F 210 29.53 -26.45 -31.50
N LEU F 211 30.47 -26.50 -32.44
CA LEU F 211 31.68 -27.25 -32.21
C LEU F 211 32.84 -26.36 -32.58
N LEU F 212 33.62 -25.98 -31.56
CA LEU F 212 34.86 -25.27 -31.75
C LEU F 212 36.03 -26.24 -31.51
N ILE F 213 36.67 -26.66 -32.60
CA ILE F 213 37.70 -27.66 -32.49
C ILE F 213 39.03 -26.92 -32.57
N ALA F 214 40.01 -27.34 -31.77
CA ALA F 214 41.36 -26.81 -31.87
C ALA F 214 42.37 -27.85 -31.40
N ASP F 215 43.48 -27.98 -32.13
CA ASP F 215 44.54 -28.87 -31.65
C ASP F 215 45.38 -28.17 -30.59
N ARG F 216 45.96 -28.97 -29.71
CA ARG F 216 46.74 -28.45 -28.59
C ARG F 216 47.93 -29.38 -28.37
N ASN F 217 49.01 -28.85 -27.81
CA ASN F 217 50.07 -29.70 -27.27
C ASN F 217 50.23 -29.44 -25.80
N LEU F 218 50.77 -30.41 -25.08
CA LEU F 218 50.88 -30.32 -23.63
C LEU F 218 52.33 -30.51 -23.21
N ASP F 219 52.70 -29.94 -22.09
CA ASP F 219 53.98 -30.27 -21.46
C ASP F 219 53.97 -31.59 -20.68
N THR F 220 55.18 -32.07 -20.38
CA THR F 220 55.39 -33.25 -19.56
C THR F 220 56.31 -32.92 -18.39
N ASP F 221 56.20 -33.70 -17.31
CA ASP F 221 57.18 -33.69 -16.24
C ASP F 221 58.42 -34.48 -16.65
N GLU F 222 59.37 -34.55 -15.74
CA GLU F 222 60.64 -35.16 -16.07
C GLU F 222 60.52 -36.63 -16.42
N ASP F 223 59.72 -37.37 -15.68
CA ASP F 223 59.50 -38.75 -16.03
C ASP F 223 58.59 -38.89 -17.27
N GLY F 224 58.28 -37.77 -17.91
CA GLY F 224 57.47 -37.76 -19.13
C GLY F 224 55.98 -37.93 -18.97
N ARG F 225 55.44 -37.80 -17.76
CA ARG F 225 54.00 -37.69 -17.56
C ARG F 225 53.44 -36.33 -18.05
N LEU F 226 52.25 -36.36 -18.65
CA LEU F 226 51.54 -35.17 -19.14
C LEU F 226 51.11 -34.35 -17.96
N ASN F 227 51.34 -33.04 -18.03
CA ASN F 227 51.06 -32.20 -16.87
C ASN F 227 49.99 -31.15 -17.07
N GLY F 228 49.22 -31.29 -18.16
CA GLY F 228 48.11 -30.38 -18.48
C GLY F 228 48.50 -28.98 -18.94
N ARG F 229 49.78 -28.61 -18.84
CA ARG F 229 50.21 -27.27 -19.22
C ARG F 229 50.27 -27.05 -20.75
N LEU F 230 49.54 -26.03 -21.23
CA LEU F 230 49.52 -25.65 -22.63
C LEU F 230 50.92 -25.40 -23.18
N LEU F 231 51.25 -26.08 -24.27
CA LEU F 231 52.60 -26.01 -24.83
C LEU F 231 52.55 -25.72 -26.30
N HIS F 232 53.05 -24.54 -26.67
CA HIS F 232 53.16 -24.13 -28.08
C HIS F 232 54.53 -24.54 -28.53
N LYS F 233 54.62 -25.66 -29.22
CA LYS F 233 55.91 -26.26 -29.59
C LYS F 233 56.01 -26.28 -31.13
N THR F 234 56.97 -25.51 -31.67
CA THR F 234 57.23 -25.47 -33.11
C THR F 234 58.59 -26.05 -33.46
N VAL F 235 58.74 -26.43 -34.72
CA VAL F 235 59.91 -27.17 -35.17
C VAL F 235 60.80 -26.27 -36.03
N ILE F 236 62.08 -26.21 -35.69
CA ILE F 236 63.06 -25.39 -36.41
C ILE F 236 63.46 -26.05 -37.74
N VAL F 237 63.24 -25.35 -38.84
CA VAL F 237 63.63 -25.88 -40.16
C VAL F 237 64.91 -25.25 -40.76
N GLN F 238 65.35 -24.14 -40.19
CA GLN F 238 66.59 -23.51 -40.60
C GLN F 238 67.07 -22.82 -39.35
N GLN F 239 68.20 -23.29 -38.81
CA GLN F 239 68.69 -22.89 -37.50
C GLN F 239 69.15 -21.44 -37.49
N SER F 240 69.75 -21.04 -38.60
CA SER F 240 70.27 -19.70 -38.78
C SER F 240 69.89 -19.27 -40.19
N ASN F 241 69.05 -18.27 -40.30
CA ASN F 241 68.67 -17.79 -41.62
C ASN F 241 69.85 -16.97 -42.14
N PRO F 242 70.27 -17.19 -43.40
CA PRO F 242 71.36 -16.39 -43.99
C PRO F 242 71.14 -14.88 -43.89
N GLU F 243 69.91 -14.41 -43.98
CA GLU F 243 69.68 -12.97 -44.00
C GLU F 243 69.67 -12.34 -42.61
N THR F 244 69.12 -13.05 -41.63
CA THR F 244 68.97 -12.48 -40.28
C THR F 244 69.72 -13.35 -39.27
N GLY F 245 69.94 -12.85 -38.06
CA GLY F 245 70.59 -13.68 -37.04
C GLY F 245 69.94 -15.06 -36.89
N LYS F 246 68.64 -15.12 -37.17
CA LYS F 246 67.73 -15.88 -36.32
C LYS F 246 67.15 -17.17 -36.90
N PRO F 247 66.67 -18.07 -36.02
CA PRO F 247 66.06 -19.30 -36.50
C PRO F 247 64.66 -19.09 -37.14
N VAL F 248 64.28 -20.01 -38.01
CA VAL F 248 62.98 -20.04 -38.64
C VAL F 248 62.22 -21.33 -38.26
N SER F 249 61.03 -21.19 -37.69
CA SER F 249 60.23 -22.39 -37.39
C SER F 249 58.90 -22.48 -38.16
N ILE F 250 58.39 -23.70 -38.33
CA ILE F 250 57.09 -23.92 -38.94
C ILE F 250 55.98 -23.44 -37.98
N PRO F 251 54.73 -23.40 -38.46
CA PRO F 251 53.60 -23.04 -37.58
C PRO F 251 53.25 -24.12 -36.55
N PHE F 252 52.31 -23.80 -35.66
CA PHE F 252 51.90 -24.74 -34.64
C PHE F 252 51.00 -25.87 -35.12
N PHE F 253 51.43 -27.10 -34.82
CA PHE F 253 50.57 -28.28 -34.90
C PHE F 253 50.78 -29.15 -33.64
N GLY F 254 49.71 -29.68 -33.08
CA GLY F 254 49.81 -30.48 -31.84
C GLY F 254 49.00 -31.77 -31.95
N PRO F 255 49.33 -32.77 -31.13
CA PRO F 255 48.72 -34.10 -31.24
C PRO F 255 47.30 -34.21 -30.70
N TYR F 256 46.91 -33.36 -29.76
CA TYR F 256 45.58 -33.51 -29.09
C TYR F 256 44.49 -32.59 -29.71
N THR F 257 43.33 -33.16 -29.96
CA THR F 257 42.23 -32.39 -30.49
C THR F 257 41.24 -32.09 -29.40
N THR F 258 40.95 -30.81 -29.20
CA THR F 258 39.96 -30.44 -28.19
C THR F 258 38.73 -30.07 -28.98
N VAL F 259 37.55 -30.37 -28.44
CA VAL F 259 36.27 -29.94 -28.98
C VAL F 259 35.55 -29.25 -27.84
N ASN F 260 35.28 -27.96 -28.01
CA ASN F 260 34.69 -27.17 -26.93
C ASN F 260 35.46 -27.31 -25.61
N GLY F 261 36.79 -27.20 -25.71
CA GLY F 261 37.64 -27.17 -24.54
C GLY F 261 37.85 -28.53 -23.88
N ARG F 262 37.51 -29.62 -24.57
CA ARG F 262 37.84 -30.95 -24.07
C ARG F 262 38.50 -31.82 -25.12
N ILE F 263 39.60 -32.43 -24.73
CA ILE F 263 40.26 -33.41 -25.56
C ILE F 263 39.35 -34.63 -25.78
N TRP F 264 39.12 -34.98 -27.05
CA TRP F 264 38.41 -36.23 -27.44
C TRP F 264 37.18 -36.60 -26.60
N PRO F 265 36.18 -35.70 -26.57
CA PRO F 265 34.95 -35.93 -25.86
C PRO F 265 34.01 -36.85 -26.63
N TYR F 266 32.98 -37.35 -25.97
CA TYR F 266 31.92 -38.05 -26.66
C TYR F 266 30.62 -37.25 -26.49
N ALA F 267 29.70 -37.43 -27.42
CA ALA F 267 28.42 -36.75 -27.36
C ALA F 267 27.32 -37.79 -27.52
N ASP F 268 26.42 -37.84 -26.56
CA ASP F 268 25.24 -38.69 -26.64
C ASP F 268 24.23 -37.93 -27.46
N VAL F 269 23.74 -38.56 -28.52
CA VAL F 269 22.66 -37.96 -29.34
C VAL F 269 21.53 -38.95 -29.61
N ASP F 270 20.43 -38.43 -30.15
CA ASP F 270 19.30 -39.30 -30.50
C ASP F 270 19.44 -39.69 -31.96
N ASP F 271 18.71 -40.73 -32.36
CA ASP F 271 18.63 -41.11 -33.77
C ASP F 271 17.80 -40.13 -34.62
N GLY F 272 18.20 -38.87 -34.62
CA GLY F 272 17.50 -37.85 -35.38
C GLY F 272 18.47 -36.89 -36.05
N TRP F 273 17.91 -35.87 -36.68
CA TRP F 273 18.70 -34.86 -37.37
C TRP F 273 19.30 -33.85 -36.36
N TYR F 274 20.61 -33.58 -36.50
CA TYR F 274 21.33 -32.59 -35.69
C TYR F 274 21.96 -31.57 -36.59
N ARG F 275 22.20 -30.40 -36.03
CA ARG F 275 22.86 -29.33 -36.75
C ARG F 275 24.09 -29.00 -35.96
N LEU F 276 25.24 -28.99 -36.64
CA LEU F 276 26.52 -28.71 -36.01
C LEU F 276 27.08 -27.42 -36.61
N ARG F 277 27.43 -26.48 -35.76
CA ARG F 277 28.01 -25.20 -36.19
C ARG F 277 29.52 -25.27 -35.95
N LEU F 278 30.22 -25.81 -36.95
CA LEU F 278 31.59 -26.25 -36.81
C LEU F 278 32.58 -25.14 -37.25
N VAL F 279 33.46 -24.73 -36.35
CA VAL F 279 34.56 -23.84 -36.71
C VAL F 279 35.86 -24.40 -36.17
N ASN F 280 36.93 -24.25 -36.96
CA ASN F 280 38.27 -24.72 -36.63
C ASN F 280 38.98 -23.51 -36.06
N ALA F 281 39.27 -23.55 -34.77
CA ALA F 281 39.90 -22.44 -34.07
C ALA F 281 41.39 -22.74 -33.83
N SER F 282 41.94 -23.69 -34.58
CA SER F 282 43.35 -24.02 -34.42
C SER F 282 44.21 -22.89 -34.97
N ASN F 283 45.41 -22.75 -34.41
CA ASN F 283 46.45 -21.87 -34.97
C ASN F 283 46.72 -22.10 -36.47
N ALA F 284 46.76 -23.35 -36.92
CA ALA F 284 47.33 -23.68 -38.24
C ALA F 284 46.85 -25.01 -38.80
N ARG F 285 46.53 -25.97 -37.94
CA ARG F 285 46.18 -27.30 -38.43
C ARG F 285 44.94 -27.21 -39.33
N ILE F 286 45.01 -27.79 -40.51
CA ILE F 286 43.85 -28.04 -41.34
C ILE F 286 43.29 -29.43 -41.01
N TYR F 287 42.07 -29.49 -40.46
CA TYR F 287 41.42 -30.76 -40.15
C TYR F 287 40.77 -31.36 -41.43
N ASN F 288 41.15 -32.60 -41.78
CA ASN F 288 40.51 -33.28 -42.89
C ASN F 288 39.59 -34.35 -42.37
N LEU F 289 38.34 -33.96 -42.19
CA LEU F 289 37.45 -34.65 -41.30
C LEU F 289 36.75 -35.81 -42.02
N VAL F 290 36.72 -36.98 -41.37
CA VAL F 290 35.92 -38.13 -41.84
C VAL F 290 34.97 -38.64 -40.72
N LEU F 291 33.70 -38.92 -41.05
CA LEU F 291 32.81 -39.64 -40.14
C LEU F 291 32.98 -41.14 -40.44
N ILE F 292 33.42 -41.88 -39.43
CA ILE F 292 33.54 -43.34 -39.56
C ILE F 292 32.77 -44.11 -38.51
N ASP F 293 32.56 -45.40 -38.79
CA ASP F 293 31.78 -46.22 -37.90
C ASP F 293 32.71 -47.09 -37.05
N GLU F 294 32.14 -48.03 -36.32
CA GLU F 294 32.94 -48.87 -35.43
C GLU F 294 34.00 -49.70 -36.17
N ASP F 295 33.83 -49.97 -37.46
CA ASP F 295 34.83 -50.75 -38.24
C ASP F 295 35.79 -49.82 -38.98
N ASP F 296 35.73 -48.53 -38.67
CA ASP F 296 36.50 -47.55 -39.40
C ASP F 296 36.02 -47.25 -40.82
N ARG F 297 34.81 -47.71 -41.17
CA ARG F 297 34.29 -47.42 -42.51
C ARG F 297 33.71 -45.99 -42.54
N PRO F 298 34.05 -45.15 -43.56
CA PRO F 298 33.43 -43.84 -43.72
C PRO F 298 31.91 -43.97 -43.93
N VAL F 299 31.13 -43.01 -43.44
CA VAL F 299 29.67 -43.10 -43.49
C VAL F 299 29.09 -42.08 -44.45
N PRO F 300 28.52 -42.58 -45.56
CA PRO F 300 27.93 -41.76 -46.62
C PRO F 300 26.44 -41.52 -46.34
N GLY F 301 25.89 -40.44 -46.91
CA GLY F 301 24.44 -40.27 -46.87
C GLY F 301 23.98 -39.71 -45.53
N VAL F 302 24.91 -39.21 -44.72
CA VAL F 302 24.57 -38.83 -43.37
C VAL F 302 24.85 -37.35 -43.16
N VAL F 303 25.95 -36.84 -43.69
CA VAL F 303 26.36 -35.47 -43.46
C VAL F 303 25.93 -34.61 -44.65
N HIS F 304 25.43 -33.42 -44.37
CA HIS F 304 25.09 -32.50 -45.44
C HIS F 304 25.57 -31.18 -44.94
N GLN F 305 26.29 -30.44 -45.79
CA GLN F 305 26.63 -29.07 -45.43
C GLN F 305 25.56 -28.11 -45.93
N ILE F 306 25.11 -27.23 -45.05
CA ILE F 306 24.04 -26.30 -45.40
C ILE F 306 24.44 -24.81 -45.36
N GLY F 307 25.61 -24.54 -44.81
CA GLY F 307 26.09 -23.17 -44.65
C GLY F 307 27.62 -23.14 -44.62
N SER F 308 28.15 -21.96 -44.91
CA SER F 308 29.59 -21.74 -44.84
C SER F 308 29.78 -20.41 -44.10
N ASP F 309 30.99 -19.86 -44.18
CA ASP F 309 31.34 -18.64 -43.46
C ASP F 309 30.25 -17.57 -43.39
N GLY F 310 29.62 -17.29 -44.52
CA GLY F 310 28.77 -16.12 -44.63
C GLY F 310 27.29 -16.47 -44.67
N GLY F 311 26.98 -17.74 -44.41
CA GLY F 311 25.60 -18.18 -44.20
C GLY F 311 25.18 -19.36 -45.04
N LEU F 312 23.89 -19.52 -45.23
CA LEU F 312 23.34 -20.67 -45.95
C LEU F 312 23.96 -20.81 -47.35
N LEU F 313 24.34 -22.03 -47.71
CA LEU F 313 24.71 -22.35 -49.10
C LEU F 313 23.48 -22.28 -50.00
N PRO F 314 23.70 -22.14 -51.33
CA PRO F 314 22.56 -22.15 -52.22
C PRO F 314 21.86 -23.51 -52.23
N ARG F 315 22.63 -24.58 -52.20
CA ARG F 315 22.07 -25.94 -52.18
C ARG F 315 22.81 -26.71 -51.13
N PRO F 316 22.15 -27.70 -50.49
CA PRO F 316 22.87 -28.57 -49.58
C PRO F 316 23.94 -29.35 -50.32
N VAL F 317 25.02 -29.70 -49.61
CA VAL F 317 26.11 -30.41 -50.21
C VAL F 317 26.35 -31.72 -49.44
N PRO F 318 26.08 -32.89 -50.08
CA PRO F 318 26.40 -34.18 -49.41
C PRO F 318 27.90 -34.31 -49.13
N VAL F 319 28.25 -34.79 -47.94
CA VAL F 319 29.61 -35.12 -47.61
C VAL F 319 29.57 -36.62 -47.36
N ASP F 320 29.94 -37.39 -48.37
CA ASP F 320 29.77 -38.84 -48.33
C ASP F 320 31.10 -39.56 -48.19
N PHE F 321 32.18 -38.80 -48.22
CA PHE F 321 33.52 -39.33 -48.02
C PHE F 321 33.86 -40.39 -49.08
N ASP F 322 33.49 -40.13 -50.33
CA ASP F 322 33.75 -41.03 -51.44
C ASP F 322 34.88 -40.38 -52.19
N ASP F 323 34.65 -39.92 -53.42
CA ASP F 323 35.70 -39.17 -54.16
C ASP F 323 35.40 -37.73 -54.51
N THR F 324 34.13 -37.43 -54.81
CA THR F 324 33.62 -36.05 -54.87
C THR F 324 34.18 -35.18 -53.72
N LEU F 325 34.46 -35.85 -52.59
CA LEU F 325 34.83 -35.21 -51.36
C LEU F 325 35.25 -36.34 -50.37
N PRO F 326 36.51 -36.81 -50.43
CA PRO F 326 36.88 -37.86 -49.47
C PRO F 326 36.96 -37.37 -48.04
N VAL F 327 37.10 -36.06 -47.85
CA VAL F 327 37.20 -35.46 -46.52
C VAL F 327 36.46 -34.13 -46.48
N LEU F 328 36.05 -33.74 -45.29
CA LEU F 328 35.58 -32.39 -45.10
C LEU F 328 36.79 -31.59 -44.61
N SER F 329 37.30 -30.74 -45.48
CA SER F 329 38.57 -30.12 -45.22
C SER F 329 38.36 -28.76 -44.57
N ALA F 330 38.71 -28.65 -43.30
CA ALA F 330 38.38 -27.49 -42.50
C ALA F 330 39.66 -26.74 -42.15
N ALA F 331 40.00 -25.66 -42.87
CA ALA F 331 41.19 -24.87 -42.48
C ALA F 331 40.86 -23.93 -41.30
N PRO F 332 41.89 -23.42 -40.59
CA PRO F 332 41.64 -22.47 -39.51
C PRO F 332 40.69 -21.32 -39.93
N ALA F 333 39.73 -20.99 -39.06
CA ALA F 333 38.80 -19.88 -39.21
C ALA F 333 37.62 -20.13 -40.18
N GLU F 334 37.66 -21.22 -40.95
CA GLU F 334 36.49 -21.55 -41.81
C GLU F 334 35.35 -22.09 -40.94
N ARG F 335 34.12 -21.97 -41.43
CA ARG F 335 32.93 -22.45 -40.74
C ARG F 335 32.11 -23.36 -41.61
N PHE F 336 31.55 -24.38 -40.98
CA PHE F 336 30.82 -25.43 -41.68
C PHE F 336 29.53 -25.67 -40.93
N ASP F 337 28.42 -25.38 -41.62
CA ASP F 337 27.09 -25.60 -41.07
C ASP F 337 26.60 -26.97 -41.56
N LEU F 338 26.63 -27.96 -40.68
CA LEU F 338 26.39 -29.34 -41.09
C LEU F 338 25.13 -29.88 -40.47
N LEU F 339 24.31 -30.51 -41.32
CA LEU F 339 23.27 -31.37 -40.83
C LEU F 339 23.80 -32.80 -40.82
N VAL F 340 23.48 -33.51 -39.75
CA VAL F 340 23.94 -34.87 -39.58
C VAL F 340 22.70 -35.73 -39.27
N ASP F 341 22.39 -36.63 -40.21
CA ASP F 341 21.17 -37.41 -40.13
C ASP F 341 21.46 -38.74 -39.43
N PHE F 342 21.07 -38.86 -38.18
CA PHE F 342 21.33 -40.10 -37.44
C PHE F 342 20.10 -41.01 -37.39
N ARG F 343 19.12 -40.79 -38.27
CA ARG F 343 17.91 -41.58 -38.19
C ARG F 343 18.17 -43.09 -38.31
N ALA F 344 19.08 -43.50 -39.19
CA ALA F 344 19.18 -44.94 -39.42
C ALA F 344 20.15 -45.58 -38.42
N LEU F 345 20.53 -44.82 -37.38
CA LEU F 345 21.77 -45.14 -36.65
C LEU F 345 21.67 -45.38 -35.13
N GLY F 346 20.47 -45.71 -34.67
CA GLY F 346 20.27 -45.96 -33.25
C GLY F 346 21.13 -47.13 -32.78
N GLY F 347 21.57 -47.05 -31.53
CA GLY F 347 22.46 -48.05 -30.96
C GLY F 347 23.88 -48.07 -31.51
N ARG F 348 24.25 -47.15 -32.41
CA ARG F 348 25.62 -47.15 -33.01
C ARG F 348 26.53 -46.12 -32.39
N ARG F 349 27.85 -46.31 -32.54
CA ARG F 349 28.84 -45.32 -32.14
C ARG F 349 29.70 -44.90 -33.35
N LEU F 350 29.73 -43.60 -33.64
CA LEU F 350 30.45 -43.07 -34.80
C LEU F 350 31.52 -42.08 -34.37
N ARG F 351 32.59 -41.99 -35.15
CA ARG F 351 33.67 -41.10 -34.78
C ARG F 351 33.99 -40.09 -35.88
N LEU F 352 34.02 -38.78 -35.55
CA LEU F 352 34.78 -37.84 -36.39
C LEU F 352 36.25 -38.08 -36.17
N VAL F 353 37.00 -38.18 -37.25
CA VAL F 353 38.43 -38.27 -37.14
C VAL F 353 39.08 -37.30 -38.11
N ASP F 354 40.35 -37.01 -37.84
CA ASP F 354 41.22 -36.34 -38.80
C ASP F 354 41.99 -37.38 -39.62
N LYS F 355 41.90 -37.30 -40.96
CA LYS F 355 42.61 -38.25 -41.83
C LYS F 355 43.99 -37.74 -42.26
N GLY F 356 45.04 -38.53 -41.98
CA GLY F 356 46.40 -38.18 -42.40
C GLY F 356 46.60 -38.62 -43.83
N PRO F 357 47.61 -38.06 -44.50
CA PRO F 357 47.74 -38.37 -45.93
C PRO F 357 48.21 -39.80 -46.18
N GLY F 358 48.90 -40.41 -45.23
CA GLY F 358 49.54 -41.69 -45.47
C GLY F 358 48.78 -42.90 -44.95
N ALA F 359 47.57 -42.70 -44.45
CA ALA F 359 46.89 -43.82 -43.80
C ALA F 359 45.38 -43.63 -43.88
N PRO F 360 44.62 -44.73 -43.92
CA PRO F 360 43.15 -44.63 -44.03
C PRO F 360 42.48 -43.92 -42.83
N ALA F 361 41.28 -43.37 -43.02
CA ALA F 361 40.57 -42.73 -41.92
C ALA F 361 40.49 -43.65 -40.71
N GLY F 362 40.85 -43.15 -39.53
CA GLY F 362 40.85 -43.97 -38.32
C GLY F 362 42.21 -44.56 -37.92
N THR F 363 43.15 -44.62 -38.86
CA THR F 363 44.48 -45.20 -38.60
C THR F 363 45.47 -44.09 -38.37
N PRO F 364 46.20 -44.14 -37.24
CA PRO F 364 47.27 -43.22 -36.91
C PRO F 364 48.22 -42.98 -38.07
N ASP F 365 48.68 -41.74 -38.20
CA ASP F 365 49.59 -41.40 -39.27
C ASP F 365 50.57 -40.39 -38.76
N PRO F 366 51.31 -40.74 -37.71
CA PRO F 366 52.22 -39.77 -37.11
C PRO F 366 53.24 -39.13 -38.10
N LEU F 367 53.66 -39.86 -39.13
CA LEU F 367 54.58 -39.33 -40.13
C LEU F 367 53.89 -38.28 -40.95
N GLY F 368 52.57 -38.40 -41.08
CA GLY F 368 51.81 -37.42 -41.85
C GLY F 368 51.26 -36.30 -40.97
N GLY F 369 51.71 -36.22 -39.73
CA GLY F 369 51.24 -35.18 -38.83
C GLY F 369 49.94 -35.50 -38.09
N VAL F 370 49.50 -36.76 -38.11
CA VAL F 370 48.25 -37.12 -37.43
C VAL F 370 48.42 -38.37 -36.57
N ARG F 371 49.17 -38.23 -35.47
CA ARG F 371 49.42 -39.34 -34.56
C ARG F 371 48.11 -39.83 -33.93
N TYR F 372 47.17 -38.92 -33.71
CA TYR F 372 45.92 -39.28 -33.04
C TYR F 372 44.70 -38.82 -33.84
N PRO F 373 44.12 -39.73 -34.64
CA PRO F 373 43.02 -39.32 -35.54
C PRO F 373 41.77 -38.81 -34.81
N GLU F 374 41.55 -39.23 -33.56
CA GLU F 374 40.27 -38.95 -32.93
C GLU F 374 39.99 -37.46 -32.79
N VAL F 375 38.77 -37.09 -33.17
CA VAL F 375 38.23 -35.76 -32.92
C VAL F 375 37.17 -35.87 -31.81
N MET F 376 36.08 -36.60 -32.08
CA MET F 376 35.02 -36.84 -31.09
C MET F 376 34.19 -38.05 -31.48
N GLU F 377 33.48 -38.62 -30.51
CA GLU F 377 32.58 -39.77 -30.72
C GLU F 377 31.12 -39.38 -30.52
N PHE F 378 30.25 -39.79 -31.45
CA PHE F 378 28.79 -39.71 -31.27
C PHE F 378 28.27 -41.10 -30.84
N ARG F 379 27.49 -41.12 -29.78
CA ARG F 379 26.84 -42.32 -29.30
C ARG F 379 25.33 -42.15 -29.56
N VAL F 380 24.77 -42.94 -30.47
CA VAL F 380 23.39 -42.71 -30.90
C VAL F 380 22.40 -43.57 -30.11
N ARG F 381 21.49 -42.91 -29.40
CA ARG F 381 20.47 -43.62 -28.66
C ARG F 381 19.31 -43.96 -29.58
N GLU F 382 18.86 -45.20 -29.55
CA GLU F 382 17.65 -45.61 -30.29
C GLU F 382 16.40 -45.08 -29.64
N THR F 383 15.56 -44.40 -30.41
CA THR F 383 14.33 -43.84 -29.88
C THR F 383 13.17 -44.43 -30.67
N CYS F 384 11.95 -44.14 -30.25
CA CYS F 384 10.77 -44.46 -31.02
C CYS F 384 10.56 -43.43 -32.11
N GLU F 385 11.07 -42.23 -31.88
CA GLU F 385 10.60 -41.06 -32.59
C GLU F 385 10.82 -41.12 -34.09
N GLU F 386 9.85 -40.57 -34.80
CA GLU F 386 9.93 -40.33 -36.23
C GLU F 386 10.40 -38.89 -36.36
N ASP F 387 11.55 -38.71 -36.99
CA ASP F 387 11.99 -37.38 -37.37
C ASP F 387 11.72 -37.19 -38.86
N SER F 388 10.80 -36.28 -39.17
CA SER F 388 10.44 -36.06 -40.57
C SER F 388 10.90 -34.69 -41.07
N PHE F 389 12.09 -34.28 -40.63
CA PHE F 389 12.68 -33.06 -41.13
C PHE F 389 12.92 -33.25 -42.63
N ALA F 390 12.57 -32.26 -43.42
CA ALA F 390 12.74 -32.38 -44.87
C ALA F 390 13.81 -31.39 -45.36
N LEU F 391 14.75 -31.89 -46.17
CA LEU F 391 15.85 -31.03 -46.68
C LEU F 391 15.68 -30.73 -48.16
N PRO F 392 15.41 -29.46 -48.51
CA PRO F 392 15.09 -29.21 -49.93
C PRO F 392 16.35 -29.22 -50.77
N GLU F 393 16.20 -29.37 -52.08
CA GLU F 393 17.31 -29.37 -53.02
C GLU F 393 17.94 -28.00 -53.21
N VAL F 394 17.11 -26.95 -53.25
CA VAL F 394 17.59 -25.60 -53.17
C VAL F 394 17.34 -25.16 -51.74
N LEU F 395 18.36 -24.63 -51.07
CA LEU F 395 18.27 -24.24 -49.67
C LEU F 395 17.92 -22.78 -49.42
N SER F 396 18.60 -21.88 -50.12
CA SER F 396 18.40 -20.48 -49.86
C SER F 396 17.89 -19.78 -51.09
N GLY F 397 16.82 -19.01 -50.91
CA GLY F 397 16.25 -18.23 -52.02
C GLY F 397 16.84 -16.83 -52.12
N SER F 398 17.50 -16.41 -51.06
CA SER F 398 18.18 -15.12 -51.05
C SER F 398 19.52 -15.19 -51.79
N PHE F 399 20.16 -16.35 -51.81
CA PHE F 399 21.47 -16.43 -52.44
C PHE F 399 21.49 -15.91 -53.87
N ARG F 400 22.42 -15.03 -54.19
CA ARG F 400 22.66 -14.68 -55.59
C ARG F 400 24.12 -14.91 -55.93
N ARG F 401 24.35 -15.71 -56.97
CA ARG F 401 25.69 -15.90 -57.50
C ARG F 401 26.30 -14.55 -57.90
N MET F 402 27.52 -14.28 -57.43
CA MET F 402 28.32 -13.12 -57.84
C MET F 402 28.70 -13.24 -59.30
N SER F 403 28.40 -12.23 -60.07
CA SER F 403 28.76 -12.25 -61.49
C SER F 403 30.00 -11.38 -61.74
N HIS F 404 30.97 -11.95 -62.45
CA HIS F 404 32.06 -11.16 -63.03
C HIS F 404 31.64 -9.99 -63.96
N ASP F 405 30.38 -9.97 -64.43
CA ASP F 405 29.82 -8.83 -65.17
C ASP F 405 29.56 -7.59 -64.33
N ILE F 406 29.54 -7.72 -63.01
CA ILE F 406 29.32 -6.53 -62.19
C ILE F 406 30.60 -5.72 -62.36
N PRO F 407 30.49 -4.41 -62.59
CA PRO F 407 31.77 -3.69 -62.67
C PRO F 407 32.54 -3.73 -61.32
N HIS F 408 33.87 -3.86 -61.39
CA HIS F 408 34.71 -4.06 -60.23
C HIS F 408 36.13 -3.62 -60.55
N GLY F 409 36.92 -3.29 -59.52
CA GLY F 409 38.38 -3.25 -59.63
C GLY F 409 39.05 -4.62 -59.37
N HIS F 410 40.37 -4.66 -59.53
CA HIS F 410 41.18 -5.88 -59.40
C HIS F 410 42.37 -5.66 -58.49
N ARG F 411 42.65 -6.64 -57.63
CA ARG F 411 43.90 -6.68 -56.87
C ARG F 411 44.62 -7.97 -57.21
N LEU F 412 45.95 -7.91 -57.26
CA LEU F 412 46.79 -9.09 -57.32
C LEU F 412 47.61 -9.25 -56.03
N ILE F 413 47.41 -10.36 -55.33
CA ILE F 413 48.21 -10.63 -54.16
C ILE F 413 49.00 -11.90 -54.41
N VAL F 414 50.31 -11.76 -54.38
CA VAL F 414 51.18 -12.90 -54.61
C VAL F 414 51.53 -13.43 -53.25
N LEU F 415 51.52 -14.76 -53.10
CA LEU F 415 52.07 -15.37 -51.90
C LEU F 415 53.42 -15.99 -52.27
N THR F 416 54.49 -15.57 -51.58
CA THR F 416 55.86 -15.97 -51.93
C THR F 416 56.35 -17.16 -51.08
N PRO F 417 57.27 -17.99 -51.63
CA PRO F 417 57.86 -19.14 -50.88
C PRO F 417 58.74 -18.65 -49.73
N PRO F 418 58.97 -19.49 -48.71
CA PRO F 418 59.77 -18.92 -47.60
C PRO F 418 61.19 -18.45 -48.00
N GLY F 419 61.86 -19.18 -48.90
CA GLY F 419 63.27 -18.90 -49.17
C GLY F 419 63.55 -17.60 -49.92
N THR F 420 62.52 -16.79 -50.16
CA THR F 420 62.61 -15.63 -51.06
C THR F 420 63.54 -14.54 -50.52
N LYS F 421 64.28 -13.90 -51.43
CA LYS F 421 65.22 -12.87 -51.04
C LYS F 421 64.53 -11.73 -50.29
N GLY F 422 65.09 -11.36 -49.16
CA GLY F 422 64.60 -10.23 -48.38
C GLY F 422 63.51 -10.61 -47.39
N SER F 423 63.08 -11.87 -47.40
CA SER F 423 61.94 -12.28 -46.56
C SER F 423 62.36 -12.81 -45.19
N GLY F 424 63.66 -12.90 -44.92
CA GLY F 424 64.16 -13.50 -43.68
C GLY F 424 63.86 -14.98 -43.57
N GLY F 425 63.48 -15.61 -44.69
CA GLY F 425 63.08 -17.01 -44.72
C GLY F 425 61.63 -17.26 -44.34
N HIS F 426 60.83 -16.21 -44.28
CA HIS F 426 59.39 -16.39 -44.06
C HIS F 426 58.60 -16.22 -45.36
N PRO F 427 57.47 -16.94 -45.47
CA PRO F 427 56.50 -16.64 -46.56
C PRO F 427 55.99 -15.22 -46.38
N GLU F 428 55.51 -14.61 -47.47
CA GLU F 428 55.06 -13.21 -47.45
C GLU F 428 53.81 -12.93 -48.29
N ILE F 429 53.09 -11.86 -47.96
CA ILE F 429 52.10 -11.31 -48.88
C ILE F 429 52.81 -10.26 -49.72
N TRP F 430 52.67 -10.31 -51.06
CA TRP F 430 53.22 -9.25 -51.88
C TRP F 430 52.08 -8.58 -52.61
N GLU F 431 51.90 -7.29 -52.37
CA GLU F 431 50.96 -6.52 -53.17
C GLU F 431 51.64 -6.11 -54.50
N MET F 432 50.93 -6.29 -55.62
CA MET F 432 51.55 -6.13 -56.94
C MET F 432 50.82 -5.02 -57.69
N ALA F 433 51.58 -4.22 -58.43
CA ALA F 433 51.02 -3.26 -59.38
C ALA F 433 51.52 -3.62 -60.76
N GLU F 434 50.59 -3.68 -61.72
CA GLU F 434 50.92 -3.92 -63.13
C GLU F 434 51.71 -2.73 -63.70
N VAL F 435 52.65 -3.00 -64.61
CA VAL F 435 53.39 -1.92 -65.32
C VAL F 435 52.99 -1.76 -66.81
N GLU F 436 53.24 -0.57 -67.39
CA GLU F 436 53.00 -0.33 -68.84
C GLU F 436 54.02 0.64 -69.44
N GLN F 442 62.02 -3.82 -67.48
CA GLN F 442 63.34 -4.08 -66.92
C GLN F 442 63.38 -5.45 -66.26
N VAL F 443 63.31 -6.49 -67.07
CA VAL F 443 63.28 -7.86 -66.56
C VAL F 443 64.55 -8.58 -66.97
N PRO F 444 65.06 -9.48 -66.10
CA PRO F 444 64.48 -9.82 -64.81
C PRO F 444 64.98 -8.89 -63.72
N ALA F 445 64.22 -8.80 -62.62
CA ALA F 445 64.56 -7.90 -61.52
C ALA F 445 63.83 -8.29 -60.23
N GLU F 446 64.56 -8.26 -59.13
CA GLU F 446 63.97 -8.22 -57.79
C GLU F 446 62.62 -7.47 -57.74
N GLY F 447 61.59 -8.15 -57.23
CA GLY F 447 60.30 -7.53 -57.03
C GLY F 447 59.43 -7.48 -58.27
N VAL F 448 59.94 -7.95 -59.41
CA VAL F 448 59.18 -7.93 -60.68
C VAL F 448 58.74 -9.36 -61.05
N ILE F 449 57.44 -9.55 -61.31
CA ILE F 449 56.92 -10.88 -61.59
C ILE F 449 56.10 -10.78 -62.86
N GLN F 450 56.46 -11.59 -63.84
CA GLN F 450 55.68 -11.65 -65.05
C GLN F 450 54.71 -12.80 -65.03
N VAL F 451 53.55 -12.59 -65.63
CA VAL F 451 52.55 -13.66 -65.75
C VAL F 451 51.97 -13.81 -67.16
N THR F 452 52.00 -15.04 -67.67
CA THR F 452 51.38 -15.40 -68.92
C THR F 452 50.09 -16.15 -68.61
N GLY F 453 48.98 -15.60 -69.09
CA GLY F 453 47.64 -16.13 -68.78
C GLY F 453 46.94 -16.89 -69.90
N ALA F 454 45.70 -17.29 -69.65
CA ALA F 454 44.88 -18.03 -70.61
C ALA F 454 45.16 -17.72 -72.08
N ASP F 455 45.36 -16.47 -72.41
CA ASP F 455 45.57 -16.06 -73.80
C ASP F 455 47.07 -16.00 -74.19
N GLY F 456 47.90 -16.80 -73.54
CA GLY F 456 49.33 -16.84 -73.86
C GLY F 456 50.06 -15.49 -73.89
N ARG F 457 49.36 -14.44 -73.48
CA ARG F 457 49.91 -13.10 -73.44
C ARG F 457 50.53 -12.87 -72.06
N THR F 458 51.60 -12.07 -71.99
CA THR F 458 52.32 -11.88 -70.73
C THR F 458 52.12 -10.48 -70.14
N LYS F 459 51.78 -10.41 -68.85
CA LYS F 459 51.77 -9.12 -68.15
C LYS F 459 52.87 -9.02 -67.08
N THR F 460 53.20 -7.79 -66.72
CA THR F 460 54.32 -7.52 -65.83
C THR F 460 53.86 -6.76 -64.58
N TYR F 461 54.24 -7.28 -63.42
CA TYR F 461 53.86 -6.66 -62.16
C TYR F 461 55.08 -6.47 -61.31
N ARG F 462 54.99 -5.42 -60.51
CA ARG F 462 56.05 -4.97 -59.65
C ARG F 462 55.49 -5.00 -58.22
N ARG F 463 56.31 -5.43 -57.27
CA ARG F 463 55.89 -5.48 -55.87
C ARG F 463 55.83 -4.07 -55.31
N THR F 464 54.75 -3.74 -54.64
CA THR F 464 54.63 -2.42 -54.01
C THR F 464 54.63 -2.55 -52.47
N ALA F 465 54.44 -3.75 -51.94
CA ALA F 465 54.47 -3.93 -50.48
C ALA F 465 54.77 -5.39 -50.21
N ARG F 466 55.43 -5.67 -49.09
CA ARG F 466 55.81 -7.03 -48.78
C ARG F 466 55.55 -7.45 -47.29
N THR F 467 55.06 -6.51 -46.47
CA THR F 467 54.89 -6.76 -45.05
C THR F 467 53.91 -5.78 -44.40
N PHE F 468 53.47 -6.11 -43.19
CA PHE F 468 52.30 -5.50 -42.60
C PHE F 468 52.47 -4.00 -42.50
N ASN F 469 53.65 -3.59 -42.05
CA ASN F 469 53.90 -2.17 -41.91
C ASN F 469 54.44 -1.41 -43.08
N ASP F 470 54.45 -1.99 -44.27
CA ASP F 470 54.76 -1.19 -45.47
C ASP F 470 53.58 -0.25 -45.72
N GLY F 471 53.83 0.81 -46.47
CA GLY F 471 52.81 1.78 -46.82
C GLY F 471 51.55 1.12 -47.35
N LEU F 472 50.43 1.78 -47.09
CA LEU F 472 49.09 1.28 -47.42
C LEU F 472 48.99 1.06 -48.91
N GLY F 473 48.50 -0.10 -49.33
CA GLY F 473 48.21 -0.33 -50.73
C GLY F 473 46.76 -0.18 -51.13
N PHE F 474 45.82 -0.74 -50.37
CA PHE F 474 44.44 -0.83 -50.86
C PHE F 474 43.50 0.15 -50.20
N THR F 475 42.96 1.07 -51.00
CA THR F 475 41.98 2.05 -50.53
C THR F 475 40.71 1.87 -51.37
N ILE F 476 39.59 1.62 -50.73
CA ILE F 476 38.44 1.05 -51.43
C ILE F 476 37.20 1.86 -51.13
N GLY F 477 36.48 2.26 -52.18
CA GLY F 477 35.23 2.99 -51.95
C GLY F 477 34.16 2.05 -51.44
N GLU F 478 33.43 2.47 -50.42
CA GLU F 478 32.38 1.62 -49.86
C GLU F 478 31.32 1.43 -50.93
N GLY F 479 30.77 0.22 -50.98
CA GLY F 479 29.77 -0.15 -51.95
C GLY F 479 30.33 -0.66 -53.26
N THR F 480 31.62 -0.52 -53.49
CA THR F 480 32.20 -1.07 -54.73
C THR F 480 32.47 -2.54 -54.59
N HIS F 481 32.64 -3.17 -55.76
CA HIS F 481 33.06 -4.54 -55.89
C HIS F 481 34.53 -4.60 -56.34
N GLU F 482 35.27 -5.58 -55.83
CA GLU F 482 36.59 -5.89 -56.36
C GLU F 482 36.75 -7.39 -56.56
N GLN F 483 37.51 -7.77 -57.57
CA GLN F 483 38.08 -9.11 -57.61
C GLN F 483 39.50 -9.12 -57.09
N TRP F 484 39.78 -10.02 -56.16
CA TRP F 484 41.14 -10.24 -55.69
C TRP F 484 41.67 -11.58 -56.18
N THR F 485 42.92 -11.57 -56.61
CA THR F 485 43.52 -12.80 -57.05
C THR F 485 44.60 -13.12 -56.04
N PHE F 486 44.52 -14.29 -55.43
CA PHE F 486 45.61 -14.74 -54.59
C PHE F 486 46.41 -15.68 -55.46
N LEU F 487 47.65 -15.31 -55.75
CA LEU F 487 48.50 -16.10 -56.60
C LEU F 487 49.59 -16.68 -55.75
N ASN F 488 49.42 -17.94 -55.39
CA ASN F 488 50.33 -18.59 -54.50
C ASN F 488 51.43 -19.28 -55.32
N LEU F 489 52.66 -18.79 -55.18
CA LEU F 489 53.82 -19.33 -55.90
C LEU F 489 54.62 -20.36 -55.12
N SER F 490 54.21 -20.70 -53.89
CA SER F 490 54.90 -21.74 -53.14
C SER F 490 54.01 -22.96 -53.12
N PRO F 491 54.52 -24.11 -52.61
CA PRO F 491 53.65 -25.26 -52.32
C PRO F 491 52.95 -25.20 -50.95
N ILE F 492 53.17 -24.11 -50.20
CA ILE F 492 52.54 -23.93 -48.90
C ILE F 492 51.09 -23.39 -48.96
N LEU F 493 50.17 -24.09 -48.31
CA LEU F 493 48.74 -23.72 -48.34
C LEU F 493 48.49 -22.66 -47.30
N HIS F 494 48.01 -21.49 -47.72
CA HIS F 494 47.63 -20.43 -46.78
C HIS F 494 46.14 -20.21 -46.83
N PRO F 495 45.46 -20.31 -45.68
CA PRO F 495 44.07 -19.84 -45.63
C PRO F 495 44.04 -18.32 -45.51
N MET F 496 43.70 -17.67 -46.60
CA MET F 496 43.65 -16.23 -46.63
C MET F 496 42.30 -15.74 -46.17
N HIS F 497 42.31 -14.66 -45.41
CA HIS F 497 41.09 -14.13 -44.84
C HIS F 497 41.06 -12.61 -44.99
N ILE F 498 39.91 -12.12 -45.46
CA ILE F 498 39.71 -10.70 -45.65
C ILE F 498 38.64 -10.19 -44.68
N HIS F 499 38.99 -9.28 -43.78
CA HIS F 499 38.03 -8.73 -42.81
C HIS F 499 36.86 -8.05 -43.56
N LEU F 500 35.78 -7.76 -42.83
CA LEU F 500 34.64 -6.94 -43.29
C LEU F 500 33.62 -7.59 -44.27
N ALA F 501 34.10 -8.03 -45.43
CA ALA F 501 33.23 -8.38 -46.54
C ALA F 501 33.00 -9.89 -46.71
N ASP F 502 31.94 -10.21 -47.46
CA ASP F 502 31.64 -11.57 -47.96
C ASP F 502 32.07 -11.66 -49.40
N PHE F 503 32.70 -12.76 -49.75
CA PHE F 503 33.19 -12.97 -51.10
C PHE F 503 32.61 -14.24 -51.62
N GLN F 504 32.70 -14.40 -52.93
CA GLN F 504 32.43 -15.67 -53.57
C GLN F 504 33.65 -16.09 -54.37
N VAL F 505 33.86 -17.40 -54.44
CA VAL F 505 34.99 -17.97 -55.19
C VAL F 505 34.58 -17.99 -56.65
N LEU F 506 35.34 -17.31 -57.51
CA LEU F 506 35.06 -17.29 -58.96
C LEU F 506 35.78 -18.39 -59.73
N GLY F 507 37.04 -18.68 -59.41
CA GLY F 507 37.75 -19.79 -60.05
C GLY F 507 39.13 -20.06 -59.48
N ARG F 508 39.69 -21.19 -59.86
CA ARG F 508 41.04 -21.55 -59.45
C ARG F 508 41.78 -22.08 -60.66
N ASP F 509 43.08 -21.77 -60.73
CA ASP F 509 43.90 -22.17 -61.86
C ASP F 509 45.26 -22.62 -61.36
N ALA F 510 45.76 -23.72 -61.91
CA ALA F 510 47.09 -24.19 -61.59
C ALA F 510 48.12 -23.35 -62.37
N TYR F 511 49.25 -23.06 -61.72
CA TYR F 511 50.34 -22.31 -62.40
C TYR F 511 51.65 -23.09 -62.37
N ASP F 512 52.47 -22.84 -63.38
CA ASP F 512 53.85 -23.29 -63.37
C ASP F 512 54.65 -22.07 -62.92
N ALA F 513 55.12 -22.12 -61.68
CA ALA F 513 55.83 -21.00 -61.06
C ALA F 513 57.31 -21.33 -60.97
N SER F 514 57.79 -22.29 -61.77
CA SER F 514 59.24 -22.58 -61.82
C SER F 514 60.08 -21.38 -62.27
N GLY F 515 59.48 -20.47 -63.01
CA GLY F 515 60.20 -19.31 -63.48
C GLY F 515 60.46 -18.26 -62.40
N PHE F 516 59.82 -18.41 -61.23
CA PHE F 516 60.08 -17.49 -60.14
C PHE F 516 61.41 -17.83 -59.48
N ASP F 517 62.28 -16.84 -59.37
CA ASP F 517 63.64 -17.04 -58.90
C ASP F 517 63.76 -16.50 -57.48
N LEU F 518 63.87 -17.42 -56.53
CA LEU F 518 63.93 -17.10 -55.11
C LEU F 518 65.06 -16.18 -54.68
N ALA F 519 66.27 -16.38 -55.20
CA ALA F 519 67.41 -15.51 -54.85
C ALA F 519 67.35 -14.13 -55.52
N LEU F 520 66.71 -14.07 -56.67
CA LEU F 520 66.40 -12.79 -57.31
C LEU F 520 65.20 -12.06 -56.66
N GLY F 521 64.16 -12.84 -56.32
CA GLY F 521 62.92 -12.27 -55.82
C GLY F 521 62.08 -11.72 -56.95
N GLY F 522 62.09 -12.43 -58.07
CA GLY F 522 61.49 -11.96 -59.32
C GLY F 522 61.48 -13.14 -60.26
N THR F 523 60.76 -13.01 -61.36
CA THR F 523 60.73 -14.10 -62.36
C THR F 523 61.90 -13.93 -63.34
N ARG F 524 62.56 -15.03 -63.67
CA ARG F 524 63.47 -15.06 -64.83
C ARG F 524 62.66 -15.27 -66.09
N THR F 525 61.78 -16.26 -66.08
CA THR F 525 60.76 -16.35 -67.11
C THR F 525 59.40 -16.30 -66.42
N PRO F 526 58.36 -15.89 -67.16
CA PRO F 526 57.04 -15.62 -66.56
C PRO F 526 56.43 -16.81 -65.83
N VAL F 527 55.77 -16.54 -64.71
CA VAL F 527 54.85 -17.51 -64.13
C VAL F 527 53.81 -17.83 -65.22
N ARG F 528 53.50 -19.11 -65.41
CA ARG F 528 52.74 -19.52 -66.57
C ARG F 528 51.45 -20.26 -66.13
N LEU F 529 50.29 -19.80 -66.62
CA LEU F 529 49.08 -20.62 -66.48
C LEU F 529 49.21 -22.02 -67.13
N ASP F 530 48.70 -23.04 -66.44
CA ASP F 530 48.84 -24.43 -66.89
C ASP F 530 47.45 -25.01 -67.18
N PRO F 531 46.92 -24.76 -68.40
CA PRO F 531 45.47 -24.83 -68.61
C PRO F 531 44.97 -26.27 -68.73
N ASP F 532 45.73 -27.23 -68.19
CA ASP F 532 45.29 -28.62 -68.17
C ASP F 532 45.92 -29.43 -67.03
N THR F 533 46.36 -28.73 -65.99
CA THR F 533 46.04 -29.19 -64.65
C THR F 533 44.81 -28.33 -64.26
N PRO F 534 43.59 -28.85 -64.55
CA PRO F 534 42.41 -28.11 -64.13
C PRO F 534 42.25 -28.25 -62.61
N VAL F 535 41.78 -27.17 -61.98
CA VAL F 535 41.55 -27.11 -60.56
C VAL F 535 40.07 -26.74 -60.35
N PRO F 536 39.24 -27.74 -60.04
CA PRO F 536 37.82 -27.49 -59.83
C PRO F 536 37.54 -26.88 -58.45
N LEU F 537 36.58 -25.97 -58.38
CA LEU F 537 36.06 -25.50 -57.12
C LEU F 537 35.62 -26.68 -56.20
N ALA F 538 35.76 -26.50 -54.90
CA ALA F 538 35.27 -27.49 -53.95
C ALA F 538 33.73 -27.41 -53.99
N PRO F 539 33.05 -28.57 -53.88
CA PRO F 539 31.57 -28.47 -53.99
C PRO F 539 30.94 -27.57 -52.93
N ASN F 540 31.69 -27.36 -51.83
CA ASN F 540 31.14 -26.58 -50.70
C ASN F 540 31.61 -25.12 -50.60
N GLU F 541 32.31 -24.62 -51.62
CA GLU F 541 32.83 -23.23 -51.58
C GLU F 541 32.14 -22.36 -52.60
N LEU F 542 30.92 -22.74 -52.94
CA LEU F 542 30.18 -22.00 -53.92
C LEU F 542 29.21 -21.01 -53.28
N GLY F 543 29.30 -20.85 -51.95
CA GLY F 543 28.47 -19.91 -51.24
C GLY F 543 29.28 -18.71 -50.76
N HIS F 544 28.93 -18.19 -49.58
CA HIS F 544 29.57 -16.99 -49.03
C HIS F 544 30.72 -17.44 -48.18
N LYS F 545 31.90 -16.93 -48.49
CA LYS F 545 33.12 -17.31 -47.81
C LYS F 545 33.88 -16.09 -47.38
N ASP F 546 34.64 -16.19 -46.28
CA ASP F 546 35.55 -15.10 -45.93
C ASP F 546 36.96 -15.57 -45.66
N VAL F 547 37.12 -16.88 -45.56
CA VAL F 547 38.41 -17.53 -45.43
C VAL F 547 38.55 -18.55 -46.58
N PHE F 548 39.69 -18.53 -47.29
CA PHE F 548 39.83 -19.34 -48.50
C PHE F 548 41.14 -20.07 -48.46
N GLN F 549 41.13 -21.39 -48.46
CA GLN F 549 42.34 -22.14 -48.72
C GLN F 549 42.96 -21.73 -50.09
N VAL F 550 44.25 -21.40 -50.05
CA VAL F 550 45.00 -21.15 -51.28
C VAL F 550 46.16 -22.14 -51.31
N PRO F 551 45.93 -23.29 -51.91
CA PRO F 551 46.98 -24.28 -52.01
C PRO F 551 48.14 -23.79 -52.90
N GLY F 552 49.22 -24.57 -52.86
CA GLY F 552 50.52 -24.28 -53.48
C GLY F 552 50.32 -23.89 -54.90
N PRO F 553 51.35 -23.96 -55.71
CA PRO F 553 51.42 -23.36 -57.07
C PRO F 553 50.02 -23.16 -57.69
N GLN F 554 49.41 -21.98 -57.54
CA GLN F 554 48.01 -21.86 -57.89
C GLN F 554 47.45 -20.45 -57.68
N GLY F 555 46.44 -20.09 -58.48
CA GLY F 555 45.81 -18.78 -58.41
C GLY F 555 44.39 -18.95 -57.95
N LEU F 556 43.92 -18.05 -57.08
CA LEU F 556 42.54 -18.09 -56.61
C LEU F 556 41.91 -16.73 -56.87
N ARG F 557 40.75 -16.73 -57.50
CA ARG F 557 40.04 -15.47 -57.78
C ARG F 557 38.81 -15.44 -56.92
N VAL F 558 38.64 -14.38 -56.15
CA VAL F 558 37.41 -14.17 -55.37
C VAL F 558 36.90 -12.77 -55.64
N MET F 559 35.59 -12.62 -55.51
CA MET F 559 34.95 -11.33 -55.71
C MET F 559 34.07 -10.95 -54.54
N GLY F 560 34.15 -9.70 -54.12
CA GLY F 560 33.25 -9.27 -53.08
C GLY F 560 32.84 -7.83 -53.10
N LYS F 561 31.82 -7.57 -52.29
CA LYS F 561 31.29 -6.24 -52.11
C LYS F 561 31.79 -5.71 -50.77
N PHE F 562 32.51 -4.60 -50.84
CA PHE F 562 32.95 -3.83 -49.67
C PHE F 562 31.91 -2.78 -49.26
N ASP F 563 31.11 -3.17 -48.30
CA ASP F 563 29.74 -2.79 -48.25
C ASP F 563 29.38 -2.67 -46.76
N GLY F 564 28.74 -1.59 -46.35
CA GLY F 564 28.07 -1.50 -45.04
C GLY F 564 28.87 -1.08 -43.81
N ALA F 565 30.07 -0.51 -44.01
CA ALA F 565 30.96 -0.15 -42.87
C ALA F 565 32.19 0.59 -43.40
N TYR F 566 32.96 1.23 -42.52
CA TYR F 566 34.13 2.01 -42.94
C TYR F 566 35.27 1.78 -42.03
N GLY F 567 36.45 2.14 -42.54
CA GLY F 567 37.61 2.29 -41.71
C GLY F 567 38.72 1.43 -42.21
N ARG F 568 39.60 1.10 -41.29
CA ARG F 568 40.81 0.39 -41.61
C ARG F 568 40.71 -1.05 -41.14
N PHE F 569 41.01 -1.99 -42.02
CA PHE F 569 40.80 -3.40 -41.74
C PHE F 569 42.08 -4.19 -42.07
N MET F 570 42.05 -5.51 -41.88
CA MET F 570 43.15 -6.43 -42.21
C MET F 570 42.71 -7.33 -43.34
N TYR F 571 43.66 -7.76 -44.15
CA TYR F 571 43.57 -9.09 -44.66
C TYR F 571 44.87 -9.77 -44.30
N HIS F 572 44.85 -11.09 -44.23
CA HIS F 572 46.06 -11.76 -43.85
C HIS F 572 45.94 -13.23 -44.05
N CYS F 573 47.06 -13.91 -43.88
CA CYS F 573 47.03 -15.35 -43.69
C CYS F 573 46.46 -15.70 -42.34
N HIS F 574 45.64 -16.75 -42.29
CA HIS F 574 45.11 -17.22 -41.00
C HIS F 574 45.91 -18.36 -40.35
N LEU F 575 47.16 -18.58 -40.74
CA LEU F 575 48.02 -19.44 -39.92
C LEU F 575 48.62 -18.50 -38.89
N LEU F 576 48.30 -18.69 -37.61
CA LEU F 576 48.54 -17.62 -36.67
C LEU F 576 50.06 -17.31 -36.61
N GLU F 577 50.87 -18.33 -36.76
CA GLU F 577 52.29 -18.12 -36.74
C GLU F 577 52.80 -17.27 -37.91
N HIS F 578 52.17 -17.35 -39.09
CA HIS F 578 52.54 -16.47 -40.20
C HIS F 578 51.98 -15.08 -40.01
N GLU F 579 50.76 -15.02 -39.46
CA GLU F 579 50.09 -13.74 -39.15
C GLU F 579 50.97 -12.94 -38.18
N ASP F 580 51.48 -13.60 -37.13
CA ASP F 580 52.31 -12.93 -36.14
C ASP F 580 53.68 -12.53 -36.69
N MET F 581 54.04 -13.07 -37.85
CA MET F 581 55.31 -12.72 -38.44
C MET F 581 55.16 -11.95 -39.74
N GLY F 582 54.21 -11.02 -39.78
CA GLY F 582 54.17 -10.00 -40.82
C GLY F 582 53.31 -10.30 -42.02
N MET F 583 52.72 -11.50 -42.03
CA MET F 583 51.89 -11.95 -43.13
C MET F 583 50.43 -11.47 -42.95
N MET F 584 50.28 -10.15 -43.10
CA MET F 584 49.07 -9.44 -42.81
C MET F 584 49.19 -8.06 -43.49
N ARG F 585 48.07 -7.49 -43.92
CA ARG F 585 48.06 -6.17 -44.58
C ARG F 585 46.81 -5.36 -44.19
N PRO F 586 46.98 -4.03 -44.06
CA PRO F 586 45.87 -3.10 -43.86
C PRO F 586 45.15 -2.89 -45.16
N PHE F 587 43.85 -2.61 -45.09
CA PHE F 587 43.15 -1.92 -46.16
C PHE F 587 42.19 -0.85 -45.62
N VAL F 588 41.76 0.05 -46.49
CA VAL F 588 40.86 1.12 -46.06
C VAL F 588 39.58 1.19 -46.89
N VAL F 589 38.43 1.24 -46.22
CA VAL F 589 37.17 1.45 -46.90
C VAL F 589 36.60 2.76 -46.40
N MET F 590 36.17 3.62 -47.31
CA MET F 590 35.75 4.99 -47.04
C MET F 590 34.59 5.30 -47.96
N PRO F 591 33.73 6.28 -47.58
CA PRO F 591 32.72 6.70 -48.55
C PRO F 591 33.38 7.20 -49.85
N PRO F 592 32.80 6.83 -51.03
CA PRO F 592 33.23 7.37 -52.31
C PRO F 592 33.33 8.90 -52.27
N GLU F 593 32.43 9.57 -51.59
CA GLU F 593 32.55 11.02 -51.49
C GLU F 593 33.86 11.49 -50.86
N ALA F 594 34.40 10.72 -49.93
CA ALA F 594 35.63 11.09 -49.21
C ALA F 594 36.90 10.74 -49.99
N LEU F 595 36.74 9.85 -50.94
CA LEU F 595 37.83 9.43 -51.79
C LEU F 595 38.19 10.52 -52.79
N LYS F 596 37.25 11.39 -53.15
CA LYS F 596 37.61 12.56 -53.94
C LYS F 596 38.77 13.29 -53.30
N PHE F 597 38.93 13.13 -51.99
CA PHE F 597 39.94 13.86 -51.24
C PHE F 597 41.24 13.12 -50.90
N ASP F 598 41.49 11.99 -51.57
CA ASP F 598 42.85 11.41 -51.73
C ASP F 598 43.15 10.35 -50.70
N ALA G 7 -21.67 39.67 55.52
CA ALA G 7 -21.74 39.28 56.97
C ALA G 7 -20.84 38.08 57.29
N PRO G 8 -20.20 38.08 58.48
CA PRO G 8 -19.26 37.05 58.90
C PRO G 8 -19.80 35.62 58.80
N GLY G 9 -19.11 34.80 58.01
CA GLY G 9 -19.50 33.42 57.76
C GLY G 9 -20.33 33.18 56.51
N GLU G 10 -20.55 34.22 55.71
CA GLU G 10 -21.49 34.14 54.57
C GLU G 10 -20.80 34.08 53.20
N LEU G 11 -21.35 33.29 52.28
CA LEU G 11 -20.81 33.22 50.92
C LEU G 11 -21.07 34.54 50.15
N THR G 12 -20.10 34.99 49.35
CA THR G 12 -20.29 36.21 48.55
C THR G 12 -20.99 35.85 47.25
N PRO G 13 -22.14 36.47 47.00
CA PRO G 13 -22.84 36.06 45.78
C PRO G 13 -22.12 36.57 44.53
N PHE G 14 -22.23 35.82 43.45
CA PHE G 14 -21.64 36.17 42.15
C PHE G 14 -20.15 36.27 42.18
N ALA G 15 -19.53 35.23 42.74
CA ALA G 15 -18.09 35.15 42.86
C ALA G 15 -17.52 34.26 41.77
N ALA G 16 -18.34 33.41 41.16
CA ALA G 16 -17.88 32.46 40.16
C ALA G 16 -18.76 32.58 38.93
N PRO G 17 -18.17 32.40 37.72
CA PRO G 17 -18.96 32.39 36.47
C PRO G 17 -19.94 31.21 36.36
N LEU G 18 -21.09 31.42 35.70
CA LEU G 18 -22.01 30.33 35.37
C LEU G 18 -21.31 29.28 34.52
N THR G 19 -21.66 28.02 34.65
CA THR G 19 -21.23 27.03 33.67
C THR G 19 -22.48 26.36 33.09
N VAL G 20 -22.28 25.57 32.03
CA VAL G 20 -23.36 24.77 31.45
C VAL G 20 -22.86 23.34 31.27
N PRO G 21 -23.73 22.34 31.40
CA PRO G 21 -23.21 20.99 31.25
C PRO G 21 -22.72 20.78 29.81
N PRO G 22 -21.92 19.72 29.58
CA PRO G 22 -21.52 19.32 28.25
C PRO G 22 -22.73 18.87 27.46
N VAL G 23 -22.73 19.12 26.16
CA VAL G 23 -23.81 18.68 25.31
C VAL G 23 -23.58 17.25 24.75
N LEU G 24 -24.61 16.42 24.82
CA LEU G 24 -24.52 15.06 24.34
C LEU G 24 -25.54 14.89 23.23
N ARG G 25 -25.10 14.37 22.08
CA ARG G 25 -26.02 14.06 20.97
C ARG G 25 -25.95 12.60 20.66
N PRO G 26 -26.91 11.82 21.17
CA PRO G 26 -26.78 10.37 21.18
C PRO G 26 -27.21 9.72 19.89
N ALA G 27 -28.11 10.38 19.15
CA ALA G 27 -28.66 9.83 17.92
C ALA G 27 -27.56 9.25 17.03
N SER G 28 -27.87 8.12 16.39
CA SER G 28 -26.90 7.52 15.48
C SER G 28 -27.59 6.62 14.49
N ASP G 29 -26.87 6.30 13.43
CA ASP G 29 -27.32 5.34 12.44
C ASP G 29 -27.58 3.94 13.00
N GLU G 30 -26.94 3.58 14.09
CA GLU G 30 -27.15 2.26 14.61
C GLU G 30 -27.95 2.27 15.91
N VAL G 31 -29.26 2.10 15.79
CA VAL G 31 -30.14 2.27 16.95
C VAL G 31 -29.78 1.32 18.11
N THR G 32 -29.23 0.16 17.77
CA THR G 32 -28.87 -0.84 18.77
C THR G 32 -27.61 -0.52 19.52
N ARG G 33 -26.91 0.53 19.09
CA ARG G 33 -25.72 0.95 19.79
C ARG G 33 -26.09 1.98 20.86
N GLU G 34 -26.07 1.56 22.12
CA GLU G 34 -26.57 2.42 23.18
C GLU G 34 -25.58 3.53 23.49
N THR G 35 -26.08 4.62 24.05
CA THR G 35 -25.19 5.57 24.67
C THR G 35 -25.22 5.22 26.15
N GLU G 36 -24.08 4.79 26.71
CA GLU G 36 -23.94 4.60 28.15
C GLU G 36 -23.85 5.96 28.81
N ILE G 37 -24.67 6.17 29.83
CA ILE G 37 -24.55 7.35 30.68
C ILE G 37 -24.31 6.78 32.07
N ALA G 38 -23.07 6.91 32.56
CA ALA G 38 -22.62 6.28 33.81
C ALA G 38 -22.74 7.23 35.02
N LEU G 39 -23.52 6.79 36.00
CA LEU G 39 -23.60 7.50 37.28
C LEU G 39 -22.28 7.29 38.03
N ARG G 40 -21.61 8.38 38.40
CA ARG G 40 -20.31 8.27 39.10
C ARG G 40 -20.21 9.30 40.23
N PRO G 41 -19.51 8.96 41.31
CA PRO G 41 -19.33 10.06 42.27
C PRO G 41 -18.38 11.10 41.69
N THR G 42 -18.46 12.33 42.16
CA THR G 42 -17.66 13.39 41.58
C THR G 42 -17.56 14.50 42.61
N TRP G 43 -16.49 15.31 42.54
CA TRP G 43 -16.35 16.42 43.47
C TRP G 43 -16.66 17.75 42.80
N VAL G 44 -17.58 18.50 43.40
CA VAL G 44 -18.19 19.66 42.76
C VAL G 44 -17.86 20.86 43.60
N ARG G 45 -17.25 21.86 42.96
CA ARG G 45 -17.06 23.16 43.59
C ARG G 45 -18.29 24.07 43.53
N LEU G 46 -19.11 24.03 44.58
CA LEU G 46 -20.35 24.82 44.59
C LEU G 46 -20.11 26.34 44.57
N HIS G 47 -19.01 26.77 45.20
CA HIS G 47 -18.71 28.16 45.45
C HIS G 47 -17.23 28.27 45.83
N PRO G 48 -16.56 29.32 45.37
CA PRO G 48 -15.10 29.42 45.62
C PRO G 48 -14.79 29.43 47.09
N GLN G 49 -15.72 29.92 47.91
CA GLN G 49 -15.47 30.03 49.34
C GLN G 49 -15.82 28.76 50.06
N LEU G 50 -16.18 27.72 49.31
CA LEU G 50 -16.46 26.44 49.97
C LEU G 50 -15.41 25.40 49.58
N PRO G 51 -15.29 24.31 50.38
CA PRO G 51 -14.51 23.18 49.89
C PRO G 51 -15.30 22.43 48.82
N PRO G 52 -14.64 21.51 48.10
CA PRO G 52 -15.41 20.68 47.20
C PRO G 52 -16.48 19.84 47.94
N THR G 53 -17.60 19.63 47.27
CA THR G 53 -18.78 18.89 47.73
C THR G 53 -18.87 17.56 47.01
N LEU G 54 -19.12 16.50 47.77
CA LEU G 54 -19.31 15.19 47.16
C LEU G 54 -20.71 15.13 46.56
N MET G 55 -20.82 14.59 45.33
CA MET G 55 -22.11 14.44 44.62
C MET G 55 -22.09 13.19 43.75
N TRP G 56 -23.26 12.78 43.24
CA TRP G 56 -23.34 11.71 42.26
C TRP G 56 -23.84 12.36 41.00
N GLY G 57 -23.14 12.17 39.87
CA GLY G 57 -23.45 12.87 38.64
C GLY G 57 -23.50 11.92 37.48
N TYR G 58 -24.51 12.07 36.61
CA TYR G 58 -24.53 11.35 35.32
C TYR G 58 -23.30 11.74 34.54
N ASP G 59 -22.53 10.73 34.07
CA ASP G 59 -21.19 10.97 33.50
C ASP G 59 -20.28 11.84 34.39
N GLY G 60 -20.51 11.83 35.71
CA GLY G 60 -19.62 12.49 36.67
C GLY G 60 -19.82 13.99 36.58
N GLN G 61 -20.96 14.44 36.04
CA GLN G 61 -21.25 15.87 35.88
C GLN G 61 -22.45 16.24 36.70
N VAL G 62 -22.46 17.42 37.30
CA VAL G 62 -23.65 17.96 37.91
C VAL G 62 -23.88 19.41 37.47
N PRO G 63 -25.02 19.70 36.83
CA PRO G 63 -26.04 18.76 36.35
C PRO G 63 -25.43 17.80 35.34
N GLY G 64 -26.14 16.72 35.04
CA GLY G 64 -25.72 15.79 33.97
C GLY G 64 -25.69 16.45 32.59
N PRO G 65 -25.14 15.74 31.59
CA PRO G 65 -24.96 16.34 30.27
C PRO G 65 -26.31 16.80 29.68
N THR G 66 -26.29 17.89 28.93
CA THR G 66 -27.49 18.29 28.18
C THR G 66 -27.66 17.41 26.93
N ILE G 67 -28.74 16.63 26.89
CA ILE G 67 -28.96 15.77 25.74
C ILE G 67 -29.73 16.58 24.72
N GLU G 68 -29.35 16.45 23.46
CA GLU G 68 -30.02 17.13 22.39
C GLU G 68 -30.30 16.13 21.28
N VAL G 69 -31.53 16.13 20.78
CA VAL G 69 -31.96 15.24 19.75
C VAL G 69 -32.93 16.01 18.89
N ARG G 70 -33.24 15.49 17.70
CA ARG G 70 -34.29 16.06 16.86
C ARG G 70 -35.46 15.13 16.95
N ARG G 71 -36.65 15.70 16.89
CA ARG G 71 -37.87 14.95 16.80
C ARG G 71 -37.77 13.77 15.83
N GLY G 72 -38.27 12.61 16.22
CA GLY G 72 -38.16 11.44 15.37
C GLY G 72 -36.89 10.61 15.48
N GLN G 73 -35.83 11.14 16.11
CA GLN G 73 -34.59 10.40 16.26
C GLN G 73 -34.67 9.46 17.44
N ARG G 74 -34.89 8.19 17.14
CA ARG G 74 -34.97 7.14 18.17
C ARG G 74 -33.61 6.96 18.81
N VAL G 75 -33.53 7.11 20.13
CA VAL G 75 -32.27 6.88 20.81
C VAL G 75 -32.40 5.88 21.96
N ARG G 76 -31.33 5.18 22.24
CA ARG G 76 -31.33 4.26 23.33
C ARG G 76 -30.20 4.62 24.27
N ILE G 77 -30.52 4.64 25.56
CA ILE G 77 -29.59 5.06 26.59
C ILE G 77 -29.50 3.98 27.67
N ALA G 78 -28.28 3.68 28.12
CA ALA G 78 -28.08 2.77 29.24
C ALA G 78 -27.67 3.61 30.43
N TRP G 79 -28.62 3.87 31.34
CA TRP G 79 -28.29 4.61 32.59
C TRP G 79 -27.65 3.60 33.52
N THR G 80 -26.34 3.73 33.67
CA THR G 80 -25.56 2.64 34.23
C THR G 80 -24.98 3.05 35.56
N ASN G 81 -25.41 2.33 36.60
CA ASN G 81 -24.92 2.64 37.94
C ASN G 81 -23.45 2.24 38.12
N ARG G 82 -22.56 3.23 38.17
CA ARG G 82 -21.15 2.92 38.30
C ARG G 82 -20.64 3.50 39.61
N ILE G 83 -21.53 3.58 40.59
CA ILE G 83 -21.14 4.05 41.91
C ILE G 83 -20.76 2.86 42.83
N PRO G 84 -19.46 2.73 43.15
CA PRO G 84 -18.93 1.57 43.89
C PRO G 84 -19.65 1.29 45.21
N LYS G 85 -19.76 0.00 45.55
CA LYS G 85 -20.21 -0.36 46.87
C LYS G 85 -19.33 0.28 47.93
N GLY G 86 -19.91 0.67 49.05
CA GLY G 86 -19.15 1.32 50.10
C GLY G 86 -19.00 2.82 49.94
N SER G 87 -19.43 3.38 48.81
CA SER G 87 -19.43 4.81 48.64
C SER G 87 -20.24 5.48 49.75
N GLU G 88 -19.69 6.58 50.28
CA GLU G 88 -20.39 7.42 51.21
C GLU G 88 -21.61 8.05 50.49
N TYR G 89 -22.79 7.93 51.09
CA TYR G 89 -23.95 8.64 50.58
C TYR G 89 -23.75 10.15 50.69
N PRO G 90 -23.96 10.90 49.57
CA PRO G 90 -23.56 12.30 49.45
C PRO G 90 -24.42 13.29 50.22
N VAL G 91 -25.63 12.89 50.60
CA VAL G 91 -26.54 13.83 51.27
C VAL G 91 -26.71 13.42 52.73
N THR G 92 -26.42 14.33 53.65
CA THR G 92 -26.71 14.07 55.05
C THR G 92 -28.17 14.44 55.31
N SER G 93 -28.91 13.61 56.07
CA SER G 93 -30.31 13.94 56.39
C SER G 93 -30.60 14.23 57.87
N VAL G 94 -31.27 15.34 58.17
CA VAL G 94 -31.74 15.63 59.54
C VAL G 94 -33.12 16.20 59.55
N GLU G 95 -33.92 15.81 60.55
CA GLU G 95 -35.15 16.51 60.87
C GLU G 95 -34.92 17.35 62.12
N VAL G 96 -35.22 18.65 62.05
CA VAL G 96 -35.08 19.55 63.20
C VAL G 96 -36.41 20.06 63.75
N PRO G 97 -36.44 20.44 65.03
CA PRO G 97 -37.63 21.08 65.67
C PRO G 97 -37.98 22.47 65.10
N LEU G 98 -39.21 22.93 65.39
CA LEU G 98 -39.79 24.15 64.79
C LEU G 98 -39.07 25.45 65.13
N GLY G 99 -38.62 25.62 66.36
CA GLY G 99 -38.12 26.95 66.70
C GLY G 99 -39.17 28.04 66.96
N PRO G 100 -38.78 29.11 67.66
CA PRO G 100 -39.68 30.14 68.18
C PRO G 100 -40.57 30.74 67.12
N PRO G 101 -41.86 30.89 67.43
CA PRO G 101 -42.88 31.46 66.53
C PRO G 101 -42.51 32.90 66.12
N GLY G 102 -42.86 33.31 64.90
CA GLY G 102 -42.42 34.65 64.51
C GLY G 102 -41.02 34.67 63.88
N THR G 103 -40.00 34.13 64.56
CA THR G 103 -38.62 34.03 63.99
C THR G 103 -38.40 33.05 62.78
N PRO G 104 -37.30 33.21 61.99
CA PRO G 104 -37.17 32.37 60.79
C PRO G 104 -37.13 30.87 61.06
N ALA G 105 -37.84 30.10 60.24
CA ALA G 105 -37.76 28.64 60.30
C ALA G 105 -36.29 28.20 60.17
N PRO G 106 -35.93 27.07 60.82
CA PRO G 106 -34.55 26.56 60.83
C PRO G 106 -34.02 26.18 59.44
N ASN G 107 -34.93 25.95 58.50
CA ASN G 107 -34.48 25.59 57.16
C ASN G 107 -33.99 26.80 56.36
N THR G 108 -33.98 27.97 57.00
CA THR G 108 -33.35 29.15 56.45
C THR G 108 -31.89 29.24 56.94
N GLU G 109 -31.43 28.19 57.62
CA GLU G 109 -30.06 28.15 58.14
C GLU G 109 -29.34 26.86 57.78
N PRO G 110 -28.02 26.93 57.52
CA PRO G 110 -27.19 25.75 57.38
C PRO G 110 -27.01 24.99 58.70
N GLY G 111 -26.41 23.80 58.61
CA GLY G 111 -26.10 23.03 59.82
C GLY G 111 -27.27 22.29 60.43
N ARG G 112 -26.92 21.31 61.27
CA ARG G 112 -27.87 20.35 61.82
C ARG G 112 -28.44 20.80 63.14
N GLY G 113 -28.15 22.04 63.54
CA GLY G 113 -28.22 22.41 64.96
C GLY G 113 -27.32 21.43 65.71
N GLY G 114 -27.88 20.73 66.69
CA GLY G 114 -27.11 19.63 67.23
C GLY G 114 -27.72 18.27 66.89
N VAL G 115 -28.64 18.24 65.95
CA VAL G 115 -29.32 16.99 65.65
C VAL G 115 -28.44 16.00 64.88
N GLU G 116 -28.56 14.75 65.30
CA GLU G 116 -27.82 13.63 64.78
C GLU G 116 -28.24 13.35 63.32
N PRO G 117 -27.26 13.12 62.41
CA PRO G 117 -27.65 12.70 61.05
C PRO G 117 -28.45 11.40 61.14
N ASN G 118 -29.50 11.28 60.31
CA ASN G 118 -30.21 10.01 60.13
C ASN G 118 -29.33 8.83 59.62
N LYS G 119 -29.12 7.81 60.44
CA LYS G 119 -28.20 6.72 60.08
C LYS G 119 -28.73 5.87 58.94
N ASP G 120 -30.06 5.79 58.83
CA ASP G 120 -30.68 5.03 57.74
C ASP G 120 -30.40 5.62 56.33
N VAL G 121 -30.36 6.94 56.25
CA VAL G 121 -30.05 7.60 55.00
C VAL G 121 -28.57 7.41 54.67
N ALA G 122 -27.72 7.59 55.69
CA ALA G 122 -26.25 7.44 55.53
C ALA G 122 -25.88 6.05 55.01
N ALA G 123 -26.71 5.06 55.33
CA ALA G 123 -26.44 3.67 55.02
C ALA G 123 -26.96 3.31 53.61
N LEU G 124 -27.65 4.23 52.93
CA LEU G 124 -28.14 3.95 51.56
C LEU G 124 -27.03 3.60 50.57
N PRO G 125 -27.19 2.46 49.84
CA PRO G 125 -26.29 2.20 48.71
C PRO G 125 -26.73 3.02 47.51
N ALA G 126 -25.88 3.13 46.50
CA ALA G 126 -26.28 3.71 45.24
C ALA G 126 -27.35 2.84 44.55
N TRP G 127 -28.55 3.39 44.45
CA TRP G 127 -29.70 2.65 44.00
C TRP G 127 -30.58 3.63 43.26
N SER G 128 -30.56 3.52 41.92
CA SER G 128 -31.04 4.59 41.06
C SER G 128 -31.81 4.14 39.83
N VAL G 129 -32.82 4.91 39.47
CA VAL G 129 -33.55 4.71 38.22
C VAL G 129 -33.75 6.13 37.69
N THR G 130 -33.65 6.30 36.38
CA THR G 130 -33.76 7.61 35.78
C THR G 130 -35.07 7.74 34.98
N HIS G 131 -35.75 8.85 35.21
CA HIS G 131 -36.98 9.14 34.54
C HIS G 131 -36.80 10.38 33.67
N LEU G 132 -37.12 10.24 32.39
CA LEU G 132 -37.07 11.38 31.52
C LEU G 132 -38.40 12.14 31.56
N HIS G 133 -38.42 13.20 32.35
CA HIS G 133 -39.66 13.87 32.67
C HIS G 133 -40.22 14.62 31.45
N GLY G 134 -41.43 14.23 31.02
CA GLY G 134 -42.08 14.79 29.82
C GLY G 134 -42.10 13.85 28.59
N ALA G 135 -41.29 12.80 28.65
CA ALA G 135 -40.99 12.02 27.47
C ALA G 135 -42.18 11.17 27.11
N GLN G 136 -42.49 11.17 25.82
CA GLN G 136 -43.54 10.35 25.33
C GLN G 136 -42.82 9.03 25.01
N THR G 137 -43.00 8.03 25.84
CA THR G 137 -42.34 6.74 25.68
C THR G 137 -43.01 5.71 26.54
N GLY G 138 -42.81 4.42 26.25
CA GLY G 138 -43.53 3.39 26.98
C GLY G 138 -43.05 3.24 28.42
N GLY G 139 -43.86 2.59 29.25
CA GLY G 139 -43.58 2.41 30.64
C GLY G 139 -42.27 1.69 30.88
N GLY G 140 -41.94 0.75 29.98
CA GLY G 140 -40.66 0.05 30.05
C GLY G 140 -39.47 1.01 30.01
N ASN G 141 -39.67 2.19 29.42
CA ASN G 141 -38.59 3.15 29.22
C ASN G 141 -38.55 4.29 30.23
N ASP G 142 -39.64 4.42 31.00
CA ASP G 142 -40.01 5.67 31.68
C ASP G 142 -39.31 5.86 33.07
N GLY G 143 -38.61 4.83 33.52
CA GLY G 143 -38.00 4.79 34.86
C GLY G 143 -38.94 4.48 36.02
N TRP G 144 -39.71 3.39 35.92
CA TRP G 144 -40.60 2.95 37.02
C TRP G 144 -39.82 2.96 38.32
N ALA G 145 -40.41 3.57 39.35
CA ALA G 145 -39.69 3.89 40.57
C ALA G 145 -39.10 2.68 41.29
N ASP G 146 -39.79 1.55 41.24
CA ASP G 146 -39.31 0.31 41.90
C ASP G 146 -38.03 -0.23 41.28
N ASN G 147 -37.76 0.11 40.03
CA ASN G 147 -36.79 -0.64 39.26
C ASN G 147 -35.40 -0.01 39.21
N ALA G 148 -35.00 0.55 40.33
CA ALA G 148 -33.71 1.14 40.43
C ALA G 148 -32.64 0.01 40.49
N VAL G 149 -31.43 0.32 40.04
CA VAL G 149 -30.40 -0.68 39.92
C VAL G 149 -29.17 -0.31 40.76
N GLY G 150 -28.51 -1.34 41.30
CA GLY G 150 -27.32 -1.15 42.11
C GLY G 150 -26.07 -1.11 41.26
N PHE G 151 -24.92 -1.03 41.92
CA PHE G 151 -23.64 -0.92 41.23
C PHE G 151 -23.44 -1.98 40.15
N GLY G 152 -22.97 -1.57 38.98
CA GLY G 152 -22.66 -2.52 37.92
C GLY G 152 -23.81 -2.83 36.96
N ASP G 153 -25.03 -2.47 37.33
CA ASP G 153 -26.21 -2.85 36.54
C ASP G 153 -26.72 -1.64 35.78
N ALA G 154 -27.46 -1.86 34.70
CA ALA G 154 -28.04 -0.75 33.91
C ALA G 154 -29.57 -0.73 33.90
N GLN G 155 -30.10 0.46 33.66
CA GLN G 155 -31.46 0.65 33.19
C GLN G 155 -31.45 1.04 31.71
N LEU G 156 -32.06 0.20 30.87
CA LEU G 156 -32.14 0.53 29.45
C LEU G 156 -33.44 1.28 29.06
N SER G 157 -33.28 2.39 28.30
CA SER G 157 -34.38 3.24 27.86
C SER G 157 -34.33 3.50 26.34
N GLU G 158 -35.43 3.17 25.66
CA GLU G 158 -35.68 3.68 24.33
C GLU G 158 -36.52 4.95 24.42
N TYR G 159 -36.10 6.00 23.74
CA TYR G 159 -36.93 7.21 23.65
C TYR G 159 -37.16 7.48 22.19
N PRO G 160 -38.39 7.23 21.69
CA PRO G 160 -38.60 7.41 20.25
C PRO G 160 -38.55 8.89 19.85
N ASN G 161 -38.73 9.78 20.82
CA ASN G 161 -38.66 11.22 20.57
C ASN G 161 -39.64 11.74 19.53
N ASP G 162 -40.81 11.13 19.45
CA ASP G 162 -41.81 11.60 18.51
C ASP G 162 -42.73 12.63 19.15
N HIS G 163 -42.20 13.85 19.28
CA HIS G 163 -42.84 14.94 20.00
C HIS G 163 -42.27 16.24 19.49
N GLN G 164 -43.07 17.29 19.45
CA GLN G 164 -42.59 18.60 19.02
C GLN G 164 -41.48 19.13 19.94
N ALA G 165 -40.72 20.11 19.46
CA ALA G 165 -39.54 20.62 20.15
C ALA G 165 -39.92 21.12 21.56
N THR G 166 -39.08 20.83 22.54
CA THR G 166 -39.37 21.22 23.91
C THR G 166 -38.20 20.88 24.79
N GLN G 167 -38.26 21.32 26.05
CA GLN G 167 -37.25 20.96 27.02
C GLN G 167 -37.85 19.92 27.96
N TRP G 168 -37.28 18.72 27.95
CA TRP G 168 -37.51 17.75 29.00
C TRP G 168 -36.37 17.81 30.02
N TRP G 169 -36.45 17.00 31.07
CA TRP G 169 -35.36 16.95 32.04
C TRP G 169 -35.33 15.58 32.64
N TYR G 170 -34.15 15.12 33.00
CA TYR G 170 -34.07 13.78 33.54
C TYR G 170 -33.52 13.78 34.94
N HIS G 171 -34.03 12.87 35.75
CA HIS G 171 -33.57 12.80 37.13
C HIS G 171 -33.88 11.41 37.70
N ASP G 172 -33.20 11.07 38.79
CA ASP G 172 -33.50 9.87 39.52
C ASP G 172 -34.94 9.83 39.98
N HIS G 173 -35.45 8.62 40.12
CA HIS G 173 -36.84 8.44 40.49
C HIS G 173 -36.98 7.21 41.40
N ALA G 174 -35.94 6.90 42.18
CA ALA G 174 -35.96 5.61 42.93
C ALA G 174 -37.01 5.61 44.06
N MET G 175 -37.77 4.52 44.16
CA MET G 175 -38.88 4.41 45.13
C MET G 175 -38.40 4.74 46.55
N ASN G 176 -39.03 5.76 47.14
CA ASN G 176 -38.84 6.19 48.55
C ASN G 176 -37.63 7.06 48.87
N ILE G 177 -36.68 7.24 47.95
CA ILE G 177 -35.42 7.90 48.27
C ILE G 177 -35.02 8.93 47.21
N THR G 178 -35.98 9.26 46.36
CA THR G 178 -35.83 10.21 45.27
C THR G 178 -35.46 11.57 45.80
N ARG G 179 -36.00 11.91 46.97
CA ARG G 179 -35.67 13.19 47.54
C ARG G 179 -34.19 13.35 47.86
N TRP G 180 -33.51 12.23 48.14
CA TRP G 180 -32.06 12.25 48.42
C TRP G 180 -31.19 12.01 47.16
N ASN G 181 -31.56 11.01 46.37
CA ASN G 181 -30.86 10.75 45.10
C ASN G 181 -30.78 11.96 44.18
N VAL G 182 -31.88 12.71 44.02
CA VAL G 182 -31.90 13.87 43.12
C VAL G 182 -31.04 15.02 43.71
N MET G 183 -31.25 15.26 45.00
CA MET G 183 -30.41 16.16 45.74
C MET G 183 -28.92 15.77 45.67
N ALA G 184 -28.63 14.46 45.68
CA ALA G 184 -27.26 14.00 45.48
C ALA G 184 -26.59 14.54 44.21
N GLY G 185 -27.39 14.99 43.21
CA GLY G 185 -26.84 15.47 41.92
C GLY G 185 -27.36 14.83 40.64
N LEU G 186 -28.30 13.87 40.76
CA LEU G 186 -28.77 13.13 39.62
C LEU G 186 -29.92 13.87 38.92
N TYR G 187 -29.56 14.90 38.16
CA TYR G 187 -30.52 15.62 37.33
C TYR G 187 -29.83 16.30 36.17
N GLY G 188 -30.56 16.44 35.06
CA GLY G 188 -30.03 17.07 33.84
C GLY G 188 -31.16 17.42 32.89
N THR G 189 -30.82 18.04 31.76
CA THR G 189 -31.89 18.43 30.90
C THR G 189 -31.72 17.78 29.53
N TYR G 190 -32.72 17.93 28.66
CA TYR G 190 -32.87 17.07 27.45
C TYR G 190 -33.72 17.89 26.50
N LEU G 191 -33.14 18.33 25.40
CA LEU G 191 -33.82 19.24 24.47
C LEU G 191 -34.17 18.51 23.19
N VAL G 192 -35.41 18.64 22.76
CA VAL G 192 -35.86 18.14 21.46
C VAL G 192 -35.94 19.29 20.49
N ARG G 193 -35.35 19.11 19.30
CA ARG G 193 -35.42 20.10 18.22
C ARG G 193 -36.40 19.64 17.14
N ASP G 194 -37.07 20.59 16.49
CA ASP G 194 -37.84 20.29 15.27
C ASP G 194 -37.82 21.44 14.22
N ASP G 195 -38.52 21.25 13.10
CA ASP G 195 -38.46 22.24 12.03
C ASP G 195 -39.28 23.48 12.35
N GLU G 196 -40.43 23.30 13.00
CA GLU G 196 -41.20 24.44 13.46
C GLU G 196 -40.34 25.38 14.31
N GLU G 197 -39.76 24.84 15.39
CA GLU G 197 -38.96 25.68 16.26
C GLU G 197 -37.82 26.34 15.47
N ASP G 198 -37.12 25.57 14.63
CA ASP G 198 -36.04 26.13 13.81
C ASP G 198 -36.51 27.30 12.98
N ALA G 199 -37.76 27.26 12.48
CA ALA G 199 -38.23 28.29 11.58
C ALA G 199 -38.48 29.63 12.29
N LEU G 200 -38.38 29.62 13.63
CA LEU G 200 -38.46 30.87 14.40
C LEU G 200 -37.14 31.63 14.46
N GLY G 201 -36.06 31.01 13.99
CA GLY G 201 -34.70 31.55 14.18
C GLY G 201 -34.39 32.09 15.57
N LEU G 202 -34.75 31.35 16.62
CA LEU G 202 -34.42 31.73 18.01
C LEU G 202 -32.92 31.88 18.27
N PRO G 203 -32.53 32.73 19.21
CA PRO G 203 -31.13 32.79 19.65
C PRO G 203 -30.56 31.38 19.91
N SER G 204 -29.31 31.14 19.54
CA SER G 204 -28.85 29.76 19.58
C SER G 204 -27.38 29.72 19.88
N GLY G 205 -26.81 28.50 19.92
CA GLY G 205 -25.41 28.31 20.36
C GLY G 205 -25.10 28.98 21.69
N ASP G 206 -24.10 29.88 21.67
CA ASP G 206 -23.76 30.81 22.77
C ASP G 206 -24.91 31.50 23.49
N ARG G 207 -25.92 31.82 22.71
CA ARG G 207 -27.00 32.64 23.18
C ARG G 207 -28.16 31.81 23.70
N GLU G 208 -27.97 30.50 23.77
CA GLU G 208 -28.98 29.62 24.35
C GLU G 208 -28.38 28.94 25.54
N ILE G 209 -28.98 29.19 26.69
CA ILE G 209 -28.38 28.79 27.94
C ILE G 209 -29.41 27.97 28.70
N PRO G 210 -29.15 26.66 28.89
CA PRO G 210 -29.95 25.91 29.87
C PRO G 210 -29.70 26.41 31.28
N LEU G 211 -30.73 26.44 32.11
CA LEU G 211 -30.60 26.88 33.49
C LEU G 211 -31.36 25.88 34.32
N LEU G 212 -30.63 25.05 35.02
CA LEU G 212 -31.23 24.12 35.95
C LEU G 212 -31.01 24.69 37.34
N ILE G 213 -32.08 25.16 37.95
CA ILE G 213 -31.91 25.77 39.28
C ILE G 213 -32.46 24.82 40.33
N ALA G 214 -31.83 24.84 41.51
CA ALA G 214 -32.23 23.94 42.60
C ALA G 214 -31.67 24.55 43.84
N ASP G 215 -32.50 24.65 44.88
CA ASP G 215 -32.02 25.14 46.14
C ASP G 215 -31.33 24.03 46.91
N ARG G 216 -30.41 24.41 47.78
CA ARG G 216 -29.61 23.46 48.58
C ARG G 216 -29.43 23.97 50.01
N ASN G 217 -29.23 23.04 50.95
CA ASN G 217 -28.68 23.41 52.26
C ASN G 217 -27.34 22.72 52.46
N LEU G 218 -26.58 23.23 53.40
CA LEU G 218 -25.22 22.74 53.66
C LEU G 218 -24.98 22.53 55.15
N ASP G 219 -24.07 21.62 55.45
CA ASP G 219 -23.65 21.40 56.81
C ASP G 219 -22.57 22.37 57.26
N THR G 220 -22.44 22.50 58.59
CA THR G 220 -21.40 23.30 59.21
C THR G 220 -20.58 22.39 60.15
N ASP G 221 -19.39 22.87 60.48
CA ASP G 221 -18.55 22.34 61.52
C ASP G 221 -18.97 22.94 62.83
N GLU G 222 -18.48 22.35 63.93
CA GLU G 222 -18.90 22.76 65.28
C GLU G 222 -18.76 24.27 65.54
N ASP G 223 -17.81 24.92 64.90
CA ASP G 223 -17.67 26.36 65.04
C ASP G 223 -18.55 27.14 64.07
N GLY G 224 -19.43 26.45 63.35
CA GLY G 224 -20.43 27.15 62.55
C GLY G 224 -19.98 27.47 61.13
N ARG G 225 -18.76 27.09 60.75
CA ARG G 225 -18.32 27.23 59.37
C ARG G 225 -19.05 26.26 58.45
N LEU G 226 -19.43 26.74 57.26
CA LEU G 226 -19.96 25.90 56.17
C LEU G 226 -18.89 24.92 55.67
N ASN G 227 -19.24 23.65 55.56
CA ASN G 227 -18.25 22.64 55.17
C ASN G 227 -18.55 21.96 53.85
N GLY G 228 -19.48 22.53 53.07
CA GLY G 228 -19.75 22.04 51.72
C GLY G 228 -20.54 20.73 51.61
N ARG G 229 -20.85 20.12 52.74
CA ARG G 229 -21.58 18.85 52.70
C ARG G 229 -23.07 19.11 52.47
N LEU G 230 -23.62 18.50 51.40
CA LEU G 230 -25.06 18.58 51.13
C LEU G 230 -25.88 18.15 52.32
N LEU G 231 -26.77 19.04 52.76
CA LEU G 231 -27.65 18.75 53.88
C LEU G 231 -29.12 18.83 53.48
N HIS G 232 -29.80 17.69 53.57
CA HIS G 232 -31.22 17.66 53.40
C HIS G 232 -31.84 17.86 54.81
N LYS G 233 -32.32 19.08 55.06
CA LYS G 233 -32.73 19.48 56.39
C LYS G 233 -34.22 19.86 56.36
N THR G 234 -35.06 19.04 57.03
CA THR G 234 -36.48 19.36 57.13
C THR G 234 -36.92 19.76 58.54
N VAL G 235 -38.11 20.34 58.67
CA VAL G 235 -38.62 20.85 59.96
C VAL G 235 -39.85 20.04 60.41
N ILE G 236 -39.78 19.54 61.64
CA ILE G 236 -40.85 18.75 62.24
C ILE G 236 -41.97 19.70 62.64
N VAL G 237 -43.18 19.46 62.13
CA VAL G 237 -44.30 20.30 62.50
C VAL G 237 -45.26 19.57 63.44
N GLN G 238 -45.08 18.26 63.61
CA GLN G 238 -45.90 17.46 64.54
C GLN G 238 -45.02 16.37 65.10
N GLN G 239 -44.79 16.39 66.41
CA GLN G 239 -43.71 15.62 67.01
C GLN G 239 -44.06 14.14 67.08
N SER G 240 -45.34 13.86 67.22
CA SER G 240 -45.83 12.50 67.31
C SER G 240 -47.26 12.47 66.81
N ASN G 241 -47.47 11.80 65.68
CA ASN G 241 -48.79 11.79 65.07
C ASN G 241 -49.71 10.84 65.86
N PRO G 242 -50.90 11.32 66.26
CA PRO G 242 -51.81 10.48 67.03
C PRO G 242 -51.95 9.05 66.46
N GLU G 243 -52.07 8.91 65.15
CA GLU G 243 -52.30 7.59 64.55
C GLU G 243 -51.07 6.69 64.46
N THR G 244 -49.88 7.26 64.56
CA THR G 244 -48.65 6.49 64.35
C THR G 244 -47.61 6.90 65.38
N GLY G 245 -46.50 6.19 65.44
CA GLY G 245 -45.44 6.66 66.35
C GLY G 245 -45.00 8.10 66.06
N LYS G 246 -45.12 8.54 64.81
CA LYS G 246 -43.98 9.14 64.12
C LYS G 246 -44.01 10.66 64.06
N PRO G 247 -42.82 11.28 64.05
CA PRO G 247 -42.80 12.69 63.71
C PRO G 247 -43.21 12.91 62.24
N VAL G 248 -43.72 14.10 61.96
CA VAL G 248 -44.20 14.49 60.64
C VAL G 248 -43.45 15.79 60.31
N SER G 249 -42.80 15.83 59.15
CA SER G 249 -41.96 16.97 58.77
C SER G 249 -42.39 17.57 57.43
N ILE G 250 -42.06 18.85 57.23
CA ILE G 250 -42.33 19.50 55.98
C ILE G 250 -41.36 19.11 54.87
N PRO G 251 -41.63 19.60 53.65
CA PRO G 251 -40.69 19.27 52.57
C PRO G 251 -39.37 20.02 52.70
N PHE G 252 -38.44 19.71 51.82
CA PHE G 252 -37.14 20.41 51.81
C PHE G 252 -37.17 21.82 51.21
N PHE G 253 -36.69 22.78 51.99
CA PHE G 253 -36.35 24.09 51.48
C PHE G 253 -35.01 24.40 52.07
N GLY G 254 -34.10 24.98 51.28
CA GLY G 254 -32.82 25.48 51.82
C GLY G 254 -32.43 26.87 51.28
N PRO G 255 -31.40 27.47 51.88
CA PRO G 255 -31.10 28.88 51.71
C PRO G 255 -30.32 29.23 50.45
N TYR G 256 -29.61 28.26 49.88
CA TYR G 256 -28.67 28.54 48.77
C TYR G 256 -29.23 28.13 47.43
N THR G 257 -29.11 29.00 46.45
CA THR G 257 -29.67 28.69 45.12
C THR G 257 -28.55 28.30 44.19
N THR G 258 -28.64 27.09 43.63
CA THR G 258 -27.70 26.64 42.64
C THR G 258 -28.27 26.84 41.25
N VAL G 259 -27.41 27.28 40.34
CA VAL G 259 -27.70 27.35 38.91
C VAL G 259 -26.62 26.55 38.17
N ASN G 260 -27.02 25.51 37.46
CA ASN G 260 -26.07 24.59 36.87
C ASN G 260 -24.99 24.11 37.85
N GLY G 261 -25.42 23.71 39.05
CA GLY G 261 -24.50 23.26 40.07
C GLY G 261 -23.53 24.26 40.68
N ARG G 262 -23.77 25.56 40.56
CA ARG G 262 -22.99 26.55 41.32
C ARG G 262 -23.92 27.47 42.10
N ILE G 263 -23.52 27.79 43.33
CA ILE G 263 -24.27 28.73 44.12
C ILE G 263 -24.07 30.17 43.60
N TRP G 264 -25.16 30.84 43.23
CA TRP G 264 -25.12 32.27 42.88
C TRP G 264 -24.03 32.67 41.89
N PRO G 265 -24.03 32.06 40.71
CA PRO G 265 -23.00 32.47 39.77
C PRO G 265 -23.34 33.76 39.02
N TYR G 266 -22.38 34.30 38.26
CA TYR G 266 -22.68 35.34 37.28
C TYR G 266 -22.51 34.86 35.84
N ALA G 267 -23.30 35.45 34.96
CA ALA G 267 -23.21 35.21 33.53
C ALA G 267 -22.76 36.50 32.79
N ASP G 268 -21.62 36.42 32.11
CA ASP G 268 -21.21 37.43 31.12
C ASP G 268 -22.06 37.28 29.91
N VAL G 269 -22.85 38.30 29.59
CA VAL G 269 -23.63 38.27 28.36
C VAL G 269 -23.45 39.54 27.52
N ASP G 270 -23.75 39.43 26.24
CA ASP G 270 -23.75 40.56 25.30
C ASP G 270 -25.09 41.27 25.29
N ASP G 271 -25.09 42.49 24.79
CA ASP G 271 -26.32 43.26 24.63
C ASP G 271 -27.23 42.83 23.43
N GLY G 272 -27.67 41.57 23.47
CA GLY G 272 -28.51 41.01 22.41
C GLY G 272 -29.59 40.12 22.99
N TRP G 273 -30.26 39.35 22.14
CA TRP G 273 -31.24 38.41 22.62
C TRP G 273 -30.59 37.10 23.08
N TYR G 274 -31.04 36.58 24.23
CA TYR G 274 -30.69 35.26 24.71
C TYR G 274 -31.93 34.39 24.93
N ARG G 275 -31.73 33.08 24.85
CA ARG G 275 -32.80 32.13 25.11
C ARG G 275 -32.36 31.27 26.28
N LEU G 276 -33.15 31.27 27.34
CA LEU G 276 -32.85 30.48 28.52
C LEU G 276 -33.87 29.37 28.58
N ARG G 277 -33.39 28.15 28.83
CA ARG G 277 -34.25 26.99 28.99
C ARG G 277 -34.28 26.67 30.49
N LEU G 278 -35.27 27.23 31.18
CA LEU G 278 -35.28 27.22 32.65
C LEU G 278 -36.12 26.02 33.18
N VAL G 279 -35.48 25.13 33.91
CA VAL G 279 -36.20 24.14 34.71
C VAL G 279 -35.86 24.32 36.21
N ASN G 280 -36.90 24.26 37.05
CA ASN G 280 -36.71 24.25 38.49
C ASN G 280 -36.52 22.78 38.89
N ALA G 281 -35.30 22.41 39.30
CA ALA G 281 -35.05 21.01 39.71
C ALA G 281 -35.02 20.83 41.23
N SER G 282 -35.58 21.79 41.98
CA SER G 282 -35.65 21.69 43.45
C SER G 282 -36.52 20.57 43.97
N ASN G 283 -36.24 20.11 45.18
CA ASN G 283 -37.15 19.18 45.86
C ASN G 283 -38.58 19.69 45.99
N ALA G 284 -38.75 20.94 46.39
CA ALA G 284 -40.08 21.48 46.71
C ALA G 284 -40.23 22.99 46.51
N ARG G 285 -39.14 23.74 46.59
CA ARG G 285 -39.26 25.19 46.61
C ARG G 285 -39.94 25.69 45.34
N ILE G 286 -40.91 26.58 45.48
CA ILE G 286 -41.41 27.27 44.29
C ILE G 286 -40.62 28.60 44.14
N TYR G 287 -39.91 28.76 43.03
CA TYR G 287 -39.20 30.04 42.82
C TYR G 287 -40.14 31.07 42.27
N ASN G 288 -40.21 32.23 42.92
CA ASN G 288 -40.95 33.38 42.37
C ASN G 288 -39.99 34.45 41.84
N LEU G 289 -39.58 34.24 40.60
CA LEU G 289 -38.48 34.98 40.00
C LEU G 289 -38.87 36.37 39.61
N VAL G 290 -37.97 37.30 39.93
CA VAL G 290 -38.07 38.66 39.42
C VAL G 290 -36.70 39.01 38.83
N LEU G 291 -36.70 39.68 37.67
CA LEU G 291 -35.47 40.31 37.21
C LEU G 291 -35.41 41.77 37.71
N ILE G 292 -34.40 42.09 38.50
CA ILE G 292 -34.21 43.44 39.00
C ILE G 292 -32.89 44.03 38.50
N ASP G 293 -32.74 45.35 38.57
CA ASP G 293 -31.48 45.99 38.19
C ASP G 293 -30.69 46.30 39.48
N GLU G 294 -29.69 47.14 39.35
CA GLU G 294 -28.77 47.51 40.44
C GLU G 294 -29.41 48.25 41.63
N ASP G 295 -30.52 48.94 41.38
CA ASP G 295 -31.27 49.60 42.44
C ASP G 295 -32.41 48.68 42.94
N ASP G 296 -32.40 47.39 42.56
CA ASP G 296 -33.51 46.47 42.88
C ASP G 296 -34.83 46.78 42.15
N ARG G 297 -34.82 47.57 41.10
CA ARG G 297 -36.08 47.90 40.44
C ARG G 297 -36.38 46.79 39.43
N PRO G 298 -37.58 46.17 39.50
CA PRO G 298 -37.85 45.12 38.49
C PRO G 298 -37.72 45.67 37.08
N VAL G 299 -37.17 44.84 36.18
CA VAL G 299 -36.88 45.23 34.82
C VAL G 299 -37.99 44.75 33.87
N PRO G 300 -38.84 45.70 33.43
CA PRO G 300 -39.98 45.39 32.56
C PRO G 300 -39.53 45.41 31.12
N GLY G 301 -40.28 44.76 30.22
CA GLY G 301 -40.09 44.96 28.77
C GLY G 301 -38.96 44.14 28.17
N VAL G 302 -38.52 43.13 28.92
CA VAL G 302 -37.25 42.47 28.60
C VAL G 302 -37.36 40.95 28.48
N VAL G 303 -38.21 40.35 29.30
CA VAL G 303 -38.35 38.91 29.36
C VAL G 303 -39.63 38.49 28.67
N HIS G 304 -39.57 37.40 27.91
CA HIS G 304 -40.75 36.92 27.23
C HIS G 304 -40.69 35.41 27.29
N GLN G 305 -41.77 34.79 27.75
CA GLN G 305 -41.80 33.35 27.73
C GLN G 305 -42.37 32.91 26.40
N ILE G 306 -41.68 31.99 25.74
CA ILE G 306 -42.07 31.49 24.43
C ILE G 306 -42.41 30.01 24.46
N GLY G 307 -42.03 29.33 25.55
CA GLY G 307 -42.24 27.89 25.69
C GLY G 307 -42.59 27.46 27.10
N SER G 308 -43.19 26.28 27.21
CA SER G 308 -43.50 25.68 28.49
C SER G 308 -43.20 24.16 28.47
N ASP G 309 -43.76 23.41 29.42
CA ASP G 309 -43.39 21.97 29.54
C ASP G 309 -43.35 21.22 28.20
N GLY G 310 -44.41 21.32 27.39
CA GLY G 310 -44.51 20.55 26.16
C GLY G 310 -44.17 21.34 24.89
N GLY G 311 -43.68 22.55 25.05
CA GLY G 311 -43.09 23.25 23.92
C GLY G 311 -43.60 24.67 23.67
N LEU G 312 -43.51 25.08 22.41
CA LEU G 312 -43.85 26.46 22.01
C LEU G 312 -45.25 26.86 22.54
N LEU G 313 -45.33 28.00 23.21
CA LEU G 313 -46.64 28.58 23.55
C LEU G 313 -47.32 29.08 22.29
N PRO G 314 -48.67 29.14 22.30
CA PRO G 314 -49.33 29.68 21.13
C PRO G 314 -48.84 31.10 20.84
N ARG G 315 -48.76 31.94 21.87
CA ARG G 315 -48.27 33.34 21.75
C ARG G 315 -47.18 33.60 22.80
N PRO G 316 -46.29 34.57 22.52
CA PRO G 316 -45.28 34.94 23.50
C PRO G 316 -45.96 35.63 24.68
N VAL G 317 -45.42 35.48 25.89
CA VAL G 317 -46.06 36.06 27.06
C VAL G 317 -45.05 37.01 27.71
N PRO G 318 -45.38 38.33 27.77
CA PRO G 318 -44.44 39.26 28.39
C PRO G 318 -44.40 39.10 29.91
N VAL G 319 -43.20 38.97 30.46
CA VAL G 319 -43.05 38.89 31.90
C VAL G 319 -42.44 40.23 32.33
N ASP G 320 -43.31 41.15 32.69
CA ASP G 320 -42.88 42.50 33.04
C ASP G 320 -42.82 42.77 34.53
N PHE G 321 -43.09 41.74 35.35
CA PHE G 321 -43.04 41.87 36.84
C PHE G 321 -43.78 43.09 37.35
N ASP G 322 -45.00 43.30 36.84
CA ASP G 322 -45.99 44.27 37.31
C ASP G 322 -47.15 43.44 37.86
N ASP G 323 -48.39 43.93 37.77
CA ASP G 323 -49.52 43.18 38.37
C ASP G 323 -50.19 42.11 37.48
N THR G 324 -50.16 42.29 36.17
CA THR G 324 -50.50 41.22 35.22
C THR G 324 -49.68 39.94 35.47
N LEU G 325 -48.47 40.11 36.01
CA LEU G 325 -47.58 39.00 36.32
C LEU G 325 -46.41 39.57 37.10
N PRO G 326 -46.57 39.74 38.43
CA PRO G 326 -45.48 40.26 39.31
C PRO G 326 -44.22 39.38 39.41
N VAL G 327 -44.40 38.07 39.33
CA VAL G 327 -43.31 37.12 39.41
C VAL G 327 -43.51 36.00 38.42
N LEU G 328 -42.41 35.53 37.85
CA LEU G 328 -42.43 34.27 37.10
C LEU G 328 -42.37 33.17 38.14
N SER G 329 -43.48 32.46 38.28
CA SER G 329 -43.55 31.50 39.35
C SER G 329 -43.21 30.07 38.88
N ALA G 330 -42.06 29.55 39.29
CA ALA G 330 -41.62 28.25 38.78
C ALA G 330 -41.56 27.19 39.86
N ALA G 331 -42.56 26.31 39.87
CA ALA G 331 -42.66 25.20 40.82
C ALA G 331 -41.72 24.08 40.38
N PRO G 332 -41.42 23.16 41.31
CA PRO G 332 -40.58 22.02 40.95
C PRO G 332 -41.05 21.35 39.66
N ALA G 333 -40.11 21.21 38.74
CA ALA G 333 -40.26 20.36 37.55
C ALA G 333 -40.93 21.06 36.36
N GLU G 334 -41.42 22.30 36.57
CA GLU G 334 -41.97 23.12 35.47
C GLU G 334 -40.85 23.65 34.56
N ARG G 335 -41.15 23.83 33.27
CA ARG G 335 -40.18 24.38 32.36
C ARG G 335 -40.58 25.69 31.73
N PHE G 336 -39.61 26.55 31.53
CA PHE G 336 -39.92 27.88 30.97
C PHE G 336 -38.89 28.23 29.94
N ASP G 337 -39.39 28.48 28.74
CA ASP G 337 -38.54 28.87 27.63
C ASP G 337 -38.65 30.41 27.58
N LEU G 338 -37.58 31.08 27.96
CA LEU G 338 -37.56 32.52 28.06
C LEU G 338 -36.65 33.14 27.03
N LEU G 339 -37.11 34.19 26.38
CA LEU G 339 -36.20 35.03 25.61
C LEU G 339 -35.99 36.23 26.47
N VAL G 340 -34.74 36.71 26.53
CA VAL G 340 -34.44 37.92 27.28
C VAL G 340 -33.69 38.90 26.37
N ASP G 341 -34.23 40.11 26.31
CA ASP G 341 -33.77 41.10 25.38
C ASP G 341 -32.83 42.05 26.09
N PHE G 342 -31.52 41.86 25.93
CA PHE G 342 -30.49 42.71 26.59
C PHE G 342 -30.02 43.85 25.74
N ARG G 343 -30.74 44.14 24.66
CA ARG G 343 -30.30 45.18 23.70
C ARG G 343 -30.05 46.58 24.27
N ALA G 344 -30.84 46.97 25.25
CA ALA G 344 -30.73 48.32 25.74
C ALA G 344 -29.91 48.37 27.00
N LEU G 345 -29.16 47.29 27.29
CA LEU G 345 -28.58 47.13 28.62
C LEU G 345 -27.07 46.96 28.65
N GLY G 346 -26.43 47.33 27.56
CA GLY G 346 -24.97 47.41 27.54
C GLY G 346 -24.44 48.08 28.80
N GLY G 347 -23.41 47.48 29.40
CA GLY G 347 -22.77 48.03 30.59
C GLY G 347 -23.56 47.89 31.89
N ARG G 348 -24.66 47.15 31.90
CA ARG G 348 -25.50 47.03 33.11
C ARG G 348 -25.35 45.65 33.81
N ARG G 349 -25.75 45.59 35.07
CA ARG G 349 -25.76 44.32 35.79
C ARG G 349 -27.17 44.09 36.28
N LEU G 350 -27.74 42.92 35.95
CA LEU G 350 -29.10 42.61 36.40
C LEU G 350 -29.14 41.30 37.12
N ARG G 351 -30.05 41.21 38.09
CA ARG G 351 -30.15 40.03 38.90
C ARG G 351 -31.51 39.40 38.75
N LEU G 352 -31.46 38.09 38.61
CA LEU G 352 -32.64 37.25 38.76
C LEU G 352 -32.71 36.97 40.24
N VAL G 353 -33.85 37.29 40.87
CA VAL G 353 -33.97 36.97 42.32
C VAL G 353 -35.20 36.15 42.63
N ASP G 354 -35.19 35.54 43.81
CA ASP G 354 -36.37 34.89 44.32
C ASP G 354 -37.06 35.87 45.27
N LYS G 355 -38.32 36.17 45.00
CA LYS G 355 -39.07 37.15 45.81
C LYS G 355 -39.83 36.49 46.90
N GLY G 356 -39.60 36.95 48.13
CA GLY G 356 -40.36 36.42 49.25
C GLY G 356 -41.66 37.18 49.41
N PRO G 357 -42.67 36.51 49.99
CA PRO G 357 -44.01 37.11 50.15
C PRO G 357 -43.98 38.42 50.94
N GLY G 358 -43.02 38.56 51.86
CA GLY G 358 -43.07 39.68 52.80
C GLY G 358 -42.09 40.83 52.61
N ALA G 359 -41.43 40.92 51.45
CA ALA G 359 -40.45 41.99 51.17
C ALA G 359 -40.30 42.22 49.67
N PRO G 360 -39.99 43.45 49.23
CA PRO G 360 -39.78 43.64 47.80
C PRO G 360 -38.72 42.67 47.22
N ALA G 361 -38.81 42.45 45.91
CA ALA G 361 -37.78 41.80 45.13
C ALA G 361 -36.40 42.34 45.48
N GLY G 362 -35.52 41.44 45.87
CA GLY G 362 -34.14 41.82 46.17
C GLY G 362 -33.94 42.02 47.64
N THR G 363 -35.01 42.17 48.42
CA THR G 363 -34.85 42.32 49.87
C THR G 363 -35.00 40.99 50.62
N PRO G 364 -34.04 40.68 51.52
CA PRO G 364 -34.11 39.38 52.17
C PRO G 364 -35.42 39.25 52.91
N ASP G 365 -35.97 38.04 52.92
CA ASP G 365 -37.23 37.78 53.61
C ASP G 365 -37.16 36.39 54.23
N PRO G 366 -36.32 36.22 55.29
CA PRO G 366 -36.12 34.91 55.95
C PRO G 366 -37.35 34.44 56.66
N LEU G 367 -38.16 35.39 57.16
CA LEU G 367 -39.42 35.06 57.76
C LEU G 367 -40.30 34.37 56.74
N GLY G 368 -40.16 34.78 55.49
CA GLY G 368 -40.94 34.19 54.40
C GLY G 368 -40.24 33.05 53.69
N GLY G 369 -39.10 32.57 54.22
CA GLY G 369 -38.42 31.40 53.62
C GLY G 369 -37.57 31.83 52.44
N VAL G 370 -37.28 33.12 52.35
CA VAL G 370 -36.34 33.61 51.37
C VAL G 370 -35.23 34.48 52.05
N ARG G 371 -34.30 33.81 52.73
CA ARG G 371 -33.22 34.50 53.42
C ARG G 371 -32.27 35.12 52.42
N TYR G 372 -31.95 34.37 51.36
CA TYR G 372 -31.11 34.92 50.30
C TYR G 372 -31.81 34.95 48.95
N PRO G 373 -32.34 36.12 48.59
CA PRO G 373 -32.99 36.36 47.30
C PRO G 373 -32.20 35.88 46.08
N GLU G 374 -30.86 35.91 46.14
CA GLU G 374 -30.04 35.75 44.92
C GLU G 374 -30.27 34.43 44.20
N VAL G 375 -30.55 34.52 42.89
CA VAL G 375 -30.47 33.38 41.97
C VAL G 375 -29.18 33.43 41.12
N MET G 376 -28.97 34.51 40.39
CA MET G 376 -27.76 34.69 39.55
C MET G 376 -27.71 36.13 38.98
N GLU G 377 -26.57 36.50 38.41
CA GLU G 377 -26.35 37.84 37.92
C GLU G 377 -25.95 37.80 36.47
N PHE G 378 -26.64 38.60 35.65
CA PHE G 378 -26.25 38.86 34.28
C PHE G 378 -25.40 40.12 34.22
N ARG G 379 -24.24 40.02 33.57
CA ARG G 379 -23.41 41.20 33.37
C ARG G 379 -23.34 41.50 31.87
N VAL G 380 -24.02 42.57 31.47
CA VAL G 380 -24.21 42.83 30.08
C VAL G 380 -23.07 43.65 29.50
N ARG G 381 -22.41 43.09 28.49
CA ARG G 381 -21.35 43.78 27.80
C ARG G 381 -21.91 44.63 26.66
N GLU G 382 -21.44 45.86 26.58
CA GLU G 382 -21.80 46.76 25.50
C GLU G 382 -21.02 46.39 24.23
N THR G 383 -21.73 46.00 23.18
CA THR G 383 -21.18 46.01 21.82
C THR G 383 -21.81 47.13 21.00
N CYS G 384 -21.35 47.25 19.77
CA CYS G 384 -22.06 48.12 18.85
C CYS G 384 -22.72 47.26 17.79
N GLU G 385 -23.43 46.23 18.25
CA GLU G 385 -23.94 45.27 17.33
C GLU G 385 -25.46 45.23 17.30
N GLU G 386 -26.00 45.33 16.10
CA GLU G 386 -27.43 45.22 15.81
C GLU G 386 -27.86 43.77 16.00
N ASP G 387 -29.00 43.59 16.65
CA ASP G 387 -29.68 42.32 16.68
C ASP G 387 -31.06 42.64 16.13
N SER G 388 -31.39 42.10 14.97
CA SER G 388 -32.67 42.45 14.37
C SER G 388 -33.74 41.37 14.58
N PHE G 389 -33.41 40.36 15.41
CA PHE G 389 -34.38 39.34 15.79
C PHE G 389 -35.81 39.85 16.03
N ALA G 390 -36.76 39.25 15.36
CA ALA G 390 -38.14 39.65 15.44
C ALA G 390 -38.98 38.61 16.23
N LEU G 391 -39.84 39.06 17.17
CA LEU G 391 -40.73 38.14 17.88
C LEU G 391 -42.18 38.25 17.41
N PRO G 392 -42.69 37.26 16.67
CA PRO G 392 -44.05 37.46 16.19
C PRO G 392 -45.09 37.35 17.30
N GLU G 393 -46.24 37.97 17.08
CA GLU G 393 -47.32 38.03 18.06
C GLU G 393 -47.96 36.68 18.28
N VAL G 394 -47.92 35.87 17.22
CA VAL G 394 -48.40 34.52 17.31
C VAL G 394 -47.17 33.70 17.05
N LEU G 395 -46.92 32.78 17.96
CA LEU G 395 -45.65 32.14 17.99
C LEU G 395 -45.68 30.76 17.32
N SER G 396 -46.66 29.94 17.66
CA SER G 396 -46.73 28.59 17.10
C SER G 396 -47.83 28.44 16.07
N GLY G 397 -47.46 27.96 14.88
CA GLY G 397 -48.43 27.54 13.87
C GLY G 397 -49.13 26.24 14.22
N SER G 398 -48.36 25.29 14.78
CA SER G 398 -48.90 23.97 15.07
C SER G 398 -49.89 23.92 16.23
N PHE G 399 -49.86 24.91 17.13
CA PHE G 399 -50.66 24.81 18.38
C PHE G 399 -52.17 24.80 18.13
N ARG G 400 -52.86 23.77 18.58
CA ARG G 400 -54.33 23.78 18.56
C ARG G 400 -54.86 23.69 19.99
N ARG G 401 -55.76 24.59 20.36
CA ARG G 401 -56.32 24.61 21.71
C ARG G 401 -57.15 23.34 21.91
N MET G 402 -56.99 22.67 23.05
CA MET G 402 -57.80 21.49 23.39
C MET G 402 -59.26 21.82 23.66
N SER G 403 -60.15 21.22 22.88
CA SER G 403 -61.58 21.50 23.06
C SER G 403 -62.30 20.51 24.00
N HIS G 404 -63.00 21.04 25.00
CA HIS G 404 -63.89 20.21 25.81
C HIS G 404 -64.92 19.45 24.99
N ASP G 405 -65.21 19.96 23.78
CA ASP G 405 -66.06 19.27 22.81
C ASP G 405 -65.49 17.95 22.32
N ILE G 406 -64.18 17.80 22.41
CA ILE G 406 -63.57 16.51 22.11
C ILE G 406 -64.09 15.48 23.11
N PRO G 407 -64.66 14.38 22.60
CA PRO G 407 -65.23 13.34 23.49
C PRO G 407 -64.16 12.79 24.45
N HIS G 408 -64.46 12.67 25.75
CA HIS G 408 -63.40 12.35 26.72
C HIS G 408 -63.89 11.58 27.94
N GLY G 409 -62.99 10.89 28.64
CA GLY G 409 -63.29 10.37 29.98
C GLY G 409 -63.10 11.43 31.08
N HIS G 410 -63.47 11.10 32.31
CA HIS G 410 -63.32 12.04 33.44
C HIS G 410 -62.70 11.34 34.63
N ARG G 411 -61.80 12.04 35.35
CA ARG G 411 -61.22 11.55 36.62
C ARG G 411 -61.36 12.65 37.65
N LEU G 412 -61.62 12.28 38.89
CA LEU G 412 -61.59 13.25 39.97
C LEU G 412 -60.52 12.81 40.96
N ILE G 413 -59.56 13.70 41.18
CA ILE G 413 -58.43 13.45 42.08
C ILE G 413 -58.58 14.46 43.21
N VAL G 414 -58.82 14.00 44.42
CA VAL G 414 -58.86 14.91 45.56
C VAL G 414 -57.50 14.95 46.26
N LEU G 415 -57.05 16.15 46.58
CA LEU G 415 -55.82 16.33 47.37
C LEU G 415 -56.20 16.76 48.77
N THR G 416 -55.85 15.97 49.77
CA THR G 416 -56.38 16.18 51.11
C THR G 416 -55.41 16.94 52.02
N PRO G 417 -55.94 17.68 53.02
CA PRO G 417 -55.10 18.29 54.08
C PRO G 417 -54.41 17.24 54.91
N PRO G 418 -53.20 17.54 55.43
CA PRO G 418 -52.36 16.56 56.12
C PRO G 418 -53.02 15.90 57.34
N GLY G 419 -53.90 16.60 58.03
CA GLY G 419 -54.50 16.01 59.21
C GLY G 419 -55.75 15.18 58.96
N THR G 420 -56.00 14.74 57.72
CA THR G 420 -57.21 13.92 57.46
C THR G 420 -57.03 12.55 58.13
N LYS G 421 -58.16 11.99 58.60
CA LYS G 421 -58.19 10.69 59.28
C LYS G 421 -57.66 9.57 58.41
N GLY G 422 -56.76 8.77 58.97
CA GLY G 422 -56.20 7.65 58.25
C GLY G 422 -54.92 7.97 57.48
N SER G 423 -54.53 9.25 57.43
CA SER G 423 -53.42 9.62 56.60
C SER G 423 -52.10 9.70 57.35
N GLY G 424 -52.11 9.42 58.65
CA GLY G 424 -50.89 9.44 59.46
C GLY G 424 -50.19 10.80 59.53
N GLY G 425 -50.95 11.88 59.37
CA GLY G 425 -50.39 13.24 59.35
C GLY G 425 -49.96 13.78 57.97
N HIS G 426 -50.19 12.99 56.91
CA HIS G 426 -49.67 13.30 55.57
C HIS G 426 -50.77 13.72 54.57
N PRO G 427 -50.46 14.69 53.67
CA PRO G 427 -51.35 15.00 52.56
C PRO G 427 -51.43 13.79 51.63
N GLU G 428 -52.59 13.58 51.03
CA GLU G 428 -52.79 12.42 50.14
C GLU G 428 -53.44 12.81 48.83
N ILE G 429 -53.29 11.91 47.86
CA ILE G 429 -54.07 11.84 46.64
C ILE G 429 -55.18 10.84 46.89
N TRP G 430 -56.41 11.27 46.68
CA TRP G 430 -57.53 10.37 46.83
C TRP G 430 -58.16 10.24 45.48
N GLU G 431 -58.07 9.05 44.90
CA GLU G 431 -58.90 8.73 43.74
C GLU G 431 -60.37 8.59 44.16
N MET G 432 -61.25 9.25 43.40
CA MET G 432 -62.70 9.28 43.72
C MET G 432 -63.52 8.66 42.60
N ALA G 433 -64.55 7.92 42.95
CA ALA G 433 -65.57 7.49 41.97
C ALA G 433 -66.92 8.10 42.36
N GLU G 434 -67.73 8.51 41.39
CA GLU G 434 -69.08 9.01 41.68
C GLU G 434 -70.09 7.90 42.01
N VAL G 435 -71.09 8.24 42.83
CA VAL G 435 -72.11 7.26 43.29
C VAL G 435 -73.52 7.65 42.75
N GLU G 436 -74.49 6.73 42.86
CA GLU G 436 -75.96 7.05 42.84
C GLU G 436 -76.77 6.25 43.88
N GLN G 442 -73.16 7.07 51.66
CA GLN G 442 -74.32 7.48 52.44
C GLN G 442 -73.87 8.45 53.52
N VAL G 443 -74.24 9.71 53.33
CA VAL G 443 -73.53 10.82 53.94
C VAL G 443 -74.11 11.15 55.33
N PRO G 444 -73.26 11.57 56.27
CA PRO G 444 -71.81 11.70 56.24
C PRO G 444 -71.07 10.40 56.61
N ALA G 445 -70.14 9.98 55.75
CA ALA G 445 -69.31 8.79 56.00
C ALA G 445 -67.83 9.00 55.63
N GLU G 446 -66.98 8.25 56.31
CA GLU G 446 -65.56 8.27 56.01
C GLU G 446 -65.35 7.91 54.54
N GLY G 447 -64.53 8.71 53.87
CA GLY G 447 -64.25 8.50 52.45
C GLY G 447 -65.26 9.08 51.48
N VAL G 448 -66.27 9.78 51.99
CA VAL G 448 -67.38 10.27 51.14
C VAL G 448 -67.35 11.78 51.03
N ILE G 449 -67.27 12.29 49.79
CA ILE G 449 -67.12 13.71 49.59
C ILE G 449 -68.17 14.16 48.61
N GLN G 450 -68.99 15.12 49.03
CA GLN G 450 -69.93 15.74 48.09
C GLN G 450 -69.47 17.09 47.66
N VAL G 451 -69.91 17.48 46.47
CA VAL G 451 -69.43 18.69 45.83
C VAL G 451 -70.64 19.30 45.13
N THR G 452 -70.86 20.58 45.39
CA THR G 452 -71.95 21.29 44.78
C THR G 452 -71.32 22.13 43.70
N GLY G 453 -71.74 21.93 42.45
CA GLY G 453 -71.14 22.57 41.29
C GLY G 453 -71.48 24.03 41.02
N ALA G 454 -71.14 24.48 39.81
CA ALA G 454 -71.44 25.82 39.33
C ALA G 454 -72.96 25.94 39.22
N ASP G 455 -73.57 24.84 38.78
CA ASP G 455 -75.01 24.77 38.54
C ASP G 455 -75.88 24.55 39.80
N GLY G 456 -75.26 24.54 40.98
CA GLY G 456 -76.01 24.44 42.24
C GLY G 456 -76.34 23.04 42.72
N ARG G 457 -76.24 22.06 41.84
CA ARG G 457 -76.52 20.68 42.24
C ARG G 457 -75.33 19.99 42.89
N THR G 458 -75.62 19.02 43.76
CA THR G 458 -74.61 18.38 44.57
C THR G 458 -74.38 16.94 44.13
N LYS G 459 -73.11 16.57 43.93
CA LYS G 459 -72.78 15.19 43.56
C LYS G 459 -72.02 14.51 44.69
N THR G 460 -72.07 13.17 44.73
CA THR G 460 -71.48 12.38 45.81
C THR G 460 -70.39 11.46 45.26
N TYR G 461 -69.23 11.48 45.93
CA TYR G 461 -68.09 10.68 45.46
C TYR G 461 -67.53 9.89 46.58
N ARG G 462 -67.08 8.69 46.25
CA ARG G 462 -66.46 7.82 47.20
C ARG G 462 -64.98 7.57 46.88
N ARG G 463 -64.15 7.52 47.91
CA ARG G 463 -62.70 7.40 47.76
C ARG G 463 -62.35 5.97 47.40
N THR G 464 -61.59 5.78 46.34
CA THR G 464 -61.29 4.41 45.96
C THR G 464 -59.84 4.05 46.17
N ALA G 465 -58.99 5.05 46.41
CA ALA G 465 -57.57 4.77 46.67
C ALA G 465 -57.01 5.96 47.41
N ARG G 466 -56.02 5.74 48.28
CA ARG G 466 -55.49 6.88 49.11
C ARG G 466 -53.97 7.00 49.11
N THR G 467 -53.29 5.99 48.57
CA THR G 467 -51.82 5.96 48.57
C THR G 467 -51.31 5.15 47.36
N PHE G 468 -50.03 5.30 47.05
CA PHE G 468 -49.48 4.74 45.84
C PHE G 468 -49.72 3.23 45.71
N ASN G 469 -49.62 2.47 46.79
CA ASN G 469 -49.79 1.02 46.65
C ASN G 469 -51.17 0.43 46.83
N ASP G 470 -52.21 1.26 46.87
CA ASP G 470 -53.56 0.70 46.75
C ASP G 470 -53.79 0.13 45.34
N GLY G 471 -54.77 -0.76 45.20
CA GLY G 471 -55.18 -1.27 43.89
C GLY G 471 -55.30 -0.19 42.83
N LEU G 472 -54.98 -0.58 41.60
CA LEU G 472 -55.02 0.31 40.46
C LEU G 472 -56.38 1.00 40.28
N GLY G 473 -56.36 2.27 39.93
CA GLY G 473 -57.61 2.95 39.61
C GLY G 473 -57.75 3.28 38.14
N PHE G 474 -56.76 3.96 37.55
CA PHE G 474 -56.94 4.46 36.18
C PHE G 474 -56.41 3.50 35.13
N THR G 475 -57.31 2.99 34.29
CA THR G 475 -56.90 2.17 33.14
C THR G 475 -57.45 2.84 31.88
N ILE G 476 -56.59 3.12 30.89
CA ILE G 476 -56.87 4.09 29.82
C ILE G 476 -56.53 3.57 28.41
N GLY G 477 -57.48 3.64 27.49
CA GLY G 477 -57.19 3.27 26.10
C GLY G 477 -56.28 4.28 25.42
N GLU G 478 -55.14 3.81 24.90
CA GLU G 478 -54.25 4.66 24.14
C GLU G 478 -55.08 5.33 23.07
N GLY G 479 -54.81 6.60 22.84
CA GLY G 479 -55.53 7.37 21.85
C GLY G 479 -56.75 8.12 22.37
N THR G 480 -57.23 7.84 23.57
CA THR G 480 -58.42 8.54 24.09
C THR G 480 -58.06 9.89 24.73
N HIS G 481 -59.06 10.73 24.93
CA HIS G 481 -58.89 11.97 25.70
C HIS G 481 -59.54 11.84 27.05
N GLU G 482 -58.96 12.49 28.05
CA GLU G 482 -59.51 12.51 29.40
C GLU G 482 -59.35 13.86 30.03
N GLN G 483 -60.38 14.27 30.78
CA GLN G 483 -60.28 15.41 31.66
C GLN G 483 -60.07 14.95 33.09
N TRP G 484 -58.98 15.39 33.69
CA TRP G 484 -58.72 15.15 35.10
C TRP G 484 -58.94 16.43 35.89
N THR G 485 -59.66 16.31 37.00
CA THR G 485 -59.80 17.42 37.93
C THR G 485 -58.98 17.13 39.17
N PHE G 486 -58.10 18.06 39.51
CA PHE G 486 -57.43 18.03 40.81
C PHE G 486 -58.22 18.94 41.71
N LEU G 487 -58.93 18.33 42.66
CA LEU G 487 -59.66 19.09 43.60
C LEU G 487 -58.89 19.17 44.89
N ASN G 488 -58.20 20.30 45.08
CA ASN G 488 -57.41 20.51 46.28
C ASN G 488 -58.24 21.06 47.47
N LEU G 489 -58.36 20.28 48.53
CA LEU G 489 -59.17 20.68 49.68
C LEU G 489 -58.34 21.29 50.82
N SER G 490 -57.04 21.44 50.62
CA SER G 490 -56.15 21.84 51.69
C SER G 490 -55.66 23.22 51.30
N PRO G 491 -54.87 23.89 52.17
CA PRO G 491 -54.34 25.19 51.74
C PRO G 491 -52.93 25.07 51.18
N ILE G 492 -52.45 23.83 51.06
CA ILE G 492 -51.12 23.53 50.56
C ILE G 492 -51.11 23.30 49.05
N LEU G 493 -50.26 24.05 48.34
CA LEU G 493 -50.09 24.00 46.88
C LEU G 493 -49.26 22.76 46.48
N HIS G 494 -49.83 21.91 45.63
CA HIS G 494 -49.12 20.71 45.08
C HIS G 494 -48.84 20.86 43.59
N PRO G 495 -47.58 20.85 43.19
CA PRO G 495 -47.40 20.79 41.74
C PRO G 495 -47.61 19.35 41.30
N MET G 496 -48.76 19.11 40.66
CA MET G 496 -49.12 17.81 40.17
C MET G 496 -48.56 17.52 38.76
N HIS G 497 -48.05 16.31 38.60
CA HIS G 497 -47.41 15.92 37.36
C HIS G 497 -47.91 14.57 36.89
N ILE G 498 -48.17 14.47 35.58
CA ILE G 498 -48.67 13.24 35.00
C ILE G 498 -47.69 12.79 33.92
N HIS G 499 -47.17 11.57 34.07
CA HIS G 499 -46.24 10.98 33.10
C HIS G 499 -46.91 10.80 31.73
N LEU G 500 -46.10 10.60 30.69
CA LEU G 500 -46.56 10.24 29.34
C LEU G 500 -47.20 11.38 28.54
N ALA G 501 -48.27 11.97 29.08
CA ALA G 501 -49.07 12.86 28.26
C ALA G 501 -48.72 14.35 28.34
N ASP G 502 -49.18 15.06 27.32
CA ASP G 502 -49.26 16.53 27.33
C ASP G 502 -50.71 16.89 27.62
N PHE G 503 -50.91 17.98 28.35
CA PHE G 503 -52.22 18.40 28.76
C PHE G 503 -52.35 19.87 28.53
N GLN G 504 -53.59 20.32 28.50
CA GLN G 504 -53.89 21.74 28.50
C GLN G 504 -54.77 22.07 29.70
N VAL G 505 -54.55 23.25 30.26
CA VAL G 505 -55.36 23.74 31.35
C VAL G 505 -56.65 24.31 30.75
N LEU G 506 -57.80 23.74 31.14
CA LEU G 506 -59.10 24.25 30.74
C LEU G 506 -59.65 25.28 31.72
N GLY G 507 -59.34 25.15 33.02
CA GLY G 507 -60.02 25.97 34.04
C GLY G 507 -59.60 25.75 35.48
N ARG G 508 -59.73 26.81 36.29
CA ARG G 508 -59.55 26.78 37.73
C ARG G 508 -60.75 27.44 38.38
N ASP G 509 -61.16 26.88 39.52
CA ASP G 509 -62.26 27.41 40.31
C ASP G 509 -61.88 27.42 41.77
N ALA G 510 -62.35 28.42 42.51
CA ALA G 510 -62.14 28.40 43.94
C ALA G 510 -63.33 27.66 44.59
N TYR G 511 -63.05 26.92 45.65
CA TYR G 511 -64.08 26.16 46.34
C TYR G 511 -64.08 26.59 47.80
N ASP G 512 -65.24 26.50 48.44
CA ASP G 512 -65.31 26.49 49.90
C ASP G 512 -65.23 25.03 50.33
N ALA G 513 -64.18 24.71 51.05
CA ALA G 513 -63.94 23.33 51.43
C ALA G 513 -64.19 23.15 52.90
N SER G 514 -64.89 24.09 53.52
CA SER G 514 -65.04 24.05 54.98
C SER G 514 -65.89 22.86 55.40
N GLY G 515 -66.77 22.40 54.49
CA GLY G 515 -67.61 21.22 54.74
C GLY G 515 -66.87 19.91 54.96
N PHE G 516 -65.60 19.89 54.53
CA PHE G 516 -64.76 18.69 54.70
C PHE G 516 -64.29 18.59 56.14
N ASP G 517 -64.50 17.42 56.75
CA ASP G 517 -64.26 17.21 58.15
C ASP G 517 -63.15 16.18 58.34
N LEU G 518 -61.99 16.66 58.80
CA LEU G 518 -60.77 15.86 58.74
C LEU G 518 -60.84 14.67 59.69
N ALA G 519 -61.57 14.85 60.80
CA ALA G 519 -61.73 13.82 61.82
C ALA G 519 -62.58 12.70 61.26
N LEU G 520 -63.49 13.06 60.36
CA LEU G 520 -64.35 12.09 59.70
C LEU G 520 -63.70 11.47 58.45
N GLY G 521 -63.05 12.32 57.64
CA GLY G 521 -62.43 11.88 56.38
C GLY G 521 -63.47 11.90 55.28
N GLY G 522 -64.45 12.79 55.45
CA GLY G 522 -65.52 12.97 54.51
C GLY G 522 -66.20 14.31 54.75
N THR G 523 -67.11 14.69 53.87
CA THR G 523 -67.86 15.93 54.08
C THR G 523 -69.11 15.77 54.98
N ARG G 524 -69.34 16.80 55.80
CA ARG G 524 -70.60 16.91 56.53
C ARG G 524 -71.55 17.77 55.78
N THR G 525 -71.13 18.97 55.41
CA THR G 525 -71.86 19.71 54.37
C THR G 525 -71.37 19.18 53.00
N PRO G 526 -71.29 20.03 51.98
CA PRO G 526 -70.59 19.62 50.78
C PRO G 526 -69.62 20.72 50.38
N VAL G 527 -68.43 20.36 49.87
CA VAL G 527 -67.54 21.34 49.23
C VAL G 527 -68.31 22.16 48.19
N ARG G 528 -68.26 23.49 48.30
CA ARG G 528 -69.10 24.33 47.44
C ARG G 528 -68.21 25.18 46.51
N LEU G 529 -68.44 25.11 45.21
CA LEU G 529 -67.81 26.07 44.28
C LEU G 529 -68.15 27.51 44.65
N ASP G 530 -67.14 28.37 44.68
CA ASP G 530 -67.30 29.72 45.20
C ASP G 530 -67.18 30.74 44.09
N PRO G 531 -68.28 31.03 43.38
CA PRO G 531 -68.16 31.81 42.14
C PRO G 531 -67.65 33.22 42.41
N ASP G 532 -67.83 33.73 43.62
CA ASP G 532 -67.38 35.08 43.94
C ASP G 532 -65.85 35.24 43.99
N THR G 533 -65.11 34.16 44.21
CA THR G 533 -63.64 34.19 44.08
C THR G 533 -63.21 33.60 42.73
N PRO G 534 -63.08 34.47 41.70
CA PRO G 534 -62.70 33.96 40.38
C PRO G 534 -61.22 33.59 40.45
N VAL G 535 -60.81 32.57 39.69
CA VAL G 535 -59.40 32.22 39.59
C VAL G 535 -58.97 32.18 38.13
N PRO G 536 -58.43 33.31 37.66
CA PRO G 536 -57.99 33.39 36.26
C PRO G 536 -56.82 32.44 35.97
N LEU G 537 -56.72 31.99 34.73
CA LEU G 537 -55.55 31.21 34.39
C LEU G 537 -54.36 32.11 34.25
N ALA G 538 -53.20 31.58 34.63
CA ALA G 538 -51.95 32.27 34.50
C ALA G 538 -51.71 32.49 33.01
N PRO G 539 -51.23 33.68 32.63
CA PRO G 539 -51.07 34.02 31.21
C PRO G 539 -50.16 33.01 30.48
N ASN G 540 -49.31 32.32 31.23
CA ASN G 540 -48.35 31.44 30.63
C ASN G 540 -48.65 29.92 30.79
N GLU G 541 -49.90 29.58 31.11
CA GLU G 541 -50.32 28.17 31.18
C GLU G 541 -51.36 27.79 30.13
N LEU G 542 -51.43 28.57 29.07
CA LEU G 542 -52.37 28.28 28.00
C LEU G 542 -51.78 27.35 26.94
N GLY G 543 -50.55 26.87 27.14
CA GLY G 543 -49.91 26.00 26.19
C GLY G 543 -49.98 24.55 26.61
N HIS G 544 -48.91 23.82 26.29
CA HIS G 544 -48.75 22.43 26.71
C HIS G 544 -48.07 22.29 28.06
N LYS G 545 -48.69 21.54 28.99
CA LYS G 545 -48.16 21.39 30.35
C LYS G 545 -48.23 19.96 30.85
N ASP G 546 -47.31 19.59 31.71
CA ASP G 546 -47.37 18.28 32.33
C ASP G 546 -47.14 18.36 33.83
N VAL G 547 -46.85 19.56 34.31
CA VAL G 547 -46.71 19.85 35.73
C VAL G 547 -47.57 21.10 36.00
N PHE G 548 -48.50 21.01 36.95
CA PHE G 548 -49.46 22.09 37.23
C PHE G 548 -49.47 22.43 38.71
N GLN G 549 -49.24 23.69 39.00
CA GLN G 549 -49.50 24.26 40.32
C GLN G 549 -50.97 24.08 40.68
N VAL G 550 -51.22 23.46 41.83
CA VAL G 550 -52.59 23.27 42.31
C VAL G 550 -52.70 23.88 43.70
N PRO G 551 -52.92 25.19 43.75
CA PRO G 551 -53.02 25.89 45.02
C PRO G 551 -54.21 25.34 45.82
N GLY G 552 -54.32 25.84 47.05
CA GLY G 552 -55.23 25.38 48.09
C GLY G 552 -56.63 25.69 47.70
N PRO G 553 -57.57 25.64 48.65
CA PRO G 553 -58.97 25.30 48.39
C PRO G 553 -59.36 25.66 46.96
N GLN G 554 -59.15 24.75 46.00
CA GLN G 554 -59.33 25.11 44.59
C GLN G 554 -59.35 23.85 43.73
N GLY G 555 -60.14 23.85 42.69
CA GLY G 555 -60.09 22.76 41.71
C GLY G 555 -59.36 23.17 40.44
N LEU G 556 -58.58 22.25 39.85
CA LEU G 556 -58.03 22.50 38.50
C LEU G 556 -58.49 21.45 37.53
N ARG G 557 -58.85 21.88 36.33
CA ARG G 557 -59.29 20.95 35.32
C ARG G 557 -58.27 20.97 34.23
N VAL G 558 -57.68 19.81 33.96
CA VAL G 558 -56.86 19.67 32.77
C VAL G 558 -57.39 18.58 31.84
N MET G 559 -57.03 18.70 30.56
CA MET G 559 -57.39 17.71 29.55
C MET G 559 -56.21 17.27 28.69
N GLY G 560 -56.18 15.99 28.36
CA GLY G 560 -55.09 15.43 27.57
C GLY G 560 -55.48 14.20 26.77
N LYS G 561 -54.63 13.90 25.79
CA LYS G 561 -54.72 12.69 24.99
C LYS G 561 -53.56 11.77 25.40
N PHE G 562 -53.92 10.57 25.83
CA PHE G 562 -52.95 9.52 26.22
C PHE G 562 -52.59 8.65 25.02
N ASP G 563 -51.50 9.06 24.41
CA ASP G 563 -51.27 8.95 23.00
C ASP G 563 -49.83 8.48 22.86
N GLY G 564 -49.56 7.50 22.01
CA GLY G 564 -48.17 7.31 21.52
C GLY G 564 -47.24 6.39 22.32
N ALA G 565 -47.79 5.76 23.36
CA ALA G 565 -47.05 4.74 24.13
C ALA G 565 -48.03 3.95 24.99
N TYR G 566 -47.51 2.88 25.60
CA TYR G 566 -48.28 1.93 26.43
C TYR G 566 -47.48 1.66 27.72
N GLY G 567 -48.18 1.23 28.77
CA GLY G 567 -47.61 0.56 29.91
C GLY G 567 -48.06 1.21 31.22
N ARG G 568 -47.28 1.02 32.28
CA ARG G 568 -47.67 1.44 33.60
C ARG G 568 -46.83 2.65 33.94
N PHE G 569 -47.51 3.75 34.30
CA PHE G 569 -46.93 5.07 34.45
C PHE G 569 -47.30 5.64 35.83
N MET G 570 -46.90 6.88 36.11
CA MET G 570 -47.16 7.50 37.41
C MET G 570 -47.84 8.82 37.21
N TYR G 571 -48.57 9.25 38.24
CA TYR G 571 -48.84 10.65 38.37
C TYR G 571 -48.67 10.90 39.82
N HIS G 572 -48.22 12.10 40.18
CA HIS G 572 -47.88 12.36 41.57
C HIS G 572 -47.68 13.84 41.79
N CYS G 573 -47.59 14.19 43.05
CA CYS G 573 -47.09 15.47 43.43
C CYS G 573 -45.57 15.53 43.20
N HIS G 574 -45.06 16.68 42.76
CA HIS G 574 -43.64 16.80 42.48
C HIS G 574 -42.89 17.52 43.57
N LEU G 575 -43.42 17.52 44.80
CA LEU G 575 -42.60 17.84 45.98
C LEU G 575 -41.98 16.52 46.41
N LEU G 576 -40.66 16.38 46.25
CA LEU G 576 -40.08 15.02 46.41
C LEU G 576 -40.38 14.38 47.75
N GLU G 577 -40.49 15.20 48.81
CA GLU G 577 -40.78 14.64 50.13
C GLU G 577 -42.19 14.05 50.19
N HIS G 578 -43.15 14.63 49.47
CA HIS G 578 -44.51 14.10 49.43
C HIS G 578 -44.60 12.87 48.57
N GLU G 579 -43.92 12.90 47.43
CA GLU G 579 -43.76 11.74 46.57
C GLU G 579 -43.15 10.53 47.33
N ASP G 580 -42.07 10.77 48.07
CA ASP G 580 -41.43 9.70 48.77
C ASP G 580 -42.33 9.16 49.90
N MET G 581 -43.35 9.91 50.27
CA MET G 581 -44.30 9.44 51.29
C MET G 581 -45.67 9.10 50.74
N GLY G 582 -45.70 8.37 49.62
CA GLY G 582 -46.95 7.84 49.08
C GLY G 582 -47.84 8.73 48.23
N MET G 583 -47.50 10.01 48.08
CA MET G 583 -48.34 10.89 47.25
C MET G 583 -48.12 10.68 45.72
N MET G 584 -48.39 9.44 45.27
CA MET G 584 -48.03 9.00 43.95
C MET G 584 -49.04 7.90 43.54
N ARG G 585 -49.39 7.81 42.27
CA ARG G 585 -50.31 6.77 41.83
C ARG G 585 -49.90 6.17 40.51
N PRO G 586 -50.16 4.87 40.33
CA PRO G 586 -49.95 4.25 39.03
C PRO G 586 -51.12 4.57 38.10
N PHE G 587 -50.87 4.56 36.79
CA PHE G 587 -51.93 4.36 35.81
C PHE G 587 -51.41 3.57 34.63
N VAL G 588 -52.33 2.93 33.92
CA VAL G 588 -52.03 2.03 32.82
C VAL G 588 -52.66 2.49 31.51
N VAL G 589 -51.83 2.60 30.46
CA VAL G 589 -52.32 2.90 29.12
C VAL G 589 -52.06 1.66 28.27
N MET G 590 -53.10 1.17 27.59
CA MET G 590 -53.03 -0.06 26.82
C MET G 590 -53.81 0.16 25.52
N PRO G 591 -53.56 -0.67 24.48
CA PRO G 591 -54.37 -0.50 23.26
C PRO G 591 -55.88 -0.68 23.54
N PRO G 592 -56.73 0.11 22.87
CA PRO G 592 -58.16 -0.13 23.02
C PRO G 592 -58.51 -1.60 22.83
N GLU G 593 -57.86 -2.29 21.90
CA GLU G 593 -58.24 -3.66 21.63
C GLU G 593 -57.95 -4.61 22.77
N ALA G 594 -56.90 -4.33 23.56
CA ALA G 594 -56.56 -5.23 24.66
C ALA G 594 -57.46 -4.92 25.88
N LEU G 595 -58.00 -3.70 25.89
CA LEU G 595 -59.00 -3.28 26.86
C LEU G 595 -60.21 -4.18 26.93
N LYS G 596 -60.67 -4.70 25.77
CA LYS G 596 -61.80 -5.62 25.73
C LYS G 596 -61.58 -6.80 26.68
N PHE G 597 -60.32 -7.04 27.07
CA PHE G 597 -60.03 -8.20 27.91
C PHE G 597 -59.64 -7.82 29.36
N ASP G 598 -59.98 -6.59 29.78
CA ASP G 598 -59.66 -5.98 31.10
C ASP G 598 -58.60 -4.86 31.15
N ALA H 7 33.58 34.62 53.31
CA ALA H 7 34.90 34.35 53.97
C ALA H 7 35.68 33.21 53.28
N PRO H 8 37.03 33.31 53.25
CA PRO H 8 37.89 32.33 52.52
C PRO H 8 37.43 30.86 52.61
N GLY H 9 37.15 30.23 51.47
CA GLY H 9 36.85 28.78 51.42
C GLY H 9 35.42 28.39 51.78
N GLU H 10 34.49 29.33 51.61
CA GLU H 10 33.08 29.08 51.82
C GLU H 10 32.32 29.25 50.50
N LEU H 11 31.18 28.57 50.37
CA LEU H 11 30.35 28.64 49.18
C LEU H 11 29.48 29.89 49.22
N THR H 12 29.30 30.55 48.08
CA THR H 12 28.37 31.70 48.00
C THR H 12 26.95 31.17 47.82
N PRO H 13 26.06 31.47 48.77
CA PRO H 13 24.73 30.89 48.65
C PRO H 13 23.93 31.54 47.53
N PHE H 14 22.98 30.81 46.95
CA PHE H 14 22.11 31.28 45.87
C PHE H 14 22.88 31.64 44.60
N ALA H 15 23.86 30.81 44.22
CA ALA H 15 24.67 30.99 43.03
C ALA H 15 24.11 30.20 41.85
N ALA H 16 23.21 29.24 42.11
CA ALA H 16 22.71 28.40 41.03
C ALA H 16 21.21 28.27 41.16
N PRO H 17 20.48 28.26 40.03
CA PRO H 17 19.02 28.10 40.11
C PRO H 17 18.55 26.74 40.67
N LEU H 18 17.37 26.75 41.29
CA LEU H 18 16.74 25.51 41.71
C LEU H 18 16.41 24.63 40.49
N THR H 19 16.61 23.32 40.60
CA THR H 19 16.08 22.40 39.58
C THR H 19 14.96 21.58 40.21
N VAL H 20 14.12 20.95 39.37
CA VAL H 20 13.19 19.93 39.83
C VAL H 20 13.48 18.63 39.09
N PRO H 21 13.32 17.46 39.76
CA PRO H 21 13.54 16.15 39.10
C PRO H 21 12.59 16.02 37.92
N PRO H 22 12.88 15.13 36.94
CA PRO H 22 11.92 15.02 35.85
C PRO H 22 10.70 14.25 36.33
N VAL H 23 9.60 14.36 35.60
CA VAL H 23 8.35 13.76 35.97
C VAL H 23 8.14 12.41 35.29
N LEU H 24 7.81 11.37 36.07
CA LEU H 24 7.52 10.07 35.51
C LEU H 24 6.05 9.75 35.75
N ARG H 25 5.38 9.30 34.70
CA ARG H 25 4.02 8.82 34.83
C ARG H 25 3.97 7.42 34.34
N PRO H 26 3.99 6.46 35.28
CA PRO H 26 4.07 5.06 34.94
C PRO H 26 2.73 4.41 34.82
N ALA H 27 1.64 5.16 34.99
CA ALA H 27 0.34 4.49 34.92
C ALA H 27 0.23 3.98 33.48
N SER H 28 -0.40 2.82 33.27
CA SER H 28 -0.55 2.33 31.90
C SER H 28 -1.72 1.36 31.73
N ASP H 29 -2.04 1.05 30.49
CA ASP H 29 -3.12 0.12 30.22
C ASP H 29 -2.76 -1.34 30.50
N GLU H 30 -1.48 -1.65 30.45
CA GLU H 30 -1.03 -2.99 30.74
C GLU H 30 -0.35 -3.07 32.10
N VAL H 31 -1.02 -3.66 33.09
CA VAL H 31 -0.55 -3.59 34.48
C VAL H 31 0.69 -4.45 34.60
N THR H 32 0.78 -5.45 33.72
CA THR H 32 1.95 -6.31 33.70
C THR H 32 3.22 -5.71 33.08
N ARG H 33 3.13 -4.55 32.42
CA ARG H 33 4.37 -3.90 31.91
C ARG H 33 4.92 -2.96 32.96
N GLU H 34 6.03 -3.36 33.59
CA GLU H 34 6.55 -2.63 34.75
C GLU H 34 7.25 -1.42 34.23
N THR H 35 7.36 -0.37 35.05
CA THR H 35 8.31 0.71 34.79
C THR H 35 9.61 0.38 35.52
N GLU H 36 10.70 0.22 34.77
CA GLU H 36 11.99 -0.01 35.38
C GLU H 36 12.51 1.30 35.90
N ILE H 37 12.88 1.32 37.17
CA ILE H 37 13.63 2.45 37.74
C ILE H 37 15.01 1.96 38.20
N ALA H 38 16.05 2.46 37.51
CA ALA H 38 17.38 1.89 37.60
C ALA H 38 18.26 2.74 38.48
N LEU H 39 18.82 2.13 39.53
CA LEU H 39 19.77 2.83 40.38
C LEU H 39 21.09 2.79 39.65
N ARG H 40 21.67 3.98 39.41
CA ARG H 40 22.99 4.10 38.73
C ARG H 40 23.85 5.16 39.42
N PRO H 41 25.17 5.11 39.21
CA PRO H 41 26.03 6.16 39.73
C PRO H 41 25.83 7.40 38.88
N THR H 42 26.13 8.57 39.43
CA THR H 42 25.84 9.81 38.75
C THR H 42 26.67 10.90 39.41
N TRP H 43 27.08 11.87 38.62
CA TRP H 43 27.86 12.97 39.15
C TRP H 43 26.94 14.16 39.13
N VAL H 44 26.93 14.90 40.21
CA VAL H 44 25.88 15.82 40.50
C VAL H 44 26.66 17.02 40.94
N ARG H 45 26.31 18.17 40.42
CA ARG H 45 27.04 19.37 40.73
C ARG H 45 26.31 20.02 41.90
N LEU H 46 26.76 19.78 43.15
CA LEU H 46 26.06 20.41 44.30
C LEU H 46 26.06 21.94 44.30
N HIS H 47 27.11 22.54 43.73
CA HIS H 47 27.29 23.99 43.81
C HIS H 47 28.35 24.37 42.77
N PRO H 48 28.19 25.54 42.14
CA PRO H 48 29.16 25.96 41.09
C PRO H 48 30.59 25.99 41.62
N GLN H 49 30.77 26.25 42.90
CA GLN H 49 32.11 26.37 43.43
C GLN H 49 32.71 25.05 43.94
N LEU H 50 32.03 23.94 43.69
CA LEU H 50 32.51 22.60 44.03
C LEU H 50 32.83 21.75 42.80
N PRO H 51 33.74 20.78 42.93
CA PRO H 51 33.86 19.79 41.87
C PRO H 51 32.57 18.99 41.88
N PRO H 52 32.30 18.25 40.81
CA PRO H 52 31.13 17.36 40.88
C PRO H 52 31.26 16.34 42.02
N THR H 53 30.11 15.81 42.43
CA THR H 53 29.98 14.88 43.54
C THR H 53 29.42 13.56 43.06
N LEU H 54 30.10 12.47 43.44
CA LEU H 54 29.62 11.12 43.15
C LEU H 54 28.39 10.80 44.00
N MET H 55 27.32 10.36 43.36
CA MET H 55 26.13 9.88 44.05
C MET H 55 25.55 8.68 43.32
N TRP H 56 24.62 8.02 44.00
CA TRP H 56 23.77 6.97 43.45
C TRP H 56 22.38 7.57 43.29
N GLY H 57 21.82 7.52 42.08
CA GLY H 57 20.53 8.14 41.85
C GLY H 57 19.59 7.22 41.15
N TYR H 58 18.31 7.29 41.52
CA TYR H 58 17.24 6.61 40.79
C TYR H 58 17.14 7.13 39.37
N ASP H 59 17.25 6.25 38.35
CA ASP H 59 17.41 6.72 36.93
C ASP H 59 18.54 7.72 36.74
N GLY H 60 19.58 7.60 37.56
CA GLY H 60 20.71 8.48 37.46
C GLY H 60 20.39 9.90 37.83
N GLN H 61 19.32 10.14 38.58
CA GLN H 61 18.94 11.50 38.96
C GLN H 61 18.96 11.65 40.48
N VAL H 62 19.46 12.79 40.97
CA VAL H 62 19.36 13.12 42.39
C VAL H 62 18.74 14.50 42.65
N PRO H 63 17.53 14.53 43.27
CA PRO H 63 16.71 13.40 43.68
C PRO H 63 16.16 12.63 42.47
N GLY H 64 15.58 11.46 42.74
CA GLY H 64 15.02 10.60 41.71
C GLY H 64 13.81 11.25 41.07
N PRO H 65 13.33 10.67 39.96
CA PRO H 65 12.14 11.24 39.30
C PRO H 65 10.94 11.45 40.26
N THR H 66 10.19 12.52 40.03
CA THR H 66 8.91 12.72 40.69
C THR H 66 7.88 11.85 39.98
N ILE H 67 7.43 10.80 40.67
CA ILE H 67 6.41 9.92 40.12
C ILE H 67 5.08 10.60 40.35
N GLU H 68 4.27 10.64 39.31
CA GLU H 68 2.95 11.16 39.46
C GLU H 68 1.92 10.14 38.97
N VAL H 69 0.91 9.91 39.80
CA VAL H 69 -0.17 8.97 39.51
C VAL H 69 -1.49 9.54 39.97
N ARG H 70 -2.57 8.96 39.45
CA ARG H 70 -3.92 9.25 39.93
C ARG H 70 -4.38 8.15 40.91
N ARG H 71 -5.18 8.57 41.89
CA ARG H 71 -5.80 7.63 42.81
C ARG H 71 -6.42 6.44 42.06
N GLY H 72 -6.16 5.22 42.53
CA GLY H 72 -6.72 4.03 41.88
C GLY H 72 -5.98 3.49 40.67
N GLN H 73 -4.99 4.22 40.15
CA GLN H 73 -4.16 3.70 39.05
C GLN H 73 -3.14 2.73 39.63
N ARG H 74 -3.32 1.46 39.32
CA ARG H 74 -2.41 0.43 39.76
C ARG H 74 -1.12 0.37 38.95
N VAL H 75 0.00 0.50 39.65
CA VAL H 75 1.29 0.72 39.03
C VAL H 75 2.27 -0.30 39.57
N ARG H 76 3.12 -0.83 38.71
CA ARG H 76 4.18 -1.72 39.13
C ARG H 76 5.52 -1.14 38.75
N ILE H 77 6.46 -1.17 39.70
CA ILE H 77 7.76 -0.57 39.51
C ILE H 77 8.84 -1.59 39.84
N ALA H 78 9.81 -1.70 38.92
CA ALA H 78 10.99 -2.55 39.15
C ALA H 78 12.15 -1.70 39.64
N TRP H 79 12.32 -1.58 40.94
CA TRP H 79 13.51 -0.89 41.47
C TRP H 79 14.72 -1.79 41.21
N THR H 80 15.53 -1.43 40.22
CA THR H 80 16.50 -2.34 39.62
C THR H 80 17.92 -1.85 39.86
N ASN H 81 18.69 -2.61 40.63
CA ASN H 81 20.04 -2.17 41.03
C ASN H 81 21.00 -2.31 39.83
N ARG H 82 21.42 -1.19 39.27
CA ARG H 82 22.33 -1.24 38.11
C ARG H 82 23.65 -0.53 38.40
N ILE H 83 24.06 -0.58 39.67
CA ILE H 83 25.33 -0.05 40.09
C ILE H 83 26.40 -1.16 40.01
N PRO H 84 27.37 -1.04 39.08
CA PRO H 84 28.27 -2.19 38.89
C PRO H 84 29.07 -2.61 40.15
N LYS H 85 29.33 -3.91 40.27
CA LYS H 85 30.23 -4.36 41.31
C LYS H 85 31.59 -3.65 41.26
N GLY H 86 32.21 -3.43 42.42
CA GLY H 86 33.44 -2.65 42.45
C GLY H 86 33.25 -1.15 42.45
N SER H 87 32.05 -0.64 42.16
CA SER H 87 31.85 0.81 42.31
C SER H 87 32.36 1.38 43.66
N GLU H 88 32.92 2.57 43.59
CA GLU H 88 33.27 3.26 44.81
C GLU H 88 32.00 3.65 45.58
N TYR H 89 32.02 3.46 46.90
CA TYR H 89 30.89 3.90 47.71
C TYR H 89 30.83 5.44 47.86
N PRO H 90 29.68 6.06 47.56
CA PRO H 90 29.67 7.53 47.47
C PRO H 90 29.87 8.27 48.78
N VAL H 91 29.63 7.62 49.90
CA VAL H 91 29.60 8.34 51.17
C VAL H 91 30.80 7.92 52.00
N THR H 92 31.58 8.90 52.44
CA THR H 92 32.66 8.69 53.36
C THR H 92 32.09 8.78 54.79
N SER H 93 32.49 7.84 55.65
CA SER H 93 32.05 7.87 57.04
C SER H 93 33.17 8.10 58.06
N VAL H 94 32.98 9.07 58.96
CA VAL H 94 33.84 9.21 60.10
C VAL H 94 33.06 9.47 61.37
N GLU H 95 33.65 9.05 62.50
CA GLU H 95 33.23 9.53 63.80
C GLU H 95 34.38 10.23 64.48
N VAL H 96 34.04 11.26 65.22
CA VAL H 96 34.95 12.32 65.58
C VAL H 96 34.71 12.74 67.05
N PRO H 97 35.80 12.96 67.81
CA PRO H 97 35.69 13.34 69.22
C PRO H 97 34.98 14.66 69.42
N LEU H 98 34.49 14.87 70.64
CA LEU H 98 33.69 16.05 71.02
C LEU H 98 34.21 17.46 70.75
N GLY H 99 35.46 17.76 71.03
CA GLY H 99 35.81 19.18 70.95
C GLY H 99 35.37 20.00 72.19
N PRO H 100 35.92 21.23 72.34
CA PRO H 100 35.78 21.93 73.62
C PRO H 100 34.31 22.17 74.00
N PRO H 101 34.03 22.33 75.30
CA PRO H 101 32.68 22.75 75.66
C PRO H 101 32.51 24.23 75.31
N GLY H 102 31.29 24.63 74.97
CA GLY H 102 31.03 26.01 74.57
C GLY H 102 31.54 26.48 73.22
N THR H 103 32.11 25.59 72.40
CA THR H 103 32.40 25.93 70.99
C THR H 103 31.53 25.07 70.02
N PRO H 104 31.35 25.51 68.76
CA PRO H 104 30.51 24.71 67.85
C PRO H 104 30.98 23.27 67.69
N ALA H 105 30.06 22.33 67.73
CA ALA H 105 30.39 20.92 67.52
C ALA H 105 31.13 20.65 66.22
N PRO H 106 31.89 19.56 66.16
CA PRO H 106 32.61 19.31 64.91
C PRO H 106 31.70 19.09 63.68
N ASN H 107 30.42 18.78 63.85
CA ASN H 107 29.54 18.51 62.71
C ASN H 107 28.98 19.77 62.08
N THR H 108 29.38 20.92 62.61
CA THR H 108 29.10 22.18 61.98
C THR H 108 30.20 22.53 60.97
N GLU H 109 31.19 21.67 60.84
CA GLU H 109 32.33 21.95 59.95
C GLU H 109 32.52 20.80 58.98
N PRO H 110 32.96 21.13 57.75
CA PRO H 110 33.37 20.18 56.74
C PRO H 110 34.63 19.46 57.18
N GLY H 111 34.93 18.32 56.58
CA GLY H 111 36.21 17.68 56.78
C GLY H 111 36.21 16.65 57.89
N ARG H 112 37.25 15.83 57.91
CA ARG H 112 37.38 14.74 58.84
C ARG H 112 38.15 15.01 60.14
N GLY H 113 38.59 16.25 60.37
CA GLY H 113 39.64 16.48 61.38
C GLY H 113 40.83 15.67 60.92
N GLY H 114 41.43 14.86 61.77
CA GLY H 114 42.46 13.98 61.21
C GLY H 114 41.96 12.58 60.90
N VAL H 115 40.70 12.30 61.26
CA VAL H 115 40.22 10.93 61.47
C VAL H 115 40.07 10.14 60.17
N GLU H 116 40.56 8.90 60.12
CA GLU H 116 40.42 8.07 58.92
C GLU H 116 38.97 7.73 58.61
N PRO H 117 38.62 7.59 57.31
CA PRO H 117 37.32 7.04 56.89
C PRO H 117 37.15 5.63 57.42
N ASN H 118 35.94 5.30 57.87
CA ASN H 118 35.58 3.94 58.25
C ASN H 118 35.64 3.00 57.03
N LYS H 119 36.60 2.06 57.08
CA LYS H 119 36.85 1.12 55.98
C LYS H 119 35.68 0.17 55.76
N ASP H 120 34.91 -0.13 56.80
CA ASP H 120 33.73 -0.96 56.57
C ASP H 120 32.66 -0.32 55.68
N VAL H 121 32.46 1.00 55.80
CA VAL H 121 31.50 1.75 54.97
C VAL H 121 32.02 1.80 53.54
N ALA H 122 33.27 2.23 53.39
CA ALA H 122 33.98 2.22 52.11
C ALA H 122 33.97 0.84 51.39
N ALA H 123 33.91 -0.26 52.14
CA ALA H 123 33.74 -1.60 51.53
C ALA H 123 32.28 -1.99 51.16
N LEU H 124 31.28 -1.19 51.51
CA LEU H 124 29.88 -1.53 51.13
C LEU H 124 29.74 -1.70 49.63
N PRO H 125 29.14 -2.83 49.17
CA PRO H 125 28.70 -2.87 47.80
C PRO H 125 27.35 -2.14 47.68
N ALA H 126 26.89 -1.89 46.47
CA ALA H 126 25.54 -1.37 46.28
C ALA H 126 24.48 -2.45 46.61
N TRP H 127 23.68 -2.15 47.63
CA TRP H 127 22.73 -3.11 48.22
C TRP H 127 21.53 -2.30 48.71
N SER H 128 20.44 -2.38 47.98
CA SER H 128 19.36 -1.42 48.11
C SER H 128 17.97 -2.05 48.01
N VAL H 129 17.08 -1.49 48.83
CA VAL H 129 15.68 -1.80 48.76
C VAL H 129 14.98 -0.48 48.91
N THR H 130 13.93 -0.29 48.11
CA THR H 130 13.24 0.98 48.04
C THR H 130 11.87 0.91 48.70
N HIS H 131 11.58 1.88 49.56
CA HIS H 131 10.37 1.89 50.36
C HIS H 131 9.61 3.11 49.95
N LEU H 132 8.34 2.95 49.55
CA LEU H 132 7.49 4.10 49.21
C LEU H 132 6.80 4.64 50.45
N HIS H 133 7.35 5.71 50.97
CA HIS H 133 7.05 6.08 52.35
C HIS H 133 5.70 6.74 52.37
N GLY H 134 4.77 6.18 53.15
CA GLY H 134 3.36 6.60 53.14
C GLY H 134 2.41 5.73 52.32
N ALA H 135 2.91 4.80 51.50
CA ALA H 135 2.01 4.12 50.57
C ALA H 135 1.14 3.11 51.30
N GLN H 136 -0.08 2.97 50.81
CA GLN H 136 -0.93 1.92 51.28
C GLN H 136 -0.76 0.78 50.27
N THR H 137 0.01 -0.23 50.66
CA THR H 137 0.27 -1.38 49.80
C THR H 137 0.79 -2.53 50.67
N GLY H 138 0.73 -3.75 50.15
CA GLY H 138 1.14 -4.91 50.94
C GLY H 138 2.58 -4.88 51.40
N GLY H 139 2.90 -5.68 52.41
CA GLY H 139 4.29 -5.77 52.91
C GLY H 139 5.23 -6.28 51.82
N GLY H 140 4.68 -7.04 50.87
CA GLY H 140 5.45 -7.57 49.77
C GLY H 140 5.94 -6.46 48.87
N ASN H 141 5.27 -5.32 48.89
CA ASN H 141 5.62 -4.21 48.01
C ASN H 141 6.31 -3.12 48.79
N ASP H 142 6.27 -3.26 50.11
CA ASP H 142 6.61 -2.16 51.02
C ASP H 142 8.13 -1.81 51.05
N GLY H 143 8.99 -2.74 50.63
CA GLY H 143 10.43 -2.54 50.75
C GLY H 143 10.97 -2.98 52.11
N TRP H 144 10.64 -4.20 52.51
CA TRP H 144 11.23 -4.82 53.72
C TRP H 144 12.75 -4.64 53.81
N ALA H 145 13.23 -4.17 54.95
CA ALA H 145 14.64 -3.73 55.01
C ALA H 145 15.70 -4.82 54.67
N ASP H 146 15.40 -6.07 55.01
CA ASP H 146 16.36 -7.14 54.83
C ASP H 146 16.49 -7.48 53.34
N ASN H 147 15.48 -7.11 52.55
CA ASN H 147 15.31 -7.60 51.16
C ASN H 147 15.95 -6.70 50.09
N ALA H 148 17.06 -6.05 50.45
CA ALA H 148 17.85 -5.29 49.50
C ALA H 148 18.48 -6.24 48.47
N VAL H 149 18.74 -5.70 47.29
CA VAL H 149 19.25 -6.53 46.21
C VAL H 149 20.50 -5.94 45.65
N GLY H 150 21.38 -6.80 45.13
CA GLY H 150 22.66 -6.36 44.62
C GLY H 150 22.56 -6.11 43.14
N PHE H 151 23.70 -5.73 42.53
CA PHE H 151 23.78 -5.42 41.11
C PHE H 151 23.11 -6.47 40.23
N GLY H 152 22.28 -6.02 39.31
CA GLY H 152 21.67 -6.94 38.35
C GLY H 152 20.28 -7.39 38.76
N ASP H 153 20.01 -7.40 40.07
CA ASP H 153 18.69 -7.85 40.58
C ASP H 153 17.70 -6.71 40.81
N ALA H 154 16.41 -7.03 40.85
CA ALA H 154 15.37 -6.04 41.12
C ALA H 154 14.51 -6.31 42.38
N GLN H 155 13.85 -5.27 42.86
CA GLN H 155 12.81 -5.37 43.85
C GLN H 155 11.57 -4.94 43.07
N LEU H 156 10.55 -5.79 43.04
CA LEU H 156 9.35 -5.44 42.29
C LEU H 156 8.28 -5.02 43.25
N SER H 157 7.61 -3.91 42.95
CA SER H 157 6.59 -3.36 43.82
C SER H 157 5.32 -3.05 43.06
N GLU H 158 4.17 -3.42 43.67
CA GLU H 158 2.87 -3.00 43.20
C GLU H 158 2.36 -1.96 44.16
N TYR H 159 1.82 -0.87 43.60
CA TYR H 159 1.22 0.20 44.36
C TYR H 159 -0.19 0.42 43.81
N PRO H 160 -1.21 -0.13 44.50
CA PRO H 160 -2.60 0.02 44.04
C PRO H 160 -3.05 1.50 44.05
N ASN H 161 -2.43 2.33 44.90
CA ASN H 161 -2.65 3.78 44.92
C ASN H 161 -4.10 4.16 45.26
N ASP H 162 -4.75 3.31 46.01
CA ASP H 162 -6.08 3.59 46.49
C ASP H 162 -6.01 4.44 47.74
N HIS H 163 -5.75 5.73 47.56
CA HIS H 163 -5.54 6.63 48.68
C HIS H 163 -5.80 7.98 48.11
N GLN H 164 -6.28 8.89 48.93
CA GLN H 164 -6.59 10.27 48.51
C GLN H 164 -5.33 11.00 48.11
N ALA H 165 -5.47 12.13 47.42
CA ALA H 165 -4.31 12.87 46.91
C ALA H 165 -3.35 13.21 48.04
N THR H 166 -2.06 13.02 47.77
CA THR H 166 -1.05 13.40 48.74
C THR H 166 0.36 13.37 48.15
N GLN H 167 1.34 13.77 48.95
CA GLN H 167 2.77 13.57 48.65
C GLN H 167 3.35 12.45 49.50
N TRP H 168 3.74 11.35 48.85
CA TRP H 168 4.57 10.31 49.42
C TRP H 168 5.99 10.58 48.94
N TRP H 169 6.95 9.76 49.37
CA TRP H 169 8.34 9.95 48.92
C TRP H 169 8.99 8.63 49.12
N TYR H 170 9.98 8.32 48.29
CA TYR H 170 10.58 6.99 48.29
C TYR H 170 12.09 7.12 48.50
N HIS H 171 12.68 6.11 49.11
CA HIS H 171 14.09 6.14 49.45
C HIS H 171 14.58 4.75 49.81
N ASP H 172 15.89 4.57 49.83
CA ASP H 172 16.45 3.30 50.29
C ASP H 172 16.06 2.98 51.75
N HIS H 173 15.92 1.69 52.06
CA HIS H 173 15.50 1.23 53.39
C HIS H 173 16.32 -0.01 53.78
N ALA H 174 17.53 -0.13 53.21
CA ALA H 174 18.40 -1.29 53.47
C ALA H 174 18.84 -1.53 54.94
N MET H 175 18.66 -2.76 55.40
CA MET H 175 18.97 -3.11 56.80
C MET H 175 20.37 -2.61 57.19
N ASN H 176 20.41 -1.76 58.24
CA ASN H 176 21.66 -1.30 58.88
C ASN H 176 22.43 -0.16 58.17
N ILE H 177 22.12 0.14 56.91
CA ILE H 177 22.96 1.06 56.10
C ILE H 177 22.13 2.12 55.37
N THR H 178 20.86 2.17 55.73
CA THR H 178 19.97 3.22 55.26
C THR H 178 20.57 4.61 55.43
N ARG H 179 21.22 4.85 56.54
CA ARG H 179 21.77 6.19 56.73
C ARG H 179 22.81 6.60 55.70
N TRP H 180 23.46 5.62 55.07
CA TRP H 180 24.46 5.91 54.05
C TRP H 180 23.83 5.86 52.66
N ASN H 181 23.07 4.81 52.38
CA ASN H 181 22.34 4.71 51.10
C ASN H 181 21.45 5.92 50.80
N VAL H 182 20.71 6.41 51.78
CA VAL H 182 19.88 7.55 51.49
C VAL H 182 20.74 8.81 51.26
N MET H 183 21.83 8.93 52.01
CA MET H 183 22.69 10.10 51.88
C MET H 183 23.48 10.03 50.56
N ALA H 184 23.68 8.82 50.07
CA ALA H 184 24.27 8.61 48.76
C ALA H 184 23.47 9.22 47.58
N GLY H 185 22.16 9.45 47.75
CA GLY H 185 21.33 9.97 46.64
C GLY H 185 19.95 9.35 46.40
N LEU H 186 19.67 8.27 47.14
CA LEU H 186 18.55 7.39 46.82
C LEU H 186 17.29 7.90 47.50
N TYR H 187 16.71 8.95 46.94
CA TYR H 187 15.51 9.54 47.50
C TYR H 187 14.81 10.35 46.45
N GLY H 188 13.47 10.34 46.52
CA GLY H 188 12.65 11.02 45.54
C GLY H 188 11.24 11.11 46.07
N THR H 189 10.38 11.83 45.36
CA THR H 189 9.01 11.97 45.76
C THR H 189 8.04 11.46 44.71
N TYR H 190 6.76 11.34 45.10
CA TYR H 190 5.72 10.52 44.42
C TYR H 190 4.39 11.19 44.79
N LEU H 191 3.71 11.81 43.82
CA LEU H 191 2.49 12.59 44.09
C LEU H 191 1.26 11.86 43.62
N VAL H 192 0.21 11.81 44.44
CA VAL H 192 -1.04 11.18 44.08
C VAL H 192 -2.11 12.27 43.81
N ARG H 193 -2.83 12.15 42.70
CA ARG H 193 -3.87 13.12 42.32
C ARG H 193 -5.26 12.52 42.44
N ASP H 194 -6.23 13.38 42.76
CA ASP H 194 -7.60 12.91 42.81
C ASP H 194 -8.60 14.01 42.48
N ASP H 195 -9.89 13.65 42.40
CA ASP H 195 -10.87 14.60 41.96
C ASP H 195 -11.14 15.66 43.00
N GLU H 196 -10.94 15.33 44.28
CA GLU H 196 -11.17 16.28 45.35
C GLU H 196 -10.13 17.38 45.32
N GLU H 197 -8.87 16.99 45.21
CA GLU H 197 -7.82 17.98 45.07
C GLU H 197 -7.97 18.83 43.81
N ASP H 198 -8.28 18.18 42.67
CA ASP H 198 -8.53 18.95 41.44
C ASP H 198 -9.58 20.05 41.64
N ALA H 199 -10.66 19.77 42.39
CA ALA H 199 -11.74 20.76 42.46
C ALA H 199 -11.35 21.98 43.30
N LEU H 200 -10.17 21.96 43.91
CA LEU H 200 -9.70 23.13 44.63
C LEU H 200 -9.04 24.13 43.69
N GLY H 201 -8.78 23.71 42.47
CA GLY H 201 -8.15 24.58 41.49
C GLY H 201 -6.83 25.18 41.98
N LEU H 202 -5.97 24.35 42.60
CA LEU H 202 -4.69 24.81 43.17
C LEU H 202 -3.63 25.18 42.12
N PRO H 203 -2.67 26.03 42.50
CA PRO H 203 -1.61 26.28 41.52
C PRO H 203 -1.02 24.98 40.98
N SER H 204 -0.72 24.94 39.67
CA SER H 204 -0.21 23.72 39.01
C SER H 204 0.88 24.06 37.99
N GLY H 205 1.39 23.06 37.27
CA GLY H 205 2.40 23.31 36.23
C GLY H 205 3.64 23.97 36.79
N ASP H 206 4.17 24.97 36.10
CA ASP H 206 5.23 25.85 36.61
C ASP H 206 5.04 26.31 38.03
N ARG H 207 3.81 26.37 38.49
CA ARG H 207 3.57 26.98 39.78
C ARG H 207 3.42 25.93 40.91
N GLU H 208 3.60 24.65 40.57
CA GLU H 208 3.74 23.65 41.61
C GLU H 208 5.15 23.13 41.55
N ILE H 209 5.86 23.18 42.68
CA ILE H 209 7.28 22.81 42.76
C ILE H 209 7.51 21.84 43.95
N PRO H 210 8.00 20.59 43.66
CA PRO H 210 8.37 19.72 44.78
C PRO H 210 9.64 20.23 45.37
N LEU H 211 9.78 20.20 46.70
CA LEU H 211 11.06 20.54 47.37
C LEU H 211 11.51 19.40 48.27
N LEU H 212 12.52 18.63 47.85
CA LEU H 212 13.18 17.65 48.69
C LEU H 212 14.42 18.31 49.29
N ILE H 213 14.38 18.56 50.60
CA ILE H 213 15.52 19.18 51.25
C ILE H 213 16.25 18.17 52.12
N ALA H 214 17.55 18.37 52.25
CA ALA H 214 18.38 17.45 53.00
C ALA H 214 19.72 18.14 53.26
N ASP H 215 20.15 18.10 54.51
CA ASP H 215 21.46 18.64 54.86
C ASP H 215 22.55 17.64 54.49
N ARG H 216 23.72 18.17 54.16
CA ARG H 216 24.86 17.38 53.81
C ARG H 216 26.12 17.88 54.48
N ASN H 217 27.07 16.96 54.66
CA ASN H 217 28.45 17.37 54.91
C ASN H 217 29.42 16.94 53.81
N LEU H 218 30.53 17.65 53.74
CA LEU H 218 31.53 17.52 52.66
C LEU H 218 32.93 17.36 53.22
N ASP H 219 33.69 16.48 52.61
CA ASP H 219 35.10 16.33 52.95
C ASP H 219 35.95 17.48 52.43
N THR H 220 37.18 17.60 52.94
CA THR H 220 38.10 18.65 52.52
C THR H 220 39.42 18.02 52.18
N ASP H 221 40.22 18.69 51.35
CA ASP H 221 41.62 18.33 51.21
C ASP H 221 42.44 18.85 52.36
N GLU H 222 43.71 18.45 52.31
CA GLU H 222 44.69 18.75 53.34
C GLU H 222 44.90 20.23 53.58
N ASP H 223 44.72 21.05 52.56
CA ASP H 223 44.73 22.49 52.79
C ASP H 223 43.35 23.00 53.22
N GLY H 224 42.38 22.08 53.39
CA GLY H 224 41.09 22.46 53.90
C GLY H 224 40.06 22.90 52.87
N ARG H 225 40.39 22.88 51.60
CA ARG H 225 39.42 23.19 50.57
C ARG H 225 38.38 22.09 50.48
N LEU H 226 37.16 22.47 50.14
CA LEU H 226 36.04 21.56 49.93
C LEU H 226 36.25 20.74 48.65
N ASN H 227 36.14 19.43 48.73
CA ASN H 227 36.40 18.58 47.57
C ASN H 227 35.15 17.90 47.04
N GLY H 228 34.01 18.22 47.68
CA GLY H 228 32.69 17.81 47.20
C GLY H 228 32.27 16.38 47.48
N ARG H 229 33.17 15.61 48.08
CA ARG H 229 32.84 14.26 48.50
C ARG H 229 31.86 14.25 49.70
N LEU H 230 30.78 13.47 49.57
CA LEU H 230 29.81 13.38 50.63
C LEU H 230 30.48 12.83 51.86
N LEU H 231 30.26 13.49 52.98
CA LEU H 231 30.85 13.10 54.25
C LEU H 231 29.80 12.93 55.34
N HIS H 232 29.64 11.68 55.78
CA HIS H 232 28.76 11.38 56.92
C HIS H 232 29.63 11.51 58.18
N LYS H 233 29.51 12.65 58.85
CA LYS H 233 30.34 12.96 60.00
C LYS H 233 29.48 12.97 61.26
N THR H 234 29.67 12.00 62.16
CA THR H 234 29.01 12.04 63.48
C THR H 234 30.00 12.40 64.58
N VAL H 235 29.46 12.75 65.74
CA VAL H 235 30.27 13.14 66.89
C VAL H 235 30.14 12.12 68.03
N ILE H 236 31.28 11.61 68.49
CA ILE H 236 31.32 10.67 69.59
C ILE H 236 30.97 11.38 70.89
N VAL H 237 29.96 10.88 71.60
CA VAL H 237 29.59 11.44 72.90
C VAL H 237 29.92 10.52 74.07
N GLN H 238 30.34 9.30 73.77
CA GLN H 238 30.88 8.43 74.80
C GLN H 238 31.85 7.46 74.16
N GLN H 239 33.14 7.71 74.41
CA GLN H 239 34.25 6.99 73.77
C GLN H 239 34.18 5.46 73.96
N SER H 240 33.79 5.06 75.16
CA SER H 240 33.74 3.64 75.49
C SER H 240 32.57 3.38 76.43
N ASN H 241 31.56 2.69 75.91
CA ASN H 241 30.32 2.45 76.66
C ASN H 241 30.50 1.36 77.72
N PRO H 242 30.17 1.65 78.99
CA PRO H 242 30.35 0.66 80.07
C PRO H 242 29.97 -0.77 79.69
N GLU H 243 28.91 -0.95 78.88
CA GLU H 243 28.35 -2.29 78.63
C GLU H 243 28.96 -3.03 77.44
N THR H 244 29.42 -2.27 76.46
CA THR H 244 30.10 -2.78 75.25
C THR H 244 31.47 -2.09 75.19
N GLY H 245 32.39 -2.59 74.39
CA GLY H 245 33.67 -1.87 74.26
C GLY H 245 33.49 -0.52 73.55
N LYS H 246 32.33 -0.35 72.95
CA LYS H 246 32.17 0.36 71.69
C LYS H 246 31.83 1.86 71.88
N PRO H 247 32.25 2.70 70.92
CA PRO H 247 31.91 4.12 71.07
C PRO H 247 30.45 4.40 70.71
N VAL H 248 29.94 5.54 71.15
CA VAL H 248 28.54 5.89 70.98
C VAL H 248 28.51 7.29 70.38
N SER H 249 27.87 7.42 69.21
CA SER H 249 27.85 8.68 68.46
C SER H 249 26.42 9.20 68.27
N ILE H 250 26.30 10.49 68.01
CA ILE H 250 25.00 11.12 67.78
C ILE H 250 24.59 10.95 66.34
N PRO H 251 23.32 11.25 66.00
CA PRO H 251 22.88 11.14 64.59
C PRO H 251 23.57 12.13 63.66
N PHE H 252 23.28 12.04 62.37
CA PHE H 252 23.96 12.90 61.43
C PHE H 252 23.35 14.31 61.36
N PHE H 253 24.20 15.33 61.43
CA PHE H 253 23.78 16.70 61.14
C PHE H 253 24.89 17.33 60.32
N GLY H 254 24.54 18.09 59.29
CA GLY H 254 25.55 18.75 58.49
C GLY H 254 25.23 20.20 58.21
N PRO H 255 26.24 20.95 57.81
CA PRO H 255 26.19 22.40 57.64
C PRO H 255 25.52 22.90 56.37
N TYR H 256 25.49 22.04 55.32
CA TYR H 256 24.99 22.47 53.99
C TYR H 256 23.58 21.98 53.73
N THR H 257 22.71 22.89 53.28
CA THR H 257 21.34 22.50 52.94
C THR H 257 21.15 22.33 51.42
N THR H 258 20.79 21.14 50.98
CA THR H 258 20.47 20.91 49.60
C THR H 258 18.98 20.96 49.40
N VAL H 259 18.58 21.56 48.29
CA VAL H 259 17.19 21.68 47.88
C VAL H 259 17.15 21.11 46.47
N ASN H 260 16.49 19.97 46.30
CA ASN H 260 16.47 19.29 45.03
C ASN H 260 17.86 19.05 44.46
N GLY H 261 18.80 18.61 45.32
CA GLY H 261 20.15 18.28 44.90
C GLY H 261 21.11 19.45 44.71
N ARG H 262 20.72 20.67 45.05
CA ARG H 262 21.70 21.76 45.03
C ARG H 262 21.83 22.43 46.38
N ILE H 263 23.06 22.70 46.79
CA ILE H 263 23.26 23.51 47.95
C ILE H 263 22.73 24.92 47.69
N TRP H 264 21.83 25.39 48.56
CA TRP H 264 21.39 26.77 48.61
C TRP H 264 21.04 27.37 47.24
N PRO H 265 20.04 26.82 46.55
CA PRO H 265 19.70 27.41 45.25
C PRO H 265 18.78 28.61 45.36
N TYR H 266 18.65 29.34 44.25
CA TYR H 266 17.60 30.38 44.12
C TYR H 266 16.55 29.94 43.09
N ALA H 267 15.34 30.44 43.25
CA ALA H 267 14.24 30.11 42.36
C ALA H 267 13.61 31.42 41.88
N ASP H 268 13.55 31.59 40.56
CA ASP H 268 12.85 32.73 39.97
C ASP H 268 11.40 32.43 39.96
N VAL H 269 10.63 33.29 40.60
CA VAL H 269 9.19 33.10 40.64
C VAL H 269 8.51 34.41 40.25
N ASP H 270 7.29 34.27 39.73
CA ASP H 270 6.39 35.39 39.50
C ASP H 270 5.66 35.78 40.77
N ASP H 271 5.13 36.99 40.77
CA ASP H 271 4.34 37.47 41.87
C ASP H 271 2.94 36.89 41.87
N GLY H 272 2.85 35.58 42.09
CA GLY H 272 1.56 34.92 42.22
C GLY H 272 1.56 33.84 43.28
N TRP H 273 0.56 32.97 43.22
CA TRP H 273 0.43 31.86 44.14
C TRP H 273 1.25 30.67 43.63
N TYR H 274 2.11 30.12 44.50
CA TYR H 274 2.78 28.87 44.24
C TYR H 274 2.37 27.80 45.26
N ARG H 275 2.44 26.55 44.83
CA ARG H 275 2.21 25.40 45.68
C ARG H 275 3.56 24.71 45.81
N LEU H 276 4.05 24.52 47.05
CA LEU H 276 5.27 23.75 47.26
C LEU H 276 4.92 22.42 47.86
N ARG H 277 5.52 21.35 47.35
CA ARG H 277 5.37 20.05 47.98
C ARG H 277 6.66 19.71 48.73
N LEU H 278 6.74 20.17 49.99
CA LEU H 278 7.96 20.11 50.77
C LEU H 278 8.10 18.81 51.58
N VAL H 279 9.21 18.08 51.38
CA VAL H 279 9.56 16.92 52.21
C VAL H 279 10.98 17.10 52.72
N ASN H 280 11.19 16.76 54.00
CA ASN H 280 12.51 16.80 54.60
C ASN H 280 13.15 15.44 54.45
N ALA H 281 14.07 15.30 53.50
CA ALA H 281 14.72 14.03 53.33
C ALA H 281 16.06 13.89 54.13
N SER H 282 16.30 14.74 55.14
CA SER H 282 17.56 14.64 55.92
C SER H 282 17.57 13.38 56.75
N ASN H 283 18.77 12.87 57.03
CA ASN H 283 18.93 11.79 58.01
C ASN H 283 18.27 12.03 59.38
N ALA H 284 18.43 13.23 59.94
CA ALA H 284 18.09 13.51 61.35
C ALA H 284 17.77 14.95 61.61
N ARG H 285 18.30 15.84 60.80
CA ARG H 285 18.13 17.24 61.10
C ARG H 285 16.65 17.59 60.99
N ILE H 286 16.15 18.29 62.01
CA ILE H 286 14.83 18.95 61.95
C ILE H 286 14.98 20.38 61.48
N TYR H 287 14.29 20.73 60.39
CA TYR H 287 14.38 22.08 59.86
C TYR H 287 13.32 22.90 60.55
N ASN H 288 13.74 24.00 61.16
CA ASN H 288 12.79 25.00 61.66
C ASN H 288 12.73 26.23 60.76
N LEU H 289 11.80 26.20 59.82
CA LEU H 289 11.85 27.05 58.63
C LEU H 289 11.19 28.38 58.87
N VAL H 290 11.84 29.46 58.48
CA VAL H 290 11.20 30.77 58.53
C VAL H 290 11.38 31.38 57.15
N LEU H 291 10.36 32.09 56.65
CA LEU H 291 10.56 32.87 55.43
C LEU H 291 10.88 34.28 55.87
N ILE H 292 12.01 34.81 55.39
CA ILE H 292 12.41 36.16 55.78
C ILE H 292 12.64 37.06 54.59
N ASP H 293 12.47 38.38 54.78
CA ASP H 293 12.76 39.34 53.73
C ASP H 293 14.24 39.80 53.71
N GLU H 294 14.54 40.83 52.92
CA GLU H 294 15.93 41.29 52.72
C GLU H 294 16.54 41.77 54.04
N ASP H 295 15.70 42.11 55.00
CA ASP H 295 16.19 42.63 56.27
C ASP H 295 16.14 41.53 57.32
N ASP H 296 15.97 40.27 56.92
CA ASP H 296 15.84 39.18 57.91
C ASP H 296 14.50 39.25 58.69
N ARG H 297 13.55 40.06 58.25
CA ARG H 297 12.23 40.11 58.89
C ARG H 297 11.35 38.93 58.44
N PRO H 298 10.80 38.15 59.40
CA PRO H 298 9.88 37.08 58.99
C PRO H 298 8.69 37.66 58.28
N VAL H 299 8.18 36.91 57.31
CA VAL H 299 7.18 37.45 56.40
C VAL H 299 5.84 36.78 56.71
N PRO H 300 4.94 37.50 57.40
CA PRO H 300 3.63 36.97 57.73
C PRO H 300 2.67 37.10 56.54
N GLY H 301 1.58 36.33 56.57
CA GLY H 301 0.48 36.53 55.64
C GLY H 301 0.69 36.01 54.23
N VAL H 302 1.64 35.10 54.06
CA VAL H 302 2.05 34.67 52.72
C VAL H 302 2.00 33.15 52.59
N VAL H 303 2.38 32.44 53.66
CA VAL H 303 2.45 30.97 53.65
C VAL H 303 1.20 30.38 54.28
N HIS H 304 0.63 29.36 53.65
CA HIS H 304 -0.51 28.62 54.20
C HIS H 304 -0.25 27.15 54.02
N GLN H 305 -0.28 26.38 55.10
CA GLN H 305 -0.16 24.96 54.91
C GLN H 305 -1.54 24.41 54.56
N ILE H 306 -1.61 23.57 53.53
CA ILE H 306 -2.91 23.03 53.09
C ILE H 306 -3.00 21.49 53.08
N GLY H 307 -1.92 20.81 53.48
CA GLY H 307 -1.83 19.37 53.33
C GLY H 307 -0.67 18.84 54.16
N SER H 308 -0.76 17.58 54.55
CA SER H 308 0.31 16.98 55.35
C SER H 308 0.56 15.61 54.82
N ASP H 309 1.28 14.78 55.58
CA ASP H 309 1.63 13.44 55.14
C ASP H 309 0.56 12.76 54.26
N GLY H 310 -0.68 12.74 54.72
CA GLY H 310 -1.68 11.85 54.14
C GLY H 310 -2.72 12.56 53.31
N GLY H 311 -2.63 13.88 53.18
CA GLY H 311 -3.46 14.59 52.22
C GLY H 311 -3.85 16.00 52.64
N LEU H 312 -4.92 16.52 52.04
CA LEU H 312 -5.38 17.86 52.39
C LEU H 312 -5.78 17.90 53.88
N LEU H 313 -5.37 18.99 54.55
CA LEU H 313 -5.83 19.35 55.88
C LEU H 313 -7.31 19.65 55.86
N PRO H 314 -8.00 19.52 57.02
CA PRO H 314 -9.41 19.94 57.00
C PRO H 314 -9.56 21.45 56.67
N ARG H 315 -8.65 22.25 57.19
CA ARG H 315 -8.66 23.71 56.99
C ARG H 315 -7.23 24.17 56.72
N PRO H 316 -7.06 25.23 55.90
CA PRO H 316 -5.73 25.77 55.73
C PRO H 316 -5.18 26.35 57.02
N VAL H 317 -3.87 26.34 57.16
CA VAL H 317 -3.20 26.81 58.37
C VAL H 317 -2.20 27.85 57.93
N PRO H 318 -2.40 29.10 58.39
CA PRO H 318 -1.52 30.22 58.12
C PRO H 318 -0.23 30.02 58.90
N VAL H 319 0.89 30.32 58.26
CA VAL H 319 2.20 30.21 58.90
C VAL H 319 2.75 31.62 58.83
N ASP H 320 2.58 32.34 59.93
CA ASP H 320 2.94 33.75 59.94
C ASP H 320 4.21 33.96 60.73
N PHE H 321 4.83 32.88 61.18
CA PHE H 321 6.13 32.97 61.84
C PHE H 321 6.04 34.01 62.96
N ASP H 322 4.94 33.99 63.68
CA ASP H 322 4.73 34.83 64.88
C ASP H 322 4.89 33.94 66.09
N ASP H 323 3.95 33.98 67.03
CA ASP H 323 4.12 33.23 68.27
C ASP H 323 3.21 32.00 68.33
N THR H 324 2.06 32.07 67.64
CA THR H 324 1.27 30.87 67.29
C THR H 324 2.07 29.79 66.52
N LEU H 325 3.04 30.25 65.74
CA LEU H 325 3.85 29.36 64.93
C LEU H 325 5.07 30.19 64.49
N PRO H 326 6.12 30.23 65.31
CA PRO H 326 7.31 30.98 64.90
C PRO H 326 8.15 30.28 63.83
N VAL H 327 8.11 28.96 63.80
CA VAL H 327 8.82 28.19 62.79
C VAL H 327 7.88 27.16 62.24
N LEU H 328 8.02 26.87 60.96
CA LEU H 328 7.48 25.65 60.36
C LEU H 328 8.47 24.55 60.66
N SER H 329 8.08 23.66 61.54
CA SER H 329 9.00 22.67 62.06
C SER H 329 8.83 21.40 61.24
N ALA H 330 9.85 21.06 60.46
CA ALA H 330 9.79 19.93 59.55
C ALA H 330 10.77 18.82 59.96
N ALA H 331 10.28 17.79 60.60
CA ALA H 331 11.19 16.70 60.96
C ALA H 331 11.46 15.83 59.74
N PRO H 332 12.54 15.03 59.80
CA PRO H 332 12.76 14.04 58.76
C PRO H 332 11.49 13.28 58.41
N ALA H 333 11.23 13.19 57.09
CA ALA H 333 10.16 12.39 56.49
C ALA H 333 8.79 12.98 56.63
N GLU H 334 8.65 14.13 57.29
CA GLU H 334 7.33 14.81 57.27
C GLU H 334 7.13 15.48 55.91
N ARG H 335 5.86 15.67 55.52
CA ARG H 335 5.52 16.42 54.30
C ARG H 335 4.59 17.58 54.53
N PHE H 336 4.89 18.71 53.92
CA PHE H 336 4.15 19.94 54.12
C PHE H 336 3.74 20.48 52.76
N ASP H 337 2.42 20.55 52.56
CA ASP H 337 1.86 21.01 51.31
C ASP H 337 1.57 22.48 51.54
N LEU H 338 2.38 23.35 50.92
CA LEU H 338 2.31 24.78 51.19
C LEU H 338 1.86 25.60 50.00
N LEU H 339 1.04 26.62 50.27
CA LEU H 339 0.77 27.62 49.26
C LEU H 339 1.50 28.85 49.66
N VAL H 340 2.19 29.47 48.70
CA VAL H 340 2.89 30.70 49.00
C VAL H 340 2.35 31.82 48.10
N ASP H 341 1.86 32.86 48.74
CA ASP H 341 1.21 33.97 48.05
C ASP H 341 2.22 35.10 47.78
N PHE H 342 2.84 35.09 46.60
CA PHE H 342 3.80 36.13 46.25
C PHE H 342 3.17 37.36 45.58
N ARG H 343 1.84 37.44 45.52
CA ARG H 343 1.16 38.54 44.85
C ARG H 343 1.70 39.94 45.19
N ALA H 344 1.91 40.21 46.46
CA ALA H 344 2.31 41.56 46.82
C ALA H 344 3.85 41.79 46.67
N LEU H 345 4.57 40.80 46.16
CA LEU H 345 6.02 40.79 46.37
C LEU H 345 6.95 40.99 45.14
N GLY H 346 6.42 41.56 44.05
CA GLY H 346 7.22 41.84 42.84
C GLY H 346 8.51 42.59 43.11
N GLY H 347 9.60 42.20 42.46
CA GLY H 347 10.90 42.82 42.75
C GLY H 347 11.49 42.54 44.14
N ARG H 348 10.96 41.57 44.86
CA ARG H 348 11.49 41.28 46.20
C ARG H 348 12.29 39.99 46.17
N ARG H 349 13.16 39.85 47.16
CA ARG H 349 13.93 38.65 47.38
C ARG H 349 13.67 38.13 48.80
N LEU H 350 13.22 36.88 48.89
CA LEU H 350 12.89 36.26 50.17
C LEU H 350 13.67 34.97 50.37
N ARG H 351 14.01 34.68 51.62
CA ARG H 351 14.78 33.48 51.88
C ARG H 351 14.06 32.53 52.81
N LEU H 352 14.06 31.26 52.45
CA LEU H 352 13.75 30.23 53.42
C LEU H 352 15.02 30.02 54.22
N VAL H 353 14.92 30.06 55.55
CA VAL H 353 16.09 29.81 56.42
C VAL H 353 15.79 28.81 57.55
N ASP H 354 16.84 28.20 58.10
CA ASP H 354 16.69 27.32 59.24
C ASP H 354 16.96 28.18 60.46
N LYS H 355 15.98 28.36 61.34
CA LYS H 355 16.24 29.13 62.57
C LYS H 355 16.92 28.30 63.66
N GLY H 356 18.08 28.76 64.10
CA GLY H 356 18.75 28.16 65.26
C GLY H 356 18.14 28.59 66.59
N PRO H 357 18.28 27.74 67.63
CA PRO H 357 17.71 28.11 68.94
C PRO H 357 18.34 29.36 69.53
N GLY H 358 19.57 29.69 69.17
CA GLY H 358 20.31 30.75 69.87
C GLY H 358 20.29 32.12 69.23
N ALA H 359 19.53 32.30 68.14
CA ALA H 359 19.68 33.51 67.36
C ALA H 359 18.50 33.74 66.42
N PRO H 360 18.18 35.00 66.15
CA PRO H 360 17.06 35.38 65.27
C PRO H 360 17.12 34.68 63.91
N ALA H 361 15.98 34.42 63.28
CA ALA H 361 15.95 33.84 61.93
C ALA H 361 16.88 34.63 61.02
N GLY H 362 17.77 33.91 60.31
CA GLY H 362 18.70 34.59 59.39
C GLY H 362 20.12 34.77 59.94
N THR H 363 20.26 34.72 61.28
CA THR H 363 21.57 34.92 61.92
C THR H 363 22.23 33.56 62.18
N PRO H 364 23.50 33.42 61.78
CA PRO H 364 24.21 32.17 62.04
C PRO H 364 24.09 31.76 63.52
N ASP H 365 23.93 30.47 63.79
CA ASP H 365 23.91 29.99 65.18
C ASP H 365 24.63 28.66 65.24
N PRO H 366 25.95 28.66 64.96
CA PRO H 366 26.77 27.45 64.92
C PRO H 366 26.74 26.67 66.22
N LEU H 367 26.67 27.37 67.37
CA LEU H 367 26.49 26.74 68.67
C LEU H 367 25.19 26.00 68.78
N GLY H 368 24.14 26.57 68.19
CA GLY H 368 22.85 25.89 68.09
C GLY H 368 22.72 24.85 66.97
N GLY H 369 23.84 24.51 66.31
CA GLY H 369 23.79 23.53 65.21
C GLY H 369 23.31 24.07 63.85
N VAL H 370 23.18 25.40 63.73
CA VAL H 370 22.82 26.01 62.45
C VAL H 370 23.88 27.02 62.05
N ARG H 371 25.03 26.52 61.60
CA ARG H 371 26.08 27.41 61.11
C ARG H 371 25.59 28.27 59.96
N TYR H 372 24.80 27.66 59.06
CA TYR H 372 24.34 28.35 57.87
C TYR H 372 22.83 28.32 57.81
N PRO H 373 22.20 29.43 58.24
CA PRO H 373 20.73 29.56 58.18
C PRO H 373 20.15 29.16 56.81
N GLU H 374 20.84 29.50 55.73
CA GLU H 374 20.17 29.56 54.43
C GLU H 374 19.71 28.18 53.91
N VAL H 375 18.54 28.17 53.29
CA VAL H 375 17.99 26.99 52.62
C VAL H 375 17.85 27.28 51.10
N MET H 376 17.11 28.33 50.75
CA MET H 376 16.99 28.76 49.37
C MET H 376 16.42 30.18 49.33
N GLU H 377 16.52 30.82 48.17
CA GLU H 377 16.04 32.18 47.95
C GLU H 377 14.98 32.23 46.85
N PHE H 378 13.94 33.02 47.06
CA PHE H 378 12.94 33.18 46.04
C PHE H 378 13.16 34.57 45.45
N ARG H 379 13.27 34.63 44.14
CA ARG H 379 13.34 35.94 43.52
C ARG H 379 12.05 36.20 42.78
N VAL H 380 11.29 37.16 43.29
CA VAL H 380 9.98 37.49 42.76
C VAL H 380 10.01 38.57 41.70
N ARG H 381 9.59 38.18 40.51
CA ARG H 381 9.48 39.07 39.37
C ARG H 381 8.10 39.71 39.35
N GLU H 382 8.06 41.04 39.24
CA GLU H 382 6.81 41.79 39.11
C GLU H 382 6.17 41.54 37.76
N THR H 383 4.91 41.12 37.76
CA THR H 383 4.14 41.03 36.53
C THR H 383 2.98 42.01 36.57
N CYS H 384 2.26 42.10 35.47
CA CYS H 384 1.01 42.83 35.49
C CYS H 384 -0.15 41.91 35.82
N GLU H 385 0.05 40.60 35.68
CA GLU H 385 -1.03 39.64 35.77
C GLU H 385 -1.78 39.63 37.11
N GLU H 386 -3.02 39.17 37.02
CA GLU H 386 -4.00 39.21 38.09
C GLU H 386 -4.27 37.77 38.54
N ASP H 387 -3.85 37.43 39.75
CA ASP H 387 -4.10 36.07 40.29
C ASP H 387 -5.27 36.08 41.29
N SER H 388 -6.43 35.63 40.83
CA SER H 388 -7.63 35.65 41.64
C SER H 388 -7.89 34.31 42.36
N PHE H 389 -6.90 33.43 42.43
CA PHE H 389 -7.05 32.18 43.18
C PHE H 389 -7.56 32.48 44.58
N ALA H 390 -8.35 31.56 45.10
CA ALA H 390 -9.21 31.75 46.26
C ALA H 390 -8.99 30.57 47.23
N LEU H 391 -8.67 30.84 48.50
CA LEU H 391 -8.47 29.75 49.48
C LEU H 391 -9.64 29.66 50.44
N PRO H 392 -10.42 28.56 50.45
CA PRO H 392 -11.59 28.61 51.35
C PRO H 392 -11.24 28.24 52.80
N GLU H 393 -12.05 28.69 53.78
CA GLU H 393 -11.75 28.50 55.20
C GLU H 393 -11.80 27.03 55.60
N VAL H 394 -12.65 26.28 54.94
CA VAL H 394 -12.66 24.85 55.07
C VAL H 394 -12.17 24.27 53.77
N LEU H 395 -11.15 23.44 53.87
CA LEU H 395 -10.41 22.98 52.71
C LEU H 395 -10.92 21.65 52.12
N SER H 396 -11.14 20.66 52.97
CA SER H 396 -11.44 19.30 52.50
C SER H 396 -12.84 18.90 52.86
N GLY H 397 -13.65 18.55 51.86
CA GLY H 397 -14.96 17.98 52.10
C GLY H 397 -14.87 16.57 52.64
N SER H 398 -13.89 15.79 52.17
CA SER H 398 -13.84 14.37 52.54
C SER H 398 -13.32 14.15 53.95
N PHE H 399 -12.64 15.14 54.53
CA PHE H 399 -12.00 14.90 55.81
C PHE H 399 -12.97 14.58 56.95
N ARG H 400 -12.67 13.52 57.70
CA ARG H 400 -13.43 13.12 58.90
C ARG H 400 -12.48 12.97 60.09
N ARG H 401 -12.72 13.73 61.17
CA ARG H 401 -11.95 13.53 62.39
C ARG H 401 -12.09 12.09 62.96
N MET H 402 -11.00 11.51 63.44
CA MET H 402 -11.05 10.20 64.09
C MET H 402 -11.68 10.24 65.47
N SER H 403 -12.82 9.59 65.66
CA SER H 403 -13.42 9.57 66.99
C SER H 403 -12.71 8.58 67.93
N HIS H 404 -12.34 9.03 69.11
CA HIS H 404 -12.03 8.09 70.16
C HIS H 404 -13.20 7.16 70.55
N ASP H 405 -14.44 7.51 70.19
CA ASP H 405 -15.59 6.57 70.37
C ASP H 405 -15.62 5.41 69.36
N ILE H 406 -14.85 5.50 68.28
CA ILE H 406 -14.62 4.36 67.41
C ILE H 406 -13.90 3.30 68.23
N PRO H 407 -14.48 2.10 68.33
CA PRO H 407 -13.89 0.96 69.06
C PRO H 407 -12.48 0.66 68.57
N HIS H 408 -11.54 0.45 69.50
CA HIS H 408 -10.14 0.33 69.12
C HIS H 408 -9.30 -0.45 70.12
N GLY H 409 -8.20 -1.05 69.65
CA GLY H 409 -7.21 -1.64 70.53
C GLY H 409 -6.20 -0.57 70.87
N HIS H 410 -5.24 -0.92 71.72
CA HIS H 410 -4.35 0.02 72.37
C HIS H 410 -2.91 -0.51 72.37
N ARG H 411 -1.94 0.28 71.92
CA ARG H 411 -0.55 -0.07 72.11
C ARG H 411 0.15 1.01 72.93
N LEU H 412 1.10 0.59 73.76
CA LEU H 412 1.96 1.55 74.47
C LEU H 412 3.42 1.38 74.07
N ILE H 413 4.01 2.43 73.50
CA ILE H 413 5.40 2.37 73.01
C ILE H 413 6.24 3.35 73.82
N VAL H 414 7.16 2.82 74.64
CA VAL H 414 8.03 3.67 75.44
C VAL H 414 9.28 3.95 74.65
N LEU H 415 9.72 5.21 74.66
CA LEU H 415 11.04 5.52 74.14
C LEU H 415 12.01 5.87 75.27
N THR H 416 13.12 5.16 75.34
CA THR H 416 14.02 5.24 76.48
C THR H 416 15.19 6.19 76.22
N PRO H 417 15.73 6.83 77.28
CA PRO H 417 16.97 7.59 77.16
C PRO H 417 18.12 6.68 76.85
N PRO H 418 19.18 7.25 76.25
CA PRO H 418 20.28 6.41 75.73
C PRO H 418 21.00 5.55 76.82
N GLY H 419 21.23 6.12 77.99
CA GLY H 419 21.98 5.41 79.04
C GLY H 419 21.20 4.37 79.82
N THR H 420 20.05 3.94 79.30
CA THR H 420 19.21 2.95 79.99
C THR H 420 19.92 1.60 80.05
N LYS H 421 19.79 0.91 81.18
CA LYS H 421 20.51 -0.35 81.38
C LYS H 421 20.26 -1.35 80.25
N GLY H 422 21.33 -1.90 79.69
CA GLY H 422 21.20 -2.94 78.68
C GLY H 422 20.97 -2.40 77.26
N SER H 423 20.96 -1.09 77.08
CA SER H 423 20.73 -0.55 75.75
C SER H 423 22.04 -0.35 74.99
N GLY H 424 23.16 -0.57 75.67
CA GLY H 424 24.50 -0.29 75.11
C GLY H 424 24.76 1.18 74.86
N GLY H 425 24.05 2.06 75.58
CA GLY H 425 24.16 3.51 75.36
C GLY H 425 23.31 4.08 74.24
N HIS H 426 22.42 3.25 73.67
CA HIS H 426 21.51 3.71 72.60
C HIS H 426 20.07 3.89 73.05
N PRO H 427 19.42 4.94 72.53
CA PRO H 427 17.97 5.08 72.78
C PRO H 427 17.23 3.88 72.17
N GLU H 428 16.11 3.49 72.77
CA GLU H 428 15.38 2.28 72.30
C GLU H 428 13.87 2.50 72.15
N ILE H 429 13.25 1.62 71.38
CA ILE H 429 11.81 1.39 71.46
C ILE H 429 11.58 0.26 72.45
N TRP H 430 10.75 0.51 73.46
CA TRP H 430 10.25 -0.57 74.31
C TRP H 430 8.78 -0.74 74.07
N GLU H 431 8.40 -1.96 73.66
CA GLU H 431 6.97 -2.33 73.62
C GLU H 431 6.59 -2.80 75.01
N MET H 432 5.45 -2.33 75.48
CA MET H 432 5.01 -2.50 76.84
C MET H 432 3.70 -3.26 76.87
N ALA H 433 3.59 -4.22 77.80
CA ALA H 433 2.32 -4.92 78.08
C ALA H 433 1.80 -4.49 79.47
N GLU H 434 0.51 -4.22 79.58
CA GLU H 434 -0.06 -3.96 80.92
C GLU H 434 0.04 -5.24 81.72
N VAL H 435 0.72 -5.20 82.87
CA VAL H 435 0.71 -6.32 83.81
C VAL H 435 -0.62 -6.37 84.55
N GLU H 436 -1.29 -7.53 84.54
CA GLU H 436 -2.51 -7.68 85.34
C GLU H 436 -2.49 -8.91 86.26
N GLN H 442 8.07 -7.32 91.49
CA GLN H 442 6.87 -6.62 91.05
C GLN H 442 7.09 -5.13 90.95
N VAL H 443 8.14 -4.65 91.58
CA VAL H 443 8.38 -3.22 91.63
C VAL H 443 9.12 -2.87 92.89
N PRO H 444 10.26 -2.19 92.73
CA PRO H 444 10.75 -1.80 91.42
C PRO H 444 11.53 -2.94 90.75
N ALA H 445 11.54 -2.97 89.41
CA ALA H 445 12.19 -4.05 88.67
C ALA H 445 12.58 -3.61 87.25
N GLU H 446 13.62 -4.25 86.72
CA GLU H 446 14.06 -4.02 85.35
C GLU H 446 12.89 -4.30 84.41
N GLY H 447 12.67 -3.41 83.45
CA GLY H 447 11.66 -3.64 82.41
C GLY H 447 10.27 -3.31 82.86
N VAL H 448 10.12 -2.88 84.12
CA VAL H 448 8.81 -2.52 84.65
C VAL H 448 8.64 -1.02 84.82
N ILE H 449 7.61 -0.47 84.21
CA ILE H 449 7.43 0.96 84.25
C ILE H 449 6.04 1.27 84.70
N GLN H 450 5.92 2.14 85.69
CA GLN H 450 4.57 2.54 86.09
C GLN H 450 4.23 3.93 85.56
N VAL H 451 2.96 4.13 85.22
CA VAL H 451 2.50 5.43 84.70
C VAL H 451 1.22 5.88 85.40
N THR H 452 1.21 7.13 85.85
CA THR H 452 0.01 7.77 86.39
C THR H 452 -0.48 8.77 85.38
N GLY H 453 -1.71 8.59 84.92
CA GLY H 453 -2.34 9.49 83.96
C GLY H 453 -3.13 10.68 84.54
N ALA H 454 -3.92 11.32 83.68
CA ALA H 454 -4.68 12.52 84.02
C ALA H 454 -5.72 12.25 85.12
N ASP H 455 -6.30 11.05 85.11
CA ASP H 455 -7.35 10.66 86.05
C ASP H 455 -6.80 10.25 87.43
N GLY H 456 -5.50 10.39 87.65
CA GLY H 456 -4.90 9.94 88.89
C GLY H 456 -4.59 8.45 89.00
N ARG H 457 -4.92 7.67 87.97
CA ARG H 457 -4.65 6.23 88.05
C ARG H 457 -3.22 5.78 87.73
N THR H 458 -2.68 4.88 88.54
CA THR H 458 -1.40 4.27 88.24
C THR H 458 -1.56 2.88 87.62
N LYS H 459 -0.96 2.70 86.44
CA LYS H 459 -0.91 1.37 85.81
C LYS H 459 0.53 0.90 85.70
N THR H 460 0.66 -0.41 85.60
CA THR H 460 1.95 -1.05 85.63
C THR H 460 2.11 -1.80 84.33
N TYR H 461 3.23 -1.54 83.66
CA TYR H 461 3.55 -2.17 82.39
C TYR H 461 4.88 -2.91 82.46
N ARG H 462 5.00 -3.92 81.62
CA ARG H 462 6.22 -4.69 81.53
C ARG H 462 6.76 -4.61 80.10
N ARG H 463 8.05 -4.35 79.95
CA ARG H 463 8.71 -4.42 78.64
C ARG H 463 8.66 -5.83 78.01
N THR H 464 8.23 -5.91 76.75
CA THR H 464 8.17 -7.21 76.03
C THR H 464 9.10 -7.32 74.82
N ALA H 465 9.68 -6.19 74.40
CA ALA H 465 10.65 -6.13 73.31
C ALA H 465 11.39 -4.80 73.41
N ARG H 466 12.67 -4.81 73.04
CA ARG H 466 13.51 -3.64 73.26
C ARG H 466 14.30 -3.24 72.00
N THR H 467 14.27 -4.10 70.97
CA THR H 467 15.04 -3.89 69.76
C THR H 467 14.41 -4.57 68.55
N PHE H 468 14.87 -4.19 67.35
CA PHE H 468 14.28 -4.71 66.11
C PHE H 468 14.06 -6.23 66.06
N ASN H 469 15.09 -7.03 66.34
CA ASN H 469 14.89 -8.46 66.21
C ASN H 469 14.39 -9.26 67.41
N ASP H 470 13.96 -8.61 68.47
CA ASP H 470 13.16 -9.35 69.47
C ASP H 470 11.88 -9.93 68.82
N GLY H 471 11.31 -10.96 69.43
CA GLY H 471 10.01 -11.52 68.97
C GLY H 471 8.97 -10.49 68.60
N LEU H 472 8.10 -10.84 67.66
CA LEU H 472 7.08 -9.92 67.17
C LEU H 472 6.16 -9.53 68.32
N GLY H 473 5.73 -8.28 68.37
CA GLY H 473 4.73 -7.93 69.36
C GLY H 473 3.37 -7.66 68.77
N PHE H 474 3.31 -6.80 67.77
CA PHE H 474 2.02 -6.35 67.27
C PHE H 474 1.57 -7.14 66.04
N THR H 475 0.49 -7.89 66.25
CA THR H 475 -0.27 -8.55 65.19
C THR H 475 -1.63 -7.88 65.20
N ILE H 476 -2.11 -7.45 64.04
CA ILE H 476 -3.25 -6.57 63.91
C ILE H 476 -4.24 -7.11 62.86
N GLY H 477 -5.53 -7.12 63.17
CA GLY H 477 -6.57 -7.46 62.17
C GLY H 477 -6.82 -6.33 61.17
N GLU H 478 -6.70 -6.64 59.89
CA GLU H 478 -6.99 -5.67 58.85
C GLU H 478 -8.38 -5.11 59.06
N GLY H 479 -8.49 -3.78 58.91
CA GLY H 479 -9.75 -3.08 59.06
C GLY H 479 -10.05 -2.58 60.48
N THR H 480 -9.25 -2.96 61.48
CA THR H 480 -9.45 -2.42 62.82
C THR H 480 -8.79 -1.08 63.03
N HIS H 481 -9.09 -0.47 64.18
CA HIS H 481 -8.47 0.75 64.59
C HIS H 481 -7.72 0.46 65.86
N GLU H 482 -6.58 1.13 66.01
CA GLU H 482 -5.82 1.11 67.25
C GLU H 482 -5.38 2.55 67.56
N GLN H 483 -5.38 2.89 68.84
CA GLN H 483 -4.63 4.06 69.28
C GLN H 483 -3.32 3.56 69.84
N TRP H 484 -2.25 4.21 69.39
CA TRP H 484 -0.93 3.95 69.88
C TRP H 484 -0.51 5.16 70.68
N THR H 485 0.13 4.91 71.80
CA THR H 485 0.73 5.96 72.58
C THR H 485 2.24 5.86 72.54
N PHE H 486 2.89 6.96 72.17
CA PHE H 486 4.35 7.04 72.23
C PHE H 486 4.72 7.80 73.50
N LEU H 487 5.39 7.12 74.42
CA LEU H 487 5.72 7.75 75.69
C LEU H 487 7.21 7.87 75.73
N ASN H 488 7.66 9.08 75.45
CA ASN H 488 9.06 9.38 75.38
C ASN H 488 9.55 9.79 76.77
N LEU H 489 10.43 8.98 77.37
CA LEU H 489 10.99 9.28 78.69
C LEU H 489 12.25 10.15 78.68
N SER H 490 12.81 10.45 77.51
CA SER H 490 14.06 11.19 77.45
C SER H 490 13.79 12.60 77.00
N PRO H 491 14.81 13.46 77.04
CA PRO H 491 14.70 14.81 76.45
C PRO H 491 14.95 14.84 74.92
N ILE H 492 15.21 13.67 74.33
CA ILE H 492 15.51 13.56 72.89
C ILE H 492 14.26 13.40 71.99
N LEU H 493 14.15 14.28 71.02
CA LEU H 493 13.00 14.24 70.09
C LEU H 493 13.18 13.17 69.02
N HIS H 494 12.23 12.23 68.97
CA HIS H 494 12.21 11.19 67.96
C HIS H 494 11.02 11.39 67.04
N PRO H 495 11.28 11.52 65.72
CA PRO H 495 10.13 11.60 64.81
C PRO H 495 9.73 10.19 64.47
N MET H 496 8.60 9.72 65.00
CA MET H 496 8.19 8.32 64.90
C MET H 496 7.29 8.08 63.67
N HIS H 497 7.58 6.99 62.97
CA HIS H 497 6.84 6.71 61.75
C HIS H 497 6.29 5.29 61.73
N ILE H 498 5.02 5.19 61.37
CA ILE H 498 4.39 3.90 61.24
C ILE H 498 4.08 3.68 59.75
N HIS H 499 4.52 2.55 59.15
CA HIS H 499 4.21 2.20 57.74
C HIS H 499 2.71 1.89 57.56
N LEU H 500 2.30 1.62 56.33
CA LEU H 500 0.90 1.26 55.99
C LEU H 500 -0.17 2.34 56.20
N ALA H 501 -0.46 2.69 57.46
CA ALA H 501 -1.69 3.43 57.80
C ALA H 501 -1.57 4.96 57.83
N ASP H 502 -2.72 5.62 57.74
CA ASP H 502 -2.91 7.02 58.14
C ASP H 502 -3.40 7.14 59.57
N PHE H 503 -2.84 8.09 60.30
CA PHE H 503 -3.23 8.34 61.67
C PHE H 503 -3.64 9.78 61.84
N GLN H 504 -4.34 10.05 62.94
CA GLN H 504 -4.63 11.42 63.41
C GLN H 504 -4.12 11.56 64.86
N VAL H 505 -3.59 12.73 65.19
CA VAL H 505 -3.11 13.00 66.53
C VAL H 505 -4.35 13.21 67.43
N LEU H 506 -4.43 12.47 68.53
CA LEU H 506 -5.55 12.67 69.45
C LEU H 506 -5.17 13.61 70.58
N GLY H 507 -3.92 13.53 71.04
CA GLY H 507 -3.53 14.31 72.23
C GLY H 507 -2.04 14.26 72.48
N ARG H 508 -1.55 15.26 73.18
CA ARG H 508 -0.19 15.24 73.77
C ARG H 508 -0.20 15.66 75.23
N ASP H 509 0.73 15.13 76.00
CA ASP H 509 0.76 15.39 77.45
C ASP H 509 2.19 15.43 77.94
N ALA H 510 2.50 16.42 78.76
CA ALA H 510 3.79 16.45 79.41
C ALA H 510 3.80 15.47 80.58
N TYR H 511 4.99 14.93 80.88
CA TYR H 511 5.17 13.91 81.95
C TYR H 511 6.40 14.24 82.79
N ASP H 512 6.35 13.93 84.08
CA ASP H 512 7.57 13.90 84.88
C ASP H 512 8.06 12.48 84.86
N ALA H 513 9.24 12.30 84.29
CA ALA H 513 9.77 10.96 84.06
C ALA H 513 10.92 10.67 84.99
N SER H 514 11.13 11.55 85.99
CA SER H 514 12.29 11.41 86.89
C SER H 514 12.25 10.12 87.72
N GLY H 515 11.07 9.55 87.86
CA GLY H 515 10.92 8.25 88.49
C GLY H 515 11.53 7.09 87.73
N PHE H 516 11.78 7.29 86.44
CA PHE H 516 12.36 6.25 85.65
C PHE H 516 13.86 6.22 85.95
N ASP H 517 14.32 5.08 86.42
CA ASP H 517 15.70 4.94 86.84
C ASP H 517 16.51 4.19 85.79
N LEU H 518 17.44 4.92 85.17
CA LEU H 518 18.26 4.41 84.07
C LEU H 518 19.04 3.14 84.42
N ALA H 519 19.62 3.08 85.63
CA ALA H 519 20.49 1.96 85.99
C ALA H 519 19.68 0.69 86.32
N LEU H 520 18.43 0.88 86.71
CA LEU H 520 17.53 -0.24 86.93
C LEU H 520 16.88 -0.70 85.63
N GLY H 521 16.62 0.26 84.73
CA GLY H 521 15.76 0.02 83.58
C GLY H 521 14.33 -0.17 84.03
N GLY H 522 13.90 0.64 85.00
CA GLY H 522 12.51 0.62 85.46
C GLY H 522 12.16 1.86 86.25
N THR H 523 10.86 2.04 86.57
CA THR H 523 10.48 3.13 87.48
C THR H 523 10.66 2.79 88.97
N ARG H 524 11.19 3.73 89.74
CA ARG H 524 11.15 3.66 91.21
C ARG H 524 9.95 4.40 91.76
N THR H 525 9.49 5.39 91.02
CA THR H 525 8.22 6.00 91.31
C THR H 525 7.59 6.20 89.93
N PRO H 526 6.26 6.12 89.81
CA PRO H 526 5.62 6.11 88.48
C PRO H 526 6.00 7.31 87.61
N VAL H 527 6.08 7.15 86.30
CA VAL H 527 6.14 8.29 85.41
C VAL H 527 4.78 8.99 85.55
N ARG H 528 4.78 10.28 85.88
CA ARG H 528 3.51 10.93 86.19
C ARG H 528 3.17 12.07 85.22
N LEU H 529 1.98 12.03 84.65
CA LEU H 529 1.48 13.12 83.83
C LEU H 529 1.40 14.44 84.60
N ASP H 530 1.99 15.51 84.06
CA ASP H 530 1.96 16.80 84.70
C ASP H 530 0.85 17.66 84.11
N PRO H 531 -0.31 17.72 84.78
CA PRO H 531 -1.39 18.50 84.18
C PRO H 531 -1.13 20.01 84.20
N ASP H 532 -0.01 20.44 84.76
CA ASP H 532 0.26 21.87 84.83
C ASP H 532 1.08 22.35 83.65
N THR H 533 1.57 21.42 82.84
CA THR H 533 2.29 21.75 81.61
C THR H 533 1.50 21.26 80.40
N PRO H 534 0.45 22.01 80.01
CA PRO H 534 -0.30 21.58 78.82
C PRO H 534 0.63 21.57 77.60
N VAL H 535 0.40 20.65 76.68
CA VAL H 535 1.11 20.65 75.41
C VAL H 535 0.04 20.65 74.33
N PRO H 536 -0.18 21.81 73.72
CA PRO H 536 -1.20 21.97 72.68
C PRO H 536 -0.72 21.27 71.41
N LEU H 537 -1.66 20.80 70.59
CA LEU H 537 -1.29 20.20 69.32
C LEU H 537 -0.85 21.30 68.39
N ALA H 538 0.19 21.00 67.63
CA ALA H 538 0.56 21.85 66.50
C ALA H 538 -0.66 22.13 65.58
N PRO H 539 -0.81 23.39 65.13
CA PRO H 539 -2.02 23.67 64.34
C PRO H 539 -2.03 22.91 63.01
N ASN H 540 -0.87 22.55 62.49
CA ASN H 540 -0.83 21.77 61.24
C ASN H 540 -0.72 20.24 61.40
N GLU H 541 -0.92 19.71 62.62
CA GLU H 541 -0.97 18.24 62.82
C GLU H 541 -2.38 17.68 63.12
N LEU H 542 -3.40 18.39 62.65
CA LEU H 542 -4.77 17.93 62.89
C LEU H 542 -5.38 17.20 61.72
N GLY H 543 -4.56 16.90 60.70
CA GLY H 543 -5.07 16.15 59.53
C GLY H 543 -4.49 14.76 59.53
N HIS H 544 -4.20 14.23 58.34
CA HIS H 544 -3.60 12.88 58.24
C HIS H 544 -2.08 12.85 58.37
N LYS H 545 -1.57 12.08 59.33
CA LYS H 545 -0.10 12.03 59.57
C LYS H 545 0.40 10.59 59.58
N ASP H 546 1.67 10.39 59.22
CA ASP H 546 2.30 9.09 59.39
C ASP H 546 3.72 9.24 59.96
N VAL H 547 4.13 10.50 60.17
CA VAL H 547 5.37 10.80 60.88
C VAL H 547 5.07 11.87 61.91
N PHE H 548 5.35 11.58 63.17
CA PHE H 548 5.03 12.50 64.27
C PHE H 548 6.22 12.84 65.09
N GLN H 549 6.42 14.13 65.34
CA GLN H 549 7.47 14.52 66.25
C GLN H 549 7.04 14.14 67.65
N VAL H 550 7.82 13.26 68.28
CA VAL H 550 7.67 12.94 69.70
C VAL H 550 8.82 13.50 70.57
N PRO H 551 8.67 14.76 71.01
CA PRO H 551 9.60 15.28 72.01
C PRO H 551 9.40 14.64 73.39
N GLY H 552 10.30 14.93 74.33
CA GLY H 552 10.22 14.32 75.65
C GLY H 552 10.72 15.25 76.73
N PRO H 553 10.37 14.97 78.00
CA PRO H 553 9.62 13.78 78.39
C PRO H 553 8.12 13.98 78.22
N GLN H 554 7.50 13.20 77.34
CA GLN H 554 6.20 13.56 76.80
C GLN H 554 5.42 12.36 76.24
N GLY H 555 4.09 12.46 76.21
CA GLY H 555 3.28 11.38 75.64
C GLY H 555 2.55 11.85 74.40
N LEU H 556 2.49 10.99 73.39
CA LEU H 556 1.69 11.31 72.20
C LEU H 556 0.66 10.23 71.91
N ARG H 557 -0.59 10.64 71.68
CA ARG H 557 -1.61 9.66 71.38
C ARG H 557 -2.02 9.79 69.92
N VAL H 558 -1.87 8.73 69.14
CA VAL H 558 -2.31 8.75 67.75
C VAL H 558 -3.29 7.64 67.51
N MET H 559 -4.20 7.83 66.56
CA MET H 559 -5.16 6.79 66.21
C MET H 559 -5.29 6.54 64.71
N GLY H 560 -5.44 5.27 64.35
CA GLY H 560 -5.34 4.87 62.97
C GLY H 560 -6.11 3.62 62.64
N LYS H 561 -6.46 3.52 61.36
CA LYS H 561 -7.15 2.35 60.80
C LYS H 561 -6.14 1.59 59.95
N PHE H 562 -6.00 0.30 60.25
CA PHE H 562 -5.05 -0.58 59.58
C PHE H 562 -5.76 -1.38 58.49
N ASP H 563 -5.71 -0.81 57.31
CA ASP H 563 -6.76 -0.86 56.37
C ASP H 563 -6.12 -1.11 54.98
N GLY H 564 -6.70 -2.01 54.19
CA GLY H 564 -6.50 -1.98 52.74
C GLY H 564 -5.23 -2.63 52.19
N ALA H 565 -4.56 -3.43 53.02
CA ALA H 565 -3.38 -4.21 52.63
C ALA H 565 -2.97 -5.11 53.76
N TYR H 566 -2.18 -6.15 53.44
CA TYR H 566 -1.71 -7.13 54.42
C TYR H 566 -0.19 -7.27 54.51
N GLY H 567 0.27 -7.97 55.54
CA GLY H 567 1.64 -8.47 55.62
C GLY H 567 2.42 -7.89 56.77
N ARG H 568 3.74 -7.88 56.61
CA ARG H 568 4.65 -7.54 57.68
C ARG H 568 5.31 -6.23 57.33
N PHE H 569 5.24 -5.30 58.28
CA PHE H 569 5.56 -3.91 58.08
C PHE H 569 6.52 -3.44 59.17
N MET H 570 6.86 -2.15 59.16
CA MET H 570 7.78 -1.56 60.16
C MET H 570 7.07 -0.41 60.86
N TYR H 571 7.55 -0.11 62.06
CA TYR H 571 7.44 1.22 62.58
C TYR H 571 8.76 1.55 63.22
N HIS H 572 9.10 2.82 63.29
CA HIS H 572 10.44 3.16 63.71
C HIS H 572 10.65 4.62 63.92
N CYS H 573 11.77 4.93 64.53
CA CYS H 573 12.21 6.28 64.58
C CYS H 573 12.77 6.62 63.19
N HIS H 574 12.46 7.82 62.72
CA HIS H 574 12.97 8.27 61.42
C HIS H 574 14.24 9.07 61.45
N LEU H 575 15.01 8.95 62.51
CA LEU H 575 16.40 9.42 62.55
C LEU H 575 17.25 8.26 62.04
N LEU H 576 17.74 8.37 60.83
CA LEU H 576 18.32 7.22 60.16
C LEU H 576 19.41 6.54 61.01
N GLU H 577 20.19 7.34 61.71
CA GLU H 577 21.16 6.74 62.62
C GLU H 577 20.49 5.86 63.68
N HIS H 578 19.34 6.25 64.23
CA HIS H 578 18.76 5.42 65.31
C HIS H 578 18.10 4.20 64.68
N GLU H 579 17.53 4.40 63.50
CA GLU H 579 16.89 3.34 62.74
C GLU H 579 17.89 2.24 62.40
N ASP H 580 19.10 2.64 62.07
CA ASP H 580 20.12 1.65 61.69
C ASP H 580 20.67 0.91 62.90
N MET H 581 20.44 1.48 64.08
CA MET H 581 20.86 0.86 65.34
C MET H 581 19.69 0.36 66.18
N GLY H 582 18.73 -0.34 65.57
CA GLY H 582 17.76 -1.15 66.30
C GLY H 582 16.48 -0.45 66.74
N MET H 583 16.44 0.88 66.64
CA MET H 583 15.23 1.63 66.95
C MET H 583 14.12 1.45 65.88
N MET H 584 13.72 0.19 65.71
CA MET H 584 12.81 -0.24 64.62
C MET H 584 12.08 -1.50 65.09
N ARG H 585 10.82 -1.65 64.70
CA ARG H 585 10.06 -2.84 65.06
C ARG H 585 9.18 -3.31 63.93
N PRO H 586 8.98 -4.64 63.82
CA PRO H 586 8.02 -5.15 62.86
C PRO H 586 6.61 -5.10 63.44
N PHE H 587 5.61 -5.14 62.58
CA PHE H 587 4.26 -5.45 63.00
C PHE H 587 3.56 -6.16 61.86
N VAL H 588 2.52 -6.92 62.17
CA VAL H 588 1.91 -7.77 61.17
C VAL H 588 0.43 -7.44 61.06
N VAL H 589 -0.02 -7.20 59.83
CA VAL H 589 -1.45 -6.97 59.54
C VAL H 589 -1.97 -8.13 58.68
N MET H 590 -3.00 -8.82 59.17
CA MET H 590 -3.57 -9.98 58.50
C MET H 590 -5.13 -9.90 58.45
N PRO H 591 -5.76 -10.63 57.51
CA PRO H 591 -7.23 -10.68 57.55
C PRO H 591 -7.76 -11.18 58.92
N PRO H 592 -8.82 -10.53 59.45
CA PRO H 592 -9.39 -10.98 60.72
C PRO H 592 -9.67 -12.48 60.70
N GLU H 593 -10.08 -13.01 59.55
CA GLU H 593 -10.36 -14.43 59.46
C GLU H 593 -9.13 -15.30 59.71
N ALA H 594 -7.94 -14.82 59.32
CA ALA H 594 -6.72 -15.63 59.48
C ALA H 594 -6.14 -15.53 60.89
N LEU H 595 -6.52 -14.45 61.59
CA LEU H 595 -6.12 -14.22 62.99
C LEU H 595 -6.71 -15.34 63.85
N LYS H 596 -7.87 -15.86 63.43
CA LYS H 596 -8.45 -16.96 64.15
C LYS H 596 -7.48 -18.15 64.25
N PHE H 597 -6.47 -18.19 63.39
CA PHE H 597 -5.51 -19.28 63.42
C PHE H 597 -4.12 -18.91 63.96
N ASP H 598 -4.04 -17.75 64.62
CA ASP H 598 -2.96 -17.46 65.58
C ASP H 598 -1.74 -16.81 64.90
N ALA I 7 59.73 40.39 4.40
CA ALA I 7 60.96 40.06 3.60
C ALA I 7 60.59 39.26 2.32
N PRO I 8 61.50 39.22 1.30
CA PRO I 8 61.27 38.36 0.12
C PRO I 8 61.19 36.84 0.42
N GLY I 9 60.08 36.21 0.02
CA GLY I 9 59.94 34.75 0.13
C GLY I 9 59.63 34.22 1.52
N GLU I 10 59.03 35.07 2.37
CA GLU I 10 58.56 34.63 3.69
C GLU I 10 57.04 34.60 3.73
N LEU I 11 56.47 33.66 4.48
CA LEU I 11 55.00 33.56 4.55
C LEU I 11 54.43 34.66 5.47
N THR I 12 53.23 35.15 5.19
CA THR I 12 52.61 36.15 6.06
C THR I 12 51.87 35.40 7.15
N PRO I 13 52.22 35.66 8.42
CA PRO I 13 51.51 34.84 9.41
C PRO I 13 50.03 35.28 9.55
N PHE I 14 49.14 34.35 9.85
CA PHE I 14 47.77 34.71 10.23
C PHE I 14 46.98 35.17 9.01
N ALA I 15 47.19 34.50 7.88
CA ALA I 15 46.55 34.86 6.63
C ALA I 15 45.30 34.01 6.37
N ALA I 16 45.20 32.86 7.02
CA ALA I 16 44.10 31.95 6.78
C ALA I 16 43.47 31.56 8.12
N PRO I 17 42.14 31.36 8.14
CA PRO I 17 41.45 30.93 9.36
C PRO I 17 41.86 29.52 9.80
N LEU I 18 41.81 29.28 11.11
CA LEU I 18 42.01 27.95 11.70
C LEU I 18 40.90 27.00 11.28
N THR I 19 41.24 25.72 11.03
CA THR I 19 40.21 24.70 10.76
C THR I 19 40.18 23.71 11.92
N VAL I 20 39.15 22.87 11.99
CA VAL I 20 39.21 21.76 12.91
C VAL I 20 38.82 20.53 12.13
N PRO I 21 39.43 19.38 12.43
CA PRO I 21 39.03 18.16 11.72
C PRO I 21 37.51 17.90 11.84
N PRO I 22 36.92 17.22 10.84
CA PRO I 22 35.56 16.75 10.98
C PRO I 22 35.46 15.83 12.19
N VAL I 23 34.27 15.75 12.76
CA VAL I 23 34.05 14.94 13.95
C VAL I 23 33.50 13.57 13.56
N LEU I 24 34.01 12.54 14.20
CA LEU I 24 33.55 11.22 13.91
C LEU I 24 33.10 10.52 15.21
N ARG I 25 31.86 10.03 15.22
CA ARG I 25 31.34 9.30 16.36
C ARG I 25 31.06 7.89 15.94
N PRO I 26 31.97 6.99 16.25
CA PRO I 26 31.83 5.64 15.76
C PRO I 26 30.96 4.71 16.62
N ALA I 27 30.54 5.13 17.81
CA ALA I 27 29.83 4.17 18.69
C ALA I 27 28.59 3.62 17.97
N SER I 28 28.22 2.37 18.21
CA SER I 28 26.96 1.87 17.67
C SER I 28 26.44 0.71 18.46
N ASP I 29 25.24 0.24 18.11
CA ASP I 29 24.64 -0.90 18.81
C ASP I 29 25.12 -2.21 18.26
N GLU I 30 25.84 -2.14 17.15
CA GLU I 30 26.33 -3.32 16.51
C GLU I 30 27.87 -3.26 16.54
N VAL I 31 28.46 -3.74 17.63
CA VAL I 31 29.90 -3.61 17.81
C VAL I 31 30.73 -4.31 16.68
N THR I 32 30.16 -5.33 16.06
CA THR I 32 30.80 -6.05 14.96
C THR I 32 30.83 -5.26 13.66
N ARG I 33 30.14 -4.12 13.60
CA ARG I 33 30.15 -3.29 12.42
C ARG I 33 31.25 -2.22 12.59
N GLU I 34 32.42 -2.45 11.96
CA GLU I 34 33.61 -1.60 12.21
C GLU I 34 33.39 -0.25 11.57
N THR I 35 34.10 0.76 12.06
CA THR I 35 34.18 2.00 11.34
C THR I 35 35.47 1.93 10.54
N GLU I 36 35.38 2.14 9.22
CA GLU I 36 36.58 2.17 8.42
C GLU I 36 37.20 3.55 8.43
N ILE I 37 38.49 3.64 8.75
CA ILE I 37 39.27 4.86 8.55
C ILE I 37 40.36 4.58 7.54
N ALA I 38 40.17 5.13 6.33
CA ALA I 38 40.97 4.84 5.14
C ALA I 38 42.07 5.87 4.98
N LEU I 39 43.31 5.41 5.00
CA LEU I 39 44.42 6.30 4.71
C LEU I 39 44.40 6.52 3.18
N ARG I 40 44.38 7.80 2.76
CA ARG I 40 44.28 8.20 1.36
C ARG I 40 45.31 9.33 1.12
N PRO I 41 45.92 9.38 -0.08
CA PRO I 41 46.72 10.55 -0.35
C PRO I 41 45.79 11.74 -0.37
N THR I 42 46.30 12.89 0.02
CA THR I 42 45.46 14.06 -0.03
C THR I 42 46.30 15.33 -0.25
N TRP I 43 45.65 16.38 -0.74
CA TRP I 43 46.34 17.64 -1.04
C TRP I 43 45.90 18.72 -0.08
N VAL I 44 46.83 19.19 0.74
CA VAL I 44 46.52 20.06 1.85
C VAL I 44 47.11 21.45 1.53
N ARG I 45 46.35 22.49 1.79
CA ARG I 45 46.86 23.82 1.60
C ARG I 45 47.42 24.35 2.96
N LEU I 46 48.74 24.26 3.13
CA LEU I 46 49.36 24.76 4.37
C LEU I 46 49.17 26.25 4.58
N HIS I 47 49.08 27.00 3.48
CA HIS I 47 49.16 28.44 3.56
C HIS I 47 48.78 29.05 2.20
N PRO I 48 47.99 30.14 2.22
CA PRO I 48 47.54 30.78 0.96
C PRO I 48 48.73 31.15 0.04
N GLN I 49 49.90 31.37 0.58
CA GLN I 49 51.02 31.72 -0.30
C GLN I 49 51.83 30.52 -0.75
N LEU I 50 51.39 29.31 -0.36
CA LEU I 50 52.03 28.07 -0.80
C LEU I 50 51.18 27.35 -1.84
N PRO I 51 51.80 26.52 -2.72
CA PRO I 51 51.00 25.60 -3.57
C PRO I 51 50.47 24.45 -2.67
N PRO I 52 49.48 23.69 -3.13
CA PRO I 52 48.99 22.64 -2.28
C PRO I 52 50.14 21.65 -1.97
N THR I 53 50.10 21.03 -0.77
CA THR I 53 51.09 20.06 -0.31
C THR I 53 50.51 18.65 -0.29
N LEU I 54 51.29 17.71 -0.79
CA LEU I 54 50.90 16.31 -0.79
C LEU I 54 51.06 15.72 0.61
N MET I 55 49.98 15.11 1.13
CA MET I 55 50.07 14.42 2.41
C MET I 55 49.37 13.09 2.32
N TRP I 56 49.54 12.32 3.38
CA TRP I 56 48.76 11.12 3.55
C TRP I 56 47.85 11.40 4.74
N GLY I 57 46.54 11.21 4.57
CA GLY I 57 45.60 11.46 5.67
C GLY I 57 44.57 10.38 5.95
N TYR I 58 44.25 10.24 7.24
CA TYR I 58 43.15 9.35 7.68
C TYR I 58 41.86 9.90 7.12
N ASP I 59 41.17 9.12 6.29
CA ASP I 59 40.02 9.65 5.52
C ASP I 59 40.41 10.85 4.66
N GLY I 60 41.67 10.93 4.28
CA GLY I 60 42.13 12.01 3.40
C GLY I 60 42.05 13.37 4.06
N GLN I 61 42.01 13.41 5.39
CA GLN I 61 42.04 14.64 6.18
C GLN I 61 43.36 14.77 6.94
N VAL I 62 43.90 15.98 7.02
CA VAL I 62 45.01 16.28 7.91
C VAL I 62 44.76 17.55 8.73
N PRO I 63 44.67 17.41 10.06
CA PRO I 63 44.77 16.17 10.84
C PRO I 63 43.59 15.24 10.58
N GLY I 64 43.72 13.98 10.95
CA GLY I 64 42.62 13.01 10.73
C GLY I 64 41.39 13.40 11.54
N PRO I 65 40.26 12.70 11.34
CA PRO I 65 39.02 13.09 12.02
C PRO I 65 39.16 13.07 13.54
N THR I 66 38.54 14.04 14.21
CA THR I 66 38.47 14.00 15.67
C THR I 66 37.43 12.94 16.05
N ILE I 67 37.90 11.83 16.61
CA ILE I 67 36.98 10.78 16.98
C ILE I 67 36.47 11.15 18.35
N GLU I 68 35.15 11.02 18.57
CA GLU I 68 34.55 11.30 19.88
C GLU I 68 33.69 10.15 20.38
N VAL I 69 33.96 9.70 21.60
CA VAL I 69 33.26 8.57 22.19
C VAL I 69 32.97 8.84 23.66
N ARG I 70 32.06 8.05 24.26
CA ARG I 70 31.85 8.12 25.71
C ARG I 70 32.52 6.95 26.40
N ARG I 71 33.07 7.20 27.59
CA ARG I 71 33.48 6.12 28.50
C ARG I 71 32.64 4.86 28.36
N GLY I 72 33.31 3.74 28.07
CA GLY I 72 32.64 2.42 28.04
C GLY I 72 31.86 2.10 26.77
N GLN I 73 31.75 3.03 25.83
CA GLN I 73 31.31 2.66 24.49
C GLN I 73 32.43 1.94 23.75
N ARG I 74 32.31 0.62 23.65
CA ARG I 74 33.25 -0.21 22.95
C ARG I 74 33.20 0.07 21.43
N VAL I 75 34.32 0.47 20.83
CA VAL I 75 34.32 0.66 19.38
C VAL I 75 35.41 -0.12 18.66
N ARG I 76 35.13 -0.52 17.42
CA ARG I 76 36.09 -1.22 16.58
C ARG I 76 36.36 -0.41 15.32
N ILE I 77 37.64 -0.15 15.05
CA ILE I 77 38.02 0.65 13.92
C ILE I 77 38.93 -0.13 13.00
N ALA I 78 38.62 -0.10 11.70
CA ALA I 78 39.48 -0.69 10.69
C ALA I 78 40.40 0.37 10.09
N TRP I 79 41.63 0.47 10.60
CA TRP I 79 42.60 1.40 9.97
C TRP I 79 43.14 0.74 8.69
N THR I 80 42.68 1.24 7.55
CA THR I 80 42.70 0.52 6.30
C THR I 80 43.53 1.32 5.31
N ASN I 81 44.57 0.66 4.79
CA ASN I 81 45.54 1.33 3.91
C ASN I 81 45.03 1.36 2.47
N ARG I 82 44.62 2.55 2.02
CA ARG I 82 44.12 2.75 0.65
C ARG I 82 45.02 3.73 -0.14
N ILE I 83 46.28 3.85 0.26
CA ILE I 83 47.27 4.55 -0.59
C ILE I 83 47.82 3.61 -1.68
N PRO I 84 47.49 3.89 -2.97
CA PRO I 84 47.90 2.97 -4.05
C PRO I 84 49.42 2.74 -4.14
N LYS I 85 49.82 1.50 -4.48
CA LYS I 85 51.23 1.24 -4.80
C LYS I 85 51.71 2.18 -5.91
N GLY I 86 52.99 2.57 -5.85
CA GLY I 86 53.50 3.58 -6.75
C GLY I 86 53.19 5.01 -6.33
N SER I 87 52.50 5.22 -5.22
CA SER I 87 52.25 6.58 -4.80
C SER I 87 53.58 7.24 -4.42
N GLU I 88 53.73 8.50 -4.81
CA GLU I 88 54.90 9.26 -4.41
C GLU I 88 54.91 9.44 -2.88
N TYR I 89 56.07 9.21 -2.27
CA TYR I 89 56.19 9.37 -0.84
C TYR I 89 56.21 10.86 -0.48
N PRO I 90 55.32 11.30 0.42
CA PRO I 90 55.06 12.73 0.67
C PRO I 90 56.20 13.52 1.32
N VAL I 91 57.06 12.86 2.10
CA VAL I 91 58.11 13.56 2.82
C VAL I 91 59.48 13.32 2.19
N THR I 92 60.12 14.42 1.79
CA THR I 92 61.48 14.39 1.28
C THR I 92 62.42 14.43 2.50
N SER I 93 63.44 13.58 2.52
CA SER I 93 64.39 13.56 3.65
C SER I 93 65.82 13.90 3.22
N VAL I 94 66.45 14.81 3.95
CA VAL I 94 67.87 15.12 3.78
C VAL I 94 68.51 15.21 5.14
N GLU I 95 69.82 14.99 5.19
CA GLU I 95 70.63 15.30 6.35
C GLU I 95 71.64 16.39 5.96
N VAL I 96 71.80 17.42 6.77
CA VAL I 96 72.61 18.57 6.39
C VAL I 96 73.73 18.84 7.42
N PRO I 97 74.93 19.23 6.95
CA PRO I 97 76.06 19.45 7.91
C PRO I 97 75.74 20.66 8.77
N LEU I 98 76.29 20.69 9.99
CA LEU I 98 76.07 21.80 10.94
C LEU I 98 76.71 23.14 10.55
N GLY I 99 77.93 23.10 10.04
CA GLY I 99 78.68 24.34 9.88
C GLY I 99 79.02 25.07 11.19
N PRO I 100 79.63 26.26 11.05
CA PRO I 100 80.29 26.99 12.14
C PRO I 100 79.32 27.40 13.23
N PRO I 101 79.80 27.53 14.48
CA PRO I 101 78.90 27.94 15.55
C PRO I 101 78.57 29.44 15.43
N GLY I 102 77.62 29.90 16.25
CA GLY I 102 77.21 31.31 16.21
C GLY I 102 76.39 31.81 15.02
N THR I 103 75.89 30.94 14.16
CA THR I 103 74.76 31.32 13.29
C THR I 103 73.68 30.24 13.29
N PRO I 104 72.42 30.61 12.97
CA PRO I 104 71.30 29.68 12.99
C PRO I 104 71.68 28.35 12.36
N ALA I 105 71.30 27.26 13.00
CA ALA I 105 71.48 25.92 12.45
C ALA I 105 70.68 25.77 11.15
N PRO I 106 71.08 24.84 10.28
CA PRO I 106 70.36 24.74 9.00
C PRO I 106 68.85 24.32 9.11
N ASN I 107 68.43 23.67 10.22
CA ASN I 107 67.00 23.27 10.45
C ASN I 107 66.11 24.48 10.77
N THR I 108 66.68 25.65 10.65
CA THR I 108 66.07 26.92 10.88
C THR I 108 65.67 27.57 9.53
N GLU I 109 66.04 26.92 8.43
CA GLU I 109 65.81 27.46 7.11
C GLU I 109 65.15 26.39 6.26
N PRO I 110 64.30 26.80 5.34
CA PRO I 110 63.75 25.82 4.40
C PRO I 110 64.80 25.33 3.39
N GLY I 111 64.44 24.31 2.62
CA GLY I 111 65.26 23.88 1.49
C GLY I 111 66.33 22.90 1.95
N ARG I 112 66.92 22.24 0.96
CA ARG I 112 67.80 21.10 1.18
C ARG I 112 69.27 21.48 1.34
N GLY I 113 69.58 22.78 1.19
CA GLY I 113 70.97 23.19 1.06
C GLY I 113 71.51 22.60 -0.23
N GLY I 114 72.75 22.18 -0.22
CA GLY I 114 73.25 21.43 -1.36
C GLY I 114 72.51 20.12 -1.56
N VAL I 115 72.13 19.50 -0.44
CA VAL I 115 72.11 18.05 -0.29
C VAL I 115 71.07 17.28 -1.07
N GLU I 116 71.49 16.11 -1.54
CA GLU I 116 70.62 15.13 -2.21
C GLU I 116 69.50 14.51 -1.33
N PRO I 117 68.23 14.52 -1.79
CA PRO I 117 67.19 13.79 -1.07
C PRO I 117 67.57 12.32 -0.93
N ASN I 118 67.46 11.78 0.28
CA ASN I 118 67.60 10.36 0.50
C ASN I 118 66.62 9.50 -0.34
N LYS I 119 67.18 8.62 -1.16
CA LYS I 119 66.42 7.79 -2.12
C LYS I 119 65.76 6.58 -1.48
N ASP I 120 66.28 6.16 -0.35
CA ASP I 120 65.65 5.11 0.47
C ASP I 120 64.35 5.56 1.12
N VAL I 121 64.28 6.81 1.56
CA VAL I 121 63.02 7.37 2.00
C VAL I 121 62.06 7.52 0.83
N ALA I 122 62.54 8.08 -0.29
CA ALA I 122 61.69 8.23 -1.48
C ALA I 122 61.11 6.91 -2.04
N ALA I 123 61.75 5.79 -1.73
CA ALA I 123 61.28 4.54 -2.26
C ALA I 123 60.33 3.83 -1.30
N LEU I 124 60.01 4.45 -0.13
CA LEU I 124 59.11 3.79 0.83
C LEU I 124 57.75 3.66 0.23
N PRO I 125 57.18 2.43 0.24
CA PRO I 125 55.75 2.29 -0.02
C PRO I 125 54.94 2.76 1.21
N ALA I 126 53.62 2.86 1.06
CA ALA I 126 52.74 3.12 2.21
C ALA I 126 52.73 1.90 3.14
N TRP I 127 53.22 2.10 4.34
CA TRP I 127 53.31 1.00 5.26
C TRP I 127 53.06 1.51 6.67
N SER I 128 51.83 1.30 7.14
CA SER I 128 51.33 2.05 8.30
C SER I 128 50.59 1.18 9.27
N VAL I 129 50.79 1.48 10.55
CA VAL I 129 50.02 0.91 11.63
C VAL I 129 49.64 2.08 12.53
N THR I 130 48.46 2.06 13.13
CA THR I 130 48.02 3.21 13.88
C THR I 130 48.00 2.90 15.36
N HIS I 131 48.52 3.81 16.16
CA HIS I 131 48.57 3.59 17.58
C HIS I 131 47.73 4.68 18.23
N LEU I 132 46.80 4.29 19.10
CA LEU I 132 45.92 5.24 19.80
C LEU I 132 46.60 5.56 21.12
N HIS I 133 47.26 6.70 21.11
CA HIS I 133 48.17 7.05 22.15
C HIS I 133 47.39 7.48 23.34
N GLY I 134 47.50 6.70 24.42
CA GLY I 134 46.77 6.97 25.65
C GLY I 134 45.85 5.81 25.97
N ALA I 135 45.49 5.00 24.98
CA ALA I 135 44.37 4.08 25.13
C ALA I 135 44.63 2.96 26.14
N GLN I 136 43.58 2.56 26.83
CA GLN I 136 43.64 1.41 27.70
C GLN I 136 42.99 0.34 26.86
N THR I 137 43.83 -0.47 26.25
CA THR I 137 43.36 -1.55 25.41
C THR I 137 44.49 -2.56 25.29
N GLY I 138 44.17 -3.81 24.95
CA GLY I 138 45.21 -4.84 24.78
C GLY I 138 46.21 -4.60 23.65
N GLY I 139 47.26 -5.42 23.64
CA GLY I 139 48.36 -5.24 22.69
C GLY I 139 47.97 -5.56 21.26
N GLY I 140 46.94 -6.39 21.09
CA GLY I 140 46.39 -6.66 19.78
C GLY I 140 45.77 -5.42 19.14
N ASN I 141 45.48 -4.40 19.94
CA ASN I 141 44.73 -3.25 19.46
C ASN I 141 45.64 -2.02 19.38
N ASP I 142 46.81 -2.14 20.00
CA ASP I 142 47.60 -0.99 20.46
C ASP I 142 48.45 -0.39 19.33
N GLY I 143 48.47 -1.09 18.21
CA GLY I 143 49.23 -0.68 17.03
C GLY I 143 50.71 -1.00 17.09
N TRP I 144 51.02 -2.24 17.48
CA TRP I 144 52.40 -2.78 17.49
C TRP I 144 53.26 -2.40 16.26
N ALA I 145 54.41 -1.78 16.48
CA ALA I 145 55.19 -1.14 15.38
C ALA I 145 55.57 -2.01 14.16
N ASP I 146 55.89 -3.28 14.38
CA ASP I 146 56.22 -4.19 13.28
C ASP I 146 55.02 -4.47 12.40
N ASN I 147 53.81 -4.43 12.97
CA ASN I 147 52.59 -4.90 12.30
C ASN I 147 51.90 -3.92 11.34
N ALA I 148 52.69 -3.13 10.62
CA ALA I 148 52.10 -2.14 9.71
C ALA I 148 51.67 -2.89 8.45
N VAL I 149 50.74 -2.27 7.70
CA VAL I 149 50.10 -2.95 6.57
C VAL I 149 50.18 -2.17 5.26
N GLY I 150 50.23 -2.89 4.16
CA GLY I 150 50.40 -2.27 2.86
C GLY I 150 49.05 -1.97 2.21
N PHE I 151 49.10 -1.43 1.00
CA PHE I 151 47.91 -1.15 0.25
C PHE I 151 46.87 -2.28 0.29
N GLY I 152 45.67 -1.97 0.73
CA GLY I 152 44.56 -2.90 0.56
C GLY I 152 44.28 -3.63 1.84
N ASP I 153 45.24 -3.64 2.76
CA ASP I 153 45.10 -4.40 4.01
C ASP I 153 44.72 -3.52 5.20
N ALA I 154 44.18 -4.15 6.25
CA ALA I 154 43.75 -3.40 7.42
C ALA I 154 44.37 -3.86 8.73
N GLN I 155 44.50 -2.89 9.63
CA GLN I 155 44.79 -3.16 11.01
C GLN I 155 43.46 -2.99 11.74
N LEU I 156 43.04 -4.01 12.48
CA LEU I 156 41.76 -3.97 13.19
C LEU I 156 41.99 -3.71 14.67
N SER I 157 41.36 -2.66 15.19
CA SER I 157 41.47 -2.23 16.59
C SER I 157 40.14 -2.18 17.32
N GLU I 158 40.07 -2.84 18.46
CA GLU I 158 39.00 -2.63 19.43
C GLU I 158 39.47 -1.74 20.59
N TYR I 159 38.69 -0.70 20.85
CA TYR I 159 38.90 0.14 22.01
C TYR I 159 37.71 0.02 23.00
N PRO I 160 37.87 -0.77 24.09
CA PRO I 160 36.81 -0.77 25.11
C PRO I 160 36.47 0.63 25.67
N ASN I 161 37.40 1.58 25.62
CA ASN I 161 37.15 2.94 26.16
C ASN I 161 36.68 3.00 27.64
N ASP I 162 37.22 2.10 28.48
CA ASP I 162 36.90 2.07 29.90
C ASP I 162 37.86 2.95 30.64
N HIS I 163 37.69 4.25 30.50
CA HIS I 163 38.67 5.17 31.03
C HIS I 163 37.96 6.47 31.20
N GLN I 164 38.42 7.30 32.12
CA GLN I 164 37.75 8.58 32.39
C GLN I 164 37.97 9.55 31.23
N ALA I 165 37.15 10.60 31.18
CA ALA I 165 37.24 11.57 30.08
C ALA I 165 38.65 12.12 29.90
N THR I 166 39.10 12.23 28.66
CA THR I 166 40.39 12.82 28.37
C THR I 166 40.60 13.05 26.87
N GLN I 167 41.75 13.63 26.53
CA GLN I 167 42.20 13.72 25.14
C GLN I 167 43.27 12.65 24.86
N TRP I 168 42.93 11.70 24.01
CA TRP I 168 43.91 10.82 23.39
C TRP I 168 44.25 11.33 21.98
N TRP I 169 45.25 10.72 21.35
CA TRP I 169 45.55 11.01 19.94
C TRP I 169 46.11 9.78 19.31
N TYR I 170 45.95 9.70 18.00
CA TYR I 170 46.35 8.54 17.27
C TYR I 170 47.25 8.98 16.11
N HIS I 171 48.19 8.13 15.76
CA HIS I 171 49.17 8.43 14.72
C HIS I 171 49.83 7.12 14.23
N ASP I 172 50.51 7.18 13.09
CA ASP I 172 51.28 6.06 12.61
C ASP I 172 52.42 5.71 13.55
N HIS I 173 52.82 4.45 13.55
CA HIS I 173 53.76 3.95 14.53
C HIS I 173 54.58 2.83 13.89
N ALA I 174 54.60 2.86 12.55
CA ALA I 174 55.33 1.86 11.74
C ALA I 174 56.83 1.74 12.12
N MET I 175 57.35 0.52 12.20
CA MET I 175 58.69 0.28 12.71
C MET I 175 59.75 0.95 11.83
N ASN I 176 60.60 1.76 12.49
CA ASN I 176 61.71 2.49 11.86
C ASN I 176 61.32 3.69 11.02
N ILE I 177 60.06 3.80 10.61
CA ILE I 177 59.71 4.89 9.67
C ILE I 177 58.66 5.84 10.24
N THR I 178 58.44 5.76 11.55
CA THR I 178 57.44 6.60 12.19
C THR I 178 57.71 8.08 11.98
N ARG I 179 58.98 8.45 11.91
CA ARG I 179 59.31 9.87 11.76
C ARG I 179 58.88 10.47 10.45
N TRP I 180 58.69 9.63 9.45
CA TRP I 180 58.27 10.14 8.17
C TRP I 180 56.76 9.96 7.97
N ASN I 181 56.24 8.79 8.40
CA ASN I 181 54.78 8.51 8.31
C ASN I 181 53.91 9.54 9.07
N VAL I 182 54.36 9.98 10.23
CA VAL I 182 53.57 10.94 10.99
C VAL I 182 53.69 12.34 10.41
N MET I 183 54.92 12.73 10.06
CA MET I 183 55.14 13.95 9.30
C MET I 183 54.27 14.02 8.05
N ALA I 184 54.08 12.87 7.39
CA ALA I 184 53.32 12.79 6.18
C ALA I 184 51.83 13.15 6.39
N GLY I 185 51.39 13.20 7.65
CA GLY I 185 50.01 13.60 7.93
C GLY I 185 49.17 12.63 8.76
N LEU I 186 49.73 11.48 9.08
CA LEU I 186 49.01 10.45 9.82
C LEU I 186 49.04 10.74 11.34
N TYR I 187 48.23 11.72 11.72
CA TYR I 187 47.93 12.04 13.10
C TYR I 187 46.55 12.64 13.23
N GLY I 188 45.90 12.31 14.35
CA GLY I 188 44.59 12.84 14.68
C GLY I 188 44.33 12.75 16.16
N THR I 189 43.20 13.31 16.63
CA THR I 189 42.92 13.28 18.07
C THR I 189 41.65 12.50 18.39
N TYR I 190 41.48 12.13 19.65
CA TYR I 190 40.42 11.17 20.04
C TYR I 190 39.95 11.54 21.44
N LEU I 191 38.69 11.91 21.59
CA LEU I 191 38.22 12.40 22.89
C LEU I 191 37.23 11.45 23.51
N VAL I 192 37.35 11.27 24.82
CA VAL I 192 36.48 10.40 25.58
C VAL I 192 35.72 11.31 26.54
N ARG I 193 34.41 11.17 26.55
CA ARG I 193 33.53 11.97 27.39
C ARG I 193 33.01 11.09 28.51
N ASP I 194 32.72 11.68 29.66
CA ASP I 194 32.07 10.97 30.74
C ASP I 194 31.20 11.89 31.57
N ASP I 195 30.52 11.31 32.56
CA ASP I 195 29.59 12.06 33.39
C ASP I 195 30.27 13.06 34.31
N GLU I 196 31.45 12.72 34.84
CA GLU I 196 32.12 13.65 35.74
C GLU I 196 32.47 14.94 34.99
N GLU I 197 33.04 14.77 33.80
CA GLU I 197 33.39 15.91 32.98
C GLU I 197 32.12 16.68 32.54
N ASP I 198 31.04 15.96 32.18
CA ASP I 198 29.81 16.69 31.90
C ASP I 198 29.31 17.51 33.08
N ALA I 199 29.41 16.99 34.31
CA ALA I 199 28.90 17.77 35.40
C ALA I 199 29.63 19.11 35.59
N LEU I 200 30.76 19.31 34.93
CA LEU I 200 31.50 20.59 35.06
C LEU I 200 30.97 21.69 34.13
N GLY I 201 30.07 21.34 33.21
CA GLY I 201 29.52 22.29 32.24
C GLY I 201 30.60 23.13 31.57
N LEU I 202 31.66 22.48 31.05
CA LEU I 202 32.74 23.21 30.36
C LEU I 202 32.30 23.79 29.02
N PRO I 203 32.95 24.87 28.54
CA PRO I 203 32.64 25.39 27.20
C PRO I 203 32.68 24.25 26.15
N SER I 204 31.69 24.22 25.25
CA SER I 204 31.59 23.09 24.32
C SER I 204 31.06 23.56 23.00
N GLY I 205 30.86 22.62 22.08
CA GLY I 205 30.37 23.00 20.77
C GLY I 205 31.36 23.92 20.11
N ASP I 206 30.88 25.03 19.57
CA ASP I 206 31.70 26.08 18.97
C ASP I 206 32.90 26.47 19.81
N ARG I 207 32.78 26.28 21.13
CA ARG I 207 33.74 26.85 22.04
C ARG I 207 34.74 25.84 22.60
N GLU I 208 34.67 24.61 22.11
CA GLU I 208 35.70 23.64 22.42
C GLU I 208 36.48 23.39 21.14
N ILE I 209 37.77 23.68 21.16
CA ILE I 209 38.55 23.61 19.93
C ILE I 209 39.70 22.65 20.11
N PRO I 210 39.74 21.55 19.32
CA PRO I 210 40.95 20.72 19.41
C PRO I 210 42.09 21.45 18.70
N LEU I 211 43.29 21.43 19.28
CA LEU I 211 44.44 22.04 18.60
C LEU I 211 45.56 21.02 18.47
N LEU I 212 45.82 20.54 17.25
CA LEU I 212 46.97 19.66 17.00
C LEU I 212 48.11 20.50 16.39
N ILE I 213 49.11 20.85 17.20
CA ILE I 213 50.22 21.63 16.71
C ILE I 213 51.35 20.69 16.29
N ALA I 214 52.08 21.13 15.26
CA ALA I 214 53.23 20.41 14.75
C ALA I 214 54.06 21.30 13.84
N ASP I 215 55.36 21.26 14.05
CA ASP I 215 56.26 22.03 13.22
C ASP I 215 56.59 21.24 11.95
N ARG I 216 56.90 21.98 10.90
CA ARG I 216 57.19 21.44 9.58
C ARG I 216 58.37 22.21 9.00
N ASN I 217 59.17 21.54 8.19
CA ASN I 217 59.96 22.26 7.23
C ASN I 217 59.50 22.01 5.79
N LEU I 218 59.91 22.88 4.89
CA LEU I 218 59.47 22.82 3.50
C LEU I 218 60.67 22.91 2.56
N ASP I 219 60.52 22.38 1.34
CA ASP I 219 61.55 22.46 0.33
C ASP I 219 61.43 23.77 -0.50
N THR I 220 62.51 24.10 -1.20
CA THR I 220 62.56 25.32 -1.99
C THR I 220 63.02 24.92 -3.39
N ASP I 221 62.66 25.73 -4.37
CA ASP I 221 63.19 25.60 -5.72
C ASP I 221 64.62 26.18 -5.78
N GLU I 222 65.26 26.06 -6.94
CA GLU I 222 66.62 26.60 -7.18
C GLU I 222 66.77 28.09 -6.87
N ASP I 223 65.74 28.89 -7.18
CA ASP I 223 65.75 30.30 -6.82
C ASP I 223 65.33 30.51 -5.36
N GLY I 224 65.18 29.41 -4.62
CA GLY I 224 64.86 29.48 -3.20
C GLY I 224 63.42 29.76 -2.83
N ARG I 225 62.48 29.70 -3.78
CA ARG I 225 61.06 29.82 -3.45
C ARG I 225 60.58 28.60 -2.70
N LEU I 226 59.73 28.83 -1.71
CA LEU I 226 59.06 27.72 -1.02
C LEU I 226 58.13 27.01 -2.00
N ASN I 227 58.18 25.69 -2.03
CA ASN I 227 57.38 24.96 -3.01
C ASN I 227 56.37 23.99 -2.39
N GLY I 228 56.24 24.04 -1.06
CA GLY I 228 55.12 23.36 -0.39
C GLY I 228 55.39 21.90 -0.08
N ARG I 229 56.53 21.39 -0.52
CA ARG I 229 56.83 19.99 -0.30
C ARG I 229 57.37 19.78 1.11
N LEU I 230 56.80 18.80 1.82
CA LEU I 230 57.27 18.45 3.15
C LEU I 230 58.70 17.99 3.06
N LEU I 231 59.52 18.57 3.94
CA LEU I 231 60.93 18.24 4.00
C LEU I 231 61.35 17.95 5.42
N HIS I 232 61.77 16.71 5.62
CA HIS I 232 62.24 16.26 6.89
C HIS I 232 63.78 16.52 6.83
N LYS I 233 64.20 17.67 7.35
CA LYS I 233 65.62 18.07 7.37
C LYS I 233 66.24 18.03 8.79
N THR I 234 67.17 17.10 8.97
CA THR I 234 67.96 16.99 10.20
C THR I 234 69.40 17.44 9.97
N VAL I 235 70.11 17.59 11.07
CA VAL I 235 71.40 18.21 11.06
C VAL I 235 72.44 17.24 11.53
N ILE I 236 73.47 17.02 10.71
CA ILE I 236 74.57 16.14 11.07
C ILE I 236 75.50 16.84 12.07
N VAL I 237 75.68 16.22 13.23
CA VAL I 237 76.60 16.74 14.22
C VAL I 237 77.89 15.91 14.30
N GLN I 238 77.92 14.77 13.62
CA GLN I 238 79.13 13.95 13.53
C GLN I 238 79.15 13.22 12.18
N GLN I 239 80.01 13.68 11.27
CA GLN I 239 79.99 13.20 9.90
C GLN I 239 80.27 11.70 9.83
N SER I 240 81.12 11.26 10.74
CA SER I 240 81.56 9.89 10.73
C SER I 240 81.69 9.44 12.16
N ASN I 241 80.81 8.54 12.59
CA ASN I 241 80.90 7.99 13.93
C ASN I 241 82.11 7.06 14.03
N PRO I 242 82.84 7.12 15.17
CA PRO I 242 84.03 6.30 15.33
C PRO I 242 83.72 4.80 15.35
N GLU I 243 82.47 4.41 15.61
CA GLU I 243 82.11 2.97 15.71
C GLU I 243 81.44 2.40 14.47
N THR I 244 80.56 3.16 13.83
CA THR I 244 80.05 2.80 12.51
C THR I 244 80.69 3.77 11.55
N GLY I 245 80.58 3.54 10.26
CA GLY I 245 81.12 4.53 9.34
C GLY I 245 80.20 5.74 9.30
N LYS I 246 78.96 5.55 9.75
CA LYS I 246 77.81 6.35 9.32
C LYS I 246 77.66 7.71 10.00
N PRO I 247 76.90 8.63 9.39
CA PRO I 247 76.56 9.89 10.06
C PRO I 247 75.63 9.76 11.27
N VAL I 248 75.62 10.80 12.09
CA VAL I 248 74.80 10.89 13.27
C VAL I 248 74.13 12.26 13.23
N SER I 249 72.80 12.26 13.13
CA SER I 249 72.06 13.51 12.99
C SER I 249 71.10 13.72 14.16
N ILE I 250 70.69 14.97 14.38
CA ILE I 250 69.83 15.30 15.50
C ILE I 250 68.36 15.03 15.15
N PRO I 251 67.45 15.15 16.13
CA PRO I 251 66.05 14.96 15.78
C PRO I 251 65.54 16.05 14.80
N PHE I 252 64.29 15.94 14.33
CA PHE I 252 63.71 16.96 13.45
C PHE I 252 63.18 18.16 14.23
N PHE I 253 63.67 19.34 13.89
CA PHE I 253 63.01 20.60 14.27
C PHE I 253 62.83 21.41 13.01
N GLY I 254 61.70 22.10 12.88
CA GLY I 254 61.39 22.86 11.66
C GLY I 254 60.88 24.25 11.98
N PRO I 255 60.98 25.17 11.02
CA PRO I 255 60.69 26.60 11.24
C PRO I 255 59.21 26.98 11.32
N TYR I 256 58.34 26.22 10.65
CA TYR I 256 56.94 26.63 10.49
C TYR I 256 56.04 25.85 11.44
N THR I 257 55.15 26.56 12.13
CA THR I 257 54.23 25.91 13.07
C THR I 257 52.89 25.67 12.38
N THR I 258 52.48 24.43 12.29
CA THR I 258 51.14 24.16 11.81
C THR I 258 50.26 23.94 13.02
N VAL I 259 49.06 24.50 12.95
CA VAL I 259 48.02 24.19 13.89
C VAL I 259 46.84 23.64 13.09
N ASN I 260 46.38 22.44 13.45
CA ASN I 260 45.34 21.76 12.67
C ASN I 260 45.60 21.75 11.15
N GLY I 261 46.85 21.57 10.76
CA GLY I 261 47.19 21.42 9.37
C GLY I 261 47.27 22.71 8.59
N ARG I 262 47.33 23.85 9.27
CA ARG I 262 47.61 25.15 8.61
C ARG I 262 48.74 25.90 9.31
N ILE I 263 49.64 26.47 8.51
CA ILE I 263 50.70 27.27 9.07
C ILE I 263 50.14 28.59 9.59
N TRP I 264 50.43 28.88 10.86
CA TRP I 264 50.14 30.19 11.47
C TRP I 264 48.75 30.68 11.13
N PRO I 265 47.71 29.91 11.55
CA PRO I 265 46.34 30.37 11.31
C PRO I 265 45.85 31.41 12.32
N TYR I 266 44.79 32.15 11.97
CA TYR I 266 44.07 32.97 12.95
C TYR I 266 42.73 32.32 13.33
N ALA I 267 42.27 32.58 14.56
CA ALA I 267 40.98 32.05 15.04
C ALA I 267 40.13 33.22 15.57
N ASP I 268 38.94 33.41 14.98
CA ASP I 268 37.96 34.40 15.38
C ASP I 268 37.18 33.77 16.53
N VAL I 269 37.19 34.44 17.68
CA VAL I 269 36.55 33.92 18.87
C VAL I 269 35.75 35.05 19.54
N ASP I 270 34.79 34.69 20.38
CA ASP I 270 34.00 35.70 21.09
C ASP I 270 34.67 35.97 22.42
N ASP I 271 34.37 37.13 23.03
CA ASP I 271 34.87 37.45 24.35
C ASP I 271 34.19 36.60 25.44
N GLY I 272 34.31 35.28 25.35
CA GLY I 272 33.90 34.39 26.43
C GLY I 272 34.96 33.34 26.77
N TRP I 273 34.55 32.30 27.50
CA TRP I 273 35.37 31.13 27.78
C TRP I 273 35.40 30.15 26.61
N TYR I 274 36.59 29.63 26.32
CA TYR I 274 36.82 28.59 25.32
C TYR I 274 37.61 27.53 26.01
N ARG I 275 37.52 26.32 25.45
CA ARG I 275 38.25 25.15 25.98
C ARG I 275 39.07 24.60 24.82
N LEU I 276 40.37 24.48 25.02
CA LEU I 276 41.26 24.00 23.98
C LEU I 276 41.78 22.67 24.43
N ARG I 277 41.73 21.71 23.52
CA ARG I 277 42.30 20.39 23.74
C ARG I 277 43.63 20.34 22.98
N LEU I 278 44.71 20.76 23.63
CA LEU I 278 45.98 20.99 22.94
C LEU I 278 46.88 19.73 22.99
N VAL I 279 47.33 19.25 21.83
CA VAL I 279 48.36 18.17 21.77
C VAL I 279 49.53 18.58 20.83
N ASN I 280 50.77 18.31 21.28
CA ASN I 280 51.93 18.58 20.44
C ASN I 280 52.20 17.34 19.63
N ALA I 281 51.90 17.42 18.34
CA ALA I 281 52.04 16.28 17.46
C ALA I 281 53.39 16.29 16.71
N SER I 282 54.34 17.15 17.14
CA SER I 282 55.65 17.30 16.46
C SER I 282 56.54 16.09 16.64
N ASN I 283 57.40 15.84 15.66
CA ASN I 283 58.41 14.78 15.78
C ASN I 283 59.25 14.91 17.05
N ALA I 284 59.67 16.13 17.37
CA ALA I 284 60.67 16.36 18.46
C ALA I 284 60.66 17.75 19.15
N ARG I 285 60.12 18.75 18.48
CA ARG I 285 60.06 20.10 19.06
C ARG I 285 59.23 20.14 20.38
N ILE I 286 59.82 20.75 21.40
CA ILE I 286 59.08 21.18 22.60
C ILE I 286 58.61 22.63 22.42
N TYR I 287 57.31 22.88 22.38
CA TYR I 287 56.82 24.25 22.24
C TYR I 287 56.79 24.80 23.65
N ASN I 288 57.48 25.92 23.87
CA ASN I 288 57.34 26.60 25.14
C ASN I 288 56.46 27.80 25.01
N LEU I 289 55.18 27.55 25.22
CA LEU I 289 54.13 28.42 24.68
C LEU I 289 53.90 29.59 25.58
N VAL I 290 53.63 30.74 24.99
CA VAL I 290 53.27 31.94 25.72
C VAL I 290 52.14 32.66 24.98
N LEU I 291 51.14 33.11 25.75
CA LEU I 291 50.08 33.93 25.19
C LEU I 291 50.44 35.40 25.36
N ILE I 292 50.58 36.12 24.25
CA ILE I 292 50.95 37.55 24.29
C ILE I 292 49.91 38.43 23.62
N ASP I 293 49.85 39.70 24.04
CA ASP I 293 49.04 40.73 23.36
C ASP I 293 49.75 41.49 22.22
N GLU I 294 49.14 42.59 21.79
CA GLU I 294 49.57 43.32 20.61
C GLU I 294 50.95 43.97 20.80
N ASP I 295 51.35 44.20 22.05
CA ASP I 295 52.67 44.74 22.38
C ASP I 295 53.63 43.59 22.79
N ASP I 296 53.31 42.33 22.53
CA ASP I 296 54.18 41.23 23.02
C ASP I 296 54.21 41.00 24.56
N ARG I 297 53.37 41.71 25.31
CA ARG I 297 53.24 41.48 26.74
C ARG I 297 52.54 40.14 27.04
N PRO I 298 53.21 39.23 27.78
CA PRO I 298 52.55 37.99 28.22
C PRO I 298 51.26 38.34 28.95
N VAL I 299 50.18 37.60 28.68
CA VAL I 299 48.85 37.90 29.20
C VAL I 299 48.49 36.97 30.38
N PRO I 300 48.43 37.53 31.60
CA PRO I 300 48.21 36.68 32.79
C PRO I 300 46.73 36.57 33.14
N GLY I 301 46.39 35.64 34.01
CA GLY I 301 45.03 35.57 34.51
C GLY I 301 43.98 35.19 33.51
N VAL I 302 44.37 34.58 32.40
CA VAL I 302 43.42 34.29 31.32
C VAL I 302 43.39 32.79 30.98
N VAL I 303 44.53 32.13 31.11
CA VAL I 303 44.65 30.72 30.71
C VAL I 303 44.67 29.87 31.98
N HIS I 304 43.92 28.78 31.97
CA HIS I 304 43.87 27.85 33.10
C HIS I 304 43.98 26.43 32.56
N GLN I 305 44.93 25.64 33.00
CA GLN I 305 44.93 24.21 32.64
C GLN I 305 44.01 23.41 33.57
N ILE I 306 43.16 22.55 33.01
CA ILE I 306 42.23 21.75 33.79
C ILE I 306 42.39 20.23 33.62
N GLY I 307 43.27 19.81 32.72
CA GLY I 307 43.42 18.39 32.37
C GLY I 307 44.78 18.15 31.75
N SER I 308 45.20 16.90 31.76
CA SER I 308 46.47 16.48 31.22
C SER I 308 46.25 15.12 30.55
N ASP I 309 47.34 14.46 30.12
CA ASP I 309 47.24 13.24 29.28
C ASP I 309 46.10 12.30 29.69
N GLY I 310 45.92 12.09 30.98
CA GLY I 310 45.01 11.06 31.45
C GLY I 310 43.69 11.59 31.94
N GLY I 311 43.47 12.89 31.87
CA GLY I 311 42.18 13.50 32.19
C GLY I 311 42.27 14.71 33.10
N LEU I 312 41.13 15.05 33.74
CA LEU I 312 41.01 16.29 34.52
C LEU I 312 42.01 16.30 35.67
N LEU I 313 42.63 17.46 35.91
CA LEU I 313 43.54 17.64 37.05
C LEU I 313 42.78 17.72 38.38
N PRO I 314 43.46 17.45 39.50
CA PRO I 314 42.73 17.58 40.76
C PRO I 314 42.20 19.00 40.94
N ARG I 315 42.98 19.99 40.46
CA ARG I 315 42.66 21.42 40.64
C ARG I 315 43.11 22.19 39.40
N PRO I 316 42.41 23.30 39.06
CA PRO I 316 42.86 24.09 37.93
C PRO I 316 44.22 24.72 38.24
N VAL I 317 45.09 24.78 37.23
CA VAL I 317 46.41 25.36 37.36
C VAL I 317 46.43 26.64 36.50
N PRO I 318 46.58 27.81 37.16
CA PRO I 318 46.67 29.09 36.42
C PRO I 318 47.98 29.18 35.59
N VAL I 319 47.87 29.65 34.36
CA VAL I 319 49.05 29.77 33.51
C VAL I 319 49.19 31.24 33.14
N ASP I 320 50.00 31.92 33.94
CA ASP I 320 50.07 33.38 33.96
C ASP I 320 51.33 33.94 33.32
N PHE I 321 52.19 33.05 32.82
CA PHE I 321 53.38 33.48 32.07
C PHE I 321 54.25 34.43 32.87
N ASP I 322 54.41 34.11 34.16
CA ASP I 322 55.32 34.79 35.09
C ASP I 322 56.36 33.77 35.57
N ASP I 323 56.62 33.72 36.87
CA ASP I 323 57.71 32.90 37.35
C ASP I 323 57.38 31.52 37.89
N THR I 324 56.19 31.37 38.45
CA THR I 324 55.66 30.04 38.81
C THR I 324 55.48 29.19 37.54
N LEU I 325 55.41 29.86 36.39
CA LEU I 325 55.22 29.18 35.12
C LEU I 325 55.33 30.22 34.00
N PRO I 326 56.57 30.46 33.51
CA PRO I 326 56.84 31.50 32.48
C PRO I 326 56.37 31.04 31.12
N VAL I 327 56.41 29.72 30.91
CA VAL I 327 55.94 29.13 29.65
C VAL I 327 55.11 27.91 29.98
N LEU I 328 54.16 27.59 29.12
CA LEU I 328 53.56 26.28 29.08
C LEU I 328 54.39 25.38 28.16
N SER I 329 55.12 24.47 28.76
CA SER I 329 56.08 23.65 28.04
C SER I 329 55.39 22.37 27.54
N ALA I 330 55.07 22.32 26.26
CA ALA I 330 54.39 21.17 25.67
C ALA I 330 55.35 20.35 24.82
N ALA I 331 55.86 19.26 25.40
CA ALA I 331 56.76 18.36 24.69
C ALA I 331 55.95 17.46 23.77
N PRO I 332 56.58 16.88 22.73
CA PRO I 332 55.79 15.97 21.85
C PRO I 332 54.92 15.01 22.64
N ALA I 333 53.63 14.93 22.25
CA ALA I 333 52.64 13.91 22.70
C ALA I 333 51.98 14.16 24.04
N GLU I 334 52.46 15.13 24.79
CA GLU I 334 51.72 15.62 25.98
C GLU I 334 50.43 16.36 25.55
N ARG I 335 49.36 16.19 26.33
CA ARG I 335 48.12 16.90 26.07
C ARG I 335 47.79 17.90 27.15
N PHE I 336 47.17 19.00 26.75
CA PHE I 336 46.86 20.07 27.69
C PHE I 336 45.44 20.51 27.48
N ASP I 337 44.60 20.28 28.50
CA ASP I 337 43.22 20.69 28.48
C ASP I 337 43.15 22.08 29.10
N LEU I 338 42.90 23.10 28.28
CA LEU I 338 43.02 24.50 28.68
C LEU I 338 41.72 25.27 28.54
N LEU I 339 41.38 26.02 29.57
CA LEU I 339 40.25 26.96 29.53
C LEU I 339 40.92 28.25 29.27
N VAL I 340 40.38 29.00 28.34
CA VAL I 340 40.93 30.34 28.12
C VAL I 340 39.84 31.38 28.20
N ASP I 341 40.01 32.31 29.13
CA ASP I 341 39.03 33.35 29.46
C ASP I 341 39.18 34.68 28.64
N PHE I 342 38.44 34.81 27.54
CA PHE I 342 38.51 36.03 26.73
C PHE I 342 37.50 37.12 27.13
N ARG I 343 36.85 37.00 28.30
CA ARG I 343 35.74 37.89 28.64
C ARG I 343 36.10 39.36 28.64
N ALA I 344 37.29 39.69 29.09
CA ALA I 344 37.67 41.10 29.11
C ALA I 344 38.35 41.61 27.81
N LEU I 345 38.38 40.80 26.75
CA LEU I 345 39.30 41.08 25.66
C LEU I 345 38.64 41.35 24.30
N GLY I 346 37.35 41.66 24.34
CA GLY I 346 36.66 41.96 23.10
C GLY I 346 37.43 43.03 22.36
N GLY I 347 37.47 42.93 21.03
CA GLY I 347 38.28 43.84 20.18
C GLY I 347 39.80 43.73 20.25
N ARG I 348 40.35 42.72 20.92
CA ARG I 348 41.83 42.55 21.00
C ARG I 348 42.34 41.43 20.10
N ARG I 349 43.65 41.39 19.87
CA ARG I 349 44.31 40.25 19.20
C ARG I 349 45.47 39.69 20.03
N LEU I 350 45.40 38.40 20.34
CA LEU I 350 46.38 37.77 21.22
C LEU I 350 47.02 36.68 20.40
N ARG I 351 48.33 36.48 20.59
CA ARG I 351 48.97 35.41 19.85
C ARG I 351 49.53 34.41 20.81
N LEU I 352 49.43 33.15 20.44
CA LEU I 352 50.21 32.09 21.03
C LEU I 352 51.56 32.03 20.32
N VAL I 353 52.65 32.06 21.07
CA VAL I 353 54.00 32.00 20.50
C VAL I 353 54.87 30.96 21.18
N ASP I 354 55.88 30.51 20.43
CA ASP I 354 56.90 29.63 21.00
C ASP I 354 58.02 30.52 21.53
N LYS I 355 58.37 30.44 22.81
CA LYS I 355 59.47 31.28 23.30
C LYS I 355 60.82 30.60 23.16
N GLY I 356 61.74 31.29 22.48
CA GLY I 356 63.13 30.87 22.39
C GLY I 356 63.84 31.27 23.67
N PRO I 357 64.88 30.50 24.04
CA PRO I 357 65.58 30.73 25.32
C PRO I 357 66.39 32.04 25.30
N GLY I 358 66.74 32.56 24.13
CA GLY I 358 67.57 33.76 24.07
C GLY I 358 66.85 35.06 23.70
N ALA I 359 65.52 35.07 23.68
CA ALA I 359 64.81 36.32 23.42
C ALA I 359 63.45 36.30 24.09
N PRO I 360 62.86 37.49 24.34
CA PRO I 360 61.53 37.60 24.99
C PRO I 360 60.41 37.02 24.11
N ALA I 361 59.30 36.58 24.71
CA ALA I 361 58.21 36.02 23.94
C ALA I 361 57.81 36.99 22.86
N GLY I 362 57.70 36.51 21.62
CA GLY I 362 57.34 37.36 20.48
C GLY I 362 58.54 37.74 19.65
N THR I 363 59.73 37.70 20.25
CA THR I 363 60.97 38.08 19.53
C THR I 363 61.67 36.88 18.92
N PRO I 364 61.90 36.92 17.57
CA PRO I 364 62.56 35.82 16.86
C PRO I 364 63.85 35.42 17.55
N ASP I 365 64.05 34.12 17.72
CA ASP I 365 65.29 33.60 18.28
C ASP I 365 65.85 32.49 17.35
N PRO I 366 66.33 32.86 16.16
CA PRO I 366 66.90 31.83 15.29
C PRO I 366 68.14 31.12 15.86
N LEU I 367 68.96 31.82 16.64
CA LEU I 367 70.04 31.14 17.37
C LEU I 367 69.55 30.04 18.30
N GLY I 368 68.42 30.27 18.98
CA GLY I 368 67.88 29.27 19.91
C GLY I 368 66.91 28.27 19.30
N GLY I 369 66.80 28.27 17.97
CA GLY I 369 65.97 27.30 17.28
C GLY I 369 64.49 27.69 17.18
N VAL I 370 64.21 28.99 17.31
CA VAL I 370 62.86 29.53 17.11
C VAL I 370 62.93 30.76 16.17
N ARG I 371 63.05 30.51 14.86
CA ARG I 371 63.14 31.57 13.89
C ARG I 371 61.81 32.33 13.79
N TYR I 372 60.71 31.60 13.89
CA TYR I 372 59.43 32.23 13.86
C TYR I 372 58.65 31.90 15.12
N PRO I 373 58.52 32.89 16.02
CA PRO I 373 57.82 32.60 17.27
C PRO I 373 56.36 32.21 17.02
N GLU I 374 55.73 32.71 15.96
CA GLU I 374 54.27 32.60 15.85
C GLU I 374 53.73 31.16 15.79
N VAL I 375 52.62 30.93 16.50
CA VAL I 375 51.85 29.69 16.47
C VAL I 375 50.45 30.00 15.88
N MET I 376 49.72 30.92 16.50
CA MET I 376 48.41 31.30 16.01
C MET I 376 47.93 32.58 16.68
N GLU I 377 46.91 33.16 16.11
CA GLU I 377 46.38 34.42 16.57
C GLU I 377 44.91 34.27 16.90
N PHE I 378 44.54 34.76 18.08
CA PHE I 378 43.14 34.84 18.47
C PHE I 378 42.66 36.27 18.19
N ARG I 379 41.55 36.37 17.48
CA ARG I 379 40.94 37.65 17.21
C ARG I 379 39.61 37.71 17.98
N VAL I 380 39.59 38.44 19.08
CA VAL I 380 38.41 38.48 19.94
C VAL I 380 37.36 39.52 19.52
N ARG I 381 36.16 39.03 19.18
CA ARG I 381 35.03 39.87 18.86
C ARG I 381 34.27 40.26 20.12
N GLU I 382 33.92 41.54 20.23
CA GLU I 382 33.12 41.99 21.36
C GLU I 382 31.66 41.72 21.19
N THR I 383 31.10 41.18 22.27
CA THR I 383 29.79 40.61 22.29
C THR I 383 29.15 41.24 23.52
N CYS I 384 27.83 41.32 23.54
CA CYS I 384 27.17 41.87 24.70
C CYS I 384 26.76 40.80 25.68
N GLU I 385 27.13 39.55 25.36
CA GLU I 385 26.90 38.42 26.23
C GLU I 385 27.69 38.48 27.52
N GLU I 386 27.10 37.88 28.55
CA GLU I 386 27.67 37.68 29.86
C GLU I 386 28.04 36.22 29.95
N ASP I 387 29.29 35.90 30.20
CA ASP I 387 29.62 34.50 30.45
C ASP I 387 29.67 34.23 31.94
N SER I 388 28.67 33.51 32.42
CA SER I 388 28.56 33.17 33.83
C SER I 388 29.26 31.84 34.20
N PHE I 389 30.02 31.23 33.30
CA PHE I 389 30.81 30.04 33.62
C PHE I 389 31.62 30.24 34.90
N ALA I 390 31.64 29.20 35.74
CA ALA I 390 32.34 29.20 37.03
C ALA I 390 33.40 28.08 37.07
N LEU I 391 34.56 28.39 37.65
CA LEU I 391 35.66 27.46 37.75
C LEU I 391 35.97 27.11 39.20
N PRO I 392 35.66 25.89 39.63
CA PRO I 392 35.91 25.58 41.04
C PRO I 392 37.40 25.34 41.38
N GLU I 393 37.80 25.77 42.57
CA GLU I 393 39.16 25.52 43.09
C GLU I 393 39.58 24.05 43.14
N VAL I 394 38.65 23.16 43.40
CA VAL I 394 38.88 21.75 43.15
C VAL I 394 37.99 21.38 42.00
N LEU I 395 38.48 20.48 41.15
CA LEU I 395 37.95 20.35 39.81
C LEU I 395 37.42 18.93 39.62
N SER I 396 38.12 17.95 40.15
CA SER I 396 37.73 16.56 40.01
C SER I 396 37.65 15.92 41.37
N GLY I 397 36.50 15.34 41.66
CA GLY I 397 36.27 14.61 42.91
C GLY I 397 36.76 13.18 42.83
N SER I 398 36.84 12.64 41.60
CA SER I 398 37.28 11.27 41.39
C SER I 398 38.78 11.12 41.57
N PHE I 399 39.55 12.17 41.31
CA PHE I 399 41.00 12.05 41.31
C PHE I 399 41.53 11.57 42.67
N ARG I 400 42.31 10.50 42.67
CA ARG I 400 43.02 10.07 43.87
C ARG I 400 44.53 10.12 43.67
N ARG I 401 45.20 10.93 44.48
CA ARG I 401 46.67 10.90 44.56
C ARG I 401 47.18 9.45 44.62
N MET I 402 48.18 9.14 43.81
CA MET I 402 48.89 7.86 43.89
C MET I 402 49.81 7.83 45.09
N SER I 403 49.67 6.81 45.93
CA SER I 403 50.55 6.71 47.11
C SER I 403 51.69 5.70 46.94
N HIS I 404 52.92 6.19 47.10
CA HIS I 404 54.07 5.33 47.34
C HIS I 404 53.90 4.31 48.48
N ASP I 405 52.88 4.48 49.32
CA ASP I 405 52.52 3.44 50.30
C ASP I 405 51.80 2.22 49.74
N ILE I 406 51.29 2.30 48.51
CA ILE I 406 50.72 1.14 47.86
C ILE I 406 51.87 0.17 47.53
N PRO I 407 51.72 -1.13 47.87
CA PRO I 407 52.82 -2.06 47.51
C PRO I 407 53.04 -2.04 46.00
N HIS I 408 54.29 -2.19 45.57
CA HIS I 408 54.60 -2.06 44.14
C HIS I 408 55.98 -2.63 43.79
N GLY I 409 56.16 -3.03 42.53
CA GLY I 409 57.51 -3.31 41.98
C GLY I 409 58.29 -2.08 41.57
N HIS I 410 59.60 -2.25 41.31
CA HIS I 410 60.44 -1.13 40.88
C HIS I 410 61.16 -1.45 39.58
N ARG I 411 61.29 -0.43 38.71
CA ARG I 411 62.15 -0.51 37.53
C ARG I 411 63.12 0.66 37.50
N LEU I 412 64.33 0.41 37.05
CA LEU I 412 65.29 1.46 36.81
C LEU I 412 65.64 1.50 35.32
N ILE I 413 65.36 2.64 34.69
CA ILE I 413 65.61 2.89 33.27
C ILE I 413 66.64 4.01 33.14
N VAL I 414 67.82 3.70 32.64
CA VAL I 414 68.81 4.75 32.50
C VAL I 414 68.77 5.29 31.09
N LEU I 415 68.84 6.61 30.98
CA LEU I 415 68.93 7.25 29.67
C LEU I 415 70.37 7.76 29.47
N THR I 416 71.07 7.22 28.47
CA THR I 416 72.52 7.45 28.29
C THR I 416 72.81 8.57 27.28
N PRO I 417 73.95 9.28 27.44
CA PRO I 417 74.34 10.31 26.44
C PRO I 417 74.68 9.68 25.11
N PRO I 418 74.55 10.44 24.01
CA PRO I 418 74.77 9.85 22.66
C PRO I 418 76.17 9.21 22.45
N GLY I 419 77.21 9.77 23.03
CA GLY I 419 78.54 9.23 22.73
C GLY I 419 78.99 8.05 23.59
N THR I 420 78.07 7.21 24.04
CA THR I 420 78.44 6.09 24.92
C THR I 420 79.02 4.89 24.18
N LYS I 421 80.01 4.26 24.80
CA LYS I 421 80.59 3.01 24.29
C LYS I 421 79.52 2.15 23.65
N GLY I 422 79.65 1.97 22.35
CA GLY I 422 78.85 0.98 21.62
C GLY I 422 77.43 1.37 21.25
N SER I 423 77.13 2.65 21.12
CA SER I 423 75.78 3.07 20.82
C SER I 423 75.71 3.61 19.43
N GLY I 424 76.84 3.49 18.72
CA GLY I 424 76.98 4.08 17.38
C GLY I 424 76.70 5.57 17.37
N GLY I 425 76.77 6.19 18.54
CA GLY I 425 76.59 7.64 18.67
C GLY I 425 75.17 8.09 19.00
N HIS I 426 74.30 7.14 19.34
CA HIS I 426 72.89 7.44 19.68
C HIS I 426 72.62 7.31 21.17
N PRO I 427 71.79 8.21 21.74
CA PRO I 427 71.31 8.02 23.11
C PRO I 427 70.55 6.70 23.14
N GLU I 428 70.39 6.10 24.30
CA GLU I 428 69.76 4.80 24.41
C GLU I 428 68.98 4.67 25.69
N ILE I 429 68.11 3.67 25.71
CA ILE I 429 67.51 3.21 26.94
C ILE I 429 68.35 2.04 27.42
N TRP I 430 68.71 2.07 28.70
CA TRP I 430 69.36 0.95 29.36
C TRP I 430 68.51 0.40 30.48
N GLU I 431 67.99 -0.81 30.30
CA GLU I 431 67.31 -1.48 31.39
C GLU I 431 68.38 -1.94 32.35
N MET I 432 68.17 -1.64 33.62
CA MET I 432 69.16 -1.93 34.65
C MET I 432 68.60 -2.93 35.67
N ALA I 433 69.41 -3.93 36.04
CA ALA I 433 69.13 -4.79 37.19
C ALA I 433 70.10 -4.43 38.32
N GLU I 434 69.63 -4.48 39.55
CA GLU I 434 70.52 -4.38 40.72
C GLU I 434 71.21 -5.72 40.92
N VAL I 435 72.43 -5.72 41.44
CA VAL I 435 73.13 -6.96 41.78
C VAL I 435 73.44 -7.11 43.30
N GLU I 436 73.54 -8.36 43.78
CA GLU I 436 73.87 -8.69 45.19
C GLU I 436 73.28 -7.71 46.22
N GLN I 442 82.23 -5.83 39.12
CA GLN I 442 83.24 -5.07 39.86
C GLN I 442 83.59 -3.79 39.12
N VAL I 443 83.16 -2.66 39.67
CA VAL I 443 83.48 -1.38 39.08
C VAL I 443 84.99 -1.16 39.09
N PRO I 444 85.49 -0.35 38.15
CA PRO I 444 84.78 0.20 36.97
C PRO I 444 84.49 -0.89 35.94
N ALA I 445 83.60 -0.61 34.95
CA ALA I 445 83.14 -1.61 33.95
C ALA I 445 82.07 -1.10 32.95
N GLU I 446 82.16 -1.61 31.72
CA GLU I 446 81.12 -1.38 30.71
C GLU I 446 79.78 -1.95 31.15
N GLY I 447 78.76 -1.11 31.13
CA GLY I 447 77.39 -1.52 31.46
C GLY I 447 77.08 -1.56 32.94
N VAL I 448 78.01 -1.11 33.76
CA VAL I 448 77.85 -1.15 35.21
C VAL I 448 77.80 0.26 35.77
N ILE I 449 76.71 0.61 36.43
CA ILE I 449 76.47 1.98 36.82
C ILE I 449 76.18 1.98 38.30
N GLN I 450 76.87 2.86 39.03
CA GLN I 450 76.69 2.98 40.46
C GLN I 450 75.93 4.23 40.84
N VAL I 451 75.06 4.09 41.83
CA VAL I 451 74.27 5.23 42.27
C VAL I 451 74.29 5.44 43.79
N THR I 452 74.70 6.66 44.17
CA THR I 452 74.66 7.16 45.56
C THR I 452 73.40 7.98 45.77
N GLY I 453 72.51 7.46 46.62
CA GLY I 453 71.21 8.08 46.86
C GLY I 453 71.21 9.15 47.94
N ALA I 454 70.10 9.86 48.05
CA ALA I 454 69.91 10.89 49.07
C ALA I 454 70.48 10.46 50.41
N ASP I 455 70.24 9.19 50.76
CA ASP I 455 70.66 8.62 52.05
C ASP I 455 72.16 8.34 52.16
N GLY I 456 72.90 8.59 51.08
CA GLY I 456 74.35 8.49 51.15
C GLY I 456 74.90 7.13 50.78
N ARG I 457 74.08 6.08 50.87
CA ARG I 457 74.50 4.74 50.44
C ARG I 457 74.64 4.61 48.92
N THR I 458 75.53 3.72 48.47
CA THR I 458 75.78 3.53 47.04
C THR I 458 75.34 2.13 46.61
N LYS I 459 74.40 2.04 45.68
CA LYS I 459 73.95 0.76 45.13
C LYS I 459 74.53 0.55 43.73
N THR I 460 74.56 -0.72 43.30
CA THR I 460 75.23 -1.07 42.06
C THR I 460 74.33 -1.78 41.03
N TYR I 461 74.38 -1.30 39.79
CA TYR I 461 73.46 -1.77 38.76
C TYR I 461 74.14 -2.21 37.48
N ARG I 462 73.59 -3.27 36.91
CA ARG I 462 74.07 -3.86 35.68
C ARG I 462 73.04 -3.61 34.55
N ARG I 463 73.53 -3.25 33.38
CA ARG I 463 72.68 -3.10 32.20
C ARG I 463 72.19 -4.47 31.71
N THR I 464 70.90 -4.58 31.39
CA THR I 464 70.36 -5.84 30.87
C THR I 464 69.77 -5.76 29.45
N ALA I 465 69.60 -4.53 28.95
CA ALA I 465 69.08 -4.28 27.61
C ALA I 465 69.47 -2.88 27.17
N ARG I 466 69.73 -2.72 25.87
CA ARG I 466 70.41 -1.55 25.33
C ARG I 466 69.55 -0.92 24.24
N THR I 467 68.69 -1.72 23.61
CA THR I 467 67.98 -1.28 22.43
C THR I 467 66.73 -2.13 22.25
N PHE I 468 65.82 -1.72 21.38
CA PHE I 468 64.53 -2.40 21.17
C PHE I 468 64.55 -3.93 21.08
N ASN I 469 65.40 -4.50 20.23
CA ASN I 469 65.28 -5.92 19.96
C ASN I 469 66.10 -6.84 20.87
N ASP I 470 66.65 -6.27 21.94
CA ASP I 470 67.33 -7.08 22.94
C ASP I 470 66.22 -7.82 23.71
N GLY I 471 66.51 -9.00 24.25
CA GLY I 471 65.56 -9.75 25.06
C GLY I 471 64.62 -8.96 25.95
N LEU I 472 63.40 -9.46 26.13
CA LEU I 472 62.43 -8.83 27.05
C LEU I 472 63.03 -8.56 28.46
N GLY I 473 62.85 -7.36 28.99
CA GLY I 473 63.13 -7.08 30.40
C GLY I 473 61.87 -7.14 31.27
N PHE I 474 60.86 -6.37 30.95
CA PHE I 474 59.75 -6.17 31.87
C PHE I 474 58.53 -7.02 31.55
N THR I 475 58.23 -7.93 32.48
CA THR I 475 56.98 -8.71 32.50
C THR I 475 56.22 -8.33 33.77
N ILE I 476 54.93 -8.06 33.64
CA ILE I 476 54.12 -7.37 34.67
C ILE I 476 52.74 -8.03 34.79
N GLY I 477 52.40 -8.50 35.99
CA GLY I 477 51.06 -9.06 36.23
C GLY I 477 50.05 -7.92 36.23
N GLU I 478 48.93 -8.05 35.52
CA GLU I 478 48.01 -6.90 35.44
C GLU I 478 47.29 -6.69 36.76
N GLY I 479 46.98 -5.43 37.06
CA GLY I 479 46.50 -5.03 38.36
C GLY I 479 47.60 -4.68 39.35
N THR I 480 48.86 -5.02 39.06
CA THR I 480 49.95 -4.63 39.96
C THR I 480 50.34 -3.17 39.70
N HIS I 481 50.94 -2.53 40.72
CA HIS I 481 51.46 -1.17 40.60
C HIS I 481 52.98 -1.27 40.50
N GLU I 482 53.60 -0.42 39.68
CA GLU I 482 55.06 -0.30 39.68
C GLU I 482 55.50 1.16 39.73
N GLN I 483 56.63 1.40 40.42
CA GLN I 483 57.31 2.68 40.30
C GLN I 483 58.40 2.55 39.26
N TRP I 484 58.37 3.39 38.25
CA TRP I 484 59.49 3.44 37.34
C TRP I 484 60.31 4.69 37.62
N THR I 485 61.62 4.50 37.60
CA THR I 485 62.55 5.61 37.65
C THR I 485 63.26 5.73 36.31
N PHE I 486 63.12 6.90 35.70
CA PHE I 486 63.95 7.28 34.55
C PHE I 486 65.15 8.13 35.01
N LEU I 487 66.34 7.58 34.91
CA LEU I 487 67.55 8.27 35.37
C LEU I 487 68.35 8.70 34.16
N ASN I 488 68.14 9.94 33.72
CA ASN I 488 68.80 10.49 32.56
C ASN I 488 70.19 10.96 32.99
N LEU I 489 71.20 10.42 32.33
CA LEU I 489 72.57 10.82 32.63
C LEU I 489 73.15 11.90 31.70
N SER I 490 72.38 12.37 30.72
CA SER I 490 72.90 13.33 29.75
C SER I 490 72.14 14.61 29.97
N PRO I 491 72.49 15.69 29.26
CA PRO I 491 71.66 16.91 29.31
C PRO I 491 70.62 16.95 28.18
N ILE I 492 70.32 15.81 27.58
CA ILE I 492 69.34 15.85 26.50
C ILE I 492 67.95 15.45 26.98
N LEU I 493 66.99 16.35 26.78
CA LEU I 493 65.63 16.15 27.27
C LEU I 493 64.90 15.04 26.51
N HIS I 494 64.43 14.03 27.24
CA HIS I 494 63.62 13.01 26.57
C HIS I 494 62.23 12.97 27.12
N PRO I 495 61.25 13.14 26.23
CA PRO I 495 59.87 12.93 26.61
C PRO I 495 59.61 11.46 26.54
N MET I 496 59.68 10.82 27.70
CA MET I 496 59.43 9.38 27.87
C MET I 496 57.94 9.03 27.97
N HIS I 497 57.54 7.99 27.24
CA HIS I 497 56.15 7.59 27.12
C HIS I 497 55.96 6.10 27.32
N ILE I 498 54.99 5.73 28.15
CA ILE I 498 54.68 4.32 28.41
C ILE I 498 53.29 3.99 27.88
N HIS I 499 53.16 2.93 27.08
CA HIS I 499 51.85 2.54 26.53
C HIS I 499 50.99 1.99 27.68
N LEU I 500 49.69 1.84 27.40
CA LEU I 500 48.71 1.19 28.30
C LEU I 500 48.33 1.97 29.54
N ALA I 501 49.29 2.13 30.45
CA ALA I 501 49.02 2.58 31.81
C ALA I 501 48.92 4.11 32.02
N ASP I 502 48.25 4.49 33.09
CA ASP I 502 48.24 5.88 33.58
C ASP I 502 49.20 6.04 34.75
N PHE I 503 49.92 7.15 34.75
CA PHE I 503 50.90 7.37 35.80
C PHE I 503 50.72 8.66 36.54
N GLN I 504 51.30 8.73 37.74
CA GLN I 504 51.49 10.02 38.40
C GLN I 504 52.97 10.23 38.68
N VAL I 505 53.40 11.48 38.61
CA VAL I 505 54.77 11.84 38.95
C VAL I 505 54.89 11.84 40.50
N LEU I 506 55.84 11.08 41.03
CA LEU I 506 56.10 11.05 42.49
C LEU I 506 57.20 12.01 42.88
N GLY I 507 58.25 12.14 42.06
CA GLY I 507 59.30 13.11 42.36
C GLY I 507 60.35 13.30 41.29
N ARG I 508 61.17 14.33 41.46
CA ARG I 508 62.35 14.59 40.60
C ARG I 508 63.56 14.98 41.44
N ASP I 509 64.74 14.54 41.01
CA ASP I 509 65.95 14.81 41.75
C ASP I 509 67.04 15.06 40.78
N ALA I 510 67.85 16.08 41.05
CA ALA I 510 69.03 16.36 40.26
C ALA I 510 70.13 15.36 40.58
N TYR I 511 70.95 15.05 39.60
CA TYR I 511 72.10 14.20 39.84
C TYR I 511 73.32 14.87 39.29
N ASP I 512 74.48 14.50 39.83
CA ASP I 512 75.74 14.80 39.17
C ASP I 512 76.16 13.48 38.55
N ALA I 513 76.09 13.42 37.23
CA ALA I 513 76.34 12.19 36.48
C ALA I 513 77.77 12.17 35.94
N SER I 514 78.52 13.24 36.20
CA SER I 514 79.92 13.36 35.76
C SER I 514 80.79 12.10 36.01
N GLY I 515 80.43 11.28 36.99
CA GLY I 515 81.11 10.00 37.23
C GLY I 515 80.86 8.87 36.23
N PHE I 516 79.96 9.08 35.27
CA PHE I 516 79.71 8.10 34.20
C PHE I 516 80.69 8.33 33.04
N ASP I 517 81.52 7.34 32.75
CA ASP I 517 82.54 7.49 31.71
C ASP I 517 82.06 6.90 30.39
N LEU I 518 81.83 7.76 29.41
CA LEU I 518 81.20 7.34 28.17
C LEU I 518 82.04 6.26 27.52
N ALA I 519 83.37 6.46 27.53
CA ALA I 519 84.33 5.57 26.87
C ALA I 519 84.28 4.15 27.42
N LEU I 520 84.00 4.04 28.70
CA LEU I 520 83.89 2.78 29.38
C LEU I 520 82.45 2.24 29.20
N GLY I 521 81.49 3.15 29.04
CA GLY I 521 80.07 2.80 29.18
C GLY I 521 79.75 2.34 30.58
N GLY I 522 80.34 3.01 31.57
CA GLY I 522 80.12 2.66 32.97
C GLY I 522 80.46 3.84 33.86
N THR I 523 80.17 3.71 35.14
CA THR I 523 80.65 4.68 36.13
C THR I 523 82.05 4.33 36.65
N ARG I 524 82.90 5.35 36.75
CA ARG I 524 84.17 5.30 37.49
C ARG I 524 83.91 5.55 38.97
N THR I 525 83.39 6.74 39.25
CA THR I 525 82.78 7.05 40.55
C THR I 525 81.26 7.10 40.37
N PRO I 526 80.50 6.83 41.45
CA PRO I 526 79.05 6.75 41.35
C PRO I 526 78.40 8.03 40.84
N VAL I 527 77.21 7.87 40.26
CA VAL I 527 76.29 8.98 40.05
C VAL I 527 75.75 9.37 41.41
N ARG I 528 75.80 10.67 41.72
CA ARG I 528 75.46 11.13 43.07
C ARG I 528 74.19 11.97 43.03
N LEU I 529 73.26 11.65 43.94
CA LEU I 529 72.10 12.51 44.12
C LEU I 529 72.59 13.84 44.63
N ASP I 530 72.16 14.90 43.97
CA ASP I 530 72.59 16.24 44.32
C ASP I 530 71.50 16.98 45.11
N PRO I 531 71.39 16.71 46.43
CA PRO I 531 70.20 17.15 47.16
C PRO I 531 70.23 18.63 47.54
N ASP I 532 71.10 19.43 46.91
CA ASP I 532 71.00 20.87 47.14
C ASP I 532 70.75 21.68 45.86
N THR I 533 70.45 20.94 44.78
CA THR I 533 69.77 21.49 43.62
C THR I 533 68.38 20.87 43.61
N PRO I 534 67.44 21.48 44.33
CA PRO I 534 66.13 20.85 44.35
C PRO I 534 65.51 20.99 42.97
N VAL I 535 64.68 20.02 42.60
CA VAL I 535 63.95 20.03 41.33
C VAL I 535 62.45 19.91 41.61
N PRO I 536 61.72 21.05 41.60
CA PRO I 536 60.31 20.99 42.02
C PRO I 536 59.46 20.36 40.90
N LEU I 537 58.33 19.73 41.25
CA LEU I 537 57.41 19.23 40.23
C LEU I 537 56.76 20.40 39.52
N ALA I 538 56.51 20.27 38.22
CA ALA I 538 55.75 21.27 37.48
C ALA I 538 54.34 21.32 38.07
N PRO I 539 53.81 22.54 38.30
CA PRO I 539 52.51 22.57 38.94
C PRO I 539 51.40 21.82 38.16
N ASN I 540 51.62 21.55 36.88
CA ASN I 540 50.61 20.88 36.04
C ASN I 540 50.91 19.40 35.75
N GLU I 541 51.91 18.82 36.42
CA GLU I 541 52.14 17.37 36.32
C GLU I 541 51.76 16.58 37.58
N LEU I 542 50.77 17.08 38.31
CA LEU I 542 50.32 16.42 39.52
C LEU I 542 49.10 15.57 39.25
N GLY I 543 48.68 15.48 37.99
CA GLY I 543 47.51 14.69 37.65
C GLY I 543 47.92 13.38 37.03
N HIS I 544 47.13 12.94 36.05
CA HIS I 544 47.42 11.73 35.32
C HIS I 544 48.23 12.02 34.07
N LYS I 545 49.38 11.37 33.95
CA LYS I 545 50.23 11.53 32.77
C LYS I 545 50.63 10.18 32.18
N ASP I 546 50.93 10.16 30.88
CA ASP I 546 51.53 9.00 30.22
C ASP I 546 52.70 9.40 29.32
N VAL I 547 53.01 10.70 29.28
CA VAL I 547 54.22 11.24 28.63
C VAL I 547 54.88 12.25 29.59
N PHE I 548 56.15 12.00 29.93
CA PHE I 548 56.85 12.77 30.97
C PHE I 548 58.12 13.39 30.40
N GLN I 549 58.32 14.68 30.59
CA GLN I 549 59.59 15.27 30.24
C GLN I 549 60.63 14.78 31.23
N VAL I 550 61.75 14.26 30.73
CA VAL I 550 62.87 13.92 31.59
C VAL I 550 64.10 14.74 31.18
N PRO I 551 64.28 15.91 31.80
CA PRO I 551 65.41 16.75 31.52
C PRO I 551 66.72 16.05 31.84
N GLY I 552 67.79 16.68 31.37
CA GLY I 552 69.17 16.24 31.50
C GLY I 552 69.46 15.78 32.90
N PRO I 553 70.76 15.78 33.28
CA PRO I 553 71.31 15.01 34.41
C PRO I 553 70.27 15.02 35.54
N GLN I 554 69.49 13.96 35.69
CA GLN I 554 68.27 14.00 36.54
C GLN I 554 67.55 12.66 36.65
N GLY I 555 66.81 12.49 37.74
CA GLY I 555 65.96 11.32 37.96
C GLY I 555 64.50 11.74 38.00
N LEU I 556 63.64 10.96 37.36
CA LEU I 556 62.20 11.13 37.52
C LEU I 556 61.58 9.83 38.04
N ARG I 557 60.84 9.93 39.14
CA ARG I 557 60.08 8.80 39.68
C ARG I 557 58.59 8.92 39.35
N VAL I 558 58.06 7.86 38.77
CA VAL I 558 56.71 7.86 38.29
C VAL I 558 56.04 6.56 38.74
N MET I 559 54.75 6.59 39.07
CA MET I 559 54.10 5.37 39.54
C MET I 559 52.77 5.09 38.85
N GLY I 560 52.52 3.81 38.60
CA GLY I 560 51.33 3.42 37.86
C GLY I 560 50.79 2.03 38.17
N LYS I 561 49.51 1.86 37.90
CA LYS I 561 48.82 0.60 37.89
C LYS I 561 48.75 0.14 36.42
N PHE I 562 49.20 -1.10 36.18
CA PHE I 562 49.08 -1.73 34.88
C PHE I 562 47.79 -2.55 34.79
N ASP I 563 46.76 -1.88 34.29
CA ASP I 563 45.35 -2.13 34.59
C ASP I 563 44.54 -2.34 33.31
N GLY I 564 43.82 -3.44 33.21
CA GLY I 564 42.62 -3.44 32.35
C GLY I 564 42.82 -3.85 30.91
N ALA I 565 43.99 -4.40 30.60
CA ALA I 565 44.22 -5.03 29.31
C ALA I 565 45.46 -5.90 29.40
N TYR I 566 45.73 -6.72 28.38
CA TYR I 566 46.91 -7.58 28.40
C TYR I 566 47.70 -7.43 27.13
N GLY I 567 48.95 -7.87 27.19
CA GLY I 567 49.70 -8.18 26.00
C GLY I 567 51.06 -7.54 25.97
N ARG I 568 51.57 -7.41 24.76
CA ARG I 568 52.86 -6.82 24.52
C ARG I 568 52.69 -5.37 24.11
N PHE I 569 53.31 -4.50 24.89
CA PHE I 569 53.25 -3.09 24.66
C PHE I 569 54.65 -2.51 24.47
N MET I 570 54.74 -1.19 24.58
CA MET I 570 55.95 -0.49 24.29
C MET I 570 56.14 0.61 25.34
N TYR I 571 57.38 0.94 25.60
CA TYR I 571 57.67 2.25 26.16
C TYR I 571 58.85 2.78 25.41
N HIS I 572 59.03 4.09 25.44
CA HIS I 572 60.01 4.69 24.61
C HIS I 572 60.07 6.20 24.75
N CYS I 573 61.09 6.75 24.15
CA CYS I 573 61.18 8.16 23.96
C CYS I 573 60.27 8.59 22.81
N HIS I 574 59.62 9.75 22.96
CA HIS I 574 58.74 10.24 21.91
C HIS I 574 59.37 11.32 21.07
N LEU I 575 60.71 11.39 21.03
CA LEU I 575 61.34 12.06 19.90
C LEU I 575 61.40 11.02 18.76
N LEU I 576 60.65 11.27 17.68
CA LEU I 576 60.43 10.22 16.68
C LEU I 576 61.74 9.73 16.06
N GLU I 577 62.71 10.63 15.94
CA GLU I 577 63.99 10.22 15.42
C GLU I 577 64.73 9.28 16.37
N HIS I 578 64.60 9.47 17.68
CA HIS I 578 65.22 8.52 18.65
C HIS I 578 64.48 7.21 18.70
N GLU I 579 63.15 7.32 18.67
CA GLU I 579 62.28 6.14 18.58
C GLU I 579 62.58 5.24 17.38
N ASP I 580 62.75 5.84 16.22
CA ASP I 580 62.99 5.09 15.00
C ASP I 580 64.42 4.55 15.02
N MET I 581 65.28 5.11 15.88
CA MET I 581 66.64 4.57 15.98
C MET I 581 66.90 3.77 17.23
N GLY I 582 65.93 2.94 17.65
CA GLY I 582 66.17 1.97 18.70
C GLY I 582 65.80 2.34 20.13
N MET I 583 65.57 3.62 20.38
CA MET I 583 65.17 4.07 21.71
C MET I 583 63.72 3.69 22.10
N MET I 584 63.48 2.39 22.20
CA MET I 584 62.16 1.81 22.39
C MET I 584 62.36 0.40 22.95
N ARG I 585 61.41 -0.08 23.74
CA ARG I 585 61.54 -1.35 24.43
C ARG I 585 60.16 -1.95 24.63
N PRO I 586 60.08 -3.30 24.57
CA PRO I 586 58.80 -3.98 24.81
C PRO I 586 58.52 -4.07 26.27
N PHE I 587 57.26 -4.23 26.63
CA PHE I 587 56.92 -4.78 27.93
C PHE I 587 55.69 -5.71 27.86
N VAL I 588 55.60 -6.67 28.78
CA VAL I 588 54.50 -7.60 28.71
C VAL I 588 53.62 -7.53 29.96
N VAL I 589 52.31 -7.40 29.76
CA VAL I 589 51.35 -7.43 30.85
C VAL I 589 50.47 -8.64 30.66
N MET I 590 50.41 -9.51 31.68
CA MET I 590 49.57 -10.71 31.62
C MET I 590 48.81 -10.99 32.95
N PRO I 591 47.76 -11.85 32.91
CA PRO I 591 47.08 -12.20 34.17
C PRO I 591 48.08 -12.80 35.16
N PRO I 592 47.98 -12.39 36.45
CA PRO I 592 48.77 -12.97 37.55
C PRO I 592 48.76 -14.51 37.51
N GLU I 593 47.64 -15.10 37.12
CA GLU I 593 47.54 -16.55 37.07
C GLU I 593 48.41 -17.13 35.96
N ALA I 594 48.51 -16.44 34.83
CA ALA I 594 49.35 -16.92 33.73
C ALA I 594 50.83 -16.77 34.05
N LEU I 595 51.15 -15.77 34.86
CA LEU I 595 52.50 -15.49 35.34
C LEU I 595 53.14 -16.65 36.09
N LYS I 596 52.35 -17.44 36.81
CA LYS I 596 52.84 -18.63 37.50
C LYS I 596 53.54 -19.58 36.52
N PHE I 597 53.20 -19.49 35.23
CA PHE I 597 53.71 -20.42 34.23
C PHE I 597 54.86 -19.82 33.41
N ASP I 598 55.25 -18.59 33.76
CA ASP I 598 56.52 -18.01 33.35
C ASP I 598 56.38 -16.58 32.80
N ALA J 7 30.14 50.10 -40.57
CA ALA J 7 30.05 50.41 -42.05
C ALA J 7 28.89 49.63 -42.67
N PRO J 8 28.20 50.22 -43.68
CA PRO J 8 27.11 49.53 -44.39
C PRO J 8 27.44 48.06 -44.73
N GLY J 9 26.64 47.12 -44.22
CA GLY J 9 26.86 45.70 -44.44
C GLY J 9 27.82 45.00 -43.46
N GLU J 10 28.16 45.68 -42.38
CA GLU J 10 29.03 45.07 -41.37
C GLU J 10 28.28 44.75 -40.11
N LEU J 11 28.69 43.68 -39.47
CA LEU J 11 28.15 43.34 -38.15
C LEU J 11 28.67 44.31 -37.11
N THR J 12 27.83 44.66 -36.15
CA THR J 12 28.22 45.43 -34.97
C THR J 12 28.77 44.46 -33.94
N PRO J 13 30.01 44.65 -33.49
CA PRO J 13 30.55 43.76 -32.48
C PRO J 13 29.90 44.01 -31.14
N PHE J 14 29.86 42.97 -30.32
CA PHE J 14 29.34 43.01 -28.96
C PHE J 14 27.87 43.33 -28.89
N ALA J 15 27.11 42.76 -29.84
CA ALA J 15 25.67 42.91 -29.83
C ALA J 15 24.98 41.85 -28.98
N ALA J 16 25.63 40.71 -28.79
CA ALA J 16 24.97 39.61 -28.10
C ALA J 16 25.84 39.11 -26.96
N PRO J 17 25.20 38.57 -25.92
CA PRO J 17 25.95 38.08 -24.78
C PRO J 17 26.60 36.71 -25.02
N LEU J 18 27.74 36.48 -24.38
CA LEU J 18 28.45 35.20 -24.44
C LEU J 18 27.55 34.09 -23.91
N THR J 19 27.58 32.92 -24.53
CA THR J 19 26.94 31.76 -23.92
C THR J 19 28.00 30.75 -23.54
N VAL J 20 27.66 29.79 -22.71
CA VAL J 20 28.55 28.67 -22.50
C VAL J 20 27.78 27.39 -22.82
N PRO J 21 28.46 26.34 -23.30
CA PRO J 21 27.78 25.06 -23.57
C PRO J 21 27.18 24.45 -22.30
N PRO J 22 26.12 23.64 -22.44
CA PRO J 22 25.63 22.96 -21.22
C PRO J 22 26.74 22.03 -20.67
N VAL J 23 26.79 21.87 -19.36
CA VAL J 23 27.72 20.97 -18.72
C VAL J 23 27.18 19.51 -18.61
N LEU J 24 28.00 18.55 -19.05
CA LEU J 24 27.64 17.15 -19.00
C LEU J 24 28.57 16.42 -18.02
N ARG J 25 27.97 15.69 -17.07
CA ARG J 25 28.77 14.87 -16.15
C ARG J 25 28.47 13.40 -16.36
N PRO J 26 29.32 12.70 -17.10
CA PRO J 26 28.95 11.37 -17.53
C PRO J 26 29.33 10.29 -16.55
N ALA J 27 30.11 10.59 -15.52
CA ALA J 27 30.61 9.50 -14.64
C ALA J 27 29.40 8.85 -13.95
N SER J 28 29.39 7.52 -13.86
CA SER J 28 28.28 6.84 -13.20
C SER J 28 28.86 5.66 -12.48
N ASP J 29 28.07 5.00 -11.64
CA ASP J 29 28.54 3.77 -11.04
C ASP J 29 28.41 2.54 -11.93
N GLU J 30 27.58 2.59 -12.96
CA GLU J 30 27.57 1.54 -13.98
C GLU J 30 28.49 1.89 -15.18
N VAL J 31 29.74 1.46 -15.18
CA VAL J 31 30.65 1.83 -16.26
C VAL J 31 30.14 1.36 -17.64
N THR J 32 29.40 0.26 -17.64
CA THR J 32 28.82 -0.28 -18.87
C THR J 32 27.68 0.54 -19.40
N ARG J 33 27.19 1.49 -18.63
CA ARG J 33 26.16 2.39 -19.13
C ARG J 33 26.79 3.59 -19.86
N GLU J 34 26.82 3.55 -21.18
CA GLU J 34 27.46 4.62 -21.95
C GLU J 34 26.64 5.91 -21.88
N THR J 35 27.28 7.05 -22.06
CA THR J 35 26.55 8.27 -22.27
C THR J 35 26.59 8.38 -23.79
N GLU J 36 25.43 8.47 -24.42
CA GLU J 36 25.33 8.78 -25.82
C GLU J 36 25.52 10.28 -26.07
N ILE J 37 26.42 10.64 -26.97
CA ILE J 37 26.50 12.01 -27.46
C ILE J 37 26.16 12.00 -28.93
N ALA J 38 25.03 12.58 -29.28
CA ALA J 38 24.46 12.40 -30.63
C ALA J 38 24.77 13.59 -31.48
N LEU J 39 25.36 13.32 -32.65
CA LEU J 39 25.66 14.38 -33.59
C LEU J 39 24.39 14.70 -34.34
N ARG J 40 23.93 15.95 -34.25
CA ARG J 40 22.69 16.31 -34.92
C ARG J 40 22.84 17.63 -35.70
N PRO J 41 22.07 17.80 -36.80
CA PRO J 41 22.02 19.12 -37.41
C PRO J 41 21.40 20.08 -36.41
N THR J 42 21.81 21.34 -36.46
CA THR J 42 21.29 22.33 -35.57
C THR J 42 21.41 23.71 -36.24
N TRP J 43 20.50 24.63 -35.92
CA TRP J 43 20.53 25.99 -36.47
C TRP J 43 21.03 26.94 -35.38
N VAL J 44 22.11 27.63 -35.69
CA VAL J 44 22.82 28.40 -34.71
C VAL J 44 22.69 29.86 -35.11
N ARG J 45 22.46 30.74 -34.15
CA ARG J 45 22.50 32.17 -34.45
C ARG J 45 23.91 32.76 -34.16
N LEU J 46 24.72 32.94 -35.19
CA LEU J 46 26.07 33.50 -35.00
C LEU J 46 26.06 34.96 -34.52
N HIS J 47 25.00 35.68 -34.87
CA HIS J 47 24.99 37.11 -34.60
C HIS J 47 23.59 37.63 -34.93
N PRO J 48 23.08 38.55 -34.07
CA PRO J 48 21.72 39.10 -34.22
C PRO J 48 21.48 39.64 -35.60
N GLN J 49 22.52 40.14 -36.25
CA GLN J 49 22.38 40.68 -37.61
C GLN J 49 22.44 39.65 -38.76
N LEU J 50 22.59 38.38 -38.42
CA LEU J 50 22.63 37.32 -39.41
C LEU J 50 21.39 36.46 -39.27
N PRO J 51 21.04 35.75 -40.36
CA PRO J 51 20.09 34.66 -40.25
C PRO J 51 20.76 33.50 -39.50
N PRO J 52 19.97 32.53 -39.04
CA PRO J 52 20.50 31.33 -38.45
C PRO J 52 21.39 30.59 -39.44
N THR J 53 22.39 29.90 -38.90
CA THR J 53 23.43 29.23 -39.66
C THR J 53 23.28 27.76 -39.40
N LEU J 54 23.28 26.96 -40.46
CA LEU J 54 23.20 25.51 -40.31
C LEU J 54 24.52 24.94 -39.79
N MET J 55 24.48 24.18 -38.69
CA MET J 55 25.65 23.46 -38.19
C MET J 55 25.37 22.00 -37.81
N TRP J 56 26.45 21.30 -37.50
CA TRP J 56 26.38 19.95 -36.96
C TRP J 56 26.96 20.09 -35.56
N GLY J 57 26.16 19.69 -34.57
CA GLY J 57 26.52 19.86 -33.17
C GLY J 57 26.39 18.56 -32.40
N TYR J 58 27.41 18.26 -31.60
CA TYR J 58 27.29 17.27 -30.57
C TYR J 58 26.11 17.64 -29.68
N ASP J 59 25.16 16.71 -29.51
CA ASP J 59 23.83 16.99 -28.90
C ASP J 59 23.14 18.22 -29.46
N GLY J 60 23.41 18.53 -30.72
CA GLY J 60 22.80 19.71 -31.35
C GLY J 60 23.22 21.03 -30.70
N GLN J 61 24.39 21.05 -30.05
CA GLN J 61 24.93 22.24 -29.39
C GLN J 61 26.22 22.64 -30.10
N VAL J 62 26.44 23.92 -30.37
CA VAL J 62 27.74 24.36 -30.87
C VAL J 62 28.28 25.52 -30.04
N PRO J 63 29.43 25.33 -29.34
CA PRO J 63 30.18 24.06 -29.21
C PRO J 63 29.40 22.98 -28.46
N GLY J 64 29.79 21.71 -28.62
CA GLY J 64 29.14 20.63 -27.91
C GLY J 64 29.24 20.82 -26.41
N PRO J 65 28.55 19.95 -25.64
CA PRO J 65 28.56 20.06 -24.17
C PRO J 65 29.97 20.11 -23.61
N THR J 66 30.16 20.90 -22.57
CA THR J 66 31.36 20.77 -21.73
C THR J 66 31.29 19.52 -20.84
N ILE J 67 32.18 18.56 -21.10
CA ILE J 67 32.22 17.37 -20.29
C ILE J 67 33.07 17.66 -19.08
N GLU J 68 32.59 17.27 -17.90
CA GLU J 68 33.37 17.46 -16.71
C GLU J 68 33.48 16.15 -15.96
N VAL J 69 34.71 15.74 -15.68
CA VAL J 69 35.00 14.48 -14.99
C VAL J 69 36.07 14.74 -13.89
N ARG J 70 36.19 13.78 -12.97
CA ARG J 70 37.26 13.81 -11.98
C ARG J 70 38.36 12.83 -12.38
N ARG J 71 39.57 13.12 -11.96
CA ARG J 71 40.65 12.21 -12.24
C ARG J 71 40.27 10.82 -11.78
N GLY J 72 40.38 9.84 -12.67
CA GLY J 72 40.19 8.45 -12.29
C GLY J 72 38.77 7.94 -12.43
N GLN J 73 37.82 8.81 -12.74
CA GLN J 73 36.49 8.33 -13.08
C GLN J 73 36.47 7.85 -14.50
N ARG J 74 36.36 6.54 -14.65
CA ARG J 74 36.30 5.91 -15.95
C ARG J 74 34.93 6.13 -16.63
N VAL J 75 34.94 6.61 -17.86
CA VAL J 75 33.68 6.89 -18.54
C VAL J 75 33.69 6.39 -19.97
N ARG J 76 32.53 5.95 -20.44
CA ARG J 76 32.40 5.46 -21.80
C ARG J 76 31.40 6.35 -22.54
N ILE J 77 31.78 6.82 -23.72
CA ILE J 77 30.88 7.62 -24.51
C ILE J 77 30.61 6.98 -25.87
N ALA J 78 29.36 7.05 -26.31
CA ALA J 78 28.97 6.66 -27.67
C ALA J 78 28.81 7.93 -28.51
N TRP J 79 29.87 8.28 -29.25
CA TRP J 79 29.77 9.30 -30.30
C TRP J 79 28.92 8.78 -31.48
N THR J 80 27.65 9.16 -31.49
CA THR J 80 26.67 8.51 -32.34
C THR J 80 26.21 9.45 -33.42
N ASN J 81 26.44 9.06 -34.66
CA ASN J 81 26.11 9.91 -35.80
C ASN J 81 24.58 9.84 -36.11
N ARG J 82 23.87 10.93 -35.82
CA ARG J 82 22.43 10.99 -36.06
C ARG J 82 22.07 12.12 -36.99
N ILE J 83 22.93 12.35 -37.98
CA ILE J 83 22.61 13.28 -39.05
C ILE J 83 22.00 12.48 -40.24
N PRO J 84 20.72 12.71 -40.58
CA PRO J 84 20.08 11.89 -41.63
C PRO J 84 20.77 11.94 -43.02
N LYS J 85 20.81 10.81 -43.72
CA LYS J 85 21.26 10.80 -45.11
C LYS J 85 20.49 11.83 -45.92
N GLY J 86 21.19 12.53 -46.82
CA GLY J 86 20.55 13.59 -47.60
C GLY J 86 20.60 14.95 -46.92
N SER J 87 21.16 15.02 -45.72
CA SER J 87 21.36 16.31 -45.07
C SER J 87 22.27 17.22 -45.91
N GLU J 88 21.90 18.49 -45.98
CA GLU J 88 22.70 19.49 -46.63
C GLU J 88 24.06 19.57 -45.89
N TYR J 89 25.16 19.50 -46.62
CA TYR J 89 26.45 19.72 -45.96
C TYR J 89 26.62 21.17 -45.52
N PRO J 90 27.02 21.40 -44.23
CA PRO J 90 26.89 22.77 -43.70
C PRO J 90 27.96 23.74 -44.15
N VAL J 91 29.08 23.24 -44.66
CA VAL J 91 30.16 24.15 -45.05
C VAL J 91 30.24 24.25 -46.58
N THR J 92 30.15 25.47 -47.12
CA THR J 92 30.41 25.72 -48.52
C THR J 92 31.92 25.90 -48.64
N SER J 93 32.55 25.25 -49.61
CA SER J 93 33.99 25.38 -49.86
C SER J 93 34.34 25.96 -51.25
N VAL J 94 35.23 26.95 -51.25
CA VAL J 94 35.78 27.56 -52.47
C VAL J 94 37.26 27.84 -52.35
N GLU J 95 37.92 27.83 -53.50
CA GLU J 95 39.30 28.32 -53.62
C GLU J 95 39.28 29.43 -54.65
N VAL J 96 40.00 30.48 -54.36
CA VAL J 96 39.76 31.78 -54.93
C VAL J 96 41.13 32.30 -55.38
N PRO J 97 41.19 33.07 -56.51
CA PRO J 97 42.53 33.47 -56.98
C PRO J 97 43.21 34.45 -56.02
N LEU J 98 44.45 34.79 -56.32
CA LEU J 98 45.34 35.46 -55.40
C LEU J 98 45.14 36.94 -55.13
N GLY J 99 44.49 37.69 -56.01
CA GLY J 99 44.29 39.12 -55.67
C GLY J 99 45.53 40.04 -55.75
N PRO J 100 45.31 41.33 -56.12
CA PRO J 100 46.38 42.30 -56.40
C PRO J 100 47.35 42.44 -55.23
N PRO J 101 48.67 42.44 -55.53
CA PRO J 101 49.66 42.46 -54.43
C PRO J 101 49.55 43.75 -53.59
N GLY J 102 49.88 43.65 -52.30
CA GLY J 102 49.78 44.76 -51.37
C GLY J 102 48.37 45.27 -51.10
N THR J 103 47.35 44.54 -51.56
CA THR J 103 46.00 44.72 -51.03
C THR J 103 45.58 43.49 -50.21
N PRO J 104 44.70 43.66 -49.21
CA PRO J 104 44.42 42.52 -48.34
C PRO J 104 43.95 41.28 -49.10
N ALA J 105 44.45 40.11 -48.73
CA ALA J 105 44.04 38.86 -49.34
C ALA J 105 42.52 38.62 -49.33
N PRO J 106 42.02 37.86 -50.31
CA PRO J 106 40.59 37.58 -50.38
C PRO J 106 40.00 36.86 -49.15
N ASN J 107 40.82 36.20 -48.31
CA ASN J 107 40.29 35.50 -47.12
C ASN J 107 39.98 36.45 -45.95
N THR J 108 40.12 37.73 -46.25
CA THR J 108 39.90 38.82 -45.35
C THR J 108 38.49 39.35 -45.63
N GLU J 109 37.83 38.79 -46.63
CA GLU J 109 36.49 39.24 -47.00
C GLU J 109 35.51 38.06 -47.04
N PRO J 110 34.22 38.31 -46.75
CA PRO J 110 33.20 37.27 -46.92
C PRO J 110 32.91 36.95 -48.39
N GLY J 111 32.05 35.99 -48.66
CA GLY J 111 31.58 35.77 -50.03
C GLY J 111 32.55 34.96 -50.88
N ARG J 112 32.04 34.51 -52.03
CA ARG J 112 32.79 33.65 -52.95
C ARG J 112 33.45 34.41 -54.12
N GLY J 113 33.21 35.71 -54.20
CA GLY J 113 33.75 36.49 -55.31
C GLY J 113 32.81 36.20 -56.45
N GLY J 114 33.11 35.17 -57.21
CA GLY J 114 32.08 34.61 -58.08
C GLY J 114 32.39 33.16 -58.33
N VAL J 115 33.21 32.58 -57.48
CA VAL J 115 33.76 31.25 -57.70
C VAL J 115 32.74 30.18 -57.28
N GLU J 116 32.52 29.20 -58.15
CA GLU J 116 31.58 28.10 -57.85
C GLU J 116 32.00 27.32 -56.59
N PRO J 117 31.01 26.91 -55.77
CA PRO J 117 31.30 25.98 -54.70
C PRO J 117 31.86 24.65 -55.24
N ASN J 118 32.79 24.05 -54.52
CA ASN J 118 33.25 22.69 -54.77
C ASN J 118 32.11 21.66 -54.58
N LYS J 119 31.71 21.01 -55.66
CA LYS J 119 30.57 20.06 -55.61
C LYS J 119 30.93 18.85 -54.78
N ASP J 120 32.23 18.59 -54.65
CA ASP J 120 32.70 17.42 -53.92
C ASP J 120 32.51 17.55 -52.41
N VAL J 121 32.73 18.75 -51.87
CA VAL J 121 32.41 19.03 -50.48
C VAL J 121 30.91 19.02 -50.29
N ALA J 122 30.19 19.70 -51.19
CA ALA J 122 28.70 19.70 -51.09
C ALA J 122 28.05 18.28 -51.05
N ALA J 123 28.76 17.31 -51.60
CA ALA J 123 28.26 15.97 -51.77
C ALA J 123 28.68 15.06 -50.62
N LEU J 124 29.50 15.56 -49.69
CA LEU J 124 29.88 14.80 -48.49
C LEU J 124 28.67 14.38 -47.66
N PRO J 125 28.61 13.09 -47.27
CA PRO J 125 27.65 12.66 -46.27
C PRO J 125 28.23 12.92 -44.88
N ALA J 126 27.39 12.81 -43.85
CA ALA J 126 27.89 12.98 -42.49
C ALA J 126 28.76 11.77 -42.19
N TRP J 127 30.03 12.02 -41.96
CA TRP J 127 30.95 10.97 -41.76
C TRP J 127 31.98 11.47 -40.75
N SER J 128 31.89 10.92 -39.53
CA SER J 128 32.58 11.53 -38.40
C SER J 128 33.17 10.52 -37.45
N VAL J 129 34.36 10.85 -36.97
CA VAL J 129 34.97 10.19 -35.83
C VAL J 129 35.41 11.31 -34.85
N THR J 130 35.29 11.05 -33.55
CA THR J 130 35.65 12.06 -32.58
C THR J 130 36.93 11.69 -31.83
N HIS J 131 37.80 12.69 -31.73
CA HIS J 131 39.06 12.55 -31.06
C HIS J 131 39.05 13.48 -29.84
N LEU J 132 39.27 12.89 -28.65
CA LEU J 132 39.37 13.63 -27.43
C LEU J 132 40.84 14.04 -27.30
N HIS J 133 41.09 15.32 -27.58
CA HIS J 133 42.43 15.83 -27.78
C HIS J 133 43.12 16.05 -26.45
N GLY J 134 44.19 15.30 -26.22
CA GLY J 134 44.87 15.33 -24.92
C GLY J 134 44.68 14.06 -24.11
N ALA J 135 43.62 13.30 -24.38
CA ALA J 135 43.27 12.18 -23.50
C ALA J 135 44.37 11.14 -23.47
N GLN J 136 44.69 10.68 -22.27
CA GLN J 136 45.49 9.50 -22.14
C GLN J 136 44.51 8.36 -22.22
N THR J 137 44.41 7.76 -23.39
CA THR J 137 43.55 6.61 -23.61
C THR J 137 44.08 5.78 -24.78
N GLY J 138 43.65 4.52 -24.85
CA GLY J 138 44.13 3.62 -25.91
C GLY J 138 43.76 4.05 -27.32
N GLY J 139 44.47 3.50 -28.29
CA GLY J 139 44.23 3.79 -29.70
C GLY J 139 42.81 3.43 -30.10
N GLY J 140 42.24 2.38 -29.50
CA GLY J 140 40.86 2.01 -29.80
C GLY J 140 39.86 3.07 -29.39
N ASN J 141 40.29 3.98 -28.53
CA ASN J 141 39.39 5.01 -27.97
C ASN J 141 39.64 6.40 -28.51
N ASP J 142 40.73 6.52 -29.27
CA ASP J 142 41.36 7.79 -29.59
C ASP J 142 40.74 8.52 -30.79
N GLY J 143 39.94 7.80 -31.60
CA GLY J 143 39.29 8.42 -32.78
C GLY J 143 40.17 8.39 -34.03
N TRP J 144 40.63 7.18 -34.37
CA TRP J 144 41.44 6.94 -35.56
C TRP J 144 40.73 7.51 -36.77
N ALA J 145 41.46 8.31 -37.54
CA ALA J 145 40.90 9.12 -38.58
C ALA J 145 40.13 8.33 -39.63
N ASP J 146 40.58 7.11 -39.90
CA ASP J 146 39.92 6.30 -40.94
C ASP J 146 38.56 5.84 -40.48
N ASN J 147 38.38 5.76 -39.15
CA ASN J 147 37.26 5.02 -38.60
C ASN J 147 36.02 5.87 -38.35
N ALA J 148 35.76 6.83 -39.20
CA ALA J 148 34.62 7.69 -39.05
C ALA J 148 33.35 6.85 -39.34
N VAL J 149 32.22 7.18 -38.72
CA VAL J 149 31.01 6.41 -38.96
C VAL J 149 29.91 7.26 -39.61
N GLY J 150 29.05 6.62 -40.41
CA GLY J 150 27.88 7.26 -40.97
C GLY J 150 26.62 7.21 -40.12
N PHE J 151 25.54 7.68 -40.69
CA PHE J 151 24.26 7.81 -39.99
C PHE J 151 23.90 6.49 -39.32
N GLY J 152 23.68 6.54 -38.01
CA GLY J 152 22.98 5.47 -37.32
C GLY J 152 24.00 4.67 -36.53
N ASP J 153 25.26 4.83 -36.91
CA ASP J 153 26.34 4.11 -36.28
C ASP J 153 27.07 4.95 -35.24
N ALA J 154 27.72 4.25 -34.31
CA ALA J 154 28.44 4.84 -33.21
C ALA J 154 29.95 4.60 -33.24
N GLN J 155 30.67 5.54 -32.64
CA GLN J 155 32.04 5.27 -32.19
C GLN J 155 31.99 5.17 -30.67
N LEU J 156 32.54 4.10 -30.13
CA LEU J 156 32.50 3.89 -28.69
C LEU J 156 33.89 4.17 -28.12
N SER J 157 34.01 5.06 -27.13
CA SER J 157 35.29 5.34 -26.51
C SER J 157 35.24 5.16 -25.00
N GLU J 158 36.25 4.50 -24.47
CA GLU J 158 36.48 4.49 -23.04
C GLU J 158 37.54 5.53 -22.73
N TYR J 159 37.29 6.35 -21.71
CA TYR J 159 38.28 7.31 -21.20
C TYR J 159 38.61 7.05 -19.71
N PRO J 160 39.79 6.47 -19.41
CA PRO J 160 40.07 6.15 -18.01
C PRO J 160 40.25 7.40 -17.15
N ASN J 161 40.69 8.48 -17.78
CA ASN J 161 40.79 9.79 -17.13
C ASN J 161 41.82 9.76 -16.01
N ASP J 162 42.84 8.93 -16.16
CA ASP J 162 43.92 8.86 -15.20
C ASP J 162 45.00 9.89 -15.51
N HIS J 163 44.72 11.14 -15.17
CA HIS J 163 45.54 12.26 -15.58
C HIS J 163 45.19 13.48 -14.75
N GLN J 164 46.18 14.29 -14.48
CA GLN J 164 46.00 15.34 -13.54
C GLN J 164 45.04 16.29 -14.21
N ALA J 165 44.40 17.14 -13.40
CA ALA J 165 43.46 18.16 -13.87
C ALA J 165 43.99 19.00 -15.02
N THR J 166 43.15 19.16 -16.03
CA THR J 166 43.46 20.01 -17.16
C THR J 166 42.23 20.26 -18.07
N GLN J 167 42.41 21.07 -19.12
CA GLN J 167 41.44 21.19 -20.20
C GLN J 167 41.85 20.37 -21.43
N TRP J 168 41.02 19.38 -21.79
CA TRP J 168 41.14 18.69 -23.06
C TRP J 168 40.03 19.25 -23.95
N TRP J 169 40.01 18.85 -25.23
CA TRP J 169 38.92 19.22 -26.10
C TRP J 169 38.74 18.13 -27.08
N TYR J 170 37.53 18.07 -27.65
CA TYR J 170 37.12 16.99 -28.52
C TYR J 170 36.58 17.59 -29.81
N HIS J 171 36.85 16.94 -30.93
CA HIS J 171 36.46 17.44 -32.25
C HIS J 171 36.52 16.32 -33.24
N ASP J 172 35.85 16.50 -34.36
CA ASP J 172 35.94 15.57 -35.47
C ASP J 172 37.34 15.40 -36.01
N HIS J 173 37.64 14.20 -36.49
CA HIS J 173 38.96 13.84 -36.94
C HIS J 173 38.89 12.94 -38.18
N ALA J 174 37.75 12.97 -38.90
CA ALA J 174 37.55 12.14 -40.11
C ALA J 174 38.60 12.41 -41.18
N MET J 175 39.08 11.33 -41.77
CA MET J 175 40.22 11.35 -42.68
C MET J 175 39.91 12.18 -43.92
N ASN J 176 40.78 13.13 -44.23
CA ASN J 176 40.64 14.00 -45.44
C ASN J 176 39.68 15.17 -45.31
N ILE J 177 38.71 15.08 -44.40
CA ILE J 177 37.58 16.05 -44.39
C ILE J 177 37.41 16.75 -43.04
N THR J 178 38.37 16.51 -42.15
CA THR J 178 38.37 17.15 -40.82
C THR J 178 38.20 18.68 -40.88
N ARG J 179 38.80 19.29 -41.90
CA ARG J 179 38.89 20.70 -41.94
C ARG J 179 37.46 21.26 -42.16
N TRP J 180 36.55 20.41 -42.65
CA TRP J 180 35.21 20.84 -42.96
C TRP J 180 34.25 20.44 -41.85
N ASN J 181 34.39 19.21 -41.38
CA ASN J 181 33.57 18.64 -40.30
C ASN J 181 33.72 19.46 -39.03
N VAL J 182 34.96 19.84 -38.70
CA VAL J 182 35.21 20.58 -37.47
C VAL J 182 34.62 21.99 -37.61
N MET J 183 34.80 22.58 -38.78
CA MET J 183 34.27 23.91 -39.05
C MET J 183 32.74 23.87 -39.04
N ALA J 184 32.20 22.69 -39.36
CA ALA J 184 30.74 22.50 -39.40
C ALA J 184 30.11 22.69 -38.01
N GLY J 185 30.93 22.59 -36.96
CA GLY J 185 30.43 22.74 -35.58
C GLY J 185 30.81 21.65 -34.58
N LEU J 186 31.43 20.58 -35.06
CA LEU J 186 31.86 19.46 -34.24
C LEU J 186 33.14 19.69 -33.41
N TYR J 187 32.99 20.45 -32.35
CA TYR J 187 34.06 20.69 -31.38
C TYR J 187 33.47 21.06 -30.04
N GLY J 188 34.06 20.51 -28.98
CA GLY J 188 33.71 20.88 -27.61
C GLY J 188 34.90 20.74 -26.66
N THR J 189 34.70 21.07 -25.38
CA THR J 189 35.78 20.95 -24.40
C THR J 189 35.39 20.00 -23.25
N TYR J 190 36.39 19.57 -22.49
CA TYR J 190 36.27 18.45 -21.58
C TYR J 190 37.26 18.76 -20.47
N LEU J 191 36.77 18.95 -19.25
CA LEU J 191 37.56 19.39 -18.09
C LEU J 191 37.79 18.26 -17.08
N VAL J 192 39.03 17.99 -16.73
CA VAL J 192 39.34 16.97 -15.73
C VAL J 192 39.68 17.67 -14.42
N ARG J 193 39.10 17.18 -13.32
CA ARG J 193 39.30 17.78 -11.99
C ARG J 193 40.07 16.83 -11.06
N ASP J 194 40.84 17.39 -10.14
CA ASP J 194 41.58 16.60 -9.16
C ASP J 194 41.74 17.33 -7.82
N ASP J 195 42.22 16.59 -6.82
CA ASP J 195 42.39 17.13 -5.51
C ASP J 195 43.40 18.27 -5.45
N GLU J 196 44.44 18.19 -6.29
CA GLU J 196 45.45 19.23 -6.31
C GLU J 196 44.89 20.58 -6.76
N GLU J 197 44.24 20.58 -7.92
CA GLU J 197 43.66 21.81 -8.42
C GLU J 197 42.60 22.35 -7.44
N ASP J 198 41.82 21.45 -6.84
CA ASP J 198 40.81 21.87 -5.87
C ASP J 198 41.47 22.65 -4.71
N ALA J 199 42.60 22.16 -4.23
CA ALA J 199 43.23 22.75 -3.06
C ALA J 199 43.76 24.17 -3.30
N LEU J 200 43.64 24.66 -4.54
CA LEU J 200 44.09 25.99 -4.87
C LEU J 200 42.90 26.94 -4.74
N GLY J 201 41.72 26.38 -4.55
CA GLY J 201 40.51 27.19 -4.43
C GLY J 201 40.40 28.25 -5.50
N LEU J 202 40.50 27.86 -6.78
CA LEU J 202 40.41 28.80 -7.88
C LEU J 202 38.97 29.27 -8.13
N PRO J 203 38.79 30.43 -8.78
CA PRO J 203 37.40 30.81 -9.07
C PRO J 203 36.68 29.68 -9.80
N SER J 204 35.39 29.52 -9.55
CA SER J 204 34.67 28.39 -10.14
C SER J 204 33.23 28.79 -10.33
N GLY J 205 32.41 27.83 -10.75
CA GLY J 205 31.01 28.09 -11.04
C GLY J 205 30.81 29.20 -12.07
N ASP J 206 30.08 30.24 -11.67
CA ASP J 206 29.81 31.44 -12.48
C ASP J 206 31.10 32.11 -12.94
N ARG J 207 32.16 31.91 -12.14
CA ARG J 207 33.42 32.57 -12.32
C ARG J 207 34.42 31.71 -13.12
N GLU J 208 34.04 30.50 -13.51
CA GLU J 208 34.87 29.72 -14.44
C GLU J 208 34.17 29.65 -15.80
N ILE J 209 34.84 30.12 -16.85
CA ILE J 209 34.22 30.29 -18.18
C ILE J 209 35.10 29.60 -19.26
N PRO J 210 34.60 28.50 -19.86
CA PRO J 210 35.32 27.94 -20.99
C PRO J 210 35.15 28.88 -22.17
N LEU J 211 36.24 29.19 -22.86
CA LEU J 211 36.14 29.96 -24.10
C LEU J 211 36.75 29.12 -25.23
N LEU J 212 35.89 28.66 -26.14
CA LEU J 212 36.33 28.07 -27.42
C LEU J 212 36.26 29.12 -28.53
N ILE J 213 37.42 29.57 -28.99
CA ILE J 213 37.48 30.56 -30.05
C ILE J 213 37.80 29.88 -31.38
N ALA J 214 37.12 30.31 -32.44
CA ALA J 214 37.35 29.75 -33.76
C ALA J 214 37.01 30.87 -34.74
N ASP J 215 37.94 31.14 -35.67
CA ASP J 215 37.57 32.03 -36.76
C ASP J 215 36.63 31.38 -37.78
N ARG J 216 35.86 32.23 -38.45
CA ARG J 216 34.86 31.81 -39.44
C ARG J 216 34.86 32.76 -40.63
N ASN J 217 34.44 32.24 -41.78
CA ASN J 217 34.00 33.09 -42.86
C ASN J 217 32.60 32.72 -43.27
N LEU J 218 31.98 33.63 -44.01
CA LEU J 218 30.58 33.56 -44.35
C LEU J 218 30.38 33.88 -45.83
N ASP J 219 29.30 33.35 -46.39
CA ASP J 219 28.93 33.59 -47.77
C ASP J 219 28.09 34.88 -47.88
N THR J 220 27.95 35.38 -49.10
CA THR J 220 27.17 36.57 -49.32
C THR J 220 26.18 36.24 -50.44
N ASP J 221 25.10 37.01 -50.54
CA ASP J 221 24.19 36.96 -51.67
C ASP J 221 24.76 37.84 -52.78
N GLU J 222 24.07 37.92 -53.92
CA GLU J 222 24.57 38.67 -55.07
C GLU J 222 24.79 40.16 -54.82
N ASP J 223 23.92 40.77 -54.05
CA ASP J 223 24.15 42.15 -53.65
C ASP J 223 25.16 42.21 -52.48
N GLY J 224 25.85 41.10 -52.21
CA GLY J 224 26.94 41.08 -51.23
C GLY J 224 26.51 41.12 -49.78
N ARG J 225 25.24 40.89 -49.49
CA ARG J 225 24.79 40.81 -48.11
C ARG J 225 25.28 39.51 -47.48
N LEU J 226 25.63 39.57 -46.20
CA LEU J 226 26.03 38.38 -45.46
C LEU J 226 24.85 37.42 -45.26
N ASN J 227 25.02 36.15 -45.62
CA ASN J 227 23.86 35.23 -45.54
C ASN J 227 23.99 34.13 -44.49
N GLY J 228 25.02 34.27 -43.65
CA GLY J 228 25.21 33.36 -42.53
C GLY J 228 25.64 31.96 -42.88
N ARG J 229 25.69 31.61 -44.16
CA ARG J 229 26.25 30.32 -44.56
C ARG J 229 27.76 30.16 -44.29
N LEU J 230 28.13 29.09 -43.59
CA LEU J 230 29.55 28.83 -43.34
C LEU J 230 30.29 28.70 -44.66
N LEU J 231 31.37 29.47 -44.79
CA LEU J 231 32.19 29.48 -46.00
C LEU J 231 33.66 29.13 -45.73
N HIS J 232 34.12 28.00 -46.30
CA HIS J 232 35.51 27.61 -46.21
C HIS J 232 36.21 28.16 -47.42
N LYS J 233 36.76 29.36 -47.25
CA LYS J 233 37.36 30.09 -48.36
C LYS J 233 38.92 30.12 -48.26
N THR J 234 39.62 29.39 -49.14
CA THR J 234 41.09 29.44 -49.19
C THR J 234 41.63 30.14 -50.46
N VAL J 235 42.87 30.60 -50.41
CA VAL J 235 43.51 31.29 -51.54
C VAL J 235 44.50 30.40 -52.24
N ILE J 236 44.35 30.31 -53.57
CA ILE J 236 45.26 29.59 -54.46
C ILE J 236 46.53 30.40 -54.65
N VAL J 237 47.65 29.84 -54.19
CA VAL J 237 48.94 30.46 -54.39
C VAL J 237 49.66 29.82 -55.56
N GLN J 238 49.27 28.62 -55.95
CA GLN J 238 49.78 28.07 -57.20
C GLN J 238 48.66 27.49 -58.03
N GLN J 239 48.35 28.15 -59.15
CA GLN J 239 47.21 27.79 -59.99
C GLN J 239 47.31 26.37 -60.57
N SER J 240 48.52 25.98 -60.97
CA SER J 240 48.71 24.65 -61.54
C SER J 240 50.08 24.14 -61.12
N ASN J 241 50.09 23.07 -60.34
CA ASN J 241 51.31 22.60 -59.75
C ASN J 241 52.06 21.79 -60.79
N PRO J 242 53.38 21.99 -60.91
CA PRO J 242 54.15 21.26 -61.90
C PRO J 242 53.96 19.74 -61.77
N GLU J 243 53.92 19.21 -60.56
CA GLU J 243 53.97 17.75 -60.40
C GLU J 243 52.63 17.06 -60.59
N THR J 244 51.56 17.71 -60.13
CA THR J 244 50.21 17.19 -60.20
C THR J 244 49.50 18.11 -61.18
N GLY J 245 48.24 17.92 -61.46
CA GLY J 245 47.59 18.94 -62.29
C GLY J 245 47.13 20.19 -61.56
N LYS J 246 47.28 20.20 -60.25
CA LYS J 246 46.21 20.79 -59.44
C LYS J 246 46.59 22.08 -58.74
N PRO J 247 45.60 22.92 -58.43
CA PRO J 247 45.84 24.13 -57.64
C PRO J 247 46.32 23.79 -56.25
N VAL J 248 47.14 24.67 -55.70
CA VAL J 248 47.60 24.60 -54.33
C VAL J 248 47.11 25.87 -53.62
N SER J 249 46.50 25.65 -52.47
CA SER J 249 45.90 26.71 -51.68
C SER J 249 46.41 26.71 -50.25
N ILE J 250 46.28 27.84 -49.61
CA ILE J 250 46.75 28.02 -48.26
C ILE J 250 45.72 27.48 -47.27
N PRO J 251 46.11 27.40 -45.99
CA PRO J 251 45.12 27.04 -44.94
C PRO J 251 43.96 28.04 -44.83
N PHE J 252 42.97 27.69 -44.00
CA PHE J 252 41.82 28.53 -43.82
C PHE J 252 42.13 29.63 -42.83
N PHE J 253 41.82 30.88 -43.19
CA PHE J 253 41.68 31.96 -42.20
C PHE J 253 40.46 32.74 -42.61
N GLY J 254 39.80 33.36 -41.64
CA GLY J 254 38.56 34.04 -41.92
C GLY J 254 38.44 35.25 -41.00
N PRO J 255 37.61 36.21 -41.39
CA PRO J 255 37.55 37.54 -40.79
C PRO J 255 36.87 37.58 -39.44
N TYR J 256 35.97 36.63 -39.18
CA TYR J 256 35.01 36.75 -38.05
C TYR J 256 35.43 35.83 -36.92
N THR J 257 35.39 36.35 -35.70
CA THR J 257 35.81 35.55 -34.58
C THR J 257 34.65 35.06 -33.70
N THR J 258 34.48 33.73 -33.64
CA THR J 258 33.43 33.16 -32.78
C THR J 258 34.02 32.79 -31.44
N VAL J 259 33.30 33.11 -30.38
CA VAL J 259 33.64 32.66 -29.02
C VAL J 259 32.37 31.91 -28.57
N ASN J 260 32.50 30.59 -28.34
CA ASN J 260 31.36 29.73 -27.93
C ASN J 260 30.19 29.80 -28.91
N GLY J 261 30.50 29.65 -30.20
CA GLY J 261 29.54 29.74 -31.26
C GLY J 261 28.82 31.08 -31.45
N ARG J 262 29.37 32.18 -30.94
CA ARG J 262 28.85 33.50 -31.34
C ARG J 262 29.97 34.43 -31.79
N ILE J 263 29.70 35.13 -32.88
CA ILE J 263 30.56 36.22 -33.32
C ILE J 263 30.60 37.38 -32.33
N TRP J 264 31.81 37.74 -31.88
CA TRP J 264 32.05 38.92 -31.06
C TRP J 264 31.02 39.18 -29.96
N PRO J 265 30.90 38.23 -29.02
CA PRO J 265 29.96 38.42 -27.92
C PRO J 265 30.52 39.37 -26.87
N TYR J 266 29.68 39.89 -25.97
CA TYR J 266 30.15 40.59 -24.76
C TYR J 266 29.84 39.73 -23.55
N ALA J 267 30.68 39.79 -22.53
CA ALA J 267 30.44 39.04 -21.30
C ALA J 267 30.30 39.97 -20.12
N ASP J 268 29.17 39.91 -19.43
CA ASP J 268 28.96 40.70 -18.22
C ASP J 268 29.70 40.01 -17.10
N VAL J 269 30.62 40.70 -16.45
CA VAL J 269 31.34 40.16 -15.29
C VAL J 269 31.40 41.12 -14.07
N ASP J 270 31.53 40.55 -12.88
CA ASP J 270 31.76 41.31 -11.68
C ASP J 270 33.23 41.70 -11.58
N ASP J 271 33.51 42.70 -10.75
CA ASP J 271 34.87 43.10 -10.47
C ASP J 271 35.53 42.16 -9.46
N GLY J 272 35.76 40.93 -9.88
CA GLY J 272 36.49 39.96 -9.07
C GLY J 272 37.40 39.11 -9.97
N TRP J 273 37.92 38.02 -9.42
CA TRP J 273 38.71 37.07 -10.18
C TRP J 273 37.86 36.11 -10.99
N TYR J 274 38.23 35.96 -12.26
CA TYR J 274 37.66 34.94 -13.12
C TYR J 274 38.73 33.96 -13.60
N ARG J 275 38.32 32.73 -13.82
CA ARG J 275 39.12 31.72 -14.47
C ARG J 275 38.59 31.46 -15.89
N LEU J 276 39.44 31.54 -16.90
CA LEU J 276 39.01 31.28 -18.27
C LEU J 276 39.71 30.04 -18.79
N ARG J 277 38.96 29.13 -19.39
CA ARG J 277 39.55 27.90 -19.90
C ARG J 277 39.60 27.99 -21.43
N LEU J 278 40.65 28.62 -21.94
CA LEU J 278 40.72 29.02 -23.37
C LEU J 278 41.36 27.98 -24.34
N VAL J 279 40.57 27.47 -25.27
CA VAL J 279 41.12 26.69 -26.40
C VAL J 279 40.84 27.41 -27.73
N ASN J 280 41.83 27.46 -28.60
CA ASN J 280 41.65 27.92 -29.98
C ASN J 280 41.25 26.77 -30.85
N ALA J 281 40.00 26.75 -31.28
CA ALA J 281 39.46 25.66 -32.11
C ALA J 281 39.52 25.99 -33.62
N SER J 282 40.38 26.94 -33.98
CA SER J 282 40.47 27.34 -35.38
C SER J 282 41.11 26.29 -36.22
N ASN J 283 40.72 26.22 -37.50
CA ASN J 283 41.46 25.41 -38.48
C ASN J 283 42.97 25.72 -38.51
N ALA J 284 43.31 27.01 -38.49
CA ALA J 284 44.69 27.43 -38.76
C ALA J 284 45.08 28.77 -38.12
N ARG J 285 44.13 29.66 -37.92
CA ARG J 285 44.51 30.99 -37.40
C ARG J 285 45.20 30.83 -36.03
N ILE J 286 46.34 31.52 -35.89
CA ILE J 286 46.95 31.75 -34.59
C ILE J 286 46.47 33.09 -34.02
N TYR J 287 45.74 33.04 -32.91
CA TYR J 287 45.33 34.26 -32.24
C TYR J 287 46.48 34.81 -31.45
N ASN J 288 46.77 36.09 -31.66
CA ASN J 288 47.73 36.82 -30.87
C ASN J 288 47.00 37.85 -30.02
N LEU J 289 46.60 37.40 -28.84
CA LEU J 289 45.59 38.03 -28.00
C LEU J 289 46.15 39.12 -27.11
N VAL J 290 45.49 40.27 -27.10
CA VAL J 290 45.85 41.35 -26.21
C VAL J 290 44.57 41.78 -25.49
N LEU J 291 44.65 41.97 -24.18
CA LEU J 291 43.54 42.58 -23.43
C LEU J 291 43.74 44.10 -23.42
N ILE J 292 42.83 44.83 -24.08
CA ILE J 292 42.89 46.30 -24.16
C ILE J 292 41.69 46.97 -23.51
N ASP J 293 41.83 48.26 -23.17
CA ASP J 293 40.75 49.02 -22.51
C ASP J 293 40.11 49.95 -23.50
N GLU J 294 39.25 50.85 -23.03
CA GLU J 294 38.43 51.68 -23.92
C GLU J 294 39.28 52.58 -24.84
N ASP J 295 40.51 52.90 -24.44
CA ASP J 295 41.43 53.69 -25.27
C ASP J 295 42.38 52.85 -26.07
N ASP J 296 42.11 51.54 -26.17
CA ASP J 296 43.01 50.61 -26.89
C ASP J 296 44.33 50.38 -26.14
N ARG J 297 44.39 50.80 -24.89
CA ARG J 297 45.60 50.56 -24.11
C ARG J 297 45.65 49.11 -23.55
N PRO J 298 46.71 48.36 -23.87
CA PRO J 298 46.96 47.04 -23.24
C PRO J 298 46.93 47.12 -21.71
N VAL J 299 46.28 46.15 -21.07
CA VAL J 299 46.01 46.22 -19.64
C VAL J 299 46.92 45.25 -18.88
N PRO J 300 48.00 45.79 -18.29
CA PRO J 300 48.95 44.97 -17.56
C PRO J 300 48.46 44.58 -16.15
N GLY J 301 49.06 43.53 -15.60
CA GLY J 301 48.89 43.20 -14.19
C GLY J 301 47.55 42.59 -13.83
N VAL J 302 46.86 42.01 -14.80
CA VAL J 302 45.48 41.57 -14.62
C VAL J 302 45.33 40.12 -15.05
N VAL J 303 46.10 39.69 -16.04
CA VAL J 303 45.98 38.33 -16.59
C VAL J 303 47.14 37.46 -16.15
N HIS J 304 46.84 36.28 -15.66
CA HIS J 304 47.91 35.38 -15.22
C HIS J 304 47.65 34.03 -15.84
N GLN J 305 48.59 33.44 -16.56
CA GLN J 305 48.37 32.05 -17.00
C GLN J 305 48.71 31.07 -15.89
N ILE J 306 47.79 30.14 -15.61
CA ILE J 306 48.00 29.19 -14.53
C ILE J 306 48.12 27.72 -14.97
N GLY J 307 47.79 27.44 -16.23
CA GLY J 307 47.85 26.07 -16.77
C GLY J 307 48.03 26.10 -18.27
N SER J 308 48.40 24.94 -18.82
CA SER J 308 48.52 24.74 -20.27
C SER J 308 47.88 23.40 -20.67
N ASP J 309 48.09 22.96 -21.92
CA ASP J 309 47.57 21.67 -22.41
C ASP J 309 47.43 20.53 -21.39
N GLY J 310 48.47 20.27 -20.62
CA GLY J 310 48.51 19.14 -19.73
C GLY J 310 48.23 19.45 -18.26
N GLY J 311 47.86 20.68 -17.94
CA GLY J 311 47.47 21.04 -16.58
C GLY J 311 48.22 22.19 -15.96
N LEU J 312 48.21 22.24 -14.63
CA LEU J 312 48.76 23.37 -13.87
C LEU J 312 50.20 23.65 -14.26
N LEU J 313 50.54 24.91 -14.42
CA LEU J 313 51.92 25.31 -14.69
C LEU J 313 52.67 25.22 -13.38
N PRO J 314 54.01 25.15 -13.42
CA PRO J 314 54.64 25.10 -12.11
C PRO J 314 54.49 26.42 -11.38
N ARG J 315 54.38 27.51 -12.13
CA ARG J 315 54.28 28.84 -11.51
C ARG J 315 53.39 29.71 -12.37
N PRO J 316 52.59 30.60 -11.76
CA PRO J 316 51.78 31.51 -12.55
C PRO J 316 52.64 32.34 -13.48
N VAL J 317 52.10 32.63 -14.66
CA VAL J 317 52.81 33.46 -15.63
C VAL J 317 52.08 34.80 -15.85
N PRO J 318 52.70 35.92 -15.45
CA PRO J 318 51.97 37.18 -15.73
C PRO J 318 51.95 37.46 -17.23
N VAL J 319 50.81 37.94 -17.74
CA VAL J 319 50.68 38.28 -19.17
C VAL J 319 50.34 39.76 -19.19
N ASP J 320 51.36 40.58 -19.39
CA ASP J 320 51.20 42.02 -19.26
C ASP J 320 51.18 42.78 -20.57
N PHE J 321 51.40 42.07 -21.68
CA PHE J 321 51.33 42.69 -23.00
C PHE J 321 52.35 43.83 -23.09
N ASP J 322 53.57 43.52 -22.69
CA ASP J 322 54.68 44.44 -22.69
C ASP J 322 55.67 43.89 -23.71
N ASP J 323 56.91 43.62 -23.31
CA ASP J 323 57.96 43.14 -24.24
C ASP J 323 58.36 41.70 -24.03
N THR J 324 58.51 41.34 -22.75
CA THR J 324 58.51 39.94 -22.25
C THR J 324 57.37 39.06 -22.80
N LEU J 325 56.22 39.66 -23.12
CA LEU J 325 55.07 38.93 -23.65
C LEU J 325 54.03 39.94 -24.14
N PRO J 326 54.19 40.42 -25.39
CA PRO J 326 53.26 41.43 -25.92
C PRO J 326 51.92 40.84 -26.34
N VAL J 327 51.91 39.54 -26.63
CA VAL J 327 50.68 38.88 -27.01
C VAL J 327 50.63 37.54 -26.33
N LEU J 328 49.41 37.10 -26.02
CA LEU J 328 49.19 35.70 -25.71
C LEU J 328 48.99 34.95 -27.03
N SER J 329 49.94 34.10 -27.38
CA SER J 329 49.93 33.51 -28.68
C SER J 329 49.25 32.12 -28.67
N ALA J 330 48.00 32.06 -29.13
CA ALA J 330 47.19 30.89 -29.07
C ALA J 330 47.07 30.23 -30.41
N ALA J 331 47.92 29.24 -30.70
CA ALA J 331 47.84 28.48 -31.97
C ALA J 331 46.70 27.47 -31.88
N PRO J 332 46.22 26.97 -33.04
CA PRO J 332 45.17 25.96 -32.97
C PRO J 332 45.54 24.79 -32.07
N ALA J 333 44.58 24.43 -31.20
CA ALA J 333 44.61 23.26 -30.32
C ALA J 333 45.33 23.47 -28.99
N GLU J 334 45.95 24.65 -28.79
CA GLU J 334 46.62 24.93 -27.51
C GLU J 334 45.57 25.32 -26.48
N ARG J 335 45.85 25.06 -25.20
CA ARG J 335 44.93 25.47 -24.16
C ARG J 335 45.62 26.34 -23.18
N PHE J 336 44.89 27.33 -22.69
CA PHE J 336 45.46 28.29 -21.78
C PHE J 336 44.47 28.50 -20.65
N ASP J 337 44.94 28.24 -19.43
CA ASP J 337 44.16 28.36 -18.23
C ASP J 337 44.58 29.70 -17.64
N LEU J 338 43.69 30.69 -17.83
CA LEU J 338 43.91 32.10 -17.44
C LEU J 338 43.08 32.52 -16.21
N LEU J 339 43.74 33.06 -15.19
CA LEU J 339 43.03 33.87 -14.19
C LEU J 339 43.09 35.30 -14.65
N VAL J 340 41.95 35.96 -14.59
CA VAL J 340 41.86 37.37 -14.93
C VAL J 340 41.32 38.12 -13.70
N ASP J 341 42.13 39.03 -13.18
CA ASP J 341 41.79 39.83 -12.00
C ASP J 341 41.08 41.14 -12.37
N PHE J 342 39.76 41.18 -12.30
CA PHE J 342 38.99 42.42 -12.57
C PHE J 342 38.73 43.26 -11.29
N ARG J 343 39.50 43.04 -10.23
CA ARG J 343 39.17 43.70 -8.94
C ARG J 343 39.11 45.21 -9.05
N ALA J 344 40.02 45.79 -9.80
CA ALA J 344 40.13 47.26 -9.75
C ALA J 344 39.43 47.92 -10.94
N LEU J 345 38.51 47.20 -11.58
CA LEU J 345 38.02 47.56 -12.93
C LEU J 345 36.50 47.64 -13.02
N GLY J 346 35.85 47.84 -11.89
CA GLY J 346 34.40 48.07 -11.86
C GLY J 346 34.05 49.23 -12.78
N GLY J 347 32.96 49.10 -13.52
CA GLY J 347 32.52 50.14 -14.44
C GLY J 347 33.31 50.26 -15.73
N ARG J 348 34.19 49.30 -16.01
CA ARG J 348 35.04 49.41 -17.19
C ARG J 348 34.59 48.41 -18.24
N ARG J 349 35.01 48.65 -19.48
CA ARG J 349 34.81 47.70 -20.55
C ARG J 349 36.14 47.36 -21.22
N LEU J 350 36.53 46.09 -21.15
CA LEU J 350 37.80 45.69 -21.72
C LEU J 350 37.57 44.79 -22.92
N ARG J 351 38.43 44.91 -23.90
CA ARG J 351 38.28 44.09 -25.06
C ARG J 351 39.46 43.18 -25.23
N LEU J 352 39.15 41.96 -25.50
CA LEU J 352 40.19 41.04 -25.87
C LEU J 352 40.27 41.08 -27.40
N VAL J 353 41.46 41.34 -27.98
CA VAL J 353 41.57 41.47 -29.45
C VAL J 353 42.70 40.58 -30.00
N ASP J 354 42.61 40.23 -31.28
CA ASP J 354 43.71 39.63 -32.04
C ASP J 354 44.57 40.79 -32.60
N LYS J 355 45.88 40.81 -32.36
CA LYS J 355 46.77 41.85 -32.93
C LYS J 355 47.37 41.53 -34.29
N GLY J 356 47.27 42.44 -35.23
CA GLY J 356 47.93 42.22 -36.54
C GLY J 356 49.41 42.55 -36.44
N PRO J 357 50.25 41.91 -37.30
CA PRO J 357 51.66 42.31 -37.19
C PRO J 357 51.87 43.78 -37.58
N GLY J 358 50.99 44.35 -38.37
CA GLY J 358 51.27 45.66 -38.95
C GLY J 358 50.54 46.81 -38.29
N ALA J 359 49.95 46.59 -37.13
CA ALA J 359 49.26 47.71 -36.48
C ALA J 359 49.10 47.42 -35.01
N PRO J 360 48.91 48.48 -34.18
CA PRO J 360 48.71 48.39 -32.72
C PRO J 360 47.47 47.59 -32.35
N ALA J 361 47.47 47.03 -31.15
CA ALA J 361 46.37 46.22 -30.69
C ALA J 361 45.11 47.09 -30.70
N GLY J 362 44.04 46.54 -31.29
CA GLY J 362 42.77 47.27 -31.50
C GLY J 362 42.61 47.84 -32.88
N THR J 363 43.71 48.11 -33.56
CA THR J 363 43.66 48.76 -34.85
C THR J 363 43.60 47.68 -35.93
N PRO J 364 42.58 47.76 -36.82
CA PRO J 364 42.47 46.88 -37.99
C PRO J 364 43.79 46.77 -38.75
N ASP J 365 44.06 45.56 -39.20
CA ASP J 365 45.24 45.23 -39.99
C ASP J 365 44.85 44.21 -41.06
N PRO J 366 43.97 44.60 -42.01
CA PRO J 366 43.58 43.65 -43.07
C PRO J 366 44.77 43.14 -43.87
N LEU J 367 45.75 44.00 -44.10
CA LEU J 367 46.94 43.57 -44.79
C LEU J 367 47.69 42.46 -44.08
N GLY J 368 47.70 42.48 -42.75
CA GLY J 368 48.33 41.39 -42.02
C GLY J 368 47.37 40.27 -41.65
N GLY J 369 46.19 40.20 -42.26
CA GLY J 369 45.26 39.11 -41.97
C GLY J 369 44.36 39.34 -40.76
N VAL J 370 44.33 40.56 -40.24
CA VAL J 370 43.38 40.89 -39.18
C VAL J 370 42.55 42.13 -39.51
N ARG J 371 41.62 41.95 -40.44
CA ARG J 371 40.59 42.97 -40.71
C ARG J 371 39.77 43.38 -39.46
N TYR J 372 39.37 42.41 -38.64
CA TYR J 372 38.58 42.73 -37.47
C TYR J 372 39.25 42.19 -36.18
N PRO J 373 39.87 43.10 -35.40
CA PRO J 373 40.64 42.66 -34.22
C PRO J 373 39.75 42.04 -33.12
N GLU J 374 38.49 42.47 -33.06
CA GLU J 374 37.55 42.09 -32.01
C GLU J 374 37.54 40.57 -31.79
N VAL J 375 37.70 40.13 -30.54
CA VAL J 375 37.38 38.74 -30.14
C VAL J 375 36.14 38.76 -29.25
N MET J 376 36.23 39.39 -28.08
CA MET J 376 35.06 39.54 -27.22
C MET J 376 35.26 40.73 -26.30
N GLU J 377 34.18 41.14 -25.64
CA GLU J 377 34.25 42.28 -24.71
C GLU J 377 33.83 41.84 -23.31
N PHE J 378 34.55 42.38 -22.31
CA PHE J 378 34.18 42.21 -20.90
C PHE J 378 33.56 43.48 -20.36
N ARG J 379 32.40 43.34 -19.71
CA ARG J 379 31.72 44.47 -19.07
C ARG J 379 31.73 44.26 -17.56
N VAL J 380 32.60 45.00 -16.86
CA VAL J 380 32.83 44.78 -15.42
C VAL J 380 31.88 45.59 -14.53
N ARG J 381 30.99 44.88 -13.81
CA ARG J 381 30.10 45.55 -12.88
C ARG J 381 30.81 45.83 -11.57
N GLU J 382 30.71 47.08 -11.12
CA GLU J 382 31.19 47.45 -9.79
C GLU J 382 30.28 46.86 -8.70
N THR J 383 30.82 45.96 -7.89
CA THR J 383 30.11 45.53 -6.71
C THR J 383 30.89 46.08 -5.53
N CYS J 384 30.42 45.80 -4.33
CA CYS J 384 31.15 46.22 -3.15
C CYS J 384 31.78 45.02 -2.47
N GLU J 385 31.74 43.88 -3.14
CA GLU J 385 32.33 42.66 -2.60
C GLU J 385 33.85 42.74 -2.70
N GLU J 386 34.50 41.90 -1.92
CA GLU J 386 35.90 42.05 -1.59
C GLU J 386 36.57 40.68 -1.81
N ASP J 387 37.20 40.52 -2.98
CA ASP J 387 37.75 39.21 -3.38
C ASP J 387 39.11 39.00 -2.74
N SER J 388 39.16 38.07 -1.79
CA SER J 388 40.37 37.83 -1.01
C SER J 388 41.24 36.70 -1.59
N PHE J 389 40.90 36.24 -2.80
CA PHE J 389 41.65 35.14 -3.45
C PHE J 389 43.13 35.46 -3.56
N ALA J 390 43.95 34.45 -3.25
CA ALA J 390 45.41 34.54 -3.24
C ALA J 390 46.05 33.68 -4.34
N LEU J 391 46.97 34.26 -5.11
CA LEU J 391 47.65 33.50 -6.15
C LEU J 391 49.08 33.27 -5.72
N PRO J 392 49.47 32.01 -5.52
CA PRO J 392 50.81 31.84 -4.96
C PRO J 392 51.86 31.75 -6.06
N GLU J 393 53.10 31.99 -5.70
CA GLU J 393 54.18 32.12 -6.66
C GLU J 393 54.60 30.80 -7.23
N VAL J 394 54.54 29.77 -6.41
CA VAL J 394 54.69 28.41 -6.87
C VAL J 394 53.28 27.83 -6.92
N LEU J 395 52.93 27.26 -8.06
CA LEU J 395 51.54 26.96 -8.30
C LEU J 395 51.25 25.49 -8.05
N SER J 396 52.01 24.64 -8.73
CA SER J 396 51.86 23.20 -8.61
C SER J 396 52.98 22.55 -7.81
N GLY J 397 52.59 21.76 -6.83
CA GLY J 397 53.55 21.03 -5.99
C GLY J 397 53.87 19.66 -6.57
N SER J 398 52.99 19.14 -7.42
CA SER J 398 53.21 17.85 -8.09
C SER J 398 54.16 18.00 -9.30
N PHE J 399 54.33 19.22 -9.79
CA PHE J 399 55.02 19.41 -11.07
C PHE J 399 56.49 18.98 -11.07
N ARG J 400 56.87 18.08 -11.97
CA ARG J 400 58.27 17.68 -12.07
C ARG J 400 58.82 18.02 -13.45
N ARG J 401 59.95 18.75 -13.44
CA ARG J 401 60.61 19.22 -14.64
C ARG J 401 61.20 18.00 -15.37
N MET J 402 60.86 17.79 -16.65
CA MET J 402 61.48 16.70 -17.44
C MET J 402 62.98 16.90 -17.57
N SER J 403 63.75 15.88 -17.24
CA SER J 403 65.19 16.02 -17.34
C SER J 403 65.78 15.22 -18.50
N HIS J 404 66.67 15.87 -19.25
CA HIS J 404 67.45 15.20 -20.29
C HIS J 404 68.32 14.02 -19.80
N ASP J 405 68.46 13.87 -18.47
CA ASP J 405 69.23 12.76 -17.91
C ASP J 405 68.41 11.46 -17.84
N ILE J 406 67.08 11.57 -17.92
CA ILE J 406 66.30 10.36 -18.05
C ILE J 406 66.71 9.67 -19.37
N PRO J 407 67.17 8.41 -19.31
CA PRO J 407 67.46 7.64 -20.55
C PRO J 407 66.27 7.66 -21.49
N HIS J 408 66.53 7.87 -22.78
CA HIS J 408 65.47 8.09 -23.74
C HIS J 408 65.95 7.79 -25.18
N GLY J 409 65.01 7.47 -26.06
CA GLY J 409 65.30 7.41 -27.49
C GLY J 409 65.14 8.78 -28.11
N HIS J 410 65.39 8.85 -29.42
CA HIS J 410 65.45 10.09 -30.15
C HIS J 410 64.73 9.93 -31.48
N ARG J 411 63.92 10.93 -31.82
CA ARG J 411 63.36 11.02 -33.15
C ARG J 411 63.73 12.37 -33.73
N LEU J 412 63.91 12.39 -35.05
CA LEU J 412 64.10 13.60 -35.83
C LEU J 412 63.02 13.73 -36.89
N ILE J 413 62.21 14.78 -36.77
CA ILE J 413 61.12 15.02 -37.67
C ILE J 413 61.39 16.35 -38.39
N VAL J 414 61.58 16.27 -39.70
CA VAL J 414 61.80 17.45 -40.49
C VAL J 414 60.48 17.91 -41.07
N LEU J 415 60.22 19.21 -40.99
CA LEU J 415 59.05 19.83 -41.65
C LEU J 415 59.57 20.63 -42.84
N THR J 416 59.06 20.34 -44.03
CA THR J 416 59.67 20.77 -45.27
C THR J 416 58.84 21.92 -45.83
N PRO J 417 59.47 22.85 -46.59
CA PRO J 417 58.76 23.91 -47.32
C PRO J 417 57.83 23.30 -48.34
N PRO J 418 56.72 23.99 -48.69
CA PRO J 418 55.77 23.50 -49.75
C PRO J 418 56.42 23.16 -51.09
N GLY J 419 57.48 23.84 -51.47
CA GLY J 419 58.01 23.58 -52.84
C GLY J 419 58.68 22.25 -53.14
N THR J 420 58.86 21.40 -52.13
CA THR J 420 59.83 20.30 -52.20
C THR J 420 59.49 19.24 -53.22
N LYS J 421 60.50 18.77 -53.94
CA LYS J 421 60.32 17.66 -54.87
C LYS J 421 59.53 16.46 -54.32
N GLY J 422 58.50 16.10 -55.08
CA GLY J 422 57.63 14.96 -54.78
C GLY J 422 56.48 15.30 -53.85
N SER J 423 56.46 16.52 -53.32
CA SER J 423 55.42 16.94 -52.35
C SER J 423 54.16 17.48 -53.04
N GLY J 424 54.18 17.58 -54.36
CA GLY J 424 53.02 18.14 -55.07
C GLY J 424 52.62 19.54 -54.61
N GLY J 425 53.55 20.30 -54.05
CA GLY J 425 53.27 21.68 -53.63
C GLY J 425 52.89 21.85 -52.15
N HIS J 426 52.87 20.74 -51.42
CA HIS J 426 52.44 20.74 -50.02
C HIS J 426 53.61 20.58 -49.06
N PRO J 427 53.56 21.27 -47.90
CA PRO J 427 54.56 20.97 -46.88
C PRO J 427 54.36 19.54 -46.40
N GLU J 428 55.40 18.93 -45.83
CA GLU J 428 55.32 17.54 -45.43
C GLU J 428 56.05 17.31 -44.12
N ILE J 429 55.66 16.24 -43.42
CA ILE J 429 56.46 15.68 -42.37
C ILE J 429 57.38 14.65 -43.00
N TRP J 430 58.66 14.65 -42.60
CA TRP J 430 59.65 13.66 -43.08
C TRP J 430 60.25 13.01 -41.86
N GLU J 431 60.10 11.70 -41.74
CA GLU J 431 60.80 11.03 -40.66
C GLU J 431 62.20 10.78 -41.20
N MET J 432 63.19 11.02 -40.35
CA MET J 432 64.59 10.94 -40.72
C MET J 432 65.23 9.83 -39.93
N ALA J 433 66.03 8.99 -40.58
CA ALA J 433 66.91 8.03 -39.90
C ALA J 433 68.37 8.41 -40.12
N GLU J 434 69.18 8.52 -39.07
CA GLU J 434 70.64 8.74 -39.26
C GLU J 434 71.36 7.63 -40.04
N VAL J 435 72.29 8.00 -40.92
CA VAL J 435 73.03 7.03 -41.74
C VAL J 435 74.46 6.81 -41.19
N GLU J 436 75.13 5.76 -41.65
CA GLU J 436 76.59 5.61 -41.45
C GLU J 436 77.36 5.10 -42.67
N GLN J 442 77.08 9.73 -49.51
CA GLN J 442 76.76 10.02 -50.90
C GLN J 442 75.74 11.14 -51.01
N VAL J 443 76.25 12.35 -50.85
CA VAL J 443 75.47 13.61 -50.88
C VAL J 443 76.14 14.59 -51.87
N PRO J 444 75.38 15.59 -52.39
CA PRO J 444 73.94 15.85 -52.25
C PRO J 444 73.10 14.77 -52.93
N ALA J 445 72.01 14.36 -52.27
CA ALA J 445 71.04 13.44 -52.85
C ALA J 445 69.61 13.74 -52.40
N GLU J 446 68.66 13.33 -53.22
CA GLU J 446 67.28 13.41 -52.85
C GLU J 446 66.96 12.62 -51.58
N GLY J 447 66.34 13.27 -50.60
CA GLY J 447 66.00 12.58 -49.36
C GLY J 447 67.09 12.62 -48.30
N VAL J 448 68.24 13.18 -48.63
CA VAL J 448 69.37 13.25 -47.69
C VAL J 448 69.52 14.67 -47.13
N ILE J 449 69.53 14.77 -45.80
CA ILE J 449 69.66 16.05 -45.12
C ILE J 449 70.79 15.96 -44.10
N GLN J 450 71.78 16.85 -44.24
CA GLN J 450 72.82 16.99 -43.24
C GLN J 450 72.58 18.21 -42.37
N VAL J 451 73.02 18.09 -41.12
CA VAL J 451 72.70 19.06 -40.08
C VAL J 451 73.98 19.25 -39.27
N THR J 452 74.40 20.51 -39.16
CA THR J 452 75.55 20.86 -38.36
C THR J 452 74.97 21.43 -37.07
N GLY J 453 75.20 20.69 -35.99
CA GLY J 453 74.65 21.02 -34.69
C GLY J 453 75.50 21.99 -33.89
N ALA J 454 75.14 22.16 -32.62
CA ALA J 454 75.79 23.11 -31.71
C ALA J 454 77.29 22.84 -31.56
N ASP J 455 77.67 21.57 -31.44
CA ASP J 455 79.08 21.19 -31.26
C ASP J 455 79.92 21.20 -32.56
N GLY J 456 79.46 21.92 -33.60
CA GLY J 456 80.21 22.03 -34.84
C GLY J 456 80.32 20.77 -35.67
N ARG J 457 79.67 19.69 -35.22
CA ARG J 457 79.73 18.39 -35.87
C ARG J 457 78.52 18.19 -36.81
N THR J 458 78.73 17.47 -37.91
CA THR J 458 77.76 17.38 -38.99
C THR J 458 77.25 15.97 -39.19
N LYS J 459 75.93 15.80 -39.13
CA LYS J 459 75.40 14.45 -39.27
C LYS J 459 74.54 14.31 -40.51
N THR J 460 74.47 13.09 -41.02
CA THR J 460 73.76 12.84 -42.24
C THR J 460 72.48 12.01 -41.97
N TYR J 461 71.35 12.52 -42.45
CA TYR J 461 70.07 11.85 -42.26
C TYR J 461 69.40 11.45 -43.57
N ARG J 462 68.73 10.31 -43.57
CA ARG J 462 67.94 9.87 -44.71
C ARG J 462 66.44 9.86 -44.38
N ARG J 463 65.64 10.29 -45.36
CA ARG J 463 64.19 10.32 -45.22
C ARG J 463 63.65 8.89 -45.26
N THR J 464 62.85 8.53 -44.27
CA THR J 464 62.27 7.19 -44.31
C THR J 464 60.77 7.17 -44.53
N ALA J 465 60.12 8.33 -44.42
CA ALA J 465 58.68 8.46 -44.73
C ALA J 465 58.43 9.92 -44.99
N ARG J 466 57.39 10.24 -45.76
CA ARG J 466 57.15 11.61 -46.19
C ARG J 466 55.67 11.97 -46.14
N THR J 467 54.84 10.98 -45.83
CA THR J 467 53.40 11.16 -45.87
C THR J 467 52.64 10.17 -45.02
N PHE J 468 51.39 10.51 -44.75
CA PHE J 468 50.66 9.76 -43.74
C PHE J 468 50.67 8.26 -44.03
N ASN J 469 50.44 7.90 -45.29
CA ASN J 469 50.29 6.49 -45.56
C ASN J 469 51.55 5.69 -45.90
N ASP J 470 52.75 6.29 -45.83
CA ASP J 470 54.00 5.49 -45.85
C ASP J 470 54.11 4.53 -44.64
N GLY J 471 54.87 3.45 -44.78
CA GLY J 471 55.07 2.47 -43.71
C GLY J 471 55.44 3.12 -42.40
N LEU J 472 54.91 2.57 -41.31
CA LEU J 472 55.21 2.96 -39.94
C LEU J 472 56.70 3.19 -39.69
N GLY J 473 57.04 4.30 -39.06
CA GLY J 473 58.41 4.47 -38.59
C GLY J 473 58.58 4.31 -37.09
N PHE J 474 57.65 4.83 -36.29
CA PHE J 474 57.94 4.90 -34.86
C PHE J 474 57.19 3.81 -34.09
N THR J 475 57.94 2.87 -33.52
CA THR J 475 57.38 1.89 -32.59
C THR J 475 57.98 2.16 -31.22
N ILE J 476 57.14 2.25 -30.19
CA ILE J 476 57.58 2.77 -28.89
C ILE J 476 57.13 1.84 -27.76
N GLY J 477 58.06 1.43 -26.89
CA GLY J 477 57.66 0.62 -25.72
C GLY J 477 56.93 1.50 -24.72
N GLU J 478 55.78 1.04 -24.25
CA GLU J 478 55.06 1.80 -23.23
C GLU J 478 55.96 1.95 -22.00
N GLY J 479 55.86 3.09 -21.32
CA GLY J 479 56.73 3.40 -20.20
C GLY J 479 58.04 4.07 -20.57
N THR J 480 58.39 4.13 -21.86
CA THR J 480 59.70 4.73 -22.22
C THR J 480 59.64 6.24 -22.46
N HIS J 481 60.81 6.87 -22.53
CA HIS J 481 60.92 8.28 -22.81
C HIS J 481 61.55 8.49 -24.16
N GLU J 482 61.05 9.48 -24.90
CA GLU J 482 61.74 9.88 -26.12
C GLU J 482 61.85 11.38 -26.19
N GLN J 483 62.96 11.85 -26.76
CA GLN J 483 63.04 13.21 -27.19
C GLN J 483 62.73 13.24 -28.67
N TRP J 484 61.77 14.07 -29.07
CA TRP J 484 61.53 14.31 -30.48
C TRP J 484 62.08 15.67 -30.83
N THR J 485 62.79 15.74 -31.95
CA THR J 485 63.16 17.04 -32.50
C THR J 485 62.35 17.36 -33.73
N PHE J 486 61.65 18.49 -33.69
CA PHE J 486 61.02 19.00 -34.90
C PHE J 486 61.97 20.04 -35.51
N LEU J 487 62.40 19.77 -36.74
CA LEU J 487 63.30 20.65 -37.48
C LEU J 487 62.55 21.25 -38.65
N ASN J 488 62.10 22.48 -38.48
CA ASN J 488 61.32 23.13 -39.51
C ASN J 488 62.28 23.82 -40.47
N LEU J 489 62.30 23.39 -41.72
CA LEU J 489 63.19 23.99 -42.69
C LEU J 489 62.52 25.10 -43.57
N SER J 490 61.33 25.57 -43.21
CA SER J 490 60.65 26.55 -44.04
C SER J 490 60.41 27.76 -43.18
N PRO J 491 59.73 28.79 -43.72
CA PRO J 491 59.42 29.95 -42.86
C PRO J 491 58.02 29.84 -42.29
N ILE J 492 57.30 28.78 -42.65
CA ILE J 492 55.95 28.66 -42.11
C ILE J 492 55.81 27.83 -40.83
N LEU J 493 55.09 28.41 -39.89
CA LEU J 493 54.85 27.82 -38.56
C LEU J 493 53.83 26.69 -38.59
N HIS J 494 54.21 25.55 -38.01
CA HIS J 494 53.25 24.46 -37.82
C HIS J 494 53.10 24.18 -36.32
N PRO J 495 51.86 24.13 -35.80
CA PRO J 495 51.66 23.68 -34.43
C PRO J 495 51.58 22.15 -34.44
N MET J 496 52.67 21.49 -34.07
CA MET J 496 52.74 20.02 -34.13
C MET J 496 52.03 19.44 -32.89
N HIS J 497 51.29 18.36 -33.07
CA HIS J 497 50.59 17.76 -31.97
C HIS J 497 50.95 16.29 -31.92
N ILE J 498 51.21 15.76 -30.72
CA ILE J 498 51.43 14.31 -30.58
C ILE J 498 50.30 13.73 -29.72
N HIS J 499 49.58 12.73 -30.23
CA HIS J 499 48.51 12.07 -29.47
C HIS J 499 49.13 11.35 -28.23
N LEU J 500 48.26 10.91 -27.32
CA LEU J 500 48.60 10.10 -26.16
C LEU J 500 49.38 10.77 -25.03
N ALA J 501 50.57 11.29 -25.32
CA ALA J 501 51.52 11.64 -24.25
C ALA J 501 51.53 13.10 -23.78
N ASP J 502 52.13 13.31 -22.63
CA ASP J 502 52.47 14.66 -22.16
C ASP J 502 53.96 14.93 -22.38
N PHE J 503 54.27 16.09 -22.93
CA PHE J 503 55.64 16.44 -23.19
C PHE J 503 56.05 17.68 -22.46
N GLN J 504 57.36 17.89 -22.39
CA GLN J 504 57.92 19.20 -22.04
C GLN J 504 58.90 19.73 -23.08
N VAL J 505 58.93 21.06 -23.20
CA VAL J 505 59.82 21.74 -24.12
C VAL J 505 61.26 21.76 -23.57
N LEU J 506 62.21 21.10 -24.23
CA LEU J 506 63.57 21.07 -23.69
C LEU J 506 64.37 22.25 -24.22
N GLY J 507 64.10 22.65 -25.45
CA GLY J 507 64.69 23.88 -25.97
C GLY J 507 64.47 24.09 -27.45
N ARG J 508 64.80 25.29 -27.90
CA ARG J 508 64.61 25.65 -29.29
C ARG J 508 65.91 26.30 -29.79
N ASP J 509 66.15 26.29 -31.11
CA ASP J 509 67.43 26.76 -31.71
C ASP J 509 67.14 27.24 -33.10
N ALA J 510 67.69 28.40 -33.47
CA ALA J 510 67.56 28.91 -34.84
C ALA J 510 68.55 28.18 -35.75
N TYR J 511 68.15 27.90 -36.98
CA TYR J 511 69.04 27.25 -37.96
C TYR J 511 69.07 28.06 -39.25
N ASP J 512 70.22 28.05 -39.93
CA ASP J 512 70.31 28.44 -41.32
C ASP J 512 69.89 27.22 -42.15
N ALA J 513 68.77 27.33 -42.88
CA ALA J 513 68.26 26.21 -43.69
C ALA J 513 68.39 26.50 -45.16
N SER J 514 69.16 27.54 -45.49
CA SER J 514 69.32 28.00 -46.88
C SER J 514 69.98 26.97 -47.79
N GLY J 515 70.66 25.99 -47.20
CA GLY J 515 71.31 24.94 -47.99
C GLY J 515 70.38 23.83 -48.41
N PHE J 516 69.19 23.79 -47.83
CA PHE J 516 68.19 22.78 -48.26
C PHE J 516 67.61 23.09 -49.63
N ASP J 517 67.75 22.15 -50.56
CA ASP J 517 67.36 22.40 -51.93
C ASP J 517 66.02 21.76 -52.33
N LEU J 518 65.01 22.59 -52.54
CA LEU J 518 63.66 22.04 -52.80
C LEU J 518 63.62 21.11 -54.01
N ALA J 519 64.20 21.57 -55.11
CA ALA J 519 64.07 20.88 -56.37
C ALA J 519 64.79 19.54 -56.32
N LEU J 520 65.79 19.43 -55.46
CA LEU J 520 66.48 18.17 -55.21
C LEU J 520 65.85 17.30 -54.11
N GLY J 521 65.27 17.94 -53.08
CA GLY J 521 64.72 17.20 -51.94
C GLY J 521 65.81 16.79 -50.98
N GLY J 522 66.82 17.64 -50.86
CA GLY J 522 67.98 17.34 -50.03
C GLY J 522 68.89 18.55 -49.84
N THR J 523 69.83 18.47 -48.90
CA THR J 523 70.74 19.58 -48.66
C THR J 523 71.87 19.61 -49.71
N ARG J 524 72.19 20.82 -50.18
CA ARG J 524 73.44 20.99 -50.97
C ARG J 524 74.60 21.42 -50.08
N THR J 525 74.27 22.14 -49.02
CA THR J 525 75.10 22.32 -47.86
C THR J 525 74.26 22.10 -46.57
N PRO J 526 74.91 21.71 -45.44
CA PRO J 526 74.17 21.28 -44.24
C PRO J 526 73.31 22.37 -43.68
N VAL J 527 72.14 22.02 -43.15
CA VAL J 527 71.37 22.93 -42.31
C VAL J 527 72.27 23.16 -41.08
N ARG J 528 72.50 24.41 -40.69
CA ARG J 528 73.45 24.66 -39.61
C ARG J 528 72.77 25.35 -38.48
N LEU J 529 72.98 24.82 -37.27
CA LEU J 529 72.56 25.52 -36.07
C LEU J 529 73.29 26.86 -35.98
N ASP J 530 72.54 27.93 -35.73
CA ASP J 530 73.12 29.27 -35.60
C ASP J 530 73.07 29.71 -34.14
N PRO J 531 74.17 29.54 -33.36
CA PRO J 531 74.20 29.76 -31.89
C PRO J 531 74.15 31.24 -31.57
N ASP J 532 73.95 32.01 -32.62
CA ASP J 532 74.22 33.41 -32.66
C ASP J 532 72.86 34.10 -32.70
N THR J 533 71.83 33.36 -33.12
CA THR J 533 70.45 33.80 -32.95
C THR J 533 69.76 32.93 -31.88
N PRO J 534 69.75 33.42 -30.62
CA PRO J 534 69.19 32.56 -29.60
C PRO J 534 67.67 32.54 -29.75
N VAL J 535 67.04 31.42 -29.39
CA VAL J 535 65.59 31.35 -29.40
C VAL J 535 65.07 30.98 -28.00
N PRO J 536 64.70 31.99 -27.19
CA PRO J 536 64.29 31.74 -25.79
C PRO J 536 62.92 31.02 -25.74
N LEU J 537 62.75 30.13 -24.77
CA LEU J 537 61.45 29.49 -24.56
C LEU J 537 60.40 30.54 -24.15
N ALA J 538 59.19 30.42 -24.69
CA ALA J 538 58.09 31.25 -24.22
C ALA J 538 57.96 31.03 -22.71
N PRO J 539 57.72 32.11 -21.95
CA PRO J 539 57.52 31.93 -20.49
C PRO J 539 56.33 31.01 -20.09
N ASN J 540 55.36 30.78 -20.97
CA ASN J 540 54.27 29.89 -20.61
C ASN J 540 54.33 28.46 -21.18
N GLU J 541 55.46 28.06 -21.75
CA GLU J 541 55.57 26.69 -22.30
C GLU J 541 56.57 25.87 -21.51
N LEU J 542 56.72 26.22 -20.24
CA LEU J 542 57.67 25.54 -19.42
C LEU J 542 56.94 24.48 -18.62
N GLY J 543 55.69 24.22 -18.98
CA GLY J 543 54.88 23.22 -18.29
C GLY J 543 54.61 21.97 -19.11
N HIS J 544 53.44 21.38 -18.92
CA HIS J 544 52.93 20.26 -19.71
C HIS J 544 52.24 20.66 -21.01
N LYS J 545 52.79 20.23 -22.14
CA LYS J 545 52.28 20.61 -23.47
C LYS J 545 52.05 19.39 -24.33
N ASP J 546 51.16 19.52 -25.30
CA ASP J 546 50.97 18.45 -26.27
C ASP J 546 50.74 19.01 -27.65
N VAL J 547 50.75 20.33 -27.74
CA VAL J 547 50.64 21.02 -29.01
C VAL J 547 51.64 22.16 -28.91
N PHE J 548 52.67 22.10 -29.74
CA PHE J 548 53.73 23.12 -29.71
C PHE J 548 53.92 23.83 -31.02
N GLN J 549 53.97 25.15 -30.96
CA GLN J 549 54.25 25.93 -32.14
C GLN J 549 55.69 25.67 -32.62
N VAL J 550 55.86 25.39 -33.90
CA VAL J 550 57.22 25.17 -34.40
C VAL J 550 57.40 26.13 -35.55
N PRO J 551 57.90 27.35 -35.27
CA PRO J 551 58.14 28.34 -36.28
C PRO J 551 59.27 27.95 -37.21
N GLY J 552 59.49 28.84 -38.18
CA GLY J 552 60.16 28.57 -39.42
C GLY J 552 61.52 28.06 -39.10
N PRO J 553 62.50 28.41 -39.93
CA PRO J 553 63.85 27.87 -39.86
C PRO J 553 64.26 27.72 -38.38
N GLN J 554 63.86 26.62 -37.74
CA GLN J 554 64.04 26.45 -36.31
C GLN J 554 63.85 25.00 -35.93
N GLY J 555 64.58 24.54 -34.91
CA GLY J 555 64.40 23.20 -34.37
C GLY J 555 63.79 23.28 -32.98
N LEU J 556 62.90 22.34 -32.67
CA LEU J 556 62.29 22.23 -31.31
C LEU J 556 62.58 20.85 -30.75
N ARG J 557 63.05 20.81 -29.52
CA ARG J 557 63.30 19.56 -28.82
C ARG J 557 62.28 19.42 -27.71
N VAL J 558 61.46 18.37 -27.78
CA VAL J 558 60.56 18.07 -26.66
C VAL J 558 60.84 16.68 -26.14
N MET J 559 60.41 16.41 -24.91
CA MET J 559 60.59 15.10 -24.32
C MET J 559 59.35 14.65 -23.58
N GLY J 560 59.11 13.35 -23.63
CA GLY J 560 57.88 12.79 -23.08
C GLY J 560 57.97 11.33 -22.70
N LYS J 561 57.12 10.94 -21.76
CA LYS J 561 56.92 9.55 -21.42
C LYS J 561 55.65 9.07 -22.18
N PHE J 562 55.78 7.95 -22.89
CA PHE J 562 54.69 7.28 -23.57
C PHE J 562 54.15 6.14 -22.70
N ASP J 563 53.00 6.38 -22.12
CA ASP J 563 52.78 5.99 -20.77
C ASP J 563 51.27 5.79 -20.63
N GLY J 564 50.82 4.63 -20.16
CA GLY J 564 49.42 4.49 -19.66
C GLY J 564 48.34 3.99 -20.63
N ALA J 565 48.73 3.69 -21.86
CA ALA J 565 47.80 3.19 -22.86
C ALA J 565 48.63 2.60 -24.00
N TYR J 566 47.98 1.93 -24.94
CA TYR J 566 48.64 1.28 -26.06
C TYR J 566 47.88 1.51 -27.35
N GLY J 567 48.50 1.16 -28.48
CA GLY J 567 47.78 1.14 -29.73
C GLY J 567 48.44 2.01 -30.77
N ARG J 568 47.76 2.16 -31.90
CA ARG J 568 48.18 3.06 -32.96
C ARG J 568 47.59 4.44 -32.75
N PHE J 569 48.43 5.46 -32.83
CA PHE J 569 48.07 6.85 -32.60
C PHE J 569 48.51 7.72 -33.79
N MET J 570 48.28 9.03 -33.69
CA MET J 570 48.74 10.00 -34.73
C MET J 570 49.70 11.00 -34.13
N TYR J 571 50.62 11.51 -34.95
CA TYR J 571 51.08 12.88 -34.74
C TYR J 571 50.91 13.68 -36.01
N HIS J 572 50.77 14.98 -35.89
CA HIS J 572 50.54 15.75 -37.11
C HIS J 572 50.64 17.24 -36.87
N CYS J 573 50.69 17.97 -37.97
CA CYS J 573 50.41 19.38 -37.91
C CYS J 573 48.96 19.62 -37.51
N HIS J 574 48.70 20.64 -36.68
CA HIS J 574 47.33 20.97 -36.35
C HIS J 574 46.73 22.11 -37.15
N LEU J 575 47.31 22.43 -38.30
CA LEU J 575 46.61 23.26 -39.27
C LEU J 575 45.75 22.31 -40.09
N LEU J 576 44.43 22.38 -39.94
CA LEU J 576 43.61 21.32 -40.53
C LEU J 576 43.76 21.14 -42.06
N GLU J 577 44.00 22.21 -42.80
CA GLU J 577 44.25 22.05 -44.24
C GLU J 577 45.51 21.22 -44.52
N HIS J 578 46.47 21.24 -43.59
CA HIS J 578 47.71 20.50 -43.80
C HIS J 578 47.51 19.08 -43.32
N GLU J 579 46.82 18.95 -42.19
CA GLU J 579 46.39 17.66 -41.69
C GLU J 579 45.67 16.79 -42.78
N ASP J 580 44.67 17.36 -43.46
CA ASP J 580 43.94 16.65 -44.51
C ASP J 580 44.76 16.39 -45.76
N MET J 581 45.92 17.03 -45.90
CA MET J 581 46.77 16.83 -47.07
C MET J 581 48.06 16.03 -46.81
N GLY J 582 47.99 15.04 -45.92
CA GLY J 582 49.11 14.15 -45.71
C GLY J 582 50.02 14.47 -44.53
N MET J 583 49.93 15.69 -43.99
CA MET J 583 50.85 16.13 -42.96
C MET J 583 50.54 15.55 -41.57
N MET J 584 50.70 14.24 -41.47
CA MET J 584 50.21 13.44 -40.38
C MET J 584 50.89 12.06 -40.45
N ARG J 585 51.22 11.46 -39.32
CA ARG J 585 51.90 10.16 -39.26
C ARG J 585 51.38 9.31 -38.10
N PRO J 586 51.30 7.96 -38.30
CA PRO J 586 50.95 7.02 -37.25
C PRO J 586 52.16 6.80 -36.36
N PHE J 587 51.95 6.47 -35.08
CA PHE J 587 52.97 5.78 -34.28
C PHE J 587 52.32 4.68 -33.41
N VAL J 588 53.12 3.74 -32.91
CA VAL J 588 52.56 2.61 -32.19
C VAL J 588 53.20 2.51 -30.81
N VAL J 589 52.36 2.29 -29.79
CA VAL J 589 52.87 2.09 -28.43
C VAL J 589 52.41 0.69 -27.96
N MET J 590 53.35 -0.12 -27.50
CA MET J 590 52.99 -1.47 -27.10
C MET J 590 53.73 -1.84 -25.82
N PRO J 591 53.22 -2.86 -25.10
CA PRO J 591 53.99 -3.34 -23.95
C PRO J 591 55.41 -3.69 -24.38
N PRO J 592 56.44 -3.27 -23.60
CA PRO J 592 57.81 -3.69 -23.91
C PRO J 592 57.95 -5.19 -24.13
N GLU J 593 57.17 -6.00 -23.41
CA GLU J 593 57.25 -7.45 -23.56
C GLU J 593 56.77 -7.92 -24.96
N ALA J 594 55.92 -7.13 -25.62
CA ALA J 594 55.42 -7.50 -26.95
C ALA J 594 56.31 -7.02 -28.09
N LEU J 595 57.01 -5.90 -27.86
CA LEU J 595 58.08 -5.38 -28.72
C LEU J 595 59.13 -6.45 -29.01
N LYS J 596 59.42 -7.29 -28.03
CA LYS J 596 60.31 -8.44 -28.21
C LYS J 596 59.94 -9.23 -29.46
N PHE J 597 58.72 -9.04 -29.93
CA PHE J 597 58.17 -9.82 -31.02
C PHE J 597 57.96 -9.04 -32.33
N ASP J 598 58.35 -7.76 -32.34
CA ASP J 598 58.47 -6.84 -33.53
C ASP J 598 57.85 -5.46 -33.29
N ALA K 7 -24.38 55.11 -37.94
CA ALA K 7 -25.70 55.34 -38.64
C ALA K 7 -26.80 54.31 -38.29
N PRO K 8 -28.09 54.67 -38.49
CA PRO K 8 -29.26 53.79 -38.19
C PRO K 8 -29.22 52.31 -38.66
N GLY K 9 -29.11 51.39 -37.70
CA GLY K 9 -29.01 49.96 -38.00
C GLY K 9 -27.67 49.48 -38.58
N GLU K 10 -26.65 50.34 -38.49
CA GLU K 10 -25.28 49.92 -38.78
C GLU K 10 -24.53 49.48 -37.51
N LEU K 11 -23.57 48.57 -37.65
CA LEU K 11 -22.83 48.07 -36.48
C LEU K 11 -21.75 49.07 -36.13
N THR K 12 -21.50 49.23 -34.83
CA THR K 12 -20.37 50.06 -34.40
C THR K 12 -19.10 49.26 -34.49
N PRO K 13 -18.15 49.72 -35.31
CA PRO K 13 -16.92 48.97 -35.44
C PRO K 13 -16.12 48.98 -34.12
N PHE K 14 -15.35 47.93 -33.85
CA PHE K 14 -14.39 47.94 -32.75
C PHE K 14 -15.11 47.95 -31.44
N ALA K 15 -16.24 47.24 -31.40
CA ALA K 15 -17.05 47.17 -30.20
C ALA K 15 -16.65 46.02 -29.31
N ALA K 16 -16.05 44.96 -29.86
CA ALA K 16 -15.66 43.81 -29.06
C ALA K 16 -14.17 43.40 -29.24
N PRO K 17 -13.55 42.82 -28.19
CA PRO K 17 -12.12 42.49 -28.30
C PRO K 17 -11.86 41.30 -29.23
N LEU K 18 -10.68 41.26 -29.84
CA LEU K 18 -10.33 40.12 -30.71
C LEU K 18 -10.16 38.88 -29.83
N THR K 19 -10.62 37.74 -30.32
CA THR K 19 -10.28 36.45 -29.69
C THR K 19 -9.33 35.69 -30.60
N VAL K 20 -8.83 34.56 -30.12
CA VAL K 20 -8.06 33.65 -30.95
C VAL K 20 -8.58 32.26 -30.68
N PRO K 21 -8.63 31.41 -31.70
CA PRO K 21 -8.99 30.02 -31.46
C PRO K 21 -8.14 29.38 -30.36
N PRO K 22 -8.71 28.39 -29.65
CA PRO K 22 -7.87 27.63 -28.73
C PRO K 22 -6.82 26.87 -29.51
N VAL K 23 -5.66 26.63 -28.89
CA VAL K 23 -4.52 25.97 -29.51
C VAL K 23 -4.60 24.47 -29.26
N LEU K 24 -4.34 23.67 -30.27
CA LEU K 24 -4.34 22.20 -30.13
C LEU K 24 -2.97 21.61 -30.53
N ARG K 25 -2.34 20.89 -29.61
CA ARG K 25 -1.11 20.17 -29.95
C ARG K 25 -1.36 18.69 -30.04
N PRO K 26 -1.48 18.17 -31.26
CA PRO K 26 -1.88 16.77 -31.31
C PRO K 26 -0.71 15.80 -31.22
N ALA K 27 0.52 16.27 -31.31
CA ALA K 27 1.65 15.33 -31.49
C ALA K 27 1.70 14.46 -30.25
N SER K 28 1.99 13.16 -30.41
CA SER K 28 2.20 12.27 -29.24
C SER K 28 3.11 11.09 -29.50
N ASP K 29 3.30 10.25 -28.50
CA ASP K 29 4.18 9.09 -28.61
C ASP K 29 3.51 7.91 -29.32
N GLU K 30 2.20 7.80 -29.18
CA GLU K 30 1.45 6.76 -29.83
C GLU K 30 0.80 7.35 -31.12
N VAL K 31 1.39 7.08 -32.29
CA VAL K 31 0.90 7.66 -33.54
C VAL K 31 -0.48 7.12 -33.98
N THR K 32 -0.80 5.89 -33.56
CA THR K 32 -2.08 5.28 -33.85
C THR K 32 -3.24 5.83 -33.03
N ARG K 33 -2.96 6.55 -31.94
CA ARG K 33 -4.03 7.31 -31.26
C ARG K 33 -4.30 8.67 -31.93
N GLU K 34 -5.44 8.77 -32.62
CA GLU K 34 -5.77 9.93 -33.43
C GLU K 34 -6.35 11.05 -32.57
N THR K 35 -6.17 12.29 -33.01
CA THR K 35 -6.88 13.42 -32.45
C THR K 35 -8.22 13.57 -33.18
N GLU K 36 -9.32 13.40 -32.46
CA GLU K 36 -10.62 13.67 -33.02
C GLU K 36 -10.87 15.17 -33.10
N ILE K 37 -11.28 15.63 -34.29
CA ILE K 37 -11.79 16.99 -34.49
C ILE K 37 -13.20 16.89 -35.04
N ALA K 38 -14.13 17.11 -34.12
CA ALA K 38 -15.53 16.87 -34.35
C ALA K 38 -16.18 18.14 -34.88
N LEU K 39 -16.73 18.07 -36.08
CA LEU K 39 -17.52 19.17 -36.65
C LEU K 39 -18.88 19.22 -35.96
N ARG K 40 -19.21 20.37 -35.39
CA ARG K 40 -20.48 20.53 -34.64
C ARG K 40 -21.15 21.89 -34.90
N PRO K 41 -22.49 21.92 -34.83
CA PRO K 41 -23.20 23.19 -34.84
C PRO K 41 -22.79 24.04 -33.64
N THR K 42 -22.84 25.35 -33.80
CA THR K 42 -22.36 26.23 -32.78
C THR K 42 -22.93 27.61 -33.01
N TRP K 43 -23.09 28.38 -31.92
CA TRP K 43 -23.65 29.74 -31.99
C TRP K 43 -22.60 30.75 -31.64
N VAL K 44 -22.38 31.68 -32.55
CA VAL K 44 -21.19 32.52 -32.49
C VAL K 44 -21.65 33.97 -32.39
N ARG K 45 -21.10 34.71 -31.44
CA ARG K 45 -21.46 36.12 -31.36
C ARG K 45 -20.54 36.91 -32.29
N LEU K 46 -20.99 37.13 -33.53
CA LEU K 46 -20.23 37.98 -34.47
C LEU K 46 -19.97 39.38 -33.97
N HIS K 47 -20.94 39.95 -33.25
CA HIS K 47 -20.87 41.34 -32.86
C HIS K 47 -21.86 41.59 -31.73
N PRO K 48 -21.49 42.43 -30.75
CA PRO K 48 -22.46 42.67 -29.64
C PRO K 48 -23.82 43.21 -30.13
N GLN K 49 -23.86 43.91 -31.26
CA GLN K 49 -25.16 44.40 -31.73
C GLN K 49 -26.00 43.41 -32.55
N LEU K 50 -25.50 42.19 -32.66
CA LEU K 50 -26.21 41.14 -33.39
C LEU K 50 -26.68 40.07 -32.44
N PRO K 51 -27.74 39.35 -32.83
CA PRO K 51 -28.03 38.09 -32.15
C PRO K 51 -26.92 37.09 -32.47
N PRO K 52 -26.86 35.98 -31.72
CA PRO K 52 -25.95 34.88 -32.02
C PRO K 52 -26.23 34.32 -33.41
N THR K 53 -25.18 33.81 -34.07
CA THR K 53 -25.25 33.37 -35.47
C THR K 53 -24.99 31.89 -35.51
N LEU K 54 -25.85 31.14 -36.22
CA LEU K 54 -25.63 29.70 -36.32
C LEU K 54 -24.46 29.46 -37.27
N MET K 55 -23.48 28.65 -36.84
CA MET K 55 -22.36 28.20 -37.69
C MET K 55 -22.07 26.71 -37.50
N TRP K 56 -21.17 26.19 -38.32
CA TRP K 56 -20.62 24.84 -38.13
C TRP K 56 -19.14 25.04 -37.85
N GLY K 57 -18.65 24.39 -36.80
CA GLY K 57 -17.30 24.67 -36.36
C GLY K 57 -16.56 23.41 -36.01
N TYR K 58 -15.28 23.38 -36.39
CA TYR K 58 -14.40 22.32 -35.97
C TYR K 58 -14.28 22.40 -34.48
N ASP K 59 -14.54 21.28 -33.78
CA ASP K 59 -14.70 21.27 -32.31
C ASP K 59 -15.67 22.31 -31.76
N GLY K 60 -16.66 22.71 -32.57
CA GLY K 60 -17.62 23.72 -32.11
C GLY K 60 -17.00 25.09 -31.96
N GLN K 61 -15.85 25.32 -32.59
CA GLN K 61 -15.15 26.61 -32.49
C GLN K 61 -15.16 27.22 -33.88
N VAL K 62 -15.40 28.52 -33.98
CA VAL K 62 -15.12 29.24 -35.23
C VAL K 62 -14.25 30.51 -35.09
N PRO K 63 -13.07 30.57 -35.77
CA PRO K 63 -12.37 29.51 -36.53
C PRO K 63 -12.07 28.28 -35.69
N GLY K 64 -11.76 27.18 -36.38
CA GLY K 64 -11.41 25.93 -35.70
C GLY K 64 -10.16 26.13 -34.88
N PRO K 65 -9.81 25.15 -34.03
CA PRO K 65 -8.63 25.38 -33.21
C PRO K 65 -7.35 25.61 -34.04
N THR K 66 -6.38 26.30 -33.46
CA THR K 66 -5.09 26.46 -34.09
C THR K 66 -4.30 25.23 -33.76
N ILE K 67 -4.05 24.39 -34.75
CA ILE K 67 -3.23 23.22 -34.57
C ILE K 67 -1.76 23.65 -34.64
N GLU K 68 -0.93 23.17 -33.73
CA GLU K 68 0.49 23.50 -33.74
C GLU K 68 1.30 22.21 -33.57
N VAL K 69 2.27 21.98 -34.45
CA VAL K 69 3.13 20.82 -34.36
C VAL K 69 4.56 21.27 -34.66
N ARG K 70 5.56 20.39 -34.48
CA ARG K 70 6.92 20.66 -34.95
C ARG K 70 7.18 19.85 -36.19
N ARG K 71 8.06 20.36 -37.05
CA ARG K 71 8.48 19.65 -38.24
C ARG K 71 8.84 18.20 -37.91
N GLY K 72 8.33 17.24 -38.67
CA GLY K 72 8.65 15.83 -38.44
C GLY K 72 7.80 15.11 -37.41
N GLN K 73 7.00 15.83 -36.64
CA GLN K 73 6.01 15.16 -35.77
C GLN K 73 4.85 14.64 -36.59
N ARG K 74 4.81 13.33 -36.78
CA ARG K 74 3.78 12.66 -37.56
C ARG K 74 2.46 12.64 -36.79
N VAL K 75 1.41 13.11 -37.42
CA VAL K 75 0.18 13.39 -36.72
C VAL K 75 -1.03 12.82 -37.50
N ARG K 76 -2.00 12.31 -36.75
CA ARG K 76 -3.19 11.71 -37.33
C ARG K 76 -4.45 12.33 -36.74
N ILE K 77 -5.31 12.83 -37.62
CA ILE K 77 -6.54 13.49 -37.26
C ILE K 77 -7.75 12.84 -37.89
N ALA K 78 -8.77 12.60 -37.07
CA ALA K 78 -10.06 12.08 -37.52
C ALA K 78 -11.01 13.28 -37.59
N TRP K 79 -11.20 13.81 -38.80
CA TRP K 79 -12.17 14.86 -39.06
C TRP K 79 -13.58 14.25 -39.10
N THR K 80 -14.31 14.44 -37.99
CA THR K 80 -15.43 13.57 -37.70
C THR K 80 -16.71 14.38 -37.74
N ASN K 81 -17.63 13.99 -38.63
CA ASN K 81 -18.86 14.73 -38.78
C ASN K 81 -19.92 14.40 -37.71
N ARG K 82 -20.11 15.32 -36.76
CA ARG K 82 -21.11 15.18 -35.68
C ARG K 82 -22.21 16.25 -35.80
N ILE K 83 -22.53 16.66 -37.01
CA ILE K 83 -23.67 17.54 -37.19
C ILE K 83 -24.88 16.61 -37.43
N PRO K 84 -25.81 16.52 -36.44
CA PRO K 84 -26.97 15.62 -36.56
C PRO K 84 -27.76 15.83 -37.84
N LYS K 85 -28.37 14.76 -38.34
CA LYS K 85 -29.19 14.88 -39.54
C LYS K 85 -30.37 15.77 -39.24
N GLY K 86 -30.81 16.53 -40.23
CA GLY K 86 -31.92 17.42 -39.98
C GLY K 86 -31.52 18.79 -39.46
N SER K 87 -30.26 18.95 -39.03
CA SER K 87 -29.72 20.29 -38.76
C SER K 87 -30.09 21.32 -39.81
N GLU K 88 -30.42 22.53 -39.38
CA GLU K 88 -30.69 23.61 -40.33
C GLU K 88 -29.36 24.00 -40.99
N TYR K 89 -29.35 24.23 -42.31
CA TYR K 89 -28.12 24.61 -42.97
C TYR K 89 -27.76 26.08 -42.62
N PRO K 90 -26.50 26.33 -42.20
CA PRO K 90 -26.26 27.63 -41.55
C PRO K 90 -26.21 28.84 -42.47
N VAL K 91 -26.02 28.63 -43.77
CA VAL K 91 -25.82 29.74 -44.71
C VAL K 91 -27.01 29.88 -45.64
N THR K 92 -27.59 31.09 -45.71
CA THR K 92 -28.72 31.34 -46.61
C THR K 92 -28.12 31.80 -47.91
N SER K 93 -28.65 31.30 -49.03
CA SER K 93 -28.14 31.61 -50.33
C SER K 93 -29.14 32.30 -51.25
N VAL K 94 -28.75 33.44 -51.83
CA VAL K 94 -29.53 34.08 -52.88
C VAL K 94 -28.65 34.63 -54.01
N GLU K 95 -29.24 34.71 -55.20
CA GLU K 95 -28.68 35.47 -56.31
C GLU K 95 -29.62 36.63 -56.64
N VAL K 96 -29.06 37.84 -56.77
CA VAL K 96 -29.89 39.00 -56.97
C VAL K 96 -29.53 39.73 -58.24
N PRO K 97 -30.50 40.44 -58.84
CA PRO K 97 -30.27 41.20 -60.08
C PRO K 97 -29.26 42.34 -59.88
N LEU K 98 -28.74 42.89 -60.97
CA LEU K 98 -27.81 44.02 -60.94
C LEU K 98 -28.19 45.30 -60.18
N GLY K 99 -29.38 45.82 -60.32
CA GLY K 99 -29.54 47.19 -59.82
C GLY K 99 -28.76 48.22 -60.64
N PRO K 100 -29.03 49.51 -60.39
CA PRO K 100 -28.74 50.53 -61.39
C PRO K 100 -27.26 50.69 -61.66
N PRO K 101 -26.90 51.13 -62.88
CA PRO K 101 -25.48 51.41 -63.18
C PRO K 101 -24.97 52.66 -62.43
N GLY K 102 -23.68 52.64 -62.06
CA GLY K 102 -23.03 53.77 -61.36
C GLY K 102 -23.46 53.95 -59.90
N THR K 103 -24.29 53.03 -59.41
CA THR K 103 -24.59 52.93 -57.98
C THR K 103 -23.93 51.65 -57.36
N PRO K 104 -23.74 51.64 -56.01
CA PRO K 104 -23.14 50.48 -55.35
C PRO K 104 -23.84 49.16 -55.69
N ALA K 105 -23.08 48.11 -55.98
CA ALA K 105 -23.64 46.80 -56.27
C ALA K 105 -24.29 46.18 -55.02
N PRO K 106 -25.29 45.29 -55.23
CA PRO K 106 -26.13 44.90 -54.11
C PRO K 106 -25.41 44.00 -53.11
N ASN K 107 -24.24 43.45 -53.49
CA ASN K 107 -23.43 42.63 -52.56
C ASN K 107 -22.67 43.49 -51.56
N THR K 108 -22.92 44.77 -51.68
CA THR K 108 -22.47 45.81 -50.81
C THR K 108 -23.47 46.06 -49.64
N GLU K 109 -24.58 45.34 -49.63
CA GLU K 109 -25.59 45.58 -48.61
C GLU K 109 -26.04 44.25 -48.08
N PRO K 110 -26.52 44.22 -46.81
CA PRO K 110 -27.11 43.05 -46.19
C PRO K 110 -28.49 42.81 -46.79
N GLY K 111 -29.03 41.62 -46.57
CA GLY K 111 -30.41 41.37 -46.90
C GLY K 111 -30.58 40.74 -48.24
N ARG K 112 -31.75 40.15 -48.45
CA ARG K 112 -32.07 39.44 -49.67
C ARG K 112 -32.76 40.29 -50.77
N GLY K 113 -33.00 41.58 -50.52
CA GLY K 113 -33.90 42.34 -51.38
C GLY K 113 -35.21 41.56 -51.44
N GLY K 114 -35.75 41.36 -52.62
CA GLY K 114 -36.93 40.50 -52.70
C GLY K 114 -36.66 39.05 -52.26
N VAL K 115 -35.49 38.56 -52.62
CA VAL K 115 -35.34 37.22 -53.16
C VAL K 115 -35.52 36.04 -52.17
N GLU K 116 -36.13 34.98 -52.65
CA GLU K 116 -36.25 33.72 -51.92
C GLU K 116 -34.90 33.01 -51.64
N PRO K 117 -34.69 32.57 -50.40
CA PRO K 117 -33.57 31.68 -50.18
C PRO K 117 -33.61 30.57 -51.21
N ASN K 118 -32.48 30.28 -51.85
CA ASN K 118 -32.33 29.10 -52.69
C ASN K 118 -32.58 27.82 -51.89
N LYS K 119 -33.66 27.14 -52.25
CA LYS K 119 -34.12 26.01 -51.47
C LYS K 119 -33.20 24.80 -51.56
N ASP K 120 -32.48 24.67 -52.68
CA ASP K 120 -31.49 23.60 -52.82
C ASP K 120 -30.33 23.68 -51.82
N VAL K 121 -29.93 24.90 -51.49
CA VAL K 121 -28.92 25.12 -50.46
C VAL K 121 -29.49 24.80 -49.09
N ALA K 122 -30.71 25.26 -48.81
CA ALA K 122 -31.35 25.04 -47.51
C ALA K 122 -31.53 23.55 -47.23
N ALA K 123 -31.60 22.78 -48.29
CA ALA K 123 -31.78 21.35 -48.22
C ALA K 123 -30.46 20.58 -47.99
N LEU K 124 -29.29 21.24 -48.09
CA LEU K 124 -28.01 20.52 -47.93
C LEU K 124 -27.88 19.90 -46.54
N PRO K 125 -27.55 18.60 -46.45
CA PRO K 125 -27.19 18.05 -45.15
C PRO K 125 -25.72 18.34 -44.88
N ALA K 126 -25.24 18.11 -43.67
CA ALA K 126 -23.82 18.34 -43.42
C ALA K 126 -23.03 17.23 -44.14
N TRP K 127 -22.15 17.66 -45.04
CA TRP K 127 -21.39 16.73 -45.85
C TRP K 127 -20.05 17.37 -46.14
N SER K 128 -19.02 16.92 -45.42
CA SER K 128 -17.76 17.69 -45.33
C SER K 128 -16.52 16.82 -45.48
N VAL K 129 -15.53 17.39 -46.16
CA VAL K 129 -14.18 16.81 -46.18
C VAL K 129 -13.23 17.95 -45.91
N THR K 130 -12.15 17.66 -45.18
CA THR K 130 -11.25 18.70 -44.77
C THR K 130 -9.90 18.58 -45.45
N HIS K 131 -9.42 19.69 -45.97
CA HIS K 131 -8.16 19.71 -46.70
C HIS K 131 -7.20 20.65 -45.95
N LEU K 132 -6.02 20.15 -45.65
CA LEU K 132 -5.05 20.95 -44.97
C LEU K 132 -4.25 21.70 -46.04
N HIS K 133 -4.67 22.92 -46.32
CA HIS K 133 -4.12 23.66 -47.43
C HIS K 133 -2.64 23.94 -47.21
N GLY K 134 -1.80 23.47 -48.13
CA GLY K 134 -0.35 23.64 -48.01
C GLY K 134 0.38 22.35 -47.59
N ALA K 135 -0.32 21.43 -46.92
CA ALA K 135 0.35 20.23 -46.36
C ALA K 135 1.05 19.44 -47.47
N GLN K 136 2.26 18.99 -47.14
CA GLN K 136 2.93 17.96 -47.90
C GLN K 136 2.45 16.64 -47.28
N THR K 137 1.67 15.90 -48.04
CA THR K 137 1.07 14.67 -47.56
C THR K 137 0.39 13.96 -48.74
N GLY K 138 0.18 12.64 -48.62
CA GLY K 138 -0.42 11.85 -49.72
C GLY K 138 -1.83 12.27 -50.10
N GLY K 139 -2.26 11.95 -51.32
CA GLY K 139 -3.65 12.23 -51.74
C GLY K 139 -4.73 11.59 -50.84
N GLY K 140 -4.40 10.48 -50.19
CA GLY K 140 -5.33 9.84 -49.31
C GLY K 140 -5.58 10.64 -48.05
N ASN K 141 -4.69 11.60 -47.73
CA ASN K 141 -4.80 12.47 -46.53
C ASN K 141 -5.25 13.88 -46.87
N ASP K 142 -5.13 14.21 -48.16
CA ASP K 142 -5.30 15.56 -48.68
C ASP K 142 -6.72 16.18 -48.66
N GLY K 143 -7.75 15.37 -48.52
CA GLY K 143 -9.12 15.90 -48.49
C GLY K 143 -9.75 16.00 -49.87
N TRP K 144 -9.74 14.90 -50.62
CA TRP K 144 -10.28 14.86 -52.01
C TRP K 144 -11.76 15.26 -52.03
N ALA K 145 -12.08 16.28 -52.81
CA ALA K 145 -13.40 16.94 -52.77
C ALA K 145 -14.66 16.02 -52.73
N ASP K 146 -14.65 14.97 -53.57
CA ASP K 146 -15.69 13.92 -53.65
C ASP K 146 -15.91 13.15 -52.33
N ASN K 147 -14.85 12.99 -51.54
CA ASN K 147 -14.92 12.10 -50.40
C ASN K 147 -15.42 12.73 -49.11
N ALA K 148 -16.35 13.66 -49.22
CA ALA K 148 -16.92 14.22 -48.00
C ALA K 148 -17.75 13.11 -47.29
N VAL K 149 -17.92 13.28 -45.99
CA VAL K 149 -18.63 12.30 -45.18
C VAL K 149 -19.77 12.97 -44.43
N GLY K 150 -20.78 12.16 -44.10
CA GLY K 150 -21.99 12.60 -43.42
C GLY K 150 -21.92 12.37 -41.92
N PHE K 151 -23.01 12.70 -41.22
CA PHE K 151 -23.14 12.51 -39.79
C PHE K 151 -22.64 11.15 -39.30
N GLY K 152 -21.72 11.16 -38.32
CA GLY K 152 -21.27 9.94 -37.65
C GLY K 152 -20.06 9.29 -38.31
N ASP K 153 -19.76 9.68 -39.56
CA ASP K 153 -18.57 9.14 -40.27
C ASP K 153 -17.38 10.07 -40.16
N ALA K 154 -16.16 9.50 -40.24
CA ALA K 154 -14.95 10.33 -40.21
C ALA K 154 -14.14 10.30 -41.50
N GLN K 155 -13.42 11.38 -41.75
CA GLN K 155 -12.34 11.36 -42.72
C GLN K 155 -11.02 11.25 -41.93
N LEU K 156 -10.15 10.32 -42.28
CA LEU K 156 -8.89 10.17 -41.55
C LEU K 156 -7.72 10.70 -42.36
N SER K 157 -6.89 11.55 -41.74
CA SER K 157 -5.73 12.13 -42.40
C SER K 157 -4.45 11.92 -41.60
N GLU K 158 -3.43 11.39 -42.23
CA GLU K 158 -2.08 11.45 -41.67
C GLU K 158 -1.39 12.66 -42.24
N TYR K 159 -0.70 13.40 -41.37
CA TYR K 159 0.19 14.47 -41.80
C TYR K 159 1.62 14.25 -41.28
N PRO K 160 2.54 13.78 -42.14
CA PRO K 160 3.92 13.61 -41.77
C PRO K 160 4.62 14.93 -41.35
N ASN K 161 4.13 16.06 -41.85
CA ASN K 161 4.68 17.36 -41.43
C ASN K 161 6.17 17.46 -41.73
N ASP K 162 6.60 16.82 -42.80
CA ASP K 162 8.00 16.92 -43.17
C ASP K 162 8.24 18.17 -44.04
N HIS K 163 8.09 19.33 -43.41
CA HIS K 163 8.18 20.60 -44.12
C HIS K 163 8.71 21.63 -43.15
N GLN K 164 9.43 22.61 -43.65
CA GLN K 164 9.89 23.73 -42.85
C GLN K 164 8.75 24.54 -42.20
N ALA K 165 9.08 25.19 -41.08
CA ALA K 165 8.15 26.02 -40.32
C ALA K 165 7.37 26.94 -41.25
N THR K 166 6.05 26.98 -41.10
CA THR K 166 5.17 27.86 -41.87
C THR K 166 3.74 27.81 -41.31
N GLN K 167 2.88 28.60 -41.93
CA GLN K 167 1.45 28.62 -41.63
C GLN K 167 0.66 27.95 -42.75
N TRP K 168 0.03 26.83 -42.41
CA TRP K 168 -0.97 26.20 -43.24
C TRP K 168 -2.33 26.56 -42.68
N TRP K 169 -3.38 26.20 -43.41
CA TRP K 169 -4.72 26.31 -42.88
C TRP K 169 -5.60 25.21 -43.44
N TYR K 170 -6.73 24.99 -42.77
CA TYR K 170 -7.59 23.87 -43.11
C TYR K 170 -9.02 24.35 -43.24
N HIS K 171 -9.74 23.76 -44.20
CA HIS K 171 -11.14 24.16 -44.42
C HIS K 171 -11.86 23.01 -45.09
N ASP K 172 -13.18 23.13 -45.19
CA ASP K 172 -13.94 22.18 -45.95
C ASP K 172 -13.64 22.32 -47.42
N HIS K 173 -13.77 21.19 -48.13
CA HIS K 173 -13.44 21.13 -49.55
C HIS K 173 -14.47 20.28 -50.30
N ALA K 174 -15.68 20.18 -49.76
CA ALA K 174 -16.66 19.24 -50.35
C ALA K 174 -17.08 19.63 -51.77
N MET K 175 -17.16 18.63 -52.67
CA MET K 175 -17.45 18.85 -54.11
C MET K 175 -18.70 19.69 -54.33
N ASN K 176 -18.54 20.85 -54.98
CA ASN K 176 -19.68 21.63 -55.42
C ASN K 176 -20.24 22.61 -54.39
N ILE K 177 -19.93 22.39 -53.12
CA ILE K 177 -20.56 23.16 -52.04
C ILE K 177 -19.53 23.74 -51.07
N THR K 178 -18.28 23.82 -51.53
CA THR K 178 -17.21 24.35 -50.70
C THR K 178 -17.52 25.82 -50.36
N ARG K 179 -18.20 26.52 -51.26
CA ARG K 179 -18.46 27.94 -51.06
C ARG K 179 -19.41 28.24 -49.92
N TRP K 180 -20.31 27.29 -49.68
CA TRP K 180 -21.20 27.36 -48.53
C TRP K 180 -20.60 26.77 -47.26
N ASN K 181 -19.99 25.57 -47.37
CA ASN K 181 -19.45 24.90 -46.18
C ASN K 181 -18.35 25.70 -45.47
N VAL K 182 -17.45 26.30 -46.25
CA VAL K 182 -16.42 27.13 -45.68
C VAL K 182 -17.10 28.32 -45.01
N MET K 183 -17.99 28.99 -45.75
CA MET K 183 -18.65 30.20 -45.22
C MET K 183 -19.40 29.90 -43.92
N ALA K 184 -19.83 28.65 -43.80
CA ALA K 184 -20.57 28.19 -42.61
C ALA K 184 -19.67 28.15 -41.36
N GLY K 185 -18.35 28.30 -41.50
CA GLY K 185 -17.45 28.34 -40.35
C GLY K 185 -16.34 27.29 -40.33
N LEU K 186 -16.32 26.43 -41.36
CA LEU K 186 -15.35 25.33 -41.35
C LEU K 186 -13.99 25.79 -41.90
N TYR K 187 -13.27 26.56 -41.10
CA TYR K 187 -11.90 26.93 -41.43
C TYR K 187 -11.09 27.11 -40.16
N GLY K 188 -9.77 26.87 -40.24
CA GLY K 188 -8.84 27.10 -39.14
C GLY K 188 -7.40 27.13 -39.65
N THR K 189 -6.44 27.40 -38.75
CA THR K 189 -5.00 27.44 -39.11
C THR K 189 -4.18 26.39 -38.40
N TYR K 190 -2.98 26.20 -38.93
CA TYR K 190 -2.15 25.10 -38.56
C TYR K 190 -0.72 25.59 -38.77
N LEU K 191 0.00 25.70 -37.65
CA LEU K 191 1.37 26.22 -37.65
C LEU K 191 2.38 25.08 -37.44
N VAL K 192 3.34 24.97 -38.35
CA VAL K 192 4.48 24.08 -38.22
C VAL K 192 5.69 24.89 -37.71
N ARG K 193 6.40 24.30 -36.74
CA ARG K 193 7.56 24.92 -36.09
C ARG K 193 8.81 24.14 -36.39
N ASP K 194 9.95 24.85 -36.42
CA ASP K 194 11.22 24.19 -36.62
C ASP K 194 12.40 24.93 -36.00
N ASP K 195 13.55 24.26 -35.99
CA ASP K 195 14.73 24.79 -35.33
C ASP K 195 15.21 26.08 -35.97
N GLU K 196 14.98 26.27 -37.27
CA GLU K 196 15.49 27.45 -37.94
C GLU K 196 14.69 28.67 -37.54
N GLU K 197 13.37 28.53 -37.53
CA GLU K 197 12.49 29.63 -37.14
C GLU K 197 12.73 29.99 -35.65
N ASP K 198 12.92 28.98 -34.81
CA ASP K 198 13.24 29.26 -33.40
C ASP K 198 14.49 30.11 -33.28
N ALA K 199 15.51 29.82 -34.08
CA ALA K 199 16.76 30.55 -33.98
C ALA K 199 16.65 32.05 -34.30
N LEU K 200 15.50 32.47 -34.83
CA LEU K 200 15.25 33.89 -35.05
C LEU K 200 14.73 34.64 -33.81
N GLY K 201 14.35 33.90 -32.77
CA GLY K 201 13.81 34.52 -31.55
C GLY K 201 12.72 35.53 -31.87
N LEU K 202 11.76 35.10 -32.70
CA LEU K 202 10.63 35.95 -33.06
C LEU K 202 9.64 36.12 -31.90
N PRO K 203 8.91 37.23 -31.91
CA PRO K 203 7.90 37.40 -30.85
C PRO K 203 7.01 36.15 -30.74
N SER K 204 6.70 35.71 -29.51
CA SER K 204 5.90 34.49 -29.37
C SER K 204 4.86 34.63 -28.28
N GLY K 205 4.21 33.51 -27.91
CA GLY K 205 3.15 33.46 -26.88
C GLY K 205 2.04 34.46 -27.18
N ASP K 206 1.80 35.34 -26.22
CA ASP K 206 0.95 36.53 -26.38
C ASP K 206 1.27 37.43 -27.55
N ARG K 207 2.52 37.41 -28.01
CA ARG K 207 2.93 38.39 -29.01
C ARG K 207 2.85 37.79 -30.42
N GLU K 208 2.47 36.52 -30.52
CA GLU K 208 2.13 35.87 -31.79
C GLU K 208 0.61 35.69 -31.87
N ILE K 209 -0.01 36.35 -32.85
CA ILE K 209 -1.47 36.29 -33.04
C ILE K 209 -1.85 35.75 -34.43
N PRO K 210 -2.57 34.61 -34.48
CA PRO K 210 -3.16 34.17 -35.73
C PRO K 210 -4.29 35.13 -36.08
N LEU K 211 -4.40 35.49 -37.35
CA LEU K 211 -5.50 36.34 -37.82
C LEU K 211 -6.08 35.69 -39.06
N LEU K 212 -7.23 35.04 -38.90
CA LEU K 212 -7.99 34.51 -40.04
C LEU K 212 -9.08 35.50 -40.41
N ILE K 213 -8.92 36.17 -41.53
CA ILE K 213 -9.93 37.15 -41.93
C ILE K 213 -10.85 36.58 -43.03
N ALA K 214 -12.12 36.97 -42.99
CA ALA K 214 -13.11 36.50 -43.95
C ALA K 214 -14.24 37.51 -44.01
N ASP K 215 -14.55 37.98 -45.20
CA ASP K 215 -15.74 38.78 -45.31
C ASP K 215 -17.01 37.97 -45.16
N ARG K 216 -18.10 38.64 -44.79
CA ARG K 216 -19.38 37.97 -44.57
C ARG K 216 -20.50 38.91 -45.00
N ASN K 217 -21.63 38.37 -45.45
CA ASN K 217 -22.86 39.17 -45.52
C ASN K 217 -23.89 38.54 -44.58
N LEU K 218 -24.92 39.32 -44.26
CA LEU K 218 -25.88 38.97 -43.23
C LEU K 218 -27.26 39.22 -43.80
N ASP K 219 -28.24 38.43 -43.37
CA ASP K 219 -29.65 38.70 -43.70
C ASP K 219 -30.30 39.75 -42.78
N THR K 220 -31.43 40.28 -43.24
CA THR K 220 -32.16 41.28 -42.49
C THR K 220 -33.61 40.82 -42.34
N ASP K 221 -34.29 41.41 -41.36
CA ASP K 221 -35.72 41.25 -41.21
C ASP K 221 -36.46 42.17 -42.15
N GLU K 222 -37.77 42.00 -42.22
CA GLU K 222 -38.62 42.77 -43.12
C GLU K 222 -38.45 44.28 -42.96
N ASP K 223 -38.15 44.71 -41.74
CA ASP K 223 -37.97 46.12 -41.48
C ASP K 223 -36.53 46.60 -41.67
N GLY K 224 -35.64 45.71 -42.10
CA GLY K 224 -34.26 46.10 -42.39
C GLY K 224 -33.23 45.77 -41.33
N ARG K 225 -33.66 45.38 -40.15
CA ARG K 225 -32.68 45.08 -39.10
C ARG K 225 -31.82 43.84 -39.42
N LEU K 226 -30.53 43.91 -39.11
CA LEU K 226 -29.60 42.76 -39.17
C LEU K 226 -30.04 41.62 -38.27
N ASN K 227 -30.16 40.42 -38.82
CA ASN K 227 -30.60 39.29 -38.00
C ASN K 227 -29.53 38.21 -37.73
N GLY K 228 -28.31 38.42 -38.22
CA GLY K 228 -27.15 37.64 -37.77
C GLY K 228 -26.96 36.43 -38.64
N ARG K 229 -27.93 36.20 -39.51
CA ARG K 229 -27.94 35.02 -40.33
C ARG K 229 -26.94 35.17 -41.48
N LEU K 230 -26.11 34.15 -41.61
CA LEU K 230 -25.15 34.09 -42.69
C LEU K 230 -25.86 34.12 -44.03
N LEU K 231 -25.45 35.06 -44.87
CA LEU K 231 -26.07 35.27 -46.16
C LEU K 231 -25.03 35.24 -47.30
N HIS K 232 -25.14 34.22 -48.13
CA HIS K 232 -24.32 34.10 -49.34
C HIS K 232 -25.11 34.73 -50.47
N LYS K 233 -24.75 35.96 -50.81
CA LYS K 233 -25.51 36.78 -51.73
C LYS K 233 -24.62 37.11 -52.94
N THR K 234 -24.99 36.60 -54.11
CA THR K 234 -24.22 36.84 -55.32
C THR K 234 -25.04 37.65 -56.28
N VAL K 235 -24.37 38.36 -57.19
CA VAL K 235 -25.04 39.24 -58.14
C VAL K 235 -25.11 38.54 -59.51
N ILE K 236 -26.29 38.58 -60.12
CA ILE K 236 -26.53 37.98 -61.44
C ILE K 236 -26.08 38.96 -62.50
N VAL K 237 -25.12 38.54 -63.32
CA VAL K 237 -24.54 39.41 -64.34
C VAL K 237 -25.05 39.05 -65.77
N GLN K 238 -25.83 37.98 -65.85
CA GLN K 238 -26.40 37.51 -67.11
C GLN K 238 -27.57 36.61 -66.78
N GLN K 239 -28.77 37.16 -66.97
CA GLN K 239 -30.04 36.53 -66.59
C GLN K 239 -30.22 35.13 -67.20
N SER K 240 -29.87 35.00 -68.47
CA SER K 240 -30.05 33.75 -69.19
C SER K 240 -28.89 33.56 -70.18
N ASN K 241 -28.02 32.61 -69.89
CA ASN K 241 -26.86 32.37 -70.73
C ASN K 241 -27.29 31.69 -72.04
N PRO K 242 -26.93 32.28 -73.19
CA PRO K 242 -27.27 31.72 -74.49
C PRO K 242 -27.05 30.20 -74.65
N GLU K 243 -26.23 29.55 -73.83
CA GLU K 243 -25.97 28.11 -74.01
C GLU K 243 -26.70 27.16 -73.05
N THR K 244 -26.73 27.49 -71.76
CA THR K 244 -27.48 26.71 -70.79
C THR K 244 -28.82 27.44 -70.59
N GLY K 245 -29.76 26.86 -69.85
CA GLY K 245 -30.89 27.68 -69.38
C GLY K 245 -30.43 28.93 -68.61
N LYS K 246 -29.33 28.77 -67.88
CA LYS K 246 -29.21 29.29 -66.53
C LYS K 246 -28.69 30.73 -66.33
N PRO K 247 -28.99 31.33 -65.14
CA PRO K 247 -28.33 32.59 -64.72
C PRO K 247 -26.85 32.39 -64.41
N VAL K 248 -26.07 33.44 -64.63
CA VAL K 248 -24.65 33.43 -64.37
C VAL K 248 -24.36 34.49 -63.29
N SER K 249 -23.94 34.04 -62.10
CA SER K 249 -23.61 35.01 -61.05
C SER K 249 -22.11 35.13 -60.82
N ILE K 250 -21.73 36.24 -60.16
CA ILE K 250 -20.34 36.53 -59.84
C ILE K 250 -19.99 35.88 -58.51
N PRO K 251 -18.70 35.93 -58.11
CA PRO K 251 -18.28 35.37 -56.81
C PRO K 251 -18.86 36.08 -55.60
N PHE K 252 -18.61 35.54 -54.40
CA PHE K 252 -19.18 36.18 -53.23
C PHE K 252 -18.28 37.28 -52.69
N PHE K 253 -18.84 38.47 -52.48
CA PHE K 253 -18.19 39.54 -51.72
C PHE K 253 -19.25 40.09 -50.79
N GLY K 254 -18.87 40.41 -49.55
CA GLY K 254 -19.83 40.89 -48.59
C GLY K 254 -19.23 42.03 -47.80
N PRO K 255 -20.09 42.82 -47.14
CA PRO K 255 -19.61 44.12 -46.64
C PRO K 255 -18.91 44.06 -45.27
N TYR K 256 -19.13 42.97 -44.53
CA TYR K 256 -18.56 42.86 -43.14
C TYR K 256 -17.28 42.01 -43.11
N THR K 257 -16.28 42.47 -42.37
CA THR K 257 -15.02 41.78 -42.30
C THR K 257 -14.97 41.12 -40.92
N THR K 258 -14.76 39.79 -40.88
CA THR K 258 -14.53 39.10 -39.64
C THR K 258 -13.05 38.81 -39.49
N VAL K 259 -12.54 39.00 -38.26
CA VAL K 259 -11.19 38.63 -37.90
C VAL K 259 -11.35 37.66 -36.72
N ASN K 260 -10.92 36.41 -36.91
CA ASN K 260 -11.15 35.33 -35.94
C ASN K 260 -12.60 35.16 -35.46
N GLY K 261 -13.55 35.16 -36.39
CA GLY K 261 -14.96 34.97 -36.02
C GLY K 261 -15.65 36.17 -35.36
N ARG K 262 -15.06 37.37 -35.45
CA ARG K 262 -15.74 38.59 -34.99
C ARG K 262 -15.68 39.71 -36.01
N ILE K 263 -16.83 40.37 -36.23
CA ILE K 263 -16.87 41.51 -37.12
C ILE K 263 -16.16 42.65 -36.43
N TRP K 264 -15.18 43.23 -37.14
CA TRP K 264 -14.49 44.46 -36.71
C TRP K 264 -14.03 44.55 -35.25
N PRO K 265 -13.23 43.59 -34.79
CA PRO K 265 -12.77 43.61 -33.40
C PRO K 265 -11.64 44.61 -33.13
N TYR K 266 -11.37 44.88 -31.85
CA TYR K 266 -10.17 45.64 -31.45
C TYR K 266 -9.23 44.69 -30.70
N ALA K 267 -7.93 44.92 -30.82
CA ALA K 267 -6.94 44.16 -30.10
C ALA K 267 -6.12 45.13 -29.25
N ASP K 268 -5.98 44.82 -27.96
CA ASP K 268 -5.13 45.56 -27.04
C ASP K 268 -3.74 45.00 -27.19
N VAL K 269 -2.78 45.85 -27.50
CA VAL K 269 -1.43 45.37 -27.65
C VAL K 269 -0.46 46.24 -26.85
N ASP K 270 0.69 45.71 -26.52
CA ASP K 270 1.74 46.49 -25.87
C ASP K 270 2.55 47.23 -26.91
N ASP K 271 3.30 48.24 -26.49
CA ASP K 271 4.21 48.96 -27.38
C ASP K 271 5.52 48.20 -27.63
N GLY K 272 5.37 47.00 -28.21
CA GLY K 272 6.52 46.17 -28.62
C GLY K 272 6.26 45.45 -29.94
N TRP K 273 7.08 44.44 -30.24
CA TRP K 273 7.01 43.69 -31.48
C TRP K 273 5.97 42.55 -31.37
N TYR K 274 5.17 42.38 -32.43
CA TYR K 274 4.18 41.31 -32.56
C TYR K 274 4.38 40.56 -33.87
N ARG K 275 4.02 39.28 -33.86
CA ARG K 275 4.04 38.47 -35.05
C ARG K 275 2.60 38.11 -35.33
N LEU K 276 2.11 38.47 -36.52
CA LEU K 276 0.77 38.08 -36.95
C LEU K 276 0.94 37.03 -38.02
N ARG K 277 0.06 36.03 -38.00
CA ARG K 277 0.06 34.95 -38.97
C ARG K 277 -1.26 35.11 -39.71
N LEU K 278 -1.23 35.86 -40.80
CA LEU K 278 -2.45 36.34 -41.45
C LEU K 278 -2.82 35.41 -42.58
N VAL K 279 -4.01 34.80 -42.51
CA VAL K 279 -4.59 34.16 -43.70
C VAL K 279 -5.95 34.76 -44.11
N ASN K 280 -6.14 34.97 -45.41
CA ASN K 280 -7.42 35.38 -45.98
C ASN K 280 -8.24 34.13 -46.24
N ALA K 281 -9.26 33.91 -45.42
CA ALA K 281 -10.12 32.74 -45.56
C ALA K 281 -11.44 33.07 -46.29
N SER K 282 -11.55 34.29 -46.84
CA SER K 282 -12.66 34.69 -47.71
C SER K 282 -12.89 33.75 -48.84
N ASN K 283 -14.14 33.70 -49.30
CA ASN K 283 -14.49 33.02 -50.54
C ASN K 283 -13.78 33.62 -51.76
N ALA K 284 -13.71 34.94 -51.85
CA ALA K 284 -13.23 35.58 -53.09
C ALA K 284 -12.57 36.97 -52.90
N ARG K 285 -12.91 37.64 -51.81
CA ARG K 285 -12.46 38.99 -51.63
C ARG K 285 -10.96 39.02 -51.64
N ILE K 286 -10.39 39.95 -52.40
CA ILE K 286 -8.97 40.27 -52.23
C ILE K 286 -8.83 41.44 -51.26
N TYR K 287 -8.30 41.20 -50.07
CA TYR K 287 -8.06 42.30 -49.16
C TYR K 287 -6.82 43.10 -49.61
N ASN K 288 -6.99 44.41 -49.65
CA ASN K 288 -5.89 45.29 -49.95
C ASN K 288 -5.60 46.13 -48.74
N LEU K 289 -4.83 45.53 -47.84
CA LEU K 289 -4.73 45.97 -46.46
C LEU K 289 -3.81 47.18 -46.33
N VAL K 290 -4.19 48.11 -45.47
CA VAL K 290 -3.40 49.28 -45.15
C VAL K 290 -3.50 49.48 -43.64
N LEU K 291 -2.36 49.73 -42.99
CA LEU K 291 -2.32 50.13 -41.58
C LEU K 291 -2.34 51.66 -41.55
N ILE K 292 -3.44 52.25 -41.05
CA ILE K 292 -3.55 53.71 -40.91
C ILE K 292 -3.65 54.12 -39.44
N ASP K 293 -3.36 55.40 -39.15
CA ASP K 293 -3.47 55.94 -37.78
C ASP K 293 -4.79 56.67 -37.60
N GLU K 294 -4.90 57.47 -36.53
CA GLU K 294 -6.19 58.04 -36.14
C GLU K 294 -6.63 59.09 -37.13
N ASP K 295 -5.71 59.63 -37.91
CA ASP K 295 -6.04 60.61 -38.95
C ASP K 295 -6.19 59.96 -40.32
N ASP K 296 -6.22 58.61 -40.36
CA ASP K 296 -6.24 57.87 -41.63
C ASP K 296 -4.90 57.91 -42.39
N ARG K 297 -3.86 58.50 -41.81
CA ARG K 297 -2.54 58.44 -42.45
C ARG K 297 -1.91 57.02 -42.40
N PRO K 298 -1.55 56.44 -43.57
CA PRO K 298 -0.87 55.14 -43.60
C PRO K 298 0.38 55.24 -42.75
N VAL K 299 0.69 54.17 -42.01
CA VAL K 299 1.79 54.16 -41.03
C VAL K 299 3.00 53.42 -41.60
N PRO K 300 4.06 54.17 -41.99
CA PRO K 300 5.26 53.55 -42.56
C PRO K 300 6.23 53.05 -41.49
N GLY K 301 7.09 52.12 -41.89
CA GLY K 301 8.22 51.72 -41.06
C GLY K 301 7.85 50.86 -39.87
N VAL K 302 6.70 50.21 -39.94
CA VAL K 302 6.21 49.50 -38.78
C VAL K 302 5.96 48.02 -39.10
N VAL K 303 5.49 47.74 -40.30
CA VAL K 303 5.13 46.38 -40.71
C VAL K 303 6.23 45.81 -41.58
N HIS K 304 6.54 44.52 -41.40
CA HIS K 304 7.61 43.85 -42.14
C HIS K 304 7.13 42.45 -42.44
N GLN K 305 7.06 42.03 -43.70
CA GLN K 305 6.68 40.64 -43.98
C GLN K 305 7.87 39.73 -43.84
N ILE K 306 7.74 38.65 -43.08
CA ILE K 306 8.86 37.74 -42.84
C ILE K 306 8.68 36.32 -43.45
N GLY K 307 7.43 36.02 -43.81
CA GLY K 307 7.03 34.69 -44.29
C GLY K 307 5.87 34.71 -45.29
N SER K 308 5.70 33.61 -46.02
CA SER K 308 4.58 33.45 -46.96
C SER K 308 4.07 32.00 -46.91
N ASP K 309 3.20 31.62 -47.86
CA ASP K 309 2.59 30.29 -47.86
C ASP K 309 3.52 29.18 -47.35
N GLY K 310 4.73 29.15 -47.87
CA GLY K 310 5.60 27.99 -47.70
C GLY K 310 6.67 28.18 -46.65
N GLY K 311 6.73 29.38 -46.05
CA GLY K 311 7.64 29.61 -44.93
C GLY K 311 8.36 30.96 -44.89
N LEU K 312 9.50 30.98 -44.20
CA LEU K 312 10.28 32.22 -44.05
C LEU K 312 10.70 32.75 -45.42
N LEU K 313 10.58 34.06 -45.62
CA LEU K 313 11.16 34.66 -46.83
C LEU K 313 12.70 34.72 -46.79
N PRO K 314 13.33 34.81 -47.97
CA PRO K 314 14.79 34.97 -47.89
C PRO K 314 15.18 36.24 -47.11
N ARG K 315 14.43 37.34 -47.32
CA ARG K 315 14.66 38.63 -46.62
C ARG K 315 13.35 39.27 -46.16
N PRO K 316 13.38 40.03 -45.06
CA PRO K 316 12.18 40.71 -44.60
C PRO K 316 11.75 41.69 -45.68
N VAL K 317 10.45 41.87 -45.87
CA VAL K 317 9.96 42.86 -46.81
C VAL K 317 9.28 43.99 -46.03
N PRO K 318 9.80 45.21 -46.15
CA PRO K 318 9.14 46.33 -45.46
C PRO K 318 7.84 46.69 -46.18
N VAL K 319 6.75 46.82 -45.44
CA VAL K 319 5.44 47.14 -46.00
C VAL K 319 5.08 48.55 -45.50
N ASP K 320 5.48 49.55 -46.26
CA ASP K 320 5.39 50.92 -45.84
C ASP K 320 4.22 51.71 -46.45
N PHE K 321 3.45 51.08 -47.32
CA PHE K 321 2.28 51.73 -47.93
C PHE K 321 2.66 53.04 -48.64
N ASP K 322 3.71 53.00 -49.46
CA ASP K 322 4.24 54.18 -50.14
C ASP K 322 3.90 54.14 -51.63
N ASP K 323 4.75 53.44 -52.39
CA ASP K 323 4.52 53.18 -53.82
C ASP K 323 5.09 51.84 -54.22
N THR K 324 6.23 51.49 -53.63
CA THR K 324 6.82 50.15 -53.74
C THR K 324 5.82 49.08 -53.28
N LEU K 325 4.90 49.49 -52.43
CA LEU K 325 3.88 48.58 -51.91
C LEU K 325 2.90 49.48 -51.17
N PRO K 326 1.90 50.02 -51.90
CA PRO K 326 0.91 50.88 -51.26
C PRO K 326 -0.11 50.07 -50.46
N VAL K 327 -0.25 48.78 -50.79
CA VAL K 327 -1.19 47.91 -50.09
C VAL K 327 -0.58 46.56 -49.93
N LEU K 328 -0.90 45.93 -48.81
CA LEU K 328 -0.66 44.50 -48.71
C LEU K 328 -1.84 43.73 -49.29
N SER K 329 -1.62 43.19 -50.48
CA SER K 329 -2.65 42.50 -51.22
C SER K 329 -2.78 41.01 -50.82
N ALA K 330 -3.85 40.64 -50.11
CA ALA K 330 -4.05 39.27 -49.65
C ALA K 330 -5.22 38.65 -50.37
N ALA K 331 -4.93 37.86 -51.40
CA ALA K 331 -5.97 37.07 -52.03
C ALA K 331 -6.35 35.89 -51.15
N PRO K 332 -7.52 35.29 -51.45
CA PRO K 332 -7.93 34.13 -50.70
C PRO K 332 -6.88 33.05 -50.64
N ALA K 333 -6.72 32.45 -49.46
CA ALA K 333 -5.79 31.36 -49.17
C ALA K 333 -4.31 31.69 -49.09
N GLU K 334 -3.92 32.91 -49.48
CA GLU K 334 -2.52 33.35 -49.29
C GLU K 334 -2.23 33.55 -47.80
N ARG K 335 -0.99 33.30 -47.35
CA ARG K 335 -0.59 33.58 -45.94
C ARG K 335 0.52 34.59 -45.85
N PHE K 336 0.46 35.43 -44.82
CA PHE K 336 1.43 36.48 -44.63
C PHE K 336 1.91 36.45 -43.20
N ASP K 337 3.20 36.25 -43.03
CA ASP K 337 3.82 36.22 -41.73
C ASP K 337 4.37 37.61 -41.52
N LEU K 338 3.74 38.38 -40.64
CA LEU K 338 4.03 39.79 -40.52
C LEU K 338 4.58 40.09 -39.14
N LEU K 339 5.64 40.88 -39.07
CA LEU K 339 6.01 41.46 -37.78
C LEU K 339 5.53 42.87 -37.76
N VAL K 340 4.92 43.30 -36.67
CA VAL K 340 4.55 44.72 -36.58
C VAL K 340 5.14 45.28 -35.29
N ASP K 341 5.86 46.41 -35.45
CA ASP K 341 6.71 47.04 -34.45
C ASP K 341 5.91 48.23 -33.88
N PHE K 342 5.35 48.06 -32.69
CA PHE K 342 4.57 49.12 -32.05
C PHE K 342 5.38 49.90 -31.00
N ARG K 343 6.72 49.78 -31.05
CA ARG K 343 7.56 50.33 -29.99
C ARG K 343 7.37 51.82 -29.83
N ALA K 344 7.21 52.53 -30.94
CA ALA K 344 7.11 53.99 -30.86
C ALA K 344 5.64 54.47 -30.78
N LEU K 345 4.72 53.54 -30.59
CA LEU K 345 3.29 53.89 -30.72
C LEU K 345 2.43 53.72 -29.47
N GLY K 346 3.07 53.84 -28.30
CA GLY K 346 2.37 53.71 -27.03
C GLY K 346 1.29 54.77 -26.99
N GLY K 347 0.09 54.41 -26.52
CA GLY K 347 -1.01 55.35 -26.37
C GLY K 347 -1.80 55.65 -27.64
N ARG K 348 -1.45 55.03 -28.76
CA ARG K 348 -2.09 55.28 -30.08
C ARG K 348 -3.07 54.19 -30.46
N ARG K 349 -3.95 54.49 -31.40
CA ARG K 349 -4.84 53.50 -31.99
C ARG K 349 -4.67 53.43 -33.51
N LEU K 350 -4.34 52.24 -34.01
CA LEU K 350 -4.16 52.04 -35.44
C LEU K 350 -5.20 51.11 -35.96
N ARG K 351 -5.57 51.31 -37.22
CA ARG K 351 -6.60 50.50 -37.85
C ARG K 351 -6.02 49.84 -39.06
N LEU K 352 -6.25 48.54 -39.17
CA LEU K 352 -6.09 47.85 -40.43
C LEU K 352 -7.38 48.04 -41.23
N VAL K 353 -7.26 48.52 -42.46
CA VAL K 353 -8.43 48.69 -43.28
C VAL K 353 -8.21 48.01 -44.62
N ASP K 354 -9.32 47.78 -45.33
CA ASP K 354 -9.31 47.37 -46.74
C ASP K 354 -9.40 48.65 -47.60
N LYS K 355 -8.44 48.86 -48.49
CA LYS K 355 -8.49 50.05 -49.35
C LYS K 355 -9.30 49.77 -50.58
N GLY K 356 -10.37 50.54 -50.80
CA GLY K 356 -11.09 50.50 -52.08
C GLY K 356 -10.29 51.21 -53.17
N PRO K 357 -10.49 50.81 -54.44
CA PRO K 357 -9.81 51.44 -55.56
C PRO K 357 -10.15 52.91 -55.79
N GLY K 358 -11.31 53.36 -55.33
CA GLY K 358 -11.75 54.70 -55.65
C GLY K 358 -11.60 55.76 -54.57
N ALA K 359 -10.96 55.41 -53.46
CA ALA K 359 -10.90 56.38 -52.37
C ALA K 359 -9.67 56.08 -51.54
N PRO K 360 -9.21 57.08 -50.77
CA PRO K 360 -8.02 56.91 -49.92
C PRO K 360 -8.29 55.86 -48.84
N ALA K 361 -7.24 55.22 -48.35
CA ALA K 361 -7.38 54.24 -47.27
C ALA K 361 -8.15 54.86 -46.13
N GLY K 362 -9.12 54.10 -45.60
CA GLY K 362 -9.90 54.56 -44.46
C GLY K 362 -11.21 55.22 -44.89
N THR K 363 -11.29 55.69 -46.14
CA THR K 363 -12.54 56.30 -46.68
C THR K 363 -13.38 55.25 -47.39
N PRO K 364 -14.66 55.09 -46.98
CA PRO K 364 -15.60 54.17 -47.66
C PRO K 364 -15.58 54.30 -49.18
N ASP K 365 -15.64 53.16 -49.86
CA ASP K 365 -15.73 53.10 -51.31
C ASP K 365 -16.70 52.02 -51.77
N PRO K 366 -18.02 52.25 -51.56
CA PRO K 366 -19.06 51.32 -51.99
C PRO K 366 -19.04 51.02 -53.50
N LEU K 367 -18.87 52.04 -54.34
CA LEU K 367 -18.76 51.82 -55.79
C LEU K 367 -17.58 50.90 -56.10
N GLY K 368 -16.55 50.96 -55.26
CA GLY K 368 -15.38 50.12 -55.46
C GLY K 368 -15.46 48.78 -54.76
N GLY K 369 -16.59 48.47 -54.13
CA GLY K 369 -16.77 47.16 -53.53
C GLY K 369 -16.27 47.07 -52.10
N VAL K 370 -15.96 48.24 -51.52
CA VAL K 370 -15.51 48.32 -50.14
C VAL K 370 -16.33 49.38 -49.41
N ARG K 371 -17.56 49.03 -49.01
CA ARG K 371 -18.38 49.95 -48.21
C ARG K 371 -17.78 50.24 -46.84
N TYR K 372 -17.27 49.20 -46.19
CA TYR K 372 -16.75 49.39 -44.84
C TYR K 372 -15.28 49.04 -44.77
N PRO K 373 -14.42 50.08 -44.78
CA PRO K 373 -12.96 49.85 -44.75
C PRO K 373 -12.47 49.02 -43.53
N GLU K 374 -13.18 49.11 -42.41
CA GLU K 374 -12.71 48.53 -41.16
C GLU K 374 -12.32 47.05 -41.30
N VAL K 375 -11.10 46.71 -40.86
CA VAL K 375 -10.78 45.30 -40.61
C VAL K 375 -10.66 45.09 -39.10
N MET K 376 -9.70 45.75 -38.45
CA MET K 376 -9.60 45.70 -36.98
C MET K 376 -8.80 46.90 -36.47
N GLU K 377 -8.86 47.11 -35.15
CA GLU K 377 -8.17 48.19 -34.49
C GLU K 377 -7.13 47.64 -33.51
N PHE K 378 -5.92 48.18 -33.59
CA PHE K 378 -4.94 47.97 -32.52
C PHE K 378 -4.92 49.17 -31.56
N ARG K 379 -4.96 48.86 -30.26
CA ARG K 379 -4.91 49.86 -29.21
C ARG K 379 -3.62 49.60 -28.44
N VAL K 380 -2.65 50.49 -28.60
CA VAL K 380 -1.33 50.27 -28.03
C VAL K 380 -1.16 50.85 -26.61
N ARG K 381 -0.87 49.99 -25.64
CA ARG K 381 -0.60 50.43 -24.28
C ARG K 381 0.87 50.85 -24.15
N GLU K 382 1.09 52.05 -23.61
CA GLU K 382 2.44 52.51 -23.25
C GLU K 382 2.96 51.73 -22.07
N THR K 383 4.12 51.14 -22.27
CA THR K 383 4.77 50.34 -21.26
C THR K 383 6.09 51.04 -21.06
N CYS K 384 6.81 50.69 -20.01
CA CYS K 384 8.14 51.22 -19.90
C CYS K 384 9.18 50.14 -20.07
N GLU K 385 8.85 49.19 -20.96
CA GLU K 385 9.78 48.14 -21.33
C GLU K 385 10.51 48.47 -22.61
N GLU K 386 11.66 47.84 -22.77
CA GLU K 386 12.48 47.90 -23.97
C GLU K 386 12.32 46.60 -24.72
N ASP K 387 11.97 46.66 -26.00
CA ASP K 387 12.03 45.48 -26.85
C ASP K 387 13.26 45.66 -27.72
N SER K 388 14.28 44.86 -27.47
CA SER K 388 15.51 44.95 -28.24
C SER K 388 15.57 43.90 -29.38
N PHE K 389 14.42 43.32 -29.74
CA PHE K 389 14.36 42.38 -30.86
C PHE K 389 15.11 42.89 -32.11
N ALA K 390 15.95 42.05 -32.68
CA ALA K 390 16.69 42.42 -33.90
C ALA K 390 16.17 41.66 -35.10
N LEU K 391 15.92 42.41 -36.19
CA LEU K 391 15.51 41.82 -37.49
C LEU K 391 16.63 41.86 -38.54
N PRO K 392 17.19 40.70 -38.93
CA PRO K 392 18.36 40.76 -39.83
C PRO K 392 17.95 41.02 -41.27
N GLU K 393 18.87 41.55 -42.07
CA GLU K 393 18.67 41.81 -43.48
C GLU K 393 18.39 40.54 -44.32
N VAL K 394 18.99 39.44 -43.92
CA VAL K 394 18.66 38.15 -44.50
C VAL K 394 18.04 37.37 -43.38
N LEU K 395 16.90 36.76 -43.67
CA LEU K 395 16.12 36.03 -42.67
C LEU K 395 16.41 34.53 -42.67
N SER K 396 16.35 33.91 -43.85
CA SER K 396 16.47 32.46 -43.93
C SER K 396 17.77 32.08 -44.56
N GLY K 397 18.51 31.21 -43.89
CA GLY K 397 19.67 30.56 -44.47
C GLY K 397 19.37 29.33 -45.30
N SER K 398 18.27 28.62 -44.99
CA SER K 398 17.88 27.46 -45.81
C SER K 398 17.34 27.86 -47.21
N PHE K 399 16.88 29.08 -47.36
CA PHE K 399 16.29 29.44 -48.63
C PHE K 399 17.23 29.26 -49.83
N ARG K 400 16.88 28.39 -50.76
CA ARG K 400 17.56 28.35 -52.07
C ARG K 400 16.60 28.77 -53.20
N ARG K 401 17.00 29.81 -53.95
CA ARG K 401 16.20 30.29 -55.08
C ARG K 401 16.08 29.16 -56.12
N MET K 402 14.86 28.83 -56.53
CA MET K 402 14.60 27.87 -57.62
C MET K 402 15.26 28.29 -58.94
N SER K 403 16.15 27.47 -59.48
CA SER K 403 16.83 27.77 -60.75
C SER K 403 16.15 27.20 -62.00
N HIS K 404 15.77 28.05 -62.95
CA HIS K 404 15.32 27.57 -64.24
C HIS K 404 16.32 26.61 -64.90
N ASP K 405 17.58 26.66 -64.45
CA ASP K 405 18.60 25.72 -64.91
C ASP K 405 18.46 24.25 -64.51
N ILE K 406 17.70 23.94 -63.46
CA ILE K 406 17.57 22.51 -63.13
C ILE K 406 16.61 21.85 -64.10
N PRO K 407 16.90 20.61 -64.54
CA PRO K 407 16.00 19.96 -65.52
C PRO K 407 14.55 19.90 -65.04
N HIS K 408 13.59 20.16 -65.94
CA HIS K 408 12.20 20.21 -65.55
C HIS K 408 11.24 20.06 -66.72
N GLY K 409 10.01 19.66 -66.41
CA GLY K 409 8.92 19.62 -67.38
C GLY K 409 8.20 20.94 -67.45
N HIS K 410 7.24 21.04 -68.38
CA HIS K 410 6.48 22.25 -68.67
C HIS K 410 4.99 21.99 -68.81
N ARG K 411 4.18 22.79 -68.13
CA ARG K 411 2.76 22.82 -68.35
C ARG K 411 2.38 24.22 -68.79
N LEU K 412 1.38 24.29 -69.67
CA LEU K 412 0.70 25.54 -69.94
C LEU K 412 -0.74 25.41 -69.48
N ILE K 413 -1.16 26.34 -68.61
CA ILE K 413 -2.53 26.43 -68.17
C ILE K 413 -3.09 27.79 -68.66
N VAL K 414 -4.03 27.76 -69.60
CA VAL K 414 -4.74 28.97 -69.99
C VAL K 414 -5.96 29.18 -69.10
N LEU K 415 -6.18 30.41 -68.66
CA LEU K 415 -7.37 30.82 -67.91
C LEU K 415 -8.23 31.68 -68.85
N THR K 416 -9.51 31.35 -69.04
CA THR K 416 -10.32 31.93 -70.15
C THR K 416 -11.38 32.95 -69.71
N PRO K 417 -11.74 33.95 -70.57
CA PRO K 417 -12.83 34.88 -70.21
C PRO K 417 -14.15 34.15 -70.13
N PRO K 418 -15.09 34.65 -69.32
CA PRO K 418 -16.30 33.85 -69.09
C PRO K 418 -17.22 33.64 -70.33
N GLY K 419 -17.24 34.61 -71.25
CA GLY K 419 -18.08 34.40 -72.43
C GLY K 419 -17.50 33.51 -73.53
N THR K 420 -16.53 32.66 -73.21
CA THR K 420 -15.90 31.80 -74.23
C THR K 420 -16.88 30.74 -74.73
N LYS K 421 -16.75 30.38 -76.02
CA LYS K 421 -17.59 29.34 -76.61
C LYS K 421 -17.56 28.05 -75.82
N GLY K 422 -18.73 27.65 -75.33
CA GLY K 422 -18.92 26.33 -74.71
C GLY K 422 -18.75 26.30 -73.20
N SER K 423 -18.56 27.47 -72.59
CA SER K 423 -18.28 27.53 -71.16
C SER K 423 -19.54 27.83 -70.35
N GLY K 424 -20.68 27.93 -71.02
CA GLY K 424 -21.90 28.30 -70.35
C GLY K 424 -21.77 29.62 -69.58
N GLY K 425 -20.85 30.48 -70.01
CA GLY K 425 -20.68 31.80 -69.36
C GLY K 425 -19.77 31.85 -68.12
N HIS K 426 -19.02 30.75 -67.88
CA HIS K 426 -18.10 30.67 -66.72
C HIS K 426 -16.66 30.73 -67.18
N PRO K 427 -15.75 31.32 -66.35
CA PRO K 427 -14.33 31.28 -66.67
C PRO K 427 -13.82 29.85 -66.52
N GLU K 428 -12.81 29.46 -67.30
CA GLU K 428 -12.35 28.07 -67.26
C GLU K 428 -10.84 27.89 -67.07
N ILE K 429 -10.45 26.68 -66.67
CA ILE K 429 -9.10 26.21 -66.82
C ILE K 429 -9.04 25.36 -68.10
N TRP K 430 -8.08 25.71 -68.96
CA TRP K 430 -7.83 24.97 -70.20
C TRP K 430 -6.42 24.45 -70.16
N GLU K 431 -6.30 23.12 -70.11
CA GLU K 431 -5.01 22.47 -70.29
C GLU K 431 -4.67 22.41 -71.79
N MET K 432 -3.46 22.84 -72.13
CA MET K 432 -3.05 23.02 -73.51
C MET K 432 -1.92 22.05 -73.85
N ALA K 433 -1.94 21.46 -75.05
CA ALA K 433 -0.78 20.71 -75.58
C ALA K 433 -0.20 21.40 -76.81
N GLU K 434 1.11 21.60 -76.83
CA GLU K 434 1.78 22.21 -78.00
C GLU K 434 1.63 21.31 -79.23
N VAL K 435 1.24 21.89 -80.35
CA VAL K 435 1.19 21.14 -81.59
C VAL K 435 2.48 21.29 -82.39
N GLU K 436 3.04 20.15 -82.82
CA GLU K 436 4.09 20.16 -83.85
C GLU K 436 3.77 19.20 -85.01
N GLN K 442 -4.95 23.09 -87.36
CA GLN K 442 -4.34 24.32 -87.87
C GLN K 442 -5.32 25.52 -87.80
N VAL K 443 -4.80 26.74 -87.73
CA VAL K 443 -5.64 27.86 -87.33
C VAL K 443 -6.44 28.45 -88.48
N PRO K 444 -7.48 29.23 -88.16
CA PRO K 444 -8.06 29.37 -86.81
C PRO K 444 -9.04 28.24 -86.46
N ALA K 445 -9.20 27.91 -85.18
CA ALA K 445 -10.01 26.75 -84.75
C ALA K 445 -10.30 26.74 -83.26
N GLU K 446 -11.51 26.30 -82.91
CA GLU K 446 -11.91 26.09 -81.52
C GLU K 446 -10.89 25.27 -80.73
N GLY K 447 -10.52 25.76 -79.55
CA GLY K 447 -9.59 25.06 -78.69
C GLY K 447 -8.15 25.25 -79.13
N VAL K 448 -7.96 26.05 -80.17
CA VAL K 448 -6.61 26.27 -80.65
C VAL K 448 -6.18 27.70 -80.34
N ILE K 449 -5.03 27.82 -79.69
CA ILE K 449 -4.56 29.13 -79.25
C ILE K 449 -3.14 29.31 -79.75
N GLN K 450 -2.86 30.44 -80.38
CA GLN K 450 -1.47 30.72 -80.73
C GLN K 450 -0.85 31.77 -79.85
N VAL K 451 0.43 31.61 -79.56
CA VAL K 451 1.16 32.55 -78.70
C VAL K 451 2.46 33.01 -79.35
N THR K 452 2.62 34.33 -79.45
CA THR K 452 3.89 34.88 -79.88
C THR K 452 4.69 35.30 -78.64
N GLY K 453 5.79 34.58 -78.38
CA GLY K 453 6.64 34.82 -77.21
C GLY K 453 7.60 35.98 -77.36
N ALA K 454 8.54 36.10 -76.40
CA ALA K 454 9.43 37.25 -76.31
C ALA K 454 10.35 37.38 -77.53
N ASP K 455 10.78 36.23 -78.06
CA ASP K 455 11.64 36.18 -79.24
C ASP K 455 10.92 36.47 -80.58
N GLY K 456 9.71 37.01 -80.55
CA GLY K 456 8.93 37.23 -81.79
C GLY K 456 8.40 35.98 -82.50
N ARG K 457 8.77 34.80 -81.98
CA ARG K 457 8.33 33.48 -82.46
C ARG K 457 6.86 33.18 -82.12
N THR K 458 6.22 32.32 -82.93
CA THR K 458 4.86 31.88 -82.61
C THR K 458 4.76 30.39 -82.30
N LYS K 459 3.97 30.03 -81.30
CA LYS K 459 3.64 28.64 -81.06
C LYS K 459 2.14 28.37 -81.06
N THR K 460 1.79 27.12 -81.33
CA THR K 460 0.40 26.72 -81.47
C THR K 460 0.07 25.65 -80.43
N TYR K 461 -0.93 25.93 -79.60
CA TYR K 461 -1.42 24.98 -78.60
C TYR K 461 -2.89 24.60 -78.80
N ARG K 462 -3.18 23.37 -78.41
CA ARG K 462 -4.51 22.79 -78.54
C ARG K 462 -5.08 22.52 -77.14
N ARG K 463 -6.32 22.96 -76.90
CA ARG K 463 -7.02 22.60 -75.68
C ARG K 463 -7.22 21.09 -75.52
N THR K 464 -7.01 20.64 -74.29
CA THR K 464 -6.90 19.23 -73.95
C THR K 464 -7.88 18.86 -72.83
N ALA K 465 -8.28 19.84 -72.03
CA ALA K 465 -9.31 19.67 -71.01
C ALA K 465 -9.76 21.07 -70.65
N ARG K 466 -11.02 21.19 -70.25
CA ARG K 466 -11.61 22.51 -69.97
C ARG K 466 -12.35 22.55 -68.64
N THR K 467 -12.46 21.41 -67.95
CA THR K 467 -13.23 21.33 -66.70
C THR K 467 -12.81 20.14 -65.87
N PHE K 468 -13.15 20.21 -64.59
CA PHE K 468 -12.66 19.27 -63.63
C PHE K 468 -12.72 17.78 -64.05
N ASN K 469 -13.89 17.37 -64.52
CA ASN K 469 -14.06 15.99 -64.88
C ASN K 469 -13.73 15.57 -66.31
N ASP K 470 -13.03 16.41 -67.07
CA ASP K 470 -12.36 15.94 -68.29
C ASP K 470 -11.25 14.94 -67.91
N GLY K 471 -10.91 14.06 -68.86
CA GLY K 471 -9.83 13.10 -68.66
C GLY K 471 -8.58 13.76 -68.09
N LEU K 472 -7.89 13.03 -67.22
CA LEU K 472 -6.69 13.51 -66.54
C LEU K 472 -5.71 14.06 -67.56
N GLY K 473 -5.11 15.21 -67.27
CA GLY K 473 -3.97 15.68 -68.06
C GLY K 473 -2.60 15.48 -67.41
N PHE K 474 -2.43 15.82 -66.12
CA PHE K 474 -1.05 15.86 -65.58
C PHE K 474 -0.65 14.66 -64.70
N THR K 475 0.25 13.84 -65.22
CA THR K 475 0.82 12.75 -64.46
C THR K 475 2.29 13.05 -64.23
N ILE K 476 2.72 12.98 -62.97
CA ILE K 476 4.00 13.56 -62.57
C ILE K 476 4.85 12.56 -61.79
N GLY K 477 6.09 12.40 -62.24
CA GLY K 477 7.07 11.64 -61.45
C GLY K 477 7.42 12.33 -60.13
N GLU K 478 7.25 11.62 -59.01
CA GLU K 478 7.66 12.15 -57.70
C GLU K 478 9.14 12.50 -57.71
N GLY K 479 9.48 13.64 -57.09
CA GLY K 479 10.82 14.19 -57.10
C GLY K 479 11.20 15.06 -58.31
N THR K 480 10.44 15.01 -59.41
CA THR K 480 10.76 15.88 -60.56
C THR K 480 10.31 17.34 -60.33
N HIS K 481 10.89 18.23 -61.13
CA HIS K 481 10.49 19.63 -61.18
C HIS K 481 9.69 19.94 -62.45
N GLU K 482 8.72 20.85 -62.35
CA GLU K 482 8.03 21.37 -63.52
C GLU K 482 7.84 22.86 -63.40
N GLN K 483 7.89 23.57 -64.53
CA GLN K 483 7.41 24.93 -64.57
C GLN K 483 6.04 24.90 -65.17
N TRP K 484 5.10 25.57 -64.50
CA TRP K 484 3.74 25.72 -65.00
C TRP K 484 3.54 27.17 -65.37
N THR K 485 2.99 27.42 -66.53
CA THR K 485 2.60 28.78 -66.89
C THR K 485 1.11 28.93 -66.75
N PHE K 486 0.67 29.98 -66.05
CA PHE K 486 -0.74 30.32 -66.06
C PHE K 486 -0.85 31.50 -66.99
N LEU K 487 -1.49 31.24 -68.12
CA LEU K 487 -1.77 32.25 -69.12
C LEU K 487 -3.21 32.70 -68.98
N ASN K 488 -3.40 33.86 -68.38
CA ASN K 488 -4.69 34.47 -68.23
C ASN K 488 -5.03 35.39 -69.41
N LEU K 489 -6.08 35.06 -70.15
CA LEU K 489 -6.53 35.83 -71.28
C LEU K 489 -7.76 36.70 -70.95
N SER K 490 -8.19 36.72 -69.71
CA SER K 490 -9.31 37.59 -69.35
C SER K 490 -8.72 38.68 -68.50
N PRO K 491 -9.51 39.70 -68.13
CA PRO K 491 -9.08 40.65 -67.09
C PRO K 491 -9.51 40.24 -65.66
N ILE K 492 -10.14 39.07 -65.51
CA ILE K 492 -10.51 38.61 -64.16
C ILE K 492 -9.31 37.98 -63.45
N LEU K 493 -9.04 38.43 -62.21
CA LEU K 493 -7.91 37.95 -61.42
C LEU K 493 -8.23 36.64 -60.71
N HIS K 494 -7.51 35.58 -61.05
CA HIS K 494 -7.66 34.30 -60.35
C HIS K 494 -6.49 34.00 -59.43
N PRO K 495 -6.76 33.77 -58.14
CA PRO K 495 -5.69 33.28 -57.25
C PRO K 495 -5.58 31.77 -57.42
N MET K 496 -4.57 31.33 -58.18
CA MET K 496 -4.40 29.91 -58.48
C MET K 496 -3.63 29.19 -57.41
N HIS K 497 -4.10 27.98 -57.14
CA HIS K 497 -3.56 27.17 -56.08
C HIS K 497 -3.25 25.76 -56.56
N ILE K 498 -2.09 25.27 -56.14
CA ILE K 498 -1.62 23.93 -56.47
C ILE K 498 -1.41 23.16 -55.16
N HIS K 499 -2.12 22.04 -54.99
CA HIS K 499 -1.92 21.17 -53.81
C HIS K 499 -0.51 20.58 -53.81
N LEU K 500 -0.14 19.98 -52.68
CA LEU K 500 1.12 19.25 -52.43
C LEU K 500 2.41 20.04 -52.35
N ALA K 501 2.73 20.75 -53.43
CA ALA K 501 4.06 21.34 -53.59
C ALA K 501 4.19 22.82 -53.18
N ASP K 502 5.45 23.20 -52.94
CA ASP K 502 5.91 24.60 -52.84
C ASP K 502 6.49 25.00 -54.18
N PHE K 503 6.33 26.27 -54.50
CA PHE K 503 6.69 26.79 -55.80
C PHE K 503 7.36 28.11 -55.62
N GLN K 504 8.16 28.50 -56.61
CA GLN K 504 8.66 29.87 -56.66
C GLN K 504 8.21 30.57 -57.92
N VAL K 505 7.91 31.85 -57.80
CA VAL K 505 7.56 32.66 -58.92
C VAL K 505 8.81 32.94 -59.74
N LEU K 506 8.81 32.51 -61.00
CA LEU K 506 9.93 32.77 -61.91
C LEU K 506 9.80 34.07 -62.72
N GLY K 507 8.58 34.52 -62.98
CA GLY K 507 8.38 35.80 -63.69
C GLY K 507 6.94 35.96 -64.14
N ARG K 508 6.61 37.21 -64.49
CA ARG K 508 5.30 37.61 -65.00
C ARG K 508 5.43 38.49 -66.28
N ASP K 509 4.54 38.27 -67.24
CA ASP K 509 4.51 39.05 -68.46
C ASP K 509 3.13 39.54 -68.83
N ALA K 510 3.06 40.75 -69.38
CA ALA K 510 1.81 41.23 -69.97
C ALA K 510 1.65 40.65 -71.38
N TYR K 511 0.39 40.47 -71.78
CA TYR K 511 0.04 39.96 -73.10
C TYR K 511 -1.06 40.82 -73.70
N ASP K 512 -0.98 40.98 -75.01
CA ASP K 512 -2.16 41.40 -75.77
C ASP K 512 -2.91 40.11 -76.13
N ALA K 513 -4.07 39.93 -75.50
CA ALA K 513 -4.95 38.79 -75.75
C ALA K 513 -6.17 39.15 -76.65
N SER K 514 -6.10 40.30 -77.31
CA SER K 514 -7.20 40.72 -78.20
C SER K 514 -7.47 39.74 -79.36
N GLY K 515 -6.45 38.98 -79.75
CA GLY K 515 -6.65 37.99 -80.81
C GLY K 515 -7.46 36.75 -80.43
N PHE K 516 -7.75 36.58 -79.15
CA PHE K 516 -8.53 35.41 -78.75
C PHE K 516 -10.00 35.68 -79.07
N ASP K 517 -10.60 34.86 -79.93
CA ASP K 517 -11.99 35.14 -80.34
C ASP K 517 -12.96 34.31 -79.48
N LEU K 518 -13.70 35.01 -78.63
CA LEU K 518 -14.58 34.36 -77.68
C LEU K 518 -15.61 33.44 -78.33
N ALA K 519 -16.23 33.88 -79.43
CA ALA K 519 -17.24 33.04 -80.11
C ALA K 519 -16.60 31.87 -80.85
N LEU K 520 -15.34 32.02 -81.19
CA LEU K 520 -14.60 30.94 -81.85
C LEU K 520 -14.10 29.92 -80.83
N GLY K 521 -13.73 30.40 -79.63
CA GLY K 521 -13.02 29.56 -78.65
C GLY K 521 -11.59 29.32 -79.05
N GLY K 522 -11.02 30.30 -79.75
CA GLY K 522 -9.71 30.11 -80.34
C GLY K 522 -9.14 31.42 -80.77
N THR K 523 -7.85 31.41 -81.13
CA THR K 523 -7.17 32.60 -81.54
C THR K 523 -7.39 32.86 -83.03
N ARG K 524 -7.71 34.11 -83.39
CA ARG K 524 -7.65 34.52 -84.82
C ARG K 524 -6.27 35.05 -85.19
N THR K 525 -5.73 35.96 -84.40
CA THR K 525 -4.30 36.26 -84.51
C THR K 525 -3.65 35.91 -83.16
N PRO K 526 -2.39 35.44 -83.17
CA PRO K 526 -1.73 35.06 -81.90
C PRO K 526 -1.92 36.02 -80.71
N VAL K 527 -2.14 35.43 -79.54
CA VAL K 527 -1.90 36.09 -78.25
C VAL K 527 -0.45 36.57 -78.22
N ARG K 528 -0.26 37.86 -77.99
CA ARG K 528 1.06 38.51 -78.16
C ARG K 528 1.66 38.94 -76.83
N LEU K 529 2.87 38.50 -76.54
CA LEU K 529 3.61 39.05 -75.40
C LEU K 529 3.92 40.53 -75.65
N ASP K 530 3.60 41.38 -74.69
CA ASP K 530 3.78 42.81 -74.85
C ASP K 530 4.94 43.33 -73.97
N PRO K 531 6.19 43.23 -74.46
CA PRO K 531 7.34 43.53 -73.61
C PRO K 531 7.57 45.00 -73.30
N ASP K 532 6.61 45.89 -73.56
CA ASP K 532 6.73 47.22 -72.99
C ASP K 532 5.57 47.66 -72.09
N THR K 533 4.86 46.66 -71.57
CA THR K 533 4.23 46.75 -70.26
C THR K 533 4.91 45.69 -69.39
N PRO K 534 6.02 46.06 -68.73
CA PRO K 534 6.71 45.03 -67.97
C PRO K 534 5.91 44.78 -66.69
N VAL K 535 5.96 43.57 -66.15
CA VAL K 535 5.20 43.24 -64.92
C VAL K 535 6.18 42.79 -63.83
N PRO K 536 6.61 43.72 -62.96
CA PRO K 536 7.65 43.35 -62.00
C PRO K 536 7.04 42.40 -60.94
N LEU K 537 7.85 41.56 -60.31
CA LEU K 537 7.37 40.68 -59.25
C LEU K 537 7.06 41.50 -57.98
N ALA K 538 6.00 41.12 -57.28
CA ALA K 538 5.71 41.72 -55.99
C ALA K 538 6.94 41.46 -55.06
N PRO K 539 7.36 42.50 -54.32
CA PRO K 539 8.53 42.26 -53.47
C PRO K 539 8.33 41.13 -52.44
N ASN K 540 7.09 40.78 -52.09
CA ASN K 540 6.88 39.72 -51.07
C ASN K 540 6.57 38.33 -51.66
N GLU K 541 6.91 38.14 -52.91
CA GLU K 541 6.44 37.02 -53.67
C GLU K 541 7.66 36.23 -54.14
N LEU K 542 8.78 36.43 -53.45
CA LEU K 542 10.05 35.82 -53.85
C LEU K 542 10.42 34.59 -53.01
N GLY K 543 9.55 34.23 -52.08
CA GLY K 543 9.79 33.07 -51.25
C GLY K 543 9.00 31.87 -51.75
N HIS K 544 8.50 31.04 -50.83
CA HIS K 544 7.75 29.87 -51.21
C HIS K 544 6.27 30.14 -51.22
N LYS K 545 5.66 29.85 -52.35
CA LYS K 545 4.25 30.12 -52.48
C LYS K 545 3.51 28.86 -52.94
N ASP K 546 2.22 28.80 -52.60
CA ASP K 546 1.31 27.81 -53.18
C ASP K 546 -0.02 28.43 -53.66
N VAL K 547 -0.20 29.73 -53.41
CA VAL K 547 -1.28 30.47 -54.04
C VAL K 547 -0.77 31.74 -54.76
N PHE K 548 -1.12 31.92 -56.02
CA PHE K 548 -0.58 33.01 -56.84
C PHE K 548 -1.68 33.83 -57.48
N GLN K 549 -1.67 35.11 -57.19
CA GLN K 549 -2.50 36.01 -57.93
C GLN K 549 -2.12 35.92 -59.40
N VAL K 550 -3.06 35.52 -60.25
CA VAL K 550 -2.89 35.68 -61.66
C VAL K 550 -3.85 36.74 -62.23
N PRO K 551 -3.40 37.99 -62.29
CA PRO K 551 -4.28 39.00 -62.88
C PRO K 551 -4.37 39.00 -64.42
N GLY K 552 -5.35 39.78 -64.94
CA GLY K 552 -5.26 40.64 -66.17
C GLY K 552 -5.02 39.82 -67.40
N PRO K 553 -4.89 40.47 -68.57
CA PRO K 553 -4.32 39.66 -69.66
C PRO K 553 -2.83 39.48 -69.37
N GLN K 554 -2.42 38.29 -68.88
CA GLN K 554 -1.09 38.15 -68.25
C GLN K 554 -0.59 36.70 -68.15
N GLY K 555 0.73 36.52 -68.15
CA GLY K 555 1.32 35.19 -68.01
C GLY K 555 2.10 35.15 -66.72
N LEU K 556 1.97 34.05 -65.96
CA LEU K 556 2.78 33.82 -64.77
C LEU K 556 3.53 32.51 -64.88
N ARG K 557 4.81 32.55 -64.51
CA ARG K 557 5.62 31.34 -64.53
C ARG K 557 5.99 30.98 -63.11
N VAL K 558 5.65 29.76 -62.70
CA VAL K 558 6.12 29.24 -61.40
C VAL K 558 6.86 27.94 -61.63
N MET K 559 7.79 27.65 -60.73
CA MET K 559 8.51 26.37 -60.71
C MET K 559 8.42 25.67 -59.38
N GLY K 560 8.35 24.33 -59.46
CA GLY K 560 8.21 23.53 -58.25
C GLY K 560 8.70 22.11 -58.32
N LYS K 561 8.99 21.57 -57.15
CA LYS K 561 9.35 20.18 -57.01
C LYS K 561 8.14 19.43 -56.44
N PHE K 562 7.70 18.39 -57.13
CA PHE K 562 6.62 17.54 -56.67
C PHE K 562 7.18 16.33 -55.93
N ASP K 563 7.20 16.47 -54.62
CA ASP K 563 8.22 15.92 -53.80
C ASP K 563 7.55 15.34 -52.54
N GLY K 564 7.89 14.12 -52.15
CA GLY K 564 7.66 13.65 -50.76
C GLY K 564 6.25 13.18 -50.39
N ALA K 565 5.41 12.95 -51.40
CA ALA K 565 4.12 12.30 -51.20
C ALA K 565 3.60 11.78 -52.55
N TYR K 566 2.57 10.93 -52.55
CA TYR K 566 2.02 10.44 -53.81
C TYR K 566 0.56 10.64 -53.84
N GLY K 567 -0.01 10.54 -55.05
CA GLY K 567 -1.43 10.25 -55.20
C GLY K 567 -2.11 11.25 -56.11
N ARG K 568 -3.42 11.37 -55.94
CA ARG K 568 -4.22 12.20 -56.79
C ARG K 568 -4.58 13.46 -56.04
N PHE K 569 -4.32 14.61 -56.65
CA PHE K 569 -4.39 15.94 -56.02
C PHE K 569 -5.17 16.87 -56.90
N MET K 570 -5.18 18.14 -56.54
CA MET K 570 -6.01 19.14 -57.19
C MET K 570 -5.13 20.37 -57.48
N TYR K 571 -5.44 21.08 -58.56
CA TYR K 571 -5.11 22.48 -58.64
C TYR K 571 -6.34 23.18 -59.12
N HIS K 572 -6.45 24.47 -58.78
CA HIS K 572 -7.68 25.18 -59.04
C HIS K 572 -7.55 26.66 -58.68
N CYS K 573 -8.48 27.44 -59.19
CA CYS K 573 -8.66 28.80 -58.76
C CYS K 573 -9.15 28.74 -57.32
N HIS K 574 -8.80 29.71 -56.51
CA HIS K 574 -9.28 29.71 -55.11
C HIS K 574 -10.41 30.71 -54.84
N LEU K 575 -11.08 31.21 -55.89
CA LEU K 575 -12.42 31.77 -55.72
C LEU K 575 -13.42 30.64 -55.58
N LEU K 576 -14.02 30.53 -54.41
CA LEU K 576 -14.85 29.37 -54.13
C LEU K 576 -16.00 29.24 -55.11
N GLU K 577 -16.57 30.35 -55.55
CA GLU K 577 -17.67 30.25 -56.52
C GLU K 577 -17.18 29.63 -57.83
N HIS K 578 -15.92 29.90 -58.20
CA HIS K 578 -15.37 29.30 -59.41
C HIS K 578 -14.94 27.85 -59.19
N GLU K 579 -14.26 27.58 -58.08
CA GLU K 579 -13.92 26.20 -57.70
C GLU K 579 -15.12 25.22 -57.81
N ASP K 580 -16.25 25.63 -57.24
CA ASP K 580 -17.48 24.84 -57.21
C ASP K 580 -18.14 24.72 -58.60
N MET K 581 -17.80 25.64 -59.51
CA MET K 581 -18.31 25.61 -60.88
C MET K 581 -17.29 25.07 -61.89
N GLY K 582 -16.49 24.11 -61.46
CA GLY K 582 -15.71 23.30 -62.39
C GLY K 582 -14.29 23.80 -62.65
N MET K 583 -13.92 24.92 -62.05
CA MET K 583 -12.60 25.52 -62.28
C MET K 583 -11.50 24.88 -61.41
N MET K 584 -11.23 23.61 -61.71
CA MET K 584 -10.43 22.77 -60.83
C MET K 584 -9.97 21.56 -61.62
N ARG K 585 -8.76 21.07 -61.38
CA ARG K 585 -8.26 19.92 -62.16
C ARG K 585 -7.49 18.95 -61.31
N PRO K 586 -7.58 17.66 -61.65
CA PRO K 586 -6.78 16.74 -60.87
C PRO K 586 -5.37 16.74 -61.44
N PHE K 587 -4.41 16.29 -60.64
CA PHE K 587 -3.17 15.77 -61.19
C PHE K 587 -2.71 14.57 -60.36
N VAL K 588 -1.86 13.73 -60.94
CA VAL K 588 -1.37 12.57 -60.21
C VAL K 588 0.15 12.64 -60.03
N VAL K 589 0.61 12.42 -58.80
CA VAL K 589 2.03 12.22 -58.51
C VAL K 589 2.30 10.76 -58.12
N MET K 590 3.16 10.09 -58.87
CA MET K 590 3.55 8.71 -58.59
C MET K 590 5.07 8.47 -58.61
N PRO K 591 5.53 7.35 -58.03
CA PRO K 591 6.97 7.03 -58.10
C PRO K 591 7.43 6.91 -59.58
N PRO K 592 8.63 7.43 -59.91
CA PRO K 592 9.11 7.27 -61.29
C PRO K 592 9.04 5.79 -61.75
N GLU K 593 9.38 4.87 -60.84
CA GLU K 593 9.40 3.48 -61.15
C GLU K 593 8.01 2.96 -61.55
N ALA K 594 6.95 3.54 -60.99
CA ALA K 594 5.57 3.13 -61.31
C ALA K 594 5.05 3.74 -62.61
N LEU K 595 5.68 4.81 -63.04
CA LEU K 595 5.34 5.53 -64.27
C LEU K 595 5.73 4.71 -65.51
N LYS K 596 6.74 3.85 -65.34
CA LYS K 596 7.14 2.95 -66.41
C LYS K 596 5.94 2.17 -66.90
N PHE K 597 4.94 1.97 -66.03
CA PHE K 597 3.80 1.15 -66.35
C PHE K 597 2.53 1.95 -66.66
N ASP K 598 2.67 3.28 -66.77
CA ASP K 598 1.80 4.15 -67.58
C ASP K 598 0.63 4.80 -66.81
N ALA L 7 -51.16 50.10 9.65
CA ALA L 7 -52.27 49.98 10.63
C ALA L 7 -52.04 48.72 11.46
N PRO L 8 -52.31 48.79 12.79
CA PRO L 8 -52.12 47.66 13.74
C PRO L 8 -52.72 46.28 13.31
N GLY L 9 -51.91 45.23 13.41
CA GLY L 9 -52.30 43.90 12.92
C GLY L 9 -51.91 43.62 11.47
N GLU L 10 -51.23 44.57 10.83
CA GLU L 10 -50.72 44.40 9.46
C GLU L 10 -49.23 44.07 9.44
N LEU L 11 -48.82 43.20 8.53
CA LEU L 11 -47.38 42.96 8.29
C LEU L 11 -46.69 44.15 7.60
N THR L 12 -45.42 44.36 7.91
CA THR L 12 -44.64 45.45 7.35
C THR L 12 -43.97 45.00 6.06
N PRO L 13 -44.27 45.68 4.95
CA PRO L 13 -43.67 45.22 3.67
C PRO L 13 -42.13 45.26 3.76
N PHE L 14 -41.44 44.35 3.12
CA PHE L 14 -40.00 44.50 2.87
C PHE L 14 -39.19 44.38 4.14
N ALA L 15 -39.61 43.47 5.00
CA ALA L 15 -38.92 43.22 6.25
C ALA L 15 -37.91 42.07 6.17
N ALA L 16 -38.01 41.22 5.15
CA ALA L 16 -37.05 40.13 5.03
C ALA L 16 -36.40 40.02 3.65
N PRO L 17 -35.15 39.53 3.60
CA PRO L 17 -34.53 39.56 2.27
C PRO L 17 -35.15 38.47 1.38
N LEU L 18 -35.13 38.68 0.06
CA LEU L 18 -35.53 37.62 -0.86
C LEU L 18 -34.54 36.48 -0.74
N THR L 19 -35.04 35.26 -0.78
CA THR L 19 -34.21 34.06 -0.96
C THR L 19 -34.52 33.45 -2.33
N VAL L 20 -33.63 32.56 -2.80
CA VAL L 20 -33.89 31.73 -3.99
C VAL L 20 -33.78 30.25 -3.66
N PRO L 21 -34.55 29.38 -4.35
CA PRO L 21 -34.46 27.93 -4.03
C PRO L 21 -33.06 27.40 -4.34
N PRO L 22 -32.63 26.31 -3.67
CA PRO L 22 -31.32 25.77 -4.02
C PRO L 22 -31.39 25.19 -5.43
N VAL L 23 -30.26 25.23 -6.14
CA VAL L 23 -30.20 24.77 -7.52
C VAL L 23 -29.93 23.25 -7.59
N LEU L 24 -30.64 22.55 -8.45
CA LEU L 24 -30.40 21.12 -8.58
C LEU L 24 -30.03 20.84 -10.05
N ARG L 25 -28.88 20.22 -10.25
CA ARG L 25 -28.48 19.76 -11.59
C ARG L 25 -28.51 18.26 -11.64
N PRO L 26 -29.58 17.69 -12.18
CA PRO L 26 -29.79 16.25 -12.07
C PRO L 26 -28.97 15.41 -13.06
N ALA L 27 -28.68 15.98 -14.23
CA ALA L 27 -28.03 15.27 -15.36
C ALA L 27 -26.79 14.46 -14.98
N SER L 28 -26.77 13.18 -15.33
CA SER L 28 -25.55 12.39 -15.12
C SER L 28 -25.28 11.45 -16.29
N ASP L 29 -24.15 10.77 -16.29
CA ASP L 29 -23.84 9.84 -17.39
C ASP L 29 -24.50 8.49 -17.25
N GLU L 30 -25.14 8.22 -16.12
CA GLU L 30 -25.98 7.05 -16.04
C GLU L 30 -27.46 7.46 -15.95
N VAL L 31 -28.12 7.52 -17.10
CA VAL L 31 -29.49 7.97 -17.18
C VAL L 31 -30.43 7.13 -16.28
N THR L 32 -30.06 5.88 -16.02
CA THR L 32 -30.88 4.97 -15.22
C THR L 32 -30.75 5.28 -13.73
N ARG L 33 -29.86 6.21 -13.40
CA ARG L 33 -29.74 6.64 -12.01
C ARG L 33 -30.64 7.86 -11.78
N GLU L 34 -31.77 7.65 -11.11
CA GLU L 34 -32.80 8.67 -11.01
C GLU L 34 -32.42 9.70 -9.96
N THR L 35 -32.84 10.96 -10.13
CA THR L 35 -32.78 11.93 -9.04
C THR L 35 -34.10 11.84 -8.28
N GLU L 36 -34.02 11.51 -6.99
CA GLU L 36 -35.21 11.47 -6.16
C GLU L 36 -35.47 12.89 -5.69
N ILE L 37 -36.64 13.43 -6.03
CA ILE L 37 -37.17 14.63 -5.40
C ILE L 37 -38.34 14.24 -4.48
N ALA L 38 -38.12 14.31 -3.17
CA ALA L 38 -39.10 13.88 -2.14
C ALA L 38 -39.97 15.03 -1.63
N LEU L 39 -41.29 14.86 -1.76
CA LEU L 39 -42.25 15.73 -1.13
C LEU L 39 -42.25 15.49 0.41
N ARG L 40 -42.13 16.56 1.19
CA ARG L 40 -41.96 16.47 2.65
C ARG L 40 -42.70 17.62 3.33
N PRO L 41 -43.38 17.34 4.45
CA PRO L 41 -43.86 18.44 5.26
C PRO L 41 -42.69 19.36 5.60
N THR L 42 -42.91 20.66 5.68
CA THR L 42 -41.85 21.59 6.02
C THR L 42 -42.49 22.81 6.68
N TRP L 43 -41.75 23.49 7.55
CA TRP L 43 -42.24 24.75 8.13
C TRP L 43 -41.54 25.93 7.53
N VAL L 44 -42.33 26.86 7.01
CA VAL L 44 -41.79 27.95 6.20
C VAL L 44 -42.07 29.26 6.96
N ARG L 45 -41.15 30.21 6.89
CA ARG L 45 -41.39 31.50 7.51
C ARG L 45 -41.84 32.49 6.45
N LEU L 46 -43.14 32.61 6.24
CA LEU L 46 -43.67 33.67 5.36
C LEU L 46 -43.14 35.10 5.60
N HIS L 47 -42.90 35.48 6.86
CA HIS L 47 -42.72 36.90 7.22
C HIS L 47 -42.33 36.99 8.70
N PRO L 48 -41.30 37.81 9.01
CA PRO L 48 -40.85 37.90 10.41
C PRO L 48 -41.99 38.13 11.40
N GLN L 49 -43.06 38.80 10.98
CA GLN L 49 -44.16 39.03 11.91
C GLN L 49 -45.16 37.88 12.03
N LEU L 50 -44.90 36.77 11.35
CA LEU L 50 -45.78 35.59 11.43
C LEU L 50 -45.12 34.42 12.14
N PRO L 51 -45.94 33.49 12.66
CA PRO L 51 -45.42 32.20 13.14
C PRO L 51 -45.00 31.41 11.90
N PRO L 52 -44.30 30.29 12.10
CA PRO L 52 -44.01 29.46 10.97
C PRO L 52 -45.29 28.87 10.40
N THR L 53 -45.24 28.60 9.09
CA THR L 53 -46.40 28.17 8.32
C THR L 53 -46.14 26.76 7.83
N LEU L 54 -47.04 25.82 8.15
CA LEU L 54 -46.90 24.45 7.63
C LEU L 54 -47.15 24.40 6.08
N MET L 55 -46.20 23.80 5.32
CA MET L 55 -46.35 23.60 3.88
C MET L 55 -45.86 22.19 3.47
N TRP L 56 -46.20 21.76 2.26
CA TRP L 56 -45.56 20.59 1.66
C TRP L 56 -44.65 21.06 0.54
N GLY L 57 -43.38 20.67 0.58
CA GLY L 57 -42.38 21.18 -0.33
C GLY L 57 -41.61 20.04 -0.94
N TYR L 58 -41.29 20.18 -2.21
CA TYR L 58 -40.34 19.27 -2.85
C TYR L 58 -38.98 19.38 -2.19
N ASP L 59 -38.39 18.25 -1.80
CA ASP L 59 -37.19 18.21 -0.96
C ASP L 59 -37.35 19.12 0.27
N GLY L 60 -38.59 19.33 0.71
CA GLY L 60 -38.85 20.21 1.83
C GLY L 60 -38.52 21.68 1.62
N GLN L 61 -38.49 22.12 0.38
CA GLN L 61 -38.24 23.53 0.11
C GLN L 61 -39.47 24.11 -0.52
N VAL L 62 -39.78 25.36 -0.17
CA VAL L 62 -40.83 26.05 -0.93
C VAL L 62 -40.37 27.44 -1.36
N PRO L 63 -40.31 27.68 -2.68
CA PRO L 63 -40.56 26.78 -3.79
C PRO L 63 -39.58 25.61 -3.80
N GLY L 64 -39.91 24.55 -4.55
CA GLY L 64 -38.98 23.46 -4.73
C GLY L 64 -37.64 23.93 -5.32
N PRO L 65 -36.67 23.01 -5.42
CA PRO L 65 -35.36 23.38 -5.96
C PRO L 65 -35.48 23.84 -7.41
N THR L 66 -34.63 24.77 -7.84
CA THR L 66 -34.58 25.15 -9.22
C THR L 66 -33.76 24.10 -9.97
N ILE L 67 -34.44 23.35 -10.83
CA ILE L 67 -33.75 22.35 -11.63
C ILE L 67 -33.12 23.09 -12.79
N GLU L 68 -31.87 22.79 -13.09
CA GLU L 68 -31.19 23.37 -14.24
C GLU L 68 -30.57 22.28 -15.12
N VAL L 69 -30.92 22.28 -16.40
CA VAL L 69 -30.41 21.28 -17.34
C VAL L 69 -29.97 21.97 -18.63
N ARG L 70 -29.24 21.25 -19.47
CA ARG L 70 -28.91 21.75 -20.80
C ARG L 70 -29.70 20.97 -21.80
N ARG L 71 -30.05 21.64 -22.89
CA ARG L 71 -30.76 21.00 -23.97
C ARG L 71 -30.13 19.68 -24.27
N GLY L 72 -30.95 18.64 -24.29
CA GLY L 72 -30.52 17.35 -24.82
C GLY L 72 -29.93 16.48 -23.74
N GLN L 73 -29.83 16.99 -22.51
CA GLN L 73 -29.47 16.12 -21.41
C GLN L 73 -30.74 15.44 -20.88
N ARG L 74 -30.87 14.15 -21.20
CA ARG L 74 -32.01 13.30 -20.79
C ARG L 74 -31.93 13.10 -19.28
N VAL L 75 -32.96 13.46 -18.52
CA VAL L 75 -32.92 13.22 -17.07
C VAL L 75 -34.12 12.46 -16.58
N ARG L 76 -33.92 11.70 -15.53
CA ARG L 76 -34.99 10.96 -14.91
C ARG L 76 -35.15 11.36 -13.44
N ILE L 77 -36.40 11.71 -13.11
CA ILE L 77 -36.73 12.15 -11.75
C ILE L 77 -37.77 11.25 -11.08
N ALA L 78 -37.54 10.95 -9.81
CA ALA L 78 -38.55 10.18 -9.08
C ALA L 78 -39.24 11.14 -8.14
N TRP L 79 -40.44 11.57 -8.51
CA TRP L 79 -41.27 12.45 -7.67
C TRP L 79 -41.89 11.57 -6.59
N THR L 80 -41.31 11.65 -5.41
CA THR L 80 -41.52 10.62 -4.41
C THR L 80 -42.28 11.22 -3.22
N ASN L 81 -43.47 10.70 -2.98
CA ASN L 81 -44.30 11.18 -1.90
C ASN L 81 -43.77 10.65 -0.56
N ARG L 82 -43.15 11.52 0.23
CA ARG L 82 -42.70 11.15 1.59
C ARG L 82 -43.46 11.96 2.65
N ILE L 83 -44.73 12.24 2.39
CA ILE L 83 -45.55 12.86 3.41
C ILE L 83 -46.32 11.77 4.20
N PRO L 84 -45.94 11.57 5.48
CA PRO L 84 -46.49 10.48 6.29
C PRO L 84 -48.01 10.51 6.36
N LYS L 85 -48.63 9.34 6.29
CA LYS L 85 -50.05 9.21 6.60
C LYS L 85 -50.42 9.89 7.92
N GLY L 86 -51.62 10.46 7.95
CA GLY L 86 -52.08 11.22 9.11
C GLY L 86 -51.51 12.63 9.22
N SER L 87 -50.66 13.06 8.28
CA SER L 87 -50.18 14.43 8.30
C SER L 87 -51.36 15.40 8.20
N GLU L 88 -51.31 16.52 8.91
CA GLU L 88 -52.31 17.57 8.74
C GLU L 88 -52.21 18.13 7.32
N TYR L 89 -53.36 18.30 6.66
CA TYR L 89 -53.42 18.99 5.39
C TYR L 89 -53.17 20.48 5.60
N PRO L 90 -52.15 21.05 4.90
CA PRO L 90 -51.59 22.36 5.18
C PRO L 90 -52.52 23.53 4.86
N VAL L 91 -53.53 23.29 4.04
CA VAL L 91 -54.36 24.36 3.54
C VAL L 91 -55.77 24.19 4.11
N THR L 92 -56.22 25.24 4.80
CA THR L 92 -57.59 25.32 5.28
C THR L 92 -58.45 25.90 4.18
N SER L 93 -59.58 25.25 3.88
CA SER L 93 -60.49 25.77 2.87
C SER L 93 -61.83 26.25 3.42
N VAL L 94 -62.23 27.45 3.01
CA VAL L 94 -63.57 27.98 3.28
C VAL L 94 -64.20 28.65 2.08
N GLU L 95 -65.52 28.63 2.01
CA GLU L 95 -66.27 29.48 1.09
C GLU L 95 -67.14 30.43 1.89
N VAL L 96 -66.94 31.72 1.71
CA VAL L 96 -67.74 32.72 2.39
C VAL L 96 -68.80 33.42 1.49
N PRO L 97 -69.85 34.03 2.10
CA PRO L 97 -70.87 34.76 1.36
C PRO L 97 -70.41 36.10 0.80
N LEU L 98 -71.10 36.60 -0.22
CA LEU L 98 -70.74 37.85 -0.87
C LEU L 98 -70.46 39.11 -0.04
N GLY L 99 -71.20 39.35 1.03
CA GLY L 99 -70.96 40.65 1.70
C GLY L 99 -71.43 41.85 0.87
N PRO L 100 -71.39 43.05 1.47
CA PRO L 100 -72.16 44.20 0.96
C PRO L 100 -71.57 44.80 -0.31
N PRO L 101 -72.41 45.13 -1.29
CA PRO L 101 -71.90 45.59 -2.58
C PRO L 101 -71.20 46.95 -2.49
N GLY L 102 -70.32 47.23 -3.47
CA GLY L 102 -69.47 48.41 -3.42
C GLY L 102 -68.56 48.53 -2.20
N THR L 103 -68.40 47.45 -1.43
CA THR L 103 -67.26 47.32 -0.50
C THR L 103 -66.31 46.19 -0.95
N PRO L 104 -65.03 46.23 -0.53
CA PRO L 104 -64.07 45.20 -0.94
C PRO L 104 -64.53 43.77 -0.57
N ALA L 105 -64.60 42.90 -1.55
CA ALA L 105 -64.90 41.48 -1.32
C ALA L 105 -64.13 40.85 -0.14
N PRO L 106 -64.71 39.80 0.47
CA PRO L 106 -64.10 39.11 1.61
C PRO L 106 -62.72 38.53 1.33
N ASN L 107 -62.41 38.19 0.07
CA ASN L 107 -61.13 37.57 -0.24
C ASN L 107 -59.96 38.58 -0.24
N THR L 108 -60.26 39.79 0.22
CA THR L 108 -59.37 40.91 0.35
C THR L 108 -58.92 40.99 1.83
N GLU L 109 -59.45 40.07 2.63
CA GLU L 109 -59.17 40.03 4.06
C GLU L 109 -58.79 38.62 4.47
N PRO L 110 -57.90 38.49 5.46
CA PRO L 110 -57.59 37.21 6.05
C PRO L 110 -58.77 36.71 6.89
N GLY L 111 -58.68 35.47 7.35
CA GLY L 111 -59.63 34.93 8.30
C GLY L 111 -60.84 34.37 7.61
N ARG L 112 -61.59 33.59 8.37
CA ARG L 112 -62.72 32.84 7.82
C ARG L 112 -64.11 33.51 7.97
N GLY L 113 -64.15 34.72 8.54
CA GLY L 113 -65.43 35.26 9.02
C GLY L 113 -65.79 34.38 10.19
N GLY L 114 -66.87 33.63 10.07
CA GLY L 114 -67.15 32.67 11.13
C GLY L 114 -67.28 31.29 10.55
N VAL L 115 -66.90 31.12 9.28
CA VAL L 115 -67.19 29.91 8.56
C VAL L 115 -66.32 28.72 8.98
N GLU L 116 -66.97 27.58 9.22
CA GLU L 116 -66.24 26.34 9.53
C GLU L 116 -65.30 25.98 8.37
N PRO L 117 -64.05 25.54 8.65
CA PRO L 117 -63.25 24.99 7.55
C PRO L 117 -63.96 23.81 6.90
N ASN L 118 -63.86 23.67 5.58
CA ASN L 118 -64.31 22.45 4.92
C ASN L 118 -63.58 21.16 5.43
N LYS L 119 -64.35 20.19 5.95
CA LYS L 119 -63.82 19.01 6.63
C LYS L 119 -63.27 18.01 5.62
N ASP L 120 -63.85 18.05 4.43
CA ASP L 120 -63.46 17.18 3.33
C ASP L 120 -62.08 17.55 2.81
N VAL L 121 -61.82 18.85 2.68
CA VAL L 121 -60.46 19.30 2.43
C VAL L 121 -59.51 18.85 3.55
N ALA L 122 -59.89 19.09 4.80
CA ALA L 122 -58.98 18.82 5.94
C ALA L 122 -58.68 17.31 6.10
N ALA L 123 -59.52 16.48 5.50
CA ALA L 123 -59.35 15.03 5.52
C ALA L 123 -58.53 14.47 4.32
N LEU L 124 -58.06 15.33 3.40
CA LEU L 124 -57.24 14.89 2.27
C LEU L 124 -55.91 14.27 2.71
N PRO L 125 -55.58 13.08 2.18
CA PRO L 125 -54.24 12.61 2.43
C PRO L 125 -53.29 13.20 1.38
N ALA L 126 -52.00 13.05 1.59
CA ALA L 126 -51.02 13.48 0.62
C ALA L 126 -51.12 12.61 -0.64
N TRP L 127 -51.54 13.23 -1.72
CA TRP L 127 -51.85 12.53 -2.95
C TRP L 127 -51.53 13.46 -4.14
N SER L 128 -50.39 13.21 -4.75
CA SER L 128 -49.73 14.18 -5.59
C SER L 128 -49.17 13.58 -6.88
N VAL L 129 -49.28 14.36 -7.95
CA VAL L 129 -48.66 14.05 -9.21
C VAL L 129 -48.05 15.34 -9.71
N THR L 130 -46.87 15.27 -10.28
CA THR L 130 -46.13 16.48 -10.63
C THR L 130 -46.06 16.59 -12.12
N HIS L 131 -46.33 17.79 -12.60
CA HIS L 131 -46.36 18.05 -14.00
C HIS L 131 -45.34 19.14 -14.28
N LEU L 132 -44.45 18.88 -15.22
CA LEU L 132 -43.48 19.85 -15.62
C LEU L 132 -44.06 20.70 -16.76
N HIS L 133 -44.56 21.85 -16.40
CA HIS L 133 -45.33 22.69 -17.31
C HIS L 133 -44.42 23.26 -18.43
N GLY L 134 -44.71 22.95 -19.69
CA GLY L 134 -43.84 23.34 -20.83
C GLY L 134 -42.96 22.24 -21.44
N ALA L 135 -42.69 21.18 -20.68
CA ALA L 135 -41.81 20.12 -21.14
C ALA L 135 -42.34 19.39 -22.37
N GLN L 136 -41.47 19.25 -23.36
CA GLN L 136 -41.73 18.38 -24.48
C GLN L 136 -41.31 17.00 -23.96
N THR L 137 -42.29 16.13 -23.72
CA THR L 137 -42.05 14.77 -23.24
C THR L 137 -43.33 14.00 -23.31
N GLY L 138 -43.25 12.69 -23.40
CA GLY L 138 -44.45 11.86 -23.62
C GLY L 138 -45.47 11.86 -22.50
N GLY L 139 -46.71 11.47 -22.79
CA GLY L 139 -47.80 11.49 -21.81
C GLY L 139 -47.43 10.79 -20.49
N GLY L 140 -46.59 9.74 -20.57
CA GLY L 140 -46.26 8.92 -19.42
C GLY L 140 -45.34 9.64 -18.43
N ASN L 141 -44.68 10.67 -18.91
CA ASN L 141 -43.83 11.52 -18.08
C ASN L 141 -44.51 12.83 -17.63
N ASP L 142 -45.65 13.15 -18.25
CA ASP L 142 -46.24 14.47 -18.18
C ASP L 142 -46.97 14.83 -16.87
N GLY L 143 -47.23 13.83 -16.02
CA GLY L 143 -48.01 14.03 -14.79
C GLY L 143 -49.51 14.02 -15.00
N TRP L 144 -50.03 12.93 -15.58
CA TRP L 144 -51.48 12.76 -15.75
C TRP L 144 -52.20 12.80 -14.39
N ALA L 145 -53.23 13.62 -14.32
CA ALA L 145 -53.83 14.07 -13.08
C ALA L 145 -54.42 12.95 -12.22
N ASP L 146 -54.98 11.91 -12.83
CA ASP L 146 -55.51 10.76 -12.10
C ASP L 146 -54.39 9.97 -11.42
N ASN L 147 -53.14 10.09 -11.92
CA ASN L 147 -52.08 9.17 -11.52
C ASN L 147 -51.21 9.69 -10.39
N ALA L 148 -51.81 10.49 -9.50
CA ALA L 148 -51.17 10.92 -8.26
C ALA L 148 -50.90 9.69 -7.35
N VAL L 149 -49.88 9.77 -6.51
CA VAL L 149 -49.43 8.66 -5.74
C VAL L 149 -49.44 9.09 -4.28
N GLY L 150 -49.70 8.12 -3.38
CA GLY L 150 -49.72 8.36 -1.96
C GLY L 150 -48.37 8.12 -1.31
N PHE L 151 -48.35 8.23 0.02
CA PHE L 151 -47.11 8.06 0.82
C PHE L 151 -46.34 6.82 0.44
N GLY L 152 -45.06 7.02 0.11
CA GLY L 152 -44.14 5.92 -0.07
C GLY L 152 -44.04 5.50 -1.53
N ASP L 153 -44.93 6.01 -2.39
CA ASP L 153 -44.83 5.68 -3.81
C ASP L 153 -44.29 6.84 -4.66
N ALA L 154 -43.87 6.53 -5.88
CA ALA L 154 -43.21 7.49 -6.71
C ALA L 154 -43.92 7.62 -8.03
N GLN L 155 -43.77 8.79 -8.63
CA GLN L 155 -44.12 9.00 -10.01
C GLN L 155 -42.78 9.18 -10.71
N LEU L 156 -42.49 8.30 -11.65
CA LEU L 156 -41.24 8.38 -12.37
C LEU L 156 -41.44 9.17 -13.69
N SER L 157 -40.56 10.17 -13.92
CA SER L 157 -40.59 10.95 -15.18
C SER L 157 -39.26 10.97 -15.94
N GLU L 158 -39.34 10.77 -17.25
CA GLU L 158 -38.19 11.04 -18.12
C GLU L 158 -38.38 12.36 -18.85
N TYR L 159 -37.37 13.22 -18.81
CA TYR L 159 -37.45 14.49 -19.53
C TYR L 159 -36.30 14.50 -20.54
N PRO L 160 -36.60 14.30 -21.84
CA PRO L 160 -35.50 14.32 -22.81
C PRO L 160 -34.85 15.67 -22.96
N ASN L 161 -35.60 16.75 -22.71
CA ASN L 161 -35.05 18.10 -22.73
C ASN L 161 -34.54 18.53 -24.10
N ASP L 162 -35.21 18.07 -25.14
CA ASP L 162 -34.86 18.44 -26.49
C ASP L 162 -35.66 19.65 -26.92
N HIS L 163 -35.30 20.79 -26.37
CA HIS L 163 -36.06 22.01 -26.57
C HIS L 163 -35.11 23.16 -26.30
N GLN L 164 -35.34 24.30 -26.95
CA GLN L 164 -34.45 25.45 -26.78
C GLN L 164 -34.53 26.00 -25.35
N ALA L 165 -33.48 26.70 -24.93
CA ALA L 165 -33.42 27.28 -23.59
C ALA L 165 -34.70 28.04 -23.27
N THR L 166 -35.14 27.89 -22.03
CA THR L 166 -36.32 28.58 -21.53
C THR L 166 -36.54 28.23 -20.05
N GLN L 167 -37.52 28.90 -19.44
CA GLN L 167 -38.01 28.57 -18.10
C GLN L 167 -39.28 27.74 -18.14
N TRP L 168 -39.20 26.53 -17.65
CA TRP L 168 -40.36 25.75 -17.35
C TRP L 168 -40.61 25.86 -15.84
N TRP L 169 -41.72 25.28 -15.38
CA TRP L 169 -41.94 25.13 -13.95
C TRP L 169 -42.72 23.86 -13.61
N TYR L 170 -42.55 23.33 -12.42
CA TYR L 170 -43.22 22.12 -12.06
C TYR L 170 -44.10 22.36 -10.86
N HIS L 171 -45.23 21.67 -10.80
CA HIS L 171 -46.22 21.85 -9.73
C HIS L 171 -47.14 20.65 -9.65
N ASP L 172 -47.81 20.46 -8.51
CA ASP L 172 -48.78 19.36 -8.39
C ASP L 172 -49.88 19.52 -9.44
N HIS L 173 -50.45 18.40 -9.89
CA HIS L 173 -51.50 18.41 -10.92
C HIS L 173 -52.59 17.38 -10.56
N ALA L 174 -52.62 16.95 -9.29
CA ALA L 174 -53.57 15.90 -8.83
C ALA L 174 -55.04 16.20 -9.11
N MET L 175 -55.78 15.19 -9.61
CA MET L 175 -57.14 15.40 -10.13
C MET L 175 -58.04 15.98 -9.06
N ASN L 176 -58.73 17.07 -9.39
CA ASN L 176 -59.73 17.70 -8.51
C ASN L 176 -59.19 18.43 -7.28
N ILE L 177 -57.92 18.24 -6.93
CA ILE L 177 -57.41 18.87 -5.70
C ILE L 177 -56.16 19.73 -5.95
N THR L 178 -55.81 19.88 -7.23
CA THR L 178 -54.68 20.77 -7.64
C THR L 178 -54.73 22.15 -6.99
N ARG L 179 -55.93 22.74 -6.87
CA ARG L 179 -56.01 24.08 -6.26
C ARG L 179 -55.46 24.14 -4.83
N TRP L 180 -55.53 23.04 -4.10
CA TRP L 180 -55.04 22.97 -2.74
C TRP L 180 -53.60 22.46 -2.65
N ASN L 181 -53.31 21.34 -3.30
CA ASN L 181 -51.95 20.83 -3.27
C ASN L 181 -50.91 21.86 -3.77
N VAL L 182 -51.28 22.68 -4.75
CA VAL L 182 -50.31 23.66 -5.24
C VAL L 182 -50.15 24.76 -4.20
N MET L 183 -51.28 25.19 -3.64
CA MET L 183 -51.28 26.22 -2.62
C MET L 183 -50.47 25.82 -1.37
N ALA L 184 -50.43 24.50 -1.13
CA ALA L 184 -49.71 23.91 -0.02
C ALA L 184 -48.21 24.08 -0.13
N GLY L 185 -47.72 24.39 -1.33
CA GLY L 185 -46.31 24.67 -1.57
C GLY L 185 -45.63 23.80 -2.64
N LEU L 186 -46.41 22.98 -3.33
CA LEU L 186 -45.82 22.06 -4.31
C LEU L 186 -45.64 22.74 -5.65
N TYR L 187 -44.68 23.66 -5.74
CA TYR L 187 -44.31 24.27 -7.02
C TYR L 187 -42.85 24.68 -7.04
N GLY L 188 -42.25 24.64 -8.22
CA GLY L 188 -40.88 25.09 -8.40
C GLY L 188 -40.59 25.37 -9.86
N THR L 189 -39.36 25.77 -10.19
CA THR L 189 -39.07 26.14 -11.57
C THR L 189 -37.90 25.31 -12.10
N TYR L 190 -37.78 25.25 -13.42
CA TYR L 190 -36.90 24.29 -14.10
C TYR L 190 -36.34 25.04 -15.30
N LEU L 191 -35.02 25.22 -15.38
CA LEU L 191 -34.42 26.06 -16.46
C LEU L 191 -33.62 25.21 -17.42
N VAL L 192 -33.91 25.39 -18.71
CA VAL L 192 -33.15 24.76 -19.75
C VAL L 192 -32.14 25.74 -20.36
N ARG L 193 -30.91 25.27 -20.49
CA ARG L 193 -29.83 26.05 -21.06
C ARG L 193 -29.44 25.53 -22.42
N ASP L 194 -28.96 26.44 -23.27
CA ASP L 194 -28.45 26.06 -24.59
C ASP L 194 -27.34 27.00 -25.09
N ASP L 195 -26.78 26.69 -26.26
CA ASP L 195 -25.65 27.43 -26.82
C ASP L 195 -26.07 28.80 -27.34
N GLU L 196 -27.26 28.89 -27.93
CA GLU L 196 -27.77 30.15 -28.46
C GLU L 196 -27.89 31.14 -27.30
N GLU L 197 -28.53 30.72 -26.20
CA GLU L 197 -28.73 31.61 -25.10
C GLU L 197 -27.39 32.00 -24.48
N ASP L 198 -26.48 31.03 -24.35
CA ASP L 198 -25.13 31.33 -23.83
C ASP L 198 -24.44 32.41 -24.71
N ALA L 199 -24.62 32.34 -26.02
CA ALA L 199 -24.01 33.33 -26.89
C ALA L 199 -24.51 34.78 -26.64
N LEU L 200 -25.64 34.96 -25.97
CA LEU L 200 -26.04 36.33 -25.71
C LEU L 200 -25.31 36.94 -24.51
N GLY L 201 -24.48 36.16 -23.84
CA GLY L 201 -23.79 36.69 -22.66
C GLY L 201 -24.73 37.34 -21.66
N LEU L 202 -25.84 36.68 -21.29
CA LEU L 202 -26.84 37.29 -20.39
C LEU L 202 -26.32 37.39 -18.93
N PRO L 203 -26.80 38.40 -18.13
CA PRO L 203 -26.37 38.37 -16.72
C PRO L 203 -26.62 37.01 -16.11
N SER L 204 -25.70 36.52 -15.30
CA SER L 204 -25.85 35.17 -14.77
C SER L 204 -25.33 35.09 -13.33
N GLY L 205 -25.30 33.90 -12.72
CA GLY L 205 -24.91 33.76 -11.31
C GLY L 205 -25.83 34.51 -10.36
N ASP L 206 -25.25 35.21 -9.38
CA ASP L 206 -25.95 36.22 -8.53
C ASP L 206 -26.91 37.12 -9.32
N ARG L 207 -26.56 37.46 -10.56
CA ARG L 207 -27.34 38.44 -11.31
C ARG L 207 -28.49 37.82 -12.09
N GLU L 208 -28.71 36.50 -11.91
CA GLU L 208 -29.88 35.84 -12.48
C GLU L 208 -30.73 35.28 -11.34
N ILE L 209 -31.96 35.76 -11.25
CA ILE L 209 -32.82 35.49 -10.11
C ILE L 209 -34.17 34.94 -10.59
N PRO L 210 -34.49 33.68 -10.25
CA PRO L 210 -35.80 33.16 -10.57
C PRO L 210 -36.78 33.86 -9.65
N LEU L 211 -37.92 34.29 -10.17
CA LEU L 211 -38.99 34.79 -9.28
C LEU L 211 -40.25 33.95 -9.41
N LEU L 212 -40.59 33.19 -8.38
CA LEU L 212 -41.88 32.47 -8.36
C LEU L 212 -42.84 33.20 -7.44
N ILE L 213 -43.80 33.93 -8.05
CA ILE L 213 -44.76 34.71 -7.28
C ILE L 213 -46.10 33.98 -7.16
N ALA L 214 -46.76 34.14 -6.01
CA ALA L 214 -48.06 33.52 -5.77
C ALA L 214 -48.76 34.28 -4.67
N ASP L 215 -50.01 34.65 -4.90
CA ASP L 215 -50.76 35.29 -3.83
C ASP L 215 -51.25 34.25 -2.86
N ARG L 216 -51.38 34.65 -1.59
CA ARG L 216 -51.81 33.75 -0.53
C ARG L 216 -52.85 34.50 0.30
N ASN L 217 -53.71 33.75 0.99
CA ASN L 217 -54.40 34.26 2.19
C ASN L 217 -54.06 33.50 3.47
N LEU L 218 -54.32 34.13 4.62
CA LEU L 218 -53.93 33.55 5.91
C LEU L 218 -55.13 33.53 6.84
N ASP L 219 -55.13 32.58 7.76
CA ASP L 219 -56.19 32.51 8.73
C ASP L 219 -55.86 33.41 9.91
N THR L 220 -56.83 33.59 10.82
CA THR L 220 -56.71 34.49 11.98
C THR L 220 -57.32 33.79 13.15
N ASP L 221 -56.78 34.08 14.31
CA ASP L 221 -57.35 33.69 15.59
C ASP L 221 -58.62 34.49 15.82
N GLU L 222 -59.45 34.04 16.77
CA GLU L 222 -60.73 34.72 17.09
C GLU L 222 -60.57 36.19 17.44
N ASP L 223 -59.40 36.55 17.97
CA ASP L 223 -59.15 37.94 18.26
C ASP L 223 -58.65 38.67 17.02
N GLY L 224 -58.70 38.00 15.86
CA GLY L 224 -58.31 38.59 14.57
C GLY L 224 -56.82 38.66 14.25
N ARG L 225 -55.96 38.02 15.04
CA ARG L 225 -54.51 38.05 14.73
C ARG L 225 -54.22 37.03 13.64
N LEU L 226 -53.25 37.37 12.78
CA LEU L 226 -52.84 36.47 11.68
C LEU L 226 -52.10 35.28 12.28
N ASN L 227 -52.44 34.07 11.87
CA ASN L 227 -51.83 32.91 12.52
C ASN L 227 -51.00 32.04 11.60
N GLY L 228 -50.71 32.56 10.42
CA GLY L 228 -49.78 31.90 9.51
C GLY L 228 -50.32 30.66 8.80
N ARG L 229 -51.58 30.29 9.05
CA ARG L 229 -52.09 29.08 8.42
C ARG L 229 -52.66 29.44 7.05
N LEU L 230 -52.24 28.67 6.04
CA LEU L 230 -52.69 28.88 4.65
C LEU L 230 -54.17 28.77 4.58
N LEU L 231 -54.78 29.82 4.06
CA LEU L 231 -56.22 29.86 3.94
C LEU L 231 -56.62 30.03 2.47
N HIS L 232 -57.22 28.99 1.92
CA HIS L 232 -57.85 29.00 0.57
C HIS L 232 -59.29 29.50 0.76
N LYS L 233 -59.50 30.78 0.50
CA LYS L 233 -60.78 31.39 0.83
C LYS L 233 -61.46 32.02 -0.41
N THR L 234 -62.56 31.40 -0.83
CA THR L 234 -63.31 31.84 -2.01
C THR L 234 -64.67 32.43 -1.64
N VAL L 235 -65.30 33.11 -2.58
CA VAL L 235 -66.56 33.82 -2.31
C VAL L 235 -67.69 33.15 -3.08
N ILE L 236 -68.75 32.80 -2.36
CA ILE L 236 -69.99 32.26 -2.94
C ILE L 236 -70.74 33.35 -3.73
N VAL L 237 -70.83 33.18 -5.04
CA VAL L 237 -71.61 34.08 -5.87
C VAL L 237 -73.02 33.54 -6.24
N GLN L 238 -73.30 32.28 -5.94
CA GLN L 238 -74.65 31.75 -6.11
C GLN L 238 -74.86 30.73 -5.01
N GLN L 239 -75.73 31.06 -4.06
CA GLN L 239 -75.85 30.29 -2.85
C GLN L 239 -76.44 28.91 -3.14
N SER L 240 -77.40 28.86 -4.05
CA SER L 240 -77.95 27.59 -4.49
C SER L 240 -78.22 27.64 -5.98
N ASN L 241 -77.42 26.90 -6.75
CA ASN L 241 -77.54 26.91 -8.20
C ASN L 241 -78.82 26.23 -8.66
N PRO L 242 -79.55 26.89 -9.58
CA PRO L 242 -80.80 26.33 -10.09
C PRO L 242 -80.73 24.84 -10.41
N GLU L 243 -79.78 24.42 -11.25
CA GLU L 243 -79.70 23.00 -11.68
C GLU L 243 -79.15 22.00 -10.64
N THR L 244 -78.22 22.43 -9.79
CA THR L 244 -77.68 21.55 -8.74
C THR L 244 -78.01 22.12 -7.36
N GLY L 245 -77.98 21.31 -6.33
CA GLY L 245 -78.33 21.83 -5.01
C GLY L 245 -77.37 22.91 -4.54
N LYS L 246 -76.28 23.10 -5.29
CA LYS L 246 -75.01 23.48 -4.68
C LYS L 246 -74.56 24.92 -4.84
N PRO L 247 -73.75 25.45 -3.89
CA PRO L 247 -73.18 26.79 -4.02
C PRO L 247 -72.09 26.88 -5.10
N VAL L 248 -72.03 28.04 -5.75
CA VAL L 248 -71.09 28.33 -6.80
C VAL L 248 -70.20 29.50 -6.34
N SER L 249 -68.89 29.22 -6.23
CA SER L 249 -67.93 30.22 -5.81
C SER L 249 -66.89 30.51 -6.88
N ILE L 250 -66.32 31.70 -6.78
CA ILE L 250 -65.34 32.17 -7.70
C ILE L 250 -63.97 31.55 -7.36
N PRO L 251 -62.96 31.80 -8.22
CA PRO L 251 -61.56 31.37 -8.01
C PRO L 251 -60.90 31.94 -6.75
N PHE L 252 -59.76 31.39 -6.38
CA PHE L 252 -59.04 31.95 -5.26
C PHE L 252 -58.27 33.25 -5.59
N PHE L 253 -58.40 34.24 -4.73
CA PHE L 253 -57.56 35.43 -4.82
C PHE L 253 -57.26 35.74 -3.38
N GLY L 254 -56.06 36.25 -3.07
CA GLY L 254 -55.72 36.54 -1.68
C GLY L 254 -54.89 37.81 -1.58
N PRO L 255 -54.77 38.40 -0.38
CA PRO L 255 -54.21 39.77 -0.32
C PRO L 255 -52.68 39.83 -0.26
N TYR L 256 -52.03 38.70 0.03
CA TYR L 256 -50.57 38.73 0.30
C TYR L 256 -49.80 38.13 -0.84
N THR L 257 -48.73 38.77 -1.26
CA THR L 257 -47.96 38.30 -2.39
C THR L 257 -46.69 37.64 -1.91
N THR L 258 -46.50 36.36 -2.25
CA THR L 258 -45.25 35.71 -1.90
C THR L 258 -44.35 35.77 -3.13
N VAL L 259 -43.06 36.03 -2.90
CA VAL L 259 -42.01 35.84 -3.89
C VAL L 259 -40.97 34.85 -3.35
N ASN L 260 -40.83 33.72 -4.05
CA ASN L 260 -39.97 32.65 -3.61
C ASN L 260 -40.30 32.25 -2.17
N GLY L 261 -41.58 32.10 -1.86
CA GLY L 261 -41.98 31.66 -0.56
C GLY L 261 -41.86 32.65 0.60
N ARG L 262 -41.65 33.92 0.32
CA ARG L 262 -41.80 34.97 1.33
C ARG L 262 -42.78 36.10 0.89
N ILE L 263 -43.63 36.51 1.83
CA ILE L 263 -44.42 37.70 1.69
C ILE L 263 -43.56 38.97 1.63
N TRP L 264 -43.75 39.72 0.55
CA TRP L 264 -43.14 41.05 0.35
C TRP L 264 -41.68 41.14 0.80
N PRO L 265 -40.80 40.36 0.17
CA PRO L 265 -39.39 40.47 0.50
C PRO L 265 -38.72 41.68 -0.17
N TYR L 266 -37.47 41.95 0.19
CA TYR L 266 -36.65 42.92 -0.48
C TYR L 266 -35.36 42.24 -0.95
N ALA L 267 -34.84 42.69 -2.09
CA ALA L 267 -33.62 42.13 -2.64
C ALA L 267 -32.59 43.26 -2.78
N ASP L 268 -31.41 43.02 -2.24
CA ASP L 268 -30.27 43.91 -2.44
C ASP L 268 -29.66 43.57 -3.77
N VAL L 269 -29.53 44.55 -4.64
CA VAL L 269 -28.89 44.33 -5.91
C VAL L 269 -27.84 45.42 -6.18
N ASP L 270 -26.92 45.16 -7.11
CA ASP L 270 -25.96 46.19 -7.49
C ASP L 270 -26.52 47.03 -8.63
N ASP L 271 -25.90 48.18 -8.85
CA ASP L 271 -26.32 49.07 -9.92
C ASP L 271 -25.84 48.54 -11.29
N GLY L 272 -26.28 47.32 -11.64
CA GLY L 272 -25.91 46.65 -12.91
C GLY L 272 -27.14 46.02 -13.57
N TRP L 273 -26.92 45.17 -14.58
CA TRP L 273 -28.03 44.48 -15.29
C TRP L 273 -28.32 43.16 -14.60
N TYR L 274 -29.60 42.88 -14.37
CA TYR L 274 -30.05 41.62 -13.78
C TYR L 274 -30.97 40.86 -14.75
N ARG L 275 -30.98 39.54 -14.62
CA ARG L 275 -31.94 38.78 -15.37
C ARG L 275 -32.89 38.13 -14.38
N LEU L 276 -34.19 38.37 -14.56
CA LEU L 276 -35.22 37.80 -13.68
C LEU L 276 -36.00 36.75 -14.44
N ARG L 277 -36.11 35.55 -13.88
CA ARG L 277 -36.90 34.50 -14.51
C ARG L 277 -38.24 34.40 -13.78
N LEU L 278 -39.23 35.12 -14.30
CA LEU L 278 -40.48 35.34 -13.56
C LEU L 278 -41.60 34.39 -13.99
N VAL L 279 -42.12 33.62 -13.03
CA VAL L 279 -43.35 32.82 -13.27
C VAL L 279 -44.44 33.19 -12.27
N ASN L 280 -45.68 33.36 -12.76
CA ASN L 280 -46.83 33.54 -11.86
C ASN L 280 -47.33 32.17 -11.42
N ALA L 281 -47.04 31.78 -10.18
CA ALA L 281 -47.49 30.49 -9.65
C ALA L 281 -48.82 30.56 -8.87
N SER L 282 -49.54 31.67 -8.99
CA SER L 282 -50.83 31.82 -8.31
C SER L 282 -51.87 30.91 -8.92
N ASN L 283 -52.90 30.61 -8.11
CA ASN L 283 -54.05 29.85 -8.56
C ASN L 283 -54.83 30.50 -9.70
N ALA L 284 -55.05 31.82 -9.63
CA ALA L 284 -55.98 32.50 -10.52
C ALA L 284 -55.63 33.97 -10.78
N ARG L 285 -54.87 34.52 -9.86
CA ARG L 285 -54.68 35.94 -9.82
C ARG L 285 -53.85 36.37 -10.99
N ILE L 286 -54.24 37.45 -11.66
CA ILE L 286 -53.42 38.03 -12.73
C ILE L 286 -52.67 39.23 -12.16
N TYR L 287 -51.34 39.11 -12.10
CA TYR L 287 -50.54 40.22 -11.62
C TYR L 287 -50.39 41.20 -12.77
N ASN L 288 -50.75 42.46 -12.52
CA ASN L 288 -50.46 43.53 -13.46
C ASN L 288 -49.37 44.43 -12.92
N LEU L 289 -48.14 44.09 -13.29
CA LEU L 289 -46.93 44.55 -12.61
C LEU L 289 -46.42 45.89 -13.11
N VAL L 290 -46.06 46.75 -12.17
CA VAL L 290 -45.41 47.99 -12.51
C VAL L 290 -44.14 48.10 -11.63
N LEU L 291 -43.01 48.48 -12.22
CA LEU L 291 -41.87 48.91 -11.44
C LEU L 291 -42.04 50.41 -11.13
N ILE L 292 -42.05 50.77 -9.85
CA ILE L 292 -42.17 52.21 -9.45
C ILE L 292 -41.06 52.62 -8.51
N ASP L 293 -40.85 53.95 -8.40
CA ASP L 293 -39.77 54.46 -7.54
C ASP L 293 -40.28 54.92 -6.18
N GLU L 294 -39.43 55.61 -5.41
CA GLU L 294 -39.79 55.98 -4.04
C GLU L 294 -41.03 56.87 -4.00
N ASP L 295 -41.31 57.56 -5.11
CA ASP L 295 -42.44 58.50 -5.17
C ASP L 295 -43.64 57.84 -5.84
N ASP L 296 -43.60 56.52 -6.02
CA ASP L 296 -44.62 55.81 -6.80
C ASP L 296 -44.61 56.11 -8.30
N ARG L 297 -43.59 56.76 -8.81
CA ARG L 297 -43.55 57.04 -10.25
C ARG L 297 -43.06 55.81 -11.01
N PRO L 298 -43.77 55.39 -12.06
CA PRO L 298 -43.34 54.24 -12.86
C PRO L 298 -41.98 54.51 -13.48
N VAL L 299 -41.10 53.51 -13.49
CA VAL L 299 -39.74 53.69 -13.98
C VAL L 299 -39.60 53.16 -15.41
N PRO L 300 -39.47 54.07 -16.39
CA PRO L 300 -39.32 53.69 -17.79
C PRO L 300 -37.85 53.43 -18.14
N GLY L 301 -37.61 52.73 -19.24
CA GLY L 301 -36.26 52.55 -19.74
C GLY L 301 -35.41 51.54 -18.98
N VAL L 302 -36.02 50.73 -18.13
CA VAL L 302 -35.23 49.91 -17.22
C VAL L 302 -35.42 48.40 -17.46
N VAL L 303 -36.66 48.02 -17.77
CA VAL L 303 -37.08 46.64 -17.87
C VAL L 303 -37.24 46.30 -19.34
N HIS L 304 -36.68 45.18 -19.74
CA HIS L 304 -36.82 44.66 -21.10
C HIS L 304 -37.17 43.17 -21.03
N GLN L 305 -38.23 42.75 -21.70
CA GLN L 305 -38.52 41.31 -21.75
C GLN L 305 -37.72 40.69 -22.89
N ILE L 306 -37.05 39.59 -22.60
CA ILE L 306 -36.24 38.92 -23.58
C ILE L 306 -36.71 37.47 -23.88
N GLY L 307 -37.66 36.96 -23.09
CA GLY L 307 -38.17 35.61 -23.32
C GLY L 307 -39.56 35.38 -22.77
N SER L 308 -40.16 34.29 -23.22
CA SER L 308 -41.54 33.98 -22.86
C SER L 308 -41.63 32.45 -22.60
N ASP L 309 -42.84 31.90 -22.58
CA ASP L 309 -43.04 30.49 -22.20
C ASP L 309 -42.02 29.53 -22.81
N GLY L 310 -41.83 29.64 -24.13
CA GLY L 310 -41.06 28.65 -24.89
C GLY L 310 -39.64 29.08 -25.25
N GLY L 311 -39.26 30.30 -24.89
CA GLY L 311 -37.86 30.71 -24.95
C GLY L 311 -37.65 32.16 -25.38
N LEU L 312 -36.44 32.45 -25.84
CA LEU L 312 -36.08 33.78 -26.31
C LEU L 312 -37.08 34.42 -27.31
N LEU L 313 -37.46 35.68 -27.07
CA LEU L 313 -38.26 36.41 -28.07
C LEU L 313 -37.43 36.75 -29.29
N PRO L 314 -38.09 36.99 -30.44
CA PRO L 314 -37.29 37.36 -31.62
C PRO L 314 -36.57 38.70 -31.38
N ARG L 315 -37.21 39.61 -30.65
CA ARG L 315 -36.63 40.92 -30.26
C ARG L 315 -36.90 41.28 -28.78
N PRO L 316 -36.02 42.09 -28.16
CA PRO L 316 -36.36 42.54 -26.81
C PRO L 316 -37.63 43.38 -26.83
N VAL L 317 -38.48 43.25 -25.83
CA VAL L 317 -39.66 44.11 -25.73
C VAL L 317 -39.46 45.06 -24.55
N PRO L 318 -39.42 46.36 -24.81
CA PRO L 318 -39.24 47.28 -23.68
C PRO L 318 -40.52 47.37 -22.85
N VAL L 319 -40.38 47.34 -21.53
CA VAL L 319 -41.52 47.55 -20.66
C VAL L 319 -41.40 48.91 -19.97
N ASP L 320 -42.12 49.89 -20.50
CA ASP L 320 -41.86 51.23 -20.06
C ASP L 320 -42.96 51.79 -19.19
N PHE L 321 -44.02 51.02 -19.02
CA PHE L 321 -45.11 51.44 -18.14
C PHE L 321 -45.78 52.75 -18.56
N ASP L 322 -45.80 52.98 -19.88
CA ASP L 322 -46.53 54.06 -20.52
C ASP L 322 -47.76 53.44 -21.18
N ASP L 323 -48.15 53.92 -22.37
CA ASP L 323 -49.40 53.46 -22.99
C ASP L 323 -49.29 52.20 -23.81
N THR L 324 -48.20 52.08 -24.60
CA THR L 324 -47.88 50.86 -25.37
C THR L 324 -47.83 49.60 -24.48
N LEU L 325 -47.40 49.75 -23.23
CA LEU L 325 -47.43 48.65 -22.26
C LEU L 325 -47.46 49.25 -20.83
N PRO L 326 -48.65 49.63 -20.35
CA PRO L 326 -48.80 50.29 -19.04
C PRO L 326 -48.52 49.37 -17.86
N VAL L 327 -48.63 48.08 -18.12
CA VAL L 327 -48.63 47.07 -17.08
C VAL L 327 -48.02 45.82 -17.69
N LEU L 328 -47.18 45.11 -16.96
CA LEU L 328 -46.74 43.78 -17.41
C LEU L 328 -47.72 42.73 -16.88
N SER L 329 -48.61 42.26 -17.75
CA SER L 329 -49.73 41.44 -17.34
C SER L 329 -49.28 39.97 -17.28
N ALA L 330 -49.17 39.42 -16.09
CA ALA L 330 -48.68 38.06 -15.90
C ALA L 330 -49.77 37.13 -15.37
N ALA L 331 -50.50 36.47 -16.27
CA ALA L 331 -51.51 35.50 -15.83
C ALA L 331 -50.87 34.23 -15.17
N PRO L 332 -51.69 33.40 -14.50
CA PRO L 332 -51.10 32.18 -13.96
C PRO L 332 -50.41 31.31 -15.02
N ALA L 333 -49.16 30.94 -14.72
CA ALA L 333 -48.41 29.96 -15.50
C ALA L 333 -47.68 30.56 -16.69
N GLU L 334 -47.89 31.86 -16.97
CA GLU L 334 -47.02 32.53 -17.94
C GLU L 334 -45.61 32.77 -17.39
N ARG L 335 -44.59 32.72 -18.24
CA ARG L 335 -43.24 33.10 -17.86
C ARG L 335 -42.71 34.33 -18.57
N PHE L 336 -41.87 35.09 -17.88
CA PHE L 336 -41.30 36.29 -18.45
C PHE L 336 -39.83 36.32 -18.09
N ASP L 337 -39.01 36.30 -19.14
CA ASP L 337 -37.59 36.41 -19.02
C ASP L 337 -37.30 37.91 -19.08
N LEU L 338 -36.94 38.52 -17.93
CA LEU L 338 -36.82 39.99 -17.90
C LEU L 338 -35.39 40.42 -17.66
N LEU L 339 -34.95 41.46 -18.39
CA LEU L 339 -33.68 42.11 -18.11
C LEU L 339 -34.04 43.39 -17.42
N VAL L 340 -33.41 43.68 -16.27
CA VAL L 340 -33.66 44.97 -15.66
C VAL L 340 -32.36 45.69 -15.42
N ASP L 341 -32.32 46.95 -15.86
CA ASP L 341 -31.10 47.73 -15.92
C ASP L 341 -31.03 48.69 -14.73
N PHE L 342 -30.22 48.36 -13.73
CA PHE L 342 -30.10 49.21 -12.53
C PHE L 342 -28.87 50.11 -12.63
N ARG L 343 -28.26 50.22 -13.81
CA ARG L 343 -27.04 51.03 -13.92
C ARG L 343 -27.23 52.46 -13.41
N ALA L 344 -28.35 53.11 -13.76
CA ALA L 344 -28.48 54.52 -13.36
C ALA L 344 -29.10 54.73 -11.98
N LEU L 345 -29.30 53.64 -11.23
CA LEU L 345 -30.12 53.69 -10.01
C LEU L 345 -29.43 53.27 -8.72
N GLY L 346 -28.13 53.52 -8.65
CA GLY L 346 -27.39 53.28 -7.41
C GLY L 346 -27.92 54.11 -6.25
N GLY L 347 -28.06 53.49 -5.08
CA GLY L 347 -28.65 54.16 -3.91
C GLY L 347 -30.15 54.46 -3.97
N ARG L 348 -30.89 53.76 -4.81
CA ARG L 348 -32.33 53.96 -4.95
C ARG L 348 -33.11 52.73 -4.50
N ARG L 349 -34.35 52.93 -4.11
CA ARG L 349 -35.22 51.82 -3.80
C ARG L 349 -36.36 51.72 -4.82
N LEU L 350 -36.52 50.55 -5.43
CA LEU L 350 -37.62 50.39 -6.37
C LEU L 350 -38.56 49.29 -5.94
N ARG L 351 -39.84 49.49 -6.22
CA ARG L 351 -40.82 48.48 -5.93
C ARG L 351 -41.54 47.98 -7.17
N LEU L 352 -41.67 46.67 -7.20
CA LEU L 352 -42.57 46.00 -8.08
C LEU L 352 -43.94 45.90 -7.42
N VAL L 353 -44.99 46.27 -8.13
CA VAL L 353 -46.30 46.30 -7.50
C VAL L 353 -47.36 45.77 -8.44
N ASP L 354 -48.44 45.29 -7.86
CA ASP L 354 -49.57 44.86 -8.62
C ASP L 354 -50.47 46.10 -8.77
N LYS L 355 -50.81 46.49 -10.00
CA LYS L 355 -51.69 47.65 -10.18
C LYS L 355 -53.17 47.27 -10.20
N GLY L 356 -53.92 47.76 -9.20
CA GLY L 356 -55.38 47.59 -9.23
C GLY L 356 -56.01 48.46 -10.33
N PRO L 357 -57.21 48.08 -10.82
CA PRO L 357 -57.80 48.86 -11.92
C PRO L 357 -58.34 50.24 -11.52
N GLY L 358 -58.63 50.45 -10.25
CA GLY L 358 -59.23 51.69 -9.80
C GLY L 358 -58.29 52.74 -9.24
N ALA L 359 -57.00 52.43 -9.14
CA ALA L 359 -56.08 53.40 -8.55
C ALA L 359 -54.70 53.36 -9.22
N PRO L 360 -53.94 54.47 -9.16
CA PRO L 360 -52.57 54.50 -9.70
C PRO L 360 -51.64 53.42 -9.09
N ALA L 361 -50.63 52.98 -9.84
CA ALA L 361 -49.64 52.03 -9.33
C ALA L 361 -49.05 52.50 -7.99
N GLY L 362 -48.93 51.58 -7.04
CA GLY L 362 -48.54 51.90 -5.69
C GLY L 362 -49.65 52.30 -4.75
N THR L 363 -50.87 52.51 -5.27
CA THR L 363 -52.01 52.91 -4.42
C THR L 363 -52.93 51.74 -4.11
N PRO L 364 -53.21 51.49 -2.82
CA PRO L 364 -54.16 50.40 -2.53
C PRO L 364 -55.48 50.48 -3.33
N ASP L 365 -55.94 49.33 -3.77
CA ASP L 365 -57.19 49.28 -4.47
C ASP L 365 -58.01 48.10 -4.00
N PRO L 366 -58.35 48.05 -2.70
CA PRO L 366 -59.14 46.94 -2.16
C PRO L 366 -60.40 46.65 -2.97
N LEU L 367 -61.04 47.69 -3.50
CA LEU L 367 -62.27 47.48 -4.26
C LEU L 367 -62.05 46.79 -5.59
N GLY L 368 -60.86 46.95 -6.15
CA GLY L 368 -60.52 46.24 -7.38
C GLY L 368 -59.72 44.97 -7.15
N GLY L 369 -59.60 44.54 -5.90
CA GLY L 369 -58.98 43.26 -5.62
C GLY L 369 -57.48 43.38 -5.34
N VAL L 370 -56.96 44.61 -5.26
CA VAL L 370 -55.58 44.79 -4.81
C VAL L 370 -55.47 45.64 -3.53
N ARG L 371 -55.76 45.04 -2.40
CA ARG L 371 -55.61 45.78 -1.13
C ARG L 371 -54.16 46.14 -0.86
N TYR L 372 -53.25 45.25 -1.25
CA TYR L 372 -51.83 45.47 -0.99
C TYR L 372 -51.04 45.39 -2.27
N PRO L 373 -50.70 46.55 -2.86
CA PRO L 373 -49.95 46.61 -4.12
C PRO L 373 -48.62 45.84 -4.05
N GLU L 374 -47.93 45.87 -2.91
CA GLU L 374 -46.59 45.32 -2.84
C GLU L 374 -46.39 43.90 -3.41
N VAL L 375 -45.39 43.77 -4.30
CA VAL L 375 -44.78 42.49 -4.64
C VAL L 375 -43.40 42.35 -3.94
N MET L 376 -42.50 43.30 -4.17
CA MET L 376 -41.15 43.24 -3.62
C MET L 376 -40.39 44.56 -3.86
N GLU L 377 -39.30 44.75 -3.12
CA GLU L 377 -38.47 45.92 -3.25
C GLU L 377 -37.06 45.58 -3.67
N PHE L 378 -36.49 46.40 -4.55
CA PHE L 378 -35.09 46.29 -4.93
C PHE L 378 -34.34 47.46 -4.26
N ARG L 379 -33.25 47.12 -3.56
CA ARG L 379 -32.38 48.15 -2.97
C ARG L 379 -31.08 48.14 -3.73
N VAL L 380 -30.84 49.16 -4.55
CA VAL L 380 -29.72 49.20 -5.47
C VAL L 380 -28.51 49.85 -4.80
N ARG L 381 -27.48 49.06 -4.57
CA ARG L 381 -26.24 49.60 -4.00
C ARG L 381 -25.44 50.23 -5.12
N GLU L 382 -24.89 51.42 -4.86
CA GLU L 382 -23.99 52.00 -5.82
C GLU L 382 -22.63 51.29 -5.74
N THR L 383 -22.12 50.84 -6.89
CA THR L 383 -20.71 50.49 -6.99
C THR L 383 -20.12 51.53 -7.92
N CYS L 384 -18.84 51.43 -8.22
CA CYS L 384 -18.29 52.34 -9.21
C CYS L 384 -17.88 51.55 -10.43
N GLU L 385 -18.41 50.33 -10.52
CA GLU L 385 -18.12 49.43 -11.63
C GLU L 385 -18.92 49.74 -12.87
N GLU L 386 -18.45 49.19 -13.99
CA GLU L 386 -18.96 49.53 -15.31
C GLU L 386 -19.55 48.28 -15.95
N ASP L 387 -20.86 48.28 -16.13
CA ASP L 387 -21.48 47.18 -16.83
C ASP L 387 -21.61 47.54 -18.28
N SER L 388 -20.79 46.91 -19.12
CA SER L 388 -20.88 47.10 -20.56
C SER L 388 -21.83 46.13 -21.29
N PHE L 389 -22.55 45.26 -20.57
CA PHE L 389 -23.58 44.39 -21.22
C PHE L 389 -24.28 45.08 -22.37
N ALA L 390 -24.30 44.44 -23.54
CA ALA L 390 -25.02 44.98 -24.71
C ALA L 390 -26.31 44.21 -25.02
N LEU L 391 -27.37 44.92 -25.36
CA LEU L 391 -28.59 44.23 -25.71
C LEU L 391 -28.99 44.50 -27.17
N PRO L 392 -28.89 43.49 -28.05
CA PRO L 392 -29.13 43.81 -29.49
C PRO L 392 -30.61 43.96 -29.84
N GLU L 393 -30.92 44.68 -30.91
CA GLU L 393 -32.26 44.88 -31.41
C GLU L 393 -32.98 43.59 -31.78
N VAL L 394 -32.26 42.68 -32.43
CA VAL L 394 -32.76 41.35 -32.74
C VAL L 394 -32.08 40.43 -31.76
N LEU L 395 -32.86 39.54 -31.13
CA LEU L 395 -32.33 38.77 -30.00
C LEU L 395 -32.02 37.30 -30.36
N SER L 396 -32.92 36.65 -31.08
CA SER L 396 -32.78 35.24 -31.43
C SER L 396 -32.63 35.04 -32.93
N GLY L 397 -31.56 34.37 -33.35
CA GLY L 397 -31.40 33.99 -34.75
C GLY L 397 -32.23 32.79 -35.10
N SER L 398 -32.52 31.96 -34.07
CA SER L 398 -33.21 30.69 -34.28
C SER L 398 -34.71 30.85 -34.52
N PHE L 399 -35.27 31.97 -34.06
CA PHE L 399 -36.71 32.17 -34.08
C PHE L 399 -37.25 32.19 -35.48
N ARG L 400 -38.25 31.35 -35.74
CA ARG L 400 -38.99 31.34 -37.01
C ARG L 400 -40.44 31.70 -36.73
N ARG L 401 -40.93 32.75 -37.38
CA ARG L 401 -42.33 33.09 -37.32
C ARG L 401 -43.21 31.91 -37.85
N MET L 402 -44.17 31.43 -37.06
CA MET L 402 -45.21 30.48 -37.53
C MET L 402 -46.00 31.03 -38.72
N SER L 403 -46.05 30.30 -39.81
CA SER L 403 -46.85 30.74 -40.96
C SER L 403 -48.21 30.03 -41.05
N HIS L 404 -49.31 30.79 -41.16
CA HIS L 404 -50.60 30.21 -41.59
C HIS L 404 -50.53 29.40 -42.91
N ASP L 405 -49.52 29.65 -43.75
CA ASP L 405 -49.30 28.87 -44.99
C ASP L 405 -48.85 27.43 -44.78
N ILE L 406 -48.43 27.07 -43.57
CA ILE L 406 -48.11 25.66 -43.33
C ILE L 406 -49.43 24.85 -43.30
N PRO L 407 -49.49 23.73 -44.04
CA PRO L 407 -50.68 22.88 -43.87
C PRO L 407 -50.92 22.58 -42.38
N HIS L 408 -52.18 22.72 -41.96
CA HIS L 408 -52.53 22.48 -40.58
C HIS L 408 -54.01 22.11 -40.46
N GLY L 409 -54.36 21.39 -39.39
CA GLY L 409 -55.76 21.19 -39.05
C GLY L 409 -56.30 22.36 -38.21
N HIS L 410 -57.59 22.29 -37.88
CA HIS L 410 -58.23 23.34 -37.10
C HIS L 410 -59.02 22.78 -35.93
N ARG L 411 -58.96 23.46 -34.79
CA ARG L 411 -59.87 23.14 -33.70
C ARG L 411 -60.58 24.40 -33.31
N LEU L 412 -61.83 24.22 -32.91
CA LEU L 412 -62.62 25.26 -32.34
C LEU L 412 -63.01 24.91 -30.90
N ILE L 413 -62.50 25.73 -29.99
CA ILE L 413 -62.79 25.59 -28.59
C ILE L 413 -63.61 26.80 -28.10
N VAL L 414 -64.83 26.54 -27.66
CA VAL L 414 -65.64 27.58 -27.06
C VAL L 414 -65.53 27.61 -25.52
N LEU L 415 -65.38 28.81 -24.98
CA LEU L 415 -65.41 29.06 -23.56
C LEU L 415 -66.73 29.73 -23.16
N THR L 416 -67.53 29.05 -22.34
CA THR L 416 -68.90 29.49 -22.10
C THR L 416 -69.07 30.32 -20.83
N PRO L 417 -70.09 31.19 -20.80
CA PRO L 417 -70.37 31.85 -19.53
C PRO L 417 -70.89 30.85 -18.48
N PRO L 418 -70.64 31.13 -17.20
CA PRO L 418 -71.09 30.32 -16.04
C PRO L 418 -72.61 30.02 -16.02
N GLY L 419 -73.44 30.99 -16.37
CA GLY L 419 -74.87 30.72 -16.37
C GLY L 419 -75.40 29.80 -17.47
N THR L 420 -74.53 29.13 -18.22
CA THR L 420 -75.03 28.34 -19.36
C THR L 420 -75.75 27.09 -18.90
N LYS L 421 -76.86 26.79 -19.58
CA LYS L 421 -77.70 25.63 -19.36
C LYS L 421 -76.88 24.39 -19.24
N GLY L 422 -77.17 23.59 -18.23
CA GLY L 422 -76.53 22.29 -18.08
C GLY L 422 -75.12 22.34 -17.48
N SER L 423 -74.60 23.53 -17.23
CA SER L 423 -73.27 23.65 -16.64
C SER L 423 -73.21 23.62 -15.11
N GLY L 424 -74.35 23.71 -14.44
CA GLY L 424 -74.35 23.92 -13.00
C GLY L 424 -73.74 25.24 -12.55
N GLY L 425 -73.72 26.24 -13.43
CA GLY L 425 -73.24 27.58 -13.05
C GLY L 425 -71.72 27.71 -13.13
N HIS L 426 -71.08 26.72 -13.73
CA HIS L 426 -69.63 26.76 -13.99
C HIS L 426 -69.34 27.14 -15.44
N PRO L 427 -68.26 27.92 -15.69
CA PRO L 427 -67.78 28.13 -17.09
C PRO L 427 -67.22 26.83 -17.63
N GLU L 428 -67.30 26.62 -18.94
CA GLU L 428 -66.86 25.34 -19.51
C GLU L 428 -65.99 25.48 -20.73
N ILE L 429 -65.25 24.41 -21.03
CA ILE L 429 -64.74 24.14 -22.37
C ILE L 429 -65.76 23.35 -23.18
N TRP L 430 -66.14 23.90 -24.34
CA TRP L 430 -66.92 23.17 -25.34
C TRP L 430 -66.08 22.86 -26.57
N GLU L 431 -65.92 21.59 -26.87
CA GLU L 431 -65.34 21.20 -28.12
C GLU L 431 -66.42 21.23 -29.19
N MET L 432 -66.14 21.94 -30.28
CA MET L 432 -67.14 22.16 -31.35
C MET L 432 -66.80 21.36 -32.61
N ALA L 433 -67.81 20.92 -33.36
CA ALA L 433 -67.61 20.41 -34.72
C ALA L 433 -68.44 21.22 -35.73
N GLU L 434 -67.83 21.60 -36.84
CA GLU L 434 -68.60 22.25 -37.90
C GLU L 434 -69.68 21.31 -38.42
N VAL L 435 -70.89 21.82 -38.62
CA VAL L 435 -71.96 21.05 -39.29
C VAL L 435 -72.09 21.41 -40.77
N GLU L 436 -72.24 20.40 -41.63
CA GLU L 436 -72.38 20.62 -43.09
C GLU L 436 -73.58 19.87 -43.70
N GLN L 442 -82.35 23.75 -38.86
CA GLN L 442 -81.54 22.96 -37.95
C GLN L 442 -81.67 23.46 -36.51
N VAL L 443 -82.00 24.75 -36.37
CA VAL L 443 -81.78 25.51 -35.13
C VAL L 443 -82.60 26.80 -34.98
N PRO L 444 -82.56 27.48 -33.79
CA PRO L 444 -81.61 27.39 -32.67
C PRO L 444 -81.80 26.17 -31.75
N ALA L 445 -80.70 25.53 -31.36
CA ALA L 445 -80.77 24.34 -30.50
C ALA L 445 -79.64 24.27 -29.47
N GLU L 446 -79.93 23.68 -28.32
CA GLU L 446 -78.95 23.38 -27.29
C GLU L 446 -77.71 22.82 -27.94
N GLY L 447 -76.57 23.46 -27.68
CA GLY L 447 -75.28 22.97 -28.15
C GLY L 447 -74.91 23.35 -29.57
N VAL L 448 -75.73 24.17 -30.20
CA VAL L 448 -75.42 24.67 -31.55
C VAL L 448 -75.07 26.17 -31.50
N ILE L 449 -73.92 26.49 -32.06
CA ILE L 449 -73.45 27.85 -32.04
C ILE L 449 -73.06 28.25 -33.44
N GLN L 450 -73.46 29.46 -33.83
CA GLN L 450 -73.16 29.97 -35.15
C GLN L 450 -72.33 31.19 -35.00
N VAL L 451 -71.56 31.46 -36.04
CA VAL L 451 -70.50 32.42 -35.99
C VAL L 451 -70.39 32.97 -37.40
N THR L 452 -70.57 34.28 -37.52
CA THR L 452 -70.34 35.04 -38.72
C THR L 452 -68.92 35.56 -38.66
N GLY L 453 -68.08 35.15 -39.62
CA GLY L 453 -66.70 35.65 -39.71
C GLY L 453 -66.54 37.06 -40.30
N ALA L 454 -65.29 37.46 -40.53
CA ALA L 454 -64.98 38.77 -41.14
C ALA L 454 -65.44 38.88 -42.59
N ASP L 455 -65.57 37.73 -43.25
CA ASP L 455 -66.08 37.68 -44.62
C ASP L 455 -67.62 37.68 -44.66
N GLY L 456 -68.28 38.01 -43.56
CA GLY L 456 -69.75 38.10 -43.52
C GLY L 456 -70.54 36.79 -43.65
N ARG L 457 -69.85 35.71 -44.04
CA ARG L 457 -70.40 34.33 -43.97
C ARG L 457 -70.66 33.84 -42.55
N THR L 458 -71.69 33.00 -42.40
CA THR L 458 -72.01 32.34 -41.14
C THR L 458 -71.71 30.83 -41.20
N LYS L 459 -70.96 30.33 -40.23
CA LYS L 459 -70.82 28.89 -40.06
C LYS L 459 -71.56 28.40 -38.81
N THR L 460 -71.77 27.08 -38.80
CA THR L 460 -72.61 26.43 -37.80
C THR L 460 -71.82 25.30 -37.17
N TYR L 461 -71.81 25.28 -35.84
CA TYR L 461 -70.95 24.40 -35.08
C TYR L 461 -71.79 23.71 -34.02
N ARG L 462 -71.57 22.40 -33.85
CA ARG L 462 -72.27 21.66 -32.82
C ARG L 462 -71.30 21.29 -31.68
N ARG L 463 -71.75 21.45 -30.44
CA ARG L 463 -70.93 21.09 -29.30
C ARG L 463 -70.79 19.59 -29.29
N THR L 464 -69.62 19.13 -28.88
CA THR L 464 -69.27 17.72 -29.01
C THR L 464 -68.69 17.19 -27.71
N ALA L 465 -68.25 18.09 -26.84
CA ALA L 465 -67.79 17.77 -25.48
C ALA L 465 -67.89 19.01 -24.65
N ARG L 466 -68.15 18.85 -23.35
CA ARG L 466 -68.41 19.99 -22.46
C ARG L 466 -67.63 19.88 -21.12
N THR L 467 -66.96 18.76 -20.92
CA THR L 467 -66.27 18.54 -19.67
C THR L 467 -65.21 17.49 -19.79
N PHE L 468 -64.30 17.52 -18.83
CA PHE L 468 -63.12 16.69 -18.86
C PHE L 468 -63.37 15.20 -19.23
N ASN L 469 -64.33 14.55 -18.55
CA ASN L 469 -64.52 13.12 -18.75
C ASN L 469 -65.47 12.72 -19.86
N ASP L 470 -65.89 13.69 -20.66
CA ASP L 470 -66.55 13.37 -21.93
C ASP L 470 -65.62 12.58 -22.85
N GLY L 471 -66.21 11.87 -23.81
CA GLY L 471 -65.43 11.19 -24.85
C GLY L 471 -64.38 12.10 -25.46
N LEU L 472 -63.23 11.51 -25.77
CA LEU L 472 -62.12 12.16 -26.45
C LEU L 472 -62.54 12.90 -27.69
N GLY L 473 -62.12 14.16 -27.83
CA GLY L 473 -62.28 14.87 -29.09
C GLY L 473 -61.06 14.85 -29.98
N PHE L 474 -59.94 15.39 -29.51
CA PHE L 474 -58.79 15.63 -30.41
C PHE L 474 -57.76 14.51 -30.43
N THR L 475 -57.60 13.89 -31.60
CA THR L 475 -56.54 12.90 -31.85
C THR L 475 -55.61 13.41 -32.94
N ILE L 476 -54.31 13.41 -32.67
CA ILE L 476 -53.36 14.22 -33.46
C ILE L 476 -52.13 13.44 -33.94
N GLY L 477 -51.86 13.50 -35.23
CA GLY L 477 -50.62 12.90 -35.74
C GLY L 477 -49.42 13.65 -35.23
N GLU L 478 -48.45 12.92 -34.70
CA GLU L 478 -47.23 13.54 -34.20
C GLU L 478 -46.54 14.27 -35.36
N GLY L 479 -46.02 15.46 -35.09
CA GLY L 479 -45.40 16.25 -36.15
C GLY L 479 -46.34 17.06 -37.03
N THR L 480 -47.65 16.93 -36.87
CA THR L 480 -48.55 17.77 -37.68
C THR L 480 -48.72 19.18 -37.05
N HIS L 481 -49.16 20.15 -37.85
CA HIS L 481 -49.51 21.47 -37.33
C HIS L 481 -51.03 21.59 -37.22
N GLU L 482 -51.50 22.33 -36.21
CA GLU L 482 -52.90 22.72 -36.06
C GLU L 482 -53.02 24.18 -35.61
N GLN L 483 -54.09 24.83 -36.05
CA GLN L 483 -54.48 26.12 -35.51
C GLN L 483 -55.65 25.90 -34.57
N TRP L 484 -55.50 26.33 -33.32
CA TRP L 484 -56.61 26.27 -32.38
C TRP L 484 -57.24 27.64 -32.23
N THR L 485 -58.56 27.68 -32.20
CA THR L 485 -59.24 28.92 -31.94
C THR L 485 -59.94 28.81 -30.60
N PHE L 486 -59.54 29.65 -29.65
CA PHE L 486 -60.32 29.78 -28.42
C PHE L 486 -61.29 30.93 -28.58
N LEU L 487 -62.58 30.59 -28.64
CA LEU L 487 -63.63 31.58 -28.72
C LEU L 487 -64.33 31.71 -27.39
N ASN L 488 -64.05 32.80 -26.70
CA ASN L 488 -64.61 33.08 -25.39
C ASN L 488 -65.85 33.95 -25.52
N LEU L 489 -66.99 33.36 -25.20
CA LEU L 489 -68.29 34.02 -25.26
C LEU L 489 -68.64 34.78 -24.00
N SER L 490 -67.80 34.68 -22.98
CA SER L 490 -68.13 35.22 -21.67
C SER L 490 -67.18 36.37 -21.42
N PRO L 491 -67.43 37.20 -20.37
CA PRO L 491 -66.49 38.28 -20.03
C PRO L 491 -65.39 37.85 -19.05
N ILE L 492 -65.35 36.57 -18.69
CA ILE L 492 -64.31 36.08 -17.76
C ILE L 492 -63.08 35.65 -18.54
N LEU L 493 -61.91 36.15 -18.14
CA LEU L 493 -60.65 35.84 -18.83
C LEU L 493 -60.11 34.46 -18.42
N HIS L 494 -59.82 33.60 -19.39
CA HIS L 494 -59.25 32.31 -19.06
C HIS L 494 -57.85 32.26 -19.66
N PRO L 495 -56.84 32.08 -18.81
CA PRO L 495 -55.54 31.78 -19.37
C PRO L 495 -55.54 30.30 -19.74
N MET L 496 -55.63 30.02 -21.05
CA MET L 496 -55.71 28.67 -21.58
C MET L 496 -54.31 28.14 -21.78
N HIS L 497 -54.15 26.85 -21.57
CA HIS L 497 -52.86 26.22 -21.64
C HIS L 497 -52.98 24.88 -22.32
N ILE L 498 -52.04 24.59 -23.20
CA ILE L 498 -52.03 23.34 -23.91
C ILE L 498 -50.72 22.63 -23.57
N HIS L 499 -50.80 21.40 -23.03
CA HIS L 499 -49.60 20.61 -22.70
C HIS L 499 -48.75 20.31 -23.97
N LEU L 500 -47.55 19.77 -23.78
CA LEU L 500 -46.71 19.22 -24.89
C LEU L 500 -46.03 20.24 -25.84
N ALA L 501 -46.83 21.11 -26.45
CA ALA L 501 -46.36 21.83 -27.63
C ALA L 501 -46.05 23.31 -27.37
N ASP L 502 -45.36 23.92 -28.34
CA ASP L 502 -45.11 25.34 -28.40
C ASP L 502 -46.03 25.95 -29.46
N PHE L 503 -46.52 27.13 -29.18
CA PHE L 503 -47.48 27.77 -30.03
C PHE L 503 -47.07 29.18 -30.26
N GLN L 504 -47.57 29.75 -31.34
CA GLN L 504 -47.48 31.17 -31.57
C GLN L 504 -48.87 31.73 -31.78
N VAL L 505 -49.08 32.94 -31.28
CA VAL L 505 -50.33 33.67 -31.48
C VAL L 505 -50.38 34.16 -32.93
N LEU L 506 -51.45 33.84 -33.63
CA LEU L 506 -51.64 34.36 -35.00
C LEU L 506 -52.54 35.59 -35.08
N GLY L 507 -53.53 35.71 -34.20
CA GLY L 507 -54.39 36.89 -34.14
C GLY L 507 -55.45 36.87 -33.05
N ARG L 508 -55.97 38.05 -32.74
CA ARG L 508 -57.07 38.21 -31.79
C ARG L 508 -58.20 39.01 -32.40
N ASP L 509 -59.43 38.58 -32.17
CA ASP L 509 -60.60 39.30 -32.68
C ASP L 509 -61.67 39.53 -31.62
N ALA L 510 -62.32 40.70 -31.68
CA ALA L 510 -63.44 40.95 -30.79
C ALA L 510 -64.75 40.46 -31.40
N TYR L 511 -65.64 39.97 -30.56
CA TYR L 511 -66.93 39.40 -31.02
C TYR L 511 -68.14 39.98 -30.30
N ASP L 512 -69.26 40.14 -31.01
CA ASP L 512 -70.55 40.33 -30.32
C ASP L 512 -71.15 38.96 -30.06
N ALA L 513 -71.19 38.57 -28.80
CA ALA L 513 -71.68 37.25 -28.44
C ALA L 513 -73.06 37.34 -27.78
N SER L 514 -73.70 38.50 -27.88
CA SER L 514 -75.08 38.70 -27.36
C SER L 514 -76.08 37.66 -27.90
N GLY L 515 -75.88 37.20 -29.13
CA GLY L 515 -76.68 36.10 -29.67
C GLY L 515 -76.65 34.81 -28.85
N PHE L 516 -75.59 34.61 -28.07
CA PHE L 516 -75.54 33.40 -27.27
C PHE L 516 -76.56 33.49 -26.16
N ASP L 517 -77.51 32.56 -26.19
CA ASP L 517 -78.62 32.50 -25.24
C ASP L 517 -78.28 31.49 -24.15
N LEU L 518 -78.05 31.99 -22.94
CA LEU L 518 -77.57 31.13 -21.88
C LEU L 518 -78.56 30.02 -21.57
N ALA L 519 -79.87 30.35 -21.55
CA ALA L 519 -80.91 29.37 -21.17
C ALA L 519 -81.09 28.22 -22.18
N LEU L 520 -80.80 28.52 -23.45
CA LEU L 520 -80.90 27.51 -24.51
C LEU L 520 -79.63 26.65 -24.62
N GLY L 521 -78.47 27.29 -24.39
CA GLY L 521 -77.17 26.64 -24.56
C GLY L 521 -76.85 26.68 -26.03
N GLY L 522 -77.39 27.70 -26.71
CA GLY L 522 -77.09 27.89 -28.11
C GLY L 522 -77.12 29.35 -28.49
N THR L 523 -76.79 29.63 -29.74
CA THR L 523 -76.95 30.98 -30.29
C THR L 523 -78.30 31.08 -30.95
N ARG L 524 -79.13 31.96 -30.40
CA ARG L 524 -80.36 32.39 -31.05
C ARG L 524 -80.06 33.19 -32.30
N THR L 525 -79.17 34.16 -32.17
CA THR L 525 -78.55 34.84 -33.33
C THR L 525 -77.04 34.60 -33.30
N PRO L 526 -76.41 34.44 -34.48
CA PRO L 526 -74.95 34.21 -34.61
C PRO L 526 -74.08 35.09 -33.72
N VAL L 527 -73.04 34.50 -33.16
CA VAL L 527 -71.95 35.27 -32.57
C VAL L 527 -71.28 35.98 -33.75
N ARG L 528 -71.04 37.27 -33.62
CA ARG L 528 -70.65 38.03 -34.79
C ARG L 528 -69.34 38.74 -34.55
N LEU L 529 -68.37 38.53 -35.45
CA LEU L 529 -67.10 39.26 -35.37
C LEU L 529 -67.33 40.77 -35.41
N ASP L 530 -66.61 41.50 -34.58
CA ASP L 530 -66.79 42.93 -34.53
C ASP L 530 -65.58 43.69 -35.08
N PRO L 531 -65.67 44.11 -36.35
CA PRO L 531 -64.49 44.64 -37.06
C PRO L 531 -64.09 46.03 -36.58
N ASP L 532 -64.94 46.67 -35.78
CA ASP L 532 -64.68 48.03 -35.29
C ASP L 532 -64.01 48.05 -33.93
N THR L 533 -63.76 46.87 -33.38
CA THR L 533 -63.00 46.77 -32.14
C THR L 533 -61.70 45.99 -32.38
N PRO L 534 -60.71 46.66 -33.00
CA PRO L 534 -59.49 45.89 -33.27
C PRO L 534 -58.89 45.42 -31.94
N VAL L 535 -58.45 44.17 -31.89
CA VAL L 535 -57.67 43.67 -30.76
C VAL L 535 -56.24 43.37 -31.19
N PRO L 536 -55.33 44.30 -30.86
CA PRO L 536 -53.91 44.20 -31.25
C PRO L 536 -53.23 43.12 -30.39
N LEU L 537 -52.16 42.50 -30.88
CA LEU L 537 -51.44 41.50 -30.11
C LEU L 537 -50.60 42.22 -29.09
N ALA L 538 -50.43 41.66 -27.89
CA ALA L 538 -49.54 42.27 -26.90
C ALA L 538 -48.09 42.28 -27.47
N PRO L 539 -47.31 43.37 -27.26
CA PRO L 539 -45.94 43.35 -27.83
C PRO L 539 -45.11 42.12 -27.38
N ASN L 540 -45.46 41.54 -26.24
CA ASN L 540 -44.65 40.46 -25.73
C ASN L 540 -45.19 39.07 -26.04
N GLU L 541 -46.22 38.95 -26.87
CA GLU L 541 -46.77 37.61 -27.15
C GLU L 541 -46.49 37.12 -28.55
N LEU L 542 -45.38 37.57 -29.09
CA LEU L 542 -45.06 37.27 -30.48
C LEU L 542 -44.04 36.15 -30.58
N GLY L 543 -43.67 35.58 -29.42
CA GLY L 543 -42.65 34.55 -29.37
C GLY L 543 -43.25 33.18 -29.20
N HIS L 544 -42.57 32.32 -28.44
CA HIS L 544 -43.12 31.00 -28.14
C HIS L 544 -43.94 31.01 -26.83
N LYS L 545 -45.19 30.54 -26.89
CA LYS L 545 -46.14 30.63 -25.78
C LYS L 545 -46.82 29.29 -25.59
N ASP L 546 -47.18 28.96 -24.37
CA ASP L 546 -47.96 27.73 -24.15
C ASP L 546 -49.03 28.01 -23.15
N VAL L 547 -49.04 29.23 -22.65
CA VAL L 547 -50.10 29.70 -21.79
C VAL L 547 -50.53 31.10 -22.28
N PHE L 548 -51.72 31.18 -22.89
CA PHE L 548 -52.20 32.45 -23.42
C PHE L 548 -53.44 32.88 -22.73
N GLN L 549 -53.55 34.17 -22.48
CA GLN L 549 -54.74 34.76 -21.86
C GLN L 549 -55.83 34.88 -22.93
N VAL L 550 -57.06 34.53 -22.58
CA VAL L 550 -58.18 34.65 -23.50
C VAL L 550 -59.29 35.47 -22.81
N PRO L 551 -59.21 36.80 -22.92
CA PRO L 551 -60.34 37.61 -22.43
C PRO L 551 -61.56 37.36 -23.31
N GLY L 552 -62.67 37.98 -22.99
CA GLY L 552 -63.89 37.82 -23.77
C GLY L 552 -64.77 39.03 -23.61
N PRO L 553 -65.77 39.19 -24.49
CA PRO L 553 -66.06 38.23 -25.56
C PRO L 553 -65.05 38.37 -26.72
N GLN L 554 -64.32 37.29 -27.02
CA GLN L 554 -63.19 37.39 -27.93
C GLN L 554 -62.73 36.05 -28.49
N GLY L 555 -62.09 36.07 -29.66
CA GLY L 555 -61.51 34.86 -30.24
C GLY L 555 -59.99 34.98 -30.26
N LEU L 556 -59.28 33.87 -30.03
CA LEU L 556 -57.83 33.88 -30.21
C LEU L 556 -57.40 32.72 -31.06
N ARG L 557 -56.52 32.99 -32.01
CA ARG L 557 -56.05 31.97 -32.91
C ARG L 557 -54.60 31.68 -32.58
N VAL L 558 -54.31 30.42 -32.26
CA VAL L 558 -52.94 29.99 -32.04
C VAL L 558 -52.57 28.80 -32.92
N MET L 559 -51.28 28.65 -33.18
CA MET L 559 -50.81 27.62 -34.08
C MET L 559 -49.55 26.98 -33.56
N GLY L 560 -49.47 25.67 -33.67
CA GLY L 560 -48.34 24.97 -33.10
C GLY L 560 -48.18 23.65 -33.78
N LYS L 561 -47.07 22.99 -33.44
CA LYS L 561 -46.66 21.77 -34.06
C LYS L 561 -46.60 20.72 -32.94
N PHE L 562 -47.35 19.64 -33.12
CA PHE L 562 -47.42 18.61 -32.14
C PHE L 562 -46.30 17.57 -32.32
N ASP L 563 -45.24 17.79 -31.55
CA ASP L 563 -43.87 17.50 -31.90
C ASP L 563 -43.12 16.69 -30.84
N GLY L 564 -42.40 15.69 -31.29
CA GLY L 564 -41.32 15.11 -30.47
C GLY L 564 -41.74 14.29 -29.24
N ALA L 565 -43.02 13.90 -29.19
CA ALA L 565 -43.50 13.07 -28.10
C ALA L 565 -44.88 12.50 -28.39
N TYR L 566 -45.28 11.49 -27.64
CA TYR L 566 -46.56 10.83 -27.83
C TYR L 566 -47.29 10.62 -26.51
N GLY L 567 -48.60 10.47 -26.58
CA GLY L 567 -49.44 9.96 -25.51
C GLY L 567 -50.67 10.84 -25.29
N ARG L 568 -51.22 10.76 -24.09
CA ARG L 568 -52.43 11.48 -23.71
C ARG L 568 -51.97 12.67 -22.92
N PHE L 569 -52.53 13.82 -23.22
CA PHE L 569 -52.11 15.07 -22.66
C PHE L 569 -53.39 15.81 -22.22
N MET L 570 -53.20 16.99 -21.64
CA MET L 570 -54.28 17.88 -21.15
C MET L 570 -54.22 19.19 -21.92
N TYR L 571 -55.36 19.83 -22.11
CA TYR L 571 -55.36 21.28 -22.27
C TYR L 571 -56.43 21.75 -21.37
N HIS L 572 -56.28 22.95 -20.84
CA HIS L 572 -57.21 23.44 -19.83
C HIS L 572 -57.06 24.90 -19.53
N CYS L 573 -58.04 25.40 -18.80
CA CYS L 573 -57.87 26.72 -18.21
C CYS L 573 -56.93 26.62 -17.00
N HIS L 574 -56.03 27.59 -16.85
CA HIS L 574 -55.06 27.52 -15.77
C HIS L 574 -55.54 28.26 -14.54
N LEU L 575 -56.85 28.43 -14.40
CA LEU L 575 -57.37 28.99 -13.17
C LEU L 575 -57.68 27.75 -12.35
N LEU L 576 -56.83 27.52 -11.34
CA LEU L 576 -56.82 26.22 -10.69
C LEU L 576 -58.22 25.82 -10.22
N GLU L 577 -59.01 26.79 -9.73
CA GLU L 577 -60.38 26.48 -9.30
C GLU L 577 -61.28 26.06 -10.47
N HIS L 578 -61.02 26.56 -11.67
CA HIS L 578 -61.78 26.12 -12.83
C HIS L 578 -61.29 24.78 -13.33
N GLU L 579 -59.97 24.61 -13.38
CA GLU L 579 -59.36 23.33 -13.74
C GLU L 579 -59.91 22.20 -12.87
N ASP L 580 -60.11 22.48 -11.58
CA ASP L 580 -60.55 21.45 -10.63
C ASP L 580 -62.04 21.15 -10.79
N MET L 581 -62.75 22.05 -11.44
CA MET L 581 -64.16 21.85 -11.74
C MET L 581 -64.40 21.63 -13.22
N GLY L 582 -63.73 20.63 -13.77
CA GLY L 582 -64.03 20.12 -15.09
C GLY L 582 -63.55 20.91 -16.29
N MET L 583 -63.02 22.12 -16.09
CA MET L 583 -62.56 22.96 -17.21
C MET L 583 -61.20 22.54 -17.82
N MET L 584 -61.16 21.29 -18.30
CA MET L 584 -59.95 20.59 -18.73
C MET L 584 -60.33 19.47 -19.74
N ARG L 585 -59.45 19.14 -20.68
CA ARG L 585 -59.76 18.14 -21.73
C ARG L 585 -58.54 17.31 -22.12
N PRO L 586 -58.75 16.03 -22.46
CA PRO L 586 -57.61 15.28 -22.96
C PRO L 586 -57.40 15.52 -24.45
N PHE L 587 -56.17 15.38 -24.94
CA PHE L 587 -55.91 15.08 -26.36
C PHE L 587 -54.87 13.96 -26.48
N VAL L 588 -54.82 13.31 -27.65
CA VAL L 588 -53.88 12.25 -27.86
C VAL L 588 -52.95 12.60 -29.02
N VAL L 589 -51.65 12.47 -28.82
CA VAL L 589 -50.73 12.56 -29.96
C VAL L 589 -50.08 11.20 -30.22
N MET L 590 -50.11 10.74 -31.47
CA MET L 590 -49.59 9.42 -31.84
C MET L 590 -48.87 9.46 -33.19
N PRO L 591 -48.06 8.44 -33.47
CA PRO L 591 -47.44 8.45 -34.80
C PRO L 591 -48.52 8.44 -35.89
N PRO L 592 -48.31 9.23 -36.97
CA PRO L 592 -49.20 9.18 -38.13
C PRO L 592 -49.48 7.74 -38.55
N GLU L 593 -48.46 6.91 -38.61
CA GLU L 593 -48.67 5.49 -38.94
C GLU L 593 -49.68 4.72 -38.05
N ALA L 594 -49.75 5.08 -36.77
CA ALA L 594 -50.68 4.38 -35.88
C ALA L 594 -52.11 4.85 -36.11
N LEU L 595 -52.22 6.09 -36.60
CA LEU L 595 -53.50 6.75 -36.84
C LEU L 595 -54.30 5.93 -37.84
N LYS L 596 -53.60 5.29 -38.76
CA LYS L 596 -54.26 4.51 -39.80
C LYS L 596 -55.20 3.49 -39.17
N PHE L 597 -54.94 3.16 -37.92
CA PHE L 597 -55.67 2.13 -37.21
C PHE L 597 -56.59 2.70 -36.15
N ASP L 598 -56.86 4.03 -36.22
CA ASP L 598 -57.79 4.80 -35.33
C ASP L 598 -57.16 5.79 -34.35
#